data_6VE2
#
_entry.id   6VE2
#
_cell.length_a   1.00
_cell.length_b   1.00
_cell.length_c   1.00
_cell.angle_alpha   90.00
_cell.angle_beta   90.00
_cell.angle_gamma   90.00
#
_symmetry.space_group_name_H-M   'P 1'
#
loop_
_entity.id
_entity.type
_entity.pdbx_description
1 polymer 'Fimbrial assembly protein PilQ'
2 polymer 'LysM domain-containing protein'
#
loop_
_entity_poly.entity_id
_entity_poly.type
_entity_poly.pdbx_seq_one_letter_code
_entity_poly.pdbx_strand_id
1 'polypeptide(L)'
;MNSGLSRLGIALLAAMFAPALLAADLEKLDVAALPGDRVELKLQFDEPVAAPRGYTIEQPARIALDLPGVQNKLGTKNRE
LSVGNTRSVTVVEAKDRTRLIINLTALSSYTTRVEGNNLFVVVGNSPHHHHHHHHAGASVASAAPVKASPAPASYAQPIK
PKPYVPAGRAIRNIDFQRGEKGEGNVVIDLSDPTLSPDIQEQGGKIRLDFAKTQLPDALRVRLDVKDFATPVQFVNASAQ
SDRTSITIEPSGLYDYLVYQTDNRLTVSIKPMTTEDAERRKKDNFAYTGEKLSLNFQDIDVRSVLQLIADFTDLNLVASD
TVQGNITLRLQNVPWDQALDLVLKTKGLDKRKLGNVLLVAPADEIAARERQELEAQKQIAELAPLRRELIQVNYAKAADI
AKLFQSVTSDGGQEGKEGGRGSITVDDRTNSIIAYQPQERLDELRRIVSQLDIPVRQVMIEARIVEANVGYDKSLGVRWG
GAYHKGNWSGYGKDGNIGIKDEDGMNCGPIAGSCTFPTTGTSKSPSPFVDLGAKDATSGIGIGFITDNIILDLQLSAMEK
TGNGEIVSQPKVVTSDKETAKILKGSEVPYQEASSSGATSTSFKEAALSLEVTPQITPDNRIIVEVKVTKDAPDYQNMLN
GVPPINKNEVNAKILVNDGETIVIGGVFSNEQSKSVEKVPFLGELPYLGRLFRRDTVTDRKNELLVFLTPRIMNNQAIAI
GRGHHHHHHHH
;
A,B,C,D,E,F,G,H,I,J,K,L,M,N
2 'polypeptide(L)'
;MRKSLVALLLLAASGLAQAQVDLREGHPDRYTVVRGDTLWDISGKFLRQPWKWPELWHANPQIQNPHLIYPGDTLSLVYV
DGQPRLVLNRGESRGTIKLSPKIRSTPIAEAIPTIPLDKINSFLLANRIVDDEKTFTSAPYIVAGNAERIVSGTGDRIYA
RGKFADGQPAYGIFRQGKVYIDPKTKEVLGINADDIGGGEVVATEGDVATLALTRTTQEVRLGDRLFPTEERAVNSTFMP
GEPSREVKGEIIDVPRGVTQIGQFDVVTLNRGQRDGLAEGNVLAIYKVGETVRDRVTGESVKIPDERAGLLMVFRTYKKL
SYALVLMASRPLSVTDRVQNP
;
O,P,Q,R,S,T,U
#
# COMPACT_ATOMS: atom_id res chain seq x y z
N LEU A 385 9.74 -11.08 76.47
CA LEU A 385 9.08 -11.44 75.22
C LEU A 385 9.36 -12.91 74.91
N ARG A 386 8.40 -13.58 74.29
CA ARG A 386 8.52 -15.01 73.99
C ARG A 386 8.40 -15.22 72.48
N ARG A 387 9.23 -16.11 71.96
CA ARG A 387 9.19 -16.50 70.56
C ARG A 387 8.30 -17.73 70.41
N GLU A 388 7.27 -17.63 69.58
CA GLU A 388 6.34 -18.72 69.36
C GLU A 388 6.12 -18.97 67.87
N LEU A 389 6.08 -20.24 67.48
CA LEU A 389 5.79 -20.62 66.10
C LEU A 389 4.35 -21.10 65.98
N ILE A 390 3.56 -20.43 65.14
CA ILE A 390 2.20 -20.85 64.85
C ILE A 390 2.09 -21.02 63.34
N GLN A 391 1.50 -22.14 62.92
CA GLN A 391 1.33 -22.42 61.49
C GLN A 391 -0.11 -22.14 61.11
N VAL A 392 -0.30 -21.33 60.08
CA VAL A 392 -1.64 -20.97 59.61
C VAL A 392 -1.83 -21.55 58.22
N ASN A 393 -2.62 -22.62 58.13
CA ASN A 393 -2.93 -23.21 56.83
C ASN A 393 -4.00 -22.43 56.08
N TYR A 394 -5.04 -21.96 56.77
CA TYR A 394 -6.13 -21.32 56.08
C TYR A 394 -5.90 -19.83 55.93
N ALA A 395 -4.92 -19.30 56.64
CA ALA A 395 -4.64 -17.88 56.67
C ALA A 395 -3.27 -17.61 56.06
N LYS A 396 -3.20 -16.63 55.18
CA LYS A 396 -1.92 -16.23 54.63
C LYS A 396 -1.04 -15.66 55.74
N ALA A 397 0.25 -15.98 55.70
CA ALA A 397 1.15 -15.50 56.74
C ALA A 397 1.22 -13.98 56.76
N ALA A 398 1.19 -13.34 55.59
CA ALA A 398 1.19 -11.90 55.54
C ALA A 398 -0.04 -11.34 56.23
N ASP A 399 -1.19 -12.01 56.06
CA ASP A 399 -2.40 -11.56 56.71
C ASP A 399 -2.24 -11.60 58.22
N ILE A 400 -1.63 -12.68 58.73
CA ILE A 400 -1.38 -12.78 60.16
C ILE A 400 -0.44 -11.69 60.61
N ALA A 401 0.54 -11.36 59.77
CA ALA A 401 1.44 -10.25 60.10
C ALA A 401 0.65 -8.96 60.24
N LYS A 402 -0.31 -8.75 59.34
CA LYS A 402 -1.17 -7.58 59.42
C LYS A 402 -1.98 -7.59 60.70
N LEU A 403 -2.45 -8.78 61.10
CA LEU A 403 -3.19 -8.89 62.34
C LEU A 403 -2.31 -8.51 63.52
N PHE A 404 -1.06 -8.94 63.50
CA PHE A 404 -0.13 -8.55 64.56
C PHE A 404 0.14 -7.06 64.52
N GLN A 405 0.20 -6.48 63.33
CA GLN A 405 0.39 -5.04 63.20
C GLN A 405 -0.79 -4.33 63.84
N SER A 406 -1.98 -4.87 63.63
CA SER A 406 -3.17 -4.33 64.28
C SER A 406 -3.04 -4.49 65.79
N VAL A 407 -2.47 -5.62 66.23
CA VAL A 407 -2.26 -5.85 67.65
C VAL A 407 -1.35 -4.78 68.22
N THR A 408 -0.31 -4.41 67.47
CA THR A 408 0.56 -3.32 67.87
C THR A 408 -0.19 -2.00 67.90
N SER A 409 -1.07 -1.78 66.93
CA SER A 409 -1.91 -0.59 66.94
C SER A 409 -2.77 -0.54 68.19
N ASP A 410 -3.13 -1.71 68.73
CA ASP A 410 -3.95 -1.76 69.93
C ASP A 410 -3.29 -0.97 71.06
N GLY A 411 -1.98 -1.13 71.21
CA GLY A 411 -1.24 -0.36 72.20
C GLY A 411 0.24 -0.30 71.91
N GLY A 421 8.45 -7.48 69.79
CA GLY A 421 7.53 -7.30 68.68
C GLY A 421 8.16 -7.60 67.34
N SER A 422 8.66 -8.82 67.19
CA SER A 422 9.34 -9.26 65.98
C SER A 422 8.52 -10.36 65.31
N ILE A 423 8.30 -10.22 64.00
CA ILE A 423 7.46 -11.15 63.25
C ILE A 423 8.28 -11.80 62.14
N THR A 424 8.12 -13.11 61.98
CA THR A 424 8.82 -13.89 60.96
C THR A 424 7.79 -14.68 60.18
N VAL A 425 7.91 -14.67 58.85
CA VAL A 425 6.96 -15.33 57.97
C VAL A 425 7.66 -16.41 57.18
N ASP A 426 7.14 -17.64 57.22
CA ASP A 426 7.63 -18.75 56.42
C ASP A 426 6.59 -19.02 55.34
N ASP A 427 6.95 -18.71 54.10
CA ASP A 427 6.02 -18.86 52.99
C ASP A 427 5.70 -20.33 52.72
N ARG A 428 6.71 -21.19 52.73
CA ARG A 428 6.49 -22.59 52.34
C ARG A 428 5.50 -23.26 53.26
N THR A 429 5.69 -23.08 54.56
CA THR A 429 4.78 -23.68 55.53
C THR A 429 3.67 -22.72 55.91
N ASN A 430 3.74 -21.47 55.46
CA ASN A 430 2.77 -20.45 55.84
C ASN A 430 2.74 -20.35 57.37
N SER A 431 3.91 -20.43 57.98
CA SER A 431 4.00 -20.46 59.43
C SER A 431 4.68 -19.19 59.91
N ILE A 432 4.06 -18.53 60.87
CA ILE A 432 4.54 -17.27 61.38
C ILE A 432 5.10 -17.50 62.78
N ILE A 433 6.33 -17.06 62.99
CA ILE A 433 6.95 -17.11 64.32
C ILE A 433 7.08 -15.68 64.81
N ALA A 434 6.50 -15.40 65.97
CA ALA A 434 6.55 -14.06 66.51
C ALA A 434 7.23 -14.11 67.88
N TYR A 435 8.25 -13.30 68.05
CA TYR A 435 8.90 -13.15 69.35
C TYR A 435 8.45 -11.79 69.87
N GLN A 436 7.58 -11.79 70.86
CA GLN A 436 6.98 -10.54 71.31
C GLN A 436 6.34 -10.76 72.67
N PRO A 437 5.75 -9.72 73.29
CA PRO A 437 5.15 -9.93 74.62
C PRO A 437 4.12 -11.04 74.60
N GLN A 438 4.05 -11.77 75.70
CA GLN A 438 3.19 -12.94 75.77
C GLN A 438 1.73 -12.59 75.51
N GLU A 439 1.27 -11.47 76.06
CA GLU A 439 -0.15 -11.13 75.94
C GLU A 439 -0.51 -10.86 74.48
N ARG A 440 0.32 -10.09 73.78
CA ARG A 440 0.08 -9.84 72.37
C ARG A 440 0.14 -11.14 71.60
N LEU A 441 1.07 -12.01 72.00
CA LEU A 441 1.23 -13.30 71.36
C LEU A 441 -0.06 -14.10 71.45
N ASP A 442 -0.64 -14.14 72.65
CA ASP A 442 -1.86 -14.91 72.88
C ASP A 442 -3.02 -14.31 72.10
N GLU A 443 -3.15 -12.99 72.10
CA GLU A 443 -4.25 -12.38 71.38
C GLU A 443 -4.14 -12.68 69.90
N LEU A 444 -2.92 -12.60 69.36
CA LEU A 444 -2.72 -12.89 67.96
C LEU A 444 -3.06 -14.34 67.70
N ARG A 445 -2.75 -15.22 68.64
CA ARG A 445 -3.09 -16.63 68.52
C ARG A 445 -4.59 -16.80 68.39
N ARG A 446 -5.36 -16.08 69.19
CA ARG A 446 -6.81 -16.16 69.08
C ARG A 446 -7.27 -15.68 67.71
N ILE A 447 -6.68 -14.58 67.23
CA ILE A 447 -7.02 -14.10 65.89
C ILE A 447 -6.69 -15.17 64.86
N VAL A 448 -5.59 -15.88 65.08
CA VAL A 448 -5.18 -16.96 64.19
C VAL A 448 -6.24 -18.04 64.18
N SER A 449 -6.77 -18.37 65.36
CA SER A 449 -7.79 -19.39 65.46
C SER A 449 -9.02 -18.99 64.67
N GLN A 450 -9.41 -17.73 64.78
CA GLN A 450 -10.56 -17.25 64.03
C GLN A 450 -10.30 -17.27 62.53
N LEU A 451 -9.12 -16.80 62.12
CA LEU A 451 -8.80 -16.69 60.69
C LEU A 451 -8.66 -18.05 60.02
N ASP A 452 -8.05 -19.02 60.69
CA ASP A 452 -7.80 -20.31 60.06
C ASP A 452 -9.09 -21.12 60.12
N ILE A 453 -10.09 -20.60 59.40
CA ILE A 453 -11.41 -21.20 59.33
C ILE A 453 -11.65 -21.67 57.90
N PRO A 454 -12.21 -22.86 57.69
CA PRO A 454 -12.38 -23.35 56.33
C PRO A 454 -13.33 -22.47 55.54
N VAL A 455 -12.90 -22.11 54.33
CA VAL A 455 -13.77 -21.35 53.45
C VAL A 455 -14.90 -22.25 52.97
N ARG A 456 -16.11 -21.72 52.98
CA ARG A 456 -17.29 -22.53 52.67
C ARG A 456 -17.59 -22.51 51.18
N GLN A 457 -17.48 -23.68 50.56
CA GLN A 457 -17.85 -23.84 49.16
C GLN A 457 -19.34 -24.08 49.05
N VAL A 458 -19.93 -23.55 47.99
CA VAL A 458 -21.33 -23.76 47.67
C VAL A 458 -21.45 -24.20 46.23
N MET A 459 -22.35 -25.15 45.98
CA MET A 459 -22.63 -25.62 44.64
C MET A 459 -23.76 -24.76 44.09
N ILE A 460 -23.47 -24.02 43.04
CA ILE A 460 -24.42 -23.10 42.44
C ILE A 460 -24.95 -23.77 41.20
N GLU A 461 -26.26 -23.94 41.11
CA GLU A 461 -26.89 -24.56 39.95
C GLU A 461 -27.87 -23.57 39.35
N ALA A 462 -27.52 -22.97 38.22
CA ALA A 462 -28.42 -22.09 37.51
C ALA A 462 -28.80 -22.77 36.21
N ARG A 463 -30.09 -22.97 35.99
CA ARG A 463 -30.53 -23.70 34.81
C ARG A 463 -31.32 -22.82 33.86
N ILE A 464 -31.07 -23.00 32.58
CA ILE A 464 -31.70 -22.24 31.52
C ILE A 464 -32.73 -23.11 30.83
N VAL A 465 -33.96 -22.60 30.75
CA VAL A 465 -35.06 -23.29 30.10
C VAL A 465 -35.55 -22.45 28.94
N GLU A 466 -35.54 -23.02 27.74
CA GLU A 466 -36.06 -22.37 26.55
C GLU A 466 -37.20 -23.18 25.99
N ALA A 467 -38.35 -22.55 25.81
CA ALA A 467 -39.51 -23.21 25.21
C ALA A 467 -39.96 -22.44 23.99
N ASN A 468 -40.08 -23.13 22.86
CA ASN A 468 -40.57 -22.52 21.64
C ASN A 468 -41.75 -23.32 21.11
N VAL A 469 -42.89 -22.66 20.96
CA VAL A 469 -44.05 -23.27 20.37
C VAL A 469 -44.44 -22.46 19.14
N GLY A 470 -44.48 -23.12 17.98
CA GLY A 470 -44.84 -22.44 16.76
C GLY A 470 -45.93 -23.12 15.97
N TYR A 471 -47.04 -22.43 15.70
CA TYR A 471 -48.08 -22.95 14.82
C TYR A 471 -48.28 -21.96 13.69
N ASP A 472 -48.07 -22.40 12.46
CA ASP A 472 -48.25 -21.54 11.30
C ASP A 472 -49.09 -22.26 10.26
N LYS A 473 -50.17 -21.63 9.81
CA LYS A 473 -50.99 -22.20 8.75
C LYS A 473 -51.15 -21.21 7.61
N SER A 474 -50.91 -21.67 6.39
CA SER A 474 -51.07 -20.84 5.20
C SER A 474 -51.94 -21.54 4.18
N LEU A 475 -52.97 -20.85 3.70
CA LEU A 475 -53.85 -21.35 2.65
C LEU A 475 -53.88 -20.37 1.50
N GLY A 476 -53.44 -20.83 0.33
CA GLY A 476 -53.50 -20.16 -0.96
C GLY A 476 -54.56 -20.77 -1.84
N VAL A 477 -55.58 -20.01 -2.17
CA VAL A 477 -56.71 -20.49 -2.96
C VAL A 477 -56.64 -19.88 -4.35
N ARG A 478 -56.68 -20.71 -5.38
CA ARG A 478 -56.40 -20.28 -6.74
C ARG A 478 -57.47 -20.77 -7.70
N TRP A 479 -57.97 -19.86 -8.55
CA TRP A 479 -59.00 -20.19 -9.53
C TRP A 479 -58.55 -19.66 -10.89
N GLY A 480 -57.95 -20.50 -11.72
CA GLY A 480 -57.43 -20.02 -12.99
C GLY A 480 -57.99 -20.68 -14.22
N GLY A 481 -58.59 -19.89 -15.10
CA GLY A 481 -59.04 -20.38 -16.39
C GLY A 481 -58.60 -19.43 -17.48
N ALA A 482 -57.83 -19.88 -18.45
CA ALA A 482 -57.48 -19.02 -19.57
C ALA A 482 -58.44 -19.20 -20.72
N TYR A 483 -59.37 -20.14 -20.63
CA TYR A 483 -60.28 -20.42 -21.73
C TYR A 483 -61.13 -19.19 -22.00
N HIS A 484 -61.69 -18.60 -20.95
CA HIS A 484 -62.45 -17.37 -21.08
C HIS A 484 -61.74 -16.22 -20.39
N LYS A 485 -60.43 -16.36 -20.12
CA LYS A 485 -59.60 -15.35 -19.47
C LYS A 485 -60.11 -14.91 -18.11
N GLY A 486 -60.50 -15.87 -17.27
CA GLY A 486 -60.85 -15.55 -15.91
C GLY A 486 -59.93 -16.28 -14.93
N ASN A 487 -59.02 -15.56 -14.28
CA ASN A 487 -58.05 -16.24 -13.42
C ASN A 487 -57.65 -15.34 -12.26
N TRP A 488 -57.99 -15.79 -11.07
CA TRP A 488 -57.66 -15.11 -9.83
C TRP A 488 -56.60 -15.94 -9.11
N SER A 489 -55.51 -15.27 -8.74
CA SER A 489 -54.36 -15.91 -8.14
C SER A 489 -54.41 -15.86 -6.62
N GLY A 490 -53.94 -16.93 -5.98
CA GLY A 490 -53.85 -16.95 -4.55
C GLY A 490 -52.66 -16.14 -4.09
N TYR A 491 -52.49 -16.09 -2.80
CA TYR A 491 -51.30 -15.40 -2.32
C TYR A 491 -50.55 -16.19 -1.24
N GLY A 492 -51.24 -16.80 -0.29
CA GLY A 492 -50.53 -17.61 0.69
C GLY A 492 -49.75 -18.71 0.01
N LYS A 493 -50.41 -19.40 -0.92
CA LYS A 493 -49.75 -20.34 -1.82
C LYS A 493 -50.32 -19.96 -3.18
N ASP A 494 -49.77 -18.88 -3.73
CA ASP A 494 -50.29 -18.22 -4.94
C ASP A 494 -50.52 -19.18 -6.10
N GLY A 495 -51.68 -19.07 -6.73
CA GLY A 495 -51.95 -19.83 -7.93
C GLY A 495 -52.80 -19.12 -8.96
N ASN A 496 -52.27 -18.93 -10.18
CA ASN A 496 -53.02 -18.29 -11.27
C ASN A 496 -52.82 -19.16 -12.49
N ILE A 497 -53.77 -20.07 -12.68
CA ILE A 497 -53.69 -21.11 -13.69
C ILE A 497 -53.85 -20.53 -15.09
N GLY A 498 -54.06 -19.21 -15.21
CA GLY A 498 -54.04 -18.61 -16.54
C GLY A 498 -52.66 -18.71 -17.17
N ILE A 499 -51.62 -18.38 -16.39
CA ILE A 499 -50.26 -18.56 -16.88
C ILE A 499 -49.95 -20.04 -17.00
N LYS A 500 -50.58 -20.87 -16.17
CA LYS A 500 -50.38 -22.30 -16.31
C LYS A 500 -50.95 -22.78 -17.63
N ASP A 501 -52.05 -22.18 -18.05
CA ASP A 501 -52.59 -22.46 -19.37
C ASP A 501 -51.61 -21.99 -20.42
N GLU A 502 -50.92 -20.89 -20.15
CA GLU A 502 -49.87 -20.45 -21.08
C GLU A 502 -48.79 -21.52 -21.19
N ASP A 503 -48.37 -22.07 -20.06
CA ASP A 503 -47.37 -23.12 -20.07
C ASP A 503 -47.88 -24.34 -20.82
N GLY A 504 -49.16 -24.66 -20.62
CA GLY A 504 -49.74 -25.77 -21.35
C GLY A 504 -49.74 -25.52 -22.83
N MET A 505 -50.08 -24.30 -23.23
CA MET A 505 -50.06 -23.94 -24.64
C MET A 505 -48.65 -24.14 -25.17
N ASN A 506 -47.65 -23.91 -24.32
CA ASN A 506 -46.28 -24.24 -24.69
C ASN A 506 -46.14 -25.74 -24.90
N CYS A 507 -46.82 -26.53 -24.07
CA CYS A 507 -46.81 -27.99 -24.22
C CYS A 507 -47.35 -28.41 -25.59
N GLY A 508 -48.38 -27.75 -26.09
CA GLY A 508 -48.86 -28.04 -27.43
C GLY A 508 -50.35 -28.25 -27.74
N PRO A 509 -51.27 -28.00 -26.80
CA PRO A 509 -52.69 -28.16 -27.13
C PRO A 509 -53.19 -27.06 -28.04
N ILE A 510 -54.33 -27.34 -28.69
CA ILE A 510 -55.00 -26.39 -29.56
C ILE A 510 -56.03 -25.62 -28.73
N ALA A 511 -55.82 -24.32 -28.53
CA ALA A 511 -56.79 -23.46 -27.86
C ALA A 511 -57.25 -22.36 -28.81
N GLY A 512 -58.56 -22.27 -29.04
CA GLY A 512 -59.16 -21.27 -29.89
C GLY A 512 -60.24 -20.46 -29.18
N SER A 513 -60.16 -19.13 -29.20
CA SER A 513 -61.20 -18.31 -28.56
C SER A 513 -61.39 -17.03 -29.36
N CYS A 514 -62.50 -16.94 -30.11
CA CYS A 514 -62.73 -15.77 -30.94
C CYS A 514 -63.51 -14.66 -30.25
N THR A 515 -64.25 -14.99 -29.20
CA THR A 515 -65.03 -14.04 -28.43
C THR A 515 -65.07 -14.60 -27.02
N PHE A 516 -65.50 -13.79 -26.07
CA PHE A 516 -65.60 -14.33 -24.71
C PHE A 516 -66.56 -15.51 -24.64
N PRO A 517 -67.71 -15.53 -25.33
CA PRO A 517 -68.55 -16.74 -25.25
C PRO A 517 -67.88 -17.98 -25.84
N THR A 518 -67.13 -17.83 -26.93
CA THR A 518 -66.62 -18.97 -27.68
C THR A 518 -65.13 -19.22 -27.43
N THR A 519 -64.84 -20.43 -26.95
CA THR A 519 -63.50 -20.93 -26.74
C THR A 519 -63.55 -22.45 -26.77
N GLY A 520 -62.41 -23.07 -27.03
CA GLY A 520 -62.29 -24.52 -27.02
C GLY A 520 -60.84 -24.96 -27.08
N THR A 521 -60.43 -25.96 -26.31
CA THR A 521 -59.07 -26.44 -26.41
C THR A 521 -59.05 -27.96 -26.34
N SER A 522 -58.07 -28.56 -27.02
CA SER A 522 -57.87 -29.99 -27.05
C SER A 522 -56.39 -30.33 -26.95
N LYS A 523 -56.10 -31.59 -26.64
CA LYS A 523 -54.72 -32.10 -26.56
C LYS A 523 -53.91 -31.35 -25.50
N SER A 524 -54.53 -31.12 -24.34
CA SER A 524 -53.90 -30.38 -23.26
C SER A 524 -53.15 -31.34 -22.34
N PRO A 525 -51.83 -31.31 -22.30
CA PRO A 525 -51.08 -32.11 -21.33
C PRO A 525 -50.65 -31.33 -20.09
N SER A 526 -51.01 -30.05 -20.04
CA SER A 526 -50.58 -29.19 -18.94
C SER A 526 -51.11 -29.62 -17.58
N PRO A 527 -52.37 -30.05 -17.42
CA PRO A 527 -52.83 -30.31 -16.05
C PRO A 527 -52.01 -31.35 -15.31
N PHE A 528 -51.76 -32.53 -15.90
CA PHE A 528 -51.08 -33.57 -15.14
C PHE A 528 -49.65 -33.19 -14.77
N VAL A 529 -48.92 -32.49 -15.62
CA VAL A 529 -47.54 -32.17 -15.27
C VAL A 529 -47.46 -30.84 -14.53
N ASP A 530 -48.08 -29.81 -15.10
CA ASP A 530 -47.98 -28.47 -14.53
C ASP A 530 -48.63 -28.43 -13.15
N LEU A 531 -49.82 -29.01 -13.00
CA LEU A 531 -50.46 -29.02 -11.69
C LEU A 531 -49.65 -29.83 -10.69
N GLY A 532 -49.13 -30.98 -11.10
CA GLY A 532 -48.39 -31.81 -10.16
C GLY A 532 -47.19 -31.08 -9.58
N ALA A 533 -46.38 -30.46 -10.45
CA ALA A 533 -45.19 -29.79 -9.93
C ALA A 533 -45.56 -28.50 -9.21
N LYS A 534 -46.41 -27.68 -9.84
CA LYS A 534 -46.75 -26.39 -9.29
C LYS A 534 -47.41 -26.57 -7.93
N ASP A 535 -48.24 -27.61 -7.80
CA ASP A 535 -49.04 -27.89 -6.63
C ASP A 535 -48.36 -28.87 -5.71
N ALA A 536 -47.07 -29.13 -5.93
CA ALA A 536 -46.37 -30.10 -5.11
C ALA A 536 -46.39 -29.69 -3.64
N THR A 537 -46.41 -28.39 -3.34
CA THR A 537 -46.29 -27.89 -1.98
C THR A 537 -47.36 -28.50 -1.09
N SER A 538 -47.00 -28.69 0.18
CA SER A 538 -47.79 -29.33 1.24
C SER A 538 -49.07 -29.98 0.72
N GLY A 539 -50.21 -29.33 0.92
CA GLY A 539 -51.49 -29.90 0.56
C GLY A 539 -52.07 -29.15 -0.62
N ILE A 540 -52.53 -29.90 -1.61
CA ILE A 540 -53.16 -29.29 -2.78
C ILE A 540 -54.33 -30.16 -3.23
N GLY A 541 -55.40 -29.49 -3.62
CA GLY A 541 -56.52 -30.15 -4.25
C GLY A 541 -56.77 -29.48 -5.59
N ILE A 542 -56.77 -30.23 -6.70
CA ILE A 542 -56.99 -29.66 -8.02
C ILE A 542 -58.27 -30.21 -8.62
N GLY A 543 -59.09 -29.32 -9.18
CA GLY A 543 -60.25 -29.71 -9.97
C GLY A 543 -60.15 -29.03 -11.31
N PHE A 544 -60.16 -29.76 -12.41
CA PHE A 544 -59.95 -29.14 -13.71
C PHE A 544 -60.99 -29.55 -14.73
N ILE A 545 -61.48 -28.57 -15.47
CA ILE A 545 -62.29 -28.80 -16.66
C ILE A 545 -61.49 -28.25 -17.83
N THR A 546 -61.50 -28.94 -18.96
CA THR A 546 -60.83 -28.37 -20.12
C THR A 546 -61.67 -28.39 -21.38
N ASP A 547 -62.48 -29.43 -21.54
CA ASP A 547 -63.17 -29.64 -22.80
C ASP A 547 -64.24 -28.58 -23.07
N ASN A 548 -65.15 -28.38 -22.12
CA ASN A 548 -66.16 -27.35 -22.26
C ASN A 548 -65.56 -25.98 -22.02
N ILE A 549 -64.81 -25.85 -20.94
CA ILE A 549 -64.15 -24.63 -20.51
C ILE A 549 -62.92 -25.13 -19.78
N ILE A 550 -61.86 -24.33 -19.71
CA ILE A 550 -60.73 -24.75 -18.89
C ILE A 550 -60.81 -23.94 -17.60
N LEU A 551 -61.15 -24.63 -16.51
CA LEU A 551 -61.24 -24.02 -15.20
C LEU A 551 -60.44 -24.90 -14.25
N ASP A 552 -59.34 -24.39 -13.74
CA ASP A 552 -58.50 -25.13 -12.82
C ASP A 552 -58.62 -24.48 -11.45
N LEU A 553 -59.08 -25.23 -10.47
CA LEU A 553 -59.35 -24.70 -9.14
C LEU A 553 -58.55 -25.50 -8.13
N GLN A 554 -57.55 -24.86 -7.53
CA GLN A 554 -56.68 -25.54 -6.59
C GLN A 554 -56.79 -24.89 -5.22
N LEU A 555 -56.72 -25.73 -4.19
CA LEU A 555 -56.67 -25.29 -2.80
C LEU A 555 -55.35 -25.77 -2.23
N SER A 556 -54.48 -24.84 -1.84
CA SER A 556 -53.15 -25.17 -1.34
C SER A 556 -53.02 -24.78 0.13
N ALA A 557 -52.89 -25.78 1.00
CA ALA A 557 -52.87 -25.53 2.43
C ALA A 557 -51.69 -26.22 3.11
N MET A 558 -51.04 -25.50 4.03
CA MET A 558 -49.92 -26.02 4.81
C MET A 558 -50.14 -25.67 6.27
N GLU A 559 -49.98 -26.65 7.15
CA GLU A 559 -50.05 -26.43 8.59
C GLU A 559 -48.82 -26.99 9.27
N LYS A 560 -48.08 -26.15 10.01
CA LYS A 560 -46.86 -26.58 10.66
C LYS A 560 -46.94 -26.32 12.16
N THR A 561 -46.58 -27.31 12.95
CA THR A 561 -46.50 -27.17 14.39
C THR A 561 -45.14 -27.68 14.86
N GLY A 562 -44.42 -26.83 15.57
CA GLY A 562 -43.13 -27.21 16.13
C GLY A 562 -42.99 -26.88 17.60
N ASN A 563 -42.61 -27.84 18.42
CA ASN A 563 -42.35 -27.56 19.82
C ASN A 563 -40.91 -27.94 20.14
N GLY A 564 -40.14 -26.96 20.62
CA GLY A 564 -38.77 -27.20 21.00
C GLY A 564 -38.50 -26.83 22.44
N GLU A 565 -37.93 -27.75 23.22
CA GLU A 565 -37.56 -27.47 24.60
C GLU A 565 -36.06 -27.72 24.79
N ILE A 566 -35.37 -26.72 25.31
CA ILE A 566 -33.94 -26.83 25.61
C ILE A 566 -33.75 -26.58 27.09
N VAL A 567 -33.15 -27.54 27.78
CA VAL A 567 -32.89 -27.43 29.21
C VAL A 567 -31.39 -27.62 29.42
N SER A 568 -30.71 -26.57 29.85
CA SER A 568 -29.27 -26.63 30.07
C SER A 568 -28.96 -26.23 31.50
N GLN A 569 -28.24 -27.06 32.24
CA GLN A 569 -27.93 -26.72 33.62
C GLN A 569 -26.47 -26.87 33.98
N PRO A 570 -25.74 -25.79 34.18
CA PRO A 570 -24.38 -25.89 34.71
C PRO A 570 -24.29 -25.69 36.22
N LYS A 571 -23.58 -26.57 36.90
CA LYS A 571 -23.42 -26.53 38.35
C LYS A 571 -21.95 -26.30 38.69
N VAL A 572 -21.66 -25.27 39.50
CA VAL A 572 -20.29 -24.92 39.86
C VAL A 572 -20.14 -24.86 41.37
N VAL A 573 -19.09 -25.45 41.90
CA VAL A 573 -18.80 -25.38 43.33
C VAL A 573 -17.73 -24.33 43.56
N THR A 574 -18.04 -23.33 44.39
CA THR A 574 -17.16 -22.20 44.60
C THR A 574 -16.88 -21.94 46.07
N SER A 575 -15.67 -21.45 46.35
CA SER A 575 -15.35 -21.05 47.70
C SER A 575 -16.05 -19.73 48.03
N ASP A 576 -16.22 -19.47 49.31
CA ASP A 576 -16.99 -18.31 49.74
C ASP A 576 -16.24 -17.02 49.42
N LYS A 577 -16.95 -16.07 48.83
CA LYS A 577 -16.42 -14.75 48.47
C LYS A 577 -15.44 -14.82 47.32
N GLU A 578 -15.40 -15.93 46.61
CA GLU A 578 -14.45 -16.11 45.52
C GLU A 578 -15.21 -16.30 44.22
N THR A 579 -14.62 -15.82 43.14
CA THR A 579 -15.22 -15.99 41.82
C THR A 579 -14.89 -17.35 41.25
N ALA A 580 -15.88 -17.95 40.60
CA ALA A 580 -15.67 -19.19 39.86
C ALA A 580 -16.44 -19.12 38.56
N LYS A 581 -15.98 -19.89 37.58
CA LYS A 581 -16.62 -19.86 36.28
C LYS A 581 -16.75 -21.26 35.71
N ILE A 582 -17.81 -21.44 34.93
CA ILE A 582 -18.00 -22.64 34.13
C ILE A 582 -18.27 -22.15 32.72
N LEU A 583 -17.59 -22.75 31.76
CA LEU A 583 -17.75 -22.34 30.38
C LEU A 583 -17.84 -23.55 29.49
N LYS A 584 -18.86 -23.59 28.63
CA LYS A 584 -19.01 -24.66 27.64
C LYS A 584 -19.47 -24.06 26.33
N GLY A 585 -18.68 -24.22 25.28
CA GLY A 585 -19.02 -23.58 24.02
C GLY A 585 -17.80 -23.49 23.14
N SER A 586 -17.79 -22.45 22.30
CA SER A 586 -16.70 -22.32 21.34
C SER A 586 -16.40 -20.86 21.06
N GLU A 587 -15.13 -20.50 20.88
CA GLU A 587 -14.76 -19.09 20.74
C GLU A 587 -14.47 -18.76 19.29
N VAL A 588 -15.40 -18.05 18.67
CA VAL A 588 -15.12 -17.61 17.31
C VAL A 588 -14.03 -16.55 17.36
N PRO A 589 -13.04 -16.63 16.52
CA PRO A 589 -12.01 -15.61 16.45
C PRO A 589 -12.31 -14.68 15.28
N TYR A 590 -11.70 -13.51 15.32
CA TYR A 590 -11.72 -12.54 14.25
C TYR A 590 -10.29 -12.26 13.87
N GLN A 591 -9.95 -12.43 12.61
CA GLN A 591 -8.61 -12.11 12.18
C GLN A 591 -8.59 -10.62 11.90
N GLU A 592 -8.11 -9.82 12.87
CA GLU A 592 -8.05 -8.39 12.71
C GLU A 592 -6.62 -8.00 13.02
N ALA A 593 -5.70 -8.35 12.14
CA ALA A 593 -4.35 -7.89 12.34
C ALA A 593 -4.31 -6.51 11.70
N SER A 594 -4.56 -5.48 12.49
CA SER A 594 -4.44 -4.14 12.00
C SER A 594 -2.96 -3.92 12.00
N SER A 595 -2.44 -3.47 10.85
CA SER A 595 -1.01 -3.48 10.63
C SER A 595 -0.22 -2.74 11.71
N SER A 596 -0.64 -1.56 12.13
CA SER A 596 0.26 -0.87 13.03
C SER A 596 0.17 -1.34 14.47
N GLY A 597 0.67 -2.54 14.68
CA GLY A 597 0.80 -2.92 16.06
C GLY A 597 -0.47 -3.29 16.76
N ALA A 598 -1.57 -3.50 16.06
CA ALA A 598 -2.75 -3.98 16.80
C ALA A 598 -3.18 -5.29 16.18
N THR A 599 -2.68 -6.38 16.72
CA THR A 599 -3.14 -7.69 16.28
C THR A 599 -4.27 -8.09 17.20
N SER A 600 -5.49 -7.95 16.74
CA SER A 600 -6.57 -8.44 17.56
C SER A 600 -6.98 -9.72 16.87
N THR A 601 -6.49 -10.82 17.41
CA THR A 601 -6.99 -12.09 17.00
C THR A 601 -8.18 -12.16 17.92
N SER A 602 -9.23 -11.45 17.52
CA SER A 602 -10.37 -11.30 18.39
C SER A 602 -10.97 -12.67 18.60
N PHE A 603 -11.64 -12.83 19.72
CA PHE A 603 -12.35 -14.06 19.94
C PHE A 603 -13.45 -13.77 20.92
N LYS A 604 -14.41 -14.65 20.96
CA LYS A 604 -15.49 -14.55 21.92
C LYS A 604 -16.16 -15.89 21.87
N GLU A 605 -16.40 -16.51 23.01
CA GLU A 605 -16.96 -17.84 22.99
C GLU A 605 -18.47 -17.79 23.15
N ALA A 606 -19.15 -18.35 22.18
CA ALA A 606 -20.59 -18.52 22.26
C ALA A 606 -20.72 -19.77 23.11
N ALA A 607 -21.18 -19.58 24.34
CA ALA A 607 -21.14 -20.67 25.30
C ALA A 607 -22.18 -20.48 26.37
N LEU A 608 -22.42 -21.55 27.09
CA LEU A 608 -23.17 -21.49 28.33
C LEU A 608 -22.12 -21.24 29.38
N SER A 609 -22.36 -20.26 30.25
CA SER A 609 -21.34 -19.96 31.24
C SER A 609 -21.96 -19.38 32.49
N LEU A 610 -21.29 -19.63 33.60
CA LEU A 610 -21.65 -19.04 34.88
C LEU A 610 -20.41 -18.41 35.49
N GLU A 611 -20.50 -17.13 35.83
CA GLU A 611 -19.47 -16.45 36.59
C GLU A 611 -20.10 -16.04 37.90
N VAL A 612 -19.72 -16.69 38.98
CA VAL A 612 -20.40 -16.52 40.26
C VAL A 612 -19.43 -15.98 41.30
N THR A 613 -19.92 -15.04 42.09
CA THR A 613 -19.20 -14.50 43.25
C THR A 613 -20.16 -14.53 44.42
N PRO A 614 -20.23 -15.66 45.12
CA PRO A 614 -21.13 -15.81 46.26
C PRO A 614 -20.61 -15.23 47.57
N GLN A 615 -21.48 -14.52 48.29
CA GLN A 615 -21.21 -14.06 49.63
C GLN A 615 -22.17 -14.76 50.57
N ILE A 616 -21.65 -15.42 51.59
CA ILE A 616 -22.45 -16.26 52.47
C ILE A 616 -22.86 -15.47 53.71
N THR A 617 -24.14 -15.47 54.01
CA THR A 617 -24.65 -14.81 55.19
C THR A 617 -24.90 -15.89 56.23
N PRO A 618 -25.00 -15.57 57.53
CA PRO A 618 -25.14 -16.65 58.50
C PRO A 618 -26.39 -17.45 58.32
N ASP A 619 -27.51 -16.81 57.98
CA ASP A 619 -28.77 -17.54 57.95
C ASP A 619 -28.92 -18.35 56.67
N ASN A 620 -27.88 -19.13 56.35
CA ASN A 620 -27.94 -20.08 55.24
C ASN A 620 -28.45 -19.45 53.96
N ARG A 621 -27.94 -18.26 53.64
CA ARG A 621 -28.31 -17.63 52.40
C ARG A 621 -27.05 -17.11 51.74
N ILE A 622 -27.17 -16.86 50.46
CA ILE A 622 -26.08 -16.29 49.69
C ILE A 622 -26.58 -15.14 48.86
N ILE A 623 -25.85 -14.04 48.91
CA ILE A 623 -26.04 -12.96 47.97
C ILE A 623 -24.92 -13.16 46.96
N VAL A 624 -25.26 -13.46 45.74
CA VAL A 624 -24.25 -13.78 44.76
C VAL A 624 -24.37 -12.86 43.57
N GLU A 625 -23.24 -12.39 43.07
CA GLU A 625 -23.23 -11.69 41.80
C GLU A 625 -22.94 -12.74 40.75
N VAL A 626 -23.92 -13.04 39.91
CA VAL A 626 -23.79 -14.08 38.91
C VAL A 626 -24.06 -13.54 37.52
N LYS A 627 -23.14 -13.78 36.61
CA LYS A 627 -23.32 -13.56 35.20
C LYS A 627 -23.65 -14.90 34.57
N VAL A 628 -24.82 -15.01 33.95
CA VAL A 628 -25.29 -16.24 33.34
C VAL A 628 -25.44 -16.00 31.85
N THR A 629 -24.65 -16.66 31.02
CA THR A 629 -24.70 -16.39 29.60
C THR A 629 -24.99 -17.66 28.82
N LYS A 630 -25.95 -17.59 27.91
CA LYS A 630 -26.19 -18.66 26.95
C LYS A 630 -26.04 -18.05 25.57
N ASP A 631 -24.92 -18.33 24.92
CA ASP A 631 -24.65 -17.75 23.63
C ASP A 631 -24.44 -18.84 22.60
N ALA A 632 -25.11 -18.70 21.46
CA ALA A 632 -25.00 -19.73 20.46
C ALA A 632 -24.15 -19.24 19.29
N PRO A 633 -23.25 -20.13 18.84
CA PRO A 633 -22.35 -19.85 17.72
C PRO A 633 -23.10 -19.43 16.47
N ASP A 634 -22.72 -18.29 15.94
CA ASP A 634 -23.43 -17.71 14.82
C ASP A 634 -23.28 -18.53 13.54
N TYR A 635 -24.37 -18.64 12.80
CA TYR A 635 -24.32 -19.28 11.49
C TYR A 635 -23.41 -18.51 10.54
N GLN A 636 -23.56 -17.19 10.50
CA GLN A 636 -22.80 -16.38 9.55
C GLN A 636 -21.31 -16.54 9.80
N ASN A 637 -20.95 -16.81 11.06
CA ASN A 637 -19.56 -17.10 11.37
C ASN A 637 -19.13 -18.36 10.67
N MET A 638 -19.98 -19.39 10.74
CA MET A 638 -19.72 -20.60 9.99
C MET A 638 -19.70 -20.28 8.50
N LEU A 639 -20.40 -19.22 8.09
CA LEU A 639 -20.41 -18.77 6.71
C LEU A 639 -19.14 -18.02 6.30
N ASN A 640 -18.29 -17.64 7.26
CA ASN A 640 -17.10 -16.83 7.00
C ASN A 640 -17.45 -15.46 6.43
N GLY A 641 -18.60 -14.94 6.84
CA GLY A 641 -19.05 -13.61 6.47
C GLY A 641 -18.91 -12.74 7.68
N VAL A 642 -19.86 -11.85 7.95
CA VAL A 642 -19.89 -11.07 9.17
C VAL A 642 -20.70 -11.88 10.18
N PRO A 643 -20.08 -12.40 11.23
CA PRO A 643 -20.73 -13.30 12.16
C PRO A 643 -21.49 -12.66 13.30
N PRO A 644 -22.84 -12.66 13.26
CA PRO A 644 -23.60 -12.22 14.43
C PRO A 644 -23.88 -13.35 15.41
N ILE A 645 -23.05 -13.53 16.44
CA ILE A 645 -23.32 -14.54 17.45
C ILE A 645 -24.56 -14.14 18.23
N ASN A 646 -25.27 -15.11 18.80
CA ASN A 646 -26.49 -14.76 19.53
C ASN A 646 -26.28 -14.94 21.03
N LYS A 647 -26.54 -13.88 21.80
CA LYS A 647 -26.31 -13.90 23.24
C LYS A 647 -27.58 -13.71 24.05
N ASN A 648 -27.85 -14.62 24.97
CA ASN A 648 -28.89 -14.44 25.97
C ASN A 648 -28.20 -14.44 27.33
N GLU A 649 -27.91 -13.28 27.90
CA GLU A 649 -27.15 -13.27 29.13
C GLU A 649 -27.75 -12.31 30.15
N VAL A 650 -27.89 -12.78 31.39
CA VAL A 650 -28.35 -11.95 32.49
C VAL A 650 -27.25 -11.89 33.54
N ASN A 651 -26.90 -10.69 33.97
CA ASN A 651 -25.89 -10.49 35.00
C ASN A 651 -26.49 -9.69 36.14
N ALA A 652 -26.50 -10.27 37.34
CA ALA A 652 -27.16 -9.59 38.46
C ALA A 652 -26.73 -10.22 39.77
N LYS A 653 -26.91 -9.47 40.85
CA LYS A 653 -26.61 -9.94 42.19
C LYS A 653 -27.90 -10.10 42.97
N ILE A 654 -28.09 -11.27 43.57
CA ILE A 654 -29.34 -11.58 44.27
C ILE A 654 -29.08 -12.32 45.57
N LEU A 655 -30.07 -12.25 46.46
CA LEU A 655 -30.03 -12.94 47.75
C LEU A 655 -31.04 -14.08 47.71
N VAL A 656 -30.58 -15.30 48.06
CA VAL A 656 -31.48 -16.45 48.17
C VAL A 656 -31.03 -17.36 49.31
N ASN A 657 -31.99 -18.11 49.86
CA ASN A 657 -31.55 -19.13 50.80
C ASN A 657 -30.99 -20.31 50.01
N ASP A 658 -30.29 -21.19 50.72
CA ASP A 658 -29.68 -22.32 50.04
C ASP A 658 -30.72 -23.20 49.38
N GLY A 659 -31.83 -23.44 50.05
CA GLY A 659 -32.79 -24.35 49.49
C GLY A 659 -33.74 -23.72 48.50
N GLU A 660 -33.42 -22.53 48.03
CA GLU A 660 -34.37 -21.73 47.27
C GLU A 660 -33.83 -21.38 45.89
N THR A 661 -34.73 -21.41 44.92
CA THR A 661 -34.41 -21.06 43.55
C THR A 661 -35.20 -19.84 43.14
N ILE A 662 -34.54 -18.91 42.47
CA ILE A 662 -35.28 -17.78 41.95
C ILE A 662 -34.98 -17.63 40.46
N VAL A 663 -35.79 -16.80 39.81
CA VAL A 663 -35.62 -16.50 38.41
C VAL A 663 -34.69 -15.32 38.37
N ILE A 664 -33.45 -15.53 37.95
CA ILE A 664 -32.58 -14.37 37.83
C ILE A 664 -33.17 -13.43 36.82
N GLY A 665 -33.68 -13.98 35.74
CA GLY A 665 -34.34 -13.24 34.71
C GLY A 665 -35.00 -14.19 33.74
N GLY A 666 -35.84 -13.64 32.90
CA GLY A 666 -36.47 -14.40 31.85
C GLY A 666 -37.16 -13.46 30.90
N VAL A 667 -37.42 -13.96 29.70
CA VAL A 667 -38.17 -13.20 28.72
C VAL A 667 -39.08 -14.10 27.92
N PHE A 668 -40.32 -13.70 27.75
CA PHE A 668 -41.27 -14.37 26.88
C PHE A 668 -41.53 -13.51 25.65
N SER A 669 -41.31 -14.06 24.47
CA SER A 669 -41.60 -13.40 23.22
C SER A 669 -42.81 -14.04 22.57
N ASN A 670 -43.92 -13.31 22.50
CA ASN A 670 -45.16 -13.80 21.92
C ASN A 670 -45.39 -13.15 20.58
N GLU A 671 -45.24 -13.91 19.51
CA GLU A 671 -45.46 -13.41 18.15
C GLU A 671 -46.81 -13.87 17.66
N GLN A 672 -47.68 -12.92 17.31
CA GLN A 672 -48.98 -13.24 16.73
C GLN A 672 -49.11 -12.53 15.40
N SER A 673 -49.12 -13.30 14.32
CA SER A 673 -49.20 -12.74 12.98
C SER A 673 -50.43 -13.28 12.27
N LYS A 674 -51.22 -12.38 11.70
CA LYS A 674 -52.37 -12.78 10.89
C LYS A 674 -52.33 -12.02 9.59
N SER A 675 -52.51 -12.72 8.47
CA SER A 675 -52.48 -12.11 7.15
C SER A 675 -53.65 -12.66 6.35
N VAL A 676 -54.50 -11.79 5.84
CA VAL A 676 -55.61 -12.21 4.99
C VAL A 676 -55.51 -11.52 3.65
N GLU A 677 -55.55 -12.30 2.59
CA GLU A 677 -55.47 -11.81 1.22
C GLU A 677 -56.71 -12.25 0.46
N LYS A 678 -57.43 -11.30 -0.12
CA LYS A 678 -58.69 -11.66 -0.75
C LYS A 678 -59.04 -10.79 -1.94
N VAL A 679 -59.40 -11.41 -3.06
CA VAL A 679 -60.03 -10.63 -4.12
C VAL A 679 -61.34 -10.10 -3.56
N PRO A 680 -61.65 -8.81 -3.67
CA PRO A 680 -62.81 -8.29 -2.93
C PRO A 680 -64.15 -8.91 -3.28
N PHE A 681 -64.52 -8.98 -4.56
CA PHE A 681 -65.86 -9.46 -4.86
C PHE A 681 -66.04 -10.92 -4.50
N LEU A 682 -65.10 -11.76 -4.93
CA LEU A 682 -65.18 -13.19 -4.64
C LEU A 682 -64.92 -13.45 -3.17
N GLY A 683 -64.00 -12.68 -2.57
CA GLY A 683 -63.72 -12.83 -1.15
C GLY A 683 -64.97 -12.60 -0.32
N GLU A 684 -65.84 -11.69 -0.77
CA GLU A 684 -67.07 -11.39 -0.06
C GLU A 684 -67.96 -12.63 0.07
N LEU A 685 -68.03 -13.45 -0.97
CA LEU A 685 -68.91 -14.61 -0.96
C LEU A 685 -68.59 -15.54 0.21
N PRO A 686 -69.59 -15.97 0.96
CA PRO A 686 -69.30 -16.84 2.12
C PRO A 686 -68.73 -18.18 1.73
N TYR A 687 -69.26 -18.82 0.70
CA TYR A 687 -68.82 -20.15 0.31
C TYR A 687 -67.62 -20.10 -0.60
N LEU A 688 -67.37 -18.95 -1.21
CA LEU A 688 -66.28 -18.82 -2.16
C LEU A 688 -65.20 -17.91 -1.60
N GLY A 689 -65.48 -17.19 -0.52
CA GLY A 689 -64.44 -16.39 0.08
C GLY A 689 -63.31 -17.28 0.55
N ARG A 690 -63.67 -18.41 1.15
CA ARG A 690 -62.64 -19.36 1.55
C ARG A 690 -61.86 -19.78 0.32
N LEU A 691 -62.55 -19.88 -0.81
CA LEU A 691 -61.93 -20.22 -2.08
C LEU A 691 -61.31 -19.00 -2.72
N PHE A 692 -61.46 -17.84 -2.11
CA PHE A 692 -60.85 -16.63 -2.65
C PHE A 692 -60.22 -15.74 -1.58
N ARG A 693 -60.01 -16.26 -0.37
CA ARG A 693 -59.30 -15.55 0.68
C ARG A 693 -58.09 -16.38 1.05
N ARG A 694 -56.92 -15.78 0.92
CA ARG A 694 -55.65 -16.45 1.21
C ARG A 694 -55.25 -16.07 2.61
N ASP A 695 -55.30 -17.04 3.52
CA ASP A 695 -55.08 -16.78 4.93
C ASP A 695 -53.76 -17.36 5.39
N THR A 696 -52.93 -16.52 6.01
CA THR A 696 -51.73 -16.99 6.67
C THR A 696 -51.78 -16.50 8.11
N VAL A 697 -51.83 -17.43 9.06
CA VAL A 697 -51.82 -17.10 10.48
C VAL A 697 -50.65 -17.82 11.11
N THR A 698 -49.77 -17.07 11.76
CA THR A 698 -48.63 -17.66 12.43
C THR A 698 -48.55 -17.17 13.85
N ASP A 699 -48.45 -18.10 14.80
CA ASP A 699 -48.23 -17.80 16.21
C ASP A 699 -46.93 -18.47 16.60
N ARG A 700 -45.92 -17.68 16.91
CA ARG A 700 -44.65 -18.22 17.39
C ARG A 700 -44.40 -17.60 18.74
N LYS A 701 -44.28 -18.43 19.77
CA LYS A 701 -43.98 -17.91 21.10
C LYS A 701 -42.77 -18.64 21.65
N ASN A 702 -41.70 -17.89 21.88
CA ASN A 702 -40.48 -18.43 22.45
C ASN A 702 -40.21 -17.70 23.75
N GLU A 703 -40.01 -18.46 24.81
CA GLU A 703 -39.67 -17.90 26.12
C GLU A 703 -38.36 -18.49 26.61
N LEU A 704 -37.51 -17.64 27.19
CA LEU A 704 -36.28 -18.09 27.81
C LEU A 704 -36.24 -17.65 29.26
N LEU A 705 -35.90 -18.57 30.17
CA LEU A 705 -35.82 -18.21 31.58
C LEU A 705 -34.62 -18.88 32.24
N VAL A 706 -33.96 -18.17 33.15
CA VAL A 706 -32.82 -18.71 33.90
C VAL A 706 -33.14 -18.76 35.40
N PHE A 707 -33.05 -19.95 36.00
CA PHE A 707 -33.21 -20.11 37.43
C PHE A 707 -31.87 -20.29 38.10
N LEU A 708 -31.87 -20.19 39.43
CA LEU A 708 -30.66 -20.53 40.18
C LEU A 708 -31.00 -21.01 41.58
N THR A 709 -30.25 -22.02 42.05
CA THR A 709 -30.27 -22.53 43.42
C THR A 709 -28.88 -22.82 43.96
N PRO A 710 -28.51 -22.26 45.10
CA PRO A 710 -27.21 -22.62 45.67
C PRO A 710 -27.34 -23.60 46.82
N ARG A 711 -26.67 -24.73 46.78
CA ARG A 711 -26.65 -25.68 47.89
C ARG A 711 -25.28 -25.56 48.54
N ILE A 712 -25.23 -25.03 49.75
CA ILE A 712 -23.94 -24.81 50.37
C ILE A 712 -23.23 -26.14 50.52
N MET A 713 -21.99 -26.20 50.08
CA MET A 713 -21.24 -27.43 50.19
C MET A 713 -20.59 -27.54 51.55
N ASN A 714 -20.64 -26.44 52.32
CA ASN A 714 -20.17 -26.50 53.70
C ASN A 714 -20.97 -27.50 54.50
N ASN A 715 -22.24 -27.70 54.13
CA ASN A 715 -23.07 -28.65 54.86
C ASN A 715 -22.38 -29.99 54.89
N GLN A 716 -21.62 -30.28 53.83
CA GLN A 716 -20.83 -31.47 53.76
C GLN A 716 -19.39 -31.18 54.12
N ALA A 717 -18.92 -29.99 53.73
CA ALA A 717 -17.53 -29.59 53.99
C ALA A 717 -17.28 -29.34 55.46
N ILE A 718 -18.26 -28.80 56.19
CA ILE A 718 -18.07 -28.62 57.62
C ILE A 718 -18.06 -29.97 58.32
N ALA A 719 -18.96 -30.87 57.92
CA ALA A 719 -18.96 -32.21 58.48
C ALA A 719 -17.77 -32.99 57.96
N ILE A 720 -17.14 -32.49 56.91
CA ILE A 720 -15.90 -33.01 56.36
C ILE A 720 -14.74 -32.05 56.56
N LEU B 385 -10.05 -0.02 77.17
CA LEU B 385 -10.54 -0.35 75.84
C LEU B 385 -10.74 -1.85 75.75
N ARG B 386 -11.74 -2.28 74.98
CA ARG B 386 -12.09 -3.68 74.84
C ARG B 386 -11.99 -4.11 73.39
N ARG B 387 -11.46 -5.31 73.17
CA ARG B 387 -11.36 -5.90 71.85
C ARG B 387 -12.59 -6.77 71.60
N GLU B 388 -13.33 -6.47 70.53
CA GLU B 388 -14.53 -7.22 70.20
C GLU B 388 -14.53 -7.63 68.74
N LEU B 389 -14.95 -8.87 68.47
CA LEU B 389 -15.09 -9.37 67.10
C LEU B 389 -16.56 -9.36 66.68
N ILE B 390 -16.86 -8.62 65.62
CA ILE B 390 -18.20 -8.61 65.04
C ILE B 390 -18.07 -9.00 63.58
N GLN B 391 -18.92 -9.91 63.13
CA GLN B 391 -18.91 -10.37 61.74
C GLN B 391 -20.05 -9.69 60.99
N VAL B 392 -19.72 -9.06 59.88
CA VAL B 392 -20.72 -8.37 59.06
C VAL B 392 -20.84 -9.10 57.73
N ASN B 393 -21.93 -9.83 57.55
CA ASN B 393 -22.16 -10.50 56.28
C ASN B 393 -22.72 -9.56 55.22
N TYR B 394 -23.62 -8.66 55.59
CA TYR B 394 -24.25 -7.83 54.58
C TYR B 394 -23.48 -6.55 54.36
N ALA B 395 -22.52 -6.25 55.24
CA ALA B 395 -21.76 -5.02 55.19
C ALA B 395 -20.30 -5.33 54.91
N LYS B 396 -19.70 -4.60 53.99
CA LYS B 396 -18.28 -4.75 53.74
C LYS B 396 -17.50 -4.32 54.97
N ALA B 397 -16.43 -5.05 55.28
CA ALA B 397 -15.63 -4.73 56.45
C ALA B 397 -15.03 -3.33 56.35
N ALA B 398 -14.60 -2.95 55.14
CA ALA B 398 -14.07 -1.61 54.96
C ALA B 398 -15.12 -0.56 55.27
N ASP B 399 -16.37 -0.83 54.89
CA ASP B 399 -17.44 0.11 55.18
C ASP B 399 -17.61 0.26 56.68
N ILE B 400 -17.54 -0.83 57.42
CA ILE B 400 -17.62 -0.77 58.87
C ILE B 400 -16.45 0.01 59.43
N ALA B 401 -15.28 -0.14 58.84
CA ALA B 401 -14.13 0.64 59.27
C ALA B 401 -14.40 2.12 59.08
N LYS B 402 -15.04 2.47 57.96
CA LYS B 402 -15.40 3.87 57.72
C LYS B 402 -16.40 4.33 58.76
N LEU B 403 -17.34 3.47 59.14
CA LEU B 403 -18.29 3.82 60.18
C LEU B 403 -17.57 4.09 61.49
N PHE B 404 -16.59 3.27 61.81
CA PHE B 404 -15.81 3.51 63.02
C PHE B 404 -15.02 4.79 62.91
N GLN B 405 -14.52 5.10 61.72
CA GLN B 405 -13.80 6.36 61.51
C GLN B 405 -14.75 7.51 61.77
N SER B 406 -15.99 7.38 61.32
CA SER B 406 -17.00 8.39 61.62
C SER B 406 -17.23 8.45 63.12
N VAL B 407 -17.21 7.30 63.79
CA VAL B 407 -17.37 7.26 65.23
C VAL B 407 -16.27 8.06 65.90
N THR B 408 -15.05 7.93 65.39
CA THR B 408 -13.92 8.71 65.90
C THR B 408 -14.14 10.20 65.62
N SER B 409 -14.67 10.52 64.45
CA SER B 409 -15.01 11.90 64.13
C SER B 409 -16.03 12.45 65.12
N ASP B 410 -16.88 11.57 65.67
CA ASP B 410 -17.88 12.02 66.63
C ASP B 410 -17.21 12.72 67.81
N GLY B 411 -16.10 12.18 68.28
CA GLY B 411 -15.34 12.82 69.35
C GLY B 411 -13.90 12.34 69.43
N GLY B 421 -8.62 2.58 70.06
CA GLY B 421 -9.17 2.86 68.75
C GLY B 421 -8.44 2.14 67.64
N SER B 422 -8.41 0.82 67.73
CA SER B 422 -7.72 -0.03 66.77
C SER B 422 -8.73 -0.89 66.03
N ILE B 423 -8.62 -0.92 64.70
CA ILE B 423 -9.57 -1.64 63.86
C ILE B 423 -8.85 -2.71 63.05
N THR B 424 -9.44 -3.90 62.98
CA THR B 424 -8.89 -5.04 62.24
C THR B 424 -9.95 -5.57 61.30
N VAL B 425 -9.59 -5.81 60.06
CA VAL B 425 -10.53 -6.27 59.03
C VAL B 425 -10.12 -7.66 58.55
N ASP B 426 -11.05 -8.60 58.59
CA ASP B 426 -10.85 -9.94 58.04
C ASP B 426 -11.69 -10.02 56.76
N ASP B 427 -11.00 -10.08 55.62
CA ASP B 427 -11.69 -10.11 54.33
C ASP B 427 -12.45 -11.41 54.13
N ARG B 428 -11.85 -12.55 54.48
CA ARG B 428 -12.47 -13.83 54.17
C ARG B 428 -13.80 -13.96 54.89
N THR B 429 -13.83 -13.63 56.17
CA THR B 429 -15.06 -13.71 56.95
C THR B 429 -15.80 -12.39 56.96
N ASN B 430 -15.20 -11.34 56.41
CA ASN B 430 -15.77 -10.00 56.45
C ASN B 430 -16.07 -9.64 57.90
N SER B 431 -15.16 -10.00 58.79
CA SER B 431 -15.36 -9.81 60.21
C SER B 431 -14.38 -8.77 60.72
N ILE B 432 -14.89 -7.78 61.43
CA ILE B 432 -14.09 -6.67 61.92
C ILE B 432 -13.93 -6.83 63.43
N ILE B 433 -12.70 -6.78 63.90
CA ILE B 433 -12.41 -6.81 65.32
C ILE B 433 -11.87 -5.45 65.71
N ALA B 434 -12.52 -4.79 66.65
CA ALA B 434 -12.09 -3.47 67.07
C ALA B 434 -11.76 -3.50 68.55
N TYR B 435 -10.57 -3.04 68.89
CA TYR B 435 -10.18 -2.89 70.29
C TYR B 435 -10.20 -1.39 70.55
N GLN B 436 -11.18 -0.94 71.29
CA GLN B 436 -11.36 0.49 71.46
C GLN B 436 -12.29 0.74 72.64
N PRO B 437 -12.58 2.01 73.00
CA PRO B 437 -13.44 2.24 74.15
C PRO B 437 -14.79 1.55 73.98
N GLN B 438 -15.33 1.09 75.11
CA GLN B 438 -16.55 0.30 75.07
C GLN B 438 -17.70 1.06 74.43
N GLU B 439 -17.83 2.35 74.74
CA GLU B 439 -18.97 3.12 74.24
C GLU B 439 -18.92 3.23 72.72
N ARG B 440 -17.75 3.56 72.18
CA ARG B 440 -17.61 3.61 70.73
C ARG B 440 -17.87 2.25 70.14
N LEU B 441 -17.43 1.21 70.83
CA LEU B 441 -17.61 -0.15 70.37
C LEU B 441 -19.10 -0.45 70.23
N ASP B 442 -19.88 -0.08 71.24
CA ASP B 442 -21.31 -0.35 71.24
C ASP B 442 -22.01 0.45 70.15
N GLU B 443 -21.63 1.72 69.99
CA GLU B 443 -22.27 2.53 68.96
C GLU B 443 -21.99 1.95 67.59
N LEU B 444 -20.75 1.52 67.37
CA LEU B 444 -20.40 0.94 66.09
C LEU B 444 -21.19 -0.34 65.89
N ARG B 445 -21.41 -1.09 66.97
CA ARG B 445 -22.21 -2.30 66.89
C ARG B 445 -23.61 -1.99 66.41
N ARG B 446 -24.21 -0.93 66.93
CA ARG B 446 -25.53 -0.54 66.48
C ARG B 446 -25.52 -0.18 65.00
N ILE B 447 -24.49 0.55 64.58
CA ILE B 447 -24.36 0.88 63.16
C ILE B 447 -24.24 -0.39 62.35
N VAL B 448 -23.54 -1.38 62.89
CA VAL B 448 -23.39 -2.67 62.24
C VAL B 448 -24.74 -3.34 62.07
N SER B 449 -25.56 -3.26 63.12
CA SER B 449 -26.89 -3.85 63.05
C SER B 449 -27.72 -3.21 61.96
N GLN B 450 -27.64 -1.89 61.85
CA GLN B 450 -28.36 -1.19 60.79
C GLN B 450 -27.84 -1.56 59.42
N LEU B 451 -26.52 -1.58 59.26
CA LEU B 451 -25.91 -1.84 57.95
C LEU B 451 -26.15 -3.26 57.47
N ASP B 452 -26.06 -4.25 58.36
CA ASP B 452 -26.18 -5.64 57.94
C ASP B 452 -27.67 -5.94 57.75
N ILE B 453 -28.24 -5.26 56.76
CA ILE B 453 -29.65 -5.40 56.42
C ILE B 453 -29.76 -6.00 55.04
N PRO B 454 -30.66 -6.96 54.81
CA PRO B 454 -30.74 -7.60 53.50
C PRO B 454 -31.13 -6.61 52.42
N VAL B 455 -30.38 -6.62 51.32
CA VAL B 455 -30.71 -5.79 50.19
C VAL B 455 -31.98 -6.32 49.55
N ARG B 456 -32.91 -5.43 49.21
CA ARG B 456 -34.20 -5.85 48.70
C ARG B 456 -34.18 -5.99 47.19
N GLN B 457 -34.38 -7.22 46.72
CA GLN B 457 -34.50 -7.50 45.30
C GLN B 457 -35.93 -7.24 44.85
N VAL B 458 -36.07 -6.74 43.63
CA VAL B 458 -37.37 -6.53 43.01
C VAL B 458 -37.36 -7.15 41.63
N MET B 459 -38.46 -7.77 41.26
CA MET B 459 -38.63 -8.35 39.94
C MET B 459 -39.24 -7.28 39.05
N ILE B 460 -38.51 -6.86 38.04
CA ILE B 460 -38.93 -5.81 37.14
C ILE B 460 -39.41 -6.47 35.87
N GLU B 461 -40.64 -6.20 35.48
CA GLU B 461 -41.21 -6.77 34.28
C GLU B 461 -41.63 -5.64 33.36
N ALA B 462 -40.88 -5.40 32.31
CA ALA B 462 -41.25 -4.41 31.32
C ALA B 462 -41.58 -5.14 30.03
N ARG B 463 -42.78 -4.94 29.52
CA ARG B 463 -43.22 -5.69 28.35
C ARG B 463 -43.44 -4.77 27.16
N ILE B 464 -43.02 -5.25 25.99
CA ILE B 464 -43.12 -4.51 24.74
C ILE B 464 -44.25 -5.09 23.92
N VAL B 465 -45.16 -4.24 23.48
CA VAL B 465 -46.29 -4.63 22.65
C VAL B 465 -46.21 -3.88 21.33
N GLU B 466 -46.17 -4.63 20.24
CA GLU B 466 -46.17 -4.06 18.90
C GLU B 466 -47.40 -4.54 18.16
N ALA B 467 -48.19 -3.59 17.64
CA ALA B 467 -49.36 -3.93 16.84
C ALA B 467 -49.27 -3.28 15.48
N ASN B 468 -49.40 -4.08 14.43
CA ASN B 468 -49.38 -3.57 13.07
C ASN B 468 -50.64 -4.00 12.35
N VAL B 469 -51.41 -3.04 11.87
CA VAL B 469 -52.59 -3.33 11.07
C VAL B 469 -52.41 -2.67 9.71
N GLY B 470 -52.46 -3.47 8.65
CA GLY B 470 -52.30 -2.93 7.32
C GLY B 470 -53.39 -3.34 6.35
N TYR B 471 -54.10 -2.38 5.76
CA TYR B 471 -55.05 -2.67 4.70
C TYR B 471 -54.67 -1.89 3.46
N ASP B 472 -54.39 -2.58 2.38
CA ASP B 472 -54.02 -1.93 1.12
C ASP B 472 -54.85 -2.49 -0.01
N LYS B 473 -55.52 -1.63 -0.77
CA LYS B 473 -56.27 -2.07 -1.94
C LYS B 473 -55.83 -1.30 -3.17
N SER B 474 -55.54 -2.02 -4.25
CA SER B 474 -55.15 -1.41 -5.51
C SER B 474 -56.01 -1.95 -6.64
N LEU B 475 -56.60 -1.05 -7.43
CA LEU B 475 -57.38 -1.41 -8.60
C LEU B 475 -56.82 -0.68 -9.81
N GLY B 476 -56.37 -1.46 -10.79
CA GLY B 476 -55.92 -1.05 -12.10
C GLY B 476 -56.94 -1.43 -13.17
N VAL B 477 -57.54 -0.44 -13.81
CA VAL B 477 -58.59 -0.65 -14.79
C VAL B 477 -58.03 -0.34 -16.18
N ARG B 478 -58.17 -1.28 -17.10
CA ARG B 478 -57.49 -1.21 -18.39
C ARG B 478 -58.45 -1.47 -19.54
N TRP B 479 -58.42 -0.62 -20.55
CA TRP B 479 -59.28 -0.76 -21.72
C TRP B 479 -58.42 -0.65 -22.97
N GLY B 480 -58.01 -1.77 -23.55
CA GLY B 480 -57.12 -1.72 -24.69
C GLY B 480 -57.63 -2.37 -25.96
N GLY B 481 -57.73 -1.60 -27.03
CA GLY B 481 -58.06 -2.12 -28.33
C GLY B 481 -57.10 -1.58 -29.36
N ALA B 482 -56.37 -2.42 -30.08
CA ALA B 482 -55.53 -1.93 -31.15
C ALA B 482 -56.24 -1.97 -32.49
N TYR B 483 -57.45 -2.54 -32.53
CA TYR B 483 -58.16 -2.69 -33.78
C TYR B 483 -58.43 -1.31 -34.38
N HIS B 484 -58.94 -0.40 -33.55
CA HIS B 484 -59.16 0.97 -33.97
C HIS B 484 -58.22 1.94 -33.25
N LYS B 485 -57.14 1.41 -32.66
CA LYS B 485 -56.14 2.19 -31.93
C LYS B 485 -56.72 3.01 -30.77
N GLY B 486 -57.59 2.39 -29.98
CA GLY B 486 -58.05 3.03 -28.77
C GLY B 486 -57.67 2.24 -27.53
N ASN B 487 -56.69 2.70 -26.75
CA ASN B 487 -56.23 1.91 -25.62
C ASN B 487 -55.77 2.81 -24.49
N TRP B 488 -56.46 2.72 -23.38
CA TRP B 488 -56.17 3.45 -22.16
C TRP B 488 -55.64 2.46 -21.13
N SER B 489 -54.48 2.79 -20.57
CA SER B 489 -53.78 1.91 -19.66
C SER B 489 -54.10 2.25 -18.21
N GLY B 490 -54.18 1.22 -17.38
CA GLY B 490 -54.39 1.42 -15.97
C GLY B 490 -53.10 1.84 -15.31
N TYR B 491 -53.17 2.07 -14.03
CA TYR B 491 -51.94 2.39 -13.34
C TYR B 491 -51.74 1.61 -12.05
N GLY B 492 -52.78 1.44 -11.23
CA GLY B 492 -52.61 0.62 -10.04
C GLY B 492 -52.18 -0.78 -10.41
N LYS B 493 -52.83 -1.36 -11.39
CA LYS B 493 -52.42 -2.61 -12.01
C LYS B 493 -52.52 -2.31 -13.51
N ASP B 494 -51.52 -1.59 -14.01
CA ASP B 494 -51.52 -1.02 -15.35
C ASP B 494 -51.85 -2.03 -16.44
N GLY B 495 -52.74 -1.65 -17.35
CA GLY B 495 -53.03 -2.48 -18.49
C GLY B 495 -53.35 -1.72 -19.77
N ASN B 496 -52.57 -1.93 -20.83
CA ASN B 496 -52.80 -1.28 -22.12
C ASN B 496 -52.70 -2.36 -23.18
N ILE B 497 -53.85 -2.93 -23.50
CA ILE B 497 -53.96 -4.09 -24.36
C ILE B 497 -53.63 -3.75 -25.81
N GLY B 498 -53.32 -2.48 -26.10
CA GLY B 498 -52.83 -2.16 -27.43
C GLY B 498 -51.48 -2.82 -27.69
N ILE B 499 -50.57 -2.72 -26.71
CA ILE B 499 -49.30 -3.43 -26.85
C ILE B 499 -49.53 -4.93 -26.74
N LYS B 500 -50.56 -5.33 -26.02
CA LYS B 500 -50.88 -6.76 -25.96
C LYS B 500 -51.31 -7.24 -27.33
N ASP B 501 -52.01 -6.39 -28.07
CA ASP B 501 -52.34 -6.70 -29.44
C ASP B 501 -51.08 -6.78 -30.26
N GLU B 502 -50.10 -5.94 -29.94
CA GLU B 502 -48.81 -6.05 -30.62
C GLU B 502 -48.19 -7.41 -30.38
N ASP B 503 -48.23 -7.87 -29.13
CA ASP B 503 -47.68 -9.17 -28.78
C ASP B 503 -48.46 -10.27 -29.50
N GLY B 504 -49.78 -10.10 -29.60
CA GLY B 504 -50.57 -11.07 -30.34
C GLY B 504 -50.19 -11.10 -31.80
N MET B 505 -49.98 -9.91 -32.38
CA MET B 505 -49.55 -9.83 -33.77
C MET B 505 -48.25 -10.59 -33.92
N ASN B 506 -47.41 -10.55 -32.88
CA ASN B 506 -46.21 -11.37 -32.87
C ASN B 506 -46.58 -12.85 -32.89
N CYS B 507 -47.65 -13.21 -32.18
CA CYS B 507 -48.14 -14.59 -32.19
C CYS B 507 -48.51 -15.05 -33.60
N GLY B 508 -49.12 -14.18 -34.40
CA GLY B 508 -49.41 -14.53 -35.78
C GLY B 508 -50.78 -14.28 -36.42
N PRO B 509 -51.70 -13.58 -35.77
CA PRO B 509 -52.99 -13.31 -36.41
C PRO B 509 -52.89 -12.29 -37.53
N ILE B 510 -53.89 -12.29 -38.39
CA ILE B 510 -53.99 -11.34 -39.49
C ILE B 510 -54.81 -10.14 -39.01
N ALA B 511 -54.19 -8.97 -38.90
CA ALA B 511 -54.89 -7.72 -38.57
C ALA B 511 -54.73 -6.72 -39.70
N GLY B 512 -55.85 -6.26 -40.24
CA GLY B 512 -55.86 -5.27 -41.32
C GLY B 512 -56.69 -4.04 -40.96
N SER B 513 -56.13 -2.83 -41.09
CA SER B 513 -56.91 -1.62 -40.80
C SER B 513 -56.47 -0.51 -41.75
N CYS B 514 -57.30 -0.19 -42.75
CA CYS B 514 -56.92 0.82 -43.72
C CYS B 514 -57.37 2.23 -43.35
N THR B 515 -58.37 2.36 -42.49
CA THR B 515 -58.88 3.64 -42.02
C THR B 515 -59.39 3.37 -40.61
N PHE B 516 -59.68 4.44 -39.88
CA PHE B 516 -60.22 4.22 -38.54
C PHE B 516 -61.55 3.45 -38.59
N PRO B 517 -62.47 3.68 -39.54
CA PRO B 517 -63.68 2.85 -39.55
C PRO B 517 -63.41 1.38 -39.84
N THR B 518 -62.45 1.07 -40.72
CA THR B 518 -62.25 -0.28 -41.21
C THR B 518 -61.05 -0.97 -40.59
N THR B 519 -61.31 -2.09 -39.93
CA THR B 519 -60.30 -2.97 -39.35
C THR B 519 -60.90 -4.37 -39.25
N GLY B 520 -60.03 -5.37 -39.17
CA GLY B 520 -60.45 -6.75 -38.99
C GLY B 520 -59.28 -7.64 -38.66
N THR B 521 -59.42 -8.58 -37.72
CA THR B 521 -58.33 -9.49 -37.45
C THR B 521 -58.87 -10.90 -37.21
N SER B 522 -58.06 -11.88 -37.58
CA SER B 522 -58.40 -13.29 -37.43
C SER B 522 -57.19 -14.08 -36.93
N LYS B 523 -57.44 -15.29 -36.44
CA LYS B 523 -56.38 -16.20 -35.99
C LYS B 523 -55.59 -15.59 -34.83
N SER B 524 -56.30 -14.97 -33.88
CA SER B 524 -55.65 -14.30 -32.76
C SER B 524 -55.50 -15.27 -31.60
N PRO B 525 -54.29 -15.68 -31.24
CA PRO B 525 -54.08 -16.51 -30.05
C PRO B 525 -53.66 -15.70 -28.83
N SER B 526 -53.53 -14.39 -28.98
CA SER B 526 -53.04 -13.54 -27.89
C SER B 526 -53.94 -13.52 -26.68
N PRO B 527 -55.27 -13.48 -26.78
CA PRO B 527 -56.05 -13.33 -25.54
C PRO B 527 -55.83 -14.44 -24.53
N PHE B 528 -55.91 -15.71 -24.93
CA PHE B 528 -55.82 -16.78 -23.93
C PHE B 528 -54.45 -16.82 -23.26
N VAL B 529 -53.36 -16.57 -23.97
CA VAL B 529 -52.06 -16.67 -23.33
C VAL B 529 -51.65 -15.33 -22.73
N ASP B 530 -51.72 -14.27 -23.51
CA ASP B 530 -51.27 -12.96 -23.07
C ASP B 530 -52.11 -12.47 -21.91
N LEU B 531 -53.44 -12.58 -22.00
CA LEU B 531 -54.28 -12.15 -20.89
C LEU B 531 -54.03 -13.00 -19.65
N GLY B 532 -53.89 -14.31 -19.81
CA GLY B 532 -53.69 -15.15 -18.64
C GLY B 532 -52.45 -14.77 -17.86
N ALA B 533 -51.32 -14.62 -18.55
CA ALA B 533 -50.09 -14.30 -17.83
C ALA B 533 -50.10 -12.86 -17.35
N LYS B 534 -50.46 -11.93 -18.24
CA LYS B 534 -50.41 -10.52 -17.91
C LYS B 534 -51.34 -10.23 -16.74
N ASP B 535 -52.49 -10.90 -16.72
CA ASP B 535 -53.56 -10.68 -15.77
C ASP B 535 -53.47 -11.66 -14.61
N ALA B 536 -52.35 -12.37 -14.49
CA ALA B 536 -52.22 -13.36 -13.43
C ALA B 536 -52.37 -12.71 -12.05
N THR B 537 -51.98 -11.45 -11.91
CA THR B 537 -51.96 -10.79 -10.60
C THR B 537 -53.33 -10.84 -9.95
N SER B 538 -53.31 -10.91 -8.62
CA SER B 538 -54.47 -11.06 -7.73
C SER B 538 -55.77 -11.33 -8.48
N GLY B 539 -56.61 -10.31 -8.63
CA GLY B 539 -57.92 -10.48 -9.23
C GLY B 539 -57.95 -9.80 -10.58
N ILE B 540 -58.44 -10.52 -11.58
CA ILE B 540 -58.57 -9.96 -12.92
C ILE B 540 -59.87 -10.44 -13.55
N GLY B 541 -60.53 -9.54 -14.26
CA GLY B 541 -61.66 -9.90 -15.08
C GLY B 541 -61.38 -9.43 -16.49
N ILE B 542 -61.44 -10.31 -17.49
CA ILE B 542 -61.17 -9.95 -18.87
C ILE B 542 -62.43 -10.13 -19.71
N GLY B 543 -62.74 -9.15 -20.55
CA GLY B 543 -63.79 -9.25 -21.54
C GLY B 543 -63.19 -8.88 -22.88
N PHE B 544 -63.25 -9.76 -23.87
CA PHE B 544 -62.58 -9.47 -25.13
C PHE B 544 -63.48 -9.69 -26.35
N ILE B 545 -63.43 -8.75 -27.27
CA ILE B 545 -64.01 -8.91 -28.60
C ILE B 545 -62.86 -8.86 -29.57
N THR B 546 -62.90 -9.70 -30.60
CA THR B 546 -61.86 -9.59 -31.61
C THR B 546 -62.38 -9.54 -33.04
N ASP B 547 -63.47 -10.27 -33.28
CA ASP B 547 -63.93 -10.46 -34.65
C ASP B 547 -64.47 -9.18 -35.26
N ASN B 548 -65.41 -8.53 -34.59
CA ASN B 548 -65.94 -7.25 -35.07
C ASN B 548 -64.94 -6.14 -34.82
N ILE B 549 -64.42 -6.08 -33.60
CA ILE B 549 -63.45 -5.09 -33.16
C ILE B 549 -62.65 -5.83 -32.10
N ILE B 550 -61.40 -5.44 -31.85
CA ILE B 550 -60.69 -6.05 -30.75
C ILE B 550 -60.73 -5.05 -29.59
N LEU B 551 -61.49 -5.39 -28.57
CA LEU B 551 -61.61 -4.56 -27.37
C LEU B 551 -61.40 -5.47 -26.18
N ASP B 552 -60.29 -5.28 -25.47
CA ASP B 552 -59.97 -6.08 -24.31
C ASP B 552 -60.11 -5.20 -23.08
N LEU B 553 -61.01 -5.57 -22.17
CA LEU B 553 -61.32 -4.75 -21.00
C LEU B 553 -61.07 -5.59 -19.76
N GLN B 554 -60.05 -5.22 -19.00
CA GLN B 554 -59.68 -5.97 -17.81
C GLN B 554 -59.81 -5.10 -16.58
N LEU B 555 -60.25 -5.71 -15.48
CA LEU B 555 -60.31 -5.08 -14.18
C LEU B 555 -59.40 -5.87 -13.25
N SER B 556 -58.35 -5.23 -12.76
CA SER B 556 -57.35 -5.88 -11.92
C SER B 556 -57.38 -5.31 -10.51
N ALA B 557 -57.79 -6.12 -9.54
CA ALA B 557 -57.96 -5.64 -8.17
C ALA B 557 -57.27 -6.56 -7.17
N MET B 558 -56.60 -5.95 -6.19
CA MET B 558 -55.91 -6.65 -5.12
C MET B 558 -56.27 -6.00 -3.79
N GLU B 559 -56.65 -6.82 -2.81
CA GLU B 559 -56.91 -6.33 -1.45
C GLU B 559 -56.12 -7.14 -0.44
N LYS B 560 -55.29 -6.49 0.36
CA LYS B 560 -54.45 -7.17 1.34
C LYS B 560 -54.72 -6.64 2.73
N THR B 561 -54.92 -7.54 3.68
CA THR B 561 -55.06 -7.18 5.08
C THR B 561 -54.11 -8.02 5.91
N GLY B 562 -53.27 -7.34 6.69
CA GLY B 562 -52.34 -8.03 7.58
C GLY B 562 -52.38 -7.52 9.00
N ASN B 563 -52.54 -8.39 9.98
CA ASN B 563 -52.49 -7.97 11.37
C ASN B 563 -51.37 -8.73 12.06
N GLY B 564 -50.41 -8.01 12.62
CA GLY B 564 -49.31 -8.61 13.34
C GLY B 564 -49.21 -8.10 14.77
N GLU B 565 -49.19 -9.01 15.74
CA GLU B 565 -49.01 -8.64 17.13
C GLU B 565 -47.78 -9.32 17.70
N ILE B 566 -46.88 -8.54 18.28
CA ILE B 566 -45.69 -9.06 18.93
C ILE B 566 -45.71 -8.63 20.39
N VAL B 567 -45.63 -9.61 21.28
CA VAL B 567 -45.63 -9.34 22.72
C VAL B 567 -44.39 -9.97 23.31
N SER B 568 -43.46 -9.15 23.79
CA SER B 568 -42.21 -9.64 24.35
C SER B 568 -42.06 -9.11 25.77
N GLN B 569 -41.84 -10.00 26.74
CA GLN B 569 -41.71 -9.54 28.12
C GLN B 569 -40.50 -10.11 28.84
N PRO B 570 -39.49 -9.32 29.11
CA PRO B 570 -38.39 -9.77 29.96
C PRO B 570 -38.53 -9.34 31.41
N LYS B 571 -38.34 -10.28 32.33
CA LYS B 571 -38.45 -10.04 33.76
C LYS B 571 -37.10 -10.25 34.42
N VAL B 572 -36.62 -9.25 35.18
CA VAL B 572 -35.31 -9.31 35.83
C VAL B 572 -35.45 -9.04 37.32
N VAL B 573 -34.80 -9.85 38.14
CA VAL B 573 -34.80 -9.63 39.58
C VAL B 573 -33.48 -8.97 39.97
N THR B 574 -33.57 -7.80 40.60
CA THR B 574 -32.39 -7.00 40.90
C THR B 574 -32.33 -6.60 42.37
N SER B 575 -31.11 -6.49 42.89
CA SER B 575 -30.94 -5.99 44.24
C SER B 575 -31.15 -4.47 44.25
N ASP B 576 -31.46 -3.95 45.43
CA ASP B 576 -31.83 -2.54 45.55
C ASP B 576 -30.62 -1.66 45.30
N LYS B 577 -30.80 -0.64 44.45
CA LYS B 577 -29.78 0.34 44.12
C LYS B 577 -28.69 -0.25 43.25
N GLU B 578 -28.91 -1.42 42.68
CA GLU B 578 -27.90 -2.08 41.88
C GLU B 578 -28.41 -2.24 40.45
N THR B 579 -27.48 -2.18 39.51
CA THR B 579 -27.84 -2.37 38.12
C THR B 579 -27.93 -3.84 37.76
N ALA B 580 -28.92 -4.19 36.96
CA ALA B 580 -29.03 -5.53 36.41
C ALA B 580 -29.46 -5.44 34.96
N LYS B 581 -29.12 -6.48 34.20
CA LYS B 581 -29.44 -6.47 32.79
C LYS B 581 -29.95 -7.82 32.33
N ILE B 582 -30.83 -7.77 31.34
CA ILE B 582 -31.29 -8.96 30.64
C ILE B 582 -31.08 -8.67 29.18
N LEU B 583 -30.50 -9.61 28.46
CA LEU B 583 -30.23 -9.42 27.05
C LEU B 583 -30.57 -10.67 26.28
N LYS B 584 -31.35 -10.52 25.21
CA LYS B 584 -31.67 -11.63 24.32
C LYS B 584 -31.62 -11.16 22.88
N GLY B 585 -30.76 -11.75 22.08
CA GLY B 585 -30.60 -11.27 20.73
C GLY B 585 -29.27 -11.73 20.16
N SER B 586 -28.71 -10.92 19.26
CA SER B 586 -27.50 -11.33 18.59
C SER B 586 -26.64 -10.12 18.25
N GLU B 587 -25.32 -10.24 18.35
CA GLU B 587 -24.44 -9.08 18.17
C GLU B 587 -23.78 -9.12 16.81
N VAL B 588 -24.25 -8.27 15.92
CA VAL B 588 -23.57 -8.20 14.63
C VAL B 588 -22.20 -7.55 14.84
N PRO B 589 -21.16 -8.11 14.29
CA PRO B 589 -19.84 -7.52 14.36
C PRO B 589 -19.55 -6.76 13.07
N TYR B 590 -18.57 -5.87 13.15
CA TYR B 590 -18.04 -5.16 12.02
C TYR B 590 -16.56 -5.44 11.98
N GLN B 591 -16.08 -5.92 10.85
CA GLN B 591 -14.64 -6.15 10.74
C GLN B 591 -14.03 -4.81 10.33
N GLU B 592 -13.49 -4.08 11.31
CA GLU B 592 -12.89 -2.79 11.04
C GLU B 592 -11.51 -2.84 11.65
N ALA B 593 -10.63 -3.63 11.05
CA ALA B 593 -9.26 -3.60 11.53
C ALA B 593 -8.61 -2.46 10.79
N SER B 594 -8.61 -1.29 11.40
CA SER B 594 -7.92 -0.17 10.81
C SER B 594 -6.48 -0.45 11.16
N SER B 595 -5.63 -0.41 10.14
CA SER B 595 -4.29 -0.93 10.28
C SER B 595 -3.52 -0.31 11.44
N SER B 596 -3.56 1.00 11.63
CA SER B 596 -2.65 1.50 12.66
C SER B 596 -3.19 1.33 14.07
N GLY B 597 -3.20 0.09 14.51
CA GLY B 597 -3.50 -0.06 15.90
C GLY B 597 -4.92 0.13 16.31
N ALA B 598 -5.87 0.19 15.39
CA ALA B 598 -7.26 0.26 15.85
C ALA B 598 -8.01 -0.92 15.27
N THR B 599 -8.05 -2.00 16.02
CA THR B 599 -8.85 -3.14 15.61
C THR B 599 -10.20 -2.98 16.26
N SER B 600 -11.18 -2.52 15.51
CA SER B 600 -12.50 -2.48 16.08
C SER B 600 -13.20 -3.65 15.43
N THR B 601 -13.26 -4.73 16.19
CA THR B 601 -14.10 -5.82 15.78
C THR B 601 -15.40 -5.32 16.39
N SER B 602 -16.00 -4.39 15.68
CA SER B 602 -17.16 -3.72 16.23
C SER B 602 -18.25 -4.76 16.42
N PHE B 603 -19.13 -4.49 17.35
CA PHE B 603 -20.28 -5.36 17.50
C PHE B 603 -21.36 -4.54 18.16
N LYS B 604 -22.56 -5.05 18.04
CA LYS B 604 -23.69 -4.43 18.70
C LYS B 604 -24.78 -5.46 18.61
N GLU B 605 -25.44 -5.75 19.71
CA GLU B 605 -26.43 -6.80 19.69
C GLU B 605 -27.83 -6.23 19.47
N ALA B 606 -28.47 -6.70 18.42
CA ALA B 606 -29.85 -6.37 18.17
C ALA B 606 -30.58 -7.33 19.08
N ALA B 607 -31.16 -6.79 20.12
CA ALA B 607 -31.71 -7.64 21.16
C ALA B 607 -32.80 -6.92 21.93
N LEU B 608 -33.56 -7.72 22.66
CA LEU B 608 -34.45 -7.20 23.67
C LEU B 608 -33.61 -7.13 24.93
N SER B 609 -33.64 -6.00 25.61
CA SER B 609 -32.80 -5.88 26.78
C SER B 609 -33.40 -4.91 27.78
N LEU B 610 -33.09 -5.17 29.05
CA LEU B 610 -33.44 -4.28 30.13
C LEU B 610 -32.22 -4.00 30.97
N GLU B 611 -31.90 -2.74 31.14
CA GLU B 611 -30.86 -2.31 32.07
C GLU B 611 -31.54 -1.48 33.14
N VAL B 612 -31.65 -2.04 34.34
CA VAL B 612 -32.45 -1.42 35.39
C VAL B 612 -31.57 -1.06 36.58
N THR B 613 -31.83 0.12 37.13
CA THR B 613 -31.20 0.58 38.37
C THR B 613 -32.32 1.07 39.28
N PRO B 614 -32.93 0.17 40.04
CA PRO B 614 -34.03 0.53 40.93
C PRO B 614 -33.60 1.13 42.27
N GLN B 615 -34.27 2.20 42.68
CA GLN B 615 -34.10 2.78 44.01
C GLN B 615 -35.44 2.60 44.74
N ILE B 616 -35.39 2.00 45.92
CA ILE B 616 -36.60 1.65 46.65
C ILE B 616 -36.92 2.73 47.67
N THR B 617 -38.15 3.20 47.64
CA THR B 617 -38.61 4.19 48.60
C THR B 617 -39.43 3.44 49.65
N PRO B 618 -39.66 4.01 50.84
CA PRO B 618 -40.36 3.22 51.85
C PRO B 618 -41.76 2.85 51.45
N ASP B 619 -42.48 3.76 50.79
CA ASP B 619 -43.88 3.51 50.52
C ASP B 619 -44.06 2.58 49.33
N ASN B 620 -43.34 1.46 49.34
CA ASN B 620 -43.53 0.39 48.35
C ASN B 620 -43.51 0.92 46.93
N ARG B 621 -42.56 1.80 46.64
CA ARG B 621 -42.42 2.31 45.29
C ARG B 621 -40.97 2.24 44.91
N ILE B 622 -40.73 2.29 43.62
CA ILE B 622 -39.38 2.32 43.09
C ILE B 622 -39.25 3.41 42.06
N ILE B 623 -38.20 4.19 42.18
CA ILE B 623 -37.81 5.10 41.11
C ILE B 623 -36.65 4.37 40.44
N VAL B 624 -36.84 3.99 39.20
CA VAL B 624 -35.84 3.18 38.53
C VAL B 624 -35.38 3.87 37.27
N GLU B 625 -34.08 3.84 37.02
CA GLU B 625 -33.57 4.26 35.73
C GLU B 625 -33.49 3.01 34.89
N VAL B 626 -34.32 2.92 33.86
CA VAL B 626 -34.39 1.72 33.03
C VAL B 626 -34.18 2.08 31.58
N LYS B 627 -33.24 1.39 30.95
CA LYS B 627 -33.05 1.42 29.51
C LYS B 627 -33.72 0.16 28.95
N VAL B 628 -34.70 0.33 28.08
CA VAL B 628 -35.45 -0.75 27.49
C VAL B 628 -35.23 -0.73 25.99
N THR B 629 -34.58 -1.76 25.46
CA THR B 629 -34.25 -1.75 24.04
C THR B 629 -34.82 -2.96 23.34
N LYS B 630 -35.49 -2.74 22.21
CA LYS B 630 -35.91 -3.82 21.34
C LYS B 630 -35.29 -3.54 19.99
N ASP B 631 -34.25 -4.30 19.65
CA ASP B 631 -33.52 -4.06 18.42
C ASP B 631 -33.53 -5.32 17.57
N ALA B 632 -33.87 -5.18 16.31
CA ALA B 632 -33.95 -6.33 15.45
C ALA B 632 -32.77 -6.37 14.50
N PRO B 633 -32.20 -7.57 14.36
CA PRO B 633 -31.05 -7.80 13.47
C PRO B 633 -31.35 -7.39 12.05
N ASP B 634 -30.47 -6.55 11.51
CA ASP B 634 -30.69 -5.97 10.20
C ASP B 634 -30.60 -7.01 9.10
N TYR B 635 -31.50 -6.88 8.11
CA TYR B 635 -31.43 -7.71 6.93
C TYR B 635 -30.13 -7.48 6.16
N GLN B 636 -29.78 -6.20 5.96
CA GLN B 636 -28.61 -5.88 5.15
C GLN B 636 -27.37 -6.46 5.77
N ASN B 637 -27.38 -6.61 7.10
CA ASN B 637 -26.27 -7.29 7.77
C ASN B 637 -26.21 -8.72 7.32
N MET B 638 -27.36 -9.39 7.26
CA MET B 638 -27.41 -10.72 6.72
C MET B 638 -27.00 -10.70 5.27
N LEU B 639 -27.16 -9.55 4.60
CA LEU B 639 -26.74 -9.38 3.22
C LEU B 639 -25.24 -9.17 3.06
N ASN B 640 -24.51 -8.93 4.16
CA ASN B 640 -23.08 -8.61 4.13
C ASN B 640 -22.80 -7.33 3.35
N GLY B 641 -23.73 -6.40 3.41
CA GLY B 641 -23.60 -5.08 2.83
C GLY B 641 -23.39 -4.11 3.96
N VAL B 642 -23.99 -2.93 3.88
CA VAL B 642 -23.97 -1.97 4.99
C VAL B 642 -25.19 -2.27 5.84
N PRO B 643 -25.02 -2.77 7.06
CA PRO B 643 -26.12 -3.24 7.87
C PRO B 643 -26.81 -2.19 8.74
N PRO B 644 -28.01 -1.76 8.38
CA PRO B 644 -28.78 -0.89 9.28
C PRO B 644 -29.64 -1.67 10.26
N ILE B 645 -29.15 -1.94 11.47
CA ILE B 645 -29.97 -2.61 12.48
C ILE B 645 -31.10 -1.69 12.88
N ASN B 646 -32.21 -2.26 13.36
CA ASN B 646 -33.34 -1.40 13.73
C ASN B 646 -33.49 -1.37 15.24
N LYS B 647 -33.51 -0.18 15.83
CA LYS B 647 -33.57 -0.02 17.27
C LYS B 647 -34.82 0.72 17.72
N ASN B 648 -35.58 0.12 18.63
CA ASN B 648 -36.65 0.82 19.33
C ASN B 648 -36.30 0.83 20.81
N GLU B 649 -35.73 1.91 21.32
CA GLU B 649 -35.26 1.88 22.70
C GLU B 649 -35.66 3.15 23.44
N VAL B 650 -36.20 2.98 24.65
CA VAL B 650 -36.52 4.08 25.52
C VAL B 650 -35.71 3.97 26.79
N ASN B 651 -35.04 5.04 27.18
CA ASN B 651 -34.25 5.07 28.40
C ASN B 651 -34.74 6.21 29.28
N ALA B 652 -35.18 5.89 30.50
CA ALA B 652 -35.75 6.92 31.34
C ALA B 652 -35.84 6.43 32.77
N LYS B 653 -35.94 7.38 33.69
CA LYS B 653 -36.10 7.07 35.11
C LYS B 653 -37.48 7.49 35.56
N ILE B 654 -38.20 6.58 36.21
CA ILE B 654 -39.58 6.82 36.61
C ILE B 654 -39.88 6.28 38.01
N LEU B 655 -40.93 6.83 38.62
CA LEU B 655 -41.39 6.40 39.93
C LEU B 655 -42.72 5.66 39.76
N VAL B 656 -42.81 4.45 40.33
CA VAL B 656 -44.06 3.69 40.32
C VAL B 656 -44.21 2.90 41.60
N ASN B 657 -45.45 2.62 41.99
CA ASN B 657 -45.61 1.70 43.09
C ASN B 657 -45.38 0.29 42.58
N ASP B 658 -45.19 -0.64 43.52
CA ASP B 658 -44.91 -2.01 43.12
C ASP B 658 -46.06 -2.61 42.31
N GLY B 659 -47.29 -2.35 42.71
CA GLY B 659 -48.38 -2.97 42.03
C GLY B 659 -48.82 -2.24 40.79
N GLU B 660 -48.01 -1.31 40.29
CA GLU B 660 -48.43 -0.40 39.24
C GLU B 660 -47.55 -0.50 38.02
N THR B 661 -48.18 -0.40 36.85
CA THR B 661 -47.50 -0.42 35.58
C THR B 661 -47.70 0.90 34.87
N ILE B 662 -46.64 1.43 34.31
CA ILE B 662 -46.80 2.64 33.51
C ILE B 662 -46.18 2.42 32.14
N VAL B 663 -46.50 3.33 31.23
CA VAL B 663 -45.96 3.32 29.89
C VAL B 663 -44.67 4.10 29.97
N ILE B 664 -43.54 3.42 29.89
CA ILE B 664 -42.30 4.19 29.89
C ILE B 664 -42.31 5.08 28.67
N GLY B 665 -42.76 4.53 27.56
CA GLY B 665 -42.89 5.27 26.32
C GLY B 665 -43.65 4.43 25.32
N GLY B 666 -44.05 5.08 24.26
CA GLY B 666 -44.70 4.39 23.17
C GLY B 666 -44.80 5.32 21.98
N VAL B 667 -44.99 4.74 20.80
CA VAL B 667 -45.21 5.53 19.60
C VAL B 667 -46.19 4.84 18.69
N PHE B 668 -47.16 5.61 18.20
CA PHE B 668 -48.09 5.15 17.18
C PHE B 668 -47.79 5.81 15.86
N SER B 669 -47.55 5.02 14.83
CA SER B 669 -47.33 5.52 13.48
C SER B 669 -48.54 5.21 12.61
N ASN B 670 -49.27 6.24 12.21
CA ASN B 670 -50.47 6.09 11.40
C ASN B 670 -50.19 6.53 9.98
N GLU B 671 -50.12 5.59 9.05
CA GLU B 671 -49.87 5.89 7.65
C GLU B 671 -51.18 5.83 6.89
N GLN B 672 -51.55 6.93 6.25
CA GLN B 672 -52.74 6.96 5.41
C GLN B 672 -52.34 7.43 4.02
N SER B 673 -52.43 6.53 3.04
CA SER B 673 -52.03 6.84 1.68
C SER B 673 -53.20 6.63 0.74
N LYS B 674 -53.49 7.62 -0.08
CA LYS B 674 -54.54 7.50 -1.09
C LYS B 674 -53.96 7.96 -2.43
N SER B 675 -54.16 7.17 -3.47
CA SER B 675 -53.66 7.50 -4.80
C SER B 675 -54.77 7.23 -5.80
N VAL B 676 -55.13 8.24 -6.59
CA VAL B 676 -56.13 8.06 -7.63
C VAL B 676 -55.53 8.44 -8.98
N GLU B 677 -55.64 7.53 -9.94
CA GLU B 677 -55.12 7.73 -11.28
C GLU B 677 -56.26 7.60 -12.27
N LYS B 678 -56.47 8.61 -13.11
CA LYS B 678 -57.63 8.58 -13.99
C LYS B 678 -57.39 9.30 -15.31
N VAL B 679 -57.73 8.65 -16.41
CA VAL B 679 -57.81 9.40 -17.66
C VAL B 679 -58.93 10.42 -17.49
N PRO B 680 -58.71 11.69 -17.79
CA PRO B 680 -59.73 12.69 -17.41
C PRO B 680 -61.11 12.50 -18.02
N PHE B 681 -61.22 12.32 -19.33
CA PHE B 681 -62.56 12.28 -19.91
C PHE B 681 -63.32 11.04 -19.47
N LEU B 682 -62.69 9.88 -19.58
CA LEU B 682 -63.34 8.63 -19.18
C LEU B 682 -63.47 8.56 -17.66
N GLY B 683 -62.48 9.08 -16.94
CA GLY B 683 -62.56 9.10 -15.49
C GLY B 683 -63.77 9.87 -15.01
N GLU B 684 -64.15 10.91 -15.75
CA GLU B 684 -65.30 11.72 -15.38
C GLU B 684 -66.59 10.90 -15.36
N LEU B 685 -66.74 9.98 -16.30
CA LEU B 685 -67.95 9.19 -16.40
C LEU B 685 -68.23 8.43 -15.10
N PRO B 686 -69.46 8.49 -14.58
CA PRO B 686 -69.73 7.80 -13.30
C PRO B 686 -69.61 6.29 -13.41
N TYR B 687 -70.13 5.70 -14.49
CA TYR B 687 -70.14 4.25 -14.62
C TYR B 687 -68.84 3.74 -15.21
N LEU B 688 -68.08 4.61 -15.86
CA LEU B 688 -66.86 4.21 -16.51
C LEU B 688 -65.65 4.79 -15.80
N GLY B 689 -65.86 5.74 -14.89
CA GLY B 689 -64.74 6.24 -14.14
C GLY B 689 -64.13 5.13 -13.33
N ARG B 690 -64.97 4.31 -12.71
CA ARG B 690 -64.46 3.15 -12.00
C ARG B 690 -63.66 2.29 -12.95
N LEU B 691 -64.10 2.23 -14.20
CA LEU B 691 -63.42 1.50 -15.24
C LEU B 691 -62.28 2.29 -15.83
N PHE B 692 -62.12 3.55 -15.39
CA PHE B 692 -61.01 4.35 -15.87
C PHE B 692 -60.33 5.15 -14.77
N ARG B 693 -60.57 4.82 -13.51
CA ARG B 693 -59.87 5.43 -12.39
C ARG B 693 -59.13 4.33 -11.65
N ARG B 694 -57.82 4.47 -11.55
CA ARG B 694 -56.98 3.48 -10.89
C ARG B 694 -56.74 3.95 -9.47
N ASP B 695 -57.30 3.21 -8.53
CA ASP B 695 -57.30 3.63 -7.14
C ASP B 695 -56.37 2.75 -6.31
N THR B 696 -55.44 3.36 -5.60
CA THR B 696 -54.65 2.65 -4.61
C THR B 696 -54.80 3.36 -3.29
N VAL B 697 -55.36 2.68 -2.30
CA VAL B 697 -55.51 3.23 -0.97
C VAL B 697 -54.83 2.28 0.01
N THR B 698 -53.88 2.80 0.77
CA THR B 698 -53.18 2.00 1.76
C THR B 698 -53.21 2.68 3.11
N ASP B 699 -53.64 1.94 4.13
CA ASP B 699 -53.61 2.39 5.52
C ASP B 699 -52.74 1.42 6.27
N ARG B 700 -51.60 1.87 6.75
CA ARG B 700 -50.72 1.03 7.57
C ARG B 700 -50.54 1.75 8.88
N LYS B 701 -50.93 1.13 9.98
CA LYS B 701 -50.72 1.73 11.29
C LYS B 701 -49.99 0.77 12.18
N ASN B 702 -48.79 1.14 12.59
CA ASN B 702 -47.98 0.34 13.49
C ASN B 702 -47.73 1.15 14.75
N GLU B 703 -48.03 0.57 15.89
CA GLU B 703 -47.77 1.21 17.17
C GLU B 703 -46.89 0.31 18.03
N LEU B 704 -45.92 0.91 18.71
CA LEU B 704 -45.07 0.20 19.65
C LEU B 704 -45.16 0.85 21.02
N LEU B 705 -45.36 0.05 22.06
CA LEU B 705 -45.43 0.59 23.42
C LEU B 705 -44.71 -0.31 24.41
N VAL B 706 -44.02 0.30 25.38
CA VAL B 706 -43.34 -0.46 26.44
C VAL B 706 -43.93 -0.13 27.81
N PHE B 707 -44.40 -1.16 28.51
CA PHE B 707 -44.88 -0.99 29.88
C PHE B 707 -43.85 -1.50 30.88
N LEU B 708 -44.08 -1.17 32.15
CA LEU B 708 -43.24 -1.75 33.19
C LEU B 708 -44.00 -1.84 34.51
N THR B 709 -43.76 -2.95 35.24
CA THR B 709 -44.25 -3.18 36.61
C THR B 709 -43.18 -3.81 37.50
N PRO B 710 -42.86 -3.22 38.63
CA PRO B 710 -41.91 -3.88 39.53
C PRO B 710 -42.62 -4.55 40.71
N ARG B 711 -42.40 -5.83 40.93
CA ARG B 711 -42.94 -6.51 42.11
C ARG B 711 -41.78 -6.73 43.05
N ILE B 712 -41.79 -6.05 44.19
CA ILE B 712 -40.64 -6.16 45.07
C ILE B 712 -40.50 -7.60 45.53
N MET B 713 -39.31 -8.15 45.40
CA MET B 713 -39.10 -9.52 45.81
C MET B 713 -38.80 -9.59 47.29
N ASN B 714 -38.61 -8.44 47.92
CA ASN B 714 -38.46 -8.41 49.37
C ASN B 714 -39.72 -8.91 50.04
N ASN B 715 -40.88 -8.75 49.39
CA ASN B 715 -42.11 -9.23 49.99
C ASN B 715 -41.97 -10.70 50.31
N GLN B 716 -41.18 -11.40 49.51
CA GLN B 716 -40.88 -12.79 49.74
C GLN B 716 -39.52 -12.92 50.40
N ALA B 717 -38.59 -12.04 50.04
CA ALA B 717 -37.24 -12.10 50.58
C ALA B 717 -37.20 -11.69 52.05
N ILE B 718 -38.04 -10.73 52.45
CA ILE B 718 -38.08 -10.37 53.87
C ILE B 718 -38.70 -11.50 54.66
N ALA B 719 -39.77 -12.11 54.14
CA ALA B 719 -40.36 -13.25 54.81
C ALA B 719 -39.46 -14.47 54.68
N ILE B 720 -38.50 -14.40 53.77
CA ILE B 720 -37.45 -15.38 53.59
C ILE B 720 -36.08 -14.84 53.98
N LEU C 385 -24.21 17.00 72.01
CA LEU C 385 -24.51 16.62 70.64
C LEU C 385 -25.24 15.28 70.65
N ARG C 386 -26.15 15.09 69.71
CA ARG C 386 -26.96 13.88 69.64
C ARG C 386 -26.74 13.20 68.30
N ARG C 387 -26.66 11.87 68.34
CA ARG C 387 -26.53 11.05 67.14
C ARG C 387 -27.92 10.62 66.69
N GLU C 388 -28.28 10.94 65.44
CA GLU C 388 -29.58 10.60 64.91
C GLU C 388 -29.45 9.96 63.53
N LEU C 389 -30.24 8.90 63.28
CA LEU C 389 -30.28 8.25 61.98
C LEU C 389 -31.53 8.67 61.22
N ILE C 390 -31.33 9.27 60.05
CA ILE C 390 -32.43 9.62 59.16
C ILE C 390 -32.17 8.96 57.82
N GLN C 391 -33.20 8.32 57.27
CA GLN C 391 -33.09 7.64 55.98
C GLN C 391 -33.73 8.51 54.91
N VAL C 392 -32.98 8.80 53.85
CA VAL C 392 -33.48 9.61 52.75
C VAL C 392 -33.59 8.75 51.51
N ASN C 393 -34.82 8.40 51.14
CA ASN C 393 -35.03 7.64 49.92
C ASN C 393 -34.98 8.51 48.67
N TYR C 394 -35.55 9.70 48.72
CA TYR C 394 -35.61 10.50 47.52
C TYR C 394 -34.40 11.39 47.37
N ALA C 395 -33.60 11.49 48.41
CA ALA C 395 -32.43 12.37 48.44
C ALA C 395 -31.18 11.54 48.56
N LYS C 396 -30.17 11.85 47.74
CA LYS C 396 -28.89 11.18 47.86
C LYS C 396 -28.26 11.54 49.20
N ALA C 397 -27.62 10.55 49.83
CA ALA C 397 -27.00 10.80 51.13
C ALA C 397 -25.91 11.87 51.04
N ALA C 398 -25.15 11.86 49.94
CA ALA C 398 -24.13 12.89 49.76
C ALA C 398 -24.77 14.26 49.71
N ASP C 399 -25.93 14.37 49.05
CA ASP C 399 -26.61 15.65 48.99
C ASP C 399 -27.00 16.13 50.37
N ILE C 400 -27.48 15.22 51.21
CA ILE C 400 -27.83 15.57 52.58
C ILE C 400 -26.58 16.01 53.34
N ALA C 401 -25.45 15.34 53.06
CA ALA C 401 -24.20 15.76 53.69
C ALA C 401 -23.86 17.18 53.29
N LYS C 402 -24.09 17.52 52.02
CA LYS C 402 -23.87 18.89 51.57
C LYS C 402 -24.80 19.85 52.27
N LEU C 403 -26.05 19.43 52.50
CA LEU C 403 -26.98 20.27 53.23
C LEU C 403 -26.48 20.51 54.64
N PHE C 404 -25.96 19.47 55.28
CA PHE C 404 -25.40 19.66 56.61
C PHE C 404 -24.18 20.56 56.57
N GLN C 405 -23.38 20.45 55.52
CA GLN C 405 -22.23 21.34 55.37
C GLN C 405 -22.70 22.77 55.28
N SER C 406 -23.80 22.98 54.56
CA SER C 406 -24.40 24.30 54.49
C SER C 406 -24.88 24.73 55.87
N VAL C 407 -25.41 23.77 56.63
CA VAL C 407 -25.86 24.04 57.99
C VAL C 407 -24.69 24.53 58.83
N THR C 408 -23.53 23.90 58.65
CA THR C 408 -22.31 24.34 59.34
C THR C 408 -21.91 25.74 58.87
N SER C 409 -22.05 26.01 57.57
CA SER C 409 -21.79 27.33 57.05
C SER C 409 -22.69 28.36 57.71
N ASP C 410 -23.90 27.95 58.11
CA ASP C 410 -24.83 28.87 58.75
C ASP C 410 -24.18 29.50 59.98
N GLY C 411 -23.48 28.70 60.77
CA GLY C 411 -22.76 29.24 61.92
C GLY C 411 -21.64 28.32 62.38
N GLY C 421 -20.57 17.64 65.25
CA GLY C 421 -20.71 17.85 63.83
C GLY C 421 -20.11 16.73 63.01
N SER C 422 -20.57 15.51 63.24
CA SER C 422 -20.07 14.33 62.56
C SER C 422 -21.17 13.74 61.68
N ILE C 423 -20.83 13.44 60.43
CA ILE C 423 -21.79 12.94 59.46
C ILE C 423 -21.36 11.57 58.96
N THR C 424 -22.32 10.65 58.87
CA THR C 424 -22.10 9.29 58.40
C THR C 424 -23.09 8.99 57.29
N VAL C 425 -22.60 8.40 56.19
CA VAL C 425 -23.43 8.12 55.03
C VAL C 425 -23.47 6.61 54.80
N ASP C 426 -24.67 6.05 54.69
CA ASP C 426 -24.88 4.66 54.35
C ASP C 426 -25.43 4.63 52.92
N ASP C 427 -24.61 4.15 51.99
CA ASP C 427 -25.00 4.13 50.59
C ASP C 427 -26.13 3.13 50.33
N ARG C 428 -26.07 1.95 50.92
CA ARG C 428 -27.05 0.92 50.60
C ARG C 428 -28.45 1.36 50.98
N THR C 429 -28.60 1.92 52.18
CA THR C 429 -29.89 2.39 52.62
C THR C 429 -30.08 3.87 52.32
N ASN C 430 -29.04 4.53 51.85
CA ASN C 430 -29.08 5.98 51.61
C ASN C 430 -29.49 6.68 52.89
N SER C 431 -28.96 6.18 54.02
CA SER C 431 -29.35 6.69 55.32
C SER C 431 -28.18 7.41 55.95
N ILE C 432 -28.42 8.62 56.41
CA ILE C 432 -27.38 9.47 56.98
C ILE C 432 -27.58 9.54 58.48
N ILE C 433 -26.54 9.25 59.24
CA ILE C 433 -26.56 9.39 60.68
C ILE C 433 -25.64 10.54 61.05
N ALA C 434 -26.17 11.53 61.73
CA ALA C 434 -25.38 12.68 62.11
C ALA C 434 -25.37 12.80 63.62
N TYR C 435 -24.19 12.89 64.20
CA TYR C 435 -24.05 13.14 65.62
C TYR C 435 -23.56 14.59 65.73
N GLN C 436 -24.44 15.47 66.17
CA GLN C 436 -24.10 16.89 66.14
C GLN C 436 -25.08 17.64 67.02
N PRO C 437 -24.95 18.97 67.17
CA PRO C 437 -25.87 19.70 68.05
C PRO C 437 -27.31 19.48 67.63
N GLN C 438 -28.20 19.44 68.62
CA GLN C 438 -29.59 19.11 68.37
C GLN C 438 -30.22 20.09 67.39
N GLU C 439 -29.93 21.38 67.53
CA GLU C 439 -30.59 22.38 66.70
C GLU C 439 -30.21 22.19 65.23
N ARG C 440 -28.92 22.00 64.96
CA ARG C 440 -28.49 21.75 63.60
C ARG C 440 -29.11 20.46 63.09
N LEU C 441 -29.22 19.47 63.97
CA LEU C 441 -29.81 18.20 63.61
C LEU C 441 -31.24 18.40 63.14
N ASP C 442 -32.01 19.19 63.89
CA ASP C 442 -33.41 19.42 63.56
C ASP C 442 -33.53 20.20 62.26
N GLU C 443 -32.70 21.22 62.07
CA GLU C 443 -32.78 22.00 60.85
C GLU C 443 -32.48 21.12 59.65
N LEU C 444 -31.47 20.27 59.79
CA LEU C 444 -31.11 19.38 58.69
C LEU C 444 -32.25 18.43 58.43
N ARG C 445 -32.94 18.00 59.49
CA ARG C 445 -34.10 17.14 59.34
C ARG C 445 -35.18 17.80 58.51
N ARG C 446 -35.43 19.09 58.76
CA ARG C 446 -36.40 19.81 57.95
C ARG C 446 -35.96 19.87 56.50
N ILE C 447 -34.67 20.12 56.27
CA ILE C 447 -34.16 20.13 54.91
C ILE C 447 -34.37 18.77 54.28
N VAL C 448 -34.20 17.72 55.07
CA VAL C 448 -34.41 16.36 54.60
C VAL C 448 -35.85 16.18 54.18
N SER C 449 -36.78 16.71 54.97
CA SER C 449 -38.19 16.60 54.65
C SER C 449 -38.49 17.27 53.32
N GLN C 450 -37.91 18.45 53.11
CA GLN C 450 -38.10 19.14 51.84
C GLN C 450 -37.50 18.37 50.68
N LEU C 451 -36.27 17.89 50.85
CA LEU C 451 -35.57 17.21 49.76
C LEU C 451 -36.22 15.88 49.37
N ASP C 452 -36.67 15.11 50.35
CA ASP C 452 -37.22 13.77 50.05
C ASP C 452 -38.64 13.96 49.55
N ILE C 453 -38.72 14.61 48.38
CA ILE C 453 -39.99 14.90 47.73
C ILE C 453 -40.04 14.13 46.42
N PRO C 454 -41.16 13.51 46.07
CA PRO C 454 -41.21 12.71 44.86
C PRO C 454 -41.00 13.56 43.63
N VAL C 455 -40.10 13.09 42.76
CA VAL C 455 -39.89 13.77 41.50
C VAL C 455 -41.11 13.59 40.61
N ARG C 456 -41.55 14.66 39.97
CA ARG C 456 -42.78 14.63 39.20
C ARG C 456 -42.53 14.22 37.76
N GLN C 457 -43.07 13.07 37.38
CA GLN C 457 -43.00 12.60 36.01
C GLN C 457 -44.12 13.24 35.20
N VAL C 458 -43.83 13.52 33.95
CA VAL C 458 -44.81 14.04 33.01
C VAL C 458 -44.76 13.22 31.74
N MET C 459 -45.93 12.95 31.17
CA MET C 459 -46.04 12.24 29.91
C MET C 459 -46.02 13.27 28.80
N ILE C 460 -45.01 13.22 27.96
CA ILE C 460 -44.82 14.17 26.89
C ILE C 460 -45.25 13.50 25.60
N GLU C 461 -46.21 14.09 24.90
CA GLU C 461 -46.70 13.55 23.66
C GLU C 461 -46.49 14.57 22.56
N ALA C 462 -45.51 14.34 21.71
CA ALA C 462 -45.28 15.20 20.56
C ALA C 462 -45.61 14.41 19.31
N ARG C 463 -46.53 14.91 18.51
CA ARG C 463 -46.97 14.16 17.34
C ARG C 463 -46.61 14.86 16.05
N ILE C 464 -46.18 14.08 15.08
CA ILE C 464 -45.75 14.56 13.78
C ILE C 464 -46.83 14.25 12.76
N VAL C 465 -47.26 15.28 12.02
CA VAL C 465 -48.26 15.14 11.00
C VAL C 465 -47.66 15.57 9.67
N GLU C 466 -47.69 14.67 8.69
CA GLU C 466 -47.22 14.95 7.34
C GLU C 466 -48.37 14.80 6.37
N ALA C 467 -48.65 15.84 5.59
CA ALA C 467 -49.69 15.78 4.58
C ALA C 467 -49.09 16.10 3.21
N ASN C 468 -49.30 15.22 2.24
CA ASN C 468 -48.83 15.43 0.89
C ASN C 468 -50.00 15.33 -0.07
N VAL C 469 -50.26 16.40 -0.83
CA VAL C 469 -51.27 16.38 -1.86
C VAL C 469 -50.60 16.68 -3.18
N GLY C 470 -50.73 15.77 -4.15
CA GLY C 470 -50.14 15.98 -5.44
C GLY C 470 -51.09 15.80 -6.60
N TYR C 471 -51.26 16.82 -7.44
CA TYR C 471 -52.04 16.68 -8.66
C TYR C 471 -51.16 17.05 -9.84
N ASP C 472 -50.95 16.12 -10.76
CA ASP C 472 -50.13 16.37 -11.94
C ASP C 472 -50.87 15.92 -13.18
N LYS C 473 -51.01 16.81 -14.16
CA LYS C 473 -51.63 16.45 -15.42
C LYS C 473 -50.71 16.78 -16.58
N SER C 474 -50.50 15.83 -17.48
CA SER C 474 -49.67 16.04 -18.66
C SER C 474 -50.43 15.62 -19.91
N LEU C 475 -50.48 16.51 -20.90
CA LEU C 475 -51.10 16.23 -22.18
C LEU C 475 -50.09 16.48 -23.29
N GLY C 476 -49.77 15.44 -24.05
CA GLY C 476 -48.97 15.44 -25.25
C GLY C 476 -49.82 15.24 -26.48
N VAL C 477 -49.86 16.24 -27.35
CA VAL C 477 -50.71 16.23 -28.53
C VAL C 477 -49.82 16.07 -29.76
N ARG C 478 -50.12 15.08 -30.59
CA ARG C 478 -49.23 14.69 -31.67
C ARG C 478 -49.98 14.56 -32.98
N TRP C 479 -49.43 15.16 -34.05
CA TRP C 479 -50.03 15.11 -35.38
C TRP C 479 -48.97 14.69 -36.38
N GLY C 480 -48.90 13.42 -36.73
CA GLY C 480 -47.86 12.96 -37.61
C GLY C 480 -48.32 12.30 -38.90
N GLY C 481 -47.91 12.86 -40.03
CA GLY C 481 -48.15 12.25 -41.31
C GLY C 481 -46.87 12.24 -42.13
N ALA C 482 -46.39 11.09 -42.55
CA ALA C 482 -45.23 11.06 -43.43
C ALA C 482 -45.64 11.02 -44.89
N TYR C 483 -46.93 10.91 -45.17
CA TYR C 483 -47.40 10.79 -46.54
C TYR C 483 -47.02 12.04 -47.32
N HIS C 484 -47.30 13.20 -46.73
CA HIS C 484 -46.91 14.46 -47.33
C HIS C 484 -45.86 15.18 -46.49
N LYS C 485 -45.18 14.43 -45.61
CA LYS C 485 -44.13 14.94 -44.73
C LYS C 485 -44.56 16.10 -43.84
N GLY C 486 -45.73 15.96 -43.23
CA GLY C 486 -46.15 16.93 -42.24
C GLY C 486 -46.34 16.29 -40.88
N ASN C 487 -45.44 16.53 -39.93
CA ASN C 487 -45.53 15.85 -38.65
C ASN C 487 -44.98 16.73 -37.53
N TRP C 488 -45.87 17.07 -36.61
CA TRP C 488 -45.56 17.87 -35.44
C TRP C 488 -45.66 16.96 -34.22
N SER C 489 -44.59 16.98 -33.43
CA SER C 489 -44.45 16.10 -32.30
C SER C 489 -44.91 16.78 -31.01
N GLY C 490 -45.52 15.99 -30.13
CA GLY C 490 -45.90 16.50 -28.84
C GLY C 490 -44.71 16.60 -27.92
N TYR C 491 -44.94 17.05 -26.74
CA TYR C 491 -43.83 17.05 -25.79
C TYR C 491 -44.19 16.50 -24.43
N GLY C 492 -45.36 16.83 -23.88
CA GLY C 492 -45.73 16.24 -22.60
C GLY C 492 -45.79 14.73 -22.71
N LYS C 493 -46.41 14.24 -23.77
CA LYS C 493 -46.37 12.83 -24.13
C LYS C 493 -46.06 12.88 -25.64
N ASP C 494 -44.79 13.12 -25.94
CA ASP C 494 -44.33 13.41 -27.30
C ASP C 494 -44.78 12.39 -28.33
N GLY C 495 -45.28 12.87 -29.46
CA GLY C 495 -45.63 11.99 -30.55
C GLY C 495 -45.39 12.57 -31.93
N ASN C 496 -44.55 11.93 -32.74
CA ASN C 496 -44.27 12.37 -34.12
C ASN C 496 -44.37 11.14 -35.01
N ILE C 497 -45.56 10.96 -35.55
CA ILE C 497 -45.93 9.76 -36.28
C ILE C 497 -45.21 9.71 -37.64
N GLY C 498 -44.42 10.73 -37.96
CA GLY C 498 -43.59 10.61 -39.16
C GLY C 498 -42.56 9.50 -39.01
N ILE C 499 -41.88 9.46 -37.86
CA ILE C 499 -40.96 8.36 -37.59
C ILE C 499 -41.74 7.07 -37.40
N LYS C 500 -42.98 7.16 -36.92
CA LYS C 500 -43.80 5.97 -36.81
C LYS C 500 -44.09 5.42 -38.19
N ASP C 501 -44.29 6.32 -39.15
CA ASP C 501 -44.44 5.89 -40.53
C ASP C 501 -43.16 5.25 -41.00
N GLU C 502 -42.01 5.75 -40.54
CA GLU C 502 -40.75 5.10 -40.86
C GLU C 502 -40.74 3.67 -40.34
N ASP C 503 -41.19 3.49 -39.10
CA ASP C 503 -41.24 2.16 -38.50
C ASP C 503 -42.20 1.27 -39.29
N GLY C 504 -43.33 1.85 -39.72
CA GLY C 504 -44.26 1.09 -40.53
C GLY C 504 -43.64 0.68 -41.85
N MET C 505 -42.90 1.60 -42.47
CA MET C 505 -42.21 1.28 -43.71
C MET C 505 -41.27 0.11 -43.47
N ASN C 506 -40.70 0.05 -42.26
CA ASN C 506 -39.91 -1.11 -41.88
C ASN C 506 -40.79 -2.35 -41.84
N CYS C 507 -42.04 -2.20 -41.37
CA CYS C 507 -42.99 -3.31 -41.38
C CYS C 507 -43.23 -3.87 -42.78
N GLY C 508 -43.30 -3.00 -43.79
CA GLY C 508 -43.43 -3.48 -45.15
C GLY C 508 -44.45 -2.90 -46.12
N PRO C 509 -45.17 -1.82 -45.80
CA PRO C 509 -46.11 -1.26 -46.77
C PRO C 509 -45.41 -0.53 -47.91
N ILE C 510 -46.16 -0.36 -48.99
CA ILE C 510 -45.70 0.36 -50.17
C ILE C 510 -46.09 1.82 -50.03
N ALA C 511 -45.10 2.72 -49.88
CA ALA C 511 -45.36 4.16 -49.85
C ALA C 511 -44.62 4.84 -51.00
N GLY C 512 -45.35 5.54 -51.85
CA GLY C 512 -44.80 6.28 -52.98
C GLY C 512 -45.16 7.74 -52.96
N SER C 513 -44.19 8.65 -53.07
CA SER C 513 -44.50 10.08 -53.11
C SER C 513 -43.51 10.79 -54.02
N CYS C 514 -43.96 11.19 -55.22
CA CYS C 514 -43.04 11.82 -56.16
C CYS C 514 -43.00 13.34 -56.05
N THR C 515 -44.03 13.95 -55.48
CA THR C 515 -44.12 15.38 -55.28
C THR C 515 -44.95 15.56 -54.03
N PHE C 516 -44.96 16.78 -53.49
CA PHE C 516 -45.80 17.00 -52.32
C PHE C 516 -47.27 16.72 -52.60
N PRO C 517 -47.84 17.09 -53.77
CA PRO C 517 -49.24 16.72 -54.01
C PRO C 517 -49.49 15.21 -54.07
N THR C 518 -48.56 14.46 -54.65
CA THR C 518 -48.79 13.05 -54.95
C THR C 518 -48.06 12.12 -53.99
N THR C 519 -48.85 11.29 -53.30
CA THR C 519 -48.37 10.24 -52.41
C THR C 519 -49.44 9.17 -52.33
N GLY C 520 -49.04 7.96 -51.94
CA GLY C 520 -49.96 6.87 -51.72
C GLY C 520 -49.30 5.70 -51.03
N THR C 521 -49.95 5.06 -50.06
CA THR C 521 -49.35 3.89 -49.44
C THR C 521 -50.40 2.82 -49.22
N SER C 522 -49.96 1.56 -49.27
CA SER C 522 -50.83 0.41 -49.07
C SER C 522 -50.11 -0.63 -48.23
N LYS C 523 -50.88 -1.59 -47.70
CA LYS C 523 -50.35 -2.69 -46.90
C LYS C 523 -49.62 -2.19 -45.65
N SER C 524 -50.22 -1.22 -44.98
CA SER C 524 -49.61 -0.62 -43.80
C SER C 524 -50.06 -1.35 -42.55
N PRO C 525 -49.16 -2.07 -41.86
CA PRO C 525 -49.52 -2.69 -40.57
C PRO C 525 -49.06 -1.87 -39.37
N SER C 526 -48.43 -0.73 -39.62
CA SER C 526 -47.89 0.09 -38.54
C SER C 526 -48.94 0.63 -37.58
N PRO C 527 -50.10 1.09 -38.01
CA PRO C 527 -51.01 1.72 -37.03
C PRO C 527 -51.41 0.80 -35.89
N PHE C 528 -51.88 -0.42 -36.18
CA PHE C 528 -52.37 -1.25 -35.08
C PHE C 528 -51.28 -1.64 -34.09
N VAL C 529 -50.06 -1.89 -34.54
CA VAL C 529 -49.04 -2.31 -33.58
C VAL C 529 -48.29 -1.11 -33.03
N ASP C 530 -47.82 -0.24 -33.92
CA ASP C 530 -47.01 0.89 -33.51
C ASP C 530 -47.81 1.85 -32.64
N LEU C 531 -49.04 2.16 -33.04
CA LEU C 531 -49.87 3.05 -32.22
C LEU C 531 -50.19 2.41 -30.88
N GLY C 532 -50.52 1.11 -30.87
CA GLY C 532 -50.87 0.48 -29.61
C GLY C 532 -49.76 0.56 -28.59
N ALA C 533 -48.54 0.19 -29.00
CA ALA C 533 -47.44 0.20 -28.03
C ALA C 533 -47.01 1.63 -27.72
N LYS C 534 -46.82 2.44 -28.76
CA LYS C 534 -46.33 3.79 -28.57
C LYS C 534 -47.29 4.57 -27.70
N ASP C 535 -48.59 4.36 -27.90
CA ASP C 535 -49.66 5.08 -27.25
C ASP C 535 -50.16 4.36 -26.02
N ALA C 536 -49.42 3.36 -25.55
CA ALA C 536 -49.88 2.59 -24.40
C ALA C 536 -50.05 3.47 -23.18
N THR C 537 -49.26 4.54 -23.07
CA THR C 537 -49.25 5.38 -21.86
C THR C 537 -50.64 5.90 -21.57
N SER C 538 -50.91 6.07 -20.27
CA SER C 538 -52.18 6.49 -19.69
C SER C 538 -53.32 6.54 -20.69
N GLY C 539 -53.68 7.74 -21.16
CA GLY C 539 -54.82 7.92 -22.03
C GLY C 539 -54.33 8.31 -23.42
N ILE C 540 -54.85 7.63 -24.43
CA ILE C 540 -54.51 7.97 -25.80
C ILE C 540 -55.73 7.83 -26.69
N GLY C 541 -55.86 8.76 -27.62
CA GLY C 541 -56.86 8.67 -28.65
C GLY C 541 -56.16 8.75 -29.99
N ILE C 542 -56.35 7.77 -30.88
CA ILE C 542 -55.71 7.77 -32.19
C ILE C 542 -56.75 7.87 -33.29
N GLY C 543 -56.51 8.75 -34.26
CA GLY C 543 -57.30 8.82 -35.48
C GLY C 543 -56.37 8.71 -36.65
N PHE C 544 -56.55 7.75 -37.54
CA PHE C 544 -55.60 7.56 -38.62
C PHE C 544 -56.25 7.44 -39.98
N ILE C 545 -55.69 8.14 -40.96
CA ILE C 545 -56.02 7.95 -42.36
C ILE C 545 -54.76 7.42 -43.02
N THR C 546 -54.91 6.47 -43.95
CA THR C 546 -53.73 6.05 -44.67
C THR C 546 -53.91 6.00 -46.18
N ASP C 547 -55.12 5.65 -46.61
CA ASP C 547 -55.35 5.39 -48.03
C ASP C 547 -55.23 6.64 -48.88
N ASN C 548 -55.99 7.69 -48.53
CA ASN C 548 -55.90 8.95 -49.25
C ASN C 548 -54.63 9.69 -48.87
N ILE C 549 -54.37 9.79 -47.58
CA ILE C 549 -53.21 10.46 -47.00
C ILE C 549 -52.96 9.69 -45.71
N ILE C 550 -51.73 9.68 -45.21
CA ILE C 550 -51.52 9.08 -43.90
C ILE C 550 -51.41 10.21 -42.90
N LEU C 551 -52.43 10.35 -42.06
CA LEU C 551 -52.46 11.37 -41.02
C LEU C 551 -52.84 10.66 -39.73
N ASP C 552 -51.90 10.60 -38.79
CA ASP C 552 -52.13 9.96 -37.51
C ASP C 552 -52.17 11.05 -36.45
N LEU C 553 -53.30 11.17 -35.76
CA LEU C 553 -53.51 12.23 -34.79
C LEU C 553 -53.82 11.60 -33.45
N GLN C 554 -52.90 11.74 -32.50
CA GLN C 554 -53.09 11.13 -31.18
C GLN C 554 -53.12 12.21 -30.11
N LEU C 555 -53.96 11.97 -29.11
CA LEU C 555 -54.03 12.82 -27.93
C LEU C 555 -53.67 11.96 -26.74
N SER C 556 -52.58 12.28 -26.06
CA SER C 556 -52.07 11.49 -24.94
C SER C 556 -52.16 12.28 -23.65
N ALA C 557 -53.02 11.85 -22.73
CA ALA C 557 -53.27 12.60 -21.50
C ALA C 557 -53.17 11.69 -20.28
N MET C 558 -52.53 12.20 -19.23
CA MET C 558 -52.37 11.51 -17.96
C MET C 558 -52.71 12.48 -16.83
N GLU C 559 -53.55 12.03 -15.89
CA GLU C 559 -53.87 12.81 -14.70
C GLU C 559 -53.65 11.98 -13.45
N LYS C 560 -52.81 12.45 -12.54
CA LYS C 560 -52.50 11.71 -11.33
C LYS C 560 -52.81 12.54 -10.10
N THR C 561 -53.51 11.94 -9.15
CA THR C 561 -53.78 12.58 -7.86
C THR C 561 -53.38 11.64 -6.74
N GLY C 562 -52.52 12.11 -5.84
CA GLY C 562 -52.11 11.33 -4.70
C GLY C 562 -52.23 12.07 -3.39
N ASN C 563 -52.90 11.49 -2.40
CA ASN C 563 -52.94 12.12 -1.08
C ASN C 563 -52.35 11.15 -0.07
N GLY C 564 -51.32 11.60 0.64
CA GLY C 564 -50.68 10.81 1.66
C GLY C 564 -50.68 11.49 3.01
N GLU C 565 -51.18 10.83 4.04
CA GLU C 565 -51.15 11.36 5.40
C GLU C 565 -50.40 10.41 6.31
N ILE C 566 -49.40 10.94 7.01
CA ILE C 566 -48.64 10.18 7.98
C ILE C 566 -48.78 10.84 9.34
N VAL C 567 -49.24 10.08 10.32
CA VAL C 567 -49.42 10.58 11.67
C VAL C 567 -48.64 9.68 12.62
N SER C 568 -47.58 10.22 13.22
CA SER C 568 -46.75 9.44 14.12
C SER C 568 -46.69 10.13 15.48
N GLN C 569 -47.00 9.42 16.55
CA GLN C 569 -46.98 10.05 17.87
C GLN C 569 -46.24 9.23 18.91
N PRO C 570 -45.07 9.68 19.34
CA PRO C 570 -44.40 9.04 20.49
C PRO C 570 -44.66 9.75 21.81
N LYS C 571 -45.01 8.98 22.83
CA LYS C 571 -45.30 9.50 24.16
C LYS C 571 -44.28 8.97 25.16
N VAL C 572 -43.62 9.87 25.90
CA VAL C 572 -42.57 9.49 26.86
C VAL C 572 -42.89 10.05 28.24
N VAL C 573 -42.77 9.23 29.27
CA VAL C 573 -42.95 9.70 30.64
C VAL C 573 -41.59 9.94 31.26
N THR C 574 -41.36 11.15 31.74
CA THR C 574 -40.05 11.55 32.24
C THR C 574 -40.14 12.17 33.63
N SER C 575 -39.09 11.95 34.42
CA SER C 575 -39.00 12.60 35.71
C SER C 575 -38.64 14.06 35.52
N ASP C 576 -38.96 14.86 36.53
CA ASP C 576 -38.80 16.31 36.41
C ASP C 576 -37.32 16.68 36.39
N LYS C 577 -36.95 17.52 35.43
CA LYS C 577 -35.59 18.03 35.26
C LYS C 577 -34.65 16.97 34.75
N GLU C 578 -35.17 15.86 34.26
CA GLU C 578 -34.35 14.76 33.79
C GLU C 578 -34.59 14.53 32.32
N THR C 579 -33.54 14.11 31.63
CA THR C 579 -33.66 13.79 30.22
C THR C 579 -34.22 12.39 30.00
N ALA C 580 -35.09 12.28 29.01
CA ALA C 580 -35.58 10.96 28.59
C ALA C 580 -35.66 10.94 27.08
N LYS C 581 -35.59 9.73 26.53
CA LYS C 581 -35.60 9.59 25.09
C LYS C 581 -36.49 8.43 24.66
N ILE C 582 -37.07 8.59 23.48
CA ILE C 582 -37.78 7.52 22.80
C ILE C 582 -37.20 7.46 21.42
N LEU C 583 -36.89 6.26 20.96
CA LEU C 583 -36.28 6.09 19.65
C LEU C 583 -36.92 4.92 18.94
N LYS C 584 -37.37 5.12 17.71
CA LYS C 584 -37.89 4.04 16.89
C LYS C 584 -37.39 4.21 15.47
N GLY C 585 -36.67 3.22 14.96
CA GLY C 585 -36.08 3.37 13.65
C GLY C 585 -34.94 2.39 13.47
N SER C 586 -33.97 2.79 12.66
CA SER C 586 -32.88 1.87 12.34
C SER C 586 -31.59 2.65 12.10
N GLU C 587 -30.44 2.11 12.54
CA GLU C 587 -29.18 2.86 12.47
C GLU C 587 -28.34 2.35 11.32
N VAL C 588 -28.28 3.14 10.27
CA VAL C 588 -27.37 2.75 9.19
C VAL C 588 -25.94 2.91 9.67
N PRO C 589 -25.10 1.94 9.44
CA PRO C 589 -23.69 2.07 9.77
C PRO C 589 -22.89 2.43 8.54
N TYR C 590 -21.69 2.94 8.76
CA TYR C 590 -20.73 3.23 7.72
C TYR C 590 -19.48 2.45 8.08
N GLN C 591 -19.00 1.63 7.16
CA GLN C 591 -17.75 0.93 7.43
C GLN C 591 -16.64 1.88 7.06
N GLU C 592 -16.06 2.56 8.06
CA GLU C 592 -14.98 3.49 7.81
C GLU C 592 -13.87 3.09 8.75
N ALA C 593 -13.24 1.95 8.47
CA ALA C 593 -12.08 1.60 9.27
C ALA C 593 -10.92 2.31 8.60
N SER C 594 -10.61 3.50 9.07
CA SER C 594 -9.46 4.20 8.56
C SER C 594 -8.32 3.52 9.28
N SER C 595 -7.33 3.09 8.50
CA SER C 595 -6.33 2.17 9.02
C SER C 595 -5.63 2.69 10.26
N SER C 596 -5.21 3.95 10.30
CA SER C 596 -4.41 4.29 11.48
C SER C 596 -5.23 4.58 12.72
N GLY C 597 -5.78 3.51 13.27
CA GLY C 597 -6.38 3.73 14.54
C GLY C 597 -7.68 4.46 14.57
N ALA C 598 -8.35 4.67 13.44
CA ALA C 598 -9.66 5.29 13.54
C ALA C 598 -10.67 4.34 12.92
N THR C 599 -11.26 3.49 13.74
CA THR C 599 -12.33 2.63 13.25
C THR C 599 -13.62 3.35 13.53
N SER C 600 -14.20 3.97 12.52
CA SER C 600 -15.50 4.56 12.74
C SER C 600 -16.43 3.59 12.06
N THR C 601 -17.04 2.75 12.89
CA THR C 601 -18.12 1.95 12.38
C THR C 601 -19.23 2.96 12.61
N SER C 602 -19.31 3.90 11.68
CA SER C 602 -20.21 5.00 11.87
C SER C 602 -21.61 4.45 11.88
N PHE C 603 -22.50 5.16 12.54
CA PHE C 603 -23.89 4.78 12.49
C PHE C 603 -24.71 6.00 12.77
N LYS C 604 -25.96 5.92 12.42
CA LYS C 604 -26.89 7.00 12.70
C LYS C 604 -28.24 6.40 12.46
N GLU C 605 -29.17 6.55 13.39
CA GLU C 605 -30.45 5.91 13.23
C GLU C 605 -31.46 6.87 12.62
N ALA C 606 -32.01 6.46 11.49
CA ALA C 606 -33.10 7.19 10.87
C ALA C 606 -34.30 6.70 11.66
N ALA C 607 -34.83 7.59 12.48
CA ALA C 607 -35.84 7.18 13.43
C ALA C 607 -36.72 8.35 13.84
N LEU C 608 -37.84 8.00 14.43
CA LEU C 608 -38.67 8.96 15.13
C LEU C 608 -38.11 8.97 16.54
N SER C 609 -37.85 10.16 17.08
CA SER C 609 -37.27 10.18 18.40
C SER C 609 -37.65 11.46 19.13
N LEU C 610 -37.71 11.35 20.45
CA LEU C 610 -37.92 12.49 21.32
C LEU C 610 -36.86 12.47 22.40
N GLU C 611 -36.14 13.57 22.54
CA GLU C 611 -35.21 13.78 23.64
C GLU C 611 -35.74 14.96 24.42
N VAL C 612 -36.27 14.71 25.61
CA VAL C 612 -36.97 15.73 26.36
C VAL C 612 -36.28 16.00 27.68
N THR C 613 -36.18 17.27 28.05
CA THR C 613 -35.68 17.70 29.35
C THR C 613 -36.70 18.70 29.89
N PRO C 614 -37.73 18.20 30.57
CA PRO C 614 -38.77 19.07 31.13
C PRO C 614 -38.41 19.71 32.47
N GLN C 615 -38.71 21.01 32.59
CA GLN C 615 -38.60 21.72 33.85
C GLN C 615 -40.01 22.14 34.25
N ILE C 616 -40.43 21.78 35.45
CA ILE C 616 -41.80 21.99 35.91
C ILE C 616 -41.90 23.28 36.69
N THR C 617 -42.82 24.13 36.32
CA THR C 617 -43.06 25.37 37.04
C THR C 617 -44.28 25.15 37.92
N PRO C 618 -44.52 25.96 38.96
CA PRO C 618 -45.65 25.65 39.84
C PRO C 618 -46.98 25.72 39.14
N ASP C 619 -47.16 26.68 38.24
CA ASP C 619 -48.48 26.87 37.65
C ASP C 619 -48.76 25.85 36.55
N ASN C 620 -48.52 24.58 36.85
CA ASN C 620 -48.89 23.48 35.97
C ASN C 620 -48.40 23.71 34.53
N ARG C 621 -47.16 24.14 34.40
CA ARG C 621 -46.59 24.31 33.09
C ARG C 621 -45.20 23.70 33.09
N ILE C 622 -44.72 23.44 31.90
CA ILE C 622 -43.38 22.92 31.72
C ILE C 622 -42.67 23.70 30.64
N ILE C 623 -41.45 24.09 30.94
CA ILE C 623 -40.55 24.59 29.92
C ILE C 623 -39.64 23.41 29.63
N VAL C 624 -39.70 22.90 28.43
CA VAL C 624 -38.97 21.68 28.11
C VAL C 624 -38.06 21.95 26.93
N GLU C 625 -36.84 21.44 27.02
CA GLU C 625 -35.96 21.42 25.86
C GLU C 625 -36.19 20.08 25.18
N VAL C 626 -36.79 20.10 24.00
CA VAL C 626 -37.11 18.87 23.30
C VAL C 626 -36.50 18.86 21.91
N LYS C 627 -35.80 17.79 21.61
CA LYS C 627 -35.34 17.50 20.25
C LYS C 627 -36.29 16.46 19.68
N VAL C 628 -36.96 16.80 18.59
CA VAL C 628 -37.93 15.94 17.94
C VAL C 628 -37.42 15.61 16.55
N THR C 629 -37.11 14.36 16.29
CA THR C 629 -36.53 14.00 15.00
C THR C 629 -37.36 12.94 14.31
N LYS C 630 -37.67 13.18 13.03
CA LYS C 630 -38.28 12.16 12.19
C LYS C 630 -37.35 11.95 11.02
N ASP C 631 -36.62 10.85 11.02
CA ASP C 631 -35.64 10.61 9.99
C ASP C 631 -35.95 9.29 9.30
N ALA C 632 -35.96 9.31 7.98
CA ALA C 632 -36.29 8.11 7.25
C ALA C 632 -35.05 7.50 6.62
N PRO C 633 -34.94 6.18 6.75
CA PRO C 633 -33.80 5.43 6.19
C PRO C 633 -33.64 5.65 4.70
N ASP C 634 -32.45 6.04 4.33
CA ASP C 634 -32.18 6.40 2.95
C ASP C 634 -32.27 5.21 2.01
N TYR C 635 -32.83 5.47 0.82
CA TYR C 635 -32.85 4.44 -0.22
C TYR C 635 -31.44 4.10 -0.67
N GLN C 636 -30.61 5.12 -0.90
CA GLN C 636 -29.27 4.88 -1.42
C GLN C 636 -28.47 4.03 -0.45
N ASN C 637 -28.80 4.13 0.84
CA ASN C 637 -28.17 3.26 1.81
C ASN C 637 -28.56 1.83 1.53
N MET C 638 -29.84 1.60 1.28
CA MET C 638 -30.27 0.28 0.87
C MET C 638 -29.61 -0.10 -0.44
N LEU C 639 -29.20 0.90 -1.23
CA LEU C 639 -28.50 0.67 -2.48
C LEU C 639 -27.02 0.33 -2.28
N ASN C 640 -26.48 0.50 -1.07
CA ASN C 640 -25.05 0.30 -0.78
C ASN C 640 -24.18 1.25 -1.58
N GLY C 641 -24.70 2.45 -1.85
CA GLY C 641 -23.96 3.50 -2.50
C GLY C 641 -23.64 4.54 -1.46
N VAL C 642 -23.73 5.82 -1.79
CA VAL C 642 -23.57 6.89 -0.82
C VAL C 642 -24.97 7.18 -0.28
N PRO C 643 -25.23 6.87 0.99
CA PRO C 643 -26.57 6.97 1.56
C PRO C 643 -26.96 8.32 2.12
N PRO C 644 -27.83 9.07 1.43
CA PRO C 644 -28.38 10.29 2.02
C PRO C 644 -29.65 10.03 2.85
N ILE C 645 -29.52 9.84 4.15
CA ILE C 645 -30.71 9.67 4.99
C ILE C 645 -31.49 10.99 5.01
N ASN C 646 -32.80 10.92 5.26
CA ASN C 646 -33.57 12.15 5.25
C ASN C 646 -34.00 12.51 6.67
N LYS C 647 -33.68 13.73 7.11
CA LYS C 647 -33.97 14.16 8.48
C LYS C 647 -34.91 15.34 8.53
N ASN C 648 -36.00 15.20 9.29
CA ASN C 648 -36.86 16.33 9.62
C ASN C 648 -36.81 16.49 11.13
N GLU C 649 -35.99 17.38 11.66
CA GLU C 649 -35.85 17.45 13.11
C GLU C 649 -35.90 18.89 13.59
N VAL C 650 -36.68 19.12 14.64
CA VAL C 650 -36.73 20.42 15.30
C VAL C 650 -36.28 20.26 16.74
N ASN C 651 -35.36 21.10 17.17
CA ASN C 651 -34.86 21.08 18.54
C ASN C 651 -35.05 22.45 19.16
N ALA C 652 -35.82 22.52 20.25
CA ALA C 652 -36.11 23.83 20.83
C ALA C 652 -36.66 23.67 22.23
N LYS C 653 -36.57 24.73 23.01
CA LYS C 653 -37.10 24.76 24.36
C LYS C 653 -38.30 25.70 24.42
N ILE C 654 -39.42 25.21 24.96
CA ILE C 654 -40.65 25.97 24.98
C ILE C 654 -41.39 25.82 26.30
N LEU C 655 -42.26 26.79 26.58
CA LEU C 655 -43.10 26.79 27.77
C LEU C 655 -44.54 26.53 27.37
N VAL C 656 -45.18 25.54 28.00
CA VAL C 656 -46.59 25.26 27.76
C VAL C 656 -47.27 24.81 29.04
N ASN C 657 -48.59 25.04 29.13
CA ASN C 657 -49.27 24.44 30.24
C ASN C 657 -49.49 22.96 29.95
N ASP C 658 -49.85 22.22 30.99
CA ASP C 658 -50.02 20.78 30.81
C ASP C 658 -51.12 20.47 29.81
N GLY C 659 -52.23 21.20 29.87
CA GLY C 659 -53.32 20.87 29.00
C GLY C 659 -53.20 21.47 27.62
N GLU C 660 -52.03 21.96 27.26
CA GLU C 660 -51.86 22.76 26.06
C GLU C 660 -50.87 22.15 25.09
N THR C 661 -51.19 22.25 23.81
CA THR C 661 -50.33 21.77 22.75
C THR C 661 -49.88 22.93 21.89
N ILE C 662 -48.61 22.95 21.55
CA ILE C 662 -48.16 23.98 20.62
C ILE C 662 -47.40 23.32 19.48
N VAL C 663 -47.19 24.12 18.43
CA VAL C 663 -46.44 23.67 17.27
C VAL C 663 -44.99 23.98 17.59
N ILE C 664 -44.20 22.95 17.85
CA ILE C 664 -42.79 23.24 18.08
C ILE C 664 -42.24 23.86 16.82
N GLY C 665 -42.62 23.30 15.69
CA GLY C 665 -42.23 23.81 14.39
C GLY C 665 -43.04 23.10 13.32
N GLY C 666 -42.97 23.66 12.13
CA GLY C 666 -43.59 23.03 10.99
C GLY C 666 -43.10 23.72 9.73
N VAL C 667 -43.26 23.02 8.62
CA VAL C 667 -42.94 23.61 7.32
C VAL C 667 -43.92 23.15 6.26
N PHE C 668 -44.42 24.10 5.48
CA PHE C 668 -45.24 23.79 4.31
C PHE C 668 -44.45 24.07 3.05
N SER C 669 -44.34 23.07 2.19
CA SER C 669 -43.68 23.22 0.89
C SER C 669 -44.74 23.18 -0.21
N ASN C 670 -44.95 24.31 -0.88
CA ASN C 670 -45.93 24.44 -1.94
C ASN C 670 -45.22 24.49 -3.29
N GLU C 671 -45.34 23.43 -4.07
CA GLU C 671 -44.72 23.37 -5.39
C GLU C 671 -45.79 23.62 -6.44
N GLN C 672 -45.61 24.65 -7.25
CA GLN C 672 -46.51 24.93 -8.37
C GLN C 672 -45.71 24.97 -9.65
N SER C 673 -45.93 24.00 -10.53
CA SER C 673 -45.19 23.90 -11.77
C SER C 673 -46.15 23.94 -12.94
N LYS C 674 -45.88 24.80 -13.91
CA LYS C 674 -46.67 24.86 -15.13
C LYS C 674 -45.73 24.85 -16.31
N SER C 675 -46.00 24.00 -17.30
CA SER C 675 -45.16 23.90 -18.49
C SER C 675 -46.07 23.84 -19.69
N VAL C 676 -45.88 24.74 -20.65
CA VAL C 676 -46.65 24.73 -21.88
C VAL C 676 -45.70 24.63 -23.06
N GLU C 677 -45.96 23.67 -23.93
CA GLU C 677 -45.15 23.43 -25.12
C GLU C 677 -46.04 23.51 -26.34
N LYS C 678 -45.69 24.38 -27.30
CA LYS C 678 -46.59 24.58 -28.43
C LYS C 678 -45.86 24.92 -29.71
N VAL C 679 -46.19 24.24 -30.79
CA VAL C 679 -45.74 24.73 -32.09
C VAL C 679 -46.41 26.08 -32.30
N PRO C 680 -45.68 27.14 -32.67
CA PRO C 680 -46.32 28.47 -32.65
C PRO C 680 -47.52 28.64 -33.55
N PHE C 681 -47.44 28.29 -34.83
CA PHE C 681 -48.55 28.59 -35.72
C PHE C 681 -49.79 27.79 -35.35
N LEU C 682 -49.63 26.48 -35.19
CA LEU C 682 -50.75 25.62 -34.83
C LEU C 682 -51.19 25.87 -33.41
N GLY C 683 -50.24 26.15 -32.51
CA GLY C 683 -50.59 26.45 -31.13
C GLY C 683 -51.50 27.65 -31.05
N GLU C 684 -51.30 28.62 -31.95
CA GLU C 684 -52.13 29.81 -31.96
C GLU C 684 -53.60 29.49 -32.18
N LEU C 685 -53.90 28.52 -33.03
CA LEU C 685 -55.29 28.19 -33.35
C LEU C 685 -56.06 27.81 -32.10
N PRO C 686 -57.26 28.38 -31.89
CA PRO C 686 -58.01 28.05 -30.67
C PRO C 686 -58.44 26.60 -30.59
N TYR C 687 -58.93 26.04 -31.69
CA TYR C 687 -59.44 24.68 -31.68
C TYR C 687 -58.34 23.67 -31.89
N LEU C 688 -57.20 24.10 -32.41
CA LEU C 688 -56.10 23.20 -32.70
C LEU C 688 -54.93 23.45 -31.77
N GLY C 689 -54.95 24.56 -31.04
CA GLY C 689 -53.88 24.78 -30.08
C GLY C 689 -53.90 23.70 -29.05
N ARG C 690 -55.09 23.33 -28.59
CA ARG C 690 -55.19 22.22 -27.65
C ARG C 690 -54.59 20.99 -28.29
N LEU C 691 -54.78 20.85 -29.61
CA LEU C 691 -54.23 19.75 -30.36
C LEU C 691 -52.78 20.00 -30.73
N PHE C 692 -52.25 21.18 -30.39
CA PHE C 692 -50.86 21.48 -30.66
C PHE C 692 -50.16 22.18 -29.51
N ARG C 693 -50.74 22.18 -28.32
CA ARG C 693 -50.10 22.71 -27.12
C ARG C 693 -49.98 21.58 -26.12
N ARG C 694 -48.75 21.28 -25.72
CA ARG C 694 -48.48 20.20 -24.79
C ARG C 694 -48.37 20.81 -23.41
N ASP C 695 -49.33 20.50 -22.55
CA ASP C 695 -49.44 21.12 -21.25
C ASP C 695 -49.10 20.15 -20.15
N THR C 696 -48.16 20.52 -19.28
CA THR C 696 -47.89 19.77 -18.08
C THR C 696 -48.02 20.72 -16.90
N VAL C 697 -48.98 20.47 -16.02
CA VAL C 697 -49.16 21.26 -14.82
C VAL C 697 -49.09 20.33 -13.62
N THR C 698 -48.19 20.62 -12.71
CA THR C 698 -48.03 19.83 -11.50
C THR C 698 -48.08 20.71 -10.27
N ASP C 699 -48.94 20.36 -9.32
CA ASP C 699 -49.01 21.02 -8.02
C ASP C 699 -48.73 19.96 -6.98
N ARG C 700 -47.61 20.08 -6.28
CA ARG C 700 -47.28 19.16 -5.21
C ARG C 700 -47.09 19.99 -3.95
N LYS C 701 -47.90 19.75 -2.93
CA LYS C 701 -47.74 20.47 -1.68
C LYS C 701 -47.61 19.48 -0.54
N ASN C 702 -46.46 19.50 0.10
CA ASN C 702 -46.19 18.66 1.25
C ASN C 702 -45.90 19.55 2.45
N GLU C 703 -46.61 19.32 3.54
CA GLU C 703 -46.40 20.05 4.77
C GLU C 703 -46.09 19.08 5.90
N LEU C 704 -45.12 19.43 6.74
CA LEU C 704 -44.79 18.65 7.91
C LEU C 704 -44.90 19.53 9.16
N LEU C 705 -45.58 19.04 10.19
CA LEU C 705 -45.72 19.82 11.43
C LEU C 705 -45.58 18.92 12.65
N VAL C 706 -44.92 19.42 13.70
CA VAL C 706 -44.78 18.69 14.95
C VAL C 706 -45.47 19.44 16.11
N PHE C 707 -46.40 18.77 16.77
CA PHE C 707 -47.05 19.33 17.95
C PHE C 707 -46.49 18.70 19.21
N LEU C 708 -46.82 19.30 20.36
CA LEU C 708 -46.47 18.67 21.62
C LEU C 708 -47.46 19.08 22.71
N THR C 709 -47.79 18.11 23.58
CA THR C 709 -48.58 18.31 24.81
C THR C 709 -48.02 17.52 25.99
N PRO C 710 -47.73 18.16 27.10
CA PRO C 710 -47.30 17.40 28.27
C PRO C 710 -48.41 17.23 29.29
N ARG C 711 -48.72 16.02 29.69
CA ARG C 711 -49.69 15.78 30.76
C ARG C 711 -48.91 15.35 31.98
N ILE C 712 -48.88 16.19 33.01
CA ILE C 712 -48.05 15.85 34.15
C ILE C 712 -48.56 14.56 34.76
N MET C 713 -47.64 13.63 34.99
CA MET C 713 -48.03 12.37 35.57
C MET C 713 -48.07 12.46 37.07
N ASN C 714 -47.60 13.59 37.62
CA ASN C 714 -47.73 13.83 39.04
C ASN C 714 -49.19 13.89 39.44
N ASN C 715 -50.06 14.32 38.51
CA ASN C 715 -51.47 14.41 38.83
C ASN C 715 -51.95 13.06 39.32
N GLN C 716 -51.35 12.00 38.80
CA GLN C 716 -51.62 10.66 39.25
C GLN C 716 -50.57 10.20 40.23
N ALA C 717 -49.32 10.64 40.01
CA ALA C 717 -48.22 10.22 40.87
C ALA C 717 -48.31 10.85 42.26
N ILE C 718 -48.81 12.08 42.35
CA ILE C 718 -48.98 12.68 43.67
C ILE C 718 -50.12 11.99 44.41
N ALA C 719 -51.21 11.70 43.70
CA ALA C 719 -52.30 10.97 44.31
C ALA C 719 -51.91 9.51 44.52
N ILE C 720 -50.83 9.10 43.87
CA ILE C 720 -50.21 7.79 44.05
C ILE C 720 -48.84 7.91 44.71
N LEU D 385 -29.80 36.57 61.90
CA LEU D 385 -29.95 36.07 60.53
C LEU D 385 -31.09 35.05 60.50
N ARG D 386 -31.81 35.02 59.39
CA ARG D 386 -32.96 34.14 59.23
C ARG D 386 -32.75 33.20 58.06
N ARG D 387 -33.15 31.95 58.24
CA ARG D 387 -33.09 30.94 57.20
C ARG D 387 -34.43 30.91 56.47
N GLU D 388 -34.40 31.11 55.16
CA GLU D 388 -35.61 31.12 54.34
C GLU D 388 -35.45 30.23 53.12
N LEU D 389 -36.49 29.48 52.78
CA LEU D 389 -36.52 28.65 51.58
C LEU D 389 -37.35 29.32 50.50
N ILE D 390 -36.73 29.60 49.36
CA ILE D 390 -37.44 30.13 48.21
C ILE D 390 -37.18 29.20 47.03
N GLN D 391 -38.24 28.83 46.31
CA GLN D 391 -38.12 27.95 45.17
C GLN D 391 -38.18 28.78 43.90
N VAL D 392 -37.20 28.61 43.02
CA VAL D 392 -37.15 29.34 41.77
C VAL D 392 -37.32 28.35 40.62
N ASN D 393 -38.50 28.37 40.00
CA ASN D 393 -38.71 27.51 38.84
C ASN D 393 -38.12 28.09 37.57
N TYR D 394 -38.22 29.39 37.36
CA TYR D 394 -37.76 29.95 36.10
C TYR D 394 -36.31 30.34 36.16
N ALA D 395 -35.74 30.36 37.36
CA ALA D 395 -34.37 30.81 37.59
C ALA D 395 -33.53 29.64 38.10
N LYS D 396 -32.35 29.47 37.52
CA LYS D 396 -31.44 28.45 38.01
C LYS D 396 -31.00 28.82 39.42
N ALA D 397 -30.88 27.80 40.28
CA ALA D 397 -30.48 28.05 41.66
C ALA D 397 -29.10 28.67 41.73
N ALA D 398 -28.19 28.23 40.86
CA ALA D 398 -26.85 28.82 40.84
C ALA D 398 -26.94 30.30 40.50
N ASP D 399 -27.83 30.66 39.58
CA ASP D 399 -27.98 32.06 39.22
C ASP D 399 -28.44 32.86 40.42
N ILE D 400 -29.38 32.33 41.19
CA ILE D 400 -29.82 33.00 42.40
C ILE D 400 -28.67 33.14 43.39
N ALA D 401 -27.83 32.10 43.47
CA ALA D 401 -26.67 32.20 44.33
C ALA D 401 -25.77 33.34 43.90
N LYS D 402 -25.61 33.51 42.59
CA LYS D 402 -24.82 34.62 42.06
C LYS D 402 -25.47 35.95 42.43
N LEU D 403 -26.81 36.00 42.38
CA LEU D 403 -27.51 37.21 42.78
C LEU D 403 -27.24 37.53 44.24
N PHE D 404 -27.25 36.50 45.08
CA PHE D 404 -26.93 36.72 46.49
C PHE D 404 -25.49 37.16 46.66
N GLN D 405 -24.59 36.62 45.84
CA GLN D 405 -23.19 37.03 45.90
C GLN D 405 -23.10 38.51 45.55
N SER D 406 -23.89 38.93 44.57
CA SER D 406 -23.96 40.34 44.24
C SER D 406 -24.51 41.13 45.41
N VAL D 407 -25.49 40.55 46.10
CA VAL D 407 -26.06 41.19 47.28
C VAL D 407 -24.98 41.40 48.33
N THR D 408 -24.11 40.42 48.50
CA THR D 408 -22.98 40.55 49.41
C THR D 408 -22.02 41.62 48.93
N SER D 409 -21.81 41.70 47.61
CA SER D 409 -20.98 42.76 47.06
C SER D 409 -21.58 44.12 47.37
N ASP D 410 -22.91 44.20 47.50
CA ASP D 410 -23.55 45.47 47.80
C ASP D 410 -22.98 46.07 49.08
N GLY D 411 -22.76 45.24 50.09
CA GLY D 411 -22.14 45.69 51.32
C GLY D 411 -21.54 44.56 52.14
N GLY D 421 -24.92 34.79 56.20
CA GLY D 421 -24.71 34.78 54.77
C GLY D 421 -24.38 33.40 54.23
N SER D 422 -25.30 32.46 54.46
CA SER D 422 -25.12 31.08 54.04
C SER D 422 -26.16 30.74 52.98
N ILE D 423 -25.72 30.12 51.89
CA ILE D 423 -26.58 29.80 50.76
C ILE D 423 -26.59 28.30 50.51
N THR D 424 -27.78 27.74 50.29
CA THR D 424 -27.97 26.33 50.02
C THR D 424 -28.76 26.17 48.73
N VAL D 425 -28.32 25.29 47.85
CA VAL D 425 -28.95 25.08 46.55
C VAL D 425 -29.47 23.66 46.46
N ASP D 426 -30.75 23.51 46.12
CA ASP D 426 -31.37 22.21 45.88
C ASP D 426 -31.60 22.12 44.37
N ASP D 427 -30.84 21.24 43.71
CA ASP D 427 -30.94 21.10 42.27
C ASP D 427 -32.27 20.51 41.84
N ARG D 428 -32.75 19.48 42.55
CA ARG D 428 -33.96 18.79 42.09
C ARG D 428 -35.14 19.74 42.07
N THR D 429 -35.31 20.50 43.14
CA THR D 429 -36.41 21.44 43.21
C THR D 429 -36.01 22.82 42.74
N ASN D 430 -34.72 23.02 42.46
CA ASN D 430 -34.21 24.32 42.09
C ASN D 430 -34.58 25.34 43.16
N SER D 431 -34.49 24.91 44.42
CA SER D 431 -34.92 25.74 45.53
C SER D 431 -33.71 26.13 46.36
N ILE D 432 -33.59 27.42 46.63
CA ILE D 432 -32.45 27.96 47.34
C ILE D 432 -32.90 28.36 48.73
N ILE D 433 -32.20 27.88 49.74
CA ILE D 433 -32.46 28.28 51.13
C ILE D 433 -31.27 29.10 51.59
N ALA D 434 -31.54 30.32 52.03
CA ALA D 434 -30.48 31.20 52.47
C ALA D 434 -30.72 31.58 53.92
N TYR D 435 -29.72 31.36 54.76
CA TYR D 435 -29.78 31.82 56.14
C TYR D 435 -28.84 33.00 56.22
N GLN D 436 -29.41 34.19 56.35
CA GLN D 436 -28.60 35.39 56.27
C GLN D 436 -29.39 36.57 56.80
N PRO D 437 -28.83 37.79 56.86
CA PRO D 437 -29.58 38.91 57.41
C PRO D 437 -30.90 39.11 56.67
N GLN D 438 -31.91 39.52 57.42
CA GLN D 438 -33.26 39.63 56.86
C GLN D 438 -33.29 40.58 55.67
N GLU D 439 -32.59 41.71 55.76
CA GLU D 439 -32.67 42.70 54.69
C GLU D 439 -32.11 42.15 53.39
N ARG D 440 -30.95 41.50 53.47
CA ARG D 440 -30.37 40.89 52.27
C ARG D 440 -31.30 39.82 51.76
N LEU D 441 -31.93 39.09 52.67
CA LEU D 441 -32.85 38.03 52.31
C LEU D 441 -34.00 38.60 51.48
N ASP D 442 -34.56 39.71 51.95
CA ASP D 442 -35.69 40.32 51.26
C ASP D 442 -35.28 40.86 49.90
N GLU D 443 -34.12 41.51 49.83
CA GLU D 443 -33.68 42.04 48.55
C GLU D 443 -33.48 40.92 47.56
N LEU D 444 -32.88 39.82 48.01
CA LEU D 444 -32.66 38.69 47.13
C LEU D 444 -34.00 38.13 46.68
N ARG D 445 -34.98 38.14 47.58
CA ARG D 445 -36.33 37.69 47.25
C ARG D 445 -36.90 38.52 46.11
N ARG D 446 -36.71 39.83 46.17
CA ARG D 446 -37.19 40.68 45.08
C ARG D 446 -36.49 40.33 43.78
N ILE D 447 -35.17 40.11 43.86
CA ILE D 447 -34.43 39.72 42.66
C ILE D 447 -34.99 38.41 42.13
N VAL D 448 -35.36 37.52 43.05
CA VAL D 448 -35.96 36.23 42.67
C VAL D 448 -37.25 36.46 41.93
N SER D 449 -38.07 37.40 42.41
CA SER D 449 -39.34 37.69 41.77
C SER D 449 -39.11 38.18 40.35
N GLN D 450 -38.12 39.05 40.17
CA GLN D 450 -37.80 39.54 38.84
C GLN D 450 -37.29 38.43 37.93
N LEU D 451 -36.38 37.60 38.45
CA LEU D 451 -35.77 36.55 37.64
C LEU D 451 -36.75 35.46 37.24
N ASP D 452 -37.64 35.06 38.14
CA ASP D 452 -38.54 33.95 37.85
C ASP D 452 -39.68 34.50 36.99
N ILE D 453 -39.31 34.93 35.79
CA ILE D 453 -40.23 35.49 34.81
C ILE D 453 -40.29 34.57 33.61
N PRO D 454 -41.47 34.29 33.08
CA PRO D 454 -41.57 33.34 31.96
C PRO D 454 -40.83 33.85 30.74
N VAL D 455 -40.01 32.97 30.16
CA VAL D 455 -39.32 33.32 28.93
C VAL D 455 -40.33 33.40 27.80
N ARG D 456 -40.23 34.42 26.97
CA ARG D 456 -41.23 34.66 25.93
C ARG D 456 -40.85 33.94 24.65
N GLN D 457 -41.69 32.98 24.26
CA GLN D 457 -41.53 32.28 23.00
C GLN D 457 -42.16 33.10 21.88
N VAL D 458 -41.55 33.05 20.71
CA VAL D 458 -42.07 33.69 19.51
C VAL D 458 -42.07 32.68 18.38
N MET D 459 -43.12 32.71 17.58
CA MET D 459 -43.23 31.86 16.41
C MET D 459 -42.63 32.62 15.24
N ILE D 460 -41.56 32.10 14.68
CA ILE D 460 -40.84 32.75 13.60
C ILE D 460 -41.23 32.03 12.33
N GLU D 461 -41.76 32.77 11.36
CA GLU D 461 -42.16 32.20 10.08
C GLU D 461 -41.39 32.89 8.98
N ALA D 462 -40.40 32.21 8.41
CA ALA D 462 -39.66 32.74 7.29
C ALA D 462 -40.00 31.88 6.08
N ARG D 463 -40.51 32.51 5.02
CA ARG D 463 -40.96 31.75 3.87
C ARG D 463 -40.11 32.06 2.63
N ILE D 464 -39.81 31.02 1.88
CA ILE D 464 -38.99 31.10 0.68
C ILE D 464 -39.90 30.99 -0.54
N VAL D 465 -39.78 31.95 -1.44
CA VAL D 465 -40.55 31.97 -2.67
C VAL D 465 -39.58 31.94 -3.84
N GLU D 466 -39.74 30.94 -4.71
CA GLU D 466 -38.94 30.82 -5.92
C GLU D 466 -39.87 30.87 -7.13
N ALA D 467 -39.59 31.79 -8.05
CA ALA D 467 -40.37 31.90 -9.28
C ALA D 467 -39.44 31.78 -10.48
N ASN D 468 -39.75 30.85 -11.38
CA ASN D 468 -38.99 30.66 -12.59
C ASN D 468 -39.91 30.78 -13.80
N VAL D 469 -39.61 31.72 -14.68
CA VAL D 469 -40.35 31.86 -15.93
C VAL D 469 -39.37 31.68 -17.08
N GLY D 470 -39.63 30.71 -17.94
CA GLY D 470 -38.75 30.48 -19.06
C GLY D 470 -39.46 30.41 -20.40
N TYR D 471 -39.09 31.27 -21.35
CA TYR D 471 -39.61 31.19 -22.71
C TYR D 471 -38.45 31.04 -23.66
N ASP D 472 -38.41 29.94 -24.41
CA ASP D 472 -37.34 29.71 -25.37
C ASP D 472 -37.93 29.31 -26.71
N LYS D 473 -37.56 30.01 -27.77
CA LYS D 473 -38.00 29.66 -29.11
C LYS D 473 -36.81 29.46 -30.03
N SER D 474 -36.79 28.36 -30.76
CA SER D 474 -35.74 28.08 -31.72
C SER D 474 -36.33 27.72 -33.07
N LEU D 475 -35.86 28.39 -34.12
CA LEU D 475 -36.28 28.10 -35.48
C LEU D 475 -35.05 27.82 -36.33
N GLY D 476 -34.98 26.60 -36.88
CA GLY D 476 -34.00 26.13 -37.84
C GLY D 476 -34.62 26.01 -39.22
N VAL D 477 -34.14 26.81 -40.17
CA VAL D 477 -34.69 26.85 -41.52
C VAL D 477 -33.69 26.21 -42.47
N ARG D 478 -34.15 25.24 -43.25
CA ARG D 478 -33.27 24.39 -44.04
C ARG D 478 -33.75 24.29 -45.48
N TRP D 479 -32.82 24.48 -46.43
CA TRP D 479 -33.13 24.40 -47.85
C TRP D 479 -32.11 23.50 -48.53
N GLY D 480 -32.45 22.22 -48.71
CA GLY D 480 -31.47 21.30 -49.27
C GLY D 480 -31.87 20.61 -50.56
N GLY D 481 -31.08 20.80 -51.61
CA GLY D 481 -31.27 20.09 -52.84
C GLY D 481 -29.95 19.52 -53.32
N ALA D 482 -29.84 18.22 -53.50
CA ALA D 482 -28.62 17.66 -54.06
C ALA D 482 -28.72 17.50 -55.57
N TYR D 483 -29.89 17.77 -56.14
CA TYR D 483 -30.09 17.57 -57.56
C TYR D 483 -29.14 18.48 -58.33
N HIS D 484 -29.10 19.74 -57.96
CA HIS D 484 -28.18 20.69 -58.56
C HIS D 484 -27.12 21.15 -57.56
N LYS D 485 -26.94 20.40 -56.47
CA LYS D 485 -25.97 20.68 -55.42
C LYS D 485 -26.13 22.06 -54.78
N GLY D 486 -27.38 22.42 -54.46
CA GLY D 486 -27.60 23.64 -53.70
C GLY D 486 -28.27 23.33 -52.37
N ASN D 487 -27.53 23.43 -51.26
CA ASN D 487 -28.11 23.05 -49.98
C ASN D 487 -27.52 23.89 -48.85
N TRP D 488 -28.38 24.66 -48.23
CA TRP D 488 -28.06 25.50 -47.09
C TRP D 488 -28.69 24.90 -45.85
N SER D 489 -27.87 24.70 -44.83
CA SER D 489 -28.29 24.04 -43.61
C SER D 489 -28.70 25.04 -42.55
N GLY D 490 -29.72 24.67 -41.76
CA GLY D 490 -30.14 25.50 -40.66
C GLY D 490 -29.19 25.35 -39.50
N TYR D 491 -29.47 26.06 -38.45
CA TYR D 491 -28.64 25.87 -37.28
C TYR D 491 -29.43 25.71 -35.99
N GLY D 492 -30.49 26.50 -35.78
CA GLY D 492 -31.29 26.29 -34.58
C GLY D 492 -31.86 24.89 -34.55
N LYS D 493 -32.40 24.45 -35.68
CA LYS D 493 -32.78 23.06 -35.89
C LYS D 493 -32.19 22.75 -37.27
N ASP D 494 -30.89 22.50 -37.28
CA ASP D 494 -30.09 22.37 -38.50
C ASP D 494 -30.68 21.39 -39.50
N GLY D 495 -30.73 21.81 -40.77
CA GLY D 495 -31.15 20.92 -41.82
C GLY D 495 -30.46 21.13 -43.15
N ASN D 496 -29.77 20.12 -43.67
CA ASN D 496 -29.09 20.20 -44.96
C ASN D 496 -29.45 18.94 -45.73
N ILE D 497 -30.49 19.06 -46.52
CA ILE D 497 -31.11 17.93 -47.21
C ILE D 497 -30.22 17.42 -48.33
N GLY D 498 -29.06 18.04 -48.55
CA GLY D 498 -28.11 17.46 -49.49
C GLY D 498 -27.60 16.12 -48.99
N ILE D 499 -27.22 16.07 -47.71
CA ILE D 499 -26.81 14.79 -47.13
C ILE D 499 -28.02 13.88 -47.01
N LYS D 500 -29.21 14.45 -46.86
CA LYS D 500 -30.41 13.63 -46.84
C LYS D 500 -30.61 12.98 -48.18
N ASP D 501 -30.27 13.70 -49.24
CA ASP D 501 -30.30 13.11 -50.57
C ASP D 501 -29.27 12.01 -50.65
N GLU D 502 -28.14 12.19 -49.97
CA GLU D 502 -27.15 11.11 -49.91
C GLU D 502 -27.76 9.87 -49.26
N ASP D 503 -28.47 10.07 -48.16
CA ASP D 503 -29.10 8.96 -47.47
C ASP D 503 -30.15 8.32 -48.38
N GLY D 504 -30.88 9.13 -49.13
CA GLY D 504 -31.85 8.59 -50.06
C GLY D 504 -31.17 7.78 -51.14
N MET D 505 -30.04 8.28 -51.66
CA MET D 505 -29.29 7.54 -52.65
C MET D 505 -28.90 6.20 -52.07
N ASN D 506 -28.63 6.17 -50.77
CA ASN D 506 -28.40 4.89 -50.08
C ASN D 506 -29.65 4.03 -50.16
N CYS D 507 -30.83 4.66 -50.02
CA CYS D 507 -32.10 3.93 -50.14
C CYS D 507 -32.24 3.26 -51.50
N GLY D 508 -31.80 3.91 -52.59
CA GLY D 508 -31.82 3.27 -53.89
C GLY D 508 -32.36 3.98 -55.12
N PRO D 509 -32.69 5.26 -55.08
CA PRO D 509 -33.17 5.92 -56.30
C PRO D 509 -32.05 6.16 -57.31
N ILE D 510 -32.46 6.39 -58.55
CA ILE D 510 -31.55 6.69 -59.64
C ILE D 510 -31.41 8.20 -59.74
N ALA D 511 -30.22 8.75 -59.45
CA ALA D 511 -29.94 10.16 -59.63
C ALA D 511 -28.80 10.35 -60.62
N GLY D 512 -29.05 11.10 -61.69
CA GLY D 512 -28.07 11.40 -62.71
C GLY D 512 -27.88 12.90 -62.92
N SER D 513 -26.65 13.40 -62.88
CA SER D 513 -26.41 14.82 -63.12
C SER D 513 -25.08 15.00 -63.84
N CYS D 514 -25.11 15.30 -65.14
CA CYS D 514 -23.86 15.42 -65.89
C CYS D 514 -23.31 16.85 -65.91
N THR D 515 -24.14 17.84 -65.67
CA THR D 515 -23.75 19.24 -65.64
C THR D 515 -24.69 19.90 -64.65
N PHE D 516 -24.37 21.13 -64.26
CA PHE D 516 -25.29 21.80 -63.35
C PHE D 516 -26.67 21.99 -63.96
N PRO D 517 -26.84 22.30 -65.26
CA PRO D 517 -28.21 22.38 -65.79
C PRO D 517 -28.95 21.05 -65.77
N THR D 518 -28.26 19.94 -66.03
CA THR D 518 -28.91 18.65 -66.22
C THR D 518 -28.77 17.72 -65.03
N THR D 519 -29.91 17.33 -64.48
CA THR D 519 -30.02 16.35 -63.41
C THR D 519 -31.41 15.72 -63.49
N GLY D 520 -31.54 14.54 -62.90
CA GLY D 520 -32.82 13.86 -62.81
C GLY D 520 -32.75 12.67 -61.86
N THR D 521 -33.77 12.46 -61.03
CA THR D 521 -33.76 11.29 -60.17
C THR D 521 -35.15 10.68 -60.11
N SER D 522 -35.18 9.35 -59.93
CA SER D 522 -36.43 8.60 -59.84
C SER D 522 -36.31 7.54 -58.74
N LYS D 523 -37.45 7.01 -58.33
CA LYS D 523 -37.52 5.94 -57.33
C LYS D 523 -36.92 6.38 -55.99
N SER D 524 -37.25 7.61 -55.58
CA SER D 524 -36.70 8.17 -54.35
C SER D 524 -37.62 7.85 -53.18
N PRO D 525 -37.20 7.02 -52.24
CA PRO D 525 -37.99 6.79 -51.02
C PRO D 525 -37.52 7.61 -49.83
N SER D 526 -36.49 8.42 -50.02
CA SER D 526 -35.91 9.19 -48.92
C SER D 526 -36.86 10.20 -48.32
N PRO D 527 -37.68 10.94 -49.06
CA PRO D 527 -38.47 11.98 -48.39
C PRO D 527 -39.40 11.46 -47.30
N PHE D 528 -40.20 10.43 -47.57
CA PHE D 528 -41.16 10.01 -46.55
C PHE D 528 -40.50 9.47 -45.29
N VAL D 529 -39.39 8.74 -45.41
CA VAL D 529 -38.79 8.20 -44.19
C VAL D 529 -37.77 9.18 -43.60
N ASP D 530 -36.87 9.67 -44.43
CA ASP D 530 -35.81 10.53 -43.93
C ASP D 530 -36.36 11.82 -43.38
N LEU D 531 -37.30 12.46 -44.10
CA LEU D 531 -37.89 13.69 -43.61
C LEU D 531 -38.68 13.43 -42.32
N GLY D 532 -39.44 12.34 -42.27
CA GLY D 532 -40.25 12.09 -41.08
C GLY D 532 -39.39 11.98 -39.83
N ALA D 533 -38.32 11.16 -39.90
CA ALA D 533 -37.51 10.99 -38.69
C ALA D 533 -36.68 12.23 -38.43
N LYS D 534 -36.01 12.74 -39.45
CA LYS D 534 -35.11 13.86 -39.28
C LYS D 534 -35.88 15.06 -38.75
N ASP D 535 -37.10 15.24 -39.24
CA ASP D 535 -37.95 16.38 -38.95
C ASP D 535 -38.91 16.08 -37.81
N ALA D 536 -38.69 14.99 -37.08
CA ALA D 536 -39.59 14.63 -36.02
C ALA D 536 -39.68 15.73 -34.96
N THR D 537 -38.59 16.48 -34.76
CA THR D 537 -38.51 17.47 -33.68
C THR D 537 -39.66 18.46 -33.78
N SER D 538 -40.10 18.93 -32.61
CA SER D 538 -41.24 19.83 -32.40
C SER D 538 -42.05 20.08 -33.66
N GLY D 539 -41.86 21.23 -34.30
CA GLY D 539 -42.67 21.61 -35.44
C GLY D 539 -41.82 21.58 -36.70
N ILE D 540 -42.33 20.94 -37.74
CA ILE D 540 -41.63 20.89 -39.01
C ILE D 540 -42.62 21.00 -40.15
N GLY D 541 -42.23 21.76 -41.17
CA GLY D 541 -42.98 21.81 -42.41
C GLY D 541 -42.05 21.43 -43.53
N ILE D 542 -42.40 20.42 -44.35
CA ILE D 542 -41.55 19.99 -45.45
C ILE D 542 -42.26 20.22 -46.78
N GLY D 543 -41.54 20.78 -47.74
CA GLY D 543 -42.00 20.90 -49.10
C GLY D 543 -40.95 20.29 -50.01
N PHE D 544 -41.30 19.30 -50.81
CA PHE D 544 -40.27 18.63 -51.60
C PHE D 544 -40.65 18.49 -53.07
N ILE D 545 -39.69 18.77 -53.94
CA ILE D 545 -39.79 18.46 -55.36
C ILE D 545 -38.69 17.45 -55.64
N THR D 546 -39.00 16.46 -56.47
CA THR D 546 -37.92 15.55 -56.84
C THR D 546 -37.81 15.30 -58.34
N ASP D 547 -38.96 15.30 -59.02
CA ASP D 547 -38.98 14.87 -60.42
C ASP D 547 -38.26 15.86 -61.33
N ASN D 548 -38.65 17.13 -61.28
CA ASN D 548 -37.99 18.15 -62.07
C ASN D 548 -36.62 18.49 -61.47
N ILE D 549 -36.62 18.73 -60.16
CA ILE D 549 -35.43 19.07 -59.38
C ILE D 549 -35.73 18.51 -58.01
N ILE D 550 -34.71 18.19 -57.22
CA ILE D 550 -34.98 17.78 -55.85
C ILE D 550 -34.67 18.98 -54.96
N LEU D 551 -35.72 19.59 -54.43
CA LEU D 551 -35.58 20.73 -53.53
C LEU D 551 -36.42 20.42 -52.30
N ASP D 552 -35.78 20.22 -51.16
CA ASP D 552 -36.47 19.92 -49.92
C ASP D 552 -36.32 21.14 -49.01
N LEU D 553 -37.44 21.73 -48.63
CA LEU D 553 -37.44 22.96 -47.85
C LEU D 553 -38.23 22.71 -46.57
N GLN D 554 -37.52 22.70 -45.44
CA GLN D 554 -38.16 22.43 -44.16
C GLN D 554 -38.02 23.63 -43.24
N LEU D 555 -39.05 23.86 -42.46
CA LEU D 555 -39.06 24.87 -41.41
C LEU D 555 -39.27 24.16 -40.10
N SER D 556 -38.29 24.23 -39.21
CA SER D 556 -38.32 23.53 -37.93
C SER D 556 -38.38 24.52 -36.77
N ALA D 557 -39.49 24.55 -36.06
CA ALA D 557 -39.69 25.54 -35.00
C ALA D 557 -40.16 24.89 -33.71
N MET D 558 -39.59 25.34 -32.60
CA MET D 558 -39.95 24.87 -31.25
C MET D 558 -40.14 26.07 -30.34
N GLU D 559 -41.24 26.09 -29.60
CA GLU D 559 -41.48 27.13 -28.61
C GLU D 559 -41.83 26.50 -27.27
N LYS D 560 -41.07 26.83 -26.23
CA LYS D 560 -41.28 26.26 -24.91
C LYS D 560 -41.51 27.34 -23.88
N THR D 561 -42.56 27.18 -23.07
CA THR D 561 -42.82 28.08 -21.97
C THR D 561 -43.01 27.27 -20.70
N GLY D 562 -42.23 27.59 -19.67
CA GLY D 562 -42.35 26.94 -18.39
C GLY D 562 -42.45 27.89 -17.22
N ASN D 563 -43.46 27.75 -16.37
CA ASN D 563 -43.54 28.57 -15.17
C ASN D 563 -43.54 27.66 -13.96
N GLY D 564 -42.57 27.86 -13.06
CA GLY D 564 -42.47 27.09 -11.85
C GLY D 564 -42.49 27.97 -10.61
N GLU D 565 -43.39 27.69 -9.67
CA GLU D 565 -43.44 28.42 -8.41
C GLU D 565 -43.27 27.46 -7.25
N ILE D 566 -42.30 27.75 -6.38
CA ILE D 566 -42.07 26.95 -5.18
C ILE D 566 -42.23 27.85 -3.97
N VAL D 567 -43.11 27.47 -3.07
CA VAL D 567 -43.36 28.23 -1.86
C VAL D 567 -43.15 27.30 -0.67
N SER D 568 -42.11 27.56 0.12
CA SER D 568 -41.81 26.73 1.27
C SER D 568 -41.76 27.59 2.52
N GLN D 569 -42.51 27.22 3.56
CA GLN D 569 -42.53 28.03 4.77
C GLN D 569 -42.34 27.22 6.03
N PRO D 570 -41.20 27.32 6.69
CA PRO D 570 -41.04 26.72 8.01
C PRO D 570 -41.29 27.68 9.16
N LYS D 571 -42.07 27.27 10.14
CA LYS D 571 -42.41 28.08 11.31
C LYS D 571 -41.85 27.42 12.56
N VAL D 572 -41.08 28.17 13.36
CA VAL D 572 -40.45 27.65 14.57
C VAL D 572 -40.82 28.51 15.77
N VAL D 573 -41.19 27.90 16.88
CA VAL D 573 -41.47 28.63 18.11
C VAL D 573 -40.26 28.52 19.02
N THR D 574 -39.70 29.66 19.41
CA THR D 574 -38.46 29.69 20.18
C THR D 574 -38.59 30.53 21.45
N SER D 575 -37.87 30.12 22.48
CA SER D 575 -37.81 30.93 23.69
C SER D 575 -36.92 32.14 23.45
N ASP D 576 -37.12 33.17 24.26
CA ASP D 576 -36.43 34.43 24.05
C ASP D 576 -34.95 34.30 24.35
N LYS D 577 -34.12 34.79 23.44
CA LYS D 577 -32.66 34.79 23.55
C LYS D 577 -32.09 33.40 23.39
N GLU D 578 -32.87 32.45 22.90
CA GLU D 578 -32.41 31.08 22.76
C GLU D 578 -32.42 30.69 21.30
N THR D 579 -31.49 29.84 20.93
CA THR D 579 -31.43 29.34 19.56
C THR D 579 -32.40 28.19 19.36
N ALA D 580 -33.04 28.17 18.20
CA ALA D 580 -33.87 27.05 17.80
C ALA D 580 -33.66 26.78 16.32
N LYS D 581 -33.92 25.54 15.94
CA LYS D 581 -33.69 25.16 14.55
C LYS D 581 -34.83 24.30 14.03
N ILE D 582 -35.09 24.43 12.74
CA ILE D 582 -35.99 23.55 12.02
C ILE D 582 -35.21 23.06 10.81
N LEU D 583 -35.25 21.76 10.58
CA LEU D 583 -34.52 21.19 9.48
C LEU D 583 -35.37 20.17 8.75
N LYS D 584 -35.47 20.29 7.43
CA LYS D 584 -36.17 19.32 6.61
C LYS D 584 -35.39 19.05 5.35
N GLY D 585 -34.98 17.83 5.13
CA GLY D 585 -34.13 17.54 3.99
C GLY D 585 -33.39 16.23 4.20
N SER D 586 -32.21 16.13 3.61
CA SER D 586 -31.47 14.88 3.66
C SER D 586 -29.98 15.14 3.67
N GLU D 587 -29.21 14.34 4.42
CA GLU D 587 -27.79 14.61 4.60
C GLU D 587 -26.97 13.66 3.74
N VAL D 588 -26.42 14.19 2.65
CA VAL D 588 -25.53 13.34 1.88
C VAL D 588 -24.25 13.11 2.67
N PRO D 589 -23.78 11.90 2.74
CA PRO D 589 -22.51 11.62 3.40
C PRO D 589 -21.41 11.48 2.36
N TYR D 590 -20.19 11.60 2.83
CA TYR D 590 -19.00 11.37 2.03
C TYR D 590 -18.20 10.31 2.76
N GLN D 591 -17.87 9.23 2.08
CA GLN D 591 -17.04 8.22 2.69
C GLN D 591 -15.60 8.67 2.52
N GLU D 592 -15.03 9.29 3.55
CA GLU D 592 -13.67 9.77 3.50
C GLU D 592 -12.97 9.19 4.71
N ALA D 593 -12.75 7.89 4.70
CA ALA D 593 -11.97 7.33 5.79
C ALA D 593 -10.53 7.47 5.36
N SER D 594 -9.91 8.58 5.77
CA SER D 594 -8.51 8.77 5.50
C SER D 594 -7.86 7.88 6.53
N SER D 595 -6.96 7.02 6.06
CA SER D 595 -6.47 5.94 6.89
C SER D 595 -5.88 6.41 8.21
N SER D 596 -5.07 7.45 8.24
CA SER D 596 -4.43 7.71 9.52
C SER D 596 -5.32 8.46 10.50
N GLY D 597 -6.31 7.75 11.00
CA GLY D 597 -7.03 8.37 12.06
C GLY D 597 -7.98 9.47 11.70
N ALA D 598 -8.28 9.68 10.42
CA ALA D 598 -9.29 10.71 10.14
C ALA D 598 -10.42 10.05 9.39
N THR D 599 -11.42 9.58 10.12
CA THR D 599 -12.61 9.06 9.47
C THR D 599 -13.59 10.20 9.36
N SER D 600 -13.70 10.79 8.19
CA SER D 600 -14.72 11.79 8.02
C SER D 600 -15.79 11.08 7.23
N THR D 601 -16.79 10.63 7.96
CA THR D 601 -17.98 10.16 7.29
C THR D 601 -18.68 11.49 7.14
N SER D 602 -18.22 12.23 6.13
CA SER D 602 -18.70 13.58 5.99
C SER D 602 -20.18 13.52 5.72
N PHE D 603 -20.87 14.60 6.06
CA PHE D 603 -22.26 14.67 5.71
C PHE D 603 -22.62 16.14 5.67
N LYS D 604 -23.73 16.41 5.03
CA LYS D 604 -24.25 17.76 4.98
C LYS D 604 -25.65 17.59 4.47
N GLU D 605 -26.62 18.20 5.13
CA GLU D 605 -28.00 18.00 4.71
C GLU D 605 -28.46 19.11 3.79
N ALA D 606 -28.89 18.71 2.61
CA ALA D 606 -29.51 19.63 1.67
C ALA D 606 -30.92 19.71 2.19
N ALA D 607 -31.26 20.85 2.76
CA ALA D 607 -32.51 20.96 3.47
C ALA D 607 -32.97 22.40 3.54
N LEU D 608 -34.24 22.54 3.88
CA LEU D 608 -34.79 23.83 4.26
C LEU D 608 -34.55 23.91 5.76
N SER D 609 -33.99 25.02 6.22
CA SER D 609 -33.71 25.09 7.64
C SER D 609 -33.74 26.53 8.13
N LEU D 610 -34.10 26.67 9.40
CA LEU D 610 -34.05 27.95 10.08
C LEU D 610 -33.30 27.79 11.38
N GLU D 611 -32.28 28.59 11.57
CA GLU D 611 -31.57 28.68 12.84
C GLU D 611 -31.78 30.09 13.35
N VAL D 612 -32.59 30.23 14.39
CA VAL D 612 -33.01 31.54 14.86
C VAL D 612 -32.54 31.79 16.27
N THR D 613 -32.08 33.00 16.52
CA THR D 613 -31.71 33.48 17.86
C THR D 613 -32.39 34.82 18.05
N PRO D 614 -33.64 34.82 18.49
CA PRO D 614 -34.39 36.07 18.69
C PRO D 614 -34.10 36.78 20.01
N GLN D 615 -33.94 38.09 19.94
CA GLN D 615 -33.84 38.95 21.10
C GLN D 615 -35.05 39.86 21.10
N ILE D 616 -35.79 39.88 22.20
CA ILE D 616 -37.05 40.59 22.28
C ILE D 616 -36.83 41.96 22.90
N THR D 617 -37.30 43.00 22.22
CA THR D 617 -37.22 44.34 22.74
C THR D 617 -38.59 44.71 23.32
N PRO D 618 -38.71 45.72 24.18
CA PRO D 618 -40.03 45.94 24.79
C PRO D 618 -41.09 46.31 23.78
N ASP D 619 -40.73 47.11 22.77
CA ASP D 619 -41.76 47.61 21.87
C ASP D 619 -42.17 46.56 20.84
N ASN D 620 -42.45 45.35 21.31
CA ASN D 620 -43.01 44.30 20.47
C ASN D 620 -42.20 44.11 19.19
N ARG D 621 -40.89 44.08 19.32
CA ARG D 621 -40.04 43.83 18.18
C ARG D 621 -39.00 42.80 18.57
N ILE D 622 -38.42 42.19 17.57
CA ILE D 622 -37.34 41.25 17.77
C ILE D 622 -36.22 41.55 16.83
N ILE D 623 -35.01 41.56 17.38
CA ILE D 623 -33.82 41.56 16.57
C ILE D 623 -33.35 40.13 16.62
N VAL D 624 -33.36 39.45 15.49
CA VAL D 624 -33.06 38.03 15.48
C VAL D 624 -31.90 37.77 14.54
N GLU D 625 -30.98 36.92 14.96
CA GLU D 625 -29.97 36.41 14.06
C GLU D 625 -30.52 35.12 13.49
N VAL D 626 -30.82 35.12 12.19
CA VAL D 626 -31.43 33.98 11.56
C VAL D 626 -30.61 33.52 10.37
N LYS D 627 -30.28 32.24 10.35
CA LYS D 627 -29.70 31.58 9.19
C LYS D 627 -30.83 30.83 8.50
N VAL D 628 -31.10 31.17 7.25
CA VAL D 628 -32.17 30.57 6.47
C VAL D 628 -31.56 29.86 5.29
N THR D 629 -31.67 28.54 5.24
CA THR D 629 -31.01 27.80 4.16
C THR D 629 -32.01 26.97 3.39
N LYS D 630 -31.96 27.06 2.07
CA LYS D 630 -32.72 26.17 1.21
C LYS D 630 -31.71 25.47 0.32
N ASP D 631 -31.44 24.21 0.61
CA ASP D 631 -30.43 23.48 -0.13
C ASP D 631 -31.05 22.24 -0.74
N ALA D 632 -30.79 22.02 -2.01
CA ALA D 632 -31.38 20.89 -2.68
C ALA D 632 -30.34 19.81 -2.94
N PRO D 633 -30.73 18.57 -2.65
CA PRO D 633 -29.87 17.41 -2.84
C PRO D 633 -29.35 17.30 -4.26
N ASP D 634 -28.04 17.20 -4.37
CA ASP D 634 -27.39 17.21 -5.66
C ASP D 634 -27.71 15.97 -6.49
N TYR D 635 -27.91 16.18 -7.79
CA TYR D 635 -28.09 15.06 -8.71
C TYR D 635 -26.83 14.20 -8.76
N GLN D 636 -25.67 14.84 -8.88
CA GLN D 636 -24.43 14.09 -9.04
C GLN D 636 -24.20 13.21 -7.82
N ASN D 637 -24.70 13.63 -6.67
CA ASN D 637 -24.63 12.79 -5.48
C ASN D 637 -25.44 11.53 -5.71
N MET D 638 -26.64 11.70 -6.26
CA MET D 638 -27.43 10.54 -6.62
C MET D 638 -26.70 9.74 -7.69
N LEU D 639 -25.82 10.40 -8.45
CA LEU D 639 -25.01 9.73 -9.46
C LEU D 639 -23.83 8.97 -8.87
N ASN D 640 -23.51 9.17 -7.59
CA ASN D 640 -22.33 8.57 -6.94
C ASN D 640 -21.03 9.03 -7.59
N GLY D 641 -21.03 10.26 -8.10
CA GLY D 641 -19.86 10.89 -8.65
C GLY D 641 -19.40 11.93 -7.66
N VAL D 642 -18.96 13.10 -8.13
CA VAL D 642 -18.63 14.21 -7.26
C VAL D 642 -19.90 15.02 -7.09
N PRO D 643 -20.49 15.05 -5.91
CA PRO D 643 -21.79 15.66 -5.69
C PRO D 643 -21.79 17.15 -5.39
N PRO D 644 -22.17 18.01 -6.34
CA PRO D 644 -22.36 19.43 -6.02
C PRO D 644 -23.76 19.74 -5.51
N ILE D 645 -23.98 19.75 -4.19
CA ILE D 645 -25.29 20.13 -3.66
C ILE D 645 -25.53 21.61 -3.96
N ASN D 646 -26.80 22.02 -4.03
CA ASN D 646 -27.06 23.42 -4.35
C ASN D 646 -27.60 24.13 -3.11
N LYS D 647 -26.97 25.23 -2.72
CA LYS D 647 -27.35 25.97 -1.52
C LYS D 647 -27.79 27.39 -1.82
N ASN D 648 -28.98 27.75 -1.33
CA ASN D 648 -29.43 29.13 -1.33
C ASN D 648 -29.63 29.53 0.13
N GLU D 649 -28.65 30.19 0.75
CA GLU D 649 -28.79 30.45 2.17
C GLU D 649 -28.42 31.89 2.50
N VAL D 650 -29.25 32.54 3.28
CA VAL D 650 -28.97 33.88 3.78
C VAL D 650 -28.89 33.85 5.30
N ASN D 651 -27.83 34.40 5.85
CA ASN D 651 -27.65 34.46 7.30
C ASN D 651 -27.46 35.90 7.73
N ALA D 652 -28.33 36.40 8.59
CA ALA D 652 -28.26 37.82 8.94
C ALA D 652 -29.10 38.09 10.18
N LYS D 653 -28.79 39.19 10.85
CA LYS D 653 -29.53 39.63 12.02
C LYS D 653 -30.29 40.90 11.69
N ILE D 654 -31.59 40.90 11.98
CA ILE D 654 -32.45 42.02 11.63
C ILE D 654 -33.44 42.35 12.74
N LEU D 655 -33.94 43.58 12.70
CA LEU D 655 -34.94 44.07 13.65
C LEU D 655 -36.27 44.21 12.94
N VAL D 656 -37.33 43.61 13.48
CA VAL D 656 -38.68 43.77 12.94
C VAL D 656 -39.71 43.80 14.05
N ASN D 657 -40.85 44.46 13.80
CA ASN D 657 -41.91 44.32 14.77
C ASN D 657 -42.58 42.96 14.57
N ASP D 658 -43.36 42.56 15.56
CA ASP D 658 -44.00 41.25 15.48
C ASP D 658 -44.93 41.15 14.28
N GLY D 659 -45.68 42.19 14.00
CA GLY D 659 -46.63 42.10 12.92
C GLY D 659 -46.04 42.37 11.56
N GLU D 660 -44.72 42.38 11.45
CA GLU D 660 -44.06 42.87 10.25
C GLU D 660 -43.18 41.80 9.62
N THR D 661 -43.17 41.77 8.29
CA THR D 661 -42.36 40.86 7.53
C THR D 661 -41.37 41.64 6.70
N ILE D 662 -40.13 41.20 6.67
CA ILE D 662 -39.17 41.84 5.79
C ILE D 662 -38.50 40.78 4.94
N VAL D 663 -37.81 41.26 3.91
CA VAL D 663 -37.06 40.40 3.01
C VAL D 663 -35.70 40.28 3.64
N ILE D 664 -35.39 39.11 4.18
CA ILE D 664 -34.04 38.96 4.71
C ILE D 664 -33.06 39.13 3.58
N GLY D 665 -33.40 38.54 2.44
CA GLY D 665 -32.61 38.66 1.24
C GLY D 665 -33.39 38.08 0.09
N GLY D 666 -32.89 38.36 -1.11
CA GLY D 666 -33.46 37.78 -2.30
C GLY D 666 -32.53 38.04 -3.45
N VAL D 667 -32.70 37.26 -4.51
CA VAL D 667 -31.94 37.48 -5.73
C VAL D 667 -32.80 37.18 -6.95
N PHE D 668 -32.76 38.07 -7.93
CA PHE D 668 -33.39 37.86 -9.22
C PHE D 668 -32.32 37.65 -10.28
N SER D 669 -32.41 36.53 -10.98
CA SER D 669 -31.52 36.23 -12.09
C SER D 669 -32.28 36.34 -13.40
N ASN D 670 -31.92 37.34 -14.20
CA ASN D 670 -32.59 37.59 -15.48
C ASN D 670 -31.65 37.18 -16.61
N GLU D 671 -31.98 36.09 -17.29
CA GLU D 671 -31.18 35.60 -18.41
C GLU D 671 -31.86 35.99 -19.71
N GLN D 672 -31.16 36.75 -20.55
CA GLN D 672 -31.68 37.10 -21.86
C GLN D 672 -30.68 36.66 -22.92
N SER D 673 -31.06 35.67 -23.72
CA SER D 673 -30.17 35.13 -24.74
C SER D 673 -30.81 35.26 -26.11
N LYS D 674 -30.08 35.82 -27.06
CA LYS D 674 -30.53 35.92 -28.43
C LYS D 674 -29.44 35.39 -29.34
N SER D 675 -29.80 34.52 -30.28
CA SER D 675 -28.84 33.94 -31.21
C SER D 675 -29.47 33.97 -32.60
N VAL D 676 -28.78 34.58 -33.55
CA VAL D 676 -29.24 34.60 -34.93
C VAL D 676 -28.17 34.00 -35.83
N GLU D 677 -28.59 33.03 -36.64
CA GLU D 677 -27.70 32.34 -37.56
C GLU D 677 -28.25 32.49 -38.97
N LYS D 678 -27.43 33.01 -39.89
CA LYS D 678 -27.96 33.30 -41.22
C LYS D 678 -26.91 33.16 -42.31
N VAL D 679 -27.26 32.43 -43.36
CA VAL D 679 -26.43 32.52 -44.56
C VAL D 679 -26.51 33.96 -45.06
N PRO D 680 -25.40 34.64 -45.34
CA PRO D 680 -25.51 36.08 -45.60
C PRO D 680 -26.37 36.49 -46.78
N PHE D 681 -26.17 35.90 -47.97
CA PHE D 681 -26.91 36.39 -49.12
C PHE D 681 -28.40 36.11 -48.99
N LEU D 682 -28.74 34.86 -48.66
CA LEU D 682 -30.15 34.50 -48.51
C LEU D 682 -30.74 35.12 -47.27
N GLY D 683 -29.94 35.22 -46.20
CA GLY D 683 -30.42 35.86 -44.99
C GLY D 683 -30.84 37.29 -45.24
N GLU D 684 -30.15 37.97 -46.16
CA GLU D 684 -30.47 39.34 -46.48
C GLU D 684 -31.89 39.49 -47.02
N LEU D 685 -32.34 38.53 -47.83
CA LEU D 685 -33.66 38.62 -48.43
C LEU D 685 -34.75 38.75 -47.38
N PRO D 686 -35.68 39.69 -47.53
CA PRO D 686 -36.72 39.85 -46.50
C PRO D 686 -37.64 38.66 -46.39
N TYR D 687 -38.07 38.09 -47.52
CA TYR D 687 -39.03 37.00 -47.49
C TYR D 687 -38.35 35.66 -47.32
N LEU D 688 -37.05 35.60 -47.60
CA LEU D 688 -36.31 34.36 -47.52
C LEU D 688 -35.34 34.38 -46.37
N GLY D 689 -35.10 35.54 -45.78
CA GLY D 689 -34.23 35.57 -44.62
C GLY D 689 -34.83 34.75 -43.51
N ARG D 690 -36.15 34.88 -43.32
CA ARG D 690 -36.81 34.04 -42.34
C ARG D 690 -36.58 32.58 -42.69
N LEU D 691 -36.54 32.30 -43.98
CA LEU D 691 -36.28 30.95 -44.49
C LEU D 691 -34.81 30.66 -44.50
N PHE D 692 -33.97 31.63 -44.16
CA PHE D 692 -32.54 31.41 -44.12
C PHE D 692 -31.87 32.04 -42.90
N ARG D 693 -32.63 32.44 -41.89
CA ARG D 693 -32.09 32.93 -40.63
C ARG D 693 -32.58 32.01 -39.53
N ARG D 694 -31.65 31.41 -38.81
CA ARG D 694 -31.96 30.48 -37.74
C ARG D 694 -31.91 31.24 -36.43
N ASP D 695 -33.07 31.43 -35.83
CA ASP D 695 -33.19 32.27 -34.66
C ASP D 695 -33.45 31.45 -33.41
N THR D 696 -32.63 31.64 -32.39
CA THR D 696 -32.89 31.07 -31.08
C THR D 696 -32.90 32.20 -30.07
N VAL D 697 -34.03 32.42 -29.44
CA VAL D 697 -34.15 33.43 -28.40
C VAL D 697 -34.64 32.75 -27.14
N THR D 698 -33.90 32.90 -26.05
CA THR D 698 -34.28 32.31 -24.78
C THR D 698 -34.24 33.36 -23.68
N ASP D 699 -35.33 33.49 -22.94
CA ASP D 699 -35.41 34.35 -21.77
C ASP D 699 -35.75 33.45 -20.60
N ARG D 700 -34.81 33.32 -19.66
CA ARG D 700 -35.05 32.55 -18.45
C ARG D 700 -34.83 33.49 -17.28
N LYS D 701 -35.86 33.69 -16.47
CA LYS D 701 -35.69 34.53 -15.30
C LYS D 701 -36.15 33.78 -14.07
N ASN D 702 -35.21 33.53 -13.16
CA ASN D 702 -35.50 32.86 -11.90
C ASN D 702 -35.15 33.81 -10.77
N GLU D 703 -36.10 34.01 -9.87
CA GLU D 703 -35.87 34.83 -8.70
C GLU D 703 -36.16 34.03 -7.44
N LEU D 704 -35.32 34.19 -6.43
CA LEU D 704 -35.53 33.57 -5.13
C LEU D 704 -35.55 34.64 -4.05
N LEU D 705 -36.55 34.59 -3.16
CA LEU D 705 -36.63 35.57 -2.08
C LEU D 705 -37.07 34.90 -0.78
N VAL D 706 -36.48 35.33 0.34
CA VAL D 706 -36.87 34.83 1.65
C VAL D 706 -37.44 35.95 2.53
N PHE D 707 -38.68 35.75 3.01
CA PHE D 707 -39.30 36.68 3.93
C PHE D 707 -39.27 36.14 5.35
N LEU D 708 -39.57 37.01 6.32
CA LEU D 708 -39.73 36.54 7.69
C LEU D 708 -40.69 37.43 8.45
N THR D 709 -41.51 36.78 9.30
CA THR D 709 -42.40 37.44 10.27
C THR D 709 -42.40 36.73 11.63
N PRO D 710 -42.13 37.43 12.71
CA PRO D 710 -42.22 36.78 14.02
C PRO D 710 -43.50 37.17 14.75
N ARG D 711 -44.30 36.21 15.17
CA ARG D 711 -45.48 36.49 15.99
C ARG D 711 -45.15 36.05 17.41
N ILE D 712 -45.02 37.00 18.33
CA ILE D 712 -44.61 36.62 19.66
C ILE D 712 -45.66 35.69 20.25
N MET D 713 -45.19 34.57 20.78
CA MET D 713 -46.12 33.62 21.36
C MET D 713 -46.41 33.99 22.80
N ASN D 714 -45.68 34.97 23.34
CA ASN D 714 -46.00 35.49 24.66
C ASN D 714 -47.38 36.10 24.67
N ASN D 715 -47.84 36.61 23.53
CA ASN D 715 -49.17 37.21 23.48
C ASN D 715 -50.18 36.20 23.97
N GLN D 716 -49.89 34.93 23.72
CA GLN D 716 -50.71 33.85 24.21
C GLN D 716 -50.11 33.25 25.46
N ALA D 717 -48.78 33.21 25.51
CA ALA D 717 -48.08 32.62 26.66
C ALA D 717 -48.22 33.48 27.90
N ILE D 718 -48.24 34.80 27.76
CA ILE D 718 -48.45 35.65 28.93
C ILE D 718 -49.88 35.50 29.42
N ALA D 719 -50.84 35.47 28.50
CA ALA D 719 -52.23 35.25 28.90
C ALA D 719 -52.42 33.81 29.34
N ILE D 720 -51.46 32.95 29.01
CA ILE D 720 -51.39 31.57 29.47
C ILE D 720 -50.22 31.35 30.43
N LEU E 385 -25.85 54.82 48.92
CA LEU E 385 -25.91 54.18 47.62
C LEU E 385 -27.30 53.62 47.40
N ARG E 386 -27.76 53.62 46.16
CA ARG E 386 -29.11 53.18 45.80
C ARG E 386 -29.02 52.02 44.82
N ARG E 387 -29.88 51.03 45.02
CA ARG E 387 -30.00 49.89 44.12
C ARG E 387 -31.09 50.18 43.10
N GLU E 388 -30.73 50.12 41.81
CA GLU E 388 -31.68 50.39 40.74
C GLU E 388 -31.61 49.31 39.68
N LEU E 389 -32.78 48.89 39.18
CA LEU E 389 -32.87 47.92 38.10
C LEU E 389 -33.17 48.62 36.78
N ILE E 390 -32.29 48.46 35.80
CA ILE E 390 -32.51 48.99 34.46
C ILE E 390 -32.39 47.83 33.49
N GLN E 391 -33.34 47.73 32.57
CA GLN E 391 -33.34 46.66 31.58
C GLN E 391 -32.85 47.23 30.25
N VAL E 392 -31.84 46.58 29.67
CA VAL E 392 -31.28 47.02 28.40
C VAL E 392 -31.58 45.95 27.35
N ASN E 393 -32.52 46.26 26.46
CA ASN E 393 -32.82 45.33 25.38
C ASN E 393 -31.81 45.43 24.23
N TYR E 394 -31.39 46.65 23.88
CA TYR E 394 -30.52 46.77 22.73
C TYR E 394 -29.07 46.67 23.10
N ALA E 395 -28.77 46.71 24.39
CA ALA E 395 -27.41 46.70 24.90
C ALA E 395 -27.17 45.43 25.72
N LYS E 396 -26.05 44.77 25.46
CA LYS E 396 -25.70 43.62 26.25
C LYS E 396 -25.43 44.06 27.69
N ALA E 397 -25.87 43.22 28.65
CA ALA E 397 -25.67 43.58 30.06
C ALA E 397 -24.20 43.70 30.40
N ALA E 398 -23.37 42.82 29.84
CA ALA E 398 -21.93 42.92 30.08
C ALA E 398 -21.40 44.26 29.58
N ASP E 399 -21.90 44.72 28.44
CA ASP E 399 -21.47 46.01 27.92
C ASP E 399 -21.80 47.12 28.89
N ILE E 400 -23.00 47.07 29.46
CA ILE E 400 -23.40 48.07 30.46
C ILE E 400 -22.51 47.97 31.67
N ALA E 401 -22.13 46.76 32.05
CA ALA E 401 -21.20 46.60 33.17
C ALA E 401 -19.88 47.29 32.85
N LYS E 402 -19.42 47.15 31.61
CA LYS E 402 -18.19 47.83 31.19
C LYS E 402 -18.37 49.34 31.25
N LEU E 403 -19.55 49.82 30.87
CA LEU E 403 -19.82 51.24 30.97
C LEU E 403 -19.75 51.71 32.42
N PHE E 404 -20.30 50.91 33.33
CA PHE E 404 -20.21 51.26 34.73
C PHE E 404 -18.76 51.22 35.21
N GLN E 405 -17.99 50.27 34.70
CA GLN E 405 -16.58 50.20 35.05
C GLN E 405 -15.88 51.47 34.59
N SER E 406 -16.25 51.95 33.42
CA SER E 406 -15.72 53.22 32.94
C SER E 406 -16.17 54.34 33.86
N VAL E 407 -17.40 54.25 34.35
CA VAL E 407 -17.92 55.25 35.28
C VAL E 407 -17.06 55.27 36.54
N THR E 408 -16.66 54.09 37.01
CA THR E 408 -15.77 54.00 38.15
C THR E 408 -14.40 54.59 37.82
N SER E 409 -13.92 54.36 36.60
CA SER E 409 -12.68 54.96 36.15
C SER E 409 -12.78 56.48 36.17
N ASP E 410 -13.99 57.01 35.97
CA ASP E 410 -14.16 58.46 35.98
C ASP E 410 -13.67 59.05 37.30
N GLY E 411 -13.98 58.38 38.41
CA GLY E 411 -13.48 58.82 39.71
C GLY E 411 -13.51 57.73 40.75
N GLY E 421 -20.97 50.54 44.79
CA GLY E 421 -20.49 50.20 43.46
C GLY E 421 -20.60 48.72 43.15
N SER E 422 -21.82 48.19 43.24
CA SER E 422 -22.10 46.79 43.01
C SER E 422 -22.96 46.63 41.77
N ILE E 423 -22.57 45.71 40.88
CA ILE E 423 -23.25 45.52 39.62
C ILE E 423 -23.77 44.08 39.52
N THR E 424 -25.01 43.92 39.06
CA THR E 424 -25.64 42.63 38.89
C THR E 424 -26.17 42.52 37.48
N VAL E 425 -25.92 41.39 36.82
CA VAL E 425 -26.32 41.18 35.44
C VAL E 425 -27.30 40.02 35.36
N ASP E 426 -28.45 40.26 34.74
CA ASP E 426 -29.44 39.22 34.46
C ASP E 426 -29.39 38.94 32.97
N ASP E 427 -28.91 37.75 32.61
CA ASP E 427 -28.76 37.40 31.21
C ASP E 427 -30.10 37.23 30.53
N ARG E 428 -31.06 36.57 31.18
CA ARG E 428 -32.32 36.25 30.52
C ARG E 428 -33.05 37.52 30.12
N THR E 429 -33.13 38.47 31.04
CA THR E 429 -33.80 39.72 30.75
C THR E 429 -32.84 40.78 30.25
N ASN E 430 -31.53 40.48 30.28
CA ASN E 430 -30.51 41.45 29.92
C ASN E 430 -30.69 42.71 30.77
N SER E 431 -31.01 42.50 32.04
CA SER E 431 -31.31 43.61 32.92
C SER E 431 -30.22 43.72 33.98
N ILE E 432 -29.70 44.91 34.14
CA ILE E 432 -28.60 45.16 35.06
C ILE E 432 -29.14 45.94 36.26
N ILE E 433 -28.87 45.43 37.45
CA ILE E 433 -29.22 46.13 38.68
C ILE E 433 -27.94 46.58 39.34
N ALA E 434 -27.81 47.87 39.58
CA ALA E 434 -26.60 48.40 40.18
C ALA E 434 -26.98 49.09 41.49
N TYR E 435 -26.31 48.72 42.56
CA TYR E 435 -26.46 49.40 43.83
C TYR E 435 -25.19 50.21 44.02
N GLN E 436 -25.30 51.52 43.88
CA GLN E 436 -24.10 52.33 43.89
C GLN E 436 -24.49 53.79 44.10
N PRO E 437 -23.55 54.73 44.18
CA PRO E 437 -23.92 56.13 44.41
C PRO E 437 -24.90 56.61 43.35
N GLN E 438 -25.82 57.48 43.79
CA GLN E 438 -26.89 57.93 42.91
C GLN E 438 -26.35 58.61 41.66
N GLU E 439 -25.32 59.43 41.81
CA GLU E 439 -24.82 60.19 40.67
C GLU E 439 -24.25 59.25 39.60
N ARG E 440 -23.45 58.28 40.02
CA ARG E 440 -22.91 57.31 39.07
C ARG E 440 -24.06 56.54 38.45
N LEU E 441 -25.07 56.23 39.25
CA LEU E 441 -26.24 55.50 38.78
C LEU E 441 -26.91 56.26 37.65
N ASP E 442 -27.10 57.56 37.84
CA ASP E 442 -27.77 58.38 36.85
C ASP E 442 -26.94 58.50 35.59
N GLU E 443 -25.63 58.69 35.74
CA GLU E 443 -24.78 58.82 34.56
C GLU E 443 -24.82 57.53 33.76
N LEU E 444 -24.77 56.40 34.45
CA LEU E 444 -24.81 55.12 33.77
C LEU E 444 -26.15 54.97 33.07
N ARG E 445 -27.21 55.47 33.69
CA ARG E 445 -28.53 55.44 33.07
C ARG E 445 -28.53 56.20 31.76
N ARG E 446 -27.90 57.37 31.73
CA ARG E 446 -27.81 58.11 30.48
C ARG E 446 -27.04 57.33 29.44
N ILE E 447 -25.94 56.70 29.85
CA ILE E 447 -25.19 55.87 28.92
C ILE E 447 -26.07 54.75 28.40
N VAL E 448 -26.92 54.22 29.27
CA VAL E 448 -27.85 53.16 28.89
C VAL E 448 -28.80 53.67 27.83
N SER E 449 -29.29 54.89 28.01
CA SER E 449 -30.21 55.47 27.05
C SER E 449 -29.54 55.61 25.69
N GLN E 450 -28.29 56.04 25.69
CA GLN E 450 -27.57 56.15 24.42
C GLN E 450 -27.34 54.79 23.78
N LEU E 451 -26.92 53.81 24.58
CA LEU E 451 -26.58 52.49 24.06
C LEU E 451 -27.80 51.74 23.53
N ASP E 452 -28.93 51.83 24.23
CA ASP E 452 -30.11 51.05 23.83
C ASP E 452 -30.78 51.79 22.66
N ILE E 453 -30.04 51.84 21.56
CA ILE E 453 -30.49 52.50 20.35
C ILE E 453 -30.65 51.44 19.26
N PRO E 454 -31.73 51.50 18.47
CA PRO E 454 -31.94 50.46 17.47
C PRO E 454 -30.84 50.46 16.42
N VAL E 455 -30.31 49.27 16.15
CA VAL E 455 -29.32 49.14 15.10
C VAL E 455 -29.99 49.34 13.76
N ARG E 456 -29.36 50.12 12.88
CA ARG E 456 -29.97 50.48 11.61
C ARG E 456 -29.65 49.46 10.53
N GLN E 457 -30.69 48.78 10.05
CA GLN E 457 -30.56 47.86 8.93
C GLN E 457 -30.61 48.62 7.63
N VAL E 458 -29.85 48.17 6.65
CA VAL E 458 -29.85 48.72 5.31
C VAL E 458 -30.01 47.59 4.31
N MET E 459 -30.80 47.83 3.28
CA MET E 459 -30.98 46.87 2.19
C MET E 459 -29.93 47.17 1.15
N ILE E 460 -29.03 46.22 0.92
CA ILE E 460 -27.93 46.38 -0.01
C ILE E 460 -28.31 45.62 -1.26
N GLU E 461 -28.32 46.31 -2.40
CA GLU E 461 -28.65 45.69 -3.66
C GLU E 461 -27.48 45.88 -4.61
N ALA E 462 -26.73 44.82 -4.85
CA ALA E 462 -25.64 44.85 -5.81
C ALA E 462 -26.03 43.96 -6.98
N ARG E 463 -26.06 44.52 -8.18
CA ARG E 463 -26.52 43.76 -9.33
C ARG E 463 -25.40 43.55 -10.34
N ILE E 464 -25.36 42.35 -10.89
CA ILE E 464 -24.36 41.94 -11.86
C ILE E 464 -24.98 41.92 -13.24
N VAL E 465 -24.34 42.61 -14.18
CA VAL E 465 -24.80 42.67 -15.56
C VAL E 465 -23.70 42.10 -16.46
N GLU E 466 -24.05 41.08 -17.22
CA GLU E 466 -23.13 40.48 -18.19
C GLU E 466 -23.72 40.63 -19.59
N ALA E 467 -22.96 41.22 -20.50
CA ALA E 467 -23.38 41.37 -21.88
C ALA E 467 -22.35 40.72 -22.80
N ASN E 468 -22.80 39.81 -23.66
CA ASN E 468 -21.93 39.16 -24.62
C ASN E 468 -22.49 39.37 -26.01
N VAL E 469 -21.71 39.97 -26.89
CA VAL E 469 -22.09 40.12 -28.28
C VAL E 469 -21.04 39.43 -29.13
N GLY E 470 -21.46 38.47 -29.93
CA GLY E 470 -20.53 37.76 -30.79
C GLY E 470 -20.94 37.70 -32.24
N TYR E 471 -20.10 38.20 -33.15
CA TYR E 471 -20.35 38.05 -34.58
C TYR E 471 -19.15 37.36 -35.21
N ASP E 472 -19.38 36.19 -35.81
CA ASP E 472 -18.30 35.45 -36.45
C ASP E 472 -18.73 35.04 -37.85
N LYS E 473 -17.93 35.37 -38.85
CA LYS E 473 -18.20 34.96 -40.21
C LYS E 473 -17.01 34.22 -40.80
N SER E 474 -17.26 33.05 -41.39
CA SER E 474 -16.21 32.27 -42.02
C SER E 474 -16.62 31.89 -43.44
N LEU E 475 -15.76 32.17 -44.40
CA LEU E 475 -15.97 31.80 -45.79
C LEU E 475 -14.79 30.98 -46.28
N GLY E 476 -15.07 29.74 -46.68
CA GLY E 476 -14.17 28.80 -47.32
C GLY E 476 -14.51 28.66 -48.79
N VAL E 477 -13.59 29.05 -49.66
CA VAL E 477 -13.81 29.04 -51.10
C VAL E 477 -12.96 27.94 -51.71
N ARG E 478 -13.59 27.06 -52.49
CA ARG E 478 -12.94 25.84 -52.95
C ARG E 478 -13.12 25.64 -54.44
N TRP E 479 -12.04 25.35 -55.14
CA TRP E 479 -12.07 25.12 -56.59
C TRP E 479 -11.35 23.82 -56.90
N GLY E 480 -12.08 22.72 -57.04
CA GLY E 480 -11.42 21.44 -57.25
C GLY E 480 -11.79 20.72 -58.52
N GLY E 481 -10.80 20.44 -59.36
CA GLY E 481 -10.99 19.62 -60.52
C GLY E 481 -9.90 18.57 -60.61
N ALA E 482 -10.25 17.30 -60.62
CA ALA E 482 -9.23 16.26 -60.82
C ALA E 482 -9.09 15.88 -62.28
N TYR E 483 -9.94 16.43 -63.15
CA TYR E 483 -9.92 16.04 -64.55
C TYR E 483 -8.58 16.43 -65.14
N HIS E 484 -8.15 17.66 -64.91
CA HIS E 484 -6.85 18.12 -65.35
C HIS E 484 -5.91 18.36 -64.16
N LYS E 485 -6.24 17.80 -63.01
CA LYS E 485 -5.44 17.93 -61.77
C LYS E 485 -5.21 19.38 -61.34
N GLY E 486 -6.27 20.17 -61.36
CA GLY E 486 -6.18 21.51 -60.81
C GLY E 486 -7.15 21.69 -59.65
N ASN E 487 -6.67 21.74 -58.42
CA ASN E 487 -7.59 21.80 -57.28
C ASN E 487 -6.96 22.59 -56.13
N TRP E 488 -7.59 23.69 -55.81
CA TRP E 488 -7.19 24.57 -54.72
C TRP E 488 -8.23 24.46 -53.62
N SER E 489 -7.76 24.17 -52.42
CA SER E 489 -8.62 23.92 -51.27
C SER E 489 -8.83 25.18 -50.45
N GLY E 490 -10.04 25.32 -49.91
CA GLY E 490 -10.33 26.41 -49.03
C GLY E 490 -9.75 26.16 -47.66
N TYR E 491 -9.94 27.10 -46.79
CA TYR E 491 -9.49 26.85 -45.43
C TYR E 491 -10.52 27.20 -44.37
N GLY E 492 -11.23 28.32 -44.50
CA GLY E 492 -12.27 28.62 -43.52
C GLY E 492 -13.30 27.52 -43.49
N LYS E 493 -13.74 27.09 -44.67
CA LYS E 493 -14.57 25.90 -44.83
C LYS E 493 -13.87 25.16 -45.99
N ASP E 494 -12.77 24.49 -45.65
CA ASP E 494 -11.86 23.89 -46.63
C ASP E 494 -12.56 23.00 -47.65
N GLY E 495 -12.21 23.18 -48.92
CA GLY E 495 -12.72 22.31 -49.95
C GLY E 495 -11.75 22.04 -51.08
N ASN E 496 -11.40 20.78 -51.31
CA ASN E 496 -10.49 20.39 -52.41
C ASN E 496 -11.13 19.21 -53.11
N ILE E 497 -11.90 19.53 -54.14
CA ILE E 497 -12.72 18.58 -54.85
C ILE E 497 -11.88 17.59 -55.65
N GLY E 498 -10.56 17.74 -55.65
CA GLY E 498 -9.73 16.73 -56.27
C GLY E 498 -9.85 15.40 -55.53
N ILE E 499 -9.78 15.45 -54.20
CA ILE E 499 -9.98 14.24 -53.41
C ILE E 499 -11.45 13.82 -53.51
N LYS E 500 -12.35 14.77 -53.71
CA LYS E 500 -13.74 14.43 -53.89
C LYS E 500 -13.90 13.64 -55.18
N ASP E 501 -13.13 14.01 -56.19
CA ASP E 501 -13.11 13.24 -57.41
C ASP E 501 -12.56 11.86 -57.14
N GLU E 502 -11.59 11.77 -56.22
CA GLU E 502 -11.10 10.46 -55.82
C GLU E 502 -12.23 9.62 -55.22
N ASP E 503 -13.03 10.24 -54.35
CA ASP E 503 -14.14 9.55 -53.74
C ASP E 503 -15.16 9.14 -54.80
N GLY E 504 -15.38 10.02 -55.78
CA GLY E 504 -16.27 9.67 -56.87
C GLY E 504 -15.75 8.50 -57.67
N MET E 505 -14.44 8.49 -57.93
CA MET E 505 -13.84 7.38 -58.64
C MET E 505 -14.08 6.11 -57.85
N ASN E 506 -14.11 6.22 -56.53
CA ASN E 506 -14.49 5.10 -55.69
C ASN E 506 -15.94 4.71 -55.97
N CYS E 507 -16.80 5.70 -56.20
CA CYS E 507 -18.19 5.43 -56.55
C CYS E 507 -18.31 4.61 -57.83
N GLY E 508 -17.46 4.87 -58.83
CA GLY E 508 -17.45 4.06 -60.02
C GLY E 508 -17.46 4.66 -61.43
N PRO E 509 -17.29 5.98 -61.60
CA PRO E 509 -17.24 6.52 -62.95
C PRO E 509 -15.95 6.20 -63.66
N ILE E 510 -15.99 6.32 -64.99
CA ILE E 510 -14.84 6.10 -65.85
C ILE E 510 -14.13 7.44 -66.06
N ALA E 511 -12.91 7.59 -65.54
CA ALA E 511 -12.11 8.78 -65.78
C ALA E 511 -10.81 8.39 -66.47
N GLY E 512 -10.56 8.98 -67.64
CA GLY E 512 -9.34 8.74 -68.42
C GLY E 512 -8.59 10.03 -68.73
N SER E 513 -7.29 10.09 -68.43
CA SER E 513 -6.50 11.28 -68.74
C SER E 513 -5.08 10.87 -69.12
N CYS E 514 -4.75 10.93 -70.41
CA CYS E 514 -3.43 10.49 -70.84
C CYS E 514 -2.40 11.61 -70.87
N THR E 515 -2.84 12.87 -70.94
CA THR E 515 -1.98 14.03 -70.96
C THR E 515 -2.78 15.13 -70.30
N PHE E 516 -2.12 16.23 -69.94
CA PHE E 516 -2.88 17.32 -69.36
C PHE E 516 -3.96 17.85 -70.31
N PRO E 517 -3.74 17.97 -71.63
CA PRO E 517 -4.85 18.40 -72.49
C PRO E 517 -6.02 17.42 -72.52
N THR E 518 -5.75 16.12 -72.49
CA THR E 518 -6.77 15.10 -72.72
C THR E 518 -7.23 14.41 -71.45
N THR E 519 -8.52 14.53 -71.16
CA THR E 519 -9.17 13.85 -70.05
C THR E 519 -10.65 13.72 -70.40
N GLY E 520 -11.33 12.78 -69.76
CA GLY E 520 -12.76 12.59 -69.91
C GLY E 520 -13.31 11.64 -68.87
N THR E 521 -14.47 11.94 -68.30
CA THR E 521 -15.06 11.00 -67.35
C THR E 521 -16.57 10.91 -67.58
N SER E 522 -17.11 9.74 -67.28
CA SER E 522 -18.54 9.46 -67.42
C SER E 522 -19.03 8.65 -66.24
N LYS E 523 -20.35 8.60 -66.06
CA LYS E 523 -21.00 7.82 -65.00
C LYS E 523 -20.55 8.27 -63.62
N SER E 524 -20.47 9.59 -63.42
CA SER E 524 -20.01 10.14 -62.16
C SER E 524 -21.19 10.36 -61.22
N PRO E 525 -21.30 9.62 -60.12
CA PRO E 525 -22.34 9.88 -59.12
C PRO E 525 -21.84 10.70 -57.94
N SER E 526 -20.57 11.07 -57.95
CA SER E 526 -19.97 11.79 -56.83
C SER E 526 -20.59 13.15 -56.56
N PRO E 527 -20.92 13.97 -57.56
CA PRO E 527 -21.39 15.32 -57.21
C PRO E 527 -22.63 15.35 -56.34
N PHE E 528 -23.68 14.62 -56.68
CA PHE E 528 -24.90 14.73 -55.91
C PHE E 528 -24.74 14.23 -54.47
N VAL E 529 -23.97 13.17 -54.24
CA VAL E 529 -23.87 12.68 -52.87
C VAL E 529 -22.70 13.35 -52.14
N ASP E 530 -21.54 13.35 -52.77
CA ASP E 530 -20.35 13.88 -52.12
C ASP E 530 -20.49 15.37 -51.84
N LEU E 531 -20.96 16.14 -52.83
CA LEU E 531 -21.16 17.56 -52.61
C LEU E 531 -22.22 17.82 -51.55
N GLY E 532 -23.32 17.07 -51.57
CA GLY E 532 -24.37 17.32 -50.60
C GLY E 532 -23.88 17.15 -49.17
N ALA E 533 -23.20 16.04 -48.89
CA ALA E 533 -22.74 15.81 -47.52
C ALA E 533 -21.59 16.72 -47.18
N LYS E 534 -20.59 16.80 -48.06
CA LYS E 534 -19.39 17.56 -47.78
C LYS E 534 -19.76 19.02 -47.57
N ASP E 535 -20.72 19.51 -48.36
CA ASP E 535 -21.12 20.90 -48.39
C ASP E 535 -22.32 21.15 -47.52
N ALA E 536 -22.66 20.20 -46.65
CA ALA E 536 -23.83 20.35 -45.80
C ALA E 536 -23.70 21.59 -44.90
N THR E 537 -22.48 21.96 -44.52
CA THR E 537 -22.26 23.04 -43.56
C THR E 537 -22.92 24.32 -44.04
N SER E 538 -23.37 25.12 -43.07
CA SER E 538 -24.11 26.37 -43.22
C SER E 538 -24.52 26.64 -44.66
N GLY E 539 -23.80 27.53 -45.35
CA GLY E 539 -24.18 27.94 -46.68
C GLY E 539 -23.17 27.41 -47.68
N ILE E 540 -23.67 26.80 -48.74
CA ILE E 540 -22.81 26.30 -49.80
C ILE E 540 -23.44 26.53 -51.16
N GLY E 541 -22.62 26.92 -52.11
CA GLY E 541 -23.04 27.00 -53.49
C GLY E 541 -22.11 26.13 -54.31
N ILE E 542 -22.64 25.17 -55.08
CA ILE E 542 -21.81 24.29 -55.90
C ILE E 542 -22.11 24.51 -57.38
N GLY E 543 -21.06 24.61 -58.18
CA GLY E 543 -21.18 24.63 -59.63
C GLY E 543 -20.27 23.55 -60.18
N PHE E 544 -20.79 22.61 -60.95
CA PHE E 544 -19.96 21.50 -61.39
C PHE E 544 -20.07 21.25 -62.89
N ILE E 545 -18.92 21.03 -63.52
CA ILE E 545 -18.85 20.52 -64.89
C ILE E 545 -18.17 19.17 -64.80
N THR E 546 -18.64 18.20 -65.57
CA THR E 546 -17.94 16.93 -65.58
C THR E 546 -17.63 16.40 -66.97
N ASP E 547 -18.54 16.65 -67.90
CA ASP E 547 -18.45 16.03 -69.21
C ASP E 547 -17.26 16.53 -70.02
N ASN E 548 -17.16 17.85 -70.18
CA ASN E 548 -16.02 18.42 -70.89
C ASN E 548 -14.78 18.39 -70.01
N ILE E 549 -14.93 18.84 -68.76
CA ILE E 549 -13.88 18.91 -67.76
C ILE E 549 -14.62 18.72 -66.45
N ILE E 550 -13.96 18.23 -65.42
CA ILE E 550 -14.63 18.19 -64.12
C ILE E 550 -14.08 19.35 -63.30
N LEU E 551 -14.91 20.35 -63.09
CA LEU E 551 -14.55 21.52 -62.30
C LEU E 551 -15.67 21.75 -61.31
N ASP E 552 -15.37 21.55 -60.02
CA ASP E 552 -16.35 21.72 -58.97
C ASP E 552 -15.95 22.96 -58.17
N LEU E 553 -16.81 23.95 -58.15
CA LEU E 553 -16.52 25.23 -57.51
C LEU E 553 -17.56 25.49 -56.44
N GLN E 554 -17.15 25.46 -55.17
CA GLN E 554 -18.07 25.63 -54.07
C GLN E 554 -17.69 26.87 -53.26
N LEU E 555 -18.71 27.57 -52.78
CA LEU E 555 -18.53 28.69 -51.87
C LEU E 555 -19.24 28.34 -50.59
N SER E 556 -18.49 28.23 -49.49
CA SER E 556 -19.04 27.82 -48.21
C SER E 556 -18.95 28.96 -47.19
N ALA E 557 -20.08 29.50 -46.79
CA ALA E 557 -20.11 30.66 -45.91
C ALA E 557 -21.02 30.45 -44.72
N MET E 558 -20.56 30.88 -43.54
CA MET E 558 -21.32 30.80 -42.29
C MET E 558 -21.23 32.14 -41.58
N GLU E 559 -22.37 32.66 -41.14
CA GLU E 559 -22.40 33.88 -40.34
C GLU E 559 -23.20 33.65 -39.07
N LYS E 560 -22.60 33.89 -37.91
CA LYS E 560 -23.25 33.66 -36.63
C LYS E 560 -23.26 34.93 -35.81
N THR E 561 -24.43 35.26 -35.26
CA THR E 561 -24.54 36.39 -34.34
C THR E 561 -25.27 35.93 -33.09
N GLY E 562 -24.64 36.16 -31.94
CA GLY E 562 -25.25 35.81 -30.67
C GLY E 562 -25.21 36.93 -29.67
N ASN E 563 -26.33 37.29 -29.07
CA ASN E 563 -26.35 38.30 -28.02
C ASN E 563 -26.92 37.67 -26.76
N GLY E 564 -26.14 37.69 -25.69
CA GLY E 564 -26.56 37.16 -24.40
C GLY E 564 -26.50 38.20 -23.30
N GLU E 565 -27.60 38.42 -22.59
CA GLU E 565 -27.63 39.33 -21.46
C GLU E 565 -28.04 38.58 -20.21
N ILE E 566 -27.23 38.68 -19.16
CA ILE E 566 -27.54 38.08 -17.87
C ILE E 566 -27.59 39.18 -16.82
N VAL E 567 -28.71 39.29 -16.13
CA VAL E 567 -28.89 40.30 -15.09
C VAL E 567 -29.27 39.58 -13.81
N SER E 568 -28.38 39.62 -12.82
CA SER E 568 -28.63 38.94 -11.55
C SER E 568 -28.52 39.95 -10.42
N GLN E 569 -29.54 40.04 -9.58
CA GLN E 569 -29.50 41.01 -8.49
C GLN E 569 -29.86 40.42 -7.14
N PRO E 570 -28.91 40.26 -6.24
CA PRO E 570 -29.25 39.88 -4.86
C PRO E 570 -29.34 41.05 -3.90
N LYS E 571 -30.40 41.11 -3.11
CA LYS E 571 -30.63 42.18 -2.15
C LYS E 571 -30.62 41.61 -0.74
N VAL E 572 -29.79 42.19 0.14
CA VAL E 572 -29.64 41.71 1.52
C VAL E 572 -29.88 42.85 2.50
N VAL E 573 -30.67 42.60 3.53
CA VAL E 573 -30.89 43.59 4.59
C VAL E 573 -30.00 43.24 5.77
N THR E 574 -29.16 44.19 6.19
CA THR E 574 -28.17 43.93 7.22
C THR E 574 -28.22 44.98 8.32
N SER E 575 -27.91 44.54 9.54
CA SER E 575 -27.80 45.48 10.64
C SER E 575 -26.50 46.27 10.52
N ASP E 576 -26.46 47.43 11.15
CA ASP E 576 -25.34 48.33 10.99
C ASP E 576 -24.10 47.76 11.66
N LYS E 577 -22.98 47.78 10.93
CA LYS E 577 -21.68 47.31 11.40
C LYS E 577 -21.62 45.80 11.52
N GLU E 578 -22.59 45.10 10.95
CA GLU E 578 -22.65 43.66 11.06
C GLU E 578 -22.52 43.04 9.68
N THR E 579 -21.91 41.86 9.63
CA THR E 579 -21.78 41.14 8.38
C THR E 579 -23.04 40.36 8.06
N ALA E 580 -23.41 40.36 6.78
CA ALA E 580 -24.50 39.53 6.30
C ALA E 580 -24.13 38.95 4.97
N LYS E 581 -24.74 37.82 4.64
CA LYS E 581 -24.41 37.14 3.40
C LYS E 581 -25.66 36.64 2.70
N ILE E 582 -25.58 36.62 1.38
CA ILE E 582 -26.59 35.97 0.55
C ILE E 582 -25.83 35.04 -0.37
N LEU E 583 -26.30 33.82 -0.49
CA LEU E 583 -25.62 32.84 -1.32
C LEU E 583 -26.64 32.06 -2.12
N LYS E 584 -26.43 31.96 -3.43
CA LYS E 584 -27.26 31.15 -4.30
C LYS E 584 -26.39 30.42 -5.30
N GLY E 585 -26.44 29.10 -5.29
CA GLY E 585 -25.54 28.35 -6.16
C GLY E 585 -25.40 26.93 -5.64
N SER E 586 -24.24 26.34 -5.92
CA SER E 586 -24.04 24.94 -5.56
C SER E 586 -22.59 24.68 -5.21
N GLU E 587 -22.33 23.82 -4.22
CA GLU E 587 -20.96 23.63 -3.73
C GLU E 587 -20.40 22.32 -4.27
N VAL E 588 -19.51 22.43 -5.23
CA VAL E 588 -18.85 21.20 -5.69
C VAL E 588 -17.92 20.72 -4.59
N PRO E 589 -17.95 19.45 -4.27
CA PRO E 589 -17.04 18.87 -3.31
C PRO E 589 -15.89 18.20 -4.02
N TYR E 590 -14.81 17.98 -3.29
CA TYR E 590 -13.66 17.23 -3.74
C TYR E 590 -13.46 16.11 -2.74
N GLN E 591 -13.44 14.88 -3.22
CA GLN E 591 -13.17 13.77 -2.32
C GLN E 591 -11.66 13.67 -2.17
N GLU E 592 -11.12 14.25 -1.10
CA GLU E 592 -9.69 14.22 -0.86
C GLU E 592 -9.50 13.66 0.53
N ALA E 593 -9.78 12.38 0.70
CA ALA E 593 -9.49 11.80 1.99
C ALA E 593 -8.03 11.38 1.92
N SER E 594 -7.15 12.26 2.36
CA SER E 594 -5.75 11.92 2.42
C SER E 594 -5.68 11.06 3.66
N SER E 595 -5.09 9.89 3.52
CA SER E 595 -5.20 8.86 4.54
C SER E 595 -4.75 9.34 5.91
N SER E 596 -3.63 10.03 6.03
CA SER E 596 -3.22 10.30 7.41
C SER E 596 -3.93 11.46 8.06
N GLY E 597 -5.19 11.22 8.36
CA GLY E 597 -5.83 12.22 9.15
C GLY E 597 -6.20 13.50 8.47
N ALA E 598 -6.16 13.57 7.14
CA ALA E 598 -6.65 14.80 6.53
C ALA E 598 -7.78 14.43 5.59
N THR E 599 -8.99 14.47 6.09
CA THR E 599 -10.14 14.27 5.23
C THR E 599 -10.59 15.64 4.76
N SER E 600 -10.25 16.01 3.55
CA SER E 600 -10.78 17.25 3.04
C SER E 600 -11.86 16.80 2.09
N THR E 601 -13.08 16.86 2.59
CA THR E 601 -14.21 16.70 1.70
C THR E 601 -14.32 18.14 1.25
N SER E 602 -13.44 18.49 0.33
CA SER E 602 -13.36 19.87 -0.07
C SER E 602 -14.67 20.27 -0.69
N PHE E 603 -14.96 21.55 -0.63
CA PHE E 603 -16.14 22.03 -1.31
C PHE E 603 -15.92 23.50 -1.58
N LYS E 604 -16.70 24.00 -2.50
CA LYS E 604 -16.67 25.42 -2.80
C LYS E 604 -17.91 25.65 -3.63
N GLU E 605 -18.70 26.65 -3.28
CA GLU E 605 -19.94 26.85 -4.00
C GLU E 605 -19.77 27.86 -5.11
N ALA E 606 -20.08 27.43 -6.33
CA ALA E 606 -20.12 28.32 -7.46
C ALA E 606 -21.49 28.96 -7.31
N ALA E 607 -21.48 30.24 -6.96
CA ALA E 607 -22.71 30.89 -6.59
C ALA E 607 -22.62 32.39 -6.78
N LEU E 608 -23.79 33.00 -6.78
CA LEU E 608 -23.89 34.44 -6.67
C LEU E 608 -23.93 34.70 -5.17
N SER E 609 -23.12 35.62 -4.70
CA SER E 609 -23.10 35.85 -3.27
C SER E 609 -22.70 37.27 -2.95
N LEU E 610 -23.21 37.75 -1.83
CA LEU E 610 -22.84 39.04 -1.29
C LEU E 610 -22.46 38.87 0.18
N GLU E 611 -21.27 39.31 0.53
CA GLU E 611 -20.85 39.38 1.92
C GLU E 611 -20.62 40.85 2.22
N VAL E 612 -21.50 41.43 3.02
CA VAL E 612 -21.49 42.87 3.24
C VAL E 612 -21.26 43.19 4.70
N THR E 613 -20.43 44.21 4.93
CA THR E 613 -20.19 44.76 6.26
C THR E 613 -20.34 46.27 6.15
N PRO E 614 -21.57 46.76 6.28
CA PRO E 614 -21.84 48.20 6.16
C PRO E 614 -21.56 49.00 7.43
N GLN E 615 -20.92 50.15 7.27
CA GLN E 615 -20.74 51.11 8.35
C GLN E 615 -21.51 52.37 7.96
N ILE E 616 -22.39 52.82 8.83
CA ILE E 616 -23.29 53.92 8.53
C ILE E 616 -22.71 55.23 9.04
N THR E 617 -22.63 56.22 8.18
CA THR E 617 -22.16 57.54 8.57
C THR E 617 -23.39 58.42 8.75
N PRO E 618 -23.29 59.55 9.46
CA PRO E 618 -24.52 60.31 9.70
C PRO E 618 -25.15 60.83 8.43
N ASP E 619 -24.35 61.27 7.47
CA ASP E 619 -24.93 61.92 6.30
C ASP E 619 -25.48 60.90 5.31
N ASN E 620 -26.27 59.96 5.80
CA ASN E 620 -27.00 59.02 4.96
C ASN E 620 -26.10 58.34 3.94
N ARG E 621 -24.94 57.91 4.40
CA ARG E 621 -24.03 57.18 3.52
C ARG E 621 -23.54 55.96 4.26
N ILE E 622 -23.04 55.01 3.49
CA ILE E 622 -22.45 53.81 4.04
C ILE E 622 -21.12 53.55 3.38
N ILE E 623 -20.13 53.26 4.20
CA ILE E 623 -18.89 52.71 3.72
C ILE E 623 -19.00 51.23 4.02
N VAL E 624 -19.03 50.42 2.99
CA VAL E 624 -19.27 48.99 3.20
C VAL E 624 -18.14 48.21 2.60
N GLU E 625 -17.70 47.19 3.32
CA GLU E 625 -16.78 46.22 2.74
C GLU E 625 -17.65 45.11 2.18
N VAL E 626 -17.67 44.98 0.86
CA VAL E 626 -18.52 44.00 0.21
C VAL E 626 -17.71 43.10 -0.69
N LYS E 627 -17.88 41.80 -0.51
CA LYS E 627 -17.37 40.79 -1.42
C LYS E 627 -18.54 40.35 -2.29
N VAL E 628 -18.43 40.53 -3.60
CA VAL E 628 -19.47 40.19 -4.55
C VAL E 628 -18.94 39.12 -5.48
N THR E 629 -19.50 37.93 -5.42
CA THR E 629 -18.98 36.83 -6.22
C THR E 629 -20.05 36.26 -7.13
N LYS E 630 -19.71 36.09 -8.41
CA LYS E 630 -20.56 35.37 -9.34
C LYS E 630 -19.73 34.22 -9.88
N ASP E 631 -20.00 33.01 -9.41
CA ASP E 631 -19.21 31.86 -9.80
C ASP E 631 -20.10 30.82 -10.42
N ALA E 632 -19.69 30.31 -11.57
CA ALA E 632 -20.52 29.34 -12.25
C ALA E 632 -19.92 27.94 -12.13
N PRO E 633 -20.78 26.98 -11.84
CA PRO E 633 -20.39 25.58 -11.69
C PRO E 633 -19.68 25.05 -12.92
N ASP E 634 -18.51 24.51 -12.70
CA ASP E 634 -17.67 24.07 -13.79
C ASP E 634 -18.25 22.88 -14.55
N TYR E 635 -18.11 22.91 -15.87
CA TYR E 635 -18.50 21.77 -16.68
C TYR E 635 -17.66 20.54 -16.34
N GLN E 636 -16.34 20.72 -16.24
CA GLN E 636 -15.46 19.59 -16.01
C GLN E 636 -15.81 18.91 -14.70
N ASN E 637 -16.34 19.68 -13.74
CA ASN E 637 -16.82 19.09 -12.51
C ASN E 637 -17.97 18.15 -12.81
N MET E 638 -18.89 18.61 -13.64
CA MET E 638 -19.96 17.73 -14.08
C MET E 638 -19.38 16.57 -14.84
N LEU E 639 -18.19 16.74 -15.43
CA LEU E 639 -17.51 15.68 -16.14
C LEU E 639 -16.82 14.68 -15.21
N ASN E 640 -16.71 14.99 -13.91
CA ASN E 640 -15.99 14.15 -12.95
C ASN E 640 -14.50 14.02 -13.30
N GLY E 641 -13.96 15.07 -13.89
CA GLY E 641 -12.55 15.16 -14.22
C GLY E 641 -11.94 16.15 -13.24
N VAL E 642 -11.02 17.00 -13.71
CA VAL E 642 -10.48 18.07 -12.89
C VAL E 642 -11.38 19.27 -13.12
N PRO E 643 -12.14 19.71 -12.13
CA PRO E 643 -13.13 20.76 -12.30
C PRO E 643 -12.64 22.19 -12.15
N PRO E 644 -12.50 22.94 -13.24
CA PRO E 644 -12.21 24.37 -13.11
C PRO E 644 -13.47 25.22 -13.00
N ILE E 645 -13.92 25.54 -11.79
CA ILE E 645 -15.07 26.42 -11.63
C ILE E 645 -14.70 27.81 -12.10
N ASN E 646 -15.67 28.60 -12.54
CA ASN E 646 -15.35 29.93 -13.04
C ASN E 646 -15.81 30.99 -12.05
N LYS E 647 -14.91 31.87 -11.63
CA LYS E 647 -15.21 32.89 -10.63
C LYS E 647 -15.04 34.30 -11.16
N ASN E 648 -16.09 35.12 -11.03
CA ASN E 648 -15.99 36.54 -11.27
C ASN E 648 -16.30 37.24 -9.95
N GLU E 649 -15.30 37.64 -9.18
CA GLU E 649 -15.60 38.19 -7.86
C GLU E 649 -14.80 39.44 -7.59
N VAL E 650 -15.47 40.48 -7.10
CA VAL E 650 -14.81 41.71 -6.68
C VAL E 650 -15.05 41.91 -5.20
N ASN E 651 -13.99 42.17 -4.45
CA ASN E 651 -14.08 42.42 -3.02
C ASN E 651 -13.46 43.77 -2.70
N ALA E 652 -14.25 44.68 -2.15
CA ALA E 652 -13.72 46.02 -1.92
C ALA E 652 -14.62 46.78 -0.95
N LYS E 653 -14.07 47.82 -0.34
CA LYS E 653 -14.81 48.67 0.57
C LYS E 653 -14.98 50.05 -0.06
N ILE E 654 -16.21 50.54 -0.09
CA ILE E 654 -16.52 51.80 -0.75
C ILE E 654 -17.51 52.64 0.04
N LEU E 655 -17.52 53.93 -0.24
CA LEU E 655 -18.43 54.88 0.39
C LEU E 655 -19.44 55.34 -0.65
N VAL E 656 -20.73 55.24 -0.32
CA VAL E 656 -21.79 55.75 -1.19
C VAL E 656 -22.94 56.32 -0.38
N ASN E 657 -23.68 57.25 -0.96
CA ASN E 657 -24.89 57.65 -0.27
C ASN E 657 -25.95 56.58 -0.49
N ASP E 658 -27.02 56.66 0.30
CA ASP E 658 -28.05 55.65 0.20
C ASP E 658 -28.69 55.64 -1.17
N GLY E 659 -28.95 56.82 -1.73
CA GLY E 659 -29.64 56.85 -2.99
C GLY E 659 -28.74 56.66 -4.19
N GLU E 660 -27.51 56.22 -3.97
CA GLU E 660 -26.50 56.22 -5.02
C GLU E 660 -25.97 54.83 -5.30
N THR E 661 -25.72 54.58 -6.57
CA THR E 661 -25.16 53.32 -7.03
C THR E 661 -23.81 53.56 -7.66
N ILE E 662 -22.84 52.72 -7.33
CA ILE E 662 -21.57 52.84 -8.02
C ILE E 662 -21.17 51.50 -8.57
N VAL E 663 -20.17 51.52 -9.45
CA VAL E 663 -19.63 50.31 -10.04
C VAL E 663 -18.55 49.85 -9.09
N ILE E 664 -18.81 48.75 -8.37
CA ILE E 664 -17.75 48.27 -7.52
C ILE E 664 -16.57 47.89 -8.39
N GLY E 665 -16.87 47.26 -9.51
CA GLY E 665 -15.88 46.89 -10.50
C GLY E 665 -16.57 46.41 -11.74
N GLY E 666 -15.79 46.29 -12.79
CA GLY E 666 -16.29 45.74 -14.03
C GLY E 666 -15.12 45.45 -14.95
N VAL E 667 -15.36 44.60 -15.92
CA VAL E 667 -14.36 44.32 -16.94
C VAL E 667 -15.01 44.12 -18.29
N PHE E 668 -14.46 44.77 -19.31
CA PHE E 668 -14.86 44.55 -20.69
C PHE E 668 -13.76 43.80 -21.43
N SER E 669 -14.12 42.67 -22.02
CA SER E 669 -13.19 41.89 -22.85
C SER E 669 -13.59 42.02 -24.31
N ASN E 670 -12.75 42.69 -25.09
CA ASN E 670 -13.00 42.90 -26.51
C ASN E 670 -12.09 42.02 -27.33
N GLU E 671 -12.65 40.99 -27.96
CA GLU E 671 -11.89 40.08 -28.80
C GLU E 671 -12.12 40.43 -30.26
N GLN E 672 -11.04 40.75 -30.98
CA GLN E 672 -11.12 41.02 -32.41
C GLN E 672 -10.17 40.09 -33.13
N SER E 673 -10.72 39.16 -33.90
CA SER E 673 -9.91 38.18 -34.60
C SER E 673 -10.19 38.27 -36.10
N LYS E 674 -9.12 38.36 -36.89
CA LYS E 674 -9.24 38.36 -38.34
C LYS E 674 -8.27 37.34 -38.90
N SER E 675 -8.73 36.49 -39.80
CA SER E 675 -7.89 35.48 -40.42
C SER E 675 -8.17 35.47 -41.91
N VAL E 676 -7.15 35.62 -42.72
CA VAL E 676 -7.29 35.56 -44.17
C VAL E 676 -6.37 34.48 -44.71
N GLU E 677 -6.94 33.58 -45.50
CA GLU E 677 -6.21 32.48 -46.11
C GLU E 677 -6.38 32.55 -47.62
N LYS E 678 -5.27 32.60 -48.35
CA LYS E 678 -5.38 32.80 -49.78
C LYS E 678 -4.27 32.12 -50.57
N VAL E 679 -4.65 31.39 -51.61
CA VAL E 679 -3.63 30.97 -52.56
C VAL E 679 -3.08 32.24 -53.21
N PRO E 680 -1.77 32.44 -53.26
CA PRO E 680 -1.28 33.77 -53.68
C PRO E 680 -1.69 34.22 -55.08
N PHE E 681 -1.49 33.40 -56.11
CA PHE E 681 -1.77 33.90 -57.46
C PHE E 681 -3.25 34.15 -57.66
N LEU E 682 -4.08 33.18 -57.32
CA LEU E 682 -5.52 33.33 -57.48
C LEU E 682 -6.07 34.34 -56.48
N GLY E 683 -5.52 34.36 -55.27
CA GLY E 683 -5.96 35.32 -54.28
C GLY E 683 -5.76 36.74 -54.76
N GLU E 684 -4.70 36.97 -55.55
CA GLU E 684 -4.42 38.29 -56.07
C GLU E 684 -5.57 38.81 -56.95
N LEU E 685 -6.17 37.93 -57.74
CA LEU E 685 -7.21 38.35 -58.67
C LEU E 685 -8.37 39.01 -57.92
N PRO E 686 -8.84 40.18 -58.38
CA PRO E 686 -9.93 40.86 -57.66
C PRO E 686 -11.23 40.08 -57.67
N TYR E 687 -11.60 39.50 -58.80
CA TYR E 687 -12.88 38.82 -58.91
C TYR E 687 -12.79 37.38 -58.46
N LEU E 688 -11.57 36.84 -58.39
CA LEU E 688 -11.38 35.46 -58.03
C LEU E 688 -10.70 35.36 -56.67
N GLY E 689 -10.17 36.45 -56.15
CA GLY E 689 -9.59 36.40 -54.82
C GLY E 689 -10.66 36.03 -53.82
N ARG E 690 -11.85 36.63 -53.97
CA ARG E 690 -12.95 36.26 -53.11
C ARG E 690 -13.21 34.77 -53.25
N LEU E 691 -13.03 34.25 -54.47
CA LEU E 691 -13.19 32.84 -54.75
C LEU E 691 -11.94 32.06 -54.38
N PHE E 692 -10.89 32.75 -53.94
CA PHE E 692 -9.68 32.07 -53.52
C PHE E 692 -9.08 32.65 -52.25
N ARG E 693 -9.82 33.45 -51.50
CA ARG E 693 -9.39 33.94 -50.20
C ARG E 693 -10.38 33.46 -49.17
N ARG E 694 -9.90 32.71 -48.19
CA ARG E 694 -10.74 32.15 -47.14
C ARG E 694 -10.66 33.08 -45.94
N ASP E 695 -11.77 33.74 -45.66
CA ASP E 695 -11.79 34.77 -44.64
C ASP E 695 -12.57 34.31 -43.42
N THR E 696 -11.94 34.41 -42.26
CA THR E 696 -12.65 34.20 -41.00
C THR E 696 -12.44 35.43 -40.14
N VAL E 697 -13.52 36.13 -39.82
CA VAL E 697 -13.46 37.29 -38.94
C VAL E 697 -14.40 37.05 -37.78
N THR E 698 -13.87 37.13 -36.57
CA THR E 698 -14.69 36.94 -35.38
C THR E 698 -14.47 38.09 -34.42
N ASP E 699 -15.57 38.70 -33.98
CA ASP E 699 -15.56 39.74 -32.96
C ASP E 699 -16.41 39.23 -31.81
N ARG E 700 -15.79 38.96 -30.68
CA ARG E 700 -16.53 38.55 -29.49
C ARG E 700 -16.21 39.54 -28.40
N LYS E 701 -17.22 40.23 -27.89
CA LYS E 701 -16.99 41.16 -26.80
C LYS E 701 -17.92 40.83 -25.65
N ASN E 702 -17.34 40.45 -24.52
CA ASN E 702 -18.09 40.15 -23.32
C ASN E 702 -17.64 41.11 -22.23
N GLU E 703 -18.61 41.77 -21.61
CA GLU E 703 -18.33 42.67 -20.50
C GLU E 703 -19.13 42.25 -19.29
N LEU E 704 -18.49 42.30 -18.12
CA LEU E 704 -19.17 42.02 -16.86
C LEU E 704 -19.00 43.21 -15.92
N LEU E 705 -20.10 43.67 -15.31
CA LEU E 705 -20.03 44.78 -14.38
C LEU E 705 -20.92 44.55 -13.16
N VAL E 706 -20.46 44.95 -11.98
CA VAL E 706 -21.24 44.84 -10.76
C VAL E 706 -21.53 46.23 -10.17
N PHE E 707 -22.81 46.55 -9.99
CA PHE E 707 -23.21 47.79 -9.33
C PHE E 707 -23.66 47.53 -7.91
N LEU E 708 -23.80 48.60 -7.14
CA LEU E 708 -24.38 48.46 -5.81
C LEU E 708 -25.08 49.74 -5.39
N THR E 709 -26.23 49.58 -4.70
CA THR E 709 -26.98 50.66 -4.05
C THR E 709 -27.51 50.25 -2.67
N PRO E 710 -27.22 50.99 -1.64
CA PRO E 710 -27.79 50.67 -0.34
C PRO E 710 -28.96 51.57 0.02
N ARG E 711 -30.12 51.03 0.33
CA ARG E 711 -31.24 51.82 0.79
C ARG E 711 -31.37 51.56 2.28
N ILE E 712 -31.10 52.57 3.11
CA ILE E 712 -31.12 52.31 4.54
C ILE E 712 -32.52 51.90 4.94
N MET E 713 -32.62 50.81 5.69
CA MET E 713 -33.91 50.35 6.11
C MET E 713 -34.33 51.05 7.38
N ASN E 714 -33.41 51.80 7.98
CA ASN E 714 -33.76 52.63 9.13
C ASN E 714 -34.81 53.65 8.75
N ASN E 715 -34.81 54.07 7.48
CA ASN E 715 -35.79 55.06 7.05
C ASN E 715 -37.18 54.56 7.36
N GLN E 716 -37.34 53.24 7.32
CA GLN E 716 -38.58 52.61 7.70
C GLN E 716 -38.48 52.07 9.11
N ALA E 717 -37.30 51.60 9.50
CA ALA E 717 -37.10 51.02 10.83
C ALA E 717 -37.16 52.08 11.91
N ILE E 718 -36.66 53.29 11.64
CA ILE E 718 -36.77 54.35 12.63
C ILE E 718 -38.22 54.78 12.78
N ALA E 719 -38.93 54.91 11.66
CA ALA E 719 -40.34 55.24 11.72
C ALA E 719 -41.14 54.05 12.24
N ILE E 720 -40.52 52.88 12.24
CA ILE E 720 -41.04 51.66 12.83
C ILE E 720 -40.25 51.23 14.06
N LEU F 385 -13.15 68.02 35.54
CA LEU F 385 -13.19 67.21 34.34
C LEU F 385 -14.62 67.12 33.84
N ARG F 386 -14.79 67.06 32.52
CA ARG F 386 -16.11 67.02 31.90
C ARG F 386 -16.26 65.75 31.08
N ARG F 387 -17.45 65.14 31.17
CA ARG F 387 -17.79 63.97 30.39
C ARG F 387 -18.47 64.41 29.10
N GLU F 388 -17.92 64.01 27.95
CA GLU F 388 -18.47 64.38 26.66
C GLU F 388 -18.60 63.16 25.76
N LEU F 389 -19.72 63.08 25.03
CA LEU F 389 -19.94 62.01 24.06
C LEU F 389 -19.71 62.54 22.65
N ILE F 390 -18.77 61.93 21.93
CA ILE F 390 -18.51 62.25 20.53
C ILE F 390 -18.64 60.96 19.74
N GLN F 391 -19.37 61.02 18.63
CA GLN F 391 -19.55 59.86 17.78
C GLN F 391 -18.65 59.98 16.57
N VAL F 392 -17.85 58.95 16.31
CA VAL F 392 -16.94 58.94 15.18
C VAL F 392 -17.38 57.86 14.19
N ASN F 393 -17.96 58.30 13.07
CA ASN F 393 -18.36 57.35 12.05
C ASN F 393 -17.18 56.91 11.19
N TYR F 394 -16.29 57.83 10.83
CA TYR F 394 -15.22 57.46 9.92
C TYR F 394 -14.00 56.95 10.65
N ALA F 395 -13.97 57.11 11.96
CA ALA F 395 -12.84 56.75 12.79
C ALA F 395 -13.24 55.64 13.75
N LYS F 396 -12.40 54.62 13.84
CA LYS F 396 -12.65 53.56 14.82
C LYS F 396 -12.53 54.13 16.22
N ALA F 397 -13.41 53.69 17.12
CA ALA F 397 -13.38 54.20 18.48
C ALA F 397 -12.06 53.89 19.17
N ALA F 398 -11.50 52.70 18.91
CA ALA F 398 -10.21 52.36 19.48
C ALA F 398 -9.14 53.32 19.01
N ASP F 399 -9.22 53.73 17.73
CA ASP F 399 -8.25 54.68 17.21
C ASP F 399 -8.35 56.00 17.95
N ILE F 400 -9.58 56.45 18.23
CA ILE F 400 -9.77 57.68 18.99
C ILE F 400 -9.22 57.52 20.39
N ALA F 401 -9.38 56.33 20.96
CA ALA F 401 -8.81 56.08 22.28
C ALA F 401 -7.30 56.22 22.24
N LYS F 402 -6.69 55.73 21.16
CA LYS F 402 -5.24 55.88 21.00
C LYS F 402 -4.87 57.34 20.86
N LEU F 403 -5.70 58.11 20.17
CA LEU F 403 -5.45 59.54 20.05
C LEU F 403 -5.50 60.21 21.42
N PHE F 404 -6.47 59.81 22.24
CA PHE F 404 -6.53 60.35 23.59
C PHE F 404 -5.32 59.91 24.40
N GLN F 405 -4.86 58.69 24.19
CA GLN F 405 -3.66 58.22 24.88
C GLN F 405 -2.48 59.09 24.49
N SER F 406 -2.41 59.45 23.21
CA SER F 406 -1.39 60.37 22.76
C SER F 406 -1.57 61.72 23.42
N VAL F 407 -2.82 62.13 23.61
CA VAL F 407 -3.11 63.40 24.28
C VAL F 407 -2.57 63.35 25.70
N THR F 408 -2.72 62.21 26.37
CA THR F 408 -2.16 62.04 27.71
C THR F 408 -0.63 62.07 27.66
N SER F 409 -0.05 61.48 26.61
CA SER F 409 1.40 61.54 26.43
C SER F 409 1.85 62.99 26.27
N ASP F 410 0.97 63.85 25.74
CA ASP F 410 1.34 65.25 25.56
C ASP F 410 1.74 65.87 26.90
N GLY F 411 1.00 65.56 27.95
CA GLY F 411 1.37 66.03 29.29
C GLY F 411 0.73 65.20 30.39
N GLY F 421 -9.44 61.70 33.17
CA GLY F 421 -8.87 61.01 32.04
C GLY F 421 -9.44 59.62 31.85
N SER F 422 -10.77 59.55 31.70
CA SER F 422 -11.48 58.29 31.55
C SER F 422 -12.08 58.21 30.16
N ILE F 423 -11.88 57.07 29.48
CA ILE F 423 -12.33 56.88 28.11
C ILE F 423 -13.30 55.71 28.04
N THR F 424 -14.39 55.89 27.30
CA THR F 424 -15.42 54.87 27.11
C THR F 424 -15.67 54.69 25.62
N VAL F 425 -15.72 53.45 25.17
CA VAL F 425 -15.88 53.14 23.76
C VAL F 425 -17.18 52.38 23.55
N ASP F 426 -18.03 52.87 22.65
CA ASP F 426 -19.25 52.18 22.24
C ASP F 426 -19.01 51.64 20.84
N ASP F 427 -18.92 50.32 20.73
CA ASP F 427 -18.65 49.69 19.45
C ASP F 427 -19.81 49.85 18.47
N ARG F 428 -21.05 49.67 18.95
CA ARG F 428 -22.18 49.68 18.02
C ARG F 428 -22.32 51.01 17.34
N THR F 429 -22.22 52.09 18.11
CA THR F 429 -22.33 53.42 17.53
C THR F 429 -20.96 53.99 17.19
N ASN F 430 -19.89 53.29 17.56
CA ASN F 430 -18.53 53.79 17.37
C ASN F 430 -18.41 55.16 18.03
N SER F 431 -19.02 55.31 19.19
CA SER F 431 -19.07 56.60 19.87
C SER F 431 -18.25 56.52 21.14
N ILE F 432 -17.36 57.48 21.32
CA ILE F 432 -16.45 57.52 22.44
C ILE F 432 -16.90 58.62 23.38
N ILE F 433 -17.06 58.27 24.66
CA ILE F 433 -17.38 59.25 25.69
C ILE F 433 -16.16 59.37 26.60
N ALA F 434 -15.64 60.57 26.73
CA ALA F 434 -14.46 60.77 27.56
C ALA F 434 -14.80 61.77 28.65
N TYR F 435 -14.54 61.39 29.89
CA TYR F 435 -14.68 62.30 31.02
C TYR F 435 -13.26 62.66 31.43
N GLN F 436 -12.86 63.89 31.15
CA GLN F 436 -11.47 64.25 31.37
C GLN F 436 -11.35 65.77 31.33
N PRO F 437 -10.16 66.34 31.54
CA PRO F 437 -10.05 67.80 31.54
C PRO F 437 -10.56 68.39 30.24
N GLN F 438 -11.16 69.57 30.34
CA GLN F 438 -11.81 70.18 29.19
C GLN F 438 -10.83 70.41 28.06
N GLU F 439 -9.61 70.86 28.37
CA GLU F 439 -8.67 71.20 27.31
C GLU F 439 -8.28 69.96 26.52
N ARG F 440 -7.98 68.86 27.21
CA ARG F 440 -7.66 67.62 26.51
C ARG F 440 -8.86 67.16 25.71
N LEU F 441 -10.05 67.36 26.27
CA LEU F 441 -11.28 66.98 25.60
C LEU F 441 -11.41 67.71 24.27
N ASP F 442 -11.15 69.01 24.29
CA ASP F 442 -11.27 69.83 23.08
C ASP F 442 -10.23 69.44 22.06
N GLU F 443 -8.99 69.21 22.51
CA GLU F 443 -7.93 68.83 21.56
C GLU F 443 -8.28 67.51 20.91
N LEU F 444 -8.78 66.57 21.70
CA LEU F 444 -9.15 65.27 21.15
C LEU F 444 -10.28 65.45 20.16
N ARG F 445 -11.19 66.37 20.46
CA ARG F 445 -12.29 66.67 19.54
C ARG F 445 -11.77 67.15 18.20
N ARG F 446 -10.75 68.02 18.21
CA ARG F 446 -10.16 68.45 16.96
C ARG F 446 -9.54 67.29 16.21
N ILE F 447 -8.85 66.42 16.94
CA ILE F 447 -8.27 65.23 16.30
C ILE F 447 -9.39 64.40 15.70
N VAL F 448 -10.52 64.33 16.40
CA VAL F 448 -11.68 63.59 15.90
C VAL F 448 -12.16 64.20 14.59
N SER F 449 -12.20 65.53 14.53
CA SER F 449 -12.63 66.20 13.32
C SER F 449 -11.72 65.85 12.16
N GLN F 450 -10.42 65.85 12.41
CA GLN F 450 -9.47 65.48 11.35
C GLN F 450 -9.63 64.03 10.94
N LEU F 451 -9.75 63.12 11.91
CA LEU F 451 -9.82 61.70 11.60
C LEU F 451 -11.10 61.31 10.88
N ASP F 452 -12.24 61.89 11.26
CA ASP F 452 -13.51 61.49 10.67
C ASP F 452 -13.63 62.19 9.31
N ILE F 453 -12.73 61.80 8.42
CA ILE F 453 -12.66 62.33 7.07
C ILE F 453 -12.98 61.22 6.08
N PRO F 454 -13.79 61.49 5.05
CA PRO F 454 -14.16 60.42 4.14
C PRO F 454 -12.95 59.87 3.40
N VAL F 455 -12.85 58.54 3.38
CA VAL F 455 -11.79 57.91 2.63
C VAL F 455 -12.07 58.09 1.14
N ARG F 456 -11.04 58.43 0.38
CA ARG F 456 -11.22 58.75 -1.03
C ARG F 456 -11.09 57.51 -1.89
N GLN F 457 -12.18 57.14 -2.55
CA GLN F 457 -12.19 56.04 -3.50
C GLN F 457 -11.69 56.53 -4.85
N VAL F 458 -10.97 55.68 -5.56
CA VAL F 458 -10.53 55.96 -6.91
C VAL F 458 -10.88 54.79 -7.80
N MET F 459 -11.31 55.08 -9.01
CA MET F 459 -11.62 54.07 -10.01
C MET F 459 -10.34 53.81 -10.80
N ILE F 460 -9.83 52.60 -10.70
CA ILE F 460 -8.59 52.22 -11.35
C ILE F 460 -8.95 51.41 -12.58
N GLU F 461 -8.49 51.86 -13.73
CA GLU F 461 -8.78 51.17 -14.98
C GLU F 461 -7.46 50.78 -15.63
N ALA F 462 -7.10 49.51 -15.57
CA ALA F 462 -5.92 49.02 -16.24
C ALA F 462 -6.36 48.11 -17.37
N ARG F 463 -5.95 48.43 -18.60
CA ARG F 463 -6.42 47.68 -19.74
C ARG F 463 -5.28 46.93 -20.42
N ILE F 464 -5.57 45.70 -20.83
CA ILE F 464 -4.62 44.81 -21.47
C ILE F 464 -4.93 44.77 -22.96
N VAL F 465 -3.92 45.03 -23.77
CA VAL F 465 -4.04 44.99 -25.21
C VAL F 465 -3.07 43.95 -25.76
N GLU F 466 -3.60 42.98 -26.49
CA GLU F 466 -2.80 41.96 -27.14
C GLU F 466 -3.01 42.03 -28.64
N ALA F 467 -1.92 42.16 -29.39
CA ALA F 467 -1.99 42.19 -30.84
C ALA F 467 -1.10 41.09 -31.42
N ASN F 468 -1.68 40.24 -32.26
CA ASN F 468 -0.93 39.18 -32.92
C ASN F 468 -1.10 39.31 -34.42
N VAL F 469 0.01 39.47 -35.13
CA VAL F 469 -0.01 39.48 -36.59
C VAL F 469 0.87 38.35 -37.08
N GLY F 470 0.29 37.45 -37.87
CA GLY F 470 1.04 36.34 -38.40
C GLY F 470 0.93 36.15 -39.89
N TYR F 471 2.05 36.19 -40.62
CA TYR F 471 2.05 35.87 -42.04
C TYR F 471 3.02 34.72 -42.28
N ASP F 472 2.51 33.61 -42.80
CA ASP F 472 3.33 32.46 -43.08
C ASP F 472 3.07 31.97 -44.50
N LYS F 473 4.12 31.83 -45.31
CA LYS F 473 3.98 31.30 -46.65
C LYS F 473 4.92 30.12 -46.84
N SER F 474 4.38 29.02 -47.36
CA SER F 474 5.18 27.83 -47.65
C SER F 474 4.94 27.37 -49.07
N LEU F 475 6.03 27.16 -49.81
CA LEU F 475 5.97 26.65 -51.18
C LEU F 475 6.84 25.41 -51.27
N GLY F 476 6.21 24.28 -51.61
CA GLY F 476 6.82 23.00 -51.92
C GLY F 476 6.75 22.72 -53.40
N VAL F 477 7.89 22.63 -54.06
CA VAL F 477 7.97 22.44 -55.50
C VAL F 477 8.47 21.03 -55.77
N ARG F 478 7.73 20.28 -56.59
CA ARG F 478 7.97 18.85 -56.76
C ARG F 478 8.02 18.47 -58.23
N TRP F 479 9.05 17.71 -58.60
CA TRP F 479 9.21 17.26 -59.99
C TRP F 479 9.46 15.76 -59.99
N GLY F 480 8.43 14.95 -60.19
CA GLY F 480 8.60 13.51 -60.10
C GLY F 480 8.25 12.73 -61.35
N GLY F 481 9.22 12.00 -61.89
CA GLY F 481 8.98 11.09 -62.99
C GLY F 481 9.60 9.75 -62.70
N ALA F 482 8.82 8.68 -62.68
CA ALA F 482 9.42 7.36 -62.52
C ALA F 482 9.70 6.70 -63.85
N TYR F 483 9.28 7.32 -64.94
CA TYR F 483 9.43 6.72 -66.26
C TYR F 483 10.92 6.53 -66.54
N HIS F 484 11.70 7.58 -66.33
CA HIS F 484 13.15 7.49 -66.48
C HIS F 484 13.87 7.62 -65.14
N LYS F 485 13.14 7.41 -64.04
CA LYS F 485 13.66 7.48 -62.67
C LYS F 485 14.31 8.82 -62.33
N GLY F 486 13.64 9.91 -62.70
CA GLY F 486 14.09 11.22 -62.26
C GLY F 486 13.05 11.92 -61.41
N ASN F 487 13.26 12.02 -60.10
CA ASN F 487 12.23 12.58 -59.24
C ASN F 487 12.87 13.29 -58.06
N TRP F 488 12.64 14.60 -58.01
CA TRP F 488 13.09 15.48 -56.94
C TRP F 488 11.89 15.90 -56.13
N SER F 489 11.99 15.70 -54.82
CA SER F 489 10.90 15.94 -53.90
C SER F 489 10.99 17.32 -53.28
N GLY F 490 9.83 17.95 -53.07
CA GLY F 490 9.79 19.22 -52.40
C GLY F 490 9.96 19.04 -50.92
N TYR F 491 9.96 20.13 -50.21
CA TYR F 491 10.02 20.00 -48.76
C TYR F 491 9.00 20.84 -48.02
N GLY F 492 8.78 22.09 -48.43
CA GLY F 492 7.75 22.88 -47.77
C GLY F 492 6.41 22.20 -47.90
N LYS F 493 6.08 21.74 -49.09
CA LYS F 493 4.93 20.87 -49.33
C LYS F 493 5.51 19.77 -50.21
N ASP F 494 6.21 18.85 -49.55
CA ASP F 494 7.02 17.82 -50.21
C ASP F 494 6.26 17.03 -51.27
N GLY F 495 6.89 16.87 -52.44
CA GLY F 495 6.31 16.04 -53.47
C GLY F 495 7.32 15.27 -54.30
N ASN F 496 7.23 13.94 -54.31
CA ASN F 496 8.13 13.09 -55.10
C ASN F 496 7.26 12.08 -55.83
N ILE F 497 6.88 12.44 -57.03
CA ILE F 497 5.91 11.72 -57.82
C ILE F 497 6.48 10.38 -58.32
N GLY F 498 7.74 10.09 -57.99
CA GLY F 498 8.25 8.75 -58.28
C GLY F 498 7.52 7.69 -57.48
N ILE F 499 7.35 7.95 -56.18
CA ILE F 499 6.55 7.04 -55.35
C ILE F 499 5.10 7.11 -55.76
N LYS F 500 4.66 8.27 -56.27
CA LYS F 500 3.29 8.36 -56.76
C LYS F 500 3.12 7.47 -57.96
N ASP F 501 4.16 7.38 -58.78
CA ASP F 501 4.13 6.44 -59.89
C ASP F 501 4.08 5.02 -59.35
N GLU F 502 4.75 4.78 -58.23
CA GLU F 502 4.64 3.48 -57.58
C GLU F 502 3.20 3.18 -57.20
N ASP F 503 2.53 4.18 -56.62
CA ASP F 503 1.14 4.00 -56.23
C ASP F 503 0.28 3.78 -57.46
N GLY F 504 0.57 4.48 -58.55
CA GLY F 504 -0.15 4.27 -59.79
C GLY F 504 0.06 2.86 -60.31
N MET F 505 1.30 2.38 -60.25
CA MET F 505 1.59 1.02 -60.67
C MET F 505 0.75 0.06 -59.84
N ASN F 506 0.51 0.41 -58.59
CA ASN F 506 -0.41 -0.36 -57.76
C ASN F 506 -1.81 -0.30 -58.36
N CYS F 507 -2.19 0.87 -58.87
CA CYS F 507 -3.49 1.02 -59.54
C CYS F 507 -3.64 0.07 -60.72
N GLY F 508 -2.58 -0.14 -61.50
CA GLY F 508 -2.64 -1.12 -62.57
C GLY F 508 -2.14 -0.80 -63.98
N PRO F 509 -1.49 0.33 -64.23
CA PRO F 509 -0.99 0.59 -65.58
C PRO F 509 0.22 -0.27 -65.93
N ILE F 510 0.48 -0.37 -67.22
CA ILE F 510 1.62 -1.11 -67.74
C ILE F 510 2.78 -0.14 -67.91
N ALA F 511 3.84 -0.31 -67.12
CA ALA F 511 5.06 0.49 -67.28
C ALA F 511 6.24 -0.42 -67.60
N GLY F 512 6.90 -0.17 -68.71
CA GLY F 512 8.08 -0.93 -69.15
C GLY F 512 9.28 -0.04 -69.37
N SER F 513 10.44 -0.36 -68.78
CA SER F 513 11.65 0.44 -69.01
C SER F 513 12.86 -0.48 -68.98
N CYS F 514 13.44 -0.76 -70.15
CA CYS F 514 14.58 -1.68 -70.21
C CYS F 514 15.93 -0.98 -70.10
N THR F 515 15.99 0.30 -70.39
CA THR F 515 17.21 1.10 -70.30
C THR F 515 16.74 2.50 -69.96
N PHE F 516 17.68 3.37 -69.58
CA PHE F 516 17.26 4.74 -69.31
C PHE F 516 16.66 5.40 -70.54
N PRO F 517 17.15 5.21 -71.77
CA PRO F 517 16.45 5.83 -72.92
C PRO F 517 15.05 5.31 -73.13
N THR F 518 14.81 4.01 -72.92
CA THR F 518 13.56 3.37 -73.29
C THR F 518 12.66 3.10 -72.09
N THR F 519 11.46 3.68 -72.15
CA THR F 519 10.40 3.47 -71.18
C THR F 519 9.07 3.77 -71.86
N GLY F 520 8.00 3.24 -71.30
CA GLY F 520 6.66 3.50 -71.79
C GLY F 520 5.60 2.99 -70.84
N THR F 521 4.53 3.75 -70.59
CA THR F 521 3.48 3.25 -69.73
C THR F 521 2.11 3.62 -70.30
N SER F 522 1.13 2.76 -70.04
CA SER F 522 -0.24 2.95 -70.50
C SER F 522 -1.21 2.56 -69.40
N LYS F 523 -2.46 2.99 -69.55
CA LYS F 523 -3.55 2.66 -68.60
C LYS F 523 -3.25 3.18 -67.20
N SER F 524 -2.73 4.41 -67.12
CA SER F 524 -2.36 4.99 -65.84
C SER F 524 -3.53 5.76 -65.25
N PRO F 525 -4.12 5.30 -64.14
CA PRO F 525 -5.17 6.06 -63.46
C PRO F 525 -4.65 6.86 -62.28
N SER F 526 -3.34 6.79 -62.01
CA SER F 526 -2.76 7.45 -60.85
C SER F 526 -2.88 8.97 -60.89
N PRO F 527 -2.69 9.66 -62.00
CA PRO F 527 -2.70 11.13 -61.91
C PRO F 527 -4.00 11.72 -61.37
N PHE F 528 -5.16 11.32 -61.89
CA PHE F 528 -6.38 11.97 -61.45
C PHE F 528 -6.69 11.70 -59.98
N VAL F 529 -6.42 10.52 -59.47
CA VAL F 529 -6.77 10.27 -58.07
C VAL F 529 -5.61 10.63 -57.15
N ASP F 530 -4.42 10.14 -57.46
CA ASP F 530 -3.27 10.35 -56.60
C ASP F 530 -2.91 11.82 -56.52
N LEU F 531 -2.88 12.52 -57.66
CA LEU F 531 -2.58 13.94 -57.64
C LEU F 531 -3.66 14.72 -56.89
N GLY F 532 -4.93 14.39 -57.12
CA GLY F 532 -5.99 15.13 -56.46
C GLY F 532 -5.88 15.07 -54.95
N ALA F 533 -5.72 13.87 -54.40
CA ALA F 533 -5.65 13.75 -52.94
C ALA F 533 -4.33 14.27 -52.42
N LYS F 534 -3.23 13.86 -53.03
CA LYS F 534 -1.92 14.22 -52.54
C LYS F 534 -1.77 15.73 -52.57
N ASP F 535 -2.30 16.36 -53.62
CA ASP F 535 -2.16 17.78 -53.89
C ASP F 535 -3.34 18.56 -53.35
N ALA F 536 -4.16 17.94 -52.51
CA ALA F 536 -5.33 18.62 -51.99
C ALA F 536 -4.95 19.88 -51.22
N THR F 537 -3.78 19.89 -50.58
CA THR F 537 -3.37 20.98 -49.70
C THR F 537 -3.41 22.31 -50.45
N SER F 538 -3.73 23.37 -49.70
CA SER F 538 -3.92 24.74 -50.15
C SER F 538 -3.91 24.88 -51.67
N GLY F 539 -2.81 25.35 -52.24
CA GLY F 539 -2.74 25.62 -53.66
C GLY F 539 -1.81 24.61 -54.33
N ILE F 540 -2.29 24.03 -55.42
CA ILE F 540 -1.47 23.08 -56.18
C ILE F 540 -1.71 23.28 -57.66
N GLY F 541 -0.63 23.18 -58.42
CA GLY F 541 -0.71 23.16 -59.86
C GLY F 541 -0.03 21.90 -60.35
N ILE F 542 -0.70 21.05 -61.12
CA ILE F 542 -0.11 19.82 -61.63
C ILE F 542 -0.03 19.86 -63.14
N GLY F 543 1.13 19.46 -63.68
CA GLY F 543 1.32 19.27 -65.10
C GLY F 543 1.86 17.87 -65.31
N PHE F 544 1.20 17.03 -66.08
CA PHE F 544 1.64 15.65 -66.20
C PHE F 544 1.74 15.18 -67.65
N ILE F 545 2.83 14.49 -67.96
CA ILE F 545 2.98 13.76 -69.20
C ILE F 545 3.09 12.30 -68.82
N THR F 546 2.46 11.42 -69.58
CA THR F 546 2.65 10.00 -69.29
C THR F 546 3.01 9.17 -70.52
N ASP F 547 2.45 9.54 -71.66
CA ASP F 547 2.56 8.69 -72.85
C ASP F 547 3.99 8.63 -73.38
N ASN F 548 4.59 9.78 -73.64
CA ASN F 548 5.97 9.82 -74.10
C ASN F 548 6.92 9.54 -72.94
N ILE F 549 6.70 10.22 -71.82
CA ILE F 549 7.49 10.11 -70.60
C ILE F 549 6.49 10.41 -69.51
N ILE F 550 6.71 9.93 -68.29
CA ILE F 550 5.84 10.34 -67.21
C ILE F 550 6.60 11.38 -66.39
N LEU F 551 6.16 12.62 -66.50
CA LEU F 551 6.76 13.73 -65.76
C LEU F 551 5.63 14.48 -65.09
N ASP F 552 5.58 14.42 -63.76
CA ASP F 552 4.55 15.09 -62.99
C ASP F 552 5.20 16.25 -62.26
N LEU F 553 4.76 17.47 -62.53
CA LEU F 553 5.37 18.67 -61.97
C LEU F 553 4.30 19.44 -61.22
N GLN F 554 4.42 19.49 -59.90
CA GLN F 554 3.43 20.16 -59.08
C GLN F 554 4.08 21.32 -58.32
N LEU F 555 3.30 22.38 -58.18
CA LEU F 555 3.69 23.53 -57.37
C LEU F 555 2.66 23.67 -56.26
N SER F 556 3.10 23.51 -55.02
CA SER F 556 2.20 23.54 -53.86
C SER F 556 2.50 24.74 -52.98
N ALA F 557 1.57 25.69 -52.92
CA ALA F 557 1.80 26.94 -52.19
C ALA F 557 0.66 27.25 -51.24
N MET F 558 1.01 27.70 -50.04
CA MET F 558 0.05 28.10 -49.01
C MET F 558 0.48 29.44 -48.43
N GLU F 559 -0.46 30.38 -48.33
CA GLU F 559 -0.21 31.66 -47.68
C GLU F 559 -1.27 31.94 -46.64
N LYS F 560 -0.85 32.17 -45.39
CA LYS F 560 -1.78 32.39 -44.30
C LYS F 560 -1.50 33.72 -43.62
N THR F 561 -2.54 34.52 -43.42
CA THR F 561 -2.43 35.76 -42.68
C THR F 561 -3.49 35.79 -41.59
N GLY F 562 -3.06 35.99 -40.35
CA GLY F 562 -3.98 36.09 -39.24
C GLY F 562 -3.74 37.31 -38.38
N ASN F 563 -4.76 38.11 -38.11
CA ASN F 563 -4.61 39.24 -37.20
C ASN F 563 -5.60 39.06 -36.05
N GLY F 564 -5.09 39.02 -34.83
CA GLY F 564 -5.92 38.90 -33.66
C GLY F 564 -5.69 40.04 -32.68
N GLU F 565 -6.76 40.72 -32.28
CA GLU F 565 -6.67 41.77 -31.28
C GLU F 565 -7.57 41.44 -30.10
N ILE F 566 -7.00 41.46 -28.90
CA ILE F 566 -7.74 41.24 -27.67
C ILE F 566 -7.59 42.46 -26.79
N VAL F 567 -8.72 43.05 -26.40
CA VAL F 567 -8.72 44.22 -25.54
C VAL F 567 -9.57 43.91 -24.32
N SER F 568 -8.95 43.82 -23.16
CA SER F 568 -9.66 43.50 -21.93
C SER F 568 -9.41 44.60 -20.91
N GLN F 569 -10.48 45.18 -20.35
CA GLN F 569 -10.30 46.25 -19.38
C GLN F 569 -11.11 46.07 -18.11
N PRO F 570 -10.48 45.76 -17.00
CA PRO F 570 -11.19 45.76 -15.72
C PRO F 570 -11.02 47.05 -14.93
N LYS F 571 -12.14 47.60 -14.44
CA LYS F 571 -12.14 48.83 -13.67
C LYS F 571 -12.61 48.55 -12.24
N VAL F 572 -11.82 48.97 -11.25
CA VAL F 572 -12.12 48.72 -9.84
C VAL F 572 -12.13 50.02 -9.05
N VAL F 573 -13.14 50.24 -8.23
CA VAL F 573 -13.18 51.41 -7.36
C VAL F 573 -12.73 51.02 -5.96
N THR F 574 -11.69 51.68 -5.46
CA THR F 574 -11.08 51.30 -4.19
C THR F 574 -10.97 52.49 -3.24
N SER F 575 -11.09 52.20 -1.95
CA SER F 575 -10.86 53.23 -0.96
C SER F 575 -9.36 53.51 -0.84
N ASP F 576 -9.04 54.68 -0.33
CA ASP F 576 -7.65 55.12 -0.28
C ASP F 576 -6.85 54.30 0.71
N LYS F 577 -5.68 53.82 0.28
CA LYS F 577 -4.76 53.03 1.10
C LYS F 577 -5.28 51.64 1.37
N GLU F 578 -6.31 51.21 0.65
CA GLU F 578 -6.90 49.92 0.88
C GLU F 578 -6.75 49.05 -0.35
N THR F 579 -6.60 47.75 -0.13
CA THR F 579 -6.49 46.82 -1.24
C THR F 579 -7.87 46.46 -1.78
N ALA F 580 -7.95 46.35 -3.10
CA ALA F 580 -9.16 45.85 -3.75
C ALA F 580 -8.76 44.94 -4.90
N LYS F 581 -9.67 44.04 -5.25
CA LYS F 581 -9.37 43.09 -6.30
C LYS F 581 -10.55 42.91 -7.23
N ILE F 582 -10.23 42.63 -8.48
CA ILE F 582 -11.22 42.22 -9.47
C ILE F 582 -10.69 40.95 -10.08
N LEU F 583 -11.54 39.94 -10.19
CA LEU F 583 -11.11 38.66 -10.72
C LEU F 583 -12.17 38.13 -11.67
N LYS F 584 -11.75 37.74 -12.87
CA LYS F 584 -12.64 37.11 -13.84
C LYS F 584 -11.91 35.97 -14.52
N GLY F 585 -12.43 34.77 -14.40
CA GLY F 585 -11.72 33.62 -14.94
C GLY F 585 -12.20 32.35 -14.27
N SER F 586 -11.31 31.37 -14.20
CA SER F 586 -11.70 30.07 -13.67
C SER F 586 -10.53 29.41 -12.95
N GLU F 587 -10.80 28.70 -11.84
CA GLU F 587 -9.72 28.16 -11.02
C GLU F 587 -9.58 26.66 -11.27
N VAL F 588 -8.53 26.31 -12.00
CA VAL F 588 -8.29 24.88 -12.15
C VAL F 588 -7.84 24.30 -10.81
N PRO F 589 -8.38 23.20 -10.41
CA PRO F 589 -7.94 22.53 -9.19
C PRO F 589 -7.00 21.40 -9.53
N TYR F 590 -6.24 20.97 -8.54
CA TYR F 590 -5.38 19.82 -8.63
C TYR F 590 -5.79 18.89 -7.50
N GLN F 591 -6.11 17.66 -7.83
CA GLN F 591 -6.45 16.70 -6.79
C GLN F 591 -5.13 16.14 -6.28
N GLU F 592 -4.64 16.68 -5.16
CA GLU F 592 -3.40 16.22 -4.58
C GLU F 592 -3.69 15.90 -3.14
N ALA F 593 -4.45 14.83 -2.92
CA ALA F 593 -4.64 14.42 -1.54
C ALA F 593 -3.45 13.54 -1.22
N SER F 594 -2.41 14.15 -0.66
CA SER F 594 -1.28 13.37 -0.22
C SER F 594 -1.77 12.78 1.07
N SER F 595 -1.61 11.47 1.19
CA SER F 595 -2.29 10.74 2.25
C SER F 595 -1.97 11.28 3.63
N SER F 596 -0.73 11.57 3.96
CA SER F 596 -0.52 11.91 5.36
C SER F 596 -0.88 13.35 5.70
N GLY F 597 -2.17 13.60 5.71
CA GLY F 597 -2.54 14.88 6.22
C GLY F 597 -2.29 16.06 5.35
N ALA F 598 -1.97 15.88 4.07
CA ALA F 598 -1.85 17.07 3.23
C ALA F 598 -2.82 16.94 2.09
N THR F 599 -4.02 17.47 2.27
CA THR F 599 -4.98 17.50 1.18
C THR F 599 -4.80 18.84 0.49
N SER F 600 -4.12 18.85 -0.63
CA SER F 600 -4.05 20.08 -1.37
C SER F 600 -5.02 19.86 -2.51
N THR F 601 -6.21 20.41 -2.34
CA THR F 601 -7.11 20.47 -3.45
C THR F 601 -6.61 21.76 -4.06
N SER F 602 -5.51 21.64 -4.77
CA SER F 602 -4.85 22.82 -5.26
C SER F 602 -5.78 23.51 -6.22
N PHE F 603 -5.61 24.80 -6.36
CA PHE F 603 -6.37 25.52 -7.35
C PHE F 603 -5.59 26.76 -7.70
N LYS F 604 -5.94 27.32 -8.83
CA LYS F 604 -5.34 28.58 -9.25
C LYS F 604 -6.22 29.04 -10.37
N GLU F 605 -6.65 30.30 -10.33
CA GLU F 605 -7.58 30.76 -11.34
C GLU F 605 -6.84 31.45 -12.47
N ALA F 606 -7.04 30.94 -13.68
CA ALA F 606 -6.53 31.57 -14.87
C ALA F 606 -7.57 32.64 -15.13
N ALA F 607 -7.18 33.89 -14.90
CA ALA F 607 -8.14 34.96 -14.91
C ALA F 607 -7.48 36.29 -15.22
N LEU F 608 -8.32 37.24 -15.56
CA LEU F 608 -7.91 38.63 -15.62
C LEU F 608 -8.15 39.15 -14.22
N SER F 609 -7.16 39.82 -13.65
CA SER F 609 -7.35 40.28 -12.28
C SER F 609 -6.53 41.52 -12.02
N LEU F 610 -7.04 42.34 -11.11
CA LEU F 610 -6.34 43.51 -10.62
C LEU F 610 -6.35 43.49 -9.10
N GLU F 611 -5.17 43.56 -8.50
CA GLU F 611 -5.02 43.73 -7.07
C GLU F 611 -4.35 45.07 -6.86
N VAL F 612 -5.10 46.04 -6.37
CA VAL F 612 -4.62 47.42 -6.31
C VAL F 612 -4.56 47.89 -4.87
N THR F 613 -3.49 48.60 -4.53
CA THR F 613 -3.32 49.27 -3.25
C THR F 613 -2.90 50.71 -3.55
N PRO F 614 -3.87 51.59 -3.76
CA PRO F 614 -3.57 52.99 -4.08
C PRO F 614 -3.28 53.87 -2.86
N GLN F 615 -2.24 54.68 -2.98
CA GLN F 615 -1.93 55.71 -1.99
C GLN F 615 -2.11 57.07 -2.67
N ILE F 616 -2.92 57.93 -2.09
CA ILE F 616 -3.28 59.20 -2.71
C ILE F 616 -2.38 60.31 -2.19
N THR F 617 -1.78 61.05 -3.11
CA THR F 617 -0.96 62.18 -2.75
C THR F 617 -1.79 63.43 -2.95
N PRO F 618 -1.43 64.58 -2.36
CA PRO F 618 -2.32 65.74 -2.50
C PRO F 618 -2.47 66.20 -3.93
N ASP F 619 -1.39 66.18 -4.71
CA ASP F 619 -1.46 66.75 -6.04
C ASP F 619 -2.13 65.81 -7.02
N ASN F 620 -3.29 65.29 -6.65
CA ASN F 620 -4.13 64.52 -7.55
C ASN F 620 -3.35 63.41 -8.25
N ARG F 621 -2.54 62.69 -7.48
CA ARG F 621 -1.82 61.58 -8.04
C ARG F 621 -1.95 60.41 -7.09
N ILE F 622 -1.68 59.24 -7.63
CA ILE F 622 -1.69 58.03 -6.82
C ILE F 622 -0.44 57.22 -7.11
N ILE F 623 0.20 56.77 -6.05
CA ILE F 623 1.23 55.76 -6.16
C ILE F 623 0.53 54.49 -5.75
N VAL F 624 0.41 53.56 -6.66
CA VAL F 624 -0.36 52.36 -6.39
C VAL F 624 0.50 51.14 -6.62
N GLU F 625 0.40 50.18 -5.71
CA GLU F 625 0.99 48.88 -5.95
C GLU F 625 -0.09 48.04 -6.60
N VAL F 626 0.10 47.69 -7.86
CA VAL F 626 -0.91 46.95 -8.61
C VAL F 626 -0.32 45.68 -9.19
N LYS F 627 -0.98 44.57 -8.92
CA LYS F 627 -0.70 43.30 -9.58
C LYS F 627 -1.76 43.12 -10.67
N VAL F 628 -1.33 43.01 -11.92
CA VAL F 628 -2.21 42.88 -13.06
C VAL F 628 -1.93 41.55 -13.72
N THR F 629 -2.90 40.65 -13.69
CA THR F 629 -2.66 39.31 -14.22
C THR F 629 -3.66 38.97 -15.31
N LYS F 630 -3.17 38.48 -16.44
CA LYS F 630 -4.02 37.92 -17.47
C LYS F 630 -3.57 36.49 -17.68
N ASP F 631 -4.34 35.55 -17.17
CA ASP F 631 -3.96 34.15 -17.25
C ASP F 631 -5.04 33.36 -17.96
N ALA F 632 -4.63 32.55 -18.92
CA ALA F 632 -5.60 31.81 -19.69
C ALA F 632 -5.57 30.33 -19.29
N PRO F 633 -6.78 29.78 -19.12
CA PRO F 633 -6.94 28.37 -18.75
C PRO F 633 -6.25 27.43 -19.71
N ASP F 634 -5.42 26.58 -19.16
CA ASP F 634 -4.60 25.70 -19.96
C ASP F 634 -5.41 24.66 -20.72
N TYR F 635 -5.01 24.41 -21.96
CA TYR F 635 -5.62 23.33 -22.73
C TYR F 635 -5.37 21.98 -22.08
N GLN F 636 -4.13 21.73 -21.68
CA GLN F 636 -3.77 20.42 -21.13
C GLN F 636 -4.59 20.14 -19.88
N ASN F 637 -4.98 21.20 -19.17
CA ASN F 637 -5.87 21.03 -18.03
C ASN F 637 -7.20 20.49 -18.51
N MET F 638 -7.72 21.07 -19.59
CA MET F 638 -8.92 20.53 -20.18
C MET F 638 -8.67 19.12 -20.67
N LEU F 639 -7.41 18.79 -20.96
CA LEU F 639 -7.03 17.45 -21.37
C LEU F 639 -6.95 16.47 -20.21
N ASN F 640 -6.99 16.94 -18.96
CA ASN F 640 -6.82 16.11 -17.77
C ASN F 640 -5.44 15.44 -17.74
N GLY F 641 -4.45 16.12 -18.28
CA GLY F 641 -3.06 15.68 -18.26
C GLY F 641 -2.34 16.57 -17.27
N VAL F 642 -1.12 16.97 -17.57
CA VAL F 642 -0.39 17.93 -16.75
C VAL F 642 -0.72 19.31 -17.31
N PRO F 643 -1.45 20.13 -16.58
CA PRO F 643 -1.96 21.40 -17.09
C PRO F 643 -1.01 22.60 -16.96
N PRO F 644 -0.41 23.05 -18.06
CA PRO F 644 0.36 24.30 -18.00
C PRO F 644 -0.51 25.53 -18.28
N ILE F 645 -1.03 26.18 -17.25
CA ILE F 645 -1.80 27.41 -17.46
C ILE F 645 -0.86 28.50 -17.97
N ASN F 646 -1.39 29.48 -18.70
CA ASN F 646 -0.51 30.51 -19.24
C ASN F 646 -0.75 31.83 -18.51
N LYS F 647 0.32 32.41 -17.97
CA LYS F 647 0.21 33.63 -17.17
C LYS F 647 0.97 34.80 -17.78
N ASN F 648 0.30 35.91 -17.99
CA ASN F 648 0.95 37.17 -18.33
C ASN F 648 0.66 38.14 -17.20
N GLU F 649 1.57 38.33 -16.26
CA GLU F 649 1.23 39.16 -15.11
C GLU F 649 2.37 40.11 -14.78
N VAL F 650 2.04 41.38 -14.56
CA VAL F 650 2.99 42.38 -14.12
C VAL F 650 2.56 42.91 -12.77
N ASN F 651 3.48 42.93 -11.81
CA ASN F 651 3.20 43.44 -10.48
C ASN F 651 4.19 44.55 -10.16
N ALA F 652 3.70 45.76 -9.90
CA ALA F 652 4.62 46.87 -9.69
C ALA F 652 3.88 48.03 -9.04
N LYS F 653 4.65 48.92 -8.42
CA LYS F 653 4.10 50.12 -7.80
C LYS F 653 4.57 51.34 -8.58
N ILE F 654 3.62 52.19 -8.96
CA ILE F 654 3.92 53.35 -9.81
C ILE F 654 3.17 54.59 -9.36
N LEU F 655 3.70 55.75 -9.75
CA LEU F 655 3.08 57.04 -9.47
C LEU F 655 2.52 57.62 -10.77
N VAL F 656 1.25 58.01 -10.75
CA VAL F 656 0.63 58.67 -11.90
C VAL F 656 -0.37 59.72 -11.44
N ASN F 657 -0.59 60.73 -12.29
CA ASN F 657 -1.69 61.62 -11.95
C ASN F 657 -3.00 60.94 -12.32
N ASP F 658 -4.10 61.50 -11.82
CA ASP F 658 -5.39 60.89 -12.07
C ASP F 658 -5.70 60.86 -13.56
N GLY F 659 -5.40 61.93 -14.26
CA GLY F 659 -5.77 61.96 -15.66
C GLY F 659 -4.79 61.29 -16.58
N GLU F 660 -3.88 60.49 -16.03
CA GLU F 660 -2.75 59.99 -16.79
C GLU F 660 -2.71 58.47 -16.79
N THR F 661 -2.33 57.92 -17.94
CA THR F 661 -2.18 56.49 -18.11
C THR F 661 -0.74 56.17 -18.43
N ILE F 662 -0.22 55.13 -17.79
CA ILE F 662 1.12 54.70 -18.15
C ILE F 662 1.10 53.21 -18.46
N VAL F 663 2.19 52.75 -19.05
CA VAL F 663 2.36 51.36 -19.38
C VAL F 663 2.99 50.73 -18.16
N ILE F 664 2.23 49.94 -17.42
CA ILE F 664 2.85 49.29 -16.28
C ILE F 664 3.96 48.39 -16.81
N GLY F 665 3.67 47.71 -17.89
CA GLY F 665 4.63 46.87 -18.56
C GLY F 665 4.07 46.42 -19.89
N GLY F 666 4.94 45.87 -20.71
CA GLY F 666 4.53 45.30 -21.97
C GLY F 666 5.67 44.50 -22.54
N VAL F 667 5.34 43.60 -23.46
CA VAL F 667 6.35 42.84 -24.16
C VAL F 667 5.94 42.63 -25.61
N PHE F 668 6.88 42.87 -26.52
CA PHE F 668 6.70 42.55 -27.93
C PHE F 668 7.58 41.36 -28.30
N SER F 669 6.96 40.33 -28.85
CA SER F 669 7.68 39.15 -29.34
C SER F 669 7.66 39.14 -30.86
N ASN F 670 8.81 39.34 -31.48
CA ASN F 670 8.93 39.38 -32.93
C ASN F 670 9.60 38.10 -33.41
N GLU F 671 8.84 37.24 -34.06
CA GLU F 671 9.37 35.99 -34.59
C GLU F 671 9.57 36.14 -36.09
N GLN F 672 10.82 35.95 -36.54
CA GLN F 672 11.11 35.97 -37.97
C GLN F 672 11.79 34.66 -38.35
N SER F 673 11.09 33.84 -39.14
CA SER F 673 11.61 32.54 -39.53
C SER F 673 11.69 32.46 -41.04
N LYS F 674 12.84 32.05 -41.55
CA LYS F 674 13.01 31.84 -42.98
C LYS F 674 13.66 30.47 -43.18
N SER F 675 13.09 29.68 -44.09
CA SER F 675 13.61 28.34 -44.37
C SER F 675 13.64 28.16 -45.88
N VAL F 676 14.80 27.83 -46.43
CA VAL F 676 14.92 27.56 -47.85
C VAL F 676 15.48 26.16 -48.05
N GLU F 677 14.78 25.38 -48.86
CA GLU F 677 15.18 24.01 -49.16
C GLU F 677 15.33 23.86 -50.66
N LYS F 678 16.51 23.41 -51.11
CA LYS F 678 16.75 23.37 -52.54
C LYS F 678 17.68 22.25 -52.96
N VAL F 679 17.27 21.50 -53.99
CA VAL F 679 18.25 20.61 -54.61
C VAL F 679 19.32 21.49 -55.22
N PRO F 680 20.61 21.24 -54.98
CA PRO F 680 21.61 22.24 -55.39
C PRO F 680 21.67 22.54 -56.88
N PHE F 681 21.76 21.54 -57.75
CA PHE F 681 21.95 21.85 -59.17
C PHE F 681 20.73 22.54 -59.75
N LEU F 682 19.55 21.97 -59.52
CA LEU F 682 18.33 22.56 -60.04
C LEU F 682 17.99 23.85 -59.32
N GLY F 683 18.27 23.90 -58.01
CA GLY F 683 18.02 25.10 -57.25
C GLY F 683 18.81 26.27 -57.82
N GLU F 684 20.01 26.00 -58.33
CA GLU F 684 20.84 27.05 -58.90
C GLU F 684 20.16 27.74 -60.08
N LEU F 685 19.44 26.98 -60.91
CA LEU F 685 18.82 27.56 -62.09
C LEU F 685 17.87 28.69 -61.73
N PRO F 686 17.94 29.84 -62.40
CA PRO F 686 17.06 30.95 -62.04
C PRO F 686 15.59 30.66 -62.28
N TYR F 687 15.26 30.05 -63.41
CA TYR F 687 13.87 29.81 -63.76
C TYR F 687 13.36 28.53 -63.16
N LEU F 688 14.25 27.64 -62.75
CA LEU F 688 13.86 26.36 -62.20
C LEU F 688 14.17 26.28 -60.73
N GLY F 689 14.96 27.22 -60.20
CA GLY F 689 15.20 27.21 -58.78
C GLY F 689 13.90 27.40 -58.04
N ARG F 690 13.06 28.32 -58.54
CA ARG F 690 11.75 28.49 -57.93
C ARG F 690 11.01 27.17 -57.99
N LEU F 691 11.22 26.42 -59.06
CA LEU F 691 10.62 25.11 -59.24
C LEU F 691 11.40 24.04 -58.50
N PHE F 692 12.52 24.42 -57.88
CA PHE F 692 13.30 23.46 -57.12
C PHE F 692 13.82 24.03 -55.80
N ARG F 693 13.28 25.14 -55.34
CA ARG F 693 13.60 25.69 -54.03
C ARG F 693 12.32 25.74 -53.23
N ARG F 694 12.31 25.07 -52.09
CA ARG F 694 11.13 25.01 -51.23
C ARG F 694 11.30 26.06 -50.15
N ASP F 695 10.47 27.09 -50.21
CA ASP F 695 10.63 28.24 -49.33
C ASP F 695 9.52 28.29 -48.30
N THR F 696 9.89 28.36 -47.03
CA THR F 696 8.93 28.62 -45.97
C THR F 696 9.40 29.85 -45.21
N VAL F 697 8.61 30.91 -45.23
CA VAL F 697 8.91 32.12 -44.50
C VAL F 697 7.74 32.41 -43.58
N THR F 698 8.01 32.52 -42.29
CA THR F 698 6.97 32.83 -41.32
C THR F 698 7.39 34.00 -40.45
N ASP F 699 6.53 35.01 -40.36
CA ASP F 699 6.72 36.14 -39.47
C ASP F 699 5.53 36.16 -38.52
N ARG F 700 5.78 35.91 -37.25
CA ARG F 700 4.72 35.98 -36.24
C ARG F 700 5.16 36.98 -35.21
N LYS F 701 4.39 38.04 -35.02
CA LYS F 701 4.72 39.03 -34.02
C LYS F 701 3.53 39.23 -33.10
N ASN F 702 3.71 38.89 -31.82
CA ASN F 702 2.68 39.06 -30.82
C ASN F 702 3.22 40.00 -29.75
N GLU F 703 2.47 41.05 -29.46
CA GLU F 703 2.83 41.99 -28.41
C GLU F 703 1.70 42.08 -27.39
N LEU F 704 2.07 42.12 -26.11
CA LEU F 704 1.12 42.31 -25.03
C LEU F 704 1.51 43.52 -24.21
N LEU F 705 0.56 44.41 -23.93
CA LEU F 705 0.84 45.58 -23.13
C LEU F 705 -0.29 45.88 -22.14
N VAL F 706 0.05 46.32 -20.93
CA VAL F 706 -0.94 46.69 -19.93
C VAL F 706 -0.82 48.18 -19.57
N PHE F 707 -1.90 48.92 -19.75
CA PHE F 707 -1.95 50.31 -19.33
C PHE F 707 -2.73 50.47 -18.03
N LEU F 708 -2.63 51.65 -17.44
CA LEU F 708 -3.47 51.95 -16.28
C LEU F 708 -3.72 53.44 -16.17
N THR F 709 -4.96 53.80 -15.78
CA THR F 709 -5.39 55.16 -15.43
C THR F 709 -6.27 55.19 -14.19
N PRO F 710 -5.94 55.97 -13.18
CA PRO F 710 -6.84 56.08 -12.04
C PRO F 710 -7.65 57.37 -12.07
N ARG F 711 -8.96 57.31 -12.01
CA ARG F 711 -9.79 58.51 -11.91
C ARG F 711 -10.30 58.56 -10.48
N ILE F 712 -9.84 59.54 -9.71
CA ILE F 712 -10.22 59.58 -8.31
C ILE F 712 -11.73 59.73 -8.23
N MET F 713 -12.36 58.87 -7.43
CA MET F 713 -13.80 58.95 -7.30
C MET F 713 -14.17 59.96 -6.23
N ASN F 714 -13.17 60.47 -5.51
CA ASN F 714 -13.42 61.54 -4.57
C ASN F 714 -13.93 62.78 -5.29
N ASN F 715 -13.53 62.95 -6.55
CA ASN F 715 -13.98 64.11 -7.30
C ASN F 715 -15.49 64.15 -7.28
N GLN F 716 -16.11 62.98 -7.23
CA GLN F 716 -17.54 62.87 -7.11
C GLN F 716 -17.92 62.58 -5.68
N ALA F 717 -17.09 61.83 -4.97
CA ALA F 717 -17.37 61.45 -3.59
C ALA F 717 -17.25 62.66 -2.65
N ILE F 718 -16.31 63.56 -2.92
CA ILE F 718 -16.21 64.76 -2.08
C ILE F 718 -17.41 65.66 -2.34
N ALA F 719 -17.80 65.81 -3.60
CA ALA F 719 -18.98 66.59 -3.93
C ALA F 719 -20.23 65.84 -3.51
N ILE F 720 -20.09 64.56 -3.23
CA ILE F 720 -21.13 63.71 -2.67
C ILE F 720 -20.80 63.27 -1.25
N LEU G 385 5.89 73.70 24.48
CA LEU G 385 5.80 72.73 23.38
C LEU G 385 4.56 73.05 22.56
N ARG G 386 4.63 72.81 21.26
CA ARG G 386 3.54 73.10 20.34
C ARG G 386 3.10 71.84 19.63
N ARG G 387 1.78 71.69 19.48
CA ARG G 387 1.20 70.58 18.75
C ARG G 387 0.99 70.99 17.29
N GLU G 388 1.57 70.23 16.37
CA GLU G 388 1.46 70.54 14.95
C GLU G 388 1.06 69.29 14.17
N LEU G 389 0.16 69.45 13.21
CA LEU G 389 -0.25 68.38 12.31
C LEU G 389 0.44 68.53 10.96
N ILE G 390 1.21 67.52 10.56
CA ILE G 390 1.83 67.49 9.24
C ILE G 390 1.40 66.19 8.57
N GLN G 391 0.98 66.29 7.31
CA GLN G 391 0.53 65.13 6.55
C GLN G 391 1.65 64.72 5.60
N VAL G 392 2.05 63.46 5.65
CA VAL G 392 3.10 62.94 4.78
C VAL G 392 2.49 61.93 3.82
N ASN G 393 2.34 62.32 2.56
CA ASN G 393 1.84 61.39 1.57
C ASN G 393 2.91 60.44 1.06
N TYR G 394 4.12 60.92 0.85
CA TYR G 394 5.15 60.07 0.26
C TYR G 394 5.91 59.32 1.32
N ALA G 395 5.76 59.69 2.58
CA ALA G 395 6.49 59.12 3.68
C ALA G 395 5.54 58.40 4.62
N LYS G 396 5.90 57.18 5.01
CA LYS G 396 5.09 56.47 5.99
C LYS G 396 5.14 57.20 7.32
N ALA G 397 4.00 57.24 8.02
CA ALA G 397 3.94 57.95 9.29
C ALA G 397 4.89 57.34 10.31
N ALA G 398 5.02 56.01 10.31
CA ALA G 398 5.95 55.36 11.21
C ALA G 398 7.37 55.82 10.92
N ASP G 399 7.70 55.99 9.64
CA ASP G 399 9.03 56.45 9.29
C ASP G 399 9.28 57.83 9.85
N ILE G 400 8.28 58.71 9.77
CA ILE G 400 8.41 60.05 10.34
C ILE G 400 8.58 59.96 11.84
N ALA G 401 7.88 59.02 12.47
CA ALA G 401 8.05 58.84 13.90
C ALA G 401 9.48 58.45 14.22
N LYS G 402 10.07 57.60 13.38
CA LYS G 402 11.46 57.22 13.55
C LYS G 402 12.37 58.43 13.38
N LEU G 403 12.04 59.30 12.43
CA LEU G 403 12.81 60.52 12.24
C LEU G 403 12.74 61.38 13.49
N PHE G 404 11.56 61.49 14.08
CA PHE G 404 11.43 62.25 15.32
C PHE G 404 12.22 61.59 16.44
N GLN G 405 12.23 60.27 16.47
CA GLN G 405 13.01 59.55 17.47
C GLN G 405 14.48 59.89 17.30
N SER G 406 14.92 59.96 16.05
CA SER G 406 16.28 60.40 15.78
C SER G 406 16.48 61.83 16.25
N VAL G 407 15.46 62.66 16.07
CA VAL G 407 15.53 64.04 16.53
C VAL G 407 15.73 64.07 18.04
N THR G 408 15.04 63.19 18.76
CA THR G 408 15.22 63.08 20.20
C THR G 408 16.63 62.59 20.53
N SER G 409 17.15 61.65 19.72
CA SER G 409 18.53 61.21 19.89
C SER G 409 19.49 62.36 19.72
N ASP G 410 19.13 63.35 18.90
CA ASP G 410 20.00 64.50 18.68
C ASP G 410 20.33 65.17 20.01
N GLY G 411 19.34 65.32 20.88
CA GLY G 411 19.58 65.87 22.20
C GLY G 411 18.49 65.51 23.20
N GLY G 421 7.41 66.19 23.71
CA GLY G 421 7.89 65.14 22.83
C GLY G 421 6.89 64.02 22.64
N SER G 422 5.70 64.37 22.17
CA SER G 422 4.62 63.42 21.97
C SER G 422 4.31 63.29 20.48
N ILE G 423 4.21 62.06 20.00
CA ILE G 423 4.00 61.80 18.58
C ILE G 423 2.70 61.02 18.39
N THR G 424 1.92 61.42 17.39
CA THR G 424 0.65 60.79 17.05
C THR G 424 0.66 60.44 15.57
N VAL G 425 0.24 59.22 15.24
CA VAL G 425 0.25 58.74 13.87
C VAL G 425 -1.17 58.43 13.43
N ASP G 426 -1.59 59.01 12.29
CA ASP G 426 -2.87 58.71 11.67
C ASP G 426 -2.58 57.89 10.42
N ASP G 427 -2.96 56.62 10.47
CA ASP G 427 -2.69 55.71 9.36
C ASP G 427 -3.50 56.08 8.12
N ARG G 428 -4.78 56.41 8.29
CA ARG G 428 -5.63 56.63 7.12
C ARG G 428 -5.12 57.80 6.30
N THR G 429 -4.79 58.90 6.96
CA THR G 429 -4.29 60.06 6.27
C THR G 429 -2.77 60.07 6.20
N ASN G 430 -2.13 59.14 6.89
CA ASN G 430 -0.67 59.11 7.00
C ASN G 430 -0.19 60.45 7.52
N SER G 431 -0.92 61.00 8.48
CA SER G 431 -0.62 62.32 9.00
C SER G 431 -0.15 62.20 10.44
N ILE G 432 0.98 62.83 10.73
CA ILE G 432 1.59 62.75 12.03
C ILE G 432 1.41 64.09 12.73
N ILE G 433 0.88 64.06 13.95
CA ILE G 433 0.76 65.25 14.77
C ILE G 433 1.73 65.11 15.94
N ALA G 434 2.62 66.07 16.08
CA ALA G 434 3.60 66.01 17.15
C ALA G 434 3.44 67.24 18.02
N TYR G 435 3.30 67.02 19.32
CA TYR G 435 3.28 68.10 20.28
C TYR G 435 4.63 68.04 21.00
N GLN G 436 5.50 68.98 20.71
CA GLN G 436 6.85 68.90 21.23
C GLN G 436 7.52 70.25 21.08
N PRO G 437 8.77 70.42 21.51
CA PRO G 437 9.42 71.74 21.40
C PRO G 437 9.42 72.22 19.96
N GLN G 438 9.29 73.53 19.80
CA GLN G 438 9.15 74.11 18.48
C GLN G 438 10.34 73.80 17.59
N GLU G 439 11.55 73.86 18.15
CA GLU G 439 12.74 73.67 17.34
C GLU G 439 12.80 72.25 16.78
N ARG G 440 12.53 71.25 17.63
CA ARG G 440 12.49 69.88 17.17
C ARG G 440 11.40 69.71 16.13
N LEU G 441 10.27 70.40 16.36
CA LEU G 441 9.15 70.34 15.45
C LEU G 441 9.57 70.81 14.07
N ASP G 442 10.28 71.94 14.02
CA ASP G 442 10.70 72.52 12.75
C ASP G 442 11.71 71.63 12.06
N GLU G 443 12.66 71.07 12.82
CA GLU G 443 13.66 70.22 12.20
C GLU G 443 12.99 68.99 11.61
N LEU G 444 12.04 68.42 12.34
CA LEU G 444 11.33 67.25 11.85
C LEU G 444 10.56 67.62 10.60
N ARG G 445 10.01 68.84 10.56
CA ARG G 445 9.31 69.32 9.39
C ARG G 445 10.23 69.34 8.18
N ARG G 446 11.45 69.81 8.36
CA ARG G 446 12.40 69.79 7.25
C ARG G 446 12.69 68.38 6.79
N ILE G 447 12.85 67.46 7.76
CA ILE G 447 13.07 66.06 7.39
C ILE G 447 11.86 65.55 6.62
N VAL G 448 10.68 65.99 7.01
CA VAL G 448 9.45 65.61 6.32
C VAL G 448 9.49 66.10 4.88
N SER G 449 9.95 67.33 4.68
CA SER G 449 10.03 67.89 3.35
C SER G 449 10.97 67.06 2.48
N GLN G 450 12.10 66.66 3.05
CA GLN G 450 13.03 65.82 2.30
C GLN G 450 12.44 64.45 1.99
N LEU G 451 11.80 63.83 2.98
CA LEU G 451 11.27 62.48 2.82
C LEU G 451 10.11 62.42 1.83
N ASP G 452 9.22 63.40 1.88
CA ASP G 452 8.03 63.35 1.02
C ASP G 452 8.44 63.80 -0.38
N ILE G 453 9.30 62.97 -0.99
CA ILE G 453 9.82 63.22 -2.32
C ILE G 453 9.31 62.12 -3.24
N PRO G 454 8.88 62.45 -4.46
CA PRO G 454 8.31 61.42 -5.33
C PRO G 454 9.36 60.38 -5.69
N VAL G 455 8.98 59.11 -5.56
CA VAL G 455 9.85 58.04 -5.97
C VAL G 455 9.96 58.03 -7.49
N ARG G 456 11.17 57.88 -7.99
CA ARG G 456 11.40 57.97 -9.43
C ARG G 456 11.23 56.62 -10.11
N GLN G 457 10.23 56.53 -10.99
CA GLN G 457 10.01 55.35 -11.79
C GLN G 457 10.90 55.41 -13.02
N VAL G 458 11.38 54.25 -13.45
CA VAL G 458 12.16 54.11 -14.67
C VAL G 458 11.57 52.99 -15.50
N MET G 459 11.53 53.19 -16.81
CA MET G 459 11.07 52.19 -17.74
C MET G 459 12.29 51.37 -18.16
N ILE G 460 12.29 50.10 -17.82
CA ILE G 460 13.41 49.22 -18.11
C ILE G 460 13.02 48.38 -19.31
N GLU G 461 13.82 48.44 -20.36
CA GLU G 461 13.56 47.66 -21.56
C GLU G 461 14.74 46.75 -21.83
N ALA G 462 14.59 45.47 -21.56
CA ALA G 462 15.62 44.49 -21.86
C ALA G 462 15.11 43.61 -22.98
N ARG G 463 15.83 43.54 -24.08
CA ARG G 463 15.35 42.80 -25.23
C ARG G 463 16.24 41.60 -25.54
N ILE G 464 15.62 40.50 -25.89
CA ILE G 464 16.28 39.25 -26.19
C ILE G 464 16.27 39.04 -27.69
N VAL G 465 17.44 38.80 -28.25
CA VAL G 465 17.61 38.54 -29.68
C VAL G 465 18.21 37.16 -29.86
N GLU G 466 17.51 36.31 -30.60
CA GLU G 466 17.99 34.98 -30.93
C GLU G 466 18.13 34.85 -32.44
N ALA G 467 19.31 34.48 -32.91
CA ALA G 467 19.55 34.27 -34.32
C ALA G 467 20.05 32.85 -34.55
N ASN G 468 19.39 32.11 -35.44
CA ASN G 468 19.81 30.76 -35.78
C ASN G 468 19.99 30.67 -37.29
N VAL G 469 21.20 30.31 -37.72
CA VAL G 469 21.47 30.08 -39.12
C VAL G 469 21.95 28.64 -39.28
N GLY G 470 21.24 27.87 -40.09
CA GLY G 470 21.62 26.49 -40.30
C GLY G 470 21.75 26.10 -41.76
N TYR G 471 22.91 25.62 -42.18
CA TYR G 471 23.08 25.08 -43.52
C TYR G 471 23.58 23.65 -43.41
N ASP G 472 22.81 22.71 -43.94
CA ASP G 472 23.20 21.30 -43.90
C ASP G 472 23.06 20.69 -45.28
N LYS G 473 24.12 20.08 -45.78
CA LYS G 473 24.06 19.39 -47.06
C LYS G 473 24.52 17.94 -46.91
N SER G 474 23.73 17.01 -47.43
CA SER G 474 24.07 15.60 -47.39
C SER G 474 23.97 14.99 -48.78
N LEU G 475 25.03 14.31 -49.22
CA LEU G 475 25.04 13.62 -50.49
C LEU G 475 25.40 12.16 -50.25
N GLY G 476 24.48 11.26 -50.62
CA GLY G 476 24.63 9.82 -50.64
C GLY G 476 24.75 9.32 -52.07
N VAL G 477 25.88 8.74 -52.41
CA VAL G 477 26.17 8.27 -53.77
C VAL G 477 26.16 6.76 -53.78
N ARG G 478 25.37 6.16 -54.67
CA ARG G 478 25.10 4.73 -54.63
C ARG G 478 25.28 4.10 -56.00
N TRP G 479 26.02 2.99 -56.04
CA TRP G 479 26.27 2.27 -57.29
C TRP G 479 25.94 0.80 -57.09
N GLY G 480 24.75 0.36 -57.46
CA GLY G 480 24.36 -1.01 -57.20
C GLY G 480 24.01 -1.83 -58.41
N GLY G 481 24.72 -2.93 -58.62
CA GLY G 481 24.38 -3.89 -59.66
C GLY G 481 24.41 -5.29 -59.10
N ALA G 482 23.30 -6.01 -59.15
CA ALA G 482 23.33 -7.41 -58.73
C ALA G 482 23.60 -8.35 -59.89
N TYR G 483 23.66 -7.82 -61.10
CA TYR G 483 23.84 -8.67 -62.27
C TYR G 483 25.17 -9.39 -62.18
N HIS G 484 26.22 -8.65 -61.87
CA HIS G 484 27.54 -9.24 -61.65
C HIS G 484 27.98 -9.12 -60.19
N LYS G 485 27.01 -8.87 -59.30
CA LYS G 485 27.25 -8.74 -57.85
C LYS G 485 28.27 -7.65 -57.49
N GLY G 486 28.13 -6.49 -58.11
CA GLY G 486 28.95 -5.35 -57.71
C GLY G 486 28.08 -4.21 -57.21
N ASN G 487 28.06 -3.96 -55.90
CA ASN G 487 27.16 -2.93 -55.37
C ASN G 487 27.77 -2.28 -54.16
N TRP G 488 28.02 -0.99 -54.28
CA TRP G 488 28.55 -0.15 -53.23
C TRP G 488 27.46 0.81 -52.78
N SER G 489 27.22 0.81 -51.48
CA SER G 489 26.13 1.57 -50.88
C SER G 489 26.60 2.93 -50.39
N GLY G 490 25.74 3.93 -50.53
CA GLY G 490 26.04 5.24 -50.02
C GLY G 490 25.83 5.27 -48.52
N TYR G 491 26.09 6.41 -47.95
CA TYR G 491 25.82 6.53 -46.53
C TYR G 491 25.06 7.78 -46.15
N GLY G 492 25.40 8.94 -46.72
CA GLY G 492 24.62 10.13 -46.41
C GLY G 492 23.16 9.93 -46.80
N LYS G 493 22.94 9.41 -47.98
CA LYS G 493 21.62 8.94 -48.42
C LYS G 493 21.92 7.57 -49.01
N ASP G 494 22.08 6.60 -48.12
CA ASP G 494 22.57 5.26 -48.45
C ASP G 494 21.81 4.60 -49.59
N GLY G 495 22.54 4.03 -50.54
CA GLY G 495 21.91 3.27 -51.61
C GLY G 495 22.72 2.07 -52.08
N ASN G 496 22.14 0.87 -51.98
CA ASN G 496 22.80 -0.35 -52.46
C ASN G 496 21.79 -1.12 -53.26
N ILE G 497 21.80 -0.87 -54.56
CA ILE G 497 20.81 -1.37 -55.49
C ILE G 497 20.94 -2.87 -55.69
N GLY G 498 21.91 -3.52 -55.04
CA GLY G 498 21.94 -4.97 -55.07
C GLY G 498 20.73 -5.56 -54.37
N ILE G 499 20.41 -5.03 -53.18
CA ILE G 499 19.21 -5.47 -52.50
C ILE G 499 17.98 -4.98 -53.25
N LYS G 500 18.10 -3.86 -53.96
CA LYS G 500 17.00 -3.40 -54.78
C LYS G 500 16.74 -4.39 -55.90
N ASP G 501 17.81 -4.96 -56.43
CA ASP G 501 17.66 -6.02 -57.41
C ASP G 501 17.00 -7.22 -56.77
N GLU G 502 17.29 -7.46 -55.50
CA GLU G 502 16.58 -8.52 -54.78
C GLU G 502 15.09 -8.24 -54.74
N ASP G 503 14.73 -7.00 -54.43
CA ASP G 503 13.34 -6.62 -54.38
C ASP G 503 12.70 -6.76 -55.76
N GLY G 504 13.45 -6.40 -56.81
CA GLY G 504 12.95 -6.57 -58.15
C GLY G 504 12.73 -8.04 -58.47
N MET G 505 13.67 -8.89 -58.07
CA MET G 505 13.52 -10.32 -58.27
C MET G 505 12.24 -10.78 -57.59
N ASN G 506 11.91 -10.15 -56.46
CA ASN G 506 10.62 -10.41 -55.83
C ASN G 506 9.49 -9.99 -56.75
N CYS G 507 9.67 -8.86 -57.45
CA CYS G 507 8.68 -8.42 -58.43
C CYS G 507 8.42 -9.46 -59.51
N GLY G 508 9.45 -10.14 -59.99
CA GLY G 508 9.25 -11.22 -60.94
C GLY G 508 10.10 -11.33 -62.21
N PRO G 509 11.16 -10.55 -62.40
CA PRO G 509 11.97 -10.72 -63.60
C PRO G 509 12.82 -11.99 -63.55
N ILE G 510 13.27 -12.40 -64.73
CA ILE G 510 14.14 -13.56 -64.89
C ILE G 510 15.58 -13.08 -64.85
N ALA G 511 16.34 -13.45 -63.82
CA ALA G 511 17.77 -13.15 -63.74
C ALA G 511 18.57 -14.44 -63.66
N GLY G 512 19.49 -14.63 -64.60
CA GLY G 512 20.36 -15.79 -64.66
C GLY G 512 21.83 -15.43 -64.67
N SER G 513 22.64 -16.00 -63.78
CA SER G 513 24.08 -15.71 -63.78
C SER G 513 24.84 -16.96 -63.37
N CYS G 514 25.49 -17.62 -64.33
CA CYS G 514 26.21 -18.87 -64.01
C CYS G 514 27.66 -18.66 -63.64
N THR G 515 28.25 -17.54 -64.02
CA THR G 515 29.63 -17.19 -63.72
C THR G 515 29.66 -15.68 -63.66
N PHE G 516 30.74 -15.12 -63.13
CA PHE G 516 30.83 -13.67 -63.11
C PHE G 516 30.75 -13.06 -64.51
N PRO G 517 31.37 -13.63 -65.55
CA PRO G 517 31.20 -13.03 -66.88
C PRO G 517 29.76 -13.08 -67.39
N THR G 518 29.03 -14.16 -67.11
CA THR G 518 27.73 -14.40 -67.72
C THR G 518 26.57 -14.14 -66.77
N THR G 519 25.71 -13.21 -67.17
CA THR G 519 24.48 -12.87 -66.47
C THR G 519 23.52 -12.27 -67.49
N GLY G 520 22.23 -12.30 -67.17
CA GLY G 520 21.20 -11.69 -67.99
C GLY G 520 19.87 -11.65 -67.28
N THR G 521 19.13 -10.54 -67.37
CA THR G 521 17.82 -10.50 -66.76
C THR G 521 16.82 -9.80 -67.68
N SER G 522 15.57 -10.23 -67.59
CA SER G 522 14.49 -9.66 -68.38
C SER G 522 13.24 -9.50 -67.52
N LYS G 523 12.28 -8.71 -68.02
CA LYS G 523 10.99 -8.49 -67.35
C LYS G 523 11.19 -7.86 -65.96
N SER G 524 12.08 -6.88 -65.89
CA SER G 524 12.40 -6.24 -64.61
C SER G 524 11.49 -5.03 -64.40
N PRO G 525 10.58 -5.06 -63.44
CA PRO G 525 9.77 -3.88 -63.11
C PRO G 525 10.30 -3.11 -61.92
N SER G 526 11.40 -3.57 -61.34
CA SER G 526 11.95 -2.93 -60.13
C SER G 526 12.40 -1.50 -60.34
N PRO G 527 13.05 -1.12 -61.44
CA PRO G 527 13.56 0.26 -61.49
C PRO G 527 12.50 1.33 -61.34
N PHE G 528 11.41 1.26 -62.10
CA PHE G 528 10.44 2.35 -62.03
C PHE G 528 9.77 2.47 -60.67
N VAL G 529 9.49 1.37 -59.99
CA VAL G 529 8.80 1.51 -58.70
C VAL G 529 9.81 1.61 -57.56
N ASP G 530 10.77 0.70 -57.53
CA ASP G 530 11.73 0.66 -56.43
C ASP G 530 12.57 1.93 -56.40
N LEU G 531 13.09 2.36 -57.57
CA LEU G 531 13.88 3.58 -57.61
C LEU G 531 13.04 4.78 -57.23
N GLY G 532 11.80 4.87 -57.73
CA GLY G 532 10.98 6.04 -57.42
C GLY G 532 10.76 6.20 -55.93
N ALA G 533 10.37 5.13 -55.25
CA ALA G 533 10.09 5.26 -53.82
C ALA G 533 11.38 5.40 -53.04
N LYS G 534 12.35 4.53 -53.32
CA LYS G 534 13.59 4.51 -52.55
C LYS G 534 14.29 5.86 -52.69
N ASP G 535 14.24 6.44 -53.90
CA ASP G 535 14.93 7.65 -54.26
C ASP G 535 14.04 8.87 -54.11
N ALA G 536 12.90 8.72 -53.44
CA ALA G 536 11.98 9.83 -53.29
C ALA G 536 12.64 11.01 -52.57
N THR G 537 13.59 10.74 -51.67
CA THR G 537 14.19 11.77 -50.83
C THR G 537 14.79 12.87 -51.68
N SER G 538 14.74 14.10 -51.14
CA SER G 538 15.15 15.34 -51.76
C SER G 538 15.50 15.20 -53.23
N GLY G 539 16.79 15.17 -53.56
CA GLY G 539 17.23 15.14 -54.93
C GLY G 539 17.83 13.77 -55.26
N ILE G 540 17.41 13.20 -56.37
CA ILE G 540 17.95 11.93 -56.80
C ILE G 540 18.09 11.92 -58.31
N GLY G 541 19.19 11.33 -58.77
CA GLY G 541 19.39 11.08 -60.18
C GLY G 541 19.65 9.60 -60.35
N ILE G 542 18.88 8.90 -61.20
CA ILE G 542 19.05 7.47 -61.41
C ILE G 542 19.45 7.21 -62.86
N GLY G 543 20.46 6.37 -63.04
CA GLY G 543 20.83 5.86 -64.36
C GLY G 543 20.86 4.36 -64.29
N PHE G 544 20.09 3.66 -65.12
CA PHE G 544 20.01 2.22 -64.99
C PHE G 544 20.21 1.49 -66.32
N ILE G 545 21.02 0.44 -66.28
CA ILE G 545 21.12 -0.51 -67.38
C ILE G 545 20.61 -1.84 -66.84
N THR G 546 19.86 -2.57 -67.65
CA THR G 546 19.46 -3.89 -67.19
C THR G 546 19.72 -5.00 -68.20
N ASP G 547 19.57 -4.68 -69.48
CA ASP G 547 19.60 -5.71 -70.50
C ASP G 547 20.97 -6.34 -70.66
N ASN G 548 21.99 -5.51 -70.87
CA ASN G 548 23.36 -6.03 -70.99
C ASN G 548 23.88 -6.41 -69.61
N ILE G 549 23.72 -5.50 -68.65
CA ILE G 549 24.16 -5.64 -67.27
C ILE G 549 23.15 -4.83 -66.49
N ILE G 550 22.93 -5.15 -65.22
CA ILE G 550 22.07 -4.28 -64.42
C ILE G 550 22.99 -3.43 -63.55
N LEU G 551 23.07 -2.15 -63.88
CA LEU G 551 23.88 -1.20 -63.12
C LEU G 551 22.99 0.00 -62.83
N ASP G 552 22.66 0.20 -61.56
CA ASP G 552 21.82 1.30 -61.14
C ASP G 552 22.70 2.28 -60.37
N LEU G 553 22.80 3.50 -60.87
CA LEU G 553 23.68 4.51 -60.29
C LEU G 553 22.85 5.72 -59.90
N GLN G 554 22.72 5.95 -58.60
CA GLN G 554 21.90 7.06 -58.12
C GLN G 554 22.77 8.05 -57.34
N LEU G 555 22.43 9.32 -57.48
CA LEU G 555 23.04 10.40 -56.73
C LEU G 555 21.95 11.06 -55.92
N SER G 556 22.03 11.00 -54.60
CA SER G 556 21.00 11.53 -53.72
C SER G 556 21.55 12.70 -52.90
N ALA G 557 21.04 13.89 -53.16
CA ALA G 557 21.56 15.09 -52.52
C ALA G 557 20.45 15.94 -51.92
N MET G 558 20.70 16.45 -50.72
CA MET G 558 19.78 17.32 -50.01
C MET G 558 20.54 18.52 -49.46
N GLU G 559 20.01 19.72 -49.68
CA GLU G 559 20.59 20.94 -49.12
C GLU G 559 19.52 21.74 -48.40
N LYS G 560 19.74 22.03 -47.12
CA LYS G 560 18.76 22.75 -46.32
C LYS G 560 19.38 24.00 -45.73
N THR G 561 18.68 25.12 -45.86
CA THR G 561 19.09 26.36 -45.23
C THR G 561 17.93 26.94 -44.46
N GLY G 562 18.15 27.20 -43.18
CA GLY G 562 17.13 27.81 -42.33
C GLY G 562 17.63 29.01 -41.56
N ASN G 563 16.94 30.14 -41.64
CA ASN G 563 17.31 31.29 -40.83
C ASN G 563 16.13 31.66 -39.95
N GLY G 564 16.35 31.66 -38.64
CA GLY G 564 15.31 32.04 -37.69
C GLY G 564 15.74 33.19 -36.81
N GLU G 565 14.94 34.25 -36.75
CA GLU G 565 15.21 35.38 -35.86
C GLU G 565 14.05 35.58 -34.91
N ILE G 566 14.34 35.61 -33.62
CA ILE G 566 13.33 35.87 -32.59
C ILE G 566 13.75 37.11 -31.82
N VAL G 567 12.87 38.10 -31.78
CA VAL G 567 13.13 39.34 -31.07
C VAL G 567 12.00 39.56 -30.06
N SER G 568 12.31 39.47 -28.79
CA SER G 568 11.30 39.63 -27.74
C SER G 568 11.74 40.75 -26.80
N GLN G 569 10.87 41.74 -26.58
CA GLN G 569 11.23 42.84 -25.70
C GLN G 569 10.18 43.17 -24.67
N PRO G 570 10.42 42.87 -23.41
CA PRO G 570 9.53 43.34 -22.34
C PRO G 570 9.99 44.62 -21.66
N LYS G 571 9.09 45.58 -21.52
CA LYS G 571 9.38 46.87 -20.89
C LYS G 571 8.58 47.02 -19.60
N VAL G 572 9.26 47.31 -18.50
CA VAL G 572 8.62 47.43 -17.19
C VAL G 572 8.94 48.79 -16.56
N VAL G 573 7.94 49.47 -16.03
CA VAL G 573 8.16 50.72 -15.32
C VAL G 573 8.14 50.44 -13.83
N THR G 574 9.23 50.80 -13.14
CA THR G 574 9.40 50.49 -11.73
C THR G 574 9.75 51.70 -10.90
N SER G 575 9.29 51.71 -9.66
CA SER G 575 9.68 52.76 -8.74
C SER G 575 11.12 52.53 -8.28
N ASP G 576 11.75 53.60 -7.82
CA ASP G 576 13.17 53.55 -7.48
C ASP G 576 13.39 52.70 -6.25
N LYS G 577 14.36 51.78 -6.33
CA LYS G 577 14.76 50.90 -5.24
C LYS G 577 13.71 49.84 -4.97
N GLU G 578 12.77 49.65 -5.88
CA GLU G 578 11.71 48.69 -5.68
C GLU G 578 11.77 47.62 -6.74
N THR G 579 11.38 46.41 -6.38
CA THR G 579 11.35 45.32 -7.32
C THR G 579 10.07 45.34 -8.15
N ALA G 580 10.21 45.04 -9.44
CA ALA G 580 9.07 44.86 -10.31
C ALA G 580 9.32 43.69 -11.23
N LYS G 581 8.23 43.10 -11.71
CA LYS G 581 8.36 41.92 -12.55
C LYS G 581 7.40 41.99 -13.73
N ILE G 582 7.83 41.41 -14.84
CA ILE G 582 6.98 41.18 -15.99
C ILE G 582 7.12 39.72 -16.32
N LEU G 583 5.99 39.05 -16.54
CA LEU G 583 6.02 37.63 -16.82
C LEU G 583 5.05 37.32 -17.96
N LYS G 584 5.52 36.61 -18.97
CA LYS G 584 4.66 36.16 -20.06
C LYS G 584 5.04 34.74 -20.44
N GLY G 585 4.11 33.81 -20.33
CA GLY G 585 4.44 32.42 -20.56
C GLY G 585 3.40 31.53 -19.92
N SER G 586 3.85 30.33 -19.53
CA SER G 586 2.90 29.36 -18.99
C SER G 586 3.58 28.49 -17.95
N GLU G 587 2.86 28.11 -16.88
CA GLU G 587 3.48 27.40 -15.76
C GLU G 587 3.11 25.92 -15.83
N VAL G 588 4.08 25.11 -16.24
CA VAL G 588 3.80 23.68 -16.20
C VAL G 588 3.74 23.23 -14.73
N PRO G 589 2.76 22.47 -14.38
CA PRO G 589 2.67 21.92 -13.02
C PRO G 589 3.19 20.49 -13.01
N TYR G 590 3.52 20.02 -11.82
CA TYR G 590 3.91 18.65 -11.58
C TYR G 590 2.96 18.12 -10.52
N GLN G 591 2.29 17.03 -10.80
CA GLN G 591 1.43 16.44 -9.79
C GLN G 591 2.32 15.58 -8.91
N GLU G 592 2.75 16.11 -7.77
CA GLU G 592 3.59 15.37 -6.86
C GLU G 592 2.92 15.43 -5.50
N ALA G 593 1.81 14.73 -5.37
CA ALA G 593 1.20 14.66 -4.05
C ALA G 593 1.89 13.51 -3.37
N SER G 594 2.96 13.82 -2.63
CA SER G 594 3.62 12.81 -1.86
C SER G 594 2.71 12.65 -0.67
N SER G 595 2.34 11.40 -0.40
CA SER G 595 1.26 11.14 0.53
C SER G 595 1.47 11.78 1.90
N SER G 596 2.65 11.69 2.48
CA SER G 596 2.69 12.19 3.86
C SER G 596 2.81 13.70 3.96
N GLY G 597 1.74 14.36 3.62
CA GLY G 597 1.76 15.77 3.90
C GLY G 597 2.60 16.61 3.00
N ALA G 598 3.07 16.11 1.87
CA ALA G 598 3.78 17.03 0.98
C ALA G 598 3.07 17.03 -0.35
N THR G 599 2.15 17.95 -0.52
CA THR G 599 1.50 18.12 -1.81
C THR G 599 2.28 19.16 -2.56
N SER G 600 3.13 18.75 -3.48
CA SER G 600 3.79 19.74 -4.30
C SER G 600 3.05 19.65 -5.61
N THR G 601 2.13 20.58 -5.78
CA THR G 601 1.55 20.75 -7.08
C THR G 601 2.60 21.67 -7.66
N SER G 602 3.70 21.05 -8.08
CA SER G 602 4.82 21.84 -8.50
C SER G 602 4.42 22.62 -9.73
N PHE G 603 5.08 23.74 -9.94
CA PHE G 603 4.84 24.48 -11.15
C PHE G 603 6.08 25.30 -11.41
N LYS G 604 6.19 25.75 -12.65
CA LYS G 604 7.27 26.62 -13.02
C LYS G 604 6.86 27.16 -14.36
N GLU G 605 6.92 28.46 -14.55
CA GLU G 605 6.45 29.02 -15.80
C GLU G 605 7.60 29.21 -16.77
N ALA G 606 7.46 28.60 -17.93
CA ALA G 606 8.39 28.80 -19.02
C ALA G 606 7.88 30.10 -19.62
N ALA G 607 8.66 31.16 -19.43
CA ALA G 607 8.17 32.47 -19.78
C ALA G 607 9.33 33.42 -20.04
N LEU G 608 8.98 34.53 -20.67
CA LEU G 608 9.87 35.66 -20.76
C LEU G 608 9.57 36.48 -19.51
N SER G 609 10.60 36.87 -18.78
CA SER G 609 10.34 37.59 -17.57
C SER G 609 11.49 38.51 -17.23
N LEU G 610 11.14 39.60 -16.55
CA LEU G 610 12.11 40.54 -16.01
C LEU G 610 11.81 40.80 -14.56
N GLU G 611 12.78 40.56 -13.70
CA GLU G 611 12.69 40.93 -12.30
C GLU G 611 13.76 41.98 -12.06
N VAL G 612 13.35 43.22 -11.86
CA VAL G 612 14.27 44.34 -11.81
C VAL G 612 14.21 45.02 -10.45
N THR G 613 15.39 45.38 -9.94
CA THR G 613 15.53 46.16 -8.72
C THR G 613 16.49 47.30 -9.04
N PRO G 614 15.98 48.40 -9.57
CA PRO G 614 16.84 49.53 -9.94
C PRO G 614 17.18 50.47 -8.78
N GLN G 615 18.46 50.86 -8.71
CA GLN G 615 18.91 51.88 -7.78
C GLN G 615 19.39 53.07 -8.62
N ILE G 616 18.85 54.24 -8.33
CA ILE G 616 19.10 55.43 -9.14
C ILE G 616 20.24 56.24 -8.53
N THR G 617 21.23 56.57 -9.34
CA THR G 617 22.32 57.40 -8.90
C THR G 617 22.06 58.80 -9.42
N PRO G 618 22.70 59.85 -8.86
CA PRO G 618 22.33 61.19 -9.34
C PRO G 618 22.66 61.42 -10.79
N ASP G 619 23.78 60.90 -11.28
CA ASP G 619 24.19 61.22 -12.63
C ASP G 619 23.43 60.40 -13.65
N ASN G 620 22.11 60.38 -13.53
CA ASN G 620 21.23 59.77 -14.54
C ASN G 620 21.68 58.36 -14.91
N ARG G 621 21.99 57.57 -13.90
CA ARG G 621 22.36 56.19 -14.14
C ARG G 621 21.62 55.32 -13.16
N ILE G 622 21.53 54.05 -13.49
CA ILE G 622 20.93 53.08 -12.61
C ILE G 622 21.83 51.87 -12.49
N ILE G 623 22.03 51.42 -11.27
CA ILE G 623 22.63 50.13 -11.03
C ILE G 623 21.44 49.25 -10.69
N VAL G 624 21.17 48.27 -11.51
CA VAL G 624 19.97 47.47 -11.32
C VAL G 624 20.36 46.02 -11.21
N GLU G 625 19.72 45.32 -10.27
CA GLU G 625 19.84 43.87 -10.23
C GLU G 625 18.67 43.34 -11.04
N VAL G 626 18.96 42.73 -12.18
CA VAL G 626 17.92 42.25 -13.06
C VAL G 626 18.11 40.78 -13.37
N LYS G 627 17.05 40.02 -13.17
CA LYS G 627 16.97 38.64 -13.61
C LYS G 627 16.15 38.63 -14.89
N VAL G 628 16.75 38.17 -15.98
CA VAL G 628 16.12 38.14 -17.30
C VAL G 628 16.01 36.69 -17.74
N THR G 629 14.79 36.19 -17.86
CA THR G 629 14.63 34.78 -18.18
C THR G 629 13.79 34.60 -19.45
N LYS G 630 14.29 33.79 -20.37
CA LYS G 630 13.51 33.37 -21.52
C LYS G 630 13.43 31.86 -21.47
N ASP G 631 12.29 31.33 -21.09
CA ASP G 631 12.14 29.91 -20.93
C ASP G 631 11.01 29.40 -21.81
N ALA G 632 11.27 28.35 -22.56
CA ALA G 632 10.27 27.85 -23.46
C ALA G 632 9.67 26.55 -22.93
N PRO G 633 8.34 26.47 -23.01
CA PRO G 633 7.60 25.29 -22.55
C PRO G 633 8.07 24.01 -23.22
N ASP G 634 8.40 23.04 -22.41
CA ASP G 634 8.99 21.82 -22.90
C ASP G 634 8.01 21.00 -23.73
N TYR G 635 8.52 20.40 -24.80
CA TYR G 635 7.72 19.48 -25.59
C TYR G 635 7.33 18.26 -24.78
N GLN G 636 8.29 17.68 -24.05
CA GLN G 636 8.03 16.45 -23.31
C GLN G 636 6.94 16.69 -22.28
N ASN G 637 6.83 17.92 -21.79
CA ASN G 637 5.73 18.27 -20.90
C ASN G 637 4.42 18.12 -21.64
N MET G 638 4.37 18.65 -22.86
CA MET G 638 3.20 18.45 -23.68
C MET G 638 3.01 16.97 -23.95
N LEU G 639 4.09 16.19 -23.89
CA LEU G 639 4.03 14.75 -24.06
C LEU G 639 3.51 14.02 -22.82
N ASN G 640 3.41 14.69 -21.68
CA ASN G 640 3.02 14.06 -20.40
C ASN G 640 4.02 12.99 -19.97
N GLY G 641 5.28 13.20 -20.32
CA GLY G 641 6.37 12.34 -19.91
C GLY G 641 7.16 13.08 -18.87
N VAL G 642 8.48 12.99 -18.89
CA VAL G 642 9.33 13.79 -18.02
C VAL G 642 9.65 15.07 -18.78
N PRO G 643 9.15 16.21 -18.33
CA PRO G 643 9.25 17.46 -19.06
C PRO G 643 10.51 18.27 -18.82
N PRO G 644 11.46 18.29 -19.77
CA PRO G 644 12.60 19.21 -19.65
C PRO G 644 12.32 20.58 -20.25
N ILE G 645 11.88 21.55 -19.45
CA ILE G 645 11.67 22.91 -19.96
C ILE G 645 13.02 23.50 -20.33
N ASN G 646 13.04 24.45 -21.26
CA ASN G 646 14.33 25.03 -21.66
C ASN G 646 14.45 26.45 -21.13
N LYS G 647 15.53 26.73 -20.40
CA LYS G 647 15.73 28.04 -19.78
C LYS G 647 16.97 28.75 -20.30
N ASN G 648 16.80 29.97 -20.76
CA ASN G 648 17.93 30.86 -21.06
C ASN G 648 17.80 32.07 -20.13
N GLU G 649 18.50 32.09 -19.02
CA GLU G 649 18.28 33.18 -18.07
C GLU G 649 19.60 33.73 -17.57
N VAL G 650 19.71 35.05 -17.56
CA VAL G 650 20.87 35.74 -16.99
C VAL G 650 20.41 36.62 -15.84
N ASN G 651 21.06 36.49 -14.70
CA ASN G 651 20.74 37.30 -13.53
C ASN G 651 21.99 38.05 -13.09
N ALA G 652 21.93 39.38 -13.06
CA ALA G 652 23.13 40.13 -12.74
C ALA G 652 22.76 41.57 -12.42
N LYS G 653 23.66 42.25 -11.72
CA LYS G 653 23.48 43.66 -11.37
C LYS G 653 24.51 44.48 -12.13
N ILE G 654 24.04 45.53 -12.80
CA ILE G 654 24.90 46.34 -13.66
C ILE G 654 24.58 47.82 -13.53
N LEU G 655 25.56 48.65 -13.89
CA LEU G 655 25.42 50.10 -13.89
C LEU G 655 25.37 50.59 -15.33
N VAL G 656 24.36 51.38 -15.66
CA VAL G 656 24.27 52.00 -16.99
C VAL G 656 23.66 53.38 -16.89
N ASN G 657 23.98 54.24 -17.85
CA ASN G 657 23.25 55.50 -17.89
C ASN G 657 21.89 55.24 -18.50
N ASP G 658 21.00 56.22 -18.35
CA ASP G 658 19.64 56.04 -18.85
C ASP G 658 19.64 55.85 -20.36
N GLY G 659 20.44 56.62 -21.07
CA GLY G 659 20.38 56.52 -22.51
C GLY G 659 21.21 55.40 -23.09
N GLU G 660 21.65 54.47 -22.26
CA GLU G 660 22.63 53.48 -22.66
C GLU G 660 22.12 52.07 -22.51
N THR G 661 22.48 51.22 -23.47
CA THR G 661 22.12 49.83 -23.47
C THR G 661 23.38 48.99 -23.39
N ILE G 662 23.34 47.97 -22.54
CA ILE G 662 24.48 47.05 -22.52
C ILE G 662 23.97 45.63 -22.68
N VAL G 663 24.91 44.74 -22.94
CA VAL G 663 24.62 43.32 -23.08
C VAL G 663 24.72 42.76 -21.68
N ILE G 664 23.60 42.40 -21.09
CA ILE G 664 23.71 41.79 -19.77
C ILE G 664 24.48 40.51 -19.92
N GLY G 665 24.19 39.77 -20.98
CA GLY G 665 24.88 38.55 -21.31
C GLY G 665 24.46 38.10 -22.68
N GLY G 666 25.21 37.15 -23.20
CA GLY G 666 24.87 36.53 -24.46
C GLY G 666 25.73 35.31 -24.66
N VAL G 667 25.27 34.42 -25.54
CA VAL G 667 26.05 33.25 -25.89
C VAL G 667 25.89 32.94 -27.37
N PHE G 668 27.01 32.69 -28.04
CA PHE G 668 27.01 32.20 -29.42
C PHE G 668 27.44 30.75 -29.44
N SER G 669 26.61 29.90 -30.03
CA SER G 669 26.92 28.48 -30.20
C SER G 669 27.20 28.21 -31.68
N ASN G 670 28.44 27.91 -32.01
CA ASN G 670 28.85 27.63 -33.38
C ASN G 670 29.08 26.15 -33.56
N GLU G 671 28.20 25.48 -34.29
CA GLU G 671 28.33 24.06 -34.55
C GLU G 671 28.86 23.85 -35.96
N GLN G 672 30.01 23.19 -36.08
CA GLN G 672 30.57 22.85 -37.39
C GLN G 672 30.77 21.35 -37.46
N SER G 673 30.00 20.68 -38.30
CA SER G 673 30.06 19.23 -38.43
C SER G 673 30.40 18.87 -39.87
N LYS G 674 31.41 18.01 -40.04
CA LYS G 674 31.76 17.51 -41.35
C LYS G 674 31.88 15.99 -41.26
N SER G 675 31.25 15.28 -42.19
CA SER G 675 31.30 13.82 -42.21
C SER G 675 31.55 13.38 -43.64
N VAL G 676 32.58 12.58 -43.85
CA VAL G 676 32.88 12.05 -45.18
C VAL G 676 32.91 10.53 -45.09
N GLU G 677 32.15 9.89 -45.96
CA GLU G 677 32.06 8.44 -46.03
C GLU G 677 32.44 7.98 -47.43
N LYS G 678 33.43 7.09 -47.52
CA LYS G 678 33.92 6.72 -48.84
C LYS G 678 34.43 5.30 -48.91
N VAL G 679 33.98 4.56 -49.92
CA VAL G 679 34.66 3.30 -50.20
C VAL G 679 36.09 3.65 -50.62
N PRO G 680 37.12 3.02 -50.04
CA PRO G 680 38.48 3.54 -50.29
C PRO G 680 38.93 3.54 -51.74
N PHE G 681 38.82 2.42 -52.45
CA PHE G 681 39.38 2.39 -53.80
C PHE G 681 38.64 3.34 -54.74
N LEU G 682 37.32 3.25 -54.75
CA LEU G 682 36.52 4.10 -55.62
C LEU G 682 36.54 5.54 -55.12
N GLY G 683 36.56 5.73 -53.80
CA GLY G 683 36.63 7.07 -53.25
C GLY G 683 37.89 7.79 -53.70
N GLU G 684 38.98 7.04 -53.88
CA GLU G 684 40.23 7.62 -54.33
C GLU G 684 40.09 8.29 -55.69
N LEU G 685 39.33 7.68 -56.59
CA LEU G 685 39.20 8.20 -57.94
C LEU G 685 38.68 9.64 -57.93
N PRO G 686 39.30 10.55 -58.68
CA PRO G 686 38.84 11.95 -58.66
C PRO G 686 37.44 12.12 -59.22
N TYR G 687 37.14 11.47 -60.33
CA TYR G 687 35.85 11.65 -60.99
C TYR G 687 34.79 10.75 -60.41
N LEU G 688 35.21 9.70 -59.71
CA LEU G 688 34.28 8.74 -59.16
C LEU G 688 34.25 8.82 -57.65
N GLY G 689 35.19 9.52 -57.04
CA GLY G 689 35.14 9.69 -55.61
C GLY G 689 33.87 10.43 -55.23
N ARG G 690 33.54 11.47 -56.00
CA ARG G 690 32.30 12.18 -55.76
C ARG G 690 31.15 11.19 -55.87
N LEU G 691 31.28 10.24 -56.78
CA LEU G 691 30.29 9.19 -56.97
C LEU G 691 30.47 8.08 -55.97
N PHE G 692 31.50 8.16 -55.13
CA PHE G 692 31.71 7.14 -54.11
C PHE G 692 32.13 7.73 -52.77
N ARG G 693 31.95 9.03 -52.57
CA ARG G 693 32.19 9.65 -51.27
C ARG G 693 30.89 10.29 -50.82
N ARG G 694 30.41 9.87 -49.66
CA ARG G 694 29.15 10.35 -49.12
C ARG G 694 29.48 11.46 -48.13
N ASP G 695 29.12 12.68 -48.49
CA ASP G 695 29.50 13.84 -47.72
C ASP G 695 28.30 14.45 -47.01
N THR G 696 28.43 14.62 -45.70
CA THR G 696 27.45 15.37 -44.94
C THR G 696 28.17 16.47 -44.20
N VAL G 697 27.85 17.72 -44.52
CA VAL G 697 28.42 18.88 -43.84
C VAL G 697 27.29 19.70 -43.28
N THR G 698 27.33 19.94 -41.98
CA THR G 698 26.30 20.74 -41.33
C THR G 698 26.95 21.84 -40.51
N ASP G 699 26.51 23.08 -40.72
CA ASP G 699 26.93 24.23 -39.92
C ASP G 699 25.67 24.80 -39.30
N ARG G 700 25.54 24.71 -37.99
CA ARG G 700 24.42 25.31 -37.29
C ARG G 700 24.99 26.28 -36.28
N LYS G 701 24.63 27.55 -36.39
CA LYS G 701 25.10 28.53 -35.43
C LYS G 701 23.92 29.28 -34.86
N ASN G 702 23.70 29.13 -33.57
CA ASN G 702 22.64 29.82 -32.86
C ASN G 702 23.26 30.70 -31.79
N GLU G 703 22.90 31.97 -31.79
CA GLU G 703 23.37 32.90 -30.78
C GLU G 703 22.18 33.53 -30.08
N LEU G 704 22.28 33.68 -28.76
CA LEU G 704 21.28 34.36 -27.97
C LEU G 704 21.91 35.50 -27.20
N LEU G 705 21.31 36.69 -27.24
CA LEU G 705 21.85 37.83 -26.51
C LEU G 705 20.73 38.66 -25.87
N VAL G 706 20.97 39.16 -24.66
CA VAL G 706 20.01 40.01 -23.97
C VAL G 706 20.60 41.41 -23.74
N PHE G 707 19.91 42.44 -24.25
CA PHE G 707 20.31 43.81 -24.00
C PHE G 707 19.40 44.45 -22.96
N LEU G 708 19.81 45.62 -22.46
CA LEU G 708 18.93 46.38 -21.58
C LEU G 708 19.22 47.87 -21.68
N THR G 709 18.15 48.67 -21.64
CA THR G 709 18.19 50.14 -21.55
C THR G 709 17.15 50.68 -20.57
N PRO G 710 17.55 51.48 -19.59
CA PRO G 710 16.55 52.08 -18.72
C PRO G 710 16.30 53.54 -19.07
N ARG G 711 15.07 53.94 -19.32
CA ARG G 711 14.73 55.34 -19.55
C ARG G 711 14.01 55.81 -18.30
N ILE G 712 14.64 56.71 -17.55
CA ILE G 712 14.02 57.12 -16.29
C ILE G 712 12.69 57.77 -16.59
N MET G 713 11.66 57.34 -15.90
CA MET G 713 10.35 57.92 -16.13
C MET G 713 10.17 59.16 -15.29
N ASN G 714 11.13 59.43 -14.39
CA ASN G 714 11.11 60.68 -13.65
C ASN G 714 11.24 61.85 -14.59
N ASN G 715 11.91 61.66 -15.73
CA ASN G 715 12.08 62.75 -16.67
C ASN G 715 10.71 63.30 -17.03
N GLN G 716 9.72 62.43 -17.02
CA GLN G 716 8.34 62.82 -17.25
C GLN G 716 7.61 62.95 -15.93
N ALA G 717 7.96 62.09 -14.97
CA ALA G 717 7.30 62.09 -13.67
C ALA G 717 7.66 63.32 -12.85
N ILE G 718 8.90 63.80 -12.97
CA ILE G 718 9.26 65.02 -12.25
C ILE G 718 8.55 66.22 -12.88
N ALA G 719 8.51 66.26 -14.21
CA ALA G 719 7.78 67.32 -14.88
C ALA G 719 6.29 67.12 -14.72
N ILE G 720 5.89 65.93 -14.30
CA ILE G 720 4.52 65.60 -13.93
C ILE G 720 4.39 65.33 -12.44
N LEU H 385 27.34 70.60 17.91
CA LEU H 385 27.13 69.55 16.93
C LEU H 385 26.27 70.10 15.80
N ARG H 386 26.50 69.62 14.58
CA ARG H 386 25.80 70.09 13.39
C ARG H 386 25.07 68.94 12.72
N ARG H 387 23.85 69.22 12.27
CA ARG H 387 23.05 68.26 11.54
C ARG H 387 23.29 68.44 10.04
N GLU H 388 23.73 67.38 9.36
CA GLU H 388 24.01 67.45 7.94
C GLU H 388 23.36 66.28 7.20
N LEU H 389 22.79 66.57 6.04
CA LEU H 389 22.20 65.55 5.18
C LEU H 389 23.15 65.22 4.03
N ILE H 390 23.55 63.96 3.93
CA ILE H 390 24.36 63.49 2.82
C ILE H 390 23.64 62.32 2.18
N GLN H 391 23.53 62.32 0.86
CA GLN H 391 22.86 61.26 0.13
C GLN H 391 23.91 60.35 -0.48
N VAL H 392 23.80 59.05 -0.22
CA VAL H 392 24.75 58.07 -0.74
C VAL H 392 24.01 57.16 -1.72
N ASN H 393 24.26 57.36 -3.00
CA ASN H 393 23.66 56.48 -4.01
C ASN H 393 24.39 55.15 -4.13
N TYR H 394 25.72 55.17 -4.09
CA TYR H 394 26.44 53.93 -4.32
C TYR H 394 26.66 53.16 -3.04
N ALA H 395 26.41 53.79 -1.90
CA ALA H 395 26.66 53.21 -0.60
C ALA H 395 25.34 53.02 0.14
N LYS H 396 25.15 51.85 0.73
CA LYS H 396 23.98 51.62 1.55
C LYS H 396 24.02 52.53 2.77
N ALA H 397 22.86 53.07 3.15
CA ALA H 397 22.82 53.97 4.30
C ALA H 397 23.27 53.26 5.57
N ALA H 398 22.90 51.98 5.73
CA ALA H 398 23.34 51.24 6.90
C ALA H 398 24.85 51.14 6.92
N ASP H 399 25.46 50.97 5.75
CA ASP H 399 26.91 50.88 5.69
C ASP H 399 27.53 52.19 6.17
N ILE H 400 26.96 53.31 5.75
CA ILE H 400 27.45 54.61 6.20
C ILE H 400 27.28 54.74 7.70
N ALA H 401 26.18 54.21 8.23
CA ALA H 401 25.98 54.24 9.67
C ALA H 401 27.08 53.46 10.36
N LYS H 402 27.47 52.33 9.78
CA LYS H 402 28.57 51.54 10.33
C LYS H 402 29.87 52.33 10.27
N LEU H 403 30.07 53.08 9.18
CA LEU H 403 31.25 53.93 9.08
C LEU H 403 31.27 54.98 10.17
N PHE H 404 30.11 55.57 10.45
CA PHE H 404 30.03 56.53 11.53
C PHE H 404 30.28 55.86 12.87
N GLN H 405 29.80 54.63 13.04
CA GLN H 405 30.06 53.89 14.26
C GLN H 405 31.55 53.69 14.42
N SER H 406 32.24 53.39 13.33
CA SER H 406 33.68 53.29 13.35
C SER H 406 34.30 54.63 13.72
N VAL H 407 33.70 55.72 13.22
CA VAL H 407 34.16 57.06 13.54
C VAL H 407 34.07 57.28 15.04
N THR H 408 32.98 56.82 15.65
CA THR H 408 32.82 56.90 17.09
C THR H 408 33.87 56.05 17.80
N SER H 409 34.17 54.87 17.24
CA SER H 409 35.22 54.02 17.79
C SER H 409 36.55 54.75 17.75
N ASP H 410 36.73 55.64 16.77
CA ASP H 410 37.99 56.38 16.67
C ASP H 410 38.28 57.12 17.97
N GLY H 411 37.27 57.74 18.55
CA GLY H 411 37.42 58.40 19.83
C GLY H 411 36.10 58.61 20.55
N GLY H 421 26.15 63.00 18.27
CA GLY H 421 26.38 61.71 17.63
C GLY H 421 25.10 60.97 17.32
N SER H 422 24.23 61.60 16.54
CA SER H 422 22.94 61.04 16.17
C SER H 422 22.91 60.77 14.68
N ILE H 423 22.46 59.58 14.30
CA ILE H 423 22.45 59.15 12.91
C ILE H 423 21.03 58.83 12.47
N THR H 424 20.66 59.29 11.28
CA THR H 424 19.33 59.05 10.71
C THR H 424 19.49 58.47 9.31
N VAL H 425 18.75 57.42 9.01
CA VAL H 425 18.85 56.73 7.72
C VAL H 425 17.53 56.84 6.98
N ASP H 426 17.59 57.31 5.74
CA ASP H 426 16.43 57.35 4.85
C ASP H 426 16.63 56.27 3.80
N ASP H 427 15.81 55.22 3.87
CA ASP H 427 15.95 54.09 2.95
C ASP H 427 15.59 54.48 1.53
N ARG H 428 14.51 55.25 1.33
CA ARG H 428 14.04 55.53 -0.02
C ARG H 428 15.09 56.29 -0.80
N THR H 429 15.66 57.32 -0.19
CA THR H 429 16.68 58.10 -0.85
C THR H 429 18.07 57.60 -0.53
N ASN H 430 18.19 56.64 0.39
CA ASN H 430 19.48 56.16 0.84
C ASN H 430 20.31 57.33 1.34
N SER H 431 19.65 58.25 2.04
CA SER H 431 20.30 59.47 2.48
C SER H 431 20.41 59.46 3.99
N ILE H 432 21.60 59.72 4.49
CA ILE H 432 21.89 59.68 5.91
C ILE H 432 22.06 61.11 6.40
N ILE H 433 21.34 61.46 7.46
CA ILE H 433 21.49 62.74 8.11
C ILE H 433 22.10 62.51 9.48
N ALA H 434 23.23 63.13 9.74
CA ALA H 434 23.90 62.94 11.02
C ALA H 434 24.03 64.27 11.71
N TYR H 435 23.56 64.35 12.95
CA TYR H 435 23.75 65.54 13.76
C TYR H 435 24.82 65.16 14.79
N GLN H 436 26.00 65.70 14.63
CA GLN H 436 27.11 65.26 15.47
C GLN H 436 28.25 66.26 15.36
N PRO H 437 29.37 66.08 16.08
CA PRO H 437 30.44 67.07 16.00
C PRO H 437 30.91 67.26 14.56
N GLN H 438 31.29 68.49 14.25
CA GLN H 438 31.63 68.84 12.88
C GLN H 438 32.78 68.00 12.35
N GLU H 439 33.80 67.75 13.18
CA GLU H 439 34.97 67.03 12.71
C GLU H 439 34.61 65.60 12.32
N ARG H 440 33.84 64.92 13.17
CA ARG H 440 33.41 63.57 12.84
C ARG H 440 32.55 63.61 11.60
N LEU H 441 31.73 64.65 11.47
CA LEU H 441 30.86 64.81 10.32
C LEU H 441 31.68 64.87 9.04
N ASP H 442 32.75 65.66 9.06
CA ASP H 442 33.58 65.83 7.89
C ASP H 442 34.32 64.55 7.55
N GLU H 443 34.84 63.87 8.58
CA GLU H 443 35.56 62.62 8.30
C GLU H 443 34.62 61.60 7.69
N LEU H 444 33.39 61.52 8.22
CA LEU H 444 32.43 60.59 7.68
C LEU H 444 32.10 60.97 6.25
N ARG H 445 32.05 62.27 5.97
CA ARG H 445 31.81 62.74 4.61
C ARG H 445 32.89 62.24 3.66
N ARG H 446 34.14 62.30 4.09
CA ARG H 446 35.23 61.78 3.26
C ARG H 446 35.05 60.28 3.03
N ILE H 447 34.69 59.55 4.08
CA ILE H 447 34.44 58.12 3.92
C ILE H 447 33.32 57.91 2.93
N VAL H 448 32.32 58.78 2.97
CA VAL H 448 31.20 58.71 2.04
C VAL H 448 31.69 58.90 0.63
N SER H 449 32.60 59.85 0.43
CA SER H 449 33.14 60.10 -0.90
C SER H 449 33.85 58.87 -1.42
N GLN H 450 34.63 58.21 -0.56
CA GLN H 450 35.33 57.01 -0.97
C GLN H 450 34.34 55.88 -1.28
N LEU H 451 33.35 55.69 -0.42
CA LEU H 451 32.41 54.58 -0.59
C LEU H 451 31.52 54.74 -1.81
N ASP H 452 31.05 55.96 -2.09
CA ASP H 452 30.12 56.15 -3.19
C ASP H 452 30.93 56.18 -4.49
N ILE H 453 31.53 55.02 -4.78
CA ILE H 453 32.35 54.84 -5.96
C ILE H 453 31.67 53.83 -6.87
N PRO H 454 31.63 54.07 -8.18
CA PRO H 454 30.92 53.14 -9.06
C PRO H 454 31.56 51.77 -9.06
N VAL H 455 30.73 50.74 -8.89
CA VAL H 455 31.21 49.38 -8.97
C VAL H 455 31.60 49.07 -10.41
N ARG H 456 32.75 48.44 -10.59
CA ARG H 456 33.28 48.20 -11.93
C ARG H 456 32.77 46.88 -12.50
N GLN H 457 31.99 46.97 -13.58
CA GLN H 457 31.52 45.81 -14.29
C GLN H 457 32.59 45.35 -15.28
N VAL H 458 32.69 44.05 -15.45
CA VAL H 458 33.59 43.45 -16.43
C VAL H 458 32.81 42.45 -17.26
N MET H 459 33.10 42.43 -18.55
CA MET H 459 32.50 41.47 -19.47
C MET H 459 33.40 40.24 -19.50
N ILE H 460 32.87 39.12 -19.06
CA ILE H 460 33.62 37.88 -18.96
C ILE H 460 33.20 37.03 -20.14
N GLU H 461 34.16 36.62 -20.95
CA GLU H 461 33.87 35.78 -22.11
C GLU H 461 34.68 34.49 -21.99
N ALA H 462 34.01 33.41 -21.65
CA ALA H 462 34.66 32.11 -21.59
C ALA H 462 34.08 31.25 -22.70
N ARG H 463 34.94 30.76 -23.59
CA ARG H 463 34.46 30.03 -24.74
C ARG H 463 34.89 28.57 -24.70
N ILE H 464 33.99 27.70 -25.09
CA ILE H 464 34.20 26.26 -25.09
C ILE H 464 34.42 25.80 -26.52
N VAL H 465 35.50 25.09 -26.76
CA VAL H 465 35.83 24.55 -28.07
C VAL H 465 35.92 23.03 -27.96
N GLU H 466 35.12 22.35 -28.77
CA GLU H 466 35.14 20.90 -28.84
C GLU H 466 35.51 20.47 -30.24
N ALA H 467 36.54 19.65 -30.37
CA ALA H 467 36.95 19.12 -31.67
C ALA H 467 36.96 17.60 -31.62
N ASN H 468 36.25 16.99 -32.56
CA ASN H 468 36.20 15.54 -32.66
C ASN H 468 36.64 15.12 -34.06
N VAL H 469 37.69 14.31 -34.15
CA VAL H 469 38.12 13.76 -35.41
C VAL H 469 38.07 12.25 -35.31
N GLY H 470 37.30 11.61 -36.19
CA GLY H 470 37.20 10.17 -36.16
C GLY H 470 37.46 9.51 -37.50
N TYR H 471 38.43 8.61 -37.58
CA TYR H 471 38.64 7.81 -38.78
C TYR H 471 38.56 6.34 -38.41
N ASP H 472 37.62 5.63 -39.01
CA ASP H 472 37.45 4.20 -38.74
C ASP H 472 37.38 3.45 -40.06
N LYS H 473 38.21 2.43 -40.22
CA LYS H 473 38.16 1.58 -41.40
C LYS H 473 38.02 0.12 -41.00
N SER H 474 37.06 -0.57 -41.61
CA SER H 474 36.86 -1.99 -41.36
C SER H 474 36.81 -2.76 -42.66
N LEU H 475 37.61 -3.83 -42.75
CA LEU H 475 37.63 -4.71 -43.91
C LEU H 475 37.38 -6.13 -43.45
N GLY H 476 36.29 -6.72 -43.95
CA GLY H 476 35.90 -8.10 -43.79
C GLY H 476 36.10 -8.86 -45.10
N VAL H 477 37.01 -9.84 -45.09
CA VAL H 477 37.36 -10.60 -46.28
C VAL H 477 36.79 -12.01 -46.14
N ARG H 478 36.04 -12.45 -47.15
CA ARG H 478 35.26 -13.68 -47.04
C ARG H 478 35.47 -14.57 -48.26
N TRP H 479 35.75 -15.85 -48.00
CA TRP H 479 35.96 -16.82 -49.08
C TRP H 479 35.09 -18.04 -48.82
N GLY H 480 33.91 -18.11 -49.43
CA GLY H 480 33.01 -19.22 -49.14
C GLY H 480 32.62 -20.08 -50.32
N GLY H 481 32.92 -21.37 -50.24
CA GLY H 481 32.47 -22.32 -51.23
C GLY H 481 31.87 -23.52 -50.55
N ALA H 482 30.61 -23.85 -50.80
CA ALA H 482 30.04 -25.06 -50.25
C ALA H 482 30.17 -26.23 -51.21
N TYR H 483 30.66 -25.98 -52.42
CA TYR H 483 30.74 -27.04 -53.42
C TYR H 483 31.68 -28.13 -52.93
N HIS H 484 32.84 -27.74 -52.45
CA HIS H 484 33.78 -28.68 -51.86
C HIS H 484 33.94 -28.46 -50.36
N LYS H 485 32.98 -27.75 -49.75
CA LYS H 485 32.97 -27.45 -48.31
C LYS H 485 34.21 -26.72 -47.82
N GLY H 486 34.63 -25.70 -48.57
CA GLY H 486 35.70 -24.85 -48.08
C GLY H 486 35.24 -23.42 -47.93
N ASN H 487 35.05 -22.94 -46.70
CA ASN H 487 34.50 -21.60 -46.50
C ASN H 487 35.05 -20.97 -45.24
N TRP H 488 35.78 -19.89 -45.43
CA TRP H 488 36.36 -19.10 -44.37
C TRP H 488 35.62 -17.78 -44.29
N SER H 489 35.16 -17.46 -43.09
CA SER H 489 34.33 -16.29 -42.86
C SER H 489 35.15 -15.10 -42.40
N GLY H 490 34.75 -13.91 -42.84
CA GLY H 490 35.40 -12.71 -42.40
C GLY H 490 34.94 -12.34 -41.01
N TYR H 491 35.47 -11.27 -40.50
CA TYR H 491 34.98 -10.82 -39.21
C TYR H 491 34.67 -9.34 -39.16
N GLY H 492 35.51 -8.48 -39.74
CA GLY H 492 35.18 -7.06 -39.74
C GLY H 492 33.87 -6.84 -40.45
N LYS H 493 33.69 -7.46 -41.61
CA LYS H 493 32.41 -7.52 -42.30
C LYS H 493 32.30 -9.00 -42.67
N ASP H 494 31.93 -9.81 -41.66
CA ASP H 494 31.95 -11.26 -41.74
C ASP H 494 31.23 -11.82 -42.97
N GLY H 495 31.88 -12.77 -43.65
CA GLY H 495 31.24 -13.44 -44.76
C GLY H 495 31.62 -14.91 -44.90
N ASN H 496 30.65 -15.82 -44.83
CA ASN H 496 30.90 -17.25 -45.00
C ASN H 496 29.85 -17.77 -45.97
N ILE H 497 30.22 -17.77 -47.23
CA ILE H 497 29.31 -18.07 -48.32
C ILE H 497 28.92 -19.55 -48.34
N GLY H 498 29.45 -20.34 -47.42
CA GLY H 498 28.95 -21.71 -47.30
C GLY H 498 27.49 -21.73 -46.86
N ILE H 499 27.17 -20.93 -45.84
CA ILE H 499 25.77 -20.81 -45.43
C ILE H 499 24.99 -20.08 -46.52
N LYS H 500 25.64 -19.21 -47.27
CA LYS H 500 24.96 -18.55 -48.38
C LYS H 500 24.58 -19.59 -49.42
N ASP H 501 25.45 -20.57 -49.62
CA ASP H 501 25.13 -21.68 -50.50
C ASP H 501 23.95 -22.45 -49.93
N GLU H 502 23.89 -22.55 -48.60
CA GLU H 502 22.73 -23.17 -47.99
C GLU H 502 21.46 -22.41 -48.33
N ASP H 503 21.53 -21.09 -48.25
CA ASP H 503 20.38 -20.26 -48.59
C ASP H 503 20.02 -20.43 -50.06
N GLY H 504 21.04 -20.52 -50.91
CA GLY H 504 20.77 -20.76 -52.32
C GLY H 504 20.11 -22.10 -52.55
N MET H 505 20.58 -23.12 -51.83
CA MET H 505 19.96 -24.44 -51.93
C MET H 505 18.49 -24.32 -51.54
N ASN H 506 18.20 -23.43 -50.60
CA ASN H 506 16.82 -23.14 -50.27
C ASN H 506 16.11 -22.52 -51.49
N CYS H 507 16.82 -21.67 -52.23
CA CYS H 507 16.27 -21.10 -53.45
C CYS H 507 15.86 -22.16 -54.47
N GLY H 508 16.66 -23.23 -54.60
CA GLY H 508 16.27 -24.33 -55.46
C GLY H 508 17.24 -24.95 -56.47
N PRO H 509 18.53 -24.60 -56.47
CA PRO H 509 19.44 -25.25 -57.41
C PRO H 509 19.75 -26.69 -57.04
N ILE H 510 20.24 -27.43 -58.03
CA ILE H 510 20.64 -28.82 -57.85
C ILE H 510 22.13 -28.85 -57.50
N ALA H 511 22.47 -29.26 -56.29
CA ALA H 511 23.87 -29.44 -55.89
C ALA H 511 24.12 -30.89 -55.50
N GLY H 512 25.07 -31.53 -56.16
CA GLY H 512 25.45 -32.91 -55.89
C GLY H 512 26.93 -33.06 -55.57
N SER H 513 27.28 -33.70 -54.46
CA SER H 513 28.70 -33.91 -54.14
C SER H 513 28.87 -35.26 -53.43
N CYS H 514 29.40 -36.25 -54.13
CA CYS H 514 29.54 -37.58 -53.54
C CYS H 514 30.87 -37.80 -52.84
N THR H 515 31.88 -37.02 -53.18
CA THR H 515 33.21 -37.11 -52.57
C THR H 515 33.77 -35.71 -52.65
N PHE H 516 34.86 -35.46 -51.94
CA PHE H 516 35.46 -34.13 -52.03
C PHE H 516 35.88 -33.79 -53.45
N PRO H 517 36.45 -34.71 -54.26
CA PRO H 517 36.76 -34.33 -55.64
C PRO H 517 35.54 -33.99 -56.48
N THR H 518 34.43 -34.71 -56.29
CA THR H 518 33.27 -34.59 -57.17
C THR H 518 32.13 -33.80 -56.55
N THR H 519 31.76 -32.73 -57.25
CA THR H 519 30.62 -31.89 -56.91
C THR H 519 30.16 -31.19 -58.18
N GLY H 520 28.91 -30.74 -58.19
CA GLY H 520 28.37 -29.98 -59.29
C GLY H 520 27.02 -29.36 -58.94
N THR H 521 26.77 -28.11 -59.32
CA THR H 521 25.46 -27.54 -59.05
C THR H 521 25.00 -26.71 -60.25
N SER H 522 23.69 -26.67 -60.43
CA SER H 522 23.05 -25.94 -61.51
C SER H 522 21.81 -25.23 -61.00
N LYS H 523 21.32 -24.27 -61.79
CA LYS H 523 20.10 -23.52 -61.48
C LYS H 523 20.24 -22.75 -60.16
N SER H 524 21.38 -22.13 -59.96
CA SER H 524 21.65 -21.40 -58.72
C SER H 524 21.22 -19.95 -58.85
N PRO H 525 20.19 -19.51 -58.15
CA PRO H 525 19.83 -18.09 -58.14
C PRO H 525 20.35 -17.33 -56.93
N SER H 526 21.08 -18.02 -56.06
CA SER H 526 21.57 -17.41 -54.83
C SER H 526 22.55 -16.27 -55.05
N PRO H 527 23.49 -16.32 -55.99
CA PRO H 527 24.47 -15.23 -56.04
C PRO H 527 23.86 -13.85 -56.27
N PHE H 528 22.98 -13.69 -57.26
CA PHE H 528 22.48 -12.34 -57.54
C PHE H 528 21.65 -11.77 -56.40
N VAL H 529 20.86 -12.57 -55.71
CA VAL H 529 20.04 -12.00 -54.65
C VAL H 529 20.77 -12.02 -53.32
N ASP H 530 21.31 -13.19 -52.96
CA ASP H 530 21.96 -13.34 -51.66
C ASP H 530 23.18 -12.45 -51.55
N LEU H 531 24.03 -12.43 -52.59
CA LEU H 531 25.20 -11.56 -52.55
C LEU H 531 24.80 -10.10 -52.51
N GLY H 532 23.80 -9.70 -53.29
CA GLY H 532 23.42 -8.30 -53.32
C GLY H 532 22.99 -7.79 -51.95
N ALA H 533 22.10 -8.55 -51.28
CA ALA H 533 21.62 -8.08 -49.98
C ALA H 533 22.69 -8.24 -48.93
N LYS H 534 23.32 -9.41 -48.87
CA LYS H 534 24.29 -9.70 -47.84
C LYS H 534 25.44 -8.72 -47.93
N ASP H 535 25.83 -8.38 -49.15
CA ASP H 535 26.98 -7.55 -49.45
C ASP H 535 26.59 -6.10 -49.64
N ALA H 536 25.37 -5.74 -49.26
CA ALA H 536 24.90 -4.37 -49.45
C ALA H 536 25.79 -3.38 -48.71
N THR H 537 26.38 -3.80 -47.58
CA THR H 537 27.13 -2.88 -46.72
C THR H 537 28.25 -2.20 -47.50
N SER H 538 28.54 -0.95 -47.11
CA SER H 538 29.49 -0.05 -47.73
C SER H 538 30.05 -0.55 -49.05
N GLY H 539 31.27 -1.07 -49.04
CA GLY H 539 31.93 -1.49 -50.26
C GLY H 539 32.04 -3.00 -50.29
N ILE H 540 31.67 -3.60 -51.41
CA ILE H 540 31.78 -5.04 -51.58
C ILE H 540 32.22 -5.36 -53.00
N GLY H 541 33.08 -6.34 -53.11
CA GLY H 541 33.45 -6.89 -54.41
C GLY H 541 33.18 -8.38 -54.37
N ILE H 542 32.39 -8.92 -55.29
CA ILE H 542 32.07 -10.34 -55.33
C ILE H 542 32.62 -10.97 -56.59
N GLY H 543 33.27 -12.12 -56.45
CA GLY H 543 33.68 -12.94 -57.58
C GLY H 543 33.15 -14.33 -57.36
N PHE H 544 32.36 -14.87 -58.28
CA PHE H 544 31.75 -16.16 -58.03
C PHE H 544 31.92 -17.13 -59.20
N ILE H 545 32.26 -18.37 -58.86
CA ILE H 545 32.23 -19.48 -59.80
C ILE H 545 31.17 -20.45 -59.28
N THR H 546 30.39 -21.03 -60.17
CA THR H 546 29.46 -22.03 -59.69
C THR H 546 29.48 -23.32 -60.50
N ASP H 547 29.71 -23.19 -61.81
CA ASP H 547 29.56 -24.34 -62.69
C ASP H 547 30.61 -25.42 -62.44
N ASN H 548 31.89 -25.03 -62.48
CA ASN H 548 32.96 -25.97 -62.20
C ASN H 548 33.04 -26.25 -60.71
N ILE H 549 33.03 -25.18 -59.90
CA ILE H 549 33.11 -25.23 -58.46
C ILE H 549 32.33 -24.01 -58.03
N ILE H 550 31.77 -24.00 -56.82
CA ILE H 550 31.15 -22.77 -56.35
C ILE H 550 32.12 -22.13 -55.36
N LEU H 551 32.72 -21.02 -55.79
CA LEU H 551 33.65 -20.28 -54.96
C LEU H 551 33.22 -18.83 -55.00
N ASP H 552 32.75 -18.30 -53.88
CA ASP H 552 32.31 -16.93 -53.78
C ASP H 552 33.31 -16.18 -52.92
N LEU H 553 33.94 -15.16 -53.50
CA LEU H 553 35.00 -14.42 -52.81
C LEU H 553 34.59 -12.96 -52.77
N GLN H 554 34.32 -12.46 -51.56
CA GLN H 554 33.87 -11.09 -51.40
C GLN H 554 34.87 -10.31 -50.54
N LEU H 555 35.05 -9.05 -50.89
CA LEU H 555 35.86 -8.12 -50.11
C LEU H 555 34.94 -7.00 -49.66
N SER H 556 34.74 -6.86 -48.37
CA SER H 556 33.82 -5.87 -47.81
C SER H 556 34.58 -4.83 -47.01
N ALA H 557 34.60 -3.59 -47.50
CA ALA H 557 35.40 -2.53 -46.87
C ALA H 557 34.56 -1.28 -46.64
N MET H 558 34.74 -0.68 -45.46
CA MET H 558 34.08 0.56 -45.09
C MET H 558 35.10 1.53 -44.50
N GLU H 559 35.10 2.77 -44.96
CA GLU H 559 35.96 3.81 -44.40
C GLU H 559 35.13 5.02 -44.03
N LYS H 560 35.19 5.45 -42.77
CA LYS H 560 34.40 6.59 -42.31
C LYS H 560 35.30 7.65 -41.70
N THR H 561 35.10 8.89 -42.12
CA THR H 561 35.81 10.02 -41.53
C THR H 561 34.80 11.08 -41.12
N GLY H 562 34.85 11.48 -39.85
CA GLY H 562 33.98 12.51 -39.35
C GLY H 562 34.71 13.60 -38.60
N ASN H 563 34.52 14.86 -38.95
CA ASN H 563 35.11 15.95 -38.19
C ASN H 563 33.99 16.85 -37.67
N GLY H 564 33.93 17.02 -36.35
CA GLY H 564 32.95 17.87 -35.73
C GLY H 564 33.58 18.95 -34.88
N GLU H 565 33.23 20.21 -35.12
CA GLU H 565 33.71 21.31 -34.32
C GLU H 565 32.54 22.06 -33.70
N ILE H 566 32.56 22.22 -32.38
CA ILE H 566 31.55 22.98 -31.67
C ILE H 566 32.22 24.13 -30.94
N VAL H 567 31.77 25.34 -31.21
CA VAL H 567 32.32 26.53 -30.58
C VAL H 567 31.17 27.28 -29.91
N SER H 568 31.18 27.32 -28.59
CA SER H 568 30.12 27.99 -27.85
C SER H 568 30.72 29.06 -26.95
N GLN H 569 30.25 30.29 -27.04
CA GLN H 569 30.81 31.36 -26.21
C GLN H 569 29.77 32.18 -25.50
N PRO H 570 29.63 32.05 -24.19
CA PRO H 570 28.78 32.97 -23.44
C PRO H 570 29.54 34.12 -22.79
N LYS H 571 29.04 35.33 -22.96
CA LYS H 571 29.65 36.54 -22.40
C LYS H 571 28.72 37.18 -21.38
N VAL H 572 29.23 37.43 -20.17
CA VAL H 572 28.43 37.98 -19.08
C VAL H 572 29.09 39.24 -18.53
N VAL H 573 28.32 40.29 -18.33
CA VAL H 573 28.85 41.51 -17.71
C VAL H 573 28.44 41.53 -16.24
N THR H 574 29.42 41.62 -15.35
CA THR H 574 29.19 41.52 -13.92
C THR H 574 29.79 42.67 -13.15
N SER H 575 29.13 43.05 -12.06
CA SER H 575 29.69 44.06 -11.18
C SER H 575 30.83 43.45 -10.37
N ASP H 576 31.69 44.32 -9.87
CA ASP H 576 32.90 43.86 -9.20
C ASP H 576 32.56 43.21 -7.87
N LYS H 577 33.12 42.03 -7.62
CA LYS H 577 32.96 41.27 -6.39
C LYS H 577 31.57 40.68 -6.28
N GLU H 578 30.81 40.67 -7.37
CA GLU H 578 29.45 40.16 -7.35
C GLU H 578 29.34 38.96 -8.25
N THR H 579 28.47 38.03 -7.87
CA THR H 579 28.23 36.86 -8.69
C THR H 579 27.23 37.16 -9.80
N ALA H 580 27.51 36.60 -10.98
CA ALA H 580 26.57 36.67 -12.09
C ALA H 580 26.55 35.34 -12.80
N LYS H 581 25.44 35.06 -13.47
CA LYS H 581 25.30 33.78 -14.14
C LYS H 581 24.68 33.95 -15.51
N ILE H 582 25.07 33.07 -16.42
CA ILE H 582 24.43 32.94 -17.72
C ILE H 582 24.09 31.48 -17.87
N LEU H 583 22.87 31.19 -18.28
CA LEU H 583 22.43 29.82 -18.43
C LEU H 583 21.66 29.66 -19.72
N LYS H 584 22.02 28.66 -20.51
CA LYS H 584 21.29 28.33 -21.73
C LYS H 584 21.20 26.82 -21.86
N GLY H 585 19.99 26.29 -21.89
CA GLY H 585 19.84 24.86 -21.91
C GLY H 585 18.43 24.48 -21.46
N SER H 586 18.33 23.30 -20.86
CA SER H 586 17.02 22.80 -20.48
C SER H 586 17.11 21.95 -19.22
N GLU H 587 16.12 22.03 -18.33
CA GLU H 587 16.20 21.36 -17.03
C GLU H 587 15.34 20.11 -17.05
N VAL H 588 16.00 18.96 -17.12
CA VAL H 588 15.23 17.73 -17.01
C VAL H 588 14.73 17.60 -15.57
N PRO H 589 13.48 17.28 -15.39
CA PRO H 589 12.94 17.04 -14.05
C PRO H 589 12.88 15.55 -13.78
N TYR H 590 12.80 15.20 -12.51
CA TYR H 590 12.59 13.84 -12.05
C TYR H 590 11.35 13.87 -11.20
N GLN H 591 10.38 13.03 -11.54
CA GLN H 591 9.18 12.95 -10.71
C GLN H 591 9.52 12.01 -9.57
N GLU H 592 9.88 12.57 -8.40
CA GLU H 592 10.20 11.76 -7.25
C GLU H 592 9.34 12.27 -6.12
N ALA H 593 8.05 12.02 -6.19
CA ALA H 593 7.22 12.39 -5.07
C ALA H 593 7.30 11.21 -4.13
N SER H 594 8.23 11.28 -3.18
CA SER H 594 8.32 10.24 -2.18
C SER H 594 7.20 10.62 -1.24
N SER H 595 6.36 9.64 -0.95
CA SER H 595 5.09 9.92 -0.29
C SER H 595 5.24 10.68 1.02
N SER H 596 6.18 10.32 1.89
CA SER H 596 6.12 11.00 3.17
C SER H 596 6.77 12.38 3.15
N GLY H 597 6.10 13.29 2.50
CA GLY H 597 6.57 14.63 2.64
C GLY H 597 7.82 14.99 1.90
N ALA H 598 8.29 14.16 0.97
CA ALA H 598 9.45 14.62 0.19
C ALA H 598 9.06 14.62 -1.26
N THR H 599 8.58 15.74 -1.75
CA THR H 599 8.31 15.89 -3.16
C THR H 599 9.54 16.46 -3.80
N SER H 600 10.34 15.63 -4.43
CA SER H 600 11.46 16.19 -5.15
C SER H 600 11.02 16.12 -6.60
N THR H 601 10.55 17.26 -7.07
CA THR H 601 10.34 17.37 -8.49
C THR H 601 11.74 17.78 -8.89
N SER H 602 12.60 16.78 -8.95
CA SER H 602 14.00 17.06 -9.16
C SER H 602 14.15 17.70 -10.52
N PHE H 603 15.20 18.47 -10.66
CA PHE H 603 15.48 19.02 -11.97
C PHE H 603 16.96 19.33 -12.00
N LYS H 604 17.46 19.49 -13.19
CA LYS H 604 18.84 19.88 -13.38
C LYS H 604 18.92 20.27 -14.83
N GLU H 605 19.49 21.43 -15.13
CA GLU H 605 19.51 21.89 -16.49
C GLU H 605 20.82 21.50 -17.17
N ALA H 606 20.68 20.77 -18.26
CA ALA H 606 21.82 20.46 -19.11
C ALA H 606 21.95 21.73 -19.94
N ALA H 607 23.00 22.49 -19.67
CA ALA H 607 23.11 23.80 -20.24
C ALA H 607 24.54 24.25 -20.31
N LEU H 608 24.76 25.28 -21.10
CA LEU H 608 26.00 26.02 -21.08
C LEU H 608 25.78 27.09 -20.03
N SER H 609 26.72 27.25 -19.11
CA SER H 609 26.50 28.22 -18.07
C SER H 609 27.81 28.76 -17.55
N LEU H 610 27.76 30.01 -17.09
CA LEU H 610 28.88 30.64 -16.42
C LEU H 610 28.41 31.24 -15.12
N GLU H 611 29.05 30.85 -14.03
CA GLU H 611 28.84 31.47 -12.73
C GLU H 611 30.14 32.13 -12.34
N VAL H 612 30.16 33.46 -12.37
CA VAL H 612 31.40 34.19 -12.20
C VAL H 612 31.35 35.08 -10.97
N THR H 613 32.44 35.10 -10.22
CA THR H 613 32.61 36.02 -9.10
C THR H 613 33.97 36.68 -9.27
N PRO H 614 34.01 37.78 -10.02
CA PRO H 614 35.27 38.49 -10.27
C PRO H 614 35.69 39.44 -9.17
N GLN H 615 36.98 39.40 -8.82
CA GLN H 615 37.59 40.35 -7.91
C GLN H 615 38.61 41.15 -8.72
N ILE H 616 38.49 42.47 -8.68
CA ILE H 616 39.32 43.34 -9.52
C ILE H 616 40.52 43.83 -8.73
N THR H 617 41.70 43.66 -9.29
CA THR H 617 42.92 44.15 -8.68
C THR H 617 43.30 45.44 -9.38
N PRO H 618 44.14 46.30 -8.79
CA PRO H 618 44.38 47.58 -9.46
C PRO H 618 45.05 47.43 -10.82
N ASP H 619 45.98 46.48 -10.95
CA ASP H 619 46.74 46.40 -12.19
C ASP H 619 45.94 45.71 -13.30
N ASN H 620 44.70 46.15 -13.50
CA ASN H 620 43.89 45.71 -14.62
C ASN H 620 43.85 44.19 -14.73
N ARG H 621 43.66 43.52 -13.61
CA ARG H 621 43.54 42.08 -13.63
C ARG H 621 42.36 41.70 -12.76
N ILE H 622 41.88 40.49 -12.98
CA ILE H 622 40.81 39.94 -12.18
C ILE H 622 41.16 38.54 -11.74
N ILE H 623 40.95 38.28 -10.47
CA ILE H 623 40.97 36.93 -9.96
C ILE H 623 39.50 36.56 -9.84
N VAL H 624 39.06 35.61 -10.61
CA VAL H 624 37.65 35.29 -10.64
C VAL H 624 37.44 33.83 -10.29
N GLU H 625 36.44 33.56 -9.48
CA GLU H 625 36.01 32.19 -9.27
C GLU H 625 34.91 31.94 -10.29
N VAL H 626 35.17 31.08 -11.26
CA VAL H 626 34.23 30.83 -12.32
C VAL H 626 33.92 29.35 -12.42
N LYS H 627 32.64 29.02 -12.42
CA LYS H 627 32.15 27.69 -12.73
C LYS H 627 31.66 27.73 -14.17
N VAL H 628 32.24 26.92 -15.04
CA VAL H 628 31.92 26.86 -16.45
C VAL H 628 31.37 25.49 -16.76
N THR H 629 30.11 25.40 -17.13
CA THR H 629 29.51 24.09 -17.35
C THR H 629 28.94 23.97 -18.75
N LYS H 630 29.27 22.89 -19.44
CA LYS H 630 28.63 22.55 -20.71
C LYS H 630 28.01 21.19 -20.54
N ASP H 631 26.70 21.15 -20.38
CA ASP H 631 26.00 19.91 -20.13
C ASP H 631 24.97 19.66 -21.21
N ALA H 632 24.98 18.47 -21.76
CA ALA H 632 24.05 18.17 -22.83
C ALA H 632 22.93 17.26 -22.34
N PRO H 633 21.71 17.61 -22.74
CA PRO H 633 20.51 16.85 -22.37
C PRO H 633 20.61 15.40 -22.78
N ASP H 634 20.41 14.52 -21.81
CA ASP H 634 20.59 13.10 -22.02
C ASP H 634 19.56 12.52 -22.98
N TYR H 635 20.02 11.61 -23.83
CA TYR H 635 19.12 10.88 -24.70
C TYR H 635 18.15 10.02 -23.89
N GLN H 636 18.68 9.30 -22.91
CA GLN H 636 17.85 8.38 -22.14
C GLN H 636 16.74 9.14 -21.43
N ASN H 637 17.00 10.41 -21.11
CA ASN H 637 15.94 11.24 -20.55
C ASN H 637 14.85 11.42 -21.56
N MET H 638 15.23 11.70 -22.81
CA MET H 638 14.25 11.77 -23.87
C MET H 638 13.58 10.41 -24.03
N LEU H 639 14.27 9.33 -23.64
CA LEU H 639 13.73 7.99 -23.69
C LEU H 639 12.75 7.70 -22.54
N ASN H 640 12.68 8.57 -21.53
CA ASN H 640 11.85 8.34 -20.34
C ASN H 640 12.28 7.09 -19.57
N GLY H 641 13.58 6.80 -19.61
CA GLY H 641 14.18 5.71 -18.87
C GLY H 641 14.97 6.33 -17.74
N VAL H 642 16.14 5.80 -17.43
CA VAL H 642 17.03 6.41 -16.46
C VAL H 642 17.93 7.36 -17.23
N PRO H 643 17.80 8.66 -17.03
CA PRO H 643 18.50 9.66 -17.84
C PRO H 643 19.90 10.03 -17.37
N PRO H 644 20.95 9.58 -18.06
CA PRO H 644 22.29 10.07 -17.75
C PRO H 644 22.65 11.33 -18.54
N ILE H 645 22.45 12.51 -17.96
CA ILE H 645 22.86 13.74 -18.63
C ILE H 645 24.37 13.79 -18.72
N ASN H 646 24.93 14.50 -19.70
CA ASN H 646 26.38 14.53 -19.83
C ASN H 646 26.90 15.90 -19.43
N LYS H 647 27.85 15.94 -18.48
CA LYS H 647 28.38 17.19 -17.96
C LYS H 647 29.86 17.34 -18.22
N ASN H 648 30.25 18.46 -18.84
CA ASN H 648 31.65 18.85 -18.93
C ASN H 648 31.79 20.17 -18.18
N GLU H 649 32.22 20.16 -16.93
CA GLU H 649 32.23 21.41 -16.19
C GLU H 649 33.54 21.57 -15.43
N VAL H 650 34.12 22.77 -15.52
CA VAL H 650 35.31 23.11 -14.76
C VAL H 650 34.99 24.29 -13.85
N ASN H 651 35.31 24.16 -12.58
CA ASN H 651 35.09 25.23 -11.60
C ASN H 651 36.41 25.58 -10.94
N ALA H 652 36.83 26.83 -11.06
CA ALA H 652 38.14 27.20 -10.52
C ALA H 652 38.25 28.70 -10.44
N LYS H 653 39.19 29.16 -9.61
CA LYS H 653 39.47 30.58 -9.45
C LYS H 653 40.85 30.88 -10.01
N ILE H 654 40.93 31.88 -10.89
CA ILE H 654 42.18 32.20 -11.57
C ILE H 654 42.40 33.70 -11.67
N LEU H 655 43.67 34.08 -11.86
CA LEU H 655 44.07 35.47 -12.03
C LEU H 655 44.49 35.68 -13.48
N VAL H 656 43.92 36.69 -14.14
CA VAL H 656 44.31 37.06 -15.50
C VAL H 656 44.23 38.57 -15.68
N ASN H 657 45.04 39.08 -16.61
CA ASN H 657 44.83 40.47 -16.95
C ASN H 657 43.61 40.59 -17.85
N ASP H 658 43.13 41.82 -18.01
CA ASP H 658 41.93 42.01 -18.81
C ASP H 658 42.15 41.56 -20.25
N GLY H 659 43.29 41.88 -20.82
CA GLY H 659 43.50 41.56 -22.20
C GLY H 659 43.95 40.15 -22.45
N GLU H 660 43.85 39.28 -21.45
CA GLU H 660 44.47 37.97 -21.51
C GLU H 660 43.45 36.86 -21.35
N THR H 661 43.67 35.79 -22.11
CA THR H 661 42.84 34.61 -22.06
C THR H 661 43.65 33.43 -21.58
N ILE H 662 43.09 32.65 -20.69
CA ILE H 662 43.79 31.42 -20.30
C ILE H 662 42.84 30.25 -20.44
N VAL H 663 43.42 29.06 -20.37
CA VAL H 663 42.67 27.82 -20.44
C VAL H 663 42.29 27.51 -19.01
N ILE H 664 41.01 27.67 -18.68
CA ILE H 664 40.64 27.29 -17.34
C ILE H 664 40.91 25.82 -17.16
N GLY H 665 40.57 25.06 -18.18
CA GLY H 665 40.83 23.63 -18.20
C GLY H 665 40.56 23.10 -19.60
N GLY H 666 40.99 21.89 -19.81
CA GLY H 666 40.71 21.20 -21.05
C GLY H 666 41.08 19.75 -20.91
N VAL H 667 40.52 18.93 -21.80
CA VAL H 667 40.87 17.53 -21.84
C VAL H 667 40.90 17.03 -23.26
N PHE H 668 41.95 16.30 -23.62
CA PHE H 668 42.05 15.61 -24.89
C PHE H 668 41.92 14.11 -24.68
N SER H 669 40.96 13.50 -25.35
CA SER H 669 40.78 12.05 -25.32
C SER H 669 41.21 11.44 -26.65
N ASN H 670 42.30 10.68 -26.63
CA ASN H 670 42.85 10.07 -27.83
C ASN H 670 42.55 8.57 -27.80
N GLU H 671 41.64 8.12 -28.66
CA GLU H 671 41.30 6.71 -28.74
C GLU H 671 41.99 6.10 -29.95
N GLN H 672 42.81 5.08 -29.72
CA GLN H 672 43.45 4.35 -30.81
C GLN H 672 43.11 2.88 -30.68
N SER H 673 42.33 2.37 -31.62
CA SER H 673 41.89 0.98 -31.59
C SER H 673 42.34 0.27 -32.86
N LYS H 674 42.98 -0.88 -32.69
CA LYS H 674 43.37 -1.70 -33.82
C LYS H 674 42.91 -3.13 -33.55
N SER H 675 42.27 -3.74 -34.55
CA SER H 675 41.78 -5.11 -34.41
C SER H 675 42.13 -5.86 -35.68
N VAL H 676 42.83 -6.98 -35.56
CA VAL H 676 43.16 -7.81 -36.71
C VAL H 676 42.62 -9.20 -36.47
N GLU H 677 41.87 -9.70 -37.44
CA GLU H 677 41.27 -11.03 -37.38
C GLU H 677 41.73 -11.83 -38.59
N LYS H 678 42.32 -13.00 -38.36
CA LYS H 678 42.89 -13.74 -39.48
C LYS H 678 42.85 -15.25 -39.28
N VAL H 679 42.38 -15.95 -40.30
CA VAL H 679 42.59 -17.40 -40.28
C VAL H 679 44.10 -17.62 -40.36
N PRO H 680 44.70 -18.44 -39.49
CA PRO H 680 46.17 -18.46 -39.45
C PRO H 680 46.87 -18.86 -40.73
N PHE H 681 46.50 -19.98 -41.34
CA PHE H 681 47.26 -20.44 -42.51
C PHE H 681 47.12 -19.48 -43.68
N LEU H 682 45.88 -19.12 -44.01
CA LEU H 682 45.63 -18.22 -45.12
C LEU H 682 46.08 -16.81 -44.78
N GLY H 683 45.90 -16.41 -43.51
CA GLY H 683 46.35 -15.09 -43.09
C GLY H 683 47.84 -14.92 -43.30
N GLU H 684 48.59 -16.01 -43.13
CA GLU H 684 50.04 -15.97 -43.31
C GLU H 684 50.42 -15.54 -44.73
N LEU H 685 49.68 -16.02 -45.72
CA LEU H 685 50.02 -15.73 -47.11
C LEU H 685 50.06 -14.22 -47.37
N PRO H 686 51.10 -13.70 -48.02
CA PRO H 686 51.18 -12.25 -48.24
C PRO H 686 50.09 -11.73 -49.15
N TYR H 687 49.80 -12.43 -50.24
CA TYR H 687 48.82 -11.96 -51.20
C TYR H 687 47.40 -12.35 -50.82
N LEU H 688 47.26 -13.32 -49.93
CA LEU H 688 45.97 -13.81 -49.54
C LEU H 688 45.66 -13.45 -48.10
N GLY H 689 46.67 -13.01 -47.34
CA GLY H 689 46.40 -12.59 -46.00
C GLY H 689 45.45 -11.41 -46.01
N ARG H 690 45.68 -10.47 -46.93
CA ARG H 690 44.74 -9.37 -47.07
C ARG H 690 43.37 -9.92 -47.37
N LEU H 691 43.31 -11.01 -48.12
CA LEU H 691 42.08 -11.68 -48.45
C LEU H 691 41.63 -12.60 -47.33
N PHE H 692 42.44 -12.72 -46.28
CA PHE H 692 42.06 -13.55 -45.15
C PHE H 692 42.39 -12.90 -43.81
N ARG H 693 42.67 -11.61 -43.78
CA ARG H 693 42.86 -10.87 -42.53
C ARG H 693 41.81 -9.78 -42.48
N ARG H 694 40.99 -9.80 -41.44
CA ARG H 694 39.92 -8.84 -41.26
C ARG H 694 40.43 -7.75 -40.34
N ASP H 695 40.61 -6.56 -40.90
CA ASP H 695 41.24 -5.46 -40.17
C ASP H 695 40.22 -4.39 -39.82
N THR H 696 40.14 -4.04 -38.55
CA THR H 696 39.37 -2.88 -38.14
C THR H 696 40.29 -1.97 -37.35
N VAL H 697 40.51 -0.76 -37.86
CA VAL H 697 41.32 0.23 -37.18
C VAL H 697 40.48 1.48 -36.99
N THR H 698 40.34 1.92 -35.75
CA THR H 698 39.57 3.11 -35.45
C THR H 698 40.40 4.06 -34.61
N ASP H 699 40.50 5.31 -35.04
CA ASP H 699 41.14 6.38 -34.28
C ASP H 699 40.07 7.44 -34.05
N ARG H 700 39.67 7.64 -32.80
CA ARG H 700 38.73 8.68 -32.46
C ARG H 700 39.40 9.57 -31.44
N LYS H 701 39.56 10.85 -31.76
CA LYS H 701 40.15 11.77 -30.81
C LYS H 701 39.23 12.96 -30.62
N ASN H 702 38.74 13.12 -29.41
CA ASN H 702 37.87 14.23 -29.06
C ASN H 702 38.55 15.03 -27.96
N GLU H 703 38.68 16.33 -28.17
CA GLU H 703 39.25 17.22 -27.17
C GLU H 703 38.26 18.32 -26.84
N LEU H 704 38.15 18.65 -25.56
CA LEU H 704 37.32 19.76 -25.11
C LEU H 704 38.17 20.74 -24.32
N LEU H 705 38.07 22.03 -24.63
CA LEU H 705 38.83 23.05 -23.90
C LEU H 705 37.99 24.29 -23.64
N VAL H 706 38.15 24.89 -22.46
CA VAL H 706 37.44 26.12 -22.12
C VAL H 706 38.44 27.28 -21.88
N PHE H 707 38.29 28.36 -22.64
CA PHE H 707 39.09 29.55 -22.43
C PHE H 707 38.30 30.62 -21.71
N LEU H 708 39.00 31.65 -21.25
CA LEU H 708 38.31 32.80 -20.69
C LEU H 708 39.13 34.07 -20.86
N THR H 709 38.44 35.18 -21.15
CA THR H 709 38.99 36.55 -21.19
C THR H 709 38.05 37.56 -20.56
N PRO H 710 38.50 38.33 -19.60
CA PRO H 710 37.64 39.39 -19.06
C PRO H 710 38.02 40.77 -19.60
N ARG H 711 37.08 41.50 -20.19
CA ARG H 711 37.34 42.86 -20.62
C ARG H 711 36.60 43.76 -19.64
N ILE H 712 37.35 44.52 -18.84
CA ILE H 712 36.70 45.31 -17.83
C ILE H 712 35.79 46.32 -18.50
N MET H 713 34.55 46.38 -18.04
CA MET H 713 33.61 47.30 -18.64
C MET H 713 33.74 48.67 -18.00
N ASN H 714 34.52 48.76 -16.92
CA ASN H 714 34.82 50.05 -16.34
C ASN H 714 35.56 50.93 -17.32
N ASN H 715 36.32 50.33 -18.24
CA ASN H 715 37.04 51.12 -19.21
C ASN H 715 36.07 52.02 -19.95
N GLN H 716 34.85 51.53 -20.10
CA GLN H 716 33.78 52.32 -20.69
C GLN H 716 32.91 52.92 -19.61
N ALA H 717 32.71 52.17 -18.52
CA ALA H 717 31.86 52.62 -17.43
C ALA H 717 32.48 53.79 -16.67
N ILE H 718 33.81 53.80 -16.52
CA ILE H 718 34.44 54.94 -15.86
C ILE H 718 34.36 56.17 -16.75
N ALA H 719 34.59 55.99 -18.05
CA ALA H 719 34.44 57.10 -18.99
C ALA H 719 32.97 57.44 -19.17
N ILE H 720 32.10 56.54 -18.75
CA ILE H 720 30.67 56.74 -18.70
C ILE H 720 30.15 56.81 -17.27
N LEU I 385 47.21 59.47 17.15
CA LEU I 385 46.82 58.39 16.25
C LEU I 385 46.46 59.00 14.91
N ARG I 386 46.74 58.26 13.82
CA ARG I 386 46.51 58.73 12.47
C ARG I 386 45.55 57.78 11.76
N ARG I 387 44.63 58.36 10.99
CA ARG I 387 43.70 57.61 10.18
C ARG I 387 44.28 57.43 8.78
N GLU I 388 44.42 56.19 8.33
CA GLU I 388 44.98 55.91 7.02
C GLU I 388 44.10 54.91 6.26
N LEU I 389 43.91 55.16 4.97
CA LEU I 389 43.17 54.27 4.09
C LEU I 389 44.14 53.45 3.25
N ILE I 390 44.08 52.12 3.37
CA ILE I 390 44.86 51.21 2.54
C ILE I 390 43.89 50.26 1.86
N GLN I 391 44.06 50.07 0.56
CA GLN I 391 43.19 49.18 -0.19
C GLN I 391 43.94 47.87 -0.45
N VAL I 392 43.32 46.76 -0.09
CA VAL I 392 43.91 45.44 -0.28
C VAL I 392 43.10 44.67 -1.30
N ASN I 393 43.65 44.54 -2.51
CA ASN I 393 42.98 43.76 -3.53
C ASN I 393 43.19 42.26 -3.36
N TYR I 394 44.39 41.84 -2.98
CA TYR I 394 44.64 40.41 -2.91
C TYR I 394 44.32 39.85 -1.54
N ALA I 395 44.09 40.72 -0.57
CA ALA I 395 43.84 40.33 0.81
C ALA I 395 42.43 40.73 1.21
N LYS I 396 41.72 39.81 1.84
CA LYS I 396 40.40 40.13 2.36
C LYS I 396 40.54 41.18 3.47
N ALA I 397 39.60 42.13 3.50
CA ALA I 397 39.66 43.18 4.51
C ALA I 397 39.57 42.60 5.92
N ALA I 398 38.73 41.58 6.09
CA ALA I 398 38.64 40.94 7.40
C ALA I 398 39.98 40.35 7.81
N ASP I 399 40.69 39.77 6.85
CA ASP I 399 42.00 39.20 7.15
C ASP I 399 42.95 40.29 7.64
N ILE I 400 42.92 41.45 6.99
CA ILE I 400 43.74 42.57 7.42
C ILE I 400 43.34 43.02 8.82
N ALA I 401 42.04 42.99 9.10
CA ALA I 401 41.60 43.33 10.44
C ALA I 401 42.17 42.36 11.45
N LYS I 402 42.23 41.08 11.10
CA LYS I 402 42.84 40.09 11.97
C LYS I 402 44.32 40.37 12.16
N LEU I 403 44.99 40.81 11.08
CA LEU I 403 46.39 41.17 11.20
C LEU I 403 46.57 42.33 12.15
N PHE I 404 45.68 43.31 12.08
CA PHE I 404 45.75 44.43 13.01
C PHE I 404 45.47 43.95 14.43
N GLN I 405 44.56 43.00 14.58
CA GLN I 405 44.28 42.45 15.91
C GLN I 405 45.53 41.80 16.45
N SER I 406 46.25 41.10 15.58
CA SER I 406 47.54 40.53 15.98
C SER I 406 48.50 41.62 16.35
N VAL I 407 48.45 42.74 15.62
CA VAL I 407 49.31 43.88 15.92
C VAL I 407 49.01 44.39 17.32
N THR I 408 47.73 44.43 17.69
CA THR I 408 47.34 44.82 19.03
C THR I 408 47.85 43.80 20.05
N SER I 409 47.78 42.52 19.69
CA SER I 409 48.33 41.48 20.57
C SER I 409 49.82 41.69 20.78
N ASP I 410 50.51 42.28 19.80
CA ASP I 410 51.94 42.53 19.95
C ASP I 410 52.21 43.35 21.19
N GLY I 411 51.40 44.37 21.45
CA GLY I 411 51.53 45.15 22.66
C GLY I 411 50.27 45.92 23.01
N GLY I 421 43.28 52.90 17.93
CA GLY I 421 43.14 51.52 17.50
C GLY I 421 41.77 51.21 16.96
N SER I 422 41.36 51.95 15.93
CA SER I 422 40.05 51.79 15.31
C SER I 422 40.21 51.29 13.88
N ILE I 423 39.45 50.27 13.53
CA ILE I 423 39.55 49.63 12.22
C ILE I 423 38.22 49.72 11.49
N THR I 424 38.28 50.07 10.20
CA THR I 424 37.11 50.19 9.34
C THR I 424 37.32 49.35 8.09
N VAL I 425 36.31 48.58 7.72
CA VAL I 425 36.40 47.67 6.57
C VAL I 425 35.38 48.08 5.52
N ASP I 426 35.85 48.29 4.28
CA ASP I 426 34.99 48.55 3.14
C ASP I 426 34.99 47.30 2.28
N ASP I 427 33.85 46.61 2.25
CA ASP I 427 33.73 45.36 1.50
C ASP I 427 33.83 45.59 0.00
N ARG I 428 33.16 46.63 -0.51
CA ARG I 428 33.10 46.79 -1.97
C ARG I 428 34.49 47.02 -2.53
N THR I 429 35.27 47.88 -1.90
CA THR I 429 36.61 48.15 -2.36
C THR I 429 37.63 47.28 -1.66
N ASN I 430 37.20 46.51 -0.66
CA ASN I 430 38.11 45.71 0.14
C ASN I 430 39.20 46.61 0.72
N SER I 431 38.80 47.80 1.14
CA SER I 431 39.76 48.79 1.61
C SER I 431 39.56 49.02 3.10
N ILE I 432 40.64 48.95 3.85
CA ILE I 432 40.60 49.07 5.29
C ILE I 432 41.18 50.42 5.67
N ILE I 433 40.45 51.16 6.48
CA ILE I 433 40.94 52.43 7.01
C ILE I 433 41.13 52.25 8.50
N ALA I 434 42.34 52.48 8.99
CA ALA I 434 42.62 52.31 10.39
C ALA I 434 43.10 53.64 10.96
N TYR I 435 42.46 54.07 12.04
CA TYR I 435 42.90 55.26 12.76
C TYR I 435 43.53 54.73 14.04
N GLN I 436 44.84 54.80 14.13
CA GLN I 436 45.52 54.17 15.25
C GLN I 436 46.95 54.70 15.33
N PRO I 437 47.75 54.29 16.32
CA PRO I 437 49.11 54.83 16.41
C PRO I 437 49.89 54.60 15.12
N GLN I 438 50.75 55.56 14.80
CA GLN I 438 51.46 55.52 13.52
C GLN I 438 52.29 54.27 13.39
N GLU I 439 52.96 53.84 14.46
CA GLU I 439 53.86 52.70 14.36
C GLU I 439 53.09 51.43 14.03
N ARG I 440 51.97 51.21 14.73
CA ARG I 440 51.15 50.05 14.43
C ARG I 440 50.62 50.15 13.02
N LEU I 441 50.29 51.36 12.60
CA LEU I 441 49.78 51.59 11.26
C LEU I 441 50.79 51.14 10.23
N ASP I 442 52.05 51.54 10.43
CA ASP I 442 53.11 51.21 9.49
C ASP I 442 53.37 49.70 9.46
N GLU I 443 53.39 49.08 10.64
CA GLU I 443 53.64 47.64 10.68
C GLU I 443 52.53 46.91 9.95
N LEU I 444 51.29 47.33 10.17
CA LEU I 444 50.17 46.69 9.50
C LEU I 444 50.29 46.90 8.00
N ARG I 445 50.78 48.07 7.60
CA ARG I 445 51.01 48.35 6.19
C ARG I 445 51.99 47.35 5.58
N ARG I 446 53.07 47.07 6.31
CA ARG I 446 54.02 46.07 5.81
C ARG I 446 53.37 44.71 5.69
N ILE I 447 52.56 44.34 6.68
CA ILE I 447 51.84 43.07 6.61
C ILE I 447 50.93 43.08 5.39
N VAL I 448 50.33 44.22 5.10
CA VAL I 448 49.47 44.37 3.94
C VAL I 448 50.26 44.13 2.68
N SER I 449 51.48 44.66 2.62
CA SER I 449 52.32 44.49 1.45
C SER I 449 52.63 43.01 1.24
N GLN I 450 52.93 42.31 2.32
CA GLN I 450 53.19 40.88 2.21
C GLN I 450 51.95 40.11 1.77
N LEU I 451 50.80 40.41 2.39
CA LEU I 451 49.57 39.68 2.10
C LEU I 451 49.07 39.90 0.69
N ASP I 452 49.14 41.13 0.18
CA ASP I 452 48.58 41.43 -1.13
C ASP I 452 49.58 40.95 -2.19
N ILE I 453 49.76 39.65 -2.21
CA ILE I 453 50.67 38.98 -3.13
C ILE I 453 49.85 38.11 -4.07
N PRO I 454 50.17 38.11 -5.37
CA PRO I 454 49.35 37.34 -6.31
C PRO I 454 49.43 35.86 -6.01
N VAL I 455 48.27 35.21 -5.97
CA VAL I 455 48.23 33.78 -5.79
C VAL I 455 48.75 33.11 -7.05
N ARG I 456 49.60 32.10 -6.89
CA ARG I 456 50.25 31.47 -8.02
C ARG I 456 49.42 30.32 -8.57
N GLN I 457 48.95 30.48 -9.81
CA GLN I 457 48.23 29.42 -10.51
C GLN I 457 49.24 28.47 -11.14
N VAL I 458 48.89 27.20 -11.17
CA VAL I 458 49.67 26.17 -11.83
C VAL I 458 48.76 25.35 -12.72
N MET I 459 49.27 25.01 -13.90
CA MET I 459 48.55 24.17 -14.83
C MET I 459 48.92 22.72 -14.53
N ILE I 460 47.95 21.93 -14.12
CA ILE I 460 48.17 20.56 -13.73
C ILE I 460 47.69 19.69 -14.88
N GLU I 461 48.57 18.85 -15.40
CA GLU I 461 48.23 17.96 -16.50
C GLU I 461 48.47 16.53 -16.05
N ALA I 462 47.40 15.81 -15.79
CA ALA I 462 47.50 14.40 -15.45
C ALA I 462 46.89 13.61 -16.59
N ARG I 463 47.66 12.71 -17.18
CA ARG I 463 47.18 11.98 -18.35
C ARG I 463 47.04 10.50 -18.05
N ILE I 464 45.96 9.92 -18.57
CA ILE I 464 45.63 8.51 -18.39
C ILE I 464 45.94 7.77 -19.67
N VAL I 465 46.71 6.70 -19.56
CA VAL I 465 47.07 5.86 -20.68
C VAL I 465 46.58 4.45 -20.42
N GLU I 466 45.76 3.94 -21.32
CA GLU I 466 45.25 2.58 -21.25
C GLU I 466 45.71 1.81 -22.48
N ALA I 467 46.37 0.68 -22.26
CA ALA I 467 46.81 -0.18 -23.35
C ALA I 467 46.24 -1.57 -23.17
N ASN I 468 45.56 -2.08 -24.19
CA ASN I 468 45.01 -3.42 -24.16
C ASN I 468 45.52 -4.20 -25.37
N VAL I 469 46.20 -5.31 -25.11
CA VAL I 469 46.64 -6.20 -26.17
C VAL I 469 46.02 -7.56 -25.94
N GLY I 470 45.26 -8.04 -26.92
CA GLY I 470 44.63 -9.34 -26.79
C GLY I 470 44.89 -10.27 -27.94
N TYR I 471 45.45 -11.45 -27.70
CA TYR I 471 45.60 -12.47 -28.72
C TYR I 471 44.91 -13.73 -28.25
N ASP I 472 43.90 -14.18 -28.99
CA ASP I 472 43.18 -15.41 -28.63
C ASP I 472 43.09 -16.32 -29.84
N LYS I 473 43.51 -17.57 -29.70
CA LYS I 473 43.38 -18.54 -30.77
C LYS I 473 42.64 -19.78 -30.29
N SER I 474 41.64 -20.20 -31.04
CA SER I 474 40.89 -21.41 -30.71
C SER I 474 40.81 -22.33 -31.90
N LEU I 475 41.17 -23.60 -31.70
CA LEU I 475 41.09 -24.62 -32.73
C LEU I 475 40.25 -25.78 -32.21
N GLY I 476 39.14 -26.05 -32.90
CA GLY I 476 38.25 -27.17 -32.72
C GLY I 476 38.41 -28.17 -33.84
N VAL I 477 38.87 -29.38 -33.53
CA VAL I 477 39.15 -30.41 -34.51
C VAL I 477 38.09 -31.51 -34.38
N ARG I 478 37.44 -31.84 -35.48
CA ARG I 478 36.27 -32.70 -35.45
C ARG I 478 36.37 -33.80 -36.49
N TRP I 479 36.09 -35.04 -36.07
CA TRP I 479 36.14 -36.19 -36.96
C TRP I 479 34.85 -36.99 -36.80
N GLY I 480 33.88 -36.78 -37.67
CA GLY I 480 32.60 -37.44 -37.51
C GLY I 480 32.16 -38.31 -38.67
N GLY I 481 31.94 -39.59 -38.40
CA GLY I 481 31.37 -40.49 -39.36
C GLY I 481 30.25 -41.30 -38.74
N ALA I 482 29.05 -41.22 -39.26
CA ALA I 482 27.97 -42.06 -38.75
C ALA I 482 27.85 -43.35 -39.53
N TYR I 483 28.62 -43.49 -40.61
CA TYR I 483 28.52 -44.67 -41.46
C TYR I 483 28.86 -45.91 -40.65
N HIS I 484 29.97 -45.85 -39.93
CA HIS I 484 30.37 -46.93 -39.04
C HIS I 484 30.30 -46.52 -37.58
N LYS I 485 29.56 -45.43 -37.29
CA LYS I 485 29.38 -44.89 -35.94
C LYS I 485 30.69 -44.55 -35.22
N GLY I 486 31.59 -43.88 -35.94
CA GLY I 486 32.78 -43.36 -35.29
C GLY I 486 32.85 -41.86 -35.39
N ASN I 487 32.62 -41.13 -34.30
CA ASN I 487 32.57 -39.68 -34.38
C ASN I 487 33.05 -39.06 -33.08
N TRP I 488 34.15 -38.33 -33.19
CA TRP I 488 34.76 -37.61 -32.10
C TRP I 488 34.55 -36.12 -32.33
N SER I 489 34.01 -35.46 -31.32
CA SER I 489 33.64 -34.06 -31.42
C SER I 489 34.73 -33.15 -30.88
N GLY I 490 34.89 -32.00 -31.53
CA GLY I 490 35.84 -31.01 -31.05
C GLY I 490 35.28 -30.28 -29.86
N TYR I 491 36.06 -29.38 -29.34
CA TYR I 491 35.52 -28.57 -28.26
C TYR I 491 35.77 -27.09 -28.43
N GLY I 492 36.97 -26.67 -28.85
CA GLY I 492 37.18 -25.25 -29.08
C GLY I 492 36.20 -24.72 -30.11
N LYS I 493 36.04 -25.44 -31.20
CA LYS I 493 34.99 -25.20 -32.19
C LYS I 493 34.42 -26.61 -32.42
N ASP I 494 33.60 -27.04 -31.48
CA ASP I 494 33.09 -28.40 -31.40
C ASP I 494 32.48 -28.90 -32.70
N GLY I 495 32.86 -30.12 -33.12
CA GLY I 495 32.24 -30.73 -34.27
C GLY I 495 32.08 -32.24 -34.18
N ASN I 496 30.85 -32.73 -34.27
CA ASN I 496 30.59 -34.17 -34.23
C ASN I 496 29.63 -34.48 -35.37
N ILE I 497 30.21 -34.83 -36.50
CA ILE I 497 29.50 -34.98 -37.75
C ILE I 497 28.60 -36.23 -37.72
N GLY I 498 28.61 -36.99 -36.62
CA GLY I 498 27.63 -38.06 -36.49
C GLY I 498 26.22 -37.52 -36.43
N ILE I 499 26.02 -36.48 -35.61
CA ILE I 499 24.70 -35.84 -35.57
C ILE I 499 24.46 -35.09 -36.87
N LYS I 500 25.53 -34.63 -37.53
CA LYS I 500 25.36 -34.00 -38.82
C LYS I 500 24.85 -35.01 -39.83
N ASP I 501 25.32 -36.25 -39.70
CA ASP I 501 24.79 -37.32 -40.53
C ASP I 501 23.34 -37.54 -40.19
N GLU I 502 22.98 -37.38 -38.92
CA GLU I 502 21.57 -37.45 -38.56
C GLU I 502 20.76 -36.39 -39.28
N ASP I 503 21.29 -35.17 -39.31
CA ASP I 503 20.62 -34.08 -39.99
C ASP I 503 20.51 -34.39 -41.48
N GLY I 504 21.57 -34.96 -42.04
CA GLY I 504 21.53 -35.34 -43.44
C GLY I 504 20.47 -36.39 -43.70
N MET I 505 20.38 -37.37 -42.80
CA MET I 505 19.36 -38.40 -42.92
C MET I 505 17.99 -37.74 -42.92
N ASN I 506 17.87 -36.64 -42.17
CA ASN I 506 16.65 -35.85 -42.22
C ASN I 506 16.47 -35.26 -43.62
N CYS I 507 17.58 -34.85 -44.24
CA CYS I 507 17.52 -34.34 -45.61
C CYS I 507 16.96 -35.38 -46.58
N GLY I 508 17.31 -36.65 -46.42
CA GLY I 508 16.74 -37.69 -47.25
C GLY I 508 17.59 -38.77 -47.92
N PRO I 509 18.89 -38.89 -47.63
CA PRO I 509 19.67 -39.95 -48.25
C PRO I 509 19.34 -41.31 -47.68
N ILE I 510 19.71 -42.34 -48.45
CA ILE I 510 19.53 -43.73 -48.03
C ILE I 510 20.81 -44.19 -47.34
N ALA I 511 20.74 -44.48 -46.03
CA ALA I 511 21.86 -45.04 -45.30
C ALA I 511 21.48 -46.40 -44.71
N GLY I 512 22.25 -47.43 -45.06
CA GLY I 512 22.03 -48.78 -44.57
C GLY I 512 23.26 -49.36 -43.88
N SER I 513 23.13 -49.88 -42.67
CA SER I 513 24.27 -50.49 -41.99
C SER I 513 23.79 -51.65 -41.14
N CYS I 514 24.05 -52.88 -41.59
CA CYS I 514 23.57 -54.05 -40.85
C CYS I 514 24.56 -54.57 -39.82
N THR I 515 25.84 -54.26 -39.98
CA THR I 515 26.90 -54.68 -39.07
C THR I 515 27.94 -53.57 -39.13
N PHE I 516 28.87 -53.59 -38.20
CA PHE I 516 29.93 -52.57 -38.27
C PHE I 516 30.71 -52.66 -39.57
N PRO I 517 31.05 -53.84 -40.12
CA PRO I 517 31.75 -53.83 -41.42
C PRO I 517 30.92 -53.26 -42.56
N THR I 518 29.61 -53.52 -42.58
CA THR I 518 28.77 -53.19 -43.71
C THR I 518 27.90 -51.96 -43.49
N THR I 519 28.10 -50.96 -44.34
CA THR I 519 27.31 -49.74 -44.38
C THR I 519 27.39 -49.17 -45.79
N GLY I 520 26.42 -48.34 -46.15
CA GLY I 520 26.42 -47.64 -47.42
C GLY I 520 25.35 -46.57 -47.47
N THR I 521 25.65 -45.39 -48.01
CA THR I 521 24.63 -44.36 -48.13
C THR I 521 24.74 -43.67 -49.49
N SER I 522 23.60 -43.22 -49.98
CA SER I 522 23.49 -42.52 -51.25
C SER I 522 22.53 -41.36 -51.14
N LYS I 523 22.60 -40.44 -52.11
CA LYS I 523 21.69 -39.28 -52.18
C LYS I 523 21.84 -38.39 -50.95
N SER I 524 23.08 -38.16 -50.53
CA SER I 524 23.34 -37.36 -49.34
C SER I 524 23.51 -35.90 -49.72
N PRO I 525 22.60 -35.02 -49.33
CA PRO I 525 22.78 -33.58 -49.54
C PRO I 525 23.30 -32.84 -48.33
N SER I 526 23.54 -33.57 -47.24
CA SER I 526 23.97 -32.94 -45.99
C SER I 526 25.32 -32.26 -46.07
N PRO I 527 26.34 -32.79 -46.74
CA PRO I 527 27.64 -32.11 -46.66
C PRO I 527 27.63 -30.68 -47.15
N PHE I 528 27.09 -30.41 -48.35
CA PHE I 528 27.18 -29.05 -48.87
C PHE I 528 26.42 -28.03 -48.02
N VAL I 529 25.26 -28.40 -47.47
CA VAL I 529 24.51 -27.40 -46.71
C VAL I 529 24.91 -27.43 -45.24
N ASP I 530 24.91 -28.62 -44.65
CA ASP I 530 25.19 -28.74 -43.23
C ASP I 530 26.60 -28.32 -42.91
N LEU I 531 27.59 -28.76 -43.69
CA LEU I 531 28.96 -28.35 -43.45
C LEU I 531 29.13 -26.84 -43.66
N GLY I 532 28.51 -26.29 -44.70
CA GLY I 532 28.69 -24.86 -44.95
C GLY I 532 28.21 -24.01 -43.79
N ALA I 533 27.00 -24.29 -43.30
CA ALA I 533 26.48 -23.46 -42.21
C ALA I 533 27.19 -23.79 -40.89
N LYS I 534 27.32 -25.08 -40.58
CA LYS I 534 27.90 -25.48 -39.31
C LYS I 534 29.32 -24.97 -39.21
N ASP I 535 30.04 -25.01 -40.33
CA ASP I 535 31.45 -24.68 -40.42
C ASP I 535 31.66 -23.23 -40.83
N ALA I 536 30.60 -22.42 -40.80
CA ALA I 536 30.73 -21.04 -41.23
C ALA I 536 31.75 -20.29 -40.39
N THR I 537 31.91 -20.66 -39.12
CA THR I 537 32.76 -19.92 -38.19
C THR I 537 34.18 -19.81 -38.75
N SER I 538 34.82 -18.69 -38.41
CA SER I 538 36.15 -18.26 -38.85
C SER I 538 36.72 -19.16 -39.95
N GLY I 539 37.64 -20.05 -39.58
CA GLY I 539 38.33 -20.87 -40.56
C GLY I 539 37.88 -22.31 -40.41
N ILE I 540 37.54 -22.93 -41.53
CA ILE I 540 37.15 -24.33 -41.53
C ILE I 540 37.70 -25.03 -42.76
N GLY I 541 38.16 -26.24 -42.56
CA GLY I 541 38.54 -27.11 -43.66
C GLY I 541 37.75 -28.39 -43.55
N ILE I 542 37.01 -28.79 -44.59
CA ILE I 542 36.21 -30.01 -44.55
C ILE I 542 36.72 -31.00 -45.59
N GLY I 543 36.86 -32.25 -45.18
CA GLY I 543 37.16 -33.35 -46.09
C GLY I 543 36.12 -34.42 -45.87
N PHE I 544 35.39 -34.81 -46.91
CA PHE I 544 34.30 -35.77 -46.70
C PHE I 544 34.34 -36.92 -47.68
N ILE I 545 34.13 -38.12 -47.15
CA ILE I 545 33.87 -39.31 -47.96
C ILE I 545 32.47 -39.75 -47.62
N THR I 546 31.71 -40.19 -48.63
CA THR I 546 30.39 -40.73 -48.30
C THR I 546 30.10 -42.07 -48.95
N ASP I 547 30.62 -42.27 -50.16
CA ASP I 547 30.23 -43.44 -50.94
C ASP I 547 30.75 -44.73 -50.34
N ASN I 548 32.06 -44.80 -50.10
CA ASN I 548 32.64 -45.99 -49.47
C ASN I 548 32.31 -46.01 -47.99
N ILE I 549 32.54 -44.88 -47.32
CA ILE I 549 32.30 -44.68 -45.90
C ILE I 549 31.96 -43.21 -45.79
N ILE I 550 31.23 -42.81 -44.77
CA ILE I 550 31.02 -41.38 -44.58
C ILE I 550 31.94 -40.95 -43.46
N LEU I 551 32.98 -40.19 -43.82
CA LEU I 551 33.93 -39.67 -42.86
C LEU I 551 34.08 -38.19 -43.16
N ASP I 552 33.62 -37.34 -42.23
CA ASP I 552 33.70 -35.91 -42.38
C ASP I 552 34.73 -35.39 -41.38
N LEU I 553 35.78 -34.77 -41.87
CA LEU I 553 36.88 -34.32 -41.03
C LEU I 553 37.04 -32.82 -41.22
N GLN I 554 36.73 -32.05 -40.18
CA GLN I 554 36.81 -30.61 -40.26
C GLN I 554 37.82 -30.08 -39.26
N LEU I 555 38.53 -29.02 -39.67
CA LEU I 555 39.44 -28.30 -38.80
C LEU I 555 38.92 -26.87 -38.72
N SER I 556 38.54 -26.44 -37.52
CA SER I 556 37.96 -25.12 -37.31
C SER I 556 38.88 -24.26 -36.45
N ALA I 557 39.45 -23.22 -37.03
CA ALA I 557 40.43 -22.39 -36.34
C ALA I 557 40.09 -20.92 -36.44
N MET I 558 40.25 -20.20 -35.32
CA MET I 558 40.02 -18.76 -35.24
C MET I 558 41.19 -18.12 -34.51
N GLU I 559 41.73 -17.05 -35.07
CA GLU I 559 42.78 -16.27 -34.42
C GLU I 559 42.41 -14.80 -34.39
N LYS I 560 42.37 -14.21 -33.19
CA LYS I 560 41.98 -12.81 -33.06
C LYS I 560 43.07 -12.03 -32.35
N THR I 561 43.42 -10.88 -32.92
CA THR I 561 44.36 -9.96 -32.28
C THR I 561 43.75 -8.57 -32.24
N GLY I 562 43.70 -8.00 -31.04
CA GLY I 562 43.18 -6.65 -30.88
C GLY I 562 44.10 -5.77 -30.07
N ASN I 563 44.46 -4.59 -30.58
CA ASN I 563 45.24 -3.64 -29.80
C ASN I 563 44.46 -2.36 -29.66
N GLY I 564 44.20 -1.95 -28.42
CA GLY I 564 43.50 -0.72 -28.15
C GLY I 564 44.31 0.22 -27.28
N GLU I 565 44.49 1.46 -27.71
CA GLU I 565 45.18 2.47 -26.92
C GLU I 565 44.27 3.66 -26.69
N ILE I 566 44.09 4.04 -25.44
CA ILE I 566 43.29 5.21 -25.07
C ILE I 566 44.19 6.17 -24.30
N VAL I 567 44.28 7.40 -24.80
CA VAL I 567 45.09 8.42 -24.16
C VAL I 567 44.19 9.62 -23.88
N SER I 568 43.95 9.89 -22.60
CA SER I 568 43.08 11.00 -22.22
C SER I 568 43.85 11.94 -21.30
N GLN I 569 43.89 13.23 -21.62
CA GLN I 569 44.64 14.17 -20.79
C GLN I 569 43.85 15.42 -20.43
N PRO I 570 43.43 15.57 -19.19
CA PRO I 570 42.83 16.84 -18.76
C PRO I 570 43.82 17.77 -18.07
N LYS I 571 43.84 19.03 -18.47
CA LYS I 571 44.74 20.04 -17.90
C LYS I 571 43.92 21.11 -17.20
N VAL I 572 44.23 21.39 -15.94
CA VAL I 572 43.50 22.36 -15.13
C VAL I 572 44.45 23.40 -14.55
N VAL I 573 44.10 24.68 -14.64
CA VAL I 573 44.90 25.74 -14.04
C VAL I 573 44.24 26.15 -12.72
N THR I 574 45.00 26.06 -11.64
CA THR I 574 44.47 26.30 -10.31
C THR I 574 45.29 27.30 -9.53
N SER I 575 44.61 28.07 -8.67
CA SER I 575 45.32 28.97 -7.79
C SER I 575 45.97 28.17 -6.66
N ASP I 576 46.98 28.77 -6.05
CA ASP I 576 47.79 28.06 -5.06
C ASP I 576 46.97 27.81 -3.80
N LYS I 577 47.01 26.58 -3.31
CA LYS I 577 46.33 26.14 -2.09
C LYS I 577 44.83 26.08 -2.27
N GLU I 578 44.35 26.12 -3.49
CA GLU I 578 42.92 26.12 -3.76
C GLU I 578 42.55 24.88 -4.56
N THR I 579 41.35 24.38 -4.32
CA THR I 579 40.87 23.23 -5.05
C THR I 579 40.29 23.64 -6.40
N ALA I 580 40.57 22.83 -7.40
CA ALA I 580 39.96 23.01 -8.71
C ALA I 580 39.59 21.66 -9.28
N LYS I 581 38.61 21.65 -10.18
CA LYS I 581 38.14 20.40 -10.74
C LYS I 581 37.91 20.53 -12.23
N ILE I 582 38.12 19.42 -12.92
CA ILE I 582 37.75 19.28 -14.32
C ILE I 582 36.93 18.01 -14.41
N LEU I 583 35.80 18.09 -15.09
CA LEU I 583 34.92 16.93 -15.19
C LEU I 583 34.41 16.81 -16.61
N LYS I 584 34.54 15.63 -17.19
CA LYS I 584 34.00 15.34 -18.51
C LYS I 584 33.38 13.97 -18.52
N GLY I 585 32.09 13.88 -18.81
CA GLY I 585 31.42 12.59 -18.71
C GLY I 585 29.92 12.79 -18.59
N SER I 586 29.28 11.84 -17.92
CA SER I 586 27.83 11.88 -17.83
C SER I 586 27.36 11.28 -16.51
N GLU I 587 26.30 11.86 -15.91
CA GLU I 587 25.89 11.43 -14.57
C GLU I 587 24.65 10.56 -14.67
N VAL I 588 24.84 9.27 -14.47
CA VAL I 588 23.67 8.40 -14.44
C VAL I 588 22.88 8.71 -13.17
N PRO I 589 21.59 8.86 -13.26
CA PRO I 589 20.76 9.05 -12.08
C PRO I 589 20.10 7.74 -11.69
N TYR I 590 19.65 7.67 -10.47
CA TYR I 590 18.87 6.57 -9.94
C TYR I 590 17.58 7.16 -9.43
N GLN I 591 16.47 6.64 -9.91
CA GLN I 591 15.18 7.11 -9.40
C GLN I 591 14.91 6.34 -8.12
N GLU I 592 15.22 6.94 -6.97
CA GLU I 592 14.99 6.28 -5.70
C GLU I 592 14.18 7.26 -4.86
N ALA I 593 12.92 7.44 -5.23
CA ALA I 593 12.08 8.25 -4.38
C ALA I 593 11.54 7.31 -3.34
N SER I 594 12.23 7.22 -2.21
CA SER I 594 11.73 6.43 -1.11
C SER I 594 10.67 7.31 -0.53
N SER I 595 9.49 6.73 -0.36
CA SER I 595 8.31 7.53 -0.06
C SER I 595 8.48 8.41 1.16
N SER I 596 9.01 7.91 2.26
CA SER I 596 8.98 8.80 3.42
C SER I 596 10.07 9.86 3.44
N GLY I 597 9.91 10.81 2.55
CA GLY I 597 10.81 11.91 2.68
C GLY I 597 12.22 11.70 2.24
N ALA I 598 12.53 10.61 1.53
CA ALA I 598 13.90 10.51 1.03
C ALA I 598 13.83 10.38 -0.48
N THR I 599 13.90 11.50 -1.17
CA THR I 599 13.98 11.47 -2.61
C THR I 599 15.44 11.48 -2.98
N SER I 600 15.99 10.33 -3.31
CA SER I 600 17.35 10.34 -3.79
C SER I 600 17.20 10.17 -5.28
N THR I 601 17.30 11.29 -5.96
CA THR I 601 17.42 11.22 -7.40
C THR I 601 18.92 11.06 -7.47
N SER I 602 19.34 9.83 -7.23
CA SER I 602 20.76 9.58 -7.11
C SER I 602 21.40 9.89 -8.44
N PHE I 603 22.67 10.23 -8.40
CA PHE I 603 23.38 10.41 -9.64
C PHE I 603 24.85 10.20 -9.33
N LYS I 604 25.58 9.96 -10.38
CA LYS I 604 27.03 9.82 -10.25
C LYS I 604 27.52 9.91 -11.67
N GLU I 605 28.52 10.73 -11.93
CA GLU I 605 28.97 10.91 -13.29
C GLU I 605 30.16 10.00 -13.58
N ALA I 606 29.99 9.17 -14.60
CA ALA I 606 31.07 8.36 -15.10
C ALA I 606 31.82 9.33 -15.99
N ALA I 607 32.99 9.73 -15.54
CA ALA I 607 33.69 10.81 -16.20
C ALA I 607 35.18 10.74 -15.95
N LEU I 608 35.91 11.47 -16.77
CA LEU I 608 37.30 11.75 -16.51
C LEU I 608 37.28 13.01 -15.65
N SER I 609 38.02 12.99 -14.55
CA SER I 609 37.97 14.15 -13.69
C SER I 609 39.26 14.30 -12.92
N LEU I 610 39.58 15.55 -12.61
CA LEU I 610 40.70 15.88 -11.75
C LEU I 610 40.23 16.83 -10.66
N GLU I 611 40.46 16.45 -9.42
CA GLU I 611 40.23 17.33 -8.29
C GLU I 611 41.59 17.58 -7.64
N VAL I 612 42.11 18.78 -7.80
CA VAL I 612 43.47 19.08 -7.40
C VAL I 612 43.49 20.14 -6.31
N THR I 613 44.36 19.93 -5.33
CA THR I 613 44.62 20.91 -4.28
C THR I 613 46.14 21.05 -4.18
N PRO I 614 46.72 21.92 -4.99
CA PRO I 614 48.18 22.10 -5.00
C PRO I 614 48.70 23.04 -3.91
N GLN I 615 49.78 22.64 -3.26
CA GLN I 615 50.51 23.47 -2.33
C GLN I 615 51.89 23.73 -2.92
N ILE I 616 52.27 24.99 -3.06
CA ILE I 616 53.49 25.38 -3.75
C ILE I 616 54.61 25.56 -2.73
N THR I 617 55.73 24.92 -2.97
CA THR I 617 56.90 25.06 -2.12
C THR I 617 57.85 26.02 -2.83
N PRO I 618 58.83 26.63 -2.14
CA PRO I 618 59.65 27.61 -2.85
C PRO I 618 60.45 27.01 -3.98
N ASP I 619 60.98 25.80 -3.78
CA ASP I 619 61.89 25.26 -4.78
C ASP I 619 61.13 24.69 -5.97
N ASN I 620 60.21 25.48 -6.52
CA ASN I 620 59.51 25.14 -7.76
C ASN I 620 58.95 23.72 -7.73
N ARG I 621 58.31 23.36 -6.63
CA ARG I 621 57.67 22.08 -6.54
C ARG I 621 56.29 22.26 -5.96
N ILE I 622 55.45 21.26 -6.17
CA ILE I 622 54.13 21.26 -5.61
C ILE I 622 53.85 19.93 -4.97
N ILE I 623 53.30 19.98 -3.77
CA ILE I 623 52.73 18.81 -3.14
C ILE I 623 51.25 18.99 -3.36
N VAL I 624 50.64 18.11 -4.11
CA VAL I 624 49.24 18.28 -4.46
C VAL I 624 48.46 17.06 -4.04
N GLU I 625 47.28 17.30 -3.47
CA GLU I 625 46.34 16.21 -3.25
C GLU I 625 45.45 16.17 -4.48
N VAL I 626 45.57 15.11 -5.27
CA VAL I 626 44.83 15.00 -6.50
C VAL I 626 44.03 13.71 -6.53
N LYS I 627 42.74 13.84 -6.80
CA LYS I 627 41.87 12.73 -7.10
C LYS I 627 41.71 12.68 -8.62
N VAL I 628 42.12 11.56 -9.23
CA VAL I 628 42.07 11.38 -10.67
C VAL I 628 41.14 10.23 -10.97
N THR I 629 40.03 10.50 -11.63
CA THR I 629 39.04 9.45 -11.86
C THR I 629 38.77 9.28 -13.34
N LYS I 630 38.80 8.05 -13.82
CA LYS I 630 38.35 7.73 -15.16
C LYS I 630 37.25 6.70 -15.03
N ASP I 631 36.01 7.14 -15.20
CA ASP I 631 34.87 6.26 -15.01
C ASP I 631 34.06 6.19 -16.29
N ALA I 632 33.73 4.98 -16.69
CA ALA I 632 32.99 4.83 -17.93
C ALA I 632 31.55 4.44 -17.64
N PRO I 633 30.63 5.11 -18.36
CA PRO I 633 29.20 4.86 -18.22
C PRO I 633 28.84 3.42 -18.45
N ASP I 634 28.14 2.85 -17.49
CA ASP I 634 27.83 1.44 -17.51
C ASP I 634 26.86 1.08 -18.63
N TYR I 635 27.12 -0.07 -19.26
CA TYR I 635 26.20 -0.60 -20.25
C TYR I 635 24.85 -0.93 -19.62
N GLN I 636 24.87 -1.60 -18.47
CA GLN I 636 23.62 -2.04 -17.86
C GLN I 636 22.76 -0.84 -17.51
N ASN I 637 23.39 0.30 -17.26
CA ASN I 637 22.63 1.53 -17.06
C ASN I 637 21.89 1.88 -18.32
N MET I 638 22.59 1.79 -19.45
CA MET I 638 21.93 1.99 -20.73
C MET I 638 20.86 0.93 -20.92
N LEU I 639 21.02 -0.22 -20.26
CA LEU I 639 20.04 -1.29 -20.32
C LEU I 639 18.83 -1.03 -19.43
N ASN I 640 18.87 -0.03 -18.55
CA ASN I 640 17.81 0.25 -17.58
C ASN I 640 17.59 -0.91 -16.61
N GLY I 641 18.67 -1.63 -16.31
CA GLY I 641 18.67 -2.70 -15.34
C GLY I 641 19.39 -2.19 -14.12
N VAL I 642 20.21 -3.03 -13.48
CA VAL I 642 21.06 -2.58 -12.38
C VAL I 642 22.37 -2.14 -13.00
N PRO I 643 22.69 -0.86 -12.96
CA PRO I 643 23.85 -0.31 -13.66
C PRO I 643 25.16 -0.35 -12.90
N PRO I 644 26.09 -1.24 -13.26
CA PRO I 644 27.43 -1.18 -12.68
C PRO I 644 28.37 -0.28 -13.47
N ILE I 645 28.51 0.99 -13.09
CA ILE I 645 29.47 1.87 -13.75
C ILE I 645 30.87 1.39 -13.45
N ASN I 646 31.83 1.69 -14.34
CA ASN I 646 33.19 1.20 -14.11
C ASN I 646 34.08 2.38 -13.72
N LYS I 647 34.77 2.26 -12.58
CA LYS I 647 35.62 3.33 -12.07
C LYS I 647 37.07 2.93 -11.97
N ASN I 648 37.96 3.73 -12.57
CA ASN I 648 39.39 3.60 -12.36
C ASN I 648 39.85 4.91 -11.74
N GLU I 649 40.00 4.99 -10.42
CA GLU I 649 40.32 6.26 -9.82
C GLU I 649 41.43 6.12 -8.78
N VAL I 650 42.41 7.01 -8.84
CA VAL I 650 43.46 7.07 -7.84
C VAL I 650 43.42 8.42 -7.16
N ASN I 651 43.43 8.42 -5.84
CA ASN I 651 43.42 9.65 -5.06
C ASN I 651 44.62 9.66 -4.12
N ALA I 652 45.48 10.66 -4.26
CA ALA I 652 46.70 10.65 -3.46
C ALA I 652 47.34 12.02 -3.49
N LYS I 653 48.20 12.28 -2.50
CA LYS I 653 48.94 13.53 -2.42
C LYS I 653 50.42 13.24 -2.65
N ILE I 654 51.03 13.98 -3.57
CA ILE I 654 52.41 13.74 -3.95
C ILE I 654 53.19 15.04 -4.14
N LEU I 655 54.51 14.93 -4.04
CA LEU I 655 55.42 16.05 -4.24
C LEU I 655 56.17 15.86 -5.55
N VAL I 656 56.14 16.87 -6.43
CA VAL I 656 56.90 16.84 -7.67
C VAL I 656 57.42 18.22 -8.02
N ASN I 657 58.52 18.26 -8.77
CA ASN I 657 58.91 19.56 -9.28
C ASN I 657 58.02 19.91 -10.46
N ASP I 658 58.06 21.19 -10.84
CA ASP I 658 57.19 21.62 -11.93
C ASP I 658 57.51 20.89 -13.23
N GLY I 659 58.79 20.70 -13.52
CA GLY I 659 59.12 20.09 -14.78
C GLY I 659 59.06 18.58 -14.77
N GLU I 660 58.47 17.99 -13.75
CA GLU I 660 58.56 16.57 -13.52
C GLU I 660 57.19 15.89 -13.52
N THR I 661 57.15 14.71 -14.09
CA THR I 661 55.95 13.89 -14.13
C THR I 661 56.18 12.61 -13.37
N ILE I 662 55.19 12.24 -12.55
CA ILE I 662 55.30 10.95 -11.89
C ILE I 662 54.03 10.14 -12.15
N VAL I 663 54.12 8.86 -11.83
CA VAL I 663 52.99 7.95 -11.96
C VAL I 663 52.26 8.06 -10.65
N ILE I 664 51.09 8.68 -10.66
CA ILE I 664 50.34 8.70 -9.42
C ILE I 664 50.01 7.28 -9.04
N GLY I 665 49.63 6.50 -10.03
CA GLY I 665 49.35 5.10 -9.86
C GLY I 665 49.18 4.45 -11.22
N GLY I 666 49.17 3.13 -11.21
CA GLY I 666 48.90 2.37 -12.40
C GLY I 666 48.69 0.94 -12.03
N VAL I 667 48.05 0.21 -12.95
CA VAL I 667 47.87 -1.22 -12.77
C VAL I 667 47.98 -1.95 -14.09
N PHE I 668 48.74 -3.04 -14.10
CA PHE I 668 48.83 -3.93 -15.24
C PHE I 668 48.11 -5.23 -14.92
N SER I 669 47.16 -5.61 -15.75
CA SER I 669 46.46 -6.88 -15.62
C SER I 669 46.88 -7.81 -16.73
N ASN I 670 47.59 -8.88 -16.38
CA ASN I 670 48.09 -9.84 -17.35
C ASN I 670 47.28 -11.13 -17.24
N GLU I 671 46.46 -11.39 -18.25
CA GLU I 671 45.64 -12.60 -18.29
C GLU I 671 46.28 -13.61 -19.22
N GLN I 672 46.61 -14.78 -18.70
CA GLN I 672 47.14 -15.87 -19.52
C GLN I 672 46.26 -17.09 -19.34
N SER I 673 45.55 -17.47 -20.40
CA SER I 673 44.64 -18.60 -20.34
C SER I 673 45.04 -19.64 -21.37
N LYS I 674 45.17 -20.88 -20.95
CA LYS I 674 45.44 -21.98 -21.87
C LYS I 674 44.45 -23.10 -21.59
N SER I 675 43.83 -23.63 -22.64
CA SER I 675 42.86 -24.71 -22.50
C SER I 675 43.15 -25.74 -23.57
N VAL I 676 43.35 -26.99 -23.18
CA VAL I 676 43.58 -28.07 -24.12
C VAL I 676 42.53 -29.15 -23.90
N GLU I 677 41.84 -29.52 -24.96
CA GLU I 677 40.81 -30.54 -24.93
C GLU I 677 41.17 -31.65 -25.90
N LYS I 678 41.24 -32.88 -25.42
CA LYS I 678 41.70 -33.95 -26.29
C LYS I 678 41.07 -35.30 -25.97
N VAL I 679 40.58 -35.98 -26.99
CA VAL I 679 40.25 -37.39 -26.78
C VAL I 679 41.55 -38.11 -26.47
N PRO I 680 41.63 -38.91 -25.41
CA PRO I 680 42.96 -39.42 -25.00
C PRO I 680 43.69 -40.26 -26.03
N PHE I 681 43.05 -41.28 -26.61
CA PHE I 681 43.82 -42.15 -27.49
C PHE I 681 44.26 -41.43 -28.75
N LEU I 682 43.33 -40.75 -29.41
CA LEU I 682 43.66 -40.02 -30.63
C LEU I 682 44.52 -38.80 -30.32
N GLY I 683 44.25 -38.16 -29.18
CA GLY I 683 45.06 -37.01 -28.79
C GLY I 683 46.51 -37.39 -28.64
N GLU I 684 46.77 -38.62 -28.19
CA GLU I 684 48.14 -39.09 -28.01
C GLU I 684 48.92 -39.08 -29.32
N LEU I 685 48.27 -39.44 -30.42
CA LEU I 685 48.95 -39.53 -31.70
C LEU I 685 49.59 -38.20 -32.08
N PRO I 686 50.86 -38.20 -32.51
CA PRO I 686 51.51 -36.91 -32.84
C PRO I 686 50.87 -36.22 -34.03
N TYR I 687 50.57 -36.97 -35.09
CA TYR I 687 50.04 -36.37 -36.31
C TYR I 687 48.54 -36.19 -36.24
N LEU I 688 47.88 -36.89 -35.34
CA LEU I 688 46.44 -36.84 -35.23
C LEU I 688 46.02 -36.15 -33.95
N GLY I 689 46.95 -35.95 -33.01
CA GLY I 689 46.59 -35.22 -31.82
C GLY I 689 46.15 -33.82 -32.18
N ARG I 690 46.89 -33.19 -33.11
CA ARG I 690 46.48 -31.89 -33.58
C ARG I 690 45.08 -31.98 -34.16
N LEU I 691 44.77 -33.11 -34.78
CA LEU I 691 43.46 -33.37 -35.34
C LEU I 691 42.51 -33.87 -34.28
N PHE I 692 43.00 -34.08 -33.06
CA PHE I 692 42.12 -34.51 -31.98
C PHE I 692 42.40 -33.79 -30.66
N ARG I 693 43.12 -32.68 -30.69
CA ARG I 693 43.32 -31.84 -29.52
C ARG I 693 42.76 -30.47 -29.83
N ARG I 694 41.80 -30.02 -29.03
CA ARG I 694 41.15 -28.75 -29.21
C ARG I 694 41.82 -27.75 -28.30
N ASP I 695 42.53 -26.80 -28.90
CA ASP I 695 43.36 -25.87 -28.16
C ASP I 695 42.76 -24.48 -28.18
N THR I 696 42.57 -23.90 -27.00
CA THR I 696 42.21 -22.49 -26.91
C THR I 696 43.23 -21.82 -26.00
N VAL I 697 43.97 -20.87 -26.56
CA VAL I 697 44.94 -20.10 -25.79
C VAL I 697 44.59 -18.63 -25.94
N THR I 698 44.39 -17.95 -24.82
CA THR I 698 44.07 -16.54 -24.84
C THR I 698 44.99 -15.79 -23.91
N ASP I 699 45.63 -14.74 -24.42
CA ASP I 699 46.45 -13.83 -23.64
C ASP I 699 45.84 -12.45 -23.78
N ARG I 700 45.29 -11.92 -22.69
CA ARG I 700 44.75 -10.57 -22.69
C ARG I 700 45.49 -9.79 -21.63
N LYS I 701 46.16 -8.72 -22.02
CA LYS I 701 46.85 -7.90 -21.04
C LYS I 701 46.42 -6.46 -21.21
N ASN I 702 45.78 -5.93 -20.17
CA ASN I 702 45.34 -4.54 -20.16
C ASN I 702 46.03 -3.84 -19.00
N GLU I 703 46.67 -2.72 -19.30
CA GLU I 703 47.32 -1.91 -18.28
C GLU I 703 46.76 -0.50 -18.31
N LEU I 704 46.53 0.07 -17.14
CA LEU I 704 46.10 1.46 -17.01
C LEU I 704 47.07 2.22 -16.14
N LEU I 705 47.51 3.40 -16.59
CA LEU I 705 48.43 4.20 -15.79
C LEU I 705 48.07 5.68 -15.86
N VAL I 706 48.20 6.39 -14.75
CA VAL I 706 47.95 7.84 -14.70
C VAL I 706 49.23 8.60 -14.34
N PHE I 707 49.64 9.52 -15.21
CA PHE I 707 50.77 10.40 -14.92
C PHE I 707 50.30 11.78 -14.52
N LEU I 708 51.22 12.58 -14.01
CA LEU I 708 50.90 13.98 -13.74
C LEU I 708 52.15 14.85 -13.83
N THR I 709 51.98 16.06 -14.40
CA THR I 709 52.99 17.12 -14.43
C THR I 709 52.39 18.49 -14.15
N PRO I 710 52.90 19.23 -13.18
CA PRO I 710 52.39 20.59 -12.98
C PRO I 710 53.34 21.63 -13.54
N ARG I 711 52.87 22.52 -14.40
CA ARG I 711 53.68 23.63 -14.89
C ARG I 711 53.16 24.88 -14.21
N ILE I 712 53.97 25.47 -13.33
CA ILE I 712 53.46 26.61 -12.59
C ILE I 712 53.13 27.72 -13.57
N MET I 713 51.93 28.27 -13.43
CA MET I 713 51.54 29.34 -14.32
C MET I 713 52.03 30.67 -13.80
N ASN I 714 52.56 30.68 -12.58
CA ASN I 714 53.19 31.88 -12.07
C ASN I 714 54.37 32.28 -12.92
N ASN I 715 55.03 31.30 -13.56
CA ASN I 715 56.17 31.62 -14.39
C ASN I 715 55.76 32.64 -15.43
N GLN I 716 54.50 32.58 -15.83
CA GLN I 716 53.93 33.56 -16.73
C GLN I 716 53.14 34.59 -15.97
N ALA I 717 52.49 34.17 -14.89
CA ALA I 717 51.66 35.07 -14.10
C ALA I 717 52.49 36.07 -13.32
N ILE I 718 53.68 35.66 -12.85
CA ILE I 718 54.54 36.62 -12.16
C ILE I 718 55.09 37.63 -13.17
N ALA I 719 55.49 37.15 -14.36
CA ALA I 719 55.95 38.06 -15.39
C ALA I 719 54.77 38.84 -15.96
N ILE I 720 53.56 38.38 -15.67
CA ILE I 720 52.32 39.05 -16.01
C ILE I 720 51.60 39.53 -14.76
N LEU J 385 61.34 42.47 22.25
CA LEU J 385 60.77 41.44 21.39
C LEU J 385 60.92 41.88 19.93
N ARG J 386 61.11 40.91 19.05
CA ARG J 386 61.33 41.18 17.63
C ARG J 386 60.25 40.49 16.81
N ARG J 387 59.77 41.20 15.79
CA ARG J 387 58.80 40.67 14.84
C ARG J 387 59.54 40.06 13.65
N GLU J 388 59.31 38.79 13.37
CA GLU J 388 59.96 38.10 12.28
C GLU J 388 58.95 37.35 11.43
N LEU J 389 59.11 37.40 10.11
CA LEU J 389 58.28 36.66 9.17
C LEU J 389 59.02 35.43 8.67
N ILE J 390 58.47 34.25 8.91
CA ILE J 390 59.00 33.00 8.39
C ILE J 390 57.91 32.31 7.59
N GLN J 391 58.23 31.85 6.39
CA GLN J 391 57.27 31.18 5.53
C GLN J 391 57.53 29.67 5.61
N VAL J 392 56.49 28.91 5.92
CA VAL J 392 56.58 27.46 6.01
C VAL J 392 55.76 26.84 4.89
N ASN J 393 56.45 26.32 3.88
CA ASN J 393 55.75 25.63 2.79
C ASN J 393 55.36 24.21 3.17
N TYR J 394 56.23 23.48 3.86
CA TYR J 394 55.92 22.10 4.14
C TYR J 394 55.16 21.93 5.44
N ALA J 395 55.09 22.98 6.24
CA ALA J 395 54.46 22.94 7.54
C ALA J 395 53.24 23.85 7.55
N LYS J 396 52.14 23.35 8.07
CA LYS J 396 50.96 24.18 8.23
C LYS J 396 51.24 25.30 9.21
N ALA J 397 50.73 26.49 8.93
CA ALA J 397 50.98 27.63 9.82
C ALA J 397 50.40 27.38 11.21
N ALA J 398 49.24 26.73 11.28
CA ALA J 398 48.67 26.41 12.58
C ALA J 398 49.60 25.48 13.36
N ASP J 399 50.22 24.55 12.66
CA ASP J 399 51.14 23.65 13.32
C ASP J 399 52.31 24.41 13.92
N ILE J 400 52.83 25.39 13.17
CA ILE J 400 53.92 26.22 13.67
C ILE J 400 53.44 27.02 14.88
N ALA J 401 52.19 27.48 14.84
CA ALA J 401 51.65 28.19 16.00
C ALA J 401 51.64 27.27 17.21
N LYS J 402 51.28 26.01 17.00
CA LYS J 402 51.32 25.04 18.10
C LYS J 402 52.73 24.84 18.60
N LEU J 403 53.70 24.83 17.69
CA LEU J 403 55.09 24.72 18.10
C LEU J 403 55.49 25.92 18.95
N PHE J 404 55.06 27.11 18.57
CA PHE J 404 55.34 28.28 19.38
C PHE J 404 54.64 28.18 20.72
N GLN J 405 53.44 27.63 20.75
CA GLN J 405 52.73 27.45 22.00
C GLN J 405 53.53 26.53 22.90
N SER J 406 54.11 25.49 22.31
CA SER J 406 54.98 24.60 23.05
C SER J 406 56.20 25.36 23.54
N VAL J 407 56.70 26.28 22.71
CA VAL J 407 57.83 27.11 23.10
C VAL J 407 57.48 27.93 24.33
N THR J 408 56.26 28.45 24.37
CA THR J 408 55.79 29.18 25.53
C THR J 408 55.67 28.26 26.74
N SER J 409 55.22 27.02 26.51
CA SER J 409 55.18 26.03 27.58
C SER J 409 56.57 25.77 28.14
N ASP J 410 57.60 25.92 27.29
CA ASP J 410 58.96 25.71 27.75
C ASP J 410 59.28 26.60 28.94
N GLY J 411 58.85 27.85 28.90
CA GLY J 411 59.03 28.75 30.01
C GLY J 411 58.09 29.94 29.97
N GLY J 421 55.22 37.83 22.69
CA GLY J 421 54.68 36.52 22.38
C GLY J 421 53.41 36.58 21.55
N SER J 422 53.51 37.21 20.39
CA SER J 422 52.39 37.40 19.49
C SER J 422 52.63 36.63 18.20
N ILE J 423 51.61 35.87 17.77
CA ILE J 423 51.73 35.01 16.60
C ILE J 423 50.69 35.42 15.55
N THR J 424 51.12 35.48 14.29
CA THR J 424 50.26 35.83 13.18
C THR J 424 50.39 34.76 12.11
N VAL J 425 49.26 34.31 11.56
CA VAL J 425 49.23 33.24 10.58
C VAL J 425 48.65 33.77 9.28
N ASP J 426 49.39 33.58 8.18
CA ASP J 426 48.92 33.91 6.83
C ASP J 426 48.63 32.60 6.13
N ASP J 427 47.34 32.34 5.89
CA ASP J 427 46.93 31.09 5.27
C ASP J 427 47.39 30.99 3.81
N ARG J 428 47.25 32.08 3.06
CA ARG J 428 47.55 32.00 1.62
C ARG J 428 49.00 31.65 1.38
N THR J 429 49.89 32.31 2.10
CA THR J 429 51.31 32.03 1.95
C THR J 429 51.79 31.00 2.96
N ASN J 430 50.94 30.61 3.90
CA ASN J 430 51.32 29.71 4.98
C ASN J 430 52.52 30.29 5.70
N SER J 431 52.51 31.60 5.90
CA SER J 431 53.66 32.29 6.49
C SER J 431 53.26 32.83 7.85
N ILE J 432 54.08 32.54 8.84
CA ILE J 432 53.80 32.91 10.22
C ILE J 432 54.76 34.03 10.60
N ILE J 433 54.21 35.12 11.12
CA ILE J 433 55.01 36.22 11.63
C ILE J 433 54.83 36.26 13.14
N ALA J 434 55.92 36.16 13.87
CA ALA J 434 55.86 36.16 15.31
C ALA J 434 56.66 37.32 15.85
N TYR J 435 56.03 38.14 16.69
CA TYR J 435 56.73 39.21 17.38
C TYR J 435 56.86 38.75 18.82
N GLN J 436 58.07 38.39 19.22
CA GLN J 436 58.24 37.79 20.53
C GLN J 436 59.72 37.82 20.90
N PRO J 437 60.12 37.35 22.08
CA PRO J 437 61.54 37.41 22.44
C PRO J 437 62.40 36.70 21.42
N GLN J 438 63.60 37.25 21.21
CA GLN J 438 64.48 36.76 20.16
C GLN J 438 64.81 35.29 20.35
N GLU J 439 65.06 34.86 21.59
CA GLU J 439 65.49 33.50 21.82
C GLU J 439 64.39 32.51 21.45
N ARG J 440 63.16 32.80 21.87
CA ARG J 440 62.03 31.95 21.50
C ARG J 440 61.86 31.96 19.99
N LEU J 441 62.07 33.12 19.39
CA LEU J 441 61.95 33.27 17.95
C LEU J 441 62.92 32.33 17.25
N ASP J 442 64.16 32.31 17.71
CA ASP J 442 65.19 31.49 17.08
C ASP J 442 64.89 30.01 17.28
N GLU J 443 64.45 29.63 18.49
CA GLU J 443 64.15 28.23 18.72
C GLU J 443 63.01 27.78 17.82
N LEU J 444 61.99 28.62 17.69
CA LEU J 444 60.87 28.28 16.84
C LEU J 444 61.34 28.17 15.40
N ARG J 445 62.29 29.03 15.01
CA ARG J 445 62.87 28.95 13.67
C ARG J 445 63.52 27.61 13.43
N ARG J 446 64.25 27.10 14.42
CA ARG J 446 64.86 25.79 14.27
C ARG J 446 63.79 24.71 14.13
N ILE J 447 62.73 24.82 14.92
CA ILE J 447 61.63 23.87 14.81
C ILE J 447 61.04 23.95 13.41
N VAL J 448 60.97 25.16 12.87
CA VAL J 448 60.45 25.38 11.53
C VAL J 448 61.34 24.67 10.52
N SER J 449 62.64 24.76 10.71
CA SER J 449 63.57 24.10 9.80
C SER J 449 63.35 22.59 9.81
N GLN J 450 63.17 22.03 11.00
CA GLN J 450 62.91 20.60 11.11
C GLN J 450 61.59 20.23 10.46
N LEU J 451 60.53 21.00 10.74
CA LEU J 451 59.20 20.67 10.23
C LEU J 451 59.09 20.79 8.73
N ASP J 452 59.70 21.82 8.14
CA ASP J 452 59.55 22.05 6.70
C ASP J 452 60.50 21.09 5.98
N ILE J 453 60.18 19.81 6.13
CA ILE J 453 60.95 18.73 5.52
C ILE J 453 60.08 18.03 4.50
N PRO J 454 60.60 17.70 3.33
CA PRO J 454 59.76 17.08 2.30
C PRO J 454 59.24 15.73 2.75
N VAL J 455 57.94 15.53 2.57
CA VAL J 455 57.35 14.24 2.88
C VAL J 455 57.82 13.23 1.85
N ARG J 456 58.20 12.05 2.32
CA ARG J 456 58.78 11.04 1.45
C ARG J 456 57.71 10.15 0.82
N GLN J 457 57.58 10.24 -0.50
CA GLN J 457 56.67 9.38 -1.24
C GLN J 457 57.36 8.05 -1.52
N VAL J 458 56.58 6.97 -1.50
CA VAL J 458 57.06 5.65 -1.84
C VAL J 458 56.11 5.03 -2.86
N MET J 459 56.66 4.33 -3.84
CA MET J 459 55.88 3.63 -4.83
C MET J 459 55.65 2.22 -4.30
N ILE J 460 54.39 1.89 -4.06
CA ILE J 460 54.01 0.61 -3.50
C ILE J 460 53.49 -0.24 -4.64
N GLU J 461 54.09 -1.40 -4.84
CA GLU J 461 53.67 -2.30 -5.90
C GLU J 461 53.27 -3.63 -5.28
N ALA J 462 51.99 -3.90 -5.20
CA ALA J 462 51.51 -5.18 -4.71
C ALA J 462 50.86 -5.92 -5.88
N ARG J 463 51.36 -7.12 -6.18
CA ARG J 463 50.88 -7.83 -7.35
C ARG J 463 50.16 -9.11 -6.95
N ILE J 464 49.07 -9.38 -7.66
CA ILE J 464 48.23 -10.54 -7.42
C ILE J 464 48.48 -11.55 -8.51
N VAL J 465 48.78 -12.78 -8.12
CA VAL J 465 49.02 -13.88 -9.04
C VAL J 465 48.00 -14.98 -8.75
N GLU J 466 47.23 -15.35 -9.78
CA GLU J 466 46.27 -16.42 -9.69
C GLU J 466 46.64 -17.50 -10.69
N ALA J 467 46.80 -18.73 -10.22
CA ALA J 467 47.10 -19.86 -11.08
C ALA J 467 46.04 -20.94 -10.90
N ASN J 468 45.43 -21.36 -12.00
CA ASN J 468 44.44 -22.42 -11.98
C ASN J 468 44.85 -23.52 -12.93
N VAL J 469 45.01 -24.73 -12.41
CA VAL J 469 45.30 -25.89 -13.25
C VAL J 469 44.19 -26.90 -13.03
N GLY J 470 43.52 -27.28 -14.11
CA GLY J 470 42.44 -28.24 -14.02
C GLY J 470 42.56 -29.39 -14.98
N TYR J 471 42.60 -30.64 -14.49
CA TYR J 471 42.55 -31.80 -15.34
C TYR J 471 41.37 -32.67 -14.93
N ASP J 472 40.44 -32.89 -15.84
CA ASP J 472 39.27 -33.71 -15.55
C ASP J 472 39.09 -34.74 -16.66
N LYS J 473 38.99 -36.01 -16.29
CA LYS J 473 38.73 -37.06 -17.26
C LYS J 473 37.51 -37.87 -16.84
N SER J 474 36.58 -38.07 -17.77
CA SER J 474 35.40 -38.88 -17.52
C SER J 474 35.22 -39.93 -18.60
N LEU J 475 35.06 -41.18 -18.19
CA LEU J 475 34.81 -42.28 -19.10
C LEU J 475 33.52 -42.99 -18.68
N GLY J 476 32.55 -42.98 -19.60
CA GLY J 476 31.29 -43.71 -19.52
C GLY J 476 31.29 -44.89 -20.48
N VAL J 477 31.22 -46.10 -19.94
CA VAL J 477 31.27 -47.32 -20.72
C VAL J 477 29.90 -47.96 -20.75
N ARG J 478 29.38 -48.25 -21.95
CA ARG J 478 28.00 -48.65 -22.11
C ARG J 478 27.90 -49.90 -22.98
N TRP J 479 27.12 -50.87 -22.51
CA TRP J 479 26.90 -52.12 -23.24
C TRP J 479 25.41 -52.40 -23.33
N GLY J 480 24.77 -52.04 -24.42
CA GLY J 480 23.34 -52.20 -24.52
C GLY J 480 22.83 -53.07 -25.65
N GLY J 481 22.11 -54.13 -25.32
CA GLY J 481 21.46 -54.95 -26.30
C GLY J 481 20.03 -55.21 -25.88
N ALA J 482 19.05 -54.83 -26.70
CA ALA J 482 17.67 -55.16 -26.38
C ALA J 482 17.24 -56.46 -27.04
N TYR J 483 18.09 -57.04 -27.88
CA TYR J 483 17.73 -58.25 -28.61
C TYR J 483 17.45 -59.37 -27.61
N HIS J 484 18.34 -59.55 -26.66
CA HIS J 484 18.14 -60.53 -25.60
C HIS J 484 17.95 -59.86 -24.24
N LYS J 485 17.61 -58.57 -24.25
CA LYS J 485 17.39 -57.75 -23.04
C LYS J 485 18.57 -57.75 -22.07
N GLY J 486 19.76 -57.56 -22.61
CA GLY J 486 20.92 -57.35 -21.74
C GLY J 486 21.54 -55.99 -21.97
N ASN J 487 21.39 -55.06 -21.04
CA ASN J 487 21.88 -53.71 -21.28
C ASN J 487 22.30 -53.06 -19.97
N TRP J 488 23.59 -52.77 -19.88
CA TRP J 488 24.20 -52.10 -18.75
C TRP J 488 24.59 -50.70 -19.17
N SER J 489 24.14 -49.72 -18.40
CA SER J 489 24.33 -48.32 -18.71
C SER J 489 25.56 -47.76 -18.02
N GLY J 490 26.24 -46.85 -18.72
CA GLY J 490 27.38 -46.17 -18.13
C GLY J 490 26.90 -45.09 -17.19
N TYR J 491 27.85 -44.42 -16.59
CA TYR J 491 27.44 -43.30 -15.75
C TYR J 491 28.24 -42.04 -15.99
N GLY J 492 29.56 -42.13 -16.15
CA GLY J 492 30.31 -40.93 -16.46
C GLY J 492 29.82 -40.30 -17.75
N LYS J 493 29.61 -41.11 -18.78
CA LYS J 493 28.93 -40.71 -20.00
C LYS J 493 27.95 -41.86 -20.23
N ASP J 494 26.86 -41.82 -19.47
CA ASP J 494 25.89 -42.91 -19.39
C ASP J 494 25.40 -43.39 -20.75
N GLY J 495 25.38 -44.72 -20.93
CA GLY J 495 24.81 -45.28 -22.14
C GLY J 495 24.11 -46.61 -21.94
N ASN J 496 22.82 -46.68 -22.27
CA ASN J 496 22.05 -47.92 -22.16
C ASN J 496 21.29 -48.09 -23.46
N ILE J 497 21.90 -48.81 -24.38
CA ILE J 497 21.43 -48.95 -25.74
C ILE J 497 20.16 -49.79 -25.80
N GLY J 498 19.68 -50.29 -24.67
CA GLY J 498 18.38 -50.95 -24.68
C GLY J 498 17.27 -49.96 -25.01
N ILE J 499 17.30 -48.79 -24.37
CA ILE J 499 16.34 -47.76 -24.71
C ILE J 499 16.65 -47.22 -26.10
N LYS J 500 17.90 -47.26 -26.52
CA LYS J 500 18.23 -46.85 -27.87
C LYS J 500 17.59 -47.79 -28.87
N ASP J 501 17.54 -49.07 -28.51
CA ASP J 501 16.83 -50.04 -29.33
C ASP J 501 15.36 -49.70 -29.34
N GLU J 502 14.85 -49.20 -28.21
CA GLU J 502 13.47 -48.74 -28.19
C GLU J 502 13.25 -47.61 -29.19
N ASP J 503 14.19 -46.67 -29.21
CA ASP J 503 14.10 -45.55 -30.14
C ASP J 503 14.18 -46.07 -31.58
N GLY J 504 15.05 -47.05 -31.81
CA GLY J 504 15.14 -47.64 -33.13
C GLY J 504 13.85 -48.31 -33.52
N MET J 505 13.23 -49.03 -32.59
CA MET J 505 11.94 -49.65 -32.85
C MET J 505 10.94 -48.59 -33.24
N ASN J 506 11.09 -47.40 -32.66
CA ASN J 506 10.27 -46.27 -33.09
C ASN J 506 10.59 -45.92 -34.53
N CYS J 507 11.86 -46.01 -34.91
CA CYS J 507 12.27 -45.77 -36.29
C CYS J 507 11.56 -46.72 -37.27
N GLY J 508 11.39 -47.99 -36.89
CA GLY J 508 10.65 -48.91 -37.73
C GLY J 508 11.16 -50.31 -38.07
N PRO J 509 12.25 -50.79 -37.46
CA PRO J 509 12.69 -52.15 -37.77
C PRO J 509 11.79 -53.20 -37.16
N ILE J 510 11.89 -54.41 -37.71
CA ILE J 510 11.15 -55.56 -37.22
C ILE J 510 12.02 -56.29 -36.19
N ALA J 511 11.59 -56.30 -34.92
CA ALA J 511 12.28 -57.06 -33.88
C ALA J 511 11.32 -58.09 -33.29
N GLY J 512 11.71 -59.36 -33.33
CA GLY J 512 10.93 -60.46 -32.77
C GLY J 512 11.71 -61.27 -31.77
N SER J 513 11.17 -61.50 -30.56
CA SER J 513 11.86 -62.32 -29.57
C SER J 513 10.84 -63.10 -28.76
N CYS J 514 10.71 -64.41 -29.00
CA CYS J 514 9.71 -65.19 -28.30
C CYS J 514 10.23 -65.82 -27.01
N THR J 515 11.54 -65.98 -26.87
CA THR J 515 12.17 -66.56 -25.70
C THR J 515 13.53 -65.89 -25.63
N PHE J 516 14.21 -66.04 -24.49
CA PHE J 516 15.55 -65.47 -24.41
C PHE J 516 16.49 -66.04 -25.46
N PRO J 517 16.47 -67.34 -25.79
CA PRO J 517 17.35 -67.79 -26.88
C PRO J 517 17.02 -67.20 -28.23
N THR J 518 15.74 -67.01 -28.54
CA THR J 518 15.31 -66.63 -29.89
C THR J 518 14.93 -65.16 -29.99
N THR J 519 15.62 -64.45 -30.87
CA THR J 519 15.35 -63.06 -31.21
C THR J 519 15.91 -62.81 -32.62
N GLY J 520 15.39 -61.79 -33.27
CA GLY J 520 15.89 -61.36 -34.57
C GLY J 520 15.32 -60.02 -34.98
N THR J 521 16.13 -59.14 -35.56
CA THR J 521 15.58 -57.86 -36.02
C THR J 521 16.20 -57.50 -37.36
N SER J 522 15.41 -56.79 -38.16
CA SER J 522 15.82 -56.33 -39.48
C SER J 522 15.34 -54.91 -39.72
N LYS J 523 15.92 -54.27 -40.74
CA LYS J 523 15.53 -52.90 -41.14
C LYS J 523 15.75 -51.89 -40.00
N SER J 524 16.89 -52.02 -39.32
CA SER J 524 17.18 -51.16 -38.19
C SER J 524 17.94 -49.93 -38.65
N PRO J 525 17.35 -48.74 -38.58
CA PRO J 525 18.09 -47.50 -38.89
C PRO J 525 18.60 -46.78 -37.66
N SER J 526 18.33 -47.33 -36.48
CA SER J 526 18.72 -46.68 -35.23
C SER J 526 20.21 -46.50 -35.05
N PRO J 527 21.08 -47.46 -35.40
CA PRO J 527 22.50 -47.24 -35.07
C PRO J 527 23.11 -46.00 -35.70
N PHE J 528 22.94 -45.78 -37.00
CA PHE J 528 23.62 -44.64 -37.62
C PHE J 528 23.13 -43.31 -37.08
N VAL J 529 21.83 -43.15 -36.80
CA VAL J 529 21.37 -41.85 -36.34
C VAL J 529 21.44 -41.75 -34.83
N ASP J 530 20.90 -42.75 -34.14
CA ASP J 530 20.83 -42.71 -32.69
C ASP J 530 22.21 -42.71 -32.07
N LEU J 531 23.10 -43.59 -32.55
CA LEU J 531 24.45 -43.62 -32.03
C LEU J 531 25.19 -42.33 -32.33
N GLY J 532 25.04 -41.79 -33.54
CA GLY J 532 25.76 -40.57 -33.88
C GLY J 532 25.40 -39.42 -32.95
N ALA J 533 24.10 -39.19 -32.75
CA ALA J 533 23.72 -38.06 -31.90
C ALA J 533 24.00 -38.36 -30.44
N LYS J 534 23.59 -39.54 -29.98
CA LYS J 534 23.73 -39.88 -28.57
C LYS J 534 25.19 -39.86 -28.18
N ASP J 535 26.06 -40.33 -29.08
CA ASP J 535 27.47 -40.51 -28.85
C ASP J 535 28.26 -39.31 -29.35
N ALA J 536 27.59 -38.21 -29.65
CA ALA J 536 28.28 -37.04 -30.18
C ALA J 536 29.33 -36.53 -29.19
N THR J 537 29.10 -36.71 -27.89
CA THR J 537 29.96 -36.14 -26.86
C THR J 537 31.40 -36.60 -27.05
N SER J 538 32.33 -35.72 -26.69
CA SER J 538 33.78 -35.85 -26.84
C SER J 538 34.19 -37.05 -27.66
N GLY J 539 34.64 -38.12 -27.01
CA GLY J 539 35.16 -39.29 -27.69
C GLY J 539 34.19 -40.45 -27.52
N ILE J 540 33.87 -41.11 -28.63
CA ILE J 540 33.00 -42.28 -28.57
C ILE J 540 33.50 -43.33 -29.57
N GLY J 541 33.43 -44.57 -29.14
CA GLY J 541 33.68 -45.69 -30.03
C GLY J 541 32.46 -46.60 -29.99
N ILE J 542 31.85 -46.90 -31.13
CA ILE J 542 30.67 -47.76 -31.18
C ILE J 542 30.99 -49.03 -31.95
N GLY J 543 30.57 -50.17 -31.40
CA GLY J 543 30.62 -51.45 -32.08
C GLY J 543 29.24 -52.06 -32.03
N PHE J 544 28.63 -52.36 -33.16
CA PHE J 544 27.26 -52.84 -33.13
C PHE J 544 27.05 -54.11 -33.96
N ILE J 545 26.32 -55.05 -33.39
CA ILE J 545 25.82 -56.22 -34.11
C ILE J 545 24.30 -56.10 -34.09
N THR J 546 23.65 -56.43 -35.19
CA THR J 546 22.19 -56.43 -35.14
C THR J 546 21.57 -57.70 -35.70
N ASP J 547 22.19 -58.26 -36.73
CA ASP J 547 21.57 -59.35 -37.47
C ASP J 547 21.45 -60.62 -36.63
N ASN J 548 22.58 -61.08 -36.07
CA ASN J 548 22.55 -62.25 -35.21
C ASN J 548 21.97 -61.91 -33.85
N ILE J 549 22.46 -60.81 -33.26
CA ILE J 549 22.04 -60.30 -31.96
C ILE J 549 22.25 -58.80 -32.09
N ILE J 550 21.52 -58.01 -31.33
CA ILE J 550 21.81 -56.58 -31.34
C ILE J 550 22.60 -56.28 -30.07
N LEU J 551 23.88 -56.00 -30.25
CA LEU J 551 24.76 -55.66 -29.14
C LEU J 551 25.48 -54.38 -29.53
N ASP J 552 25.20 -53.29 -28.83
CA ASP J 552 25.82 -52.01 -29.10
C ASP J 552 26.75 -51.70 -27.93
N LEU J 553 28.04 -51.56 -28.22
CA LEU J 553 29.05 -51.34 -27.18
C LEU J 553 29.77 -50.05 -27.47
N GLN J 554 29.57 -49.05 -26.62
CA GLN J 554 30.18 -47.75 -26.82
C GLN J 554 31.10 -47.42 -25.67
N LEU J 555 32.20 -46.75 -26.00
CA LEU J 555 33.13 -46.22 -25.01
C LEU J 555 33.17 -44.72 -25.19
N SER J 556 32.74 -43.98 -24.17
CA SER J 556 32.65 -42.53 -24.24
C SER J 556 33.64 -41.89 -23.26
N ALA J 557 34.65 -41.21 -23.79
CA ALA J 557 35.70 -40.65 -22.96
C ALA J 557 35.96 -39.18 -23.29
N MET J 558 36.14 -38.37 -22.24
CA MET J 558 36.44 -36.95 -22.36
C MET J 558 37.59 -36.61 -21.43
N GLU J 559 38.60 -35.90 -21.95
CA GLU J 559 39.70 -35.41 -21.14
C GLU J 559 39.90 -33.92 -21.35
N LYS J 560 39.84 -33.14 -20.27
CA LYS J 560 39.96 -31.70 -20.37
C LYS J 560 41.11 -31.20 -19.50
N THR J 561 41.96 -30.35 -20.07
CA THR J 561 43.03 -29.71 -19.32
C THR J 561 42.96 -28.21 -19.56
N GLY J 562 42.89 -27.44 -18.48
CA GLY J 562 42.88 -26.00 -18.58
C GLY J 562 43.89 -25.34 -17.66
N ASN J 563 44.74 -24.46 -18.19
CA ASN J 563 45.64 -23.70 -17.34
C ASN J 563 45.37 -22.22 -17.52
N GLY J 564 45.05 -21.54 -16.43
CA GLY J 564 44.80 -20.12 -16.46
C GLY J 564 45.72 -19.36 -15.51
N GLU J 565 46.42 -18.35 -16.01
CA GLU J 565 47.25 -17.51 -15.18
C GLU J 565 46.81 -16.06 -15.29
N ILE J 566 46.54 -15.43 -14.15
CA ILE J 566 46.17 -14.02 -14.11
C ILE J 566 47.19 -13.29 -13.25
N VAL J 567 47.82 -12.26 -13.82
CA VAL J 567 48.81 -11.47 -13.12
C VAL J 567 48.36 -10.02 -13.18
N SER J 568 48.01 -9.45 -12.03
CA SER J 568 47.54 -8.07 -11.98
C SER J 568 48.41 -7.29 -11.00
N GLN J 569 48.97 -6.17 -11.43
CA GLN J 569 49.83 -5.39 -10.54
C GLN J 569 49.50 -3.92 -10.51
N PRO J 570 48.92 -3.42 -9.43
CA PRO J 570 48.77 -1.97 -9.27
C PRO J 570 49.86 -1.31 -8.46
N LYS J 571 50.43 -0.22 -8.96
CA LYS J 571 51.49 0.52 -8.30
C LYS J 571 51.00 1.91 -7.93
N VAL J 572 51.15 2.30 -6.66
CA VAL J 572 50.67 3.58 -6.16
C VAL J 572 51.82 4.33 -5.48
N VAL J 573 51.97 5.61 -5.77
CA VAL J 573 52.97 6.43 -5.10
C VAL J 573 52.27 7.26 -4.03
N THR J 574 52.73 7.13 -2.79
CA THR J 574 52.07 7.75 -1.66
C THR J 574 53.04 8.57 -0.80
N SER J 575 52.53 9.64 -0.22
CA SER J 575 53.33 10.40 0.72
C SER J 575 53.42 9.65 2.04
N ASP J 576 54.45 9.97 2.82
CA ASP J 576 54.72 9.23 4.04
C ASP J 576 53.65 9.50 5.08
N LYS J 577 53.14 8.42 5.69
CA LYS J 577 52.13 8.47 6.74
C LYS J 577 50.78 8.87 6.21
N GLU J 578 50.60 8.85 4.90
CA GLU J 578 49.34 9.27 4.30
C GLU J 578 48.71 8.10 3.56
N THR J 579 47.38 8.09 3.56
CA THR J 579 46.67 7.04 2.84
C THR J 579 46.55 7.38 1.37
N ALA J 580 46.70 6.35 0.54
CA ALA J 580 46.45 6.50 -0.89
C ALA J 580 45.74 5.26 -1.40
N LYS J 581 45.01 5.42 -2.49
CA LYS J 581 44.25 4.32 -3.02
C LYS J 581 44.36 4.25 -4.53
N ILE J 582 44.28 3.02 -5.04
CA ILE J 582 44.16 2.77 -6.47
C ILE J 582 42.97 1.85 -6.62
N LEU J 583 42.10 2.18 -7.56
CA LEU J 583 40.90 1.38 -7.76
C LEU J 583 40.68 1.18 -9.25
N LYS J 584 40.47 -0.07 -9.66
CA LYS J 584 40.12 -0.38 -11.03
C LYS J 584 39.06 -1.45 -11.06
N GLY J 585 37.90 -1.16 -11.64
CA GLY J 585 36.81 -2.12 -11.59
C GLY J 585 35.50 -1.41 -11.84
N SER J 586 34.43 -1.96 -11.26
CA SER J 586 33.11 -1.41 -11.53
C SER J 586 32.21 -1.58 -10.31
N GLU J 587 31.34 -0.59 -10.04
CA GLU J 587 30.54 -0.61 -8.81
C GLU J 587 29.12 -1.03 -9.13
N VAL J 588 28.79 -2.26 -8.76
CA VAL J 588 27.40 -2.65 -8.93
C VAL J 588 26.55 -1.89 -7.92
N PRO J 589 25.45 -1.34 -8.33
CA PRO J 589 24.53 -0.67 -7.42
C PRO J 589 23.38 -1.61 -7.07
N TYR J 590 22.71 -1.29 -5.99
CA TYR J 590 21.50 -1.97 -5.56
C TYR J 590 20.43 -0.90 -5.44
N GLN J 591 19.32 -1.09 -6.12
CA GLN J 591 18.23 -0.14 -5.99
C GLN J 591 17.46 -0.55 -4.74
N GLU J 592 17.73 0.12 -3.62
CA GLU J 592 17.04 -0.19 -2.39
C GLU J 592 16.49 1.13 -1.86
N ALA J 593 15.48 1.64 -2.54
CA ALA J 593 14.86 2.83 -2.01
C ALA J 593 13.81 2.31 -1.05
N SER J 594 14.19 2.21 0.23
CA SER J 594 13.24 1.83 1.24
C SER J 594 12.47 3.11 1.46
N SER J 595 11.15 3.00 1.39
CA SER J 595 10.32 4.18 1.32
C SER J 595 10.55 5.17 2.45
N SER J 596 10.65 4.72 3.69
CA SER J 596 10.72 5.75 4.72
C SER J 596 12.09 6.37 4.89
N GLY J 597 12.46 7.15 3.90
CA GLY J 597 13.66 7.89 4.13
C GLY J 597 14.96 7.14 4.07
N ALA J 598 14.98 5.92 3.57
CA ALA J 598 16.29 5.28 3.43
C ALA J 598 16.46 4.92 1.98
N THR J 599 17.07 5.81 1.21
CA THR J 599 17.41 5.49 -0.16
C THR J 599 18.81 4.95 -0.16
N SER J 600 18.97 3.65 -0.24
CA SER J 600 20.30 3.13 -0.36
C SER J 600 20.39 2.75 -1.82
N THR J 601 21.01 3.64 -2.57
CA THR J 601 21.37 3.28 -3.92
C THR J 601 22.70 2.61 -3.60
N SER J 602 22.59 1.37 -3.15
CA SER J 602 23.77 0.70 -2.67
C SER J 602 24.72 0.53 -3.83
N PHE J 603 25.99 0.43 -3.52
CA PHE J 603 26.94 0.15 -4.56
C PHE J 603 28.14 -0.48 -3.88
N LYS J 604 28.94 -1.13 -4.70
CA LYS J 604 30.17 -1.72 -4.21
C LYS J 604 30.93 -2.05 -5.46
N GLU J 605 32.19 -1.67 -5.55
CA GLU J 605 32.92 -1.89 -6.77
C GLU J 605 33.73 -3.17 -6.68
N ALA J 606 33.48 -4.07 -7.62
CA ALA J 606 34.26 -5.28 -7.77
C ALA J 606 35.47 -4.78 -8.54
N ALA J 607 36.60 -4.71 -7.86
CA ALA J 607 37.75 -4.06 -8.44
C ALA J 607 39.03 -4.58 -7.83
N LEU J 608 40.12 -4.28 -8.51
CA LEU J 608 41.44 -4.44 -7.95
C LEU J 608 41.72 -3.13 -7.25
N SER J 609 42.17 -3.19 -6.01
CA SER J 609 42.38 -1.95 -5.30
C SER J 609 43.46 -2.09 -4.27
N LEU J 610 44.15 -0.98 -4.00
CA LEU J 610 45.13 -0.90 -2.93
C LEU J 610 44.83 0.32 -2.09
N GLU J 611 44.67 0.12 -0.81
CA GLU J 611 44.56 1.21 0.16
C GLU J 611 45.77 1.10 1.07
N VAL J 612 46.71 2.02 0.93
CA VAL J 612 47.98 1.92 1.62
C VAL J 612 48.18 3.09 2.56
N THR J 613 48.71 2.78 3.75
CA THR J 613 49.10 3.79 4.73
C THR J 613 50.51 3.43 5.17
N PRO J 614 51.52 3.90 4.45
CA PRO J 614 52.91 3.59 4.78
C PRO J 614 53.52 4.48 5.86
N GLN J 615 54.23 3.85 6.79
CA GLN J 615 55.02 4.57 7.78
C GLN J 615 56.49 4.23 7.52
N ILE J 616 57.31 5.25 7.37
CA ILE J 616 58.70 5.08 6.96
C ILE J 616 59.60 5.06 8.18
N THR J 617 60.42 4.05 8.30
CA THR J 617 61.38 3.96 9.37
C THR J 617 62.73 4.39 8.83
N PRO J 618 63.71 4.76 9.67
CA PRO J 618 64.95 5.27 9.09
C PRO J 618 65.68 4.24 8.26
N ASP J 619 65.69 2.99 8.69
CA ASP J 619 66.51 2.00 8.00
C ASP J 619 65.85 1.52 6.72
N ASN J 620 65.39 2.45 5.89
CA ASN J 620 64.88 2.15 4.56
C ASN J 620 63.84 1.03 4.59
N ARG J 621 62.92 1.11 5.54
CA ARG J 621 61.85 0.13 5.59
C ARG J 621 60.55 0.88 5.80
N ILE J 622 59.47 0.19 5.49
CA ILE J 622 58.15 0.73 5.70
C ILE J 622 57.28 -0.30 6.39
N ILE J 623 56.58 0.13 7.42
CA ILE J 623 55.51 -0.64 7.99
C ILE J 623 54.26 -0.02 7.42
N VAL J 624 53.53 -0.77 6.62
CA VAL J 624 52.39 -0.20 5.93
C VAL J 624 51.16 -1.00 6.27
N GLU J 625 50.05 -0.29 6.51
CA GLU J 625 48.76 -0.95 6.60
C GLU J 625 48.17 -0.92 5.21
N VAL J 626 48.05 -2.07 4.58
CA VAL J 626 47.56 -2.15 3.22
C VAL J 626 46.38 -3.08 3.12
N LYS J 627 45.29 -2.58 2.52
CA LYS J 627 44.15 -3.39 2.14
C LYS J 627 44.29 -3.66 0.65
N VAL J 628 44.38 -4.92 0.26
CA VAL J 628 44.54 -5.34 -1.12
C VAL J 628 43.33 -6.14 -1.52
N THR J 629 42.54 -5.64 -2.45
CA THR J 629 41.31 -6.33 -2.81
C THR J 629 41.28 -6.65 -4.29
N LYS J 630 40.95 -7.89 -4.63
CA LYS J 630 40.68 -8.27 -6.00
C LYS J 630 39.28 -8.84 -6.03
N ASP J 631 38.34 -8.06 -6.54
CA ASP J 631 36.95 -8.47 -6.55
C ASP J 631 36.42 -8.49 -7.96
N ALA J 632 35.76 -9.57 -8.33
CA ALA J 632 35.27 -9.68 -9.69
C ALA J 632 33.76 -9.51 -9.72
N PRO J 633 33.31 -8.72 -10.69
CA PRO J 633 31.89 -8.44 -10.89
C PRO J 633 31.08 -9.71 -11.06
N ASP J 634 30.05 -9.83 -10.24
CA ASP J 634 29.25 -11.03 -10.20
C ASP J 634 28.46 -11.26 -11.48
N TYR J 635 28.39 -12.52 -11.91
CA TYR J 635 27.55 -12.87 -13.04
C TYR J 635 26.08 -12.62 -12.72
N GLN J 636 25.63 -13.05 -11.54
CA GLN J 636 24.22 -12.93 -11.20
C GLN J 636 23.80 -11.47 -11.20
N ASN J 637 24.75 -10.57 -10.92
CA ASN J 637 24.46 -9.14 -11.02
C ASN J 637 24.16 -8.80 -12.47
N MET J 638 24.98 -9.32 -13.38
CA MET J 638 24.69 -9.14 -14.78
C MET J 638 23.37 -9.81 -15.12
N LEU J 639 22.97 -10.81 -14.33
CA LEU J 639 21.70 -11.49 -14.51
C LEU J 639 20.51 -10.69 -13.98
N ASN J 640 20.76 -9.61 -13.22
CA ASN J 640 19.70 -8.82 -12.58
C ASN J 640 18.90 -9.66 -11.58
N GLY J 641 19.57 -10.62 -10.96
CA GLY J 641 18.99 -11.44 -9.91
C GLY J 641 19.60 -11.00 -8.61
N VAL J 642 19.91 -11.92 -7.71
CA VAL J 642 20.64 -11.60 -6.49
C VAL J 642 22.11 -11.74 -6.81
N PRO J 643 22.86 -10.65 -6.82
CA PRO J 643 24.25 -10.65 -7.27
C PRO J 643 25.29 -10.99 -6.21
N PRO J 644 25.87 -12.19 -6.26
CA PRO J 644 27.02 -12.48 -5.37
C PRO J 644 28.35 -12.09 -5.99
N ILE J 645 28.86 -10.89 -5.71
CA ILE J 645 30.19 -10.51 -6.22
C ILE J 645 31.23 -11.37 -5.54
N ASN J 646 32.38 -11.57 -6.20
CA ASN J 646 33.40 -12.42 -5.59
C ASN J 646 34.57 -11.57 -5.12
N LYS J 647 34.93 -11.71 -3.84
CA LYS J 647 36.00 -10.90 -3.25
C LYS J 647 37.17 -11.73 -2.76
N ASN J 648 38.37 -11.40 -3.21
CA ASN J 648 39.59 -11.95 -2.63
C ASN J 648 40.37 -10.78 -2.04
N GLU J 649 40.27 -10.53 -0.75
CA GLU J 649 40.92 -9.34 -0.22
C GLU J 649 41.67 -9.66 1.07
N VAL J 650 42.90 -9.17 1.17
CA VAL J 650 43.70 -9.29 2.37
C VAL J 650 44.02 -7.89 2.89
N ASN J 651 43.77 -7.66 4.16
CA ASN J 651 44.06 -6.38 4.80
C ASN J 651 44.98 -6.60 5.98
N ALA J 652 46.16 -5.99 5.97
CA ALA J 652 47.11 -6.26 7.03
C ALA J 652 48.20 -5.21 7.02
N LYS J 653 48.88 -5.08 8.16
CA LYS J 653 50.00 -4.15 8.29
C LYS J 653 51.28 -4.95 8.46
N ILE J 654 52.29 -4.63 7.65
CA ILE J 654 53.53 -5.38 7.65
C ILE J 654 54.74 -4.46 7.53
N LEU J 655 55.90 -4.98 7.95
CA LEU J 655 57.17 -4.28 7.87
C LEU J 655 58.03 -4.94 6.79
N VAL J 656 58.54 -4.16 5.85
CA VAL J 656 59.46 -4.66 4.83
C VAL J 656 60.51 -3.62 4.49
N ASN J 657 61.67 -4.07 4.02
CA ASN J 657 62.60 -3.09 3.50
C ASN J 657 62.13 -2.67 2.12
N ASP J 658 62.71 -1.58 1.62
CA ASP J 658 62.29 -1.08 0.32
C ASP J 658 62.56 -2.10 -0.78
N GLY J 659 63.71 -2.75 -0.74
CA GLY J 659 64.03 -3.65 -1.81
C GLY J 659 63.44 -5.03 -1.66
N GLU J 660 62.47 -5.19 -0.77
CA GLU J 660 62.00 -6.51 -0.38
C GLU J 660 60.51 -6.67 -0.65
N THR J 661 60.15 -7.85 -1.09
CA THR J 661 58.77 -8.21 -1.35
C THR J 661 58.36 -9.34 -0.42
N ILE J 662 57.17 -9.23 0.16
CA ILE J 662 56.68 -10.34 0.95
C ILE J 662 55.29 -10.70 0.47
N VAL J 663 54.84 -11.86 0.93
CA VAL J 663 53.51 -12.36 0.62
C VAL J 663 52.61 -11.78 1.69
N ILE J 664 51.77 -10.82 1.34
CA ILE J 664 50.86 -10.33 2.37
C ILE J 664 49.97 -11.48 2.79
N GLY J 665 49.53 -12.26 1.81
CA GLY J 665 48.73 -13.43 2.05
C GLY J 665 48.60 -14.21 0.76
N GLY J 666 48.12 -15.43 0.90
CA GLY J 666 47.84 -16.25 -0.25
C GLY J 666 47.04 -17.45 0.19
N VAL J 667 46.38 -18.07 -0.77
CA VAL J 667 45.65 -19.30 -0.50
C VAL J 667 45.74 -20.25 -1.68
N PHE J 668 46.05 -21.51 -1.39
CA PHE J 668 46.01 -22.57 -2.39
C PHE J 668 44.83 -23.49 -2.11
N SER J 669 43.98 -23.66 -3.12
CA SER J 669 42.85 -24.58 -3.04
C SER J 669 43.12 -25.79 -3.92
N ASN J 670 43.31 -26.95 -3.30
CA ASN J 670 43.60 -28.18 -4.02
C ASN J 670 42.38 -29.08 -3.99
N GLU J 671 41.73 -29.24 -5.13
CA GLU J 671 40.55 -30.09 -5.24
C GLU J 671 40.94 -31.40 -5.89
N GLN J 672 40.72 -32.50 -5.19
CA GLN J 672 40.97 -33.83 -5.75
C GLN J 672 39.69 -34.64 -5.67
N SER J 673 39.10 -34.95 -6.83
CA SER J 673 37.85 -35.68 -6.88
C SER J 673 38.03 -36.95 -7.68
N LYS J 674 37.62 -38.08 -7.12
CA LYS J 674 37.65 -39.35 -7.83
C LYS J 674 36.29 -40.00 -7.69
N SER J 675 35.73 -40.48 -8.80
CA SER J 675 34.43 -41.13 -8.79
C SER J 675 34.53 -42.38 -9.65
N VAL J 676 34.18 -43.53 -9.09
CA VAL J 676 34.17 -44.77 -9.85
C VAL J 676 32.78 -45.37 -9.78
N GLU J 677 32.23 -45.70 -10.94
CA GLU J 677 30.90 -46.29 -11.06
C GLU J 677 31.02 -47.61 -11.81
N LYS J 678 30.54 -48.69 -11.20
CA LYS J 678 30.74 -49.99 -11.82
C LYS J 678 29.62 -50.98 -11.52
N VAL J 679 29.12 -51.62 -12.58
CA VAL J 679 28.26 -52.78 -12.31
C VAL J 679 29.12 -53.83 -11.62
N PRO J 680 28.71 -54.40 -10.50
CA PRO J 680 29.65 -55.23 -9.73
C PRO J 680 30.21 -56.45 -10.46
N PHE J 681 29.38 -57.28 -11.08
CA PHE J 681 29.92 -58.51 -11.66
C PHE J 681 30.83 -58.21 -12.84
N LEU J 682 30.35 -57.38 -13.77
CA LEU J 682 31.16 -57.04 -14.94
C LEU J 682 32.32 -56.14 -14.55
N GLY J 683 32.10 -55.24 -13.59
CA GLY J 683 33.17 -54.38 -13.12
C GLY J 683 34.34 -55.18 -12.58
N GLU J 684 34.03 -56.33 -11.97
CA GLU J 684 35.07 -57.19 -11.42
C GLU J 684 36.04 -57.68 -12.49
N LEU J 685 35.53 -57.99 -13.68
CA LEU J 685 36.37 -58.53 -14.74
C LEU J 685 37.50 -57.58 -15.09
N PRO J 686 38.74 -58.06 -15.19
CA PRO J 686 39.86 -57.15 -15.48
C PRO J 686 39.77 -56.51 -16.85
N TYR J 687 39.41 -57.29 -17.87
CA TYR J 687 39.39 -56.77 -19.23
C TYR J 687 38.08 -56.10 -19.55
N LEU J 688 37.04 -56.37 -18.77
CA LEU J 688 35.74 -55.82 -19.01
C LEU J 688 35.35 -54.82 -17.95
N GLY J 689 36.09 -54.77 -16.85
CA GLY J 689 35.80 -53.77 -15.84
C GLY J 689 35.98 -52.39 -16.44
N ARG J 690 37.05 -52.21 -17.22
CA ARG J 690 37.24 -50.96 -17.90
C ARG J 690 36.04 -50.68 -18.79
N LEU J 691 35.48 -51.74 -19.36
CA LEU J 691 34.30 -51.65 -20.18
C LEU J 691 33.04 -51.60 -19.34
N PHE J 692 33.17 -51.73 -18.03
CA PHE J 692 32.02 -51.66 -17.16
C PHE J 692 32.27 -50.84 -15.89
N ARG J 693 33.34 -50.05 -15.85
CA ARG J 693 33.61 -49.14 -14.75
C ARG J 693 33.64 -47.74 -15.32
N ARG J 694 32.78 -46.87 -14.82
CA ARG J 694 32.68 -45.50 -15.29
C ARG J 694 33.49 -44.64 -14.34
N ASP J 695 34.59 -44.11 -14.85
CA ASP J 695 35.54 -43.39 -14.02
C ASP J 695 35.51 -41.91 -14.32
N THR J 696 35.32 -41.09 -13.29
CA THR J 696 35.48 -39.66 -13.42
C THR J 696 36.49 -39.20 -12.37
N VAL J 697 37.61 -38.67 -12.82
CA VAL J 697 38.62 -38.14 -11.93
C VAL J 697 38.86 -36.69 -12.30
N THR J 698 38.71 -35.80 -11.33
CA THR J 698 38.94 -34.38 -11.57
C THR J 698 39.89 -33.82 -10.51
N ASP J 699 40.94 -33.15 -10.96
CA ASP J 699 41.87 -32.44 -10.09
C ASP J 699 41.83 -30.98 -10.51
N ARG J 700 41.33 -30.13 -9.64
CA ARG J 700 41.32 -28.69 -9.91
C ARG J 700 42.07 -28.03 -8.78
N LYS J 701 43.15 -27.33 -9.10
CA LYS J 701 43.89 -26.63 -8.08
C LYS J 701 44.05 -25.17 -8.48
N ASN J 702 43.47 -24.29 -7.69
CA ASN J 702 43.55 -22.85 -7.91
C ASN J 702 44.22 -22.22 -6.70
N GLU J 703 45.27 -21.45 -6.95
CA GLU J 703 45.96 -20.74 -5.89
C GLU J 703 45.96 -19.25 -6.19
N LEU J 704 45.73 -18.44 -5.17
CA LEU J 704 45.82 -16.99 -5.30
C LEU J 704 46.82 -16.45 -4.27
N LEU J 705 47.74 -15.58 -4.72
CA LEU J 705 48.71 -15.00 -3.82
C LEU J 705 48.93 -13.52 -4.12
N VAL J 706 49.10 -12.71 -3.08
CA VAL J 706 49.39 -11.28 -3.24
C VAL J 706 50.76 -10.93 -2.65
N PHE J 707 51.64 -10.37 -3.49
CA PHE J 707 52.93 -9.88 -3.02
C PHE J 707 52.92 -8.37 -2.90
N LEU J 708 53.96 -7.84 -2.24
CA LEU J 708 54.12 -6.39 -2.21
C LEU J 708 55.59 -6.01 -2.07
N THR J 709 55.99 -4.95 -2.78
CA THR J 709 57.30 -4.29 -2.67
C THR J 709 57.19 -2.77 -2.68
N PRO J 710 57.74 -2.09 -1.69
CA PRO J 710 57.73 -0.63 -1.75
C PRO J 710 59.08 -0.07 -2.16
N ARG J 711 59.15 0.75 -3.20
CA ARG J 711 60.38 1.42 -3.59
C ARG J 711 60.23 2.87 -3.19
N ILE J 712 61.00 3.30 -2.19
CA ILE J 712 60.82 4.67 -1.71
C ILE J 712 61.10 5.63 -2.84
N MET J 713 60.19 6.56 -3.06
CA MET J 713 60.39 7.52 -4.12
C MET J 713 61.22 8.69 -3.63
N ASN J 714 61.48 8.73 -2.33
CA ASN J 714 62.39 9.74 -1.79
C ASN J 714 63.78 9.55 -2.37
N ASN J 715 64.13 8.32 -2.73
CA ASN J 715 65.45 8.08 -3.29
C ASN J 715 65.65 8.99 -4.49
N GLN J 716 64.55 9.28 -5.18
CA GLN J 716 64.57 10.21 -6.28
C GLN J 716 64.08 11.56 -5.83
N ALA J 717 63.11 11.58 -4.91
CA ALA J 717 62.53 12.82 -4.43
C ALA J 717 63.52 13.61 -3.58
N ILE J 718 64.35 12.92 -2.80
CA ILE J 718 65.36 13.66 -2.03
C ILE J 718 66.41 14.23 -2.96
N ALA J 719 66.84 13.45 -3.96
CA ALA J 719 67.78 13.95 -4.94
C ALA J 719 67.10 14.96 -5.85
N ILE J 720 65.77 14.98 -5.83
CA ILE J 720 64.95 15.95 -6.51
C ILE J 720 64.23 16.87 -5.53
N LEU K 385 67.00 22.90 32.47
CA LEU K 385 66.28 21.98 31.59
C LEU K 385 66.84 22.08 30.18
N ARG K 386 66.84 20.97 29.47
CA ARG K 386 67.42 20.89 28.13
C ARG K 386 66.35 20.47 27.13
N ARG K 387 66.37 21.11 25.97
CA ARG K 387 65.48 20.77 24.87
C ARG K 387 66.16 19.76 23.96
N GLU K 388 65.53 18.60 23.76
CA GLU K 388 66.10 17.55 22.93
C GLU K 388 65.07 17.03 21.93
N LEU K 389 65.50 16.81 20.69
CA LEU K 389 64.64 16.22 19.65
C LEU K 389 64.98 14.76 19.47
N ILE K 390 63.99 13.89 19.68
CA ILE K 390 64.13 12.47 19.42
C ILE K 390 63.03 12.06 18.46
N GLN K 391 63.40 11.31 17.42
CA GLN K 391 62.45 10.84 16.42
C GLN K 391 62.11 9.38 16.70
N VAL K 392 60.83 9.07 16.82
CA VAL K 392 60.38 7.71 17.07
C VAL K 392 59.62 7.21 15.85
N ASN K 393 60.25 6.32 15.09
CA ASN K 393 59.57 5.73 13.94
C ASN K 393 58.63 4.60 14.35
N TYR K 394 59.02 3.77 15.30
CA TYR K 394 58.19 2.63 15.62
C TYR K 394 57.18 2.95 16.69
N ALA K 395 57.34 4.09 17.34
CA ALA K 395 56.49 4.50 18.46
C ALA K 395 55.72 5.75 18.07
N LYS K 396 54.43 5.75 18.36
CA LYS K 396 53.62 6.93 18.14
C LYS K 396 54.10 8.05 19.06
N ALA K 397 54.12 9.28 18.55
CA ALA K 397 54.59 10.40 19.35
C ALA K 397 53.70 10.61 20.58
N ALA K 398 52.39 10.40 20.42
CA ALA K 398 51.50 10.53 21.57
C ALA K 398 51.86 9.51 22.64
N ASP K 399 52.22 8.29 22.21
CA ASP K 399 52.60 7.27 23.16
C ASP K 399 53.83 7.71 23.94
N ILE K 400 54.81 8.30 23.26
CA ILE K 400 55.99 8.81 23.93
C ILE K 400 55.62 9.91 24.90
N ALA K 401 54.65 10.74 24.52
CA ALA K 401 54.19 11.78 25.43
C ALA K 401 53.61 11.16 26.68
N LYS K 402 52.87 10.06 26.52
CA LYS K 402 52.33 9.35 27.67
C LYS K 402 53.45 8.78 28.52
N LEU K 403 54.51 8.29 27.88
CA LEU K 403 55.66 7.80 28.63
C LEU K 403 56.29 8.92 29.44
N PHE K 404 56.40 10.11 28.84
CA PHE K 404 56.93 11.24 29.59
C PHE K 404 56.00 11.63 30.72
N GLN K 405 54.69 11.51 30.50
CA GLN K 405 53.73 11.80 31.57
C GLN K 405 53.95 10.84 32.71
N SER K 406 54.22 9.58 32.37
CA SER K 406 54.54 8.60 33.39
C SER K 406 55.84 8.99 34.09
N VAL K 407 56.79 9.53 33.33
CA VAL K 407 58.05 9.98 33.89
C VAL K 407 57.78 11.08 34.92
N THR K 408 56.86 11.97 34.60
CA THR K 408 56.46 13.01 35.55
C THR K 408 55.79 12.40 36.77
N SER K 409 54.98 11.38 36.55
CA SER K 409 54.36 10.66 37.67
C SER K 409 55.43 10.06 38.57
N ASP K 410 56.58 9.70 38.00
CA ASP K 410 57.66 9.12 38.80
C ASP K 410 58.03 10.05 39.94
N GLY K 411 58.11 11.35 39.67
CA GLY K 411 58.38 12.32 40.71
C GLY K 411 57.96 13.73 40.32
N GLY K 421 59.65 20.72 31.84
CA GLY K 421 58.74 19.62 31.53
C GLY K 421 57.77 19.96 30.41
N SER K 422 58.32 20.31 29.25
CA SER K 422 57.53 20.69 28.09
C SER K 422 57.72 19.67 26.99
N ILE K 423 56.61 19.23 26.39
CA ILE K 423 56.63 18.18 25.38
C ILE K 423 56.04 18.72 24.08
N THR K 424 56.70 18.41 22.96
CA THR K 424 56.26 18.83 21.63
C THR K 424 56.20 17.61 20.74
N VAL K 425 55.11 17.48 19.98
CA VAL K 425 54.89 16.32 19.13
C VAL K 425 54.81 16.77 17.67
N ASP K 426 55.63 16.16 16.81
CA ASP K 426 55.58 16.38 15.37
C ASP K 426 54.97 15.14 14.74
N ASP K 427 53.76 15.28 14.22
CA ASP K 427 53.05 14.14 13.64
C ASP K 427 53.72 13.65 12.36
N ARG K 428 54.13 14.57 11.49
CA ARG K 428 54.65 14.16 10.19
C ARG K 428 55.89 13.30 10.35
N THR K 429 56.81 13.73 11.20
CA THR K 429 58.03 12.99 11.43
C THR K 429 57.90 12.05 12.61
N ASN K 430 56.79 12.14 13.35
CA ASN K 430 56.60 11.36 14.56
C ASN K 430 57.76 11.63 15.51
N SER K 431 58.20 12.88 15.57
CA SER K 431 59.37 13.24 16.35
C SER K 431 58.94 14.11 17.51
N ILE K 432 59.38 13.74 18.71
CA ILE K 432 59.01 14.42 19.93
C ILE K 432 60.21 15.21 20.42
N ILE K 433 60.00 16.50 20.69
CA ILE K 433 61.03 17.34 21.27
C ILE K 433 60.59 17.70 22.68
N ALA K 434 61.41 17.37 23.66
CA ALA K 434 61.05 17.66 25.04
C ALA K 434 62.11 18.56 25.63
N TYR K 435 61.67 19.67 26.22
CA TYR K 435 62.56 20.55 26.95
C TYR K 435 62.23 20.33 28.42
N GLN K 436 63.13 19.68 29.13
CA GLN K 436 62.81 19.29 30.50
C GLN K 436 64.10 18.89 31.21
N PRO K 437 64.05 18.52 32.49
CA PRO K 437 65.29 18.18 33.19
C PRO K 437 66.03 17.06 32.47
N GLN K 438 67.36 17.13 32.52
CA GLN K 438 68.18 16.20 31.77
C GLN K 438 67.91 14.76 32.18
N GLU K 439 67.75 14.50 33.47
CA GLU K 439 67.59 13.13 33.93
C GLU K 439 66.31 12.52 33.40
N ARG K 440 65.20 13.28 33.47
CA ARG K 440 63.94 12.79 32.92
C ARG K 440 64.09 12.59 31.42
N LEU K 441 64.82 13.49 30.79
CA LEU K 441 65.04 13.42 29.35
C LEU K 441 65.72 12.10 28.99
N ASP K 442 66.77 11.75 29.75
CA ASP K 442 67.52 10.54 29.49
C ASP K 442 66.67 9.30 29.73
N GLU K 443 65.89 9.31 30.82
CA GLU K 443 65.07 8.15 31.11
C GLU K 443 64.05 7.94 30.01
N LEU K 444 63.44 9.05 29.55
CA LEU K 444 62.46 8.96 28.48
C LEU K 444 63.14 8.44 27.22
N ARG K 445 64.39 8.85 27.00
CA ARG K 445 65.14 8.36 25.86
C ARG K 445 65.30 6.85 25.91
N ARG K 446 65.59 6.31 27.09
CA ARG K 446 65.69 4.86 27.23
C ARG K 446 64.35 4.20 26.93
N ILE K 447 63.27 4.79 27.43
CA ILE K 447 61.94 4.25 27.14
C ILE K 447 61.71 4.29 25.63
N VAL K 448 62.19 5.33 24.98
CA VAL K 448 62.07 5.47 23.54
C VAL K 448 62.80 4.34 22.85
N SER K 449 63.99 4.02 23.35
CA SER K 449 64.78 2.94 22.76
C SER K 449 64.03 1.62 22.86
N GLN K 450 63.42 1.38 24.02
CA GLN K 450 62.65 0.16 24.19
C GLN K 450 61.43 0.13 23.28
N LEU K 451 60.70 1.25 23.22
CA LEU K 451 59.46 1.29 22.44
C LEU K 451 59.70 1.18 20.95
N ASP K 452 60.75 1.83 20.43
CA ASP K 452 60.97 1.84 18.98
C ASP K 452 61.63 0.51 18.61
N ILE K 453 60.84 -0.55 18.80
CA ILE K 453 61.27 -1.92 18.50
C ILE K 453 60.42 -2.46 17.37
N PRO K 454 61.01 -3.15 16.41
CA PRO K 454 60.22 -3.62 15.26
C PRO K 454 59.16 -4.62 15.69
N VAL K 455 57.93 -4.40 15.23
CA VAL K 455 56.86 -5.34 15.50
C VAL K 455 57.13 -6.62 14.72
N ARG K 456 56.95 -7.75 15.38
CA ARG K 456 57.29 -9.03 14.77
C ARG K 456 56.11 -9.62 13.99
N GLN K 457 56.29 -9.73 12.69
CA GLN K 457 55.29 -10.36 11.83
C GLN K 457 55.49 -11.86 11.85
N VAL K 458 54.39 -12.59 11.78
CA VAL K 458 54.40 -14.04 11.70
C VAL K 458 53.52 -14.48 10.54
N MET K 459 53.95 -15.49 9.81
CA MET K 459 53.18 -16.05 8.72
C MET K 459 52.35 -17.17 9.31
N ILE K 460 51.04 -17.04 9.27
CA ILE K 460 50.11 -17.99 9.83
C ILE K 460 49.55 -18.81 8.69
N GLU K 461 49.72 -20.12 8.75
CA GLU K 461 49.21 -21.00 7.71
C GLU K 461 48.25 -21.99 8.34
N ALA K 462 46.97 -21.80 8.13
CA ALA K 462 45.96 -22.74 8.61
C ALA K 462 45.34 -23.42 7.39
N ARG K 463 45.42 -24.73 7.34
CA ARG K 463 44.95 -25.45 6.15
C ARG K 463 43.75 -26.32 6.48
N ILE K 464 42.79 -26.33 5.57
CA ILE K 464 41.56 -27.08 5.70
C ILE K 464 41.63 -28.30 4.80
N VAL K 465 41.38 -29.47 5.39
CA VAL K 465 41.38 -30.73 4.66
C VAL K 465 39.99 -31.35 4.78
N GLU K 466 39.37 -31.62 3.63
CA GLU K 466 38.08 -32.29 3.59
C GLU K 466 38.22 -33.59 2.82
N ALA K 467 37.82 -34.70 3.44
CA ALA K 467 37.85 -36.00 2.78
C ALA K 467 36.46 -36.61 2.80
N ASN K 468 35.97 -36.99 1.63
CA ASN K 468 34.67 -37.63 1.51
C ASN K 468 34.83 -38.96 0.79
N VAL K 469 34.44 -40.05 1.46
CA VAL K 469 34.45 -41.36 0.84
C VAL K 469 33.03 -41.89 0.86
N GLY K 470 32.48 -42.21 -0.31
CA GLY K 470 31.14 -42.73 -0.39
C GLY K 470 31.01 -44.01 -1.19
N TYR K 471 30.50 -45.07 -0.58
CA TYR K 471 30.20 -46.31 -1.30
C TYR K 471 28.74 -46.64 -1.10
N ASP K 472 27.98 -46.69 -2.19
CA ASP K 472 26.56 -47.02 -2.12
C ASP K 472 26.24 -48.10 -3.13
N LYS K 473 25.61 -49.18 -2.69
CA LYS K 473 25.18 -50.24 -3.59
C LYS K 473 23.69 -50.51 -3.40
N SER K 474 22.96 -50.55 -4.51
CA SER K 474 21.54 -50.85 -4.48
C SER K 474 21.21 -51.97 -5.46
N LEU K 475 20.51 -53.00 -4.99
CA LEU K 475 20.07 -54.10 -5.82
C LEU K 475 18.55 -54.25 -5.67
N GLY K 476 17.84 -54.09 -6.79
CA GLY K 476 16.43 -54.32 -6.96
C GLY K 476 16.18 -55.58 -7.76
N VAL K 477 15.57 -56.58 -7.15
CA VAL K 477 15.34 -57.88 -7.77
C VAL K 477 13.84 -58.02 -8.07
N ARG K 478 13.52 -58.32 -9.32
CA ARG K 478 12.14 -58.27 -9.78
C ARG K 478 11.76 -59.53 -10.53
N TRP K 479 10.60 -60.10 -10.17
CA TRP K 479 10.10 -61.31 -10.82
C TRP K 479 8.65 -61.10 -11.23
N GLY K 480 8.42 -60.73 -12.48
CA GLY K 480 7.06 -60.42 -12.91
C GLY K 480 6.52 -61.26 -14.04
N GLY K 481 5.41 -61.95 -13.79
CA GLY K 481 4.70 -62.67 -14.82
C GLY K 481 3.23 -62.36 -14.76
N ALA K 482 2.63 -61.82 -15.81
CA ALA K 482 1.20 -61.62 -15.82
C ALA K 482 0.46 -62.80 -16.43
N TYR K 483 1.19 -63.76 -16.97
CA TYR K 483 0.56 -64.89 -17.64
C TYR K 483 -0.29 -65.65 -16.65
N HIS K 484 0.26 -65.96 -15.49
CA HIS K 484 -0.48 -66.61 -14.43
C HIS K 484 -0.68 -65.68 -13.23
N LYS K 485 -0.51 -64.38 -13.44
CA LYS K 485 -0.67 -63.34 -12.42
C LYS K 485 0.23 -63.55 -11.19
N GLY K 486 1.50 -63.87 -11.43
CA GLY K 486 2.46 -63.91 -10.33
C GLY K 486 3.56 -62.90 -10.54
N ASN K 487 3.57 -61.81 -9.77
CA ASN K 487 4.57 -60.77 -9.99
C ASN K 487 4.93 -60.08 -8.69
N TRP K 488 6.19 -60.22 -8.32
CA TRP K 488 6.77 -59.61 -7.14
C TRP K 488 7.71 -58.51 -7.59
N SER K 489 7.51 -57.32 -7.05
CA SER K 489 8.25 -56.14 -7.43
C SER K 489 9.45 -55.90 -6.53
N GLY K 490 10.53 -55.41 -7.11
CA GLY K 490 11.69 -55.06 -6.33
C GLY K 490 11.47 -53.73 -5.64
N TYR K 491 12.45 -53.32 -4.90
CA TYR K 491 12.33 -52.01 -4.30
C TYR K 491 13.57 -51.14 -4.46
N GLY K 492 14.77 -51.70 -4.28
CA GLY K 492 15.95 -50.88 -4.52
C GLY K 492 15.98 -50.35 -5.93
N LYS K 493 15.70 -51.22 -6.89
CA LYS K 493 15.47 -50.85 -8.27
C LYS K 493 14.20 -51.62 -8.63
N ASP K 494 13.07 -51.09 -8.17
CA ASP K 494 11.77 -51.77 -8.23
C ASP K 494 11.41 -52.29 -9.62
N GLY K 495 10.95 -53.53 -9.67
CA GLY K 495 10.47 -54.09 -10.91
C GLY K 495 9.30 -55.05 -10.77
N ASN K 496 8.17 -54.75 -11.39
CA ASN K 496 7.00 -55.62 -11.36
C ASN K 496 6.48 -55.75 -12.78
N ILE K 497 6.97 -56.78 -13.45
CA ILE K 497 6.76 -56.99 -14.87
C ILE K 497 5.31 -57.36 -15.16
N GLY K 498 4.46 -57.48 -14.14
CA GLY K 498 3.04 -57.65 -14.40
C GLY K 498 2.46 -56.43 -15.09
N ILE K 499 2.79 -55.24 -14.57
CA ILE K 499 2.36 -54.02 -15.24
C ILE K 499 3.10 -53.86 -16.55
N LYS K 500 4.32 -54.40 -16.64
CA LYS K 500 5.02 -54.36 -17.92
C LYS K 500 4.29 -55.20 -18.93
N ASP K 501 3.71 -56.30 -18.48
CA ASP K 501 2.87 -57.11 -19.35
C ASP K 501 1.65 -56.30 -19.75
N GLU K 502 1.16 -55.48 -18.84
CA GLU K 502 0.06 -54.59 -19.20
C GLU K 502 0.47 -53.64 -20.33
N ASP K 503 1.67 -53.09 -20.21
CA ASP K 503 2.17 -52.19 -21.24
C ASP K 503 2.34 -52.95 -22.55
N GLY K 504 2.82 -54.19 -22.46
CA GLY K 504 2.94 -54.99 -23.67
C GLY K 504 1.59 -55.26 -24.30
N MET K 505 0.59 -55.55 -23.47
CA MET K 505 -0.75 -55.75 -23.99
C MET K 505 -1.20 -54.50 -24.71
N ASN K 506 -0.75 -53.34 -24.22
CA ASN K 506 -1.00 -52.11 -24.94
C ASN K 506 -0.30 -52.14 -26.29
N CYS K 507 0.90 -52.72 -26.34
CA CYS K 507 1.62 -52.86 -27.60
C CYS K 507 0.83 -53.68 -28.62
N GLY K 508 0.14 -54.74 -28.18
CA GLY K 508 -0.71 -55.49 -29.08
C GLY K 508 -0.69 -57.01 -29.15
N PRO K 509 0.01 -57.72 -28.26
CA PRO K 509 -0.01 -59.18 -28.31
C PRO K 509 -1.34 -59.75 -27.84
N ILE K 510 -1.58 -61.00 -28.23
CA ILE K 510 -2.77 -61.73 -27.83
C ILE K 510 -2.45 -62.52 -26.55
N ALA K 511 -3.08 -62.16 -25.43
CA ALA K 511 -2.95 -62.91 -24.19
C ALA K 511 -4.31 -63.43 -23.75
N GLY K 512 -4.40 -64.75 -23.58
CA GLY K 512 -5.62 -65.41 -23.13
C GLY K 512 -5.41 -66.25 -21.88
N SER K 513 -6.21 -66.06 -20.84
CA SER K 513 -6.08 -66.89 -19.63
C SER K 513 -7.45 -67.11 -19.02
N CYS K 514 -7.99 -68.33 -19.16
CA CYS K 514 -9.33 -68.60 -18.65
C CYS K 514 -9.34 -69.13 -17.22
N THR K 515 -8.23 -69.69 -16.76
CA THR K 515 -8.09 -70.23 -15.42
C THR K 515 -6.63 -70.05 -15.07
N PHE K 516 -6.29 -70.22 -13.79
CA PHE K 516 -4.88 -70.11 -13.44
C PHE K 516 -4.03 -71.14 -14.18
N PRO K 517 -4.45 -72.40 -14.37
CA PRO K 517 -3.59 -73.31 -15.16
C PRO K 517 -3.42 -72.88 -16.61
N THR K 518 -4.44 -72.33 -17.24
CA THR K 518 -4.44 -72.07 -18.67
C THR K 518 -4.24 -70.60 -19.01
N THR K 519 -3.17 -70.33 -19.76
CA THR K 519 -2.85 -69.02 -20.29
C THR K 519 -1.97 -69.22 -21.53
N GLY K 520 -1.94 -68.21 -22.38
CA GLY K 520 -1.09 -68.21 -23.56
C GLY K 520 -1.03 -66.85 -24.22
N THR K 521 0.13 -66.40 -24.66
CA THR K 521 0.19 -65.13 -25.36
C THR K 521 1.14 -65.23 -26.54
N SER K 522 0.85 -64.45 -27.58
CA SER K 522 1.65 -64.40 -28.80
C SER K 522 1.77 -62.96 -29.28
N LYS K 523 2.73 -62.73 -30.18
CA LYS K 523 2.95 -61.41 -30.79
C LYS K 523 3.30 -60.36 -29.73
N SER K 524 4.15 -60.73 -28.78
CA SER K 524 4.52 -59.83 -27.70
C SER K 524 5.74 -59.02 -28.08
N PRO K 525 5.63 -57.71 -28.28
CA PRO K 525 6.81 -56.86 -28.52
C PRO K 525 7.29 -56.15 -27.27
N SER K 526 6.62 -56.37 -26.14
CA SER K 526 6.96 -55.67 -24.91
C SER K 526 8.36 -55.97 -24.38
N PRO K 527 8.87 -57.20 -24.42
CA PRO K 527 10.17 -57.42 -23.77
C PRO K 527 11.29 -56.57 -24.34
N PHE K 528 11.48 -56.55 -25.66
CA PHE K 528 12.63 -55.83 -26.21
C PHE K 528 12.57 -54.33 -25.94
N VAL K 529 11.39 -53.71 -25.99
CA VAL K 529 11.36 -52.27 -25.79
C VAL K 529 11.16 -51.93 -24.32
N ASP K 530 10.16 -52.56 -23.69
CA ASP K 530 9.83 -52.23 -22.31
C ASP K 530 10.97 -52.60 -21.38
N LEU K 531 11.56 -53.79 -21.55
CA LEU K 531 12.68 -54.17 -20.70
C LEU K 531 13.88 -53.27 -20.94
N GLY K 532 14.16 -52.93 -22.19
CA GLY K 532 15.33 -52.10 -22.47
C GLY K 532 15.25 -50.76 -21.76
N ALA K 533 14.11 -50.08 -21.90
CA ALA K 533 14.01 -48.76 -21.29
C ALA K 533 13.87 -48.87 -19.78
N LYS K 534 12.98 -49.75 -19.32
CA LYS K 534 12.70 -49.85 -17.90
C LYS K 534 13.96 -50.26 -17.17
N ASP K 535 14.76 -51.14 -17.77
CA ASP K 535 15.94 -51.73 -17.20
C ASP K 535 17.19 -50.98 -17.59
N ALA K 536 17.04 -49.78 -18.16
CA ALA K 536 18.19 -49.03 -18.60
C ALA K 536 19.14 -48.73 -17.44
N THR K 537 18.61 -48.59 -16.23
CA THR K 537 19.41 -48.17 -15.08
C THR K 537 20.59 -49.10 -14.88
N SER K 538 21.68 -48.53 -14.38
CA SER K 538 22.99 -49.16 -14.16
C SER K 538 23.08 -50.56 -14.73
N GLY K 539 22.97 -51.58 -13.89
CA GLY K 539 23.15 -52.95 -14.32
C GLY K 539 21.82 -53.68 -14.27
N ILE K 540 21.51 -54.38 -15.35
CA ILE K 540 20.28 -55.16 -15.41
C ILE K 540 20.53 -56.47 -16.14
N GLY K 541 19.94 -57.53 -15.63
CA GLY K 541 19.93 -58.80 -16.32
C GLY K 541 18.49 -59.23 -16.49
N ILE K 542 18.04 -59.51 -17.71
CA ILE K 542 16.66 -59.93 -17.96
C ILE K 542 16.64 -61.34 -18.51
N GLY K 543 15.74 -62.16 -17.97
CA GLY K 543 15.46 -63.49 -18.50
C GLY K 543 13.97 -63.58 -18.73
N PHE K 544 13.52 -63.86 -19.94
CA PHE K 544 12.09 -63.84 -20.20
C PHE K 544 11.60 -65.09 -20.93
N ILE K 545 10.48 -65.63 -20.46
CA ILE K 545 9.74 -66.66 -21.18
C ILE K 545 8.41 -66.05 -21.53
N THR K 546 7.90 -66.33 -22.73
CA THR K 546 6.57 -65.85 -23.03
C THR K 546 5.64 -66.90 -23.61
N ASP K 547 6.21 -67.82 -24.39
CA ASP K 547 5.39 -68.75 -25.15
C ASP K 547 4.66 -69.74 -24.25
N ASN K 548 5.40 -70.44 -23.39
CA ASN K 548 4.79 -71.37 -22.45
C ASN K 548 4.12 -70.61 -21.32
N ILE K 549 4.84 -69.66 -20.74
CA ILE K 549 4.40 -68.83 -19.64
C ILE K 549 5.15 -67.53 -19.86
N ILE K 550 4.64 -66.40 -19.37
CA ILE K 550 5.42 -65.18 -19.45
C ILE K 550 6.00 -64.95 -18.06
N LEU K 551 7.31 -65.14 -17.93
CA LEU K 551 8.01 -64.92 -16.69
C LEU K 551 9.21 -64.05 -17.01
N ASP K 552 9.21 -62.82 -16.51
CA ASP K 552 10.30 -61.89 -16.74
C ASP K 552 11.03 -61.70 -15.42
N LEU K 553 12.31 -62.04 -15.39
CA LEU K 553 13.09 -62.00 -14.16
C LEU K 553 14.29 -61.09 -14.39
N GLN K 554 14.30 -59.95 -13.71
CA GLN K 554 15.37 -58.98 -13.88
C GLN K 554 16.10 -58.77 -12.57
N LEU K 555 17.41 -58.58 -12.69
CA LEU K 555 18.26 -58.23 -11.56
C LEU K 555 18.87 -56.88 -11.86
N SER K 556 18.56 -55.88 -11.05
CA SER K 556 19.02 -54.51 -11.28
C SER K 556 19.96 -54.07 -10.16
N ALA K 557 21.23 -53.87 -10.49
CA ALA K 557 22.23 -53.56 -9.49
C ALA K 557 23.07 -52.34 -9.89
N MET K 558 23.32 -51.47 -8.90
CA MET K 558 24.13 -50.28 -9.08
C MET K 558 25.13 -50.18 -7.94
N GLU K 559 26.40 -49.94 -8.25
CA GLU K 559 27.43 -49.72 -7.25
C GLU K 559 28.18 -48.44 -7.55
N LYS K 560 28.22 -47.50 -6.59
CA LYS K 560 28.87 -46.23 -6.80
C LYS K 560 29.92 -45.99 -5.72
N THR K 561 31.11 -45.59 -6.15
CA THR K 561 32.17 -45.23 -5.22
C THR K 561 32.71 -43.85 -5.62
N GLY K 562 32.70 -42.93 -4.67
CA GLY K 562 33.25 -41.60 -4.89
C GLY K 562 34.22 -41.17 -3.82
N ASN K 563 35.41 -40.72 -4.21
CA ASN K 563 36.35 -40.18 -3.24
C ASN K 563 36.68 -38.74 -3.62
N GLY K 564 36.42 -37.81 -2.72
CA GLY K 564 36.72 -36.42 -2.93
C GLY K 564 37.64 -35.85 -1.88
N GLU K 565 38.74 -35.24 -2.28
CA GLU K 565 39.66 -34.58 -1.36
C GLU K 565 39.79 -33.11 -1.71
N ILE K 566 39.55 -32.24 -0.74
CA ILE K 566 39.73 -30.80 -0.93
C ILE K 566 40.75 -30.32 0.08
N VAL K 567 41.80 -29.68 -0.42
CA VAL K 567 42.86 -29.14 0.42
C VAL K 567 43.00 -27.66 0.13
N SER K 568 42.65 -26.82 1.09
CA SER K 568 42.72 -25.37 0.90
C SER K 568 43.61 -24.77 1.98
N GLN K 569 44.61 -23.99 1.59
CA GLN K 569 45.50 -23.41 2.59
C GLN K 569 45.73 -21.92 2.40
N PRO K 570 45.18 -21.07 3.25
CA PRO K 570 45.53 -19.65 3.22
C PRO K 570 46.61 -19.26 4.21
N LYS K 571 47.61 -18.53 3.75
CA LYS K 571 48.73 -18.09 4.58
C LYS K 571 48.72 -16.56 4.69
N VAL K 572 48.74 -16.04 5.91
CA VAL K 572 48.68 -14.60 6.16
C VAL K 572 49.85 -14.16 7.03
N VAL K 573 50.53 -13.08 6.66
CA VAL K 573 51.60 -12.53 7.47
C VAL K 573 51.06 -11.34 8.26
N THR K 574 51.18 -11.40 9.58
CA THR K 574 50.59 -10.40 10.45
C THR K 574 51.59 -9.83 11.44
N SER K 575 51.41 -8.55 11.77
CA SER K 575 52.23 -7.95 12.80
C SER K 575 51.78 -8.44 14.17
N ASP K 576 52.68 -8.34 15.14
CA ASP K 576 52.43 -8.91 16.45
C ASP K 576 51.35 -8.13 17.17
N LYS K 577 50.37 -8.84 17.73
CA LYS K 577 49.27 -8.28 18.50
C LYS K 577 48.28 -7.55 17.62
N GLU K 578 48.36 -7.73 16.31
CA GLU K 578 47.49 -7.04 15.39
C GLU K 578 46.63 -8.03 14.63
N THR K 579 45.42 -7.61 14.31
CA THR K 579 44.53 -8.46 13.54
C THR K 579 44.83 -8.38 12.06
N ALA K 580 44.77 -9.52 11.38
CA ALA K 580 44.87 -9.57 9.94
C ALA K 580 43.86 -10.56 9.39
N LYS K 581 43.47 -10.36 8.14
CA LYS K 581 42.48 -11.22 7.54
C LYS K 581 42.86 -11.59 6.13
N ILE K 582 42.43 -12.79 5.73
CA ILE K 582 42.52 -13.24 4.34
C ILE K 582 41.12 -13.72 4.00
N LEU K 583 40.63 -13.29 2.84
CA LEU K 583 39.29 -13.67 2.44
C LEU K 583 39.30 -14.03 0.97
N LYS K 584 38.74 -15.19 0.64
CA LYS K 584 38.57 -15.61 -0.75
C LYS K 584 37.22 -16.27 -0.93
N GLY K 585 36.40 -15.70 -1.80
CA GLY K 585 35.04 -16.22 -1.92
C GLY K 585 34.15 -15.18 -2.56
N SER K 586 32.86 -15.23 -2.21
CA SER K 586 31.91 -14.33 -2.85
C SER K 586 30.80 -13.97 -1.88
N GLU K 587 30.31 -12.73 -1.92
CA GLU K 587 29.34 -12.25 -0.93
C GLU K 587 27.95 -12.23 -1.54
N VAL K 588 27.13 -13.19 -1.15
CA VAL K 588 25.75 -13.12 -1.61
C VAL K 588 25.06 -11.96 -0.92
N PRO K 589 24.34 -11.15 -1.65
CA PRO K 589 23.56 -10.07 -1.05
C PRO K 589 22.11 -10.48 -0.90
N TYR K 590 21.40 -9.79 -0.06
CA TYR K 590 19.97 -9.93 0.13
C TYR K 590 19.37 -8.57 -0.12
N GLN K 591 18.41 -8.50 -1.03
CA GLN K 591 17.75 -7.23 -1.26
C GLN K 591 16.65 -7.13 -0.22
N GLU K 592 16.91 -6.41 0.88
CA GLU K 592 15.94 -6.25 1.93
C GLU K 592 15.81 -4.76 2.16
N ALA K 593 15.22 -4.06 1.21
CA ALA K 593 14.97 -2.65 1.47
C ALA K 593 13.65 -2.61 2.19
N SER K 594 13.71 -2.62 3.51
CA SER K 594 12.51 -2.47 4.29
C SER K 594 12.23 -0.99 4.20
N SER K 595 11.00 -0.67 3.83
CA SER K 595 10.69 0.69 3.43
C SER K 595 11.03 1.73 4.48
N SER K 596 10.72 1.49 5.75
CA SER K 596 10.95 2.62 6.66
C SER K 596 12.40 2.76 7.10
N GLY K 597 13.22 3.19 6.17
CA GLY K 597 14.53 3.52 6.61
C GLY K 597 15.45 2.38 6.94
N ALA K 598 15.12 1.15 6.58
CA ALA K 598 16.11 0.10 6.82
C ALA K 598 16.42 -0.55 5.51
N THR K 599 17.44 -0.06 4.83
CA THR K 599 17.90 -0.71 3.61
C THR K 599 18.99 -1.68 4.02
N SER K 600 18.66 -2.95 4.10
CA SER K 600 19.72 -3.90 4.36
C SER K 600 19.95 -4.54 3.01
N THR K 601 20.99 -4.06 2.35
CA THR K 601 21.45 -4.75 1.17
C THR K 601 22.35 -5.74 1.87
N SER K 602 21.72 -6.77 2.39
CA SER K 602 22.45 -7.70 3.22
C SER K 602 23.47 -8.38 2.34
N PHE K 603 24.53 -8.84 2.96
CA PHE K 603 25.50 -9.61 2.23
C PHE K 603 26.24 -10.47 3.22
N LYS K 604 26.89 -11.48 2.70
CA LYS K 604 27.70 -12.34 3.52
C LYS K 604 28.52 -13.13 2.54
N GLU K 605 29.81 -13.20 2.72
CA GLU K 605 30.65 -13.87 1.75
C GLU K 605 30.89 -15.32 2.15
N ALA K 606 30.52 -16.22 1.27
CA ALA K 606 30.82 -17.63 1.44
C ALA K 606 32.25 -17.70 0.94
N ALA K 607 33.17 -17.89 1.87
CA ALA K 607 34.57 -17.78 1.53
C ALA K 607 35.43 -18.59 2.48
N LEU K 608 36.67 -18.79 2.06
CA LEU K 608 37.70 -19.28 2.94
C LEU K 608 38.29 -18.03 3.56
N SER K 609 38.44 -18.01 4.87
CA SER K 609 38.95 -16.80 5.48
C SER K 609 39.69 -17.12 6.78
N LEU K 610 40.66 -16.27 7.08
CA LEU K 610 41.37 -16.33 8.34
C LEU K 610 41.38 -14.95 8.97
N GLU K 611 40.91 -14.86 10.19
CA GLU K 611 41.01 -13.64 10.99
C GLU K 611 41.90 -13.98 12.17
N VAL K 612 43.11 -13.47 12.18
CA VAL K 612 44.10 -13.87 13.17
C VAL K 612 44.53 -12.68 14.02
N THR K 613 44.66 -12.93 15.32
CA THR K 613 45.20 -11.96 16.27
C THR K 613 46.26 -12.68 17.08
N PRO K 614 47.49 -12.71 16.57
CA PRO K 614 48.59 -13.40 17.26
C PRO K 614 49.25 -12.59 18.37
N GLN K 615 49.50 -13.24 19.51
CA GLN K 615 50.28 -12.67 20.58
C GLN K 615 51.54 -13.52 20.72
N ILE K 616 52.69 -12.86 20.68
CA ILE K 616 53.98 -13.56 20.64
C ILE K 616 54.54 -13.65 22.05
N THR K 617 54.91 -14.86 22.46
CA THR K 617 55.54 -15.07 23.74
C THR K 617 57.03 -15.21 23.51
N PRO K 618 57.89 -15.04 24.53
CA PRO K 618 59.33 -15.08 24.22
C PRO K 618 59.78 -16.42 23.69
N ASP K 619 59.24 -17.53 24.23
CA ASP K 619 59.76 -18.82 23.86
C ASP K 619 59.23 -19.28 22.51
N ASN K 620 59.32 -18.40 21.51
CA ASN K 620 59.00 -18.76 20.12
C ASN K 620 57.64 -19.44 20.01
N ARG K 621 56.65 -18.89 20.69
CA ARG K 621 55.32 -19.43 20.58
C ARG K 621 54.35 -18.27 20.38
N ILE K 622 53.18 -18.61 19.88
CA ILE K 622 52.13 -17.63 19.72
C ILE K 622 50.84 -18.17 20.27
N ILE K 623 50.15 -17.35 21.04
CA ILE K 623 48.78 -17.62 21.41
C ILE K 623 47.98 -16.73 20.49
N VAL K 624 47.20 -17.32 19.61
CA VAL K 624 46.51 -16.54 18.61
C VAL K 624 45.02 -16.82 18.71
N GLU K 625 44.23 -15.75 18.60
CA GLU K 625 42.79 -15.91 18.44
C GLU K 625 42.54 -15.92 16.95
N VAL K 626 42.13 -17.07 16.42
CA VAL K 626 41.94 -17.21 15.00
C VAL K 626 40.53 -17.70 14.70
N LYS K 627 39.84 -16.99 13.82
CA LYS K 627 38.59 -17.42 13.24
C LYS K 627 38.90 -17.98 11.86
N VAL K 628 38.59 -19.25 11.64
CA VAL K 628 38.86 -19.93 10.38
C VAL K 628 37.55 -20.35 9.77
N THR K 629 37.19 -19.78 8.63
CA THR K 629 35.89 -20.08 8.05
C THR K 629 36.03 -20.62 6.64
N LYS K 630 35.35 -21.73 6.36
CA LYS K 630 35.23 -22.23 5.00
C LYS K 630 33.75 -22.28 4.68
N ASP K 631 33.28 -21.35 3.88
CA ASP K 631 31.87 -21.26 3.58
C ASP K 631 31.66 -21.35 2.08
N ALA K 632 30.74 -22.21 1.67
CA ALA K 632 30.51 -22.39 0.26
C ALA K 632 29.21 -21.73 -0.16
N PRO K 633 29.28 -21.02 -1.29
CA PRO K 633 28.11 -20.32 -1.85
C PRO K 633 26.95 -21.26 -2.09
N ASP K 634 25.81 -20.88 -1.55
CA ASP K 634 24.64 -21.73 -1.59
C ASP K 634 24.09 -21.89 -2.99
N TYR K 635 23.66 -23.12 -3.30
CA TYR K 635 22.97 -23.37 -4.56
C TYR K 635 21.67 -22.59 -4.65
N GLN K 636 20.88 -22.62 -3.57
CA GLN K 636 19.57 -21.99 -3.60
C GLN K 636 19.72 -20.50 -3.85
N ASN K 637 20.85 -19.93 -3.42
CA ASN K 637 21.12 -18.53 -3.74
C ASN K 637 21.26 -18.37 -5.23
N MET K 638 22.00 -19.28 -5.86
CA MET K 638 22.08 -19.26 -7.31
C MET K 638 20.70 -19.50 -7.90
N LEU K 639 19.81 -20.17 -7.14
CA LEU K 639 18.44 -20.40 -7.56
C LEU K 639 17.54 -19.17 -7.41
N ASN K 640 18.01 -18.12 -6.72
CA ASN K 640 17.20 -16.93 -6.44
C ASN K 640 15.98 -17.26 -5.59
N GLY K 641 16.12 -18.26 -4.73
CA GLY K 641 15.09 -18.65 -3.79
C GLY K 641 15.55 -18.21 -2.42
N VAL K 642 15.33 -19.01 -1.39
CA VAL K 642 15.86 -18.74 -0.07
C VAL K 642 17.22 -19.41 0.00
N PRO K 643 18.30 -18.65 0.07
CA PRO K 643 19.65 -19.20 -0.02
C PRO K 643 20.27 -19.67 1.28
N PRO K 644 20.37 -20.98 1.50
CA PRO K 644 21.14 -21.47 2.66
C PRO K 644 22.61 -21.67 2.35
N ILE K 645 23.47 -20.68 2.63
CA ILE K 645 24.90 -20.85 2.44
C ILE K 645 25.41 -21.88 3.43
N ASN K 646 26.51 -22.56 3.10
CA ASN K 646 27.02 -23.58 4.01
C ASN K 646 28.30 -23.10 4.68
N LYS K 647 28.33 -23.12 6.01
CA LYS K 647 29.48 -22.62 6.76
C LYS K 647 30.14 -23.70 7.60
N ASN K 648 31.44 -23.86 7.43
CA ASN K 648 32.25 -24.67 8.34
C ASN K 648 33.27 -23.75 8.98
N GLU K 649 33.02 -23.26 10.18
CA GLU K 649 33.94 -22.28 10.75
C GLU K 649 34.25 -22.60 12.19
N VAL K 650 35.53 -22.54 12.54
CA VAL K 650 35.97 -22.69 13.92
C VAL K 650 36.67 -21.42 14.36
N ASN K 651 36.28 -20.90 15.51
CA ASN K 651 36.90 -19.70 16.06
C ASN K 651 37.41 -20.00 17.46
N ALA K 652 38.71 -19.83 17.68
CA ALA K 652 39.27 -20.20 18.96
C ALA K 652 40.65 -19.59 19.12
N LYS K 653 41.10 -19.50 20.37
CA LYS K 653 42.43 -18.98 20.69
C LYS K 653 43.27 -20.12 21.24
N ILE K 654 44.46 -20.30 20.68
CA ILE K 654 45.33 -21.41 21.04
C ILE K 654 46.79 -20.99 21.13
N LEU K 655 47.57 -21.78 21.88
CA LEU K 655 49.00 -21.57 22.04
C LEU K 655 49.75 -22.66 21.28
N VAL K 656 50.69 -22.26 20.41
CA VAL K 656 51.54 -23.21 19.71
C VAL K 656 52.94 -22.65 19.53
N ASN K 657 53.92 -23.55 19.42
CA ASN K 657 55.23 -23.03 19.05
C ASN K 657 55.23 -22.74 17.56
N ASP K 658 56.25 -22.00 17.11
CA ASP K 658 56.30 -21.63 15.71
C ASP K 658 56.39 -22.85 14.82
N GLY K 659 57.19 -23.83 15.20
CA GLY K 659 57.36 -24.97 14.33
C GLY K 659 56.30 -26.02 14.45
N GLU K 660 55.18 -25.69 15.10
CA GLU K 660 54.20 -26.68 15.48
C GLU K 660 52.83 -26.38 14.88
N THR K 661 52.16 -27.45 14.47
CA THR K 661 50.82 -27.36 13.92
C THR K 661 49.85 -28.11 14.82
N ILE K 662 48.70 -27.51 15.07
CA ILE K 662 47.69 -28.23 15.83
C ILE K 662 46.38 -28.19 15.06
N VAL K 663 45.46 -29.04 15.50
CA VAL K 663 44.14 -29.11 14.92
C VAL K 663 43.32 -28.10 15.68
N ILE K 664 42.97 -26.98 15.05
CA ILE K 664 42.13 -26.04 15.76
C ILE K 664 40.81 -26.74 16.06
N GLY K 665 40.32 -27.48 15.09
CA GLY K 665 39.12 -28.26 15.23
C GLY K 665 38.97 -29.17 14.03
N GLY K 666 38.05 -30.11 14.17
CA GLY K 666 37.72 -30.99 13.07
C GLY K 666 36.48 -31.74 13.41
N VAL K 667 35.83 -32.28 12.38
CA VAL K 667 34.66 -33.13 12.59
C VAL K 667 34.64 -34.25 11.56
N PHE K 668 34.39 -35.47 12.03
CA PHE K 668 34.18 -36.61 11.17
C PHE K 668 32.72 -37.02 11.21
N SER K 669 32.08 -37.07 10.07
CA SER K 669 30.70 -37.53 9.95
C SER K 669 30.67 -38.91 9.29
N ASN K 670 30.31 -39.93 10.04
CA ASN K 670 30.26 -41.30 9.54
C ASN K 670 28.81 -41.71 9.35
N GLU K 671 28.39 -41.84 8.10
CA GLU K 671 27.03 -42.26 7.79
C GLU K 671 27.04 -43.72 7.39
N GLN K 672 26.30 -44.55 8.11
CA GLN K 672 26.15 -45.96 7.77
C GLN K 672 24.67 -46.27 7.60
N SER K 673 24.25 -46.56 6.37
CA SER K 673 22.86 -46.83 6.09
C SER K 673 22.71 -48.22 5.48
N LYS K 674 21.81 -49.02 6.02
CA LYS K 674 21.52 -50.33 5.47
C LYS K 674 20.02 -50.47 5.34
N SER K 675 19.56 -50.92 4.17
CA SER K 675 18.13 -51.09 3.92
C SER K 675 17.93 -52.42 3.23
N VAL K 676 17.09 -53.28 3.79
CA VAL K 676 16.77 -54.56 3.18
C VAL K 676 15.27 -54.65 2.97
N GLU K 677 14.88 -54.96 1.74
CA GLU K 677 13.48 -55.09 1.36
C GLU K 677 13.25 -56.49 0.79
N LYS K 678 12.30 -57.23 1.37
CA LYS K 678 12.14 -58.60 0.95
C LYS K 678 10.70 -59.09 1.05
N VAL K 679 10.22 -59.71 -0.03
CA VAL K 679 8.95 -60.45 0.13
C VAL K 679 9.23 -61.58 1.11
N PRO K 680 8.42 -61.79 2.14
CA PRO K 680 8.83 -62.74 3.19
C PRO K 680 9.05 -64.17 2.74
N PHE K 681 8.10 -64.78 2.02
CA PHE K 681 8.26 -66.20 1.71
C PHE K 681 9.43 -66.43 0.77
N LEU K 682 9.48 -65.67 -0.33
CA LEU K 682 10.56 -65.82 -1.29
C LEU K 682 11.88 -65.30 -0.72
N GLY K 683 11.81 -64.23 0.08
CA GLY K 683 13.00 -63.71 0.70
C GLY K 683 13.67 -64.75 1.58
N GLU K 684 12.86 -65.59 2.22
CA GLU K 684 13.39 -66.64 3.08
C GLU K 684 14.30 -67.61 2.32
N LEU K 685 13.95 -67.93 1.09
CA LEU K 685 14.73 -68.90 0.32
C LEU K 685 16.17 -68.46 0.18
N PRO K 686 17.15 -69.33 0.43
CA PRO K 686 18.55 -68.91 0.34
C PRO K 686 18.97 -68.53 -1.08
N TYR K 687 18.57 -69.32 -2.07
CA TYR K 687 18.99 -69.07 -3.44
C TYR K 687 18.11 -68.06 -4.14
N LEU K 688 16.91 -67.83 -3.60
CA LEU K 688 15.97 -66.94 -4.22
C LEU K 688 15.78 -65.69 -3.38
N GLY K 689 16.24 -65.70 -2.14
CA GLY K 689 16.15 -64.49 -1.34
C GLY K 689 16.94 -63.39 -2.00
N ARG K 690 18.13 -63.72 -2.51
CA ARG K 690 18.90 -62.72 -3.24
C ARG K 690 18.08 -62.23 -4.41
N LEU K 691 17.29 -63.12 -5.00
CA LEU K 691 16.41 -62.80 -6.10
C LEU K 691 15.12 -62.19 -5.60
N PHE K 692 14.93 -62.12 -4.28
CA PHE K 692 13.73 -61.51 -3.73
C PHE K 692 14.02 -60.62 -2.53
N ARG K 693 15.27 -60.24 -2.31
CA ARG K 693 15.62 -59.28 -1.27
C ARG K 693 16.29 -58.10 -1.94
N ARG K 694 15.72 -56.92 -1.75
CA ARG K 694 16.22 -55.70 -2.35
C ARG K 694 17.09 -55.00 -1.33
N ASP K 695 18.38 -54.96 -1.60
CA ASP K 695 19.34 -54.47 -0.62
C ASP K 695 19.92 -53.13 -1.07
N THR K 696 19.83 -52.14 -0.20
CA THR K 696 20.53 -50.88 -0.42
C THR K 696 21.40 -50.62 0.78
N VAL K 697 22.71 -50.57 0.58
CA VAL K 697 23.66 -50.26 1.64
C VAL K 697 24.47 -49.06 1.20
N THR K 698 24.46 -48.01 2.01
CA THR K 698 25.23 -46.82 1.71
C THR K 698 26.09 -46.43 2.90
N ASP K 699 27.38 -46.24 2.66
CA ASP K 699 28.31 -45.74 3.66
C ASP K 699 28.90 -44.46 3.11
N ARG K 700 28.58 -43.33 3.74
CA ARG K 700 29.15 -42.06 3.34
C ARG K 700 29.86 -41.48 4.55
N LYS K 701 31.16 -41.26 4.44
CA LYS K 701 31.89 -40.67 5.54
C LYS K 701 32.63 -39.44 5.05
N ASN K 702 32.27 -38.29 5.58
CA ASN K 702 32.92 -37.03 5.26
C ASN K 702 33.52 -36.46 6.53
N GLU K 703 34.80 -36.13 6.48
CA GLU K 703 35.48 -35.50 7.60
C GLU K 703 36.09 -34.19 7.17
N LEU K 704 35.98 -33.17 8.02
CA LEU K 704 36.60 -31.89 7.78
C LEU K 704 37.51 -31.53 8.94
N LEU K 705 38.75 -31.11 8.66
CA LEU K 705 39.68 -30.74 9.73
C LEU K 705 40.47 -29.50 9.34
N VAL K 706 40.72 -28.63 10.31
CA VAL K 706 41.53 -27.42 10.09
C VAL K 706 42.80 -27.45 10.96
N PHE K 707 43.96 -27.36 10.32
CA PHE K 707 45.22 -27.26 11.03
C PHE K 707 45.74 -25.84 11.01
N LEU K 708 46.75 -25.57 11.84
CA LEU K 708 47.42 -24.28 11.77
C LEU K 708 48.86 -24.40 12.24
N THR K 709 49.75 -23.66 11.55
CA THR K 709 51.17 -23.48 11.91
C THR K 709 51.62 -22.04 11.73
N PRO K 710 52.18 -21.41 12.75
CA PRO K 710 52.72 -20.07 12.55
C PRO K 710 54.23 -20.06 12.42
N ARG K 711 54.79 -19.52 11.37
CA ARG K 711 56.23 -19.37 11.24
C ARG K 711 56.54 -17.90 11.45
N ILE K 712 57.22 -17.58 12.55
CA ILE K 712 57.44 -16.18 12.84
C ILE K 712 58.28 -15.58 11.72
N MET K 713 57.82 -14.45 11.21
CA MET K 713 58.56 -13.81 10.14
C MET K 713 59.66 -12.92 10.70
N ASN K 714 59.65 -12.74 12.02
CA ASN K 714 60.74 -12.01 12.66
C ASN K 714 62.04 -12.74 12.46
N ASN K 715 61.99 -14.07 12.32
CA ASN K 715 63.22 -14.83 12.12
C ASN K 715 63.96 -14.27 10.93
N GLN K 716 63.20 -13.75 9.97
CA GLN K 716 63.77 -13.09 8.82
C GLN K 716 63.73 -11.60 9.00
N ALA K 717 62.67 -11.10 9.65
CA ALA K 717 62.50 -9.66 9.86
C ALA K 717 63.52 -9.11 10.84
N ILE K 718 63.88 -9.89 11.86
CA ILE K 718 64.91 -9.41 12.79
C ILE K 718 66.26 -9.40 12.10
N ALA K 719 66.56 -10.44 11.30
CA ALA K 719 67.80 -10.45 10.54
C ALA K 719 67.72 -9.46 9.41
N ILE K 720 66.52 -8.99 9.10
CA ILE K 720 66.25 -7.93 8.15
C ILE K 720 65.74 -6.67 8.83
N LEU L 385 63.01 4.73 45.44
CA LEU L 385 62.19 3.98 44.51
C LEU L 385 63.01 3.63 43.28
N ARG L 386 62.75 2.47 42.69
CA ARG L 386 63.49 1.98 41.54
C ARG L 386 62.56 1.77 40.37
N ARG L 387 63.04 2.15 39.18
CA ARG L 387 62.30 1.94 37.93
C ARG L 387 62.75 0.62 37.32
N GLU L 388 61.79 -0.28 37.08
CA GLU L 388 62.08 -1.59 36.52
C GLU L 388 61.14 -1.90 35.36
N LEU L 389 61.70 -2.47 34.29
CA LEU L 389 60.91 -2.91 33.14
C LEU L 389 60.71 -4.41 33.17
N ILE L 390 59.46 -4.86 33.22
CA ILE L 390 59.12 -6.27 33.15
C ILE L 390 58.15 -6.45 31.99
N GLN L 391 58.42 -7.45 31.15
CA GLN L 391 57.57 -7.74 30.00
C GLN L 391 56.70 -8.93 30.33
N VAL L 392 55.39 -8.78 30.16
CA VAL L 392 54.43 -9.84 30.42
C VAL L 392 53.80 -10.27 29.11
N ASN L 393 54.19 -11.44 28.62
CA ASN L 393 53.58 -11.97 27.40
C ASN L 393 52.24 -12.62 27.67
N TYR L 394 52.10 -13.36 28.76
CA TYR L 394 50.87 -14.09 28.98
C TYR L 394 49.86 -13.27 29.75
N ALA L 395 50.29 -12.14 30.30
CA ALA L 395 49.46 -11.29 31.14
C ALA L 395 49.27 -9.94 30.46
N LYS L 396 48.03 -9.47 30.43
CA LYS L 396 47.78 -8.14 29.90
C LYS L 396 48.44 -7.10 30.81
N ALA L 397 49.00 -6.06 30.19
CA ALA L 397 49.68 -5.03 30.98
C ALA L 397 48.71 -4.34 31.93
N ALA L 398 47.48 -4.11 31.48
CA ALA L 398 46.48 -3.51 32.36
C ALA L 398 46.23 -4.40 33.57
N ASP L 399 46.21 -5.71 33.37
CA ASP L 399 46.01 -6.62 34.48
C ASP L 399 47.14 -6.48 35.49
N ILE L 400 48.37 -6.38 35.00
CA ILE L 400 49.51 -6.18 35.89
C ILE L 400 49.38 -4.86 36.62
N ALA L 401 48.88 -3.84 35.95
CA ALA L 401 48.65 -2.57 36.61
C ALA L 401 47.66 -2.74 37.74
N LYS L 402 46.62 -3.53 37.52
CA LYS L 402 45.65 -3.82 38.57
C LYS L 402 46.29 -4.56 39.72
N LEU L 403 47.21 -5.47 39.40
CA LEU L 403 47.94 -6.18 40.44
C LEU L 403 48.76 -5.21 41.27
N PHE L 404 49.41 -4.25 40.61
CA PHE L 404 50.17 -3.25 41.34
C PHE L 404 49.23 -2.38 42.19
N GLN L 405 48.05 -2.09 41.66
CA GLN L 405 47.07 -1.32 42.43
C GLN L 405 46.70 -2.09 43.68
N SER L 406 46.55 -3.40 43.55
CA SER L 406 46.30 -4.24 44.70
C SER L 406 47.48 -4.19 45.65
N VAL L 407 48.69 -4.14 45.09
CA VAL L 407 49.90 -4.03 45.90
C VAL L 407 49.85 -2.75 46.72
N THR L 408 49.39 -1.67 46.11
CA THR L 408 49.23 -0.41 46.82
C THR L 408 48.16 -0.53 47.89
N SER L 409 47.08 -1.25 47.59
CA SER L 409 46.05 -1.52 48.59
C SER L 409 46.63 -2.28 49.77
N ASP L 410 47.67 -3.08 49.53
CA ASP L 410 48.29 -3.84 50.62
C ASP L 410 48.76 -2.90 51.72
N GLY L 411 49.35 -1.78 51.35
CA GLY L 411 49.75 -0.77 52.33
C GLY L 411 49.95 0.60 51.72
N GLY L 421 55.63 5.03 43.26
CA GLY L 421 54.47 4.27 42.85
C GLY L 421 53.92 4.71 41.51
N SER L 422 54.77 4.65 40.49
CA SER L 422 54.41 5.06 39.14
C SER L 422 54.43 3.85 38.21
N ILE L 423 53.37 3.71 37.42
CA ILE L 423 53.21 2.56 36.54
C ILE L 423 53.11 3.03 35.09
N THR L 424 53.82 2.33 34.20
CA THR L 424 53.82 2.63 32.77
C THR L 424 53.49 1.36 32.00
N VAL L 425 52.60 1.46 31.03
CA VAL L 425 52.14 0.31 30.26
C VAL L 425 52.52 0.50 28.80
N ASP L 426 53.20 -0.49 28.22
CA ASP L 426 53.51 -0.52 26.80
C ASP L 426 52.63 -1.58 26.16
N ASP L 427 51.67 -1.13 25.36
CA ASP L 427 50.73 -2.05 24.73
C ASP L 427 51.41 -2.95 23.71
N ARG L 428 52.28 -2.39 22.88
CA ARG L 428 52.85 -3.18 21.78
C ARG L 428 53.65 -4.35 22.32
N THR L 429 54.48 -4.11 23.32
CA THR L 429 55.27 -5.16 23.90
C THR L 429 54.58 -5.78 25.11
N ASN L 430 53.47 -5.20 25.54
CA ASN L 430 52.78 -5.64 26.75
C ASN L 430 53.76 -5.62 27.91
N SER L 431 54.60 -4.60 27.96
CA SER L 431 55.64 -4.51 28.96
C SER L 431 55.35 -3.36 29.89
N ILE L 432 55.39 -3.64 31.19
CA ILE L 432 55.06 -2.67 32.22
C ILE L 432 56.35 -2.24 32.90
N ILE L 433 56.57 -0.94 32.99
CA ILE L 433 57.70 -0.40 33.72
C ILE L 433 57.16 0.32 34.94
N ALA L 434 57.61 -0.08 36.11
CA ALA L 434 57.11 0.54 37.33
C ALA L 434 58.29 1.14 38.07
N TYR L 435 58.18 2.41 38.43
CA TYR L 435 59.17 3.06 39.26
C TYR L 435 58.51 3.23 40.62
N GLN L 436 58.95 2.44 41.59
CA GLN L 436 58.26 2.43 42.87
C GLN L 436 59.15 1.76 43.90
N PRO L 437 58.73 1.66 45.18
CA PRO L 437 59.61 1.04 46.18
C PRO L 437 60.01 -0.36 45.77
N GLN L 438 61.24 -0.72 46.13
CA GLN L 438 61.80 -1.99 45.69
C GLN L 438 60.95 -3.17 46.15
N GLU L 439 60.47 -3.12 47.39
CA GLU L 439 59.74 -4.26 47.93
C GLU L 439 58.44 -4.49 47.16
N ARG L 440 57.70 -3.42 46.89
CA ARG L 440 56.48 -3.55 46.11
C ARG L 440 56.82 -4.04 44.71
N LEU L 441 57.94 -3.55 44.19
CA LEU L 441 58.39 -3.95 42.87
C LEU L 441 58.61 -5.46 42.81
N ASP L 442 59.28 -5.99 43.83
CA ASP L 442 59.58 -7.42 43.86
C ASP L 442 58.32 -8.24 44.02
N GLU L 443 57.41 -7.79 44.89
CA GLU L 443 56.17 -8.54 45.08
C GLU L 443 55.38 -8.58 43.78
N LEU L 444 55.31 -7.44 43.09
CA LEU L 444 54.60 -7.38 41.84
C LEU L 444 55.26 -8.30 40.83
N ARG L 445 56.59 -8.38 40.88
CA ARG L 445 57.32 -9.29 40.00
C ARG L 445 56.91 -10.73 40.24
N ARG L 446 56.76 -11.12 41.50
CA ARG L 446 56.30 -12.48 41.79
C ARG L 446 54.90 -12.70 41.25
N ILE L 447 54.02 -11.70 41.41
CA ILE L 447 52.68 -11.81 40.86
C ILE L 447 52.76 -11.97 39.35
N VAL L 448 53.70 -11.26 38.73
CA VAL L 448 53.92 -11.35 37.30
C VAL L 448 54.31 -12.77 36.92
N SER L 449 55.19 -13.37 37.72
CA SER L 449 55.62 -14.73 37.45
C SER L 449 54.45 -15.68 37.49
N GLN L 450 53.58 -15.51 38.48
CA GLN L 450 52.40 -16.36 38.57
C GLN L 450 51.45 -16.14 37.40
N LEU L 451 51.20 -14.88 37.05
CA LEU L 451 50.24 -14.56 36.01
C LEU L 451 50.70 -15.00 34.63
N ASP L 452 51.99 -14.84 34.32
CA ASP L 452 52.48 -15.15 32.98
C ASP L 452 52.66 -16.67 32.90
N ILE L 453 51.53 -17.37 33.00
CA ILE L 453 51.48 -18.82 32.96
C ILE L 453 50.73 -19.24 31.70
N PRO L 454 51.20 -20.24 30.98
CA PRO L 454 50.53 -20.61 29.73
C PRO L 454 49.12 -21.12 29.99
N VAL L 455 48.17 -20.59 29.22
CA VAL L 455 46.80 -21.06 29.32
C VAL L 455 46.74 -22.47 28.76
N ARG L 456 46.03 -23.35 29.45
CA ARG L 456 45.99 -24.76 29.07
C ARG L 456 44.86 -25.04 28.09
N GLN L 457 45.23 -25.43 26.87
CA GLN L 457 44.26 -25.83 25.87
C GLN L 457 43.89 -27.29 26.09
N VAL L 458 42.63 -27.61 25.83
CA VAL L 458 42.13 -28.98 25.88
C VAL L 458 41.39 -29.29 24.60
N MET L 459 41.57 -30.50 24.09
CA MET L 459 40.87 -30.96 22.91
C MET L 459 39.59 -31.63 23.38
N ILE L 460 38.46 -31.06 23.01
CA ILE L 460 37.16 -31.55 23.43
C ILE L 460 36.57 -32.32 22.27
N GLU L 461 36.23 -33.58 22.49
CA GLU L 461 35.65 -34.41 21.45
C GLU L 461 34.30 -34.89 21.93
N ALA L 462 33.23 -34.33 21.38
CA ALA L 462 31.88 -34.79 21.69
C ALA L 462 31.31 -35.42 20.44
N ARG L 463 30.91 -36.68 20.53
CA ARG L 463 30.46 -37.40 19.35
C ARG L 463 28.98 -37.75 19.46
N ILE L 464 28.27 -37.60 18.35
CA ILE L 464 26.86 -37.87 18.25
C ILE L 464 26.65 -39.19 17.52
N VAL L 465 25.89 -40.08 18.13
CA VAL L 465 25.57 -41.37 17.55
C VAL L 465 24.06 -41.47 17.39
N GLU L 466 23.61 -41.71 16.17
CA GLU L 466 22.21 -41.92 15.87
C GLU L 466 22.00 -43.31 15.29
N ALA L 467 21.12 -44.09 15.89
CA ALA L 467 20.80 -45.42 15.39
C ALA L 467 19.31 -45.52 15.13
N ASN L 468 18.94 -45.91 13.92
CA ASN L 468 17.55 -46.11 13.55
C ASN L 468 17.36 -47.52 13.03
N VAL L 469 16.49 -48.28 13.67
CA VAL L 469 16.13 -49.61 13.20
C VAL L 469 14.63 -49.63 12.94
N GLY L 470 14.25 -49.95 11.70
CA GLY L 470 12.85 -49.99 11.36
C GLY L 470 12.43 -51.27 10.68
N TYR L 471 11.46 -51.99 11.25
CA TYR L 471 10.88 -53.16 10.60
C TYR L 471 9.38 -52.95 10.47
N ASP L 472 8.89 -52.93 9.23
CA ASP L 472 7.46 -52.75 8.98
C ASP L 472 6.96 -53.83 8.04
N LYS L 473 5.92 -54.55 8.43
CA LYS L 473 5.31 -55.54 7.55
C LYS L 473 3.82 -55.28 7.40
N SER L 474 3.35 -55.26 6.15
CA SER L 474 1.93 -55.06 5.88
C SER L 474 1.43 -56.16 4.95
N LEU L 475 0.33 -56.80 5.34
CA LEU L 475 -0.32 -57.83 4.53
C LEU L 475 -1.77 -57.44 4.32
N GLY L 476 -2.16 -57.25 3.06
CA GLY L 476 -3.50 -57.02 2.58
C GLY L 476 -4.02 -58.25 1.86
N VAL L 477 -5.07 -58.86 2.41
CA VAL L 477 -5.63 -60.10 1.88
C VAL L 477 -6.98 -59.79 1.24
N ARG L 478 -7.16 -60.19 -0.02
CA ARG L 478 -8.30 -59.75 -0.81
C ARG L 478 -8.97 -60.94 -1.50
N TRP L 479 -10.30 -61.01 -1.38
CA TRP L 479 -11.06 -62.09 -2.00
C TRP L 479 -12.22 -61.48 -2.77
N GLY L 480 -12.07 -61.28 -4.07
CA GLY L 480 -13.11 -60.62 -4.84
C GLY L 480 -13.70 -61.42 -5.99
N GLY L 481 -15.00 -61.65 -5.94
CA GLY L 481 -15.71 -62.25 -7.05
C GLY L 481 -16.96 -61.48 -7.36
N ALA L 482 -17.10 -60.96 -8.58
CA ALA L 482 -18.34 -60.30 -8.94
C ALA L 482 -19.32 -61.25 -9.61
N TYR L 483 -18.90 -62.49 -9.86
CA TYR L 483 -19.75 -63.44 -10.56
C TYR L 483 -21.00 -63.69 -9.73
N HIS L 484 -20.82 -63.95 -8.44
CA HIS L 484 -21.95 -64.13 -7.54
C HIS L 484 -22.01 -62.99 -6.52
N LYS L 485 -21.34 -61.87 -6.80
CA LYS L 485 -21.31 -60.68 -5.95
C LYS L 485 -20.80 -60.96 -4.53
N GLY L 486 -19.71 -61.71 -4.42
CA GLY L 486 -19.07 -61.88 -3.13
C GLY L 486 -17.66 -61.35 -3.15
N ASN L 487 -17.40 -60.21 -2.51
CA ASN L 487 -16.07 -59.60 -2.60
C ASN L 487 -15.74 -58.85 -1.32
N TRP L 488 -14.72 -59.34 -0.64
CA TRP L 488 -14.20 -58.75 0.58
C TRP L 488 -12.85 -58.14 0.27
N SER L 489 -12.71 -56.87 0.64
CA SER L 489 -11.53 -56.09 0.32
C SER L 489 -10.53 -56.10 1.46
N GLY L 490 -9.24 -56.11 1.11
CA GLY L 490 -8.20 -56.03 2.11
C GLY L 490 -8.06 -54.61 2.60
N TYR L 491 -7.16 -54.43 3.51
CA TYR L 491 -6.91 -53.05 3.94
C TYR L 491 -5.44 -52.69 3.99
N GLY L 492 -4.57 -53.57 4.51
CA GLY L 492 -3.15 -53.25 4.50
C GLY L 492 -2.67 -53.02 3.09
N LYS L 493 -3.05 -53.90 2.17
CA LYS L 493 -2.87 -53.71 0.74
C LYS L 493 -4.24 -54.07 0.17
N ASP L 494 -5.16 -53.12 0.28
CA ASP L 494 -6.58 -53.33 -0.01
C ASP L 494 -6.83 -53.94 -1.39
N GLY L 495 -7.69 -54.95 -1.43
CA GLY L 495 -8.10 -55.53 -2.70
C GLY L 495 -9.53 -56.01 -2.74
N ASN L 496 -10.34 -55.46 -3.66
CA ASN L 496 -11.73 -55.88 -3.82
C ASN L 496 -11.97 -56.07 -5.31
N ILE L 497 -11.78 -57.31 -5.74
CA ILE L 497 -11.77 -57.68 -7.14
C ILE L 497 -13.17 -57.59 -7.74
N GLY L 498 -14.18 -57.24 -6.93
CA GLY L 498 -15.49 -56.98 -7.51
C GLY L 498 -15.44 -55.77 -8.44
N ILE L 499 -14.81 -54.69 -7.97
CA ILE L 499 -14.63 -53.53 -8.84
C ILE L 499 -13.66 -53.87 -9.95
N LYS L 500 -12.73 -54.77 -9.69
CA LYS L 500 -11.82 -55.20 -10.75
C LYS L 500 -12.59 -55.91 -11.83
N ASP L 501 -13.61 -56.67 -11.42
CA ASP L 501 -14.49 -57.29 -12.39
C ASP L 501 -15.24 -56.21 -13.15
N GLU L 502 -15.58 -55.12 -12.47
CA GLU L 502 -16.18 -53.99 -13.17
C GLU L 502 -15.25 -53.45 -14.24
N ASP L 503 -13.98 -53.31 -13.90
CA ASP L 503 -13.00 -52.82 -14.85
C ASP L 503 -12.86 -53.81 -16.01
N GLY L 504 -12.89 -55.10 -15.70
CA GLY L 504 -12.84 -56.10 -16.75
C GLY L 504 -14.04 -56.01 -17.66
N MET L 505 -15.22 -55.81 -17.08
CA MET L 505 -16.42 -55.64 -17.87
C MET L 505 -16.25 -54.45 -18.80
N ASN L 506 -15.51 -53.45 -18.33
CA ASN L 506 -15.15 -52.34 -19.21
C ASN L 506 -14.26 -52.84 -20.34
N CYS L 507 -13.36 -53.78 -20.04
CA CYS L 507 -12.52 -54.38 -21.06
C CYS L 507 -13.34 -55.06 -22.17
N GLY L 508 -14.44 -55.72 -21.80
CA GLY L 508 -15.31 -56.29 -22.81
C GLY L 508 -15.83 -57.73 -22.72
N PRO L 509 -15.62 -58.45 -21.62
CA PRO L 509 -16.17 -59.81 -21.54
C PRO L 509 -17.68 -59.82 -21.35
N ILE L 510 -18.27 -60.97 -21.66
CA ILE L 510 -19.70 -61.18 -21.50
C ILE L 510 -19.93 -61.80 -20.11
N ALA L 511 -20.59 -61.06 -19.22
CA ALA L 511 -20.97 -61.58 -17.91
C ALA L 511 -22.49 -61.55 -17.76
N GLY L 512 -23.09 -62.71 -17.49
CA GLY L 512 -24.53 -62.84 -17.29
C GLY L 512 -24.88 -63.46 -15.96
N SER L 513 -25.75 -62.84 -15.15
CA SER L 513 -26.15 -63.43 -13.88
C SER L 513 -27.61 -63.09 -13.59
N CYS L 514 -28.51 -64.06 -13.74
CA CYS L 514 -29.93 -63.79 -13.55
C CYS L 514 -30.40 -64.02 -12.13
N THR L 515 -29.68 -64.83 -11.36
CA THR L 515 -30.00 -65.14 -9.97
C THR L 515 -28.67 -65.39 -9.30
N PHE L 516 -28.66 -65.44 -7.98
CA PHE L 516 -27.40 -65.75 -7.31
C PHE L 516 -26.86 -67.11 -7.71
N PRO L 517 -27.66 -68.17 -7.88
CA PRO L 517 -27.07 -69.43 -8.35
C PRO L 517 -26.47 -69.35 -9.74
N THR L 518 -27.09 -68.61 -10.66
CA THR L 518 -26.71 -68.62 -12.06
C THR L 518 -25.93 -67.39 -12.48
N THR L 519 -24.71 -67.62 -12.97
CA THR L 519 -23.85 -66.60 -13.54
C THR L 519 -22.88 -67.30 -14.50
N GLY L 520 -22.32 -66.52 -15.41
CA GLY L 520 -21.32 -67.01 -16.35
C GLY L 520 -20.65 -65.88 -17.10
N THR L 521 -19.34 -65.92 -17.29
CA THR L 521 -18.69 -64.89 -18.07
C THR L 521 -17.64 -65.50 -18.98
N SER L 522 -17.42 -64.86 -20.13
CA SER L 522 -16.44 -65.29 -21.11
C SER L 522 -15.72 -64.09 -21.68
N LYS L 523 -14.58 -64.34 -22.34
CA LYS L 523 -13.78 -63.30 -23.00
C LYS L 523 -13.30 -62.25 -22.01
N SER L 524 -12.83 -62.71 -20.85
CA SER L 524 -12.38 -61.81 -19.79
C SER L 524 -10.89 -61.53 -19.95
N PRO L 525 -10.49 -60.31 -20.29
CA PRO L 525 -9.07 -59.96 -20.32
C PRO L 525 -8.60 -59.24 -19.07
N SER L 526 -9.50 -59.03 -18.11
CA SER L 526 -9.18 -58.28 -16.91
C SER L 526 -8.12 -58.92 -16.04
N PRO L 527 -8.09 -60.24 -15.82
CA PRO L 527 -7.11 -60.76 -14.87
C PRO L 527 -5.66 -60.46 -15.23
N PHE L 528 -5.23 -60.71 -16.47
CA PHE L 528 -3.82 -60.53 -16.77
C PHE L 528 -3.39 -59.06 -16.69
N VAL L 529 -4.23 -58.12 -17.07
CA VAL L 529 -3.77 -56.73 -17.03
C VAL L 529 -4.11 -56.10 -15.69
N ASP L 530 -5.37 -56.24 -15.26
CA ASP L 530 -5.82 -55.59 -14.04
C ASP L 530 -5.09 -56.14 -12.84
N LEU L 531 -4.96 -57.47 -12.73
CA LEU L 531 -4.24 -58.05 -11.62
C LEU L 531 -2.77 -57.64 -11.64
N GLY L 532 -2.14 -57.65 -12.82
CA GLY L 532 -0.72 -57.31 -12.87
C GLY L 532 -0.45 -55.92 -12.35
N ALA L 533 -1.21 -54.93 -12.82
CA ALA L 533 -0.94 -53.56 -12.38
C ALA L 533 -1.40 -53.37 -10.94
N LYS L 534 -2.62 -53.79 -10.64
CA LYS L 534 -3.19 -53.56 -9.32
C LYS L 534 -2.32 -54.22 -8.27
N ASP L 535 -1.81 -55.41 -8.58
CA ASP L 535 -1.05 -56.25 -7.68
C ASP L 535 0.44 -56.03 -7.83
N ALA L 536 0.84 -54.97 -8.53
CA ALA L 536 2.26 -54.73 -8.75
C ALA L 536 3.01 -54.57 -7.44
N THR L 537 2.35 -54.04 -6.40
CA THR L 537 3.00 -53.72 -5.14
C THR L 537 3.70 -54.94 -4.57
N SER L 538 4.81 -54.68 -3.87
CA SER L 538 5.73 -55.66 -3.29
C SER L 538 5.43 -57.09 -3.69
N GLY L 539 4.79 -57.85 -2.80
CA GLY L 539 4.54 -59.26 -3.04
C GLY L 539 3.05 -59.49 -3.25
N ILE L 540 2.72 -60.22 -4.30
CA ILE L 540 1.33 -60.55 -4.57
C ILE L 540 1.24 -61.98 -5.09
N GLY L 541 0.21 -62.67 -4.65
CA GLY L 541 -0.14 -63.97 -5.19
C GLY L 541 -1.57 -63.93 -5.66
N ILE L 542 -1.84 -64.25 -6.92
CA ILE L 542 -3.20 -64.21 -7.45
C ILE L 542 -3.63 -65.62 -7.85
N GLY L 543 -4.85 -65.99 -7.47
CA GLY L 543 -5.49 -67.21 -7.92
C GLY L 543 -6.83 -66.85 -8.49
N PHE L 544 -7.12 -67.17 -9.75
CA PHE L 544 -8.37 -66.73 -10.35
C PHE L 544 -9.12 -67.85 -11.04
N ILE L 545 -10.42 -67.90 -10.81
CA ILE L 545 -11.33 -68.73 -11.58
C ILE L 545 -12.27 -67.79 -12.30
N THR L 546 -12.60 -68.10 -13.55
CA THR L 546 -13.59 -67.25 -14.22
C THR L 546 -14.70 -68.03 -14.90
N ASP L 547 -14.36 -69.20 -15.43
CA ASP L 547 -15.30 -69.93 -16.26
C ASP L 547 -16.50 -70.44 -15.48
N ASN L 548 -16.24 -71.19 -14.40
CA ASN L 548 -17.32 -71.69 -13.56
C ASN L 548 -17.87 -70.56 -12.70
N ILE L 549 -16.98 -69.82 -12.06
CA ILE L 549 -17.30 -68.70 -11.18
C ILE L 549 -16.09 -67.78 -11.33
N ILE L 550 -16.25 -66.49 -11.09
CA ILE L 550 -15.07 -65.64 -11.10
C ILE L 550 -14.73 -65.36 -9.64
N LEU L 551 -13.63 -65.96 -9.19
CA LEU L 551 -13.14 -65.77 -7.83
C LEU L 551 -11.67 -65.42 -7.93
N ASP L 552 -11.32 -64.18 -7.58
CA ASP L 552 -9.95 -63.72 -7.62
C ASP L 552 -9.47 -63.55 -6.18
N LEU L 553 -8.43 -64.29 -5.81
CA LEU L 553 -7.94 -64.30 -4.45
C LEU L 553 -6.47 -63.89 -4.46
N GLN L 554 -6.19 -62.72 -3.92
CA GLN L 554 -4.82 -62.20 -3.92
C GLN L 554 -4.33 -62.03 -2.49
N LEU L 555 -3.04 -62.30 -2.31
CA LEU L 555 -2.36 -62.06 -1.04
C LEU L 555 -1.26 -61.06 -1.32
N SER L 556 -1.33 -59.88 -0.72
CA SER L 556 -0.38 -58.81 -0.96
C SER L 556 0.43 -58.52 0.31
N ALA L 557 1.73 -58.81 0.28
CA ALA L 557 2.56 -58.68 1.47
C ALA L 557 3.83 -57.89 1.17
N MET L 558 4.19 -57.00 2.08
CA MET L 558 5.40 -56.20 2.00
C MET L 558 6.13 -56.24 3.33
N GLU L 559 7.42 -56.49 3.30
CA GLU L 559 8.26 -56.45 4.51
C GLU L 559 9.46 -55.56 4.28
N LYS L 560 9.64 -54.54 5.12
CA LYS L 560 10.74 -53.60 4.96
C LYS L 560 11.58 -53.56 6.22
N THR L 561 12.90 -53.65 6.06
CA THR L 561 13.82 -53.49 7.17
C THR L 561 14.88 -52.47 6.79
N GLY L 562 15.04 -51.45 7.63
CA GLY L 562 16.04 -50.43 7.40
C GLY L 562 16.89 -50.16 8.63
N ASN L 563 18.22 -50.21 8.50
CA ASN L 563 19.08 -49.85 9.62
C ASN L 563 19.97 -48.69 9.19
N GLY L 564 19.89 -47.59 9.91
CA GLY L 564 20.72 -46.43 9.63
C GLY L 564 21.56 -46.03 10.83
N GLU L 565 22.87 -45.89 10.64
CA GLU L 565 23.75 -45.43 11.69
C GLU L 565 24.48 -44.18 11.24
N ILE L 566 24.39 -43.12 12.04
CA ILE L 566 25.10 -41.87 11.77
C ILE L 566 26.03 -41.59 12.93
N VAL L 567 27.31 -41.42 12.65
CA VAL L 567 28.30 -41.14 13.67
C VAL L 567 29.03 -39.86 13.27
N SER L 568 28.84 -38.79 14.03
CA SER L 568 29.45 -37.51 13.72
C SER L 568 30.26 -37.05 14.92
N GLN L 569 31.54 -36.73 14.72
CA GLN L 569 32.37 -36.31 15.84
C GLN L 569 33.16 -35.04 15.56
N PRO L 570 32.80 -33.93 16.18
CA PRO L 570 33.64 -32.72 16.10
C PRO L 570 34.58 -32.55 17.29
N LYS L 571 35.85 -32.28 17.01
CA LYS L 571 36.87 -32.09 18.04
C LYS L 571 37.39 -30.66 17.99
N VAL L 572 37.36 -29.97 19.14
CA VAL L 572 37.78 -28.56 19.22
C VAL L 572 38.85 -28.40 20.30
N VAL L 573 39.91 -27.68 19.99
CA VAL L 573 40.94 -27.39 20.98
C VAL L 573 40.72 -25.98 21.50
N THR L 574 40.56 -25.84 22.81
CA THR L 574 40.21 -24.55 23.42
C THR L 574 41.15 -24.18 24.55
N SER L 575 41.38 -22.89 24.71
CA SER L 575 42.15 -22.41 25.84
C SER L 575 41.30 -22.49 27.11
N ASP L 576 41.97 -22.52 28.25
CA ASP L 576 41.28 -22.73 29.51
C ASP L 576 40.44 -21.53 29.87
N LYS L 577 39.18 -21.77 30.24
CA LYS L 577 38.23 -20.75 30.66
C LYS L 577 37.76 -19.89 29.51
N GLU L 578 38.02 -20.32 28.28
CA GLU L 578 37.66 -19.55 27.11
C GLU L 578 36.66 -20.32 26.27
N THR L 579 35.77 -19.59 25.62
CA THR L 579 34.79 -20.21 24.75
C THR L 579 35.39 -20.50 23.37
N ALA L 580 35.04 -21.65 22.83
CA ALA L 580 35.39 -21.98 21.45
C ALA L 580 34.22 -22.66 20.79
N LYS L 581 34.18 -22.57 19.46
CA LYS L 581 33.07 -23.14 18.72
C LYS L 581 33.55 -23.86 17.48
N ILE L 582 32.82 -24.90 17.12
CA ILE L 582 32.99 -25.58 15.84
C ILE L 582 31.62 -25.64 15.22
N LEU L 583 31.54 -25.27 13.94
CA LEU L 583 30.27 -25.25 13.26
C LEU L 583 30.42 -25.85 11.88
N LYS L 584 29.55 -26.80 11.54
CA LYS L 584 29.52 -27.38 10.19
C LYS L 584 28.08 -27.56 9.77
N GLY L 585 27.69 -26.92 8.67
CA GLY L 585 26.30 -26.97 8.27
C GLY L 585 25.99 -25.82 7.34
N SER L 586 24.73 -25.38 7.37
CA SER L 586 24.30 -24.34 6.45
C SER L 586 23.23 -23.47 7.08
N GLU L 587 23.25 -22.16 6.80
CA GLU L 587 22.34 -21.23 7.48
C GLU L 587 21.20 -20.85 6.55
N VAL L 588 20.03 -21.41 6.83
CA VAL L 588 18.88 -20.97 6.04
C VAL L 588 18.54 -19.54 6.42
N PRO L 589 18.31 -18.68 5.48
CA PRO L 589 17.88 -17.32 5.76
C PRO L 589 16.39 -17.20 5.59
N TYR L 590 15.82 -16.16 6.17
CA TYR L 590 14.43 -15.80 6.02
C TYR L 590 14.42 -14.37 5.50
N GLN L 591 13.76 -14.16 4.38
CA GLN L 591 13.64 -12.79 3.88
C GLN L 591 12.48 -12.15 4.61
N GLU L 592 12.77 -11.39 5.66
CA GLU L 592 11.74 -10.72 6.44
C GLU L 592 12.12 -9.26 6.49
N ALA L 593 12.01 -8.59 5.35
CA ALA L 593 12.25 -7.16 5.40
C ALA L 593 10.91 -6.56 5.78
N SER L 594 10.72 -6.34 7.08
CA SER L 594 9.52 -5.68 7.53
C SER L 594 9.82 -4.23 7.22
N SER L 595 8.89 -3.59 6.53
CA SER L 595 9.17 -2.29 5.95
C SER L 595 9.65 -1.27 6.95
N SER L 596 9.05 -1.16 8.13
CA SER L 596 9.50 -0.03 8.95
C SER L 596 10.78 -0.30 9.71
N GLY L 597 11.85 -0.34 8.96
CA GLY L 597 13.09 -0.38 9.68
C GLY L 597 13.45 -1.68 10.33
N ALA L 598 12.78 -2.78 10.02
CA ALA L 598 13.25 -4.04 10.59
C ALA L 598 13.55 -4.98 9.46
N THR L 599 14.79 -4.98 9.00
CA THR L 599 15.21 -5.95 8.00
C THR L 599 15.77 -7.13 8.75
N SER L 600 15.00 -8.19 8.87
CA SER L 600 15.57 -9.38 9.46
C SER L 600 15.81 -10.27 8.27
N THR L 601 17.06 -10.29 7.84
CA THR L 601 17.45 -11.28 6.88
C THR L 601 17.78 -12.39 7.86
N SER L 602 16.73 -13.04 8.33
CA SER L 602 16.90 -14.01 9.38
C SER L 602 17.76 -15.13 8.85
N PHE L 603 18.45 -15.80 9.76
CA PHE L 603 19.20 -16.96 9.35
C PHE L 603 19.35 -17.83 10.57
N LYS L 604 19.69 -19.07 10.32
CA LYS L 604 19.96 -19.99 11.39
C LYS L 604 20.61 -21.17 10.71
N GLU L 605 21.73 -21.63 11.21
CA GLU L 605 22.43 -22.70 10.53
C GLU L 605 22.05 -24.05 11.13
N ALA L 606 21.55 -24.92 10.27
CA ALA L 606 21.30 -26.30 10.64
C ALA L 606 22.67 -26.92 10.50
N ALA L 607 23.25 -27.25 11.65
CA ALA L 607 24.64 -27.66 11.65
C ALA L 607 24.95 -28.52 12.85
N LEU L 608 26.09 -29.19 12.75
CA LEU L 608 26.68 -29.83 13.90
C LEU L 608 27.56 -28.77 14.52
N SER L 609 27.44 -28.57 15.83
CA SER L 609 28.24 -27.51 16.42
C SER L 609 28.54 -27.82 17.88
N LEU L 610 29.68 -27.30 18.32
CA LEU L 610 30.06 -27.37 19.72
C LEU L 610 30.45 -25.99 20.20
N GLU L 611 29.82 -25.54 21.26
CA GLU L 611 30.21 -24.30 21.93
C GLU L 611 30.66 -24.70 23.32
N VAL L 612 31.96 -24.63 23.58
CA VAL L 612 32.52 -25.15 24.81
C VAL L 612 33.17 -24.05 25.61
N THR L 613 32.95 -24.10 26.92
CA THR L 613 33.62 -23.20 27.88
C THR L 613 34.18 -24.08 28.99
N PRO L 614 35.38 -24.61 28.80
CA PRO L 614 35.99 -25.49 29.80
C PRO L 614 36.68 -24.76 30.94
N GLN L 615 36.45 -25.24 32.17
CA GLN L 615 37.16 -24.80 33.35
C GLN L 615 37.99 -25.96 33.86
N ILE L 616 39.28 -25.75 34.02
CA ILE L 616 40.21 -26.83 34.38
C ILE L 616 40.42 -26.86 35.88
N THR L 617 40.24 -28.02 36.47
CA THR L 617 40.49 -28.20 37.88
C THR L 617 41.85 -28.87 38.03
N PRO L 618 42.50 -28.82 39.20
CA PRO L 618 43.85 -29.39 39.27
C PRO L 618 43.88 -30.87 38.99
N ASP L 619 42.89 -31.62 39.48
CA ASP L 619 42.97 -33.06 39.38
C ASP L 619 42.58 -33.54 37.99
N ASN L 620 43.17 -32.93 36.96
CA ASN L 620 43.01 -33.40 35.59
C ASN L 620 41.55 -33.61 35.21
N ARG L 621 40.71 -32.65 35.57
CA ARG L 621 39.32 -32.72 35.19
C ARG L 621 38.90 -31.37 34.67
N ILE L 622 37.80 -31.38 33.93
CA ILE L 622 37.23 -30.15 33.42
C ILE L 622 35.74 -30.13 33.69
N ILE L 623 35.27 -29.01 34.20
CA ILE L 623 33.86 -28.75 34.25
C ILE L 623 33.62 -27.81 33.08
N VAL L 624 32.86 -28.25 32.11
CA VAL L 624 32.70 -27.47 30.90
C VAL L 624 31.23 -27.21 30.66
N GLU L 625 30.91 -25.99 30.27
CA GLU L 625 29.58 -25.69 29.78
C GLU L 625 29.63 -25.89 28.28
N VAL L 626 28.94 -26.90 27.78
CA VAL L 626 28.98 -27.22 26.37
C VAL L 626 27.58 -27.25 25.79
N LYS L 627 27.39 -26.52 24.70
CA LYS L 627 26.19 -26.61 23.88
C LYS L 627 26.54 -27.47 22.68
N VAL L 628 25.84 -28.58 22.51
CA VAL L 628 26.09 -29.53 21.43
C VAL L 628 24.85 -29.58 20.57
N THR L 629 24.94 -29.14 19.32
CA THR L 629 23.77 -29.09 18.48
C THR L 629 23.96 -29.88 17.21
N LYS L 630 23.01 -30.73 16.87
CA LYS L 630 22.97 -31.41 15.58
C LYS L 630 21.67 -31.02 14.92
N ASP L 631 21.73 -30.14 13.95
CA ASP L 631 20.53 -29.64 13.31
C ASP L 631 20.60 -29.91 11.82
N ALA L 632 19.52 -30.47 11.29
CA ALA L 632 19.52 -30.81 9.88
C ALA L 632 18.65 -29.84 9.09
N PRO L 633 19.18 -29.40 7.95
CA PRO L 633 18.48 -28.47 7.06
C PRO L 633 17.12 -28.99 6.64
N ASP L 634 16.12 -28.17 6.87
CA ASP L 634 14.75 -28.57 6.62
C ASP L 634 14.46 -28.79 5.15
N TYR L 635 13.68 -29.84 4.87
CA TYR L 635 13.21 -30.07 3.50
C TYR L 635 12.32 -28.93 3.03
N GLN L 636 11.38 -28.51 3.88
CA GLN L 636 10.41 -27.49 3.48
C GLN L 636 11.14 -26.20 3.13
N ASN L 637 12.30 -25.97 3.76
CA ASN L 637 13.11 -24.83 3.39
C ASN L 637 13.57 -24.98 1.97
N MET L 638 14.04 -26.17 1.61
CA MET L 638 14.39 -26.44 0.24
C MET L 638 13.17 -26.31 -0.63
N LEU L 639 11.98 -26.50 -0.06
CA LEU L 639 10.72 -26.34 -0.77
C LEU L 639 10.32 -24.88 -0.96
N ASN L 640 10.99 -23.93 -0.28
CA ASN L 640 10.63 -22.51 -0.31
C ASN L 640 9.23 -22.26 0.23
N GLY L 641 8.83 -23.09 1.20
CA GLY L 641 7.57 -22.94 1.89
C GLY L 641 7.89 -22.44 3.28
N VAL L 642 7.19 -22.94 4.31
CA VAL L 642 7.53 -22.63 5.69
C VAL L 642 8.52 -23.70 6.15
N PRO L 643 9.77 -23.34 6.40
CA PRO L 643 10.82 -24.31 6.68
C PRO L 643 10.96 -24.72 8.14
N PRO L 644 10.54 -25.94 8.51
CA PRO L 644 10.83 -26.44 9.85
C PRO L 644 12.17 -27.16 9.93
N ILE L 645 13.24 -26.47 10.31
CA ILE L 645 14.54 -27.14 10.48
C ILE L 645 14.44 -28.10 11.66
N ASN L 646 15.27 -29.15 11.67
CA ASN L 646 15.18 -30.10 12.78
C ASN L 646 16.39 -29.96 13.68
N LYS L 647 16.17 -29.76 14.98
CA LYS L 647 17.24 -29.54 15.93
C LYS L 647 17.30 -30.61 17.01
N ASN L 648 18.46 -31.24 17.18
CA ASN L 648 18.72 -32.09 18.32
C ASN L 648 19.86 -31.46 19.10
N GLU L 649 19.58 -30.71 20.15
CA GLU L 649 20.67 -30.01 20.83
C GLU L 649 20.57 -30.15 22.33
N VAL L 650 21.69 -30.46 22.96
CA VAL L 650 21.77 -30.52 24.42
C VAL L 650 22.79 -29.49 24.89
N ASN L 651 22.40 -28.67 25.85
CA ASN L 651 23.29 -27.66 26.43
C ASN L 651 23.37 -27.87 27.93
N ALA L 652 24.58 -28.11 28.43
CA ALA L 652 24.71 -28.42 29.85
C ALA L 652 26.16 -28.28 30.27
N LYS L 653 26.37 -28.12 31.57
CA LYS L 653 27.70 -28.03 32.15
C LYS L 653 27.96 -29.27 33.01
N ILE L 654 29.09 -29.92 32.76
CA ILE L 654 29.41 -31.18 33.42
C ILE L 654 30.86 -31.25 33.83
N LEU L 655 31.15 -32.11 34.81
CA LEU L 655 32.50 -32.36 35.28
C LEU L 655 32.94 -33.75 34.84
N VAL L 656 34.11 -33.85 34.20
CA VAL L 656 34.67 -35.14 33.81
C VAL L 656 36.19 -35.11 33.93
N ASN L 657 36.78 -36.28 34.14
CA ASN L 657 38.23 -36.30 34.04
C ASN L 657 38.62 -36.30 32.57
N ASP L 658 39.90 -36.03 32.32
CA ASP L 658 40.35 -35.95 30.95
C ASP L 658 40.17 -37.27 30.22
N GLY L 659 40.47 -38.37 30.87
CA GLY L 659 40.39 -39.64 30.18
C GLY L 659 39.01 -40.22 30.15
N GLU L 660 37.98 -39.44 30.47
CA GLU L 660 36.65 -39.97 30.69
C GLU L 660 35.63 -39.35 29.76
N THR L 661 34.71 -40.18 29.31
CA THR L 661 33.62 -39.76 28.44
C THR L 661 32.31 -39.97 29.15
N ILE L 662 31.42 -38.99 29.06
CA ILE L 662 30.09 -39.20 29.61
C ILE L 662 29.06 -38.87 28.55
N VAL L 663 27.83 -39.27 28.84
CA VAL L 663 26.70 -38.99 27.96
C VAL L 663 26.17 -37.65 28.41
N ILE L 664 26.39 -36.61 27.61
CA ILE L 664 25.82 -35.34 28.00
C ILE L 664 24.32 -35.49 28.04
N GLY L 665 23.78 -36.19 27.05
CA GLY L 665 22.38 -36.49 26.98
C GLY L 665 22.15 -37.49 25.87
N GLY L 666 20.94 -38.04 25.87
CA GLY L 666 20.53 -38.92 24.81
C GLY L 666 19.05 -39.17 24.92
N VAL L 667 18.46 -39.62 23.82
CA VAL L 667 17.06 -39.99 23.82
C VAL L 667 16.82 -41.20 22.93
N PHE L 668 16.08 -42.17 23.44
CA PHE L 668 15.63 -43.31 22.66
C PHE L 668 14.14 -43.19 22.41
N SER L 669 13.75 -43.23 21.14
CA SER L 669 12.35 -43.23 20.74
C SER L 669 11.97 -44.60 20.22
N ASN L 670 11.11 -45.30 20.95
CA ASN L 670 10.67 -46.64 20.60
C ASN L 670 9.24 -46.58 20.10
N GLU L 671 9.03 -46.78 18.81
CA GLU L 671 7.71 -46.77 18.22
C GLU L 671 7.26 -48.21 17.97
N GLN L 672 6.14 -48.60 18.57
CA GLN L 672 5.57 -49.91 18.33
C GLN L 672 4.14 -49.75 17.86
N SER L 673 3.88 -50.09 16.60
CA SER L 673 2.57 -49.92 16.00
C SER L 673 2.06 -51.26 15.52
N LYS L 674 0.84 -51.62 15.91
CA LYS L 674 0.21 -52.85 15.43
C LYS L 674 -1.19 -52.49 14.94
N SER L 675 -1.56 -52.96 13.75
CA SER L 675 -2.86 -52.68 13.18
C SER L 675 -3.39 -53.98 12.60
N VAL L 676 -4.58 -54.39 13.02
CA VAL L 676 -5.22 -55.59 12.48
C VAL L 676 -6.57 -55.21 11.91
N GLU L 677 -6.81 -55.58 10.67
CA GLU L 677 -8.06 -55.31 9.98
C GLU L 677 -8.67 -56.63 9.51
N LYS L 678 -9.91 -56.90 9.90
CA LYS L 678 -10.48 -58.20 9.59
C LYS L 678 -11.99 -58.16 9.39
N VAL L 679 -12.45 -58.76 8.29
CA VAL L 679 -13.89 -59.00 8.21
C VAL L 679 -14.24 -59.96 9.33
N PRO L 680 -15.25 -59.70 10.15
CA PRO L 680 -15.42 -60.53 11.35
C PRO L 680 -15.66 -62.01 11.11
N PHE L 681 -16.60 -62.39 10.25
CA PHE L 681 -16.91 -63.82 10.12
C PHE L 681 -15.75 -64.58 9.51
N LEU L 682 -15.22 -64.09 8.40
CA LEU L 682 -14.10 -64.75 7.73
C LEU L 682 -12.82 -64.61 8.56
N GLY L 683 -12.65 -63.46 9.21
CA GLY L 683 -11.49 -63.26 10.05
C GLY L 683 -11.43 -64.28 11.16
N GLU L 684 -12.59 -64.70 11.66
CA GLU L 684 -12.66 -65.69 12.72
C GLU L 684 -12.03 -67.01 12.31
N LEU L 685 -12.23 -67.42 11.06
CA LEU L 685 -11.72 -68.71 10.59
C LEU L 685 -10.21 -68.80 10.76
N PRO L 686 -9.69 -69.89 11.33
CA PRO L 686 -8.24 -69.98 11.53
C PRO L 686 -7.45 -70.02 10.24
N TYR L 687 -7.91 -70.78 9.25
CA TYR L 687 -7.17 -70.94 8.01
C TYR L 687 -7.49 -69.83 7.02
N LEU L 688 -8.59 -69.13 7.23
CA LEU L 688 -9.01 -68.09 6.31
C LEU L 688 -8.90 -66.72 6.96
N GLY L 689 -8.71 -66.67 8.28
CA GLY L 689 -8.51 -65.39 8.91
C GLY L 689 -7.26 -64.73 8.36
N ARG L 690 -6.20 -65.52 8.18
CA ARG L 690 -5.00 -64.99 7.57
C ARG L 690 -5.35 -64.46 6.20
N LEU L 691 -6.27 -65.13 5.52
CA LEU L 691 -6.75 -64.72 4.21
C LEU L 691 -7.81 -63.64 4.32
N PHE L 692 -8.20 -63.29 5.55
CA PHE L 692 -9.18 -62.24 5.73
C PHE L 692 -8.83 -61.29 6.88
N ARG L 693 -7.58 -61.31 7.36
CA ARG L 693 -7.11 -60.36 8.36
C ARG L 693 -5.96 -59.60 7.75
N ARG L 694 -6.09 -58.29 7.68
CA ARG L 694 -5.08 -57.42 7.10
C ARG L 694 -4.23 -56.89 8.23
N ASP L 695 -2.98 -57.33 8.28
CA ASP L 695 -2.11 -57.01 9.41
C ASP L 695 -1.02 -56.05 8.99
N THR L 696 -0.91 -54.94 9.71
CA THR L 696 0.23 -54.05 9.54
C THR L 696 0.89 -53.88 10.90
N VAL L 697 2.15 -54.30 11.01
CA VAL L 697 2.91 -54.14 12.24
C VAL L 697 4.18 -53.38 11.89
N THR L 698 4.40 -52.27 12.57
CA THR L 698 5.58 -51.47 12.35
C THR L 698 6.28 -51.18 13.67
N ASP L 699 7.58 -51.47 13.74
CA ASP L 699 8.42 -51.15 14.87
C ASP L 699 9.51 -50.24 14.35
N ARG L 700 9.52 -48.98 14.78
CA ARG L 700 10.57 -48.06 14.40
C ARG L 700 11.19 -47.55 15.70
N LYS L 701 12.48 -47.79 15.88
CA LYS L 701 13.14 -47.29 17.07
C LYS L 701 14.36 -46.49 16.66
N ASN L 702 14.36 -45.21 16.97
CA ASN L 702 15.46 -44.31 16.70
C ASN L 702 15.97 -43.75 18.01
N GLU L 703 17.26 -43.89 18.24
CA GLU L 703 17.89 -43.34 19.43
C GLU L 703 19.02 -42.39 19.03
N LEU L 704 19.10 -41.27 19.72
CA LEU L 704 20.20 -40.32 19.52
C LEU L 704 20.93 -40.09 20.84
N LEU L 705 22.26 -40.16 20.82
CA LEU L 705 23.04 -39.94 22.03
C LEU L 705 24.29 -39.11 21.74
N VAL L 706 24.65 -38.21 22.65
CA VAL L 706 25.86 -37.41 22.51
C VAL L 706 26.84 -37.70 23.66
N PHE L 707 28.06 -38.12 23.31
CA PHE L 707 29.11 -38.32 24.30
C PHE L 707 30.10 -37.17 24.27
N LEU L 708 30.96 -37.12 25.28
CA LEU L 708 32.04 -36.16 25.26
C LEU L 708 33.23 -36.66 26.06
N THR L 709 34.44 -36.39 25.54
CA THR L 709 35.73 -36.62 26.22
C THR L 709 36.71 -35.47 26.01
N PRO L 710 37.24 -34.89 27.07
CA PRO L 710 38.26 -33.86 26.88
C PRO L 710 39.66 -34.38 27.13
N ARG L 711 40.57 -34.24 26.18
CA ARG L 711 41.97 -34.60 26.39
C ARG L 711 42.74 -33.30 26.53
N ILE L 712 43.26 -33.04 27.72
CA ILE L 712 43.92 -31.77 27.93
C ILE L 712 45.11 -31.68 26.99
N MET L 713 45.21 -30.58 26.27
CA MET L 713 46.32 -30.41 25.36
C MET L 713 47.52 -29.85 26.08
N ASN L 714 47.34 -29.45 27.34
CA ASN L 714 48.46 -29.03 28.15
C ASN L 714 49.43 -30.17 28.34
N ASN L 715 48.93 -31.41 28.32
CA ASN L 715 49.81 -32.55 28.49
C ASN L 715 50.92 -32.49 27.47
N GLN L 716 50.60 -31.93 26.31
CA GLN L 716 51.57 -31.70 25.27
C GLN L 716 52.05 -30.27 25.29
N ALA L 717 51.15 -29.34 25.62
CA ALA L 717 51.47 -27.92 25.64
C ALA L 717 52.40 -27.58 26.78
N ILE L 718 52.26 -28.24 27.94
CA ILE L 718 53.19 -27.97 29.02
C ILE L 718 54.57 -28.53 28.68
N ALA L 719 54.61 -29.73 28.09
CA ALA L 719 55.87 -30.29 27.66
C ALA L 719 56.38 -29.54 26.44
N ILE L 720 55.52 -28.76 25.81
CA ILE L 720 55.84 -27.86 24.73
C ILE L 720 55.70 -26.40 25.14
N LEU M 385 50.32 -8.51 58.88
CA LEU M 385 49.47 -9.10 57.86
C LEU M 385 50.34 -9.92 56.91
N ARG M 386 49.79 -11.02 56.40
CA ARG M 386 50.51 -11.93 55.52
C ARG M 386 49.82 -12.02 54.18
N ARG M 387 50.62 -12.05 53.12
CA ARG M 387 50.13 -12.22 51.75
C ARG M 387 50.16 -13.71 51.41
N GLU M 388 49.01 -14.26 51.02
CA GLU M 388 48.91 -15.68 50.68
C GLU M 388 48.17 -15.86 49.37
N LEU M 389 48.67 -16.77 48.52
CA LEU M 389 48.02 -17.11 47.27
C LEU M 389 47.28 -18.43 47.41
N ILE M 390 45.97 -18.41 47.19
CA ILE M 390 45.17 -19.62 47.17
C ILE M 390 44.44 -19.69 45.83
N GLN M 391 44.49 -20.85 45.18
CA GLN M 391 43.84 -21.04 43.90
C GLN M 391 42.53 -21.79 44.11
N VAL M 392 41.43 -21.24 43.60
CA VAL M 392 40.12 -21.86 43.72
C VAL M 392 39.64 -22.28 42.35
N ASN M 393 39.68 -23.59 42.09
CA ASN M 393 39.17 -24.08 40.82
C ASN M 393 37.65 -24.20 40.81
N TYR M 394 37.05 -24.64 41.90
CA TYR M 394 35.61 -24.86 41.88
C TYR M 394 34.84 -23.62 42.28
N ALA M 395 35.54 -22.62 42.81
CA ALA M 395 34.94 -21.41 43.33
C ALA M 395 35.39 -20.22 42.50
N LYS M 396 34.44 -19.37 42.10
CA LYS M 396 34.80 -18.15 41.41
C LYS M 396 35.60 -17.26 42.33
N ALA M 397 36.61 -16.59 41.78
CA ALA M 397 37.45 -15.72 42.60
C ALA M 397 36.65 -14.59 43.21
N ALA M 398 35.69 -14.04 42.45
CA ALA M 398 34.84 -12.99 42.99
C ALA M 398 34.04 -13.51 44.18
N ASP M 399 33.59 -14.75 44.11
CA ASP M 399 32.85 -15.33 45.23
C ASP M 399 33.72 -15.39 46.45
N ILE M 400 34.98 -15.80 46.29
CA ILE M 400 35.92 -15.84 47.41
C ILE M 400 36.14 -14.44 47.95
N ALA M 401 36.19 -13.44 47.07
CA ALA M 401 36.32 -12.07 47.53
C ALA M 401 35.13 -11.69 48.39
N LYS M 402 33.94 -12.12 48.00
CA LYS M 402 32.75 -11.87 48.79
C LYS M 402 32.84 -12.57 50.13
N LEU M 403 33.39 -13.77 50.15
CA LEU M 403 33.59 -14.49 51.41
C LEU M 403 34.54 -13.71 52.32
N PHE M 404 35.60 -13.16 51.74
CA PHE M 404 36.51 -12.35 52.53
C PHE M 404 35.82 -11.08 53.02
N GLN M 405 34.95 -10.51 52.19
CA GLN M 405 34.19 -9.33 52.62
C GLN M 405 33.32 -9.69 53.81
N SER M 406 32.73 -10.88 53.77
CA SER M 406 31.97 -11.37 54.90
C SER M 406 32.88 -11.54 56.11
N VAL M 407 34.11 -12.00 55.86
CA VAL M 407 35.09 -12.15 56.93
C VAL M 407 35.36 -10.80 57.58
N THR M 408 35.46 -9.76 56.76
CA THR M 408 35.63 -8.41 57.29
C THR M 408 34.40 -7.98 58.07
N SER M 409 33.21 -8.34 57.59
CA SER M 409 31.98 -8.06 58.32
C SER M 409 32.00 -8.74 59.69
N ASP M 410 32.70 -9.87 59.79
CA ASP M 410 32.76 -10.59 61.06
C ASP M 410 33.32 -9.67 62.15
N GLY M 411 34.34 -8.89 61.83
CA GLY M 411 34.87 -7.93 62.77
C GLY M 411 35.68 -6.84 62.10
N GLY M 421 44.14 -6.16 54.92
CA GLY M 421 42.89 -6.56 54.31
C GLY M 421 42.81 -6.21 52.84
N SER M 422 43.77 -6.74 52.07
CA SER M 422 43.86 -6.48 50.64
C SER M 422 43.61 -7.77 49.87
N ILE M 423 42.76 -7.69 48.86
CA ILE M 423 42.36 -8.86 48.08
C ILE M 423 42.72 -8.67 46.62
N THR M 424 43.29 -9.71 46.01
CA THR M 424 43.68 -9.69 44.61
C THR M 424 43.06 -10.90 43.91
N VAL M 425 42.48 -10.68 42.73
CA VAL M 425 41.80 -11.73 42.00
C VAL M 425 42.50 -11.94 40.66
N ASP M 426 42.87 -13.19 40.37
CA ASP M 426 43.43 -13.58 39.07
C ASP M 426 42.35 -14.38 38.36
N ASP M 427 41.80 -13.80 37.29
CA ASP M 427 40.74 -14.45 36.54
C ASP M 427 41.22 -15.69 35.82
N ARG M 428 42.39 -15.62 35.18
CA ARG M 428 42.83 -16.73 34.35
C ARG M 428 43.02 -17.99 35.18
N THR M 429 43.67 -17.86 36.33
CA THR M 429 43.89 -19.00 37.20
C THR M 429 42.80 -19.12 38.25
N ASN M 430 41.92 -18.13 38.32
CA ASN M 430 40.89 -18.09 39.36
C ASN M 430 41.55 -18.19 40.72
N SER M 431 42.68 -17.50 40.87
CA SER M 431 43.47 -17.60 42.09
C SER M 431 43.44 -16.27 42.80
N ILE M 432 43.12 -16.30 44.09
CA ILE M 432 42.97 -15.10 44.90
C ILE M 432 44.16 -15.02 45.84
N ILE M 433 44.83 -13.88 45.84
CA ILE M 433 45.92 -13.61 46.79
C ILE M 433 45.44 -12.54 47.74
N ALA M 434 45.46 -12.85 49.02
CA ALA M 434 45.01 -11.90 50.02
C ALA M 434 46.16 -11.60 50.98
N TYR M 435 46.45 -10.32 51.15
CA TYR M 435 47.42 -9.89 52.14
C TYR M 435 46.61 -9.28 53.27
N GLN M 436 46.54 -9.97 54.38
CA GLN M 436 45.65 -9.53 55.45
C GLN M 436 46.01 -10.25 56.74
N PRO M 437 45.35 -9.97 57.87
CA PRO M 437 45.72 -10.65 59.11
C PRO M 437 45.65 -12.16 58.96
N GLN M 438 46.56 -12.84 59.65
CA GLN M 438 46.70 -14.28 59.49
C GLN M 438 45.41 -15.00 59.85
N GLU M 439 44.73 -14.57 60.91
CA GLU M 439 43.54 -15.28 61.36
C GLU M 439 42.44 -15.21 60.32
N ARG M 440 42.20 -14.01 59.78
CA ARG M 440 41.20 -13.87 58.73
C ARG M 440 41.62 -14.69 57.52
N LEU M 441 42.91 -14.71 57.24
CA LEU M 441 43.43 -15.48 56.12
C LEU M 441 43.09 -16.94 56.27
N ASP M 442 43.30 -17.48 57.47
CA ASP M 442 43.05 -18.89 57.72
C ASP M 442 41.56 -19.20 57.63
N GLU M 443 40.73 -18.32 58.20
CA GLU M 443 39.30 -18.57 58.15
C GLU M 443 38.81 -18.57 56.71
N LEU M 444 39.31 -17.63 55.92
CA LEU M 444 38.92 -17.56 54.52
C LEU M 444 39.39 -18.82 53.81
N ARG M 445 40.56 -19.33 54.19
CA ARG M 445 41.07 -20.57 53.63
C ARG M 445 40.12 -21.73 53.89
N ARG M 446 39.59 -21.80 55.10
CA ARG M 446 38.62 -22.85 55.41
C ARG M 446 37.37 -22.68 54.55
N ILE M 447 36.90 -21.44 54.40
CA ILE M 447 35.75 -21.20 53.54
C ILE M 447 36.07 -21.64 52.13
N VAL M 448 37.31 -21.42 51.70
CA VAL M 448 37.74 -21.83 50.38
C VAL M 448 37.66 -23.34 50.25
N SER M 449 38.08 -24.05 51.30
CA SER M 449 38.03 -25.50 51.27
C SER M 449 36.60 -25.99 51.12
N GLN M 450 35.68 -25.36 51.84
CA GLN M 450 34.28 -25.72 51.73
C GLN M 450 33.73 -25.42 50.34
N LEU M 451 34.03 -24.23 49.82
CA LEU M 451 33.48 -23.80 48.54
C LEU M 451 34.02 -24.62 47.37
N ASP M 452 35.30 -24.95 47.38
CA ASP M 452 35.89 -25.65 46.23
C ASP M 452 35.52 -27.13 46.36
N ILE M 453 34.22 -27.37 46.24
CA ILE M 453 33.65 -28.71 46.32
C ILE M 453 33.05 -29.07 44.98
N PRO M 454 33.26 -30.29 44.50
CA PRO M 454 32.76 -30.64 43.16
C PRO M 454 31.24 -30.59 43.11
N VAL M 455 30.73 -29.92 42.08
CA VAL M 455 29.29 -29.89 41.88
C VAL M 455 28.82 -31.27 41.46
N ARG M 456 27.72 -31.72 42.05
CA ARG M 456 27.25 -33.08 41.80
C ARG M 456 26.30 -33.14 40.60
N GLN M 457 26.73 -33.84 39.57
CA GLN M 457 25.91 -34.08 38.40
C GLN M 457 24.99 -35.26 38.66
N VAL M 458 23.78 -35.19 38.14
CA VAL M 458 22.82 -36.27 38.20
C VAL M 458 22.28 -36.55 36.80
N MET M 459 22.10 -37.81 36.48
CA MET M 459 21.52 -38.22 35.21
C MET M 459 20.01 -38.33 35.42
N ILE M 460 19.27 -37.50 34.72
CA ILE M 460 17.83 -37.43 34.85
C ILE M 460 17.24 -38.17 33.67
N GLU M 461 16.43 -39.18 33.92
CA GLU M 461 15.80 -39.94 32.86
C GLU M 461 14.29 -39.86 33.03
N ALA M 462 13.64 -39.07 32.18
CA ALA M 462 12.19 -39.00 32.19
C ALA M 462 11.69 -39.61 30.91
N ARG M 463 10.84 -40.63 31.02
CA ARG M 463 10.39 -41.35 29.83
C ARG M 463 8.90 -41.16 29.61
N ILE M 464 8.54 -41.00 28.35
CA ILE M 464 7.16 -40.79 27.92
C ILE M 464 6.64 -42.07 27.30
N VAL M 465 5.50 -42.53 27.78
CA VAL M 465 4.84 -43.72 27.27
C VAL M 465 3.47 -43.34 26.76
N GLU M 466 3.22 -43.64 25.49
CA GLU M 466 1.92 -43.41 24.87
C GLU M 466 1.35 -44.73 24.40
N ALA M 467 0.14 -45.05 24.85
CA ALA M 467 -0.54 -46.26 24.42
C ALA M 467 -1.89 -45.91 23.81
N ASN M 468 -2.12 -46.38 22.58
CA ASN M 468 -3.39 -46.15 21.91
C ASN M 468 -3.98 -47.49 21.50
N VAL M 469 -5.18 -47.78 21.98
CA VAL M 469 -5.90 -48.98 21.56
C VAL M 469 -7.21 -48.55 20.93
N GLY M 470 -7.43 -48.94 19.68
CA GLY M 470 -8.66 -48.57 19.01
C GLY M 470 -9.39 -49.74 18.38
N TYR M 471 -10.63 -49.98 18.76
CA TYR M 471 -11.46 -50.98 18.10
C TYR M 471 -12.72 -50.31 17.58
N ASP M 472 -12.92 -50.36 16.26
CA ASP M 472 -14.11 -49.76 15.65
C ASP M 472 -14.76 -50.76 14.72
N LYS M 473 -16.05 -51.01 14.92
CA LYS M 473 -16.80 -51.88 14.01
C LYS M 473 -18.02 -51.17 13.47
N SER M 474 -18.20 -51.22 12.16
CA SER M 474 -19.36 -50.62 11.52
C SER M 474 -20.05 -51.63 10.60
N LEU M 475 -21.35 -51.79 10.78
CA LEU M 475 -22.16 -52.65 9.93
C LEU M 475 -23.30 -51.85 9.33
N GLY M 476 -23.32 -51.78 8.00
CA GLY M 476 -24.38 -51.21 7.18
C GLY M 476 -25.16 -52.31 6.48
N VAL M 477 -26.44 -52.43 6.81
CA VAL M 477 -27.30 -53.47 6.27
C VAL M 477 -28.28 -52.86 5.30
N ARG M 478 -28.34 -53.39 4.08
CA ARG M 478 -29.07 -52.76 2.99
C ARG M 478 -29.97 -53.75 2.28
N TRP M 479 -31.23 -53.35 2.07
CA TRP M 479 -32.20 -54.21 1.39
C TRP M 479 -32.88 -53.39 0.29
N GLY M 480 -32.42 -53.50 -0.94
CA GLY M 480 -32.97 -52.68 -2.01
C GLY M 480 -33.57 -53.43 -3.17
N GLY M 481 -34.85 -53.20 -3.44
CA GLY M 481 -35.49 -53.72 -4.61
C GLY M 481 -36.28 -52.64 -5.30
N ALA M 482 -35.99 -52.34 -6.56
CA ALA M 482 -36.79 -51.38 -7.29
C ALA M 482 -37.90 -52.06 -8.08
N TYR M 483 -37.93 -53.39 -8.09
CA TYR M 483 -38.92 -54.11 -8.88
C TYR M 483 -40.31 -53.77 -8.37
N HIS M 484 -40.50 -53.84 -7.06
CA HIS M 484 -41.76 -53.46 -6.44
C HIS M 484 -41.61 -52.20 -5.59
N LYS M 485 -40.53 -51.45 -5.82
CA LYS M 485 -40.23 -50.20 -5.10
C LYS M 485 -40.16 -50.37 -3.58
N GLY M 486 -39.46 -51.40 -3.14
CA GLY M 486 -39.18 -51.54 -1.72
C GLY M 486 -37.70 -51.52 -1.44
N ASN M 487 -37.18 -50.45 -0.87
CA ASN M 487 -35.73 -50.34 -0.68
C ASN M 487 -35.41 -49.53 0.56
N TRP M 488 -34.78 -50.20 1.52
CA TRP M 488 -34.34 -49.61 2.77
C TRP M 488 -32.82 -49.54 2.74
N SER M 489 -32.30 -48.35 3.00
CA SER M 489 -30.88 -48.07 2.92
C SER M 489 -30.20 -48.22 4.27
N GLY M 490 -28.97 -48.71 4.25
CA GLY M 490 -28.19 -48.80 5.46
C GLY M 490 -27.64 -47.45 5.82
N TYR M 491 -26.92 -47.41 6.91
CA TYR M 491 -26.29 -46.15 7.25
C TYR M 491 -24.83 -46.30 7.64
N GLY M 492 -24.47 -47.31 8.43
CA GLY M 492 -23.05 -47.49 8.74
C GLY M 492 -22.25 -47.69 7.48
N LYS M 493 -22.75 -48.54 6.59
CA LYS M 493 -22.22 -48.69 5.24
C LYS M 493 -23.48 -48.67 4.38
N ASP M 494 -24.00 -47.47 4.17
CA ASP M 494 -25.31 -47.24 3.55
C ASP M 494 -25.49 -47.97 2.22
N GLY M 495 -26.63 -48.63 2.07
CA GLY M 495 -26.96 -49.25 0.80
C GLY M 495 -28.44 -49.23 0.44
N ASN M 496 -28.79 -48.62 -0.68
CA ASN M 496 -30.18 -48.57 -1.15
C ASN M 496 -30.17 -48.94 -2.62
N ILE M 497 -30.37 -50.23 -2.86
CA ILE M 497 -30.22 -50.82 -4.17
C ILE M 497 -31.35 -50.39 -5.10
N GLY M 498 -32.29 -49.57 -4.62
CA GLY M 498 -33.27 -49.01 -5.54
C GLY M 498 -32.60 -48.06 -6.53
N ILE M 499 -31.73 -47.19 -6.04
CA ILE M 499 -30.97 -46.34 -6.94
C ILE M 499 -29.98 -47.17 -7.73
N LYS M 500 -29.52 -48.28 -7.16
CA LYS M 500 -28.65 -49.18 -7.91
C LYS M 500 -29.40 -49.77 -9.07
N ASP M 501 -30.68 -50.05 -8.86
CA ASP M 501 -31.51 -50.51 -9.95
C ASP M 501 -31.65 -49.40 -10.97
N GLU M 502 -31.69 -48.15 -10.51
CA GLU M 502 -31.70 -47.03 -11.45
C GLU M 502 -30.44 -47.05 -12.31
N ASP M 503 -29.29 -47.27 -11.67
CA ASP M 503 -28.03 -47.32 -12.40
C ASP M 503 -28.04 -48.49 -13.38
N GLY M 504 -28.61 -49.62 -12.95
CA GLY M 504 -28.72 -50.75 -13.85
C GLY M 504 -29.60 -50.43 -15.04
N MET M 505 -30.72 -49.75 -14.79
CA MET M 505 -31.59 -49.33 -15.87
C MET M 505 -30.81 -48.47 -16.84
N ASN M 506 -29.87 -47.70 -16.31
CA ASN M 506 -28.95 -46.95 -17.17
C ASN M 506 -28.11 -47.91 -17.99
N CYS M 507 -27.70 -49.03 -17.39
CA CYS M 507 -26.95 -50.05 -18.11
C CYS M 507 -27.73 -50.59 -19.30
N GLY M 508 -29.04 -50.79 -19.16
CA GLY M 508 -29.85 -51.20 -20.29
C GLY M 508 -30.86 -52.35 -20.19
N PRO M 509 -31.16 -52.89 -19.01
CA PRO M 509 -32.16 -53.95 -18.93
C PRO M 509 -33.58 -53.41 -19.12
N ILE M 510 -34.47 -54.34 -19.46
CA ILE M 510 -35.88 -54.03 -19.63
C ILE M 510 -36.59 -54.26 -18.30
N ALA M 511 -37.10 -53.20 -17.67
CA ALA M 511 -37.90 -53.32 -16.46
C ALA M 511 -39.29 -52.75 -16.69
N GLY M 512 -40.32 -53.57 -16.47
CA GLY M 512 -41.71 -53.17 -16.62
C GLY M 512 -42.52 -53.40 -15.36
N SER M 513 -43.24 -52.39 -14.86
CA SER M 513 -44.08 -52.57 -13.67
C SER M 513 -45.33 -51.71 -13.80
N CYS M 514 -46.47 -52.34 -14.07
CA CYS M 514 -47.70 -51.57 -14.26
C CYS M 514 -48.50 -51.37 -12.98
N THR M 515 -48.30 -52.22 -11.98
CA THR M 515 -48.97 -52.15 -10.70
C THR M 515 -47.98 -52.71 -9.70
N PHE M 516 -48.26 -52.51 -8.41
CA PHE M 516 -47.36 -53.09 -7.43
C PHE M 516 -47.29 -54.62 -7.54
N PRO M 517 -48.37 -55.36 -7.80
CA PRO M 517 -48.20 -56.81 -7.97
C PRO M 517 -47.35 -57.19 -9.18
N THR M 518 -47.46 -56.45 -10.29
CA THR M 518 -46.85 -56.86 -11.55
C THR M 518 -45.60 -56.05 -11.89
N THR M 519 -44.49 -56.76 -12.03
CA THR M 519 -43.21 -56.21 -12.45
C THR M 519 -42.41 -57.35 -13.07
N GLY M 520 -41.42 -56.98 -13.89
CA GLY M 520 -40.52 -57.94 -14.49
C GLY M 520 -39.34 -57.25 -15.16
N THR M 521 -38.13 -57.77 -15.02
CA THR M 521 -37.00 -57.16 -15.72
C THR M 521 -36.08 -58.25 -16.26
N SER M 522 -35.44 -57.94 -17.38
CA SER M 522 -34.51 -58.85 -18.04
C SER M 522 -33.29 -58.08 -18.52
N LYS M 523 -32.23 -58.81 -18.85
CA LYS M 523 -30.99 -58.23 -19.41
C LYS M 523 -30.36 -57.24 -18.42
N SER M 524 -30.33 -57.62 -17.15
CA SER M 524 -29.79 -56.74 -16.11
C SER M 524 -28.32 -57.01 -15.91
N PRO M 525 -27.44 -56.08 -16.27
CA PRO M 525 -26.01 -56.23 -15.98
C PRO M 525 -25.57 -55.49 -14.72
N SER M 526 -26.50 -54.81 -14.05
CA SER M 526 -26.16 -54.02 -12.88
C SER M 526 -25.60 -54.81 -11.71
N PRO M 527 -26.11 -56.00 -11.37
CA PRO M 527 -25.59 -56.63 -10.16
C PRO M 527 -24.09 -56.91 -10.18
N PHE M 528 -23.56 -57.51 -11.23
CA PHE M 528 -22.14 -57.87 -11.20
C PHE M 528 -21.23 -56.64 -11.15
N VAL M 529 -21.56 -55.55 -11.83
CA VAL M 529 -20.65 -54.41 -11.81
C VAL M 529 -21.00 -53.47 -10.66
N ASP M 530 -22.27 -53.10 -10.55
CA ASP M 530 -22.68 -52.13 -9.55
C ASP M 530 -22.45 -52.66 -8.15
N LEU M 531 -22.84 -53.92 -7.89
CA LEU M 531 -22.63 -54.50 -6.57
C LEU M 531 -21.14 -54.62 -6.28
N GLY M 532 -20.33 -55.04 -7.25
CA GLY M 532 -18.92 -55.22 -6.98
C GLY M 532 -18.25 -53.92 -6.55
N ALA M 533 -18.50 -52.84 -7.29
CA ALA M 533 -17.83 -51.58 -6.94
C ALA M 533 -18.47 -50.99 -5.69
N LYS M 534 -19.79 -50.92 -5.65
CA LYS M 534 -20.48 -50.28 -4.55
C LYS M 534 -20.14 -50.99 -3.25
N ASP M 535 -20.04 -52.32 -3.31
CA ASP M 535 -19.83 -53.17 -2.17
C ASP M 535 -18.37 -53.50 -1.96
N ALA M 536 -17.49 -52.78 -2.64
CA ALA M 536 -16.07 -53.07 -2.53
C ALA M 536 -15.59 -52.93 -1.09
N THR M 537 -16.21 -52.04 -0.31
CA THR M 537 -15.73 -51.73 1.04
C THR M 537 -15.66 -52.99 1.88
N SER M 538 -14.68 -53.00 2.81
CA SER M 538 -14.33 -54.11 3.69
C SER M 538 -15.06 -55.40 3.37
N GLY M 539 -16.08 -55.73 4.14
CA GLY M 539 -16.78 -56.99 3.99
C GLY M 539 -18.17 -56.74 3.44
N ILE M 540 -18.53 -57.50 2.42
CA ILE M 540 -19.87 -57.39 1.85
C ILE M 540 -20.37 -58.77 1.46
N GLY M 541 -21.66 -59.00 1.71
CA GLY M 541 -22.33 -60.18 1.23
C GLY M 541 -23.53 -59.74 0.41
N ILE M 542 -23.65 -60.17 -0.84
CA ILE M 542 -24.77 -59.79 -1.70
C ILE M 542 -25.59 -61.01 -2.05
N GLY M 543 -26.92 -60.88 -1.94
CA GLY M 543 -27.85 -61.88 -2.42
C GLY M 543 -28.83 -61.19 -3.33
N PHE M 544 -28.96 -61.63 -4.58
CA PHE M 544 -29.82 -60.92 -5.51
C PHE M 544 -30.78 -61.83 -6.27
N ILE M 545 -32.02 -61.39 -6.37
CA ILE M 545 -33.01 -62.00 -7.25
C ILE M 545 -33.37 -60.94 -8.26
N THR M 546 -33.52 -61.35 -9.53
CA THR M 546 -33.98 -60.36 -10.49
C THR M 546 -35.15 -60.83 -11.35
N ASP M 547 -35.17 -62.13 -11.65
CA ASP M 547 -36.13 -62.63 -12.62
C ASP M 547 -37.57 -62.57 -12.11
N ASN M 548 -37.82 -63.15 -10.95
CA ASN M 548 -39.14 -63.10 -10.35
C ASN M 548 -39.40 -61.71 -9.76
N ILE M 549 -38.44 -61.21 -9.00
CA ILE M 549 -38.49 -59.91 -8.34
C ILE M 549 -37.03 -59.49 -8.28
N ILE M 550 -36.75 -58.20 -8.22
CA ILE M 550 -35.36 -57.79 -8.02
C ILE M 550 -35.24 -57.40 -6.56
N LEU M 551 -34.54 -58.22 -5.79
CA LEU M 551 -34.29 -57.97 -4.38
C LEU M 551 -32.81 -58.15 -4.15
N ASP M 552 -32.12 -57.07 -3.83
CA ASP M 552 -30.69 -57.10 -3.59
C ASP M 552 -30.47 -56.85 -2.10
N LEU M 553 -29.87 -57.81 -1.41
CA LEU M 553 -29.69 -57.74 0.04
C LEU M 553 -28.21 -57.85 0.34
N GLN M 554 -27.62 -56.77 0.82
CA GLN M 554 -26.20 -56.74 1.10
C GLN M 554 -25.96 -56.49 2.59
N LEU M 555 -24.94 -57.13 3.11
CA LEU M 555 -24.47 -56.91 4.47
C LEU M 555 -23.04 -56.40 4.38
N SER M 556 -22.80 -55.19 4.83
CA SER M 556 -21.49 -54.55 4.73
C SER M 556 -20.90 -54.32 6.12
N ALA M 557 -19.83 -55.02 6.45
CA ALA M 557 -19.25 -54.97 7.78
C ALA M 557 -17.75 -54.72 7.73
N MET M 558 -17.28 -53.85 8.62
CA MET M 558 -15.86 -53.52 8.75
C MET M 558 -15.48 -53.56 10.23
N GLU M 559 -14.38 -54.24 10.55
CA GLU M 559 -13.85 -54.25 11.90
C GLU M 559 -12.38 -53.88 11.90
N LYS M 560 -12.01 -52.84 12.65
CA LYS M 560 -10.63 -52.37 12.68
C LYS M 560 -10.11 -52.37 14.09
N THR M 561 -8.92 -52.92 14.28
CA THR M 561 -8.23 -52.89 15.56
C THR M 561 -6.82 -52.37 15.36
N GLY M 562 -6.47 -51.33 16.10
CA GLY M 562 -5.13 -50.77 16.04
C GLY M 562 -4.50 -50.58 17.40
N ASN M 563 -3.30 -51.08 17.62
CA ASN M 563 -2.59 -50.84 18.87
C ASN M 563 -1.28 -50.15 18.56
N GLY M 564 -1.09 -48.97 19.13
CA GLY M 564 0.14 -48.22 18.96
C GLY M 564 0.82 -47.91 20.27
N GLU M 565 2.09 -48.27 20.41
CA GLU M 565 2.86 -47.93 21.59
C GLU M 565 4.08 -47.11 21.21
N ILE M 566 4.23 -45.95 21.86
CA ILE M 566 5.38 -45.08 21.64
C ILE M 566 6.10 -44.91 22.97
N VAL M 567 7.38 -45.25 23.00
CA VAL M 567 8.19 -45.12 24.19
C VAL M 567 9.39 -44.26 23.86
N SER M 568 9.45 -43.07 24.45
CA SER M 568 10.55 -42.14 24.18
C SER M 568 11.22 -41.77 25.48
N GLN M 569 12.53 -41.93 25.58
CA GLN M 569 13.23 -41.62 26.83
C GLN M 569 14.46 -40.75 26.63
N PRO M 570 14.42 -39.50 27.02
CA PRO M 570 15.65 -38.68 27.03
C PRO M 570 16.33 -38.62 28.39
N LYS M 571 17.63 -38.84 28.42
CA LYS M 571 18.42 -38.82 29.64
C LYS M 571 19.44 -37.68 29.59
N VAL M 572 19.45 -36.82 30.60
CA VAL M 572 20.33 -35.65 30.65
C VAL M 572 21.13 -35.65 31.94
N VAL M 573 22.43 -35.41 31.84
CA VAL M 573 23.28 -35.30 33.03
C VAL M 573 23.50 -33.82 33.33
N THR M 574 23.14 -33.39 34.53
CA THR M 574 23.18 -31.99 34.89
C THR M 574 23.95 -31.75 36.19
N SER M 575 24.61 -30.60 36.27
CA SER M 575 25.25 -30.22 37.51
C SER M 575 24.20 -29.77 38.53
N ASP M 576 24.58 -29.83 39.80
CA ASP M 576 23.61 -29.56 40.87
C ASP M 576 23.23 -28.09 40.88
N LYS M 577 21.92 -27.83 40.95
CA LYS M 577 21.35 -26.49 41.02
C LYS M 577 21.47 -25.75 39.70
N GLU M 578 21.78 -26.46 38.63
CA GLU M 578 21.96 -25.84 37.33
C GLU M 578 20.94 -26.36 36.35
N THR M 579 20.52 -25.51 35.43
CA THR M 579 19.58 -25.93 34.41
C THR M 579 20.29 -26.63 33.27
N ALA M 580 19.66 -27.68 32.76
CA ALA M 580 20.13 -28.35 31.56
C ALA M 580 18.94 -28.72 30.69
N LYS M 581 19.20 -28.86 29.39
CA LYS M 581 18.13 -29.15 28.48
C LYS M 581 18.55 -30.20 27.47
N ILE M 582 17.57 -30.98 27.03
CA ILE M 582 17.73 -31.90 25.92
C ILE M 582 16.59 -31.61 24.97
N LEU M 583 16.90 -31.48 23.69
CA LEU M 583 15.88 -31.16 22.72
C LEU M 583 16.07 -32.02 21.48
N LYS M 584 15.00 -32.66 21.03
CA LYS M 584 15.02 -33.43 19.79
C LYS M 584 13.74 -33.20 19.03
N GLY M 585 13.83 -32.67 17.82
CA GLY M 585 12.63 -32.33 17.09
C GLY M 585 12.95 -31.33 16.00
N SER M 586 11.96 -30.50 15.68
CA SER M 586 12.13 -29.57 14.58
C SER M 586 11.35 -28.29 14.84
N GLU M 587 11.90 -27.13 14.44
CA GLU M 587 11.28 -25.85 14.77
C GLU M 587 10.57 -25.28 13.56
N VAL M 588 9.25 -25.35 13.58
CA VAL M 588 8.52 -24.71 12.50
C VAL M 588 8.65 -23.20 12.64
N PRO M 589 8.96 -22.51 11.59
CA PRO M 589 9.01 -21.05 11.62
C PRO M 589 7.72 -20.48 11.07
N TYR M 590 7.48 -19.21 11.39
CA TYR M 590 6.38 -18.44 10.86
C TYR M 590 6.99 -17.22 10.21
N GLN M 591 6.70 -16.99 8.95
CA GLN M 591 7.18 -15.79 8.30
C GLN M 591 6.21 -14.68 8.65
N GLU M 592 6.56 -13.87 9.66
CA GLU M 592 5.71 -12.78 10.08
C GLU M 592 6.58 -11.55 10.08
N ALA M 593 6.96 -11.09 8.90
CA ALA M 593 7.68 -9.83 8.86
C ALA M 593 6.62 -8.76 8.83
N SER M 594 6.26 -8.27 10.01
CA SER M 594 5.33 -7.17 10.09
C SER M 594 6.19 -5.99 9.72
N SER M 595 5.71 -5.21 8.76
CA SER M 595 6.55 -4.20 8.14
C SER M 595 7.19 -3.24 9.13
N SER M 596 6.44 -2.72 10.09
CA SER M 596 7.09 -1.68 10.89
C SER M 596 8.01 -2.22 11.96
N GLY M 597 9.13 -2.75 11.51
CA GLY M 597 10.10 -3.07 12.52
C GLY M 597 9.82 -4.28 13.36
N ALA M 598 8.86 -5.12 13.00
CA ALA M 598 8.72 -6.34 13.80
C ALA M 598 8.87 -7.52 12.86
N THR M 599 10.08 -8.02 12.75
CA THR M 599 10.31 -9.24 11.98
C THR M 599 10.24 -10.38 12.96
N SER M 600 9.13 -11.08 12.99
CA SER M 600 9.09 -12.26 13.82
C SER M 600 9.21 -13.39 12.83
N THR M 601 10.43 -13.89 12.73
CA THR M 601 10.61 -15.11 11.99
C THR M 601 10.31 -16.08 13.13
N SER M 602 9.02 -16.25 13.37
CA SER M 602 8.62 -17.00 14.53
C SER M 602 9.09 -18.42 14.35
N PHE M 603 9.30 -19.11 15.45
CA PHE M 603 9.63 -20.50 15.36
C PHE M 603 9.21 -21.13 16.66
N LYS M 604 9.11 -22.44 16.63
CA LYS M 604 8.80 -23.19 17.82
C LYS M 604 9.10 -24.62 17.45
N GLU M 605 9.85 -25.33 18.26
CA GLU M 605 10.22 -26.68 17.88
C GLU M 605 9.27 -27.70 18.50
N ALA M 606 8.67 -28.48 17.63
CA ALA M 606 7.86 -29.60 18.06
C ALA M 606 8.90 -30.67 18.34
N ALA M 607 9.09 -30.96 19.62
CA ALA M 607 10.20 -31.80 20.00
C ALA M 607 9.93 -32.48 21.32
N LEU M 608 10.73 -33.50 21.58
CA LEU M 608 10.81 -34.08 22.89
C LEU M 608 11.88 -33.27 23.60
N SER M 609 11.59 -32.82 24.82
CA SER M 609 12.58 -32.00 25.48
C SER M 609 12.46 -32.12 26.99
N LEU M 610 13.59 -31.94 27.65
CA LEU M 610 13.64 -31.88 29.10
C LEU M 610 14.41 -30.65 29.52
N GLU M 611 13.79 -29.82 30.33
CA GLU M 611 14.46 -28.69 30.96
C GLU M 611 14.45 -28.96 32.46
N VAL M 612 15.61 -29.27 33.01
CA VAL M 612 15.69 -29.73 34.39
C VAL M 612 16.53 -28.77 35.22
N THR M 613 16.06 -28.50 36.43
CA THR M 613 16.80 -27.72 37.42
C THR M 613 16.76 -28.53 38.73
N PRO M 614 17.71 -29.44 38.89
CA PRO M 614 17.75 -30.29 40.10
C PRO M 614 18.41 -29.64 41.31
N GLN M 615 17.78 -29.78 42.47
CA GLN M 615 18.36 -29.39 43.74
C GLN M 615 18.58 -30.66 44.55
N ILE M 616 19.81 -30.86 45.02
CA ILE M 616 20.18 -32.09 45.69
C ILE M 616 20.07 -31.93 47.20
N THR M 617 19.36 -32.83 47.83
CA THR M 617 19.24 -32.83 49.28
C THR M 617 20.20 -33.87 49.83
N PRO M 618 20.58 -33.83 51.11
CA PRO M 618 21.60 -34.80 51.56
C PRO M 618 21.13 -36.23 51.45
N ASP M 619 19.85 -36.49 51.76
CA ASP M 619 19.41 -37.88 51.82
C ASP M 619 19.15 -38.45 50.42
N ASN M 620 20.12 -38.27 49.52
CA ASN M 620 20.08 -38.89 48.21
C ASN M 620 18.75 -38.67 47.50
N ARG M 621 18.27 -37.43 47.54
CA ARG M 621 17.04 -37.10 46.84
C ARG M 621 17.26 -35.81 46.09
N ILE M 622 16.41 -35.59 45.11
CA ILE M 622 16.44 -34.35 44.36
C ILE M 622 15.04 -33.79 44.24
N ILE M 623 14.93 -32.50 44.51
CA ILE M 623 13.72 -31.78 44.18
C ILE M 623 14.08 -31.05 42.91
N VAL M 624 13.43 -31.38 41.82
CA VAL M 624 13.81 -30.82 40.53
C VAL M 624 12.61 -30.14 39.92
N GLU M 625 12.86 -28.97 39.34
CA GLU M 625 11.84 -28.33 38.50
C GLU M 625 12.11 -28.80 37.08
N VAL M 626 11.21 -29.60 36.53
CA VAL M 626 11.40 -30.17 35.22
C VAL M 626 10.23 -29.83 34.31
N LYS M 627 10.54 -29.29 33.15
CA LYS M 627 9.58 -29.12 32.07
C LYS M 627 9.82 -30.26 31.09
N VAL M 628 8.81 -31.08 30.86
CA VAL M 628 8.90 -32.24 29.97
C VAL M 628 7.92 -32.03 28.84
N THR M 629 8.42 -31.88 27.62
CA THR M 629 7.54 -31.58 26.51
C THR M 629 7.67 -32.62 25.40
N LYS M 630 6.55 -33.15 24.93
CA LYS M 630 6.53 -33.99 23.75
C LYS M 630 5.62 -33.32 22.75
N ASP M 631 6.19 -32.70 21.73
CA ASP M 631 5.40 -31.96 20.77
C ASP M 631 5.65 -32.50 19.38
N ALA M 632 4.58 -32.76 18.65
CA ALA M 632 4.73 -33.33 17.34
C ALA M 632 4.45 -32.28 16.26
N PRO M 633 5.32 -32.26 15.26
CA PRO M 633 5.20 -31.33 14.13
C PRO M 633 3.86 -31.43 13.44
N ASP M 634 3.21 -30.30 13.32
CA ASP M 634 1.86 -30.26 12.80
C ASP M 634 1.81 -30.63 11.31
N TYR M 635 0.77 -31.39 10.96
CA TYR M 635 0.53 -31.69 9.55
C TYR M 635 0.22 -30.42 8.75
N GLN M 636 -0.65 -29.57 9.30
CA GLN M 636 -1.07 -28.38 8.57
C GLN M 636 0.14 -27.49 8.29
N ASN M 637 1.15 -27.55 9.16
CA ASN M 637 2.39 -26.84 8.89
C ASN M 637 3.04 -27.39 7.65
N MET M 638 3.08 -28.72 7.56
CA MET M 638 3.58 -29.33 6.34
C MET M 638 2.68 -28.95 5.18
N LEU M 639 1.42 -28.63 5.45
CA LEU M 639 0.47 -28.18 4.44
C LEU M 639 0.69 -26.73 4.01
N ASN M 640 1.51 -25.96 4.74
CA ASN M 640 1.71 -24.54 4.48
C ASN M 640 0.41 -23.73 4.63
N GLY M 641 -0.44 -24.19 5.54
CA GLY M 641 -1.67 -23.51 5.89
C GLY M 641 -1.47 -22.91 7.25
N VAL M 642 -2.48 -22.95 8.11
CA VAL M 642 -2.34 -22.51 9.50
C VAL M 642 -1.92 -23.75 10.29
N PRO M 643 -0.70 -23.79 10.81
CA PRO M 643 -0.16 -24.99 11.45
C PRO M 643 -0.47 -25.16 12.92
N PRO M 644 -1.37 -26.07 13.29
CA PRO M 644 -1.55 -26.39 14.71
C PRO M 644 -0.62 -27.50 15.19
N ILE M 645 0.54 -27.14 15.76
CA ILE M 645 1.43 -28.16 16.31
C ILE M 645 0.76 -28.79 17.52
N ASN M 646 1.13 -30.04 17.84
CA ASN M 646 0.48 -30.70 18.97
C ASN M 646 1.46 -30.81 20.14
N LYS M 647 1.06 -30.32 21.30
CA LYS M 647 1.94 -30.29 22.48
C LYS M 647 1.39 -31.11 23.64
N ASN M 648 2.18 -32.04 24.14
CA ASN M 648 1.88 -32.72 25.40
C ASN M 648 3.00 -32.37 26.37
N GLU M 649 2.80 -31.39 27.24
CA GLU M 649 3.92 -30.98 28.09
C GLU M 649 3.48 -30.81 29.52
N VAL M 650 4.26 -31.35 30.46
CA VAL M 650 4.03 -31.17 31.88
C VAL M 650 5.23 -30.46 32.48
N ASN M 651 4.99 -29.40 33.23
CA ASN M 651 6.06 -28.66 33.90
C ASN M 651 5.77 -28.62 35.39
N ALA M 652 6.68 -29.14 36.20
CA ALA M 652 6.40 -29.21 37.62
C ALA M 652 7.69 -29.50 38.38
N LYS M 653 7.68 -29.18 39.68
CA LYS M 653 8.80 -29.44 40.56
C LYS M 653 8.41 -30.52 41.56
N ILE M 654 9.26 -31.54 41.67
CA ILE M 654 8.95 -32.69 42.52
C ILE M 654 10.18 -33.17 43.28
N LEU M 655 9.92 -33.88 44.38
CA LEU M 655 10.96 -34.48 45.20
C LEU M 655 10.94 -35.99 45.02
N VAL M 656 12.09 -36.59 44.69
CA VAL M 656 12.21 -38.04 44.60
C VAL M 656 13.57 -38.50 45.08
N ASN M 657 13.64 -39.75 45.55
CA ASN M 657 14.97 -40.27 45.82
C ASN M 657 15.62 -40.66 44.50
N ASP M 658 16.92 -40.88 44.55
CA ASP M 658 17.64 -41.20 43.32
C ASP M 658 17.14 -42.50 42.71
N GLY M 659 16.87 -43.50 43.53
CA GLY M 659 16.47 -44.76 42.97
C GLY M 659 15.00 -44.86 42.66
N GLU M 660 14.30 -43.73 42.63
CA GLU M 660 12.85 -43.74 42.56
C GLU M 660 12.33 -43.00 41.35
N THR M 661 11.28 -43.54 40.76
CA THR M 661 10.61 -42.94 39.62
C THR M 661 9.20 -42.57 39.99
N ILE M 662 8.78 -41.38 39.59
CA ILE M 662 7.38 -41.02 39.81
C ILE M 662 6.78 -40.56 38.50
N VAL M 663 5.45 -40.48 38.51
CA VAL M 663 4.70 -40.00 37.37
C VAL M 663 4.63 -38.51 37.53
N ILE M 664 5.36 -37.77 36.70
CA ILE M 664 5.22 -36.32 36.81
C ILE M 664 3.80 -35.96 36.50
N GLY M 665 3.25 -36.61 35.48
CA GLY M 665 1.88 -36.42 35.08
C GLY M 665 1.52 -37.47 34.06
N GLY M 666 0.23 -37.58 33.82
CA GLY M 666 -0.27 -38.46 32.78
C GLY M 666 -1.72 -38.17 32.54
N VAL M 667 -2.20 -38.60 31.38
CA VAL M 667 -3.62 -38.46 31.07
C VAL M 667 -4.09 -39.66 30.26
N PHE M 668 -5.23 -40.22 30.68
CA PHE M 668 -5.90 -41.27 29.92
C PHE M 668 -7.17 -40.71 29.29
N SER M 669 -7.29 -40.85 27.98
CA SER M 669 -8.48 -40.44 27.25
C SER M 669 -9.23 -41.69 26.79
N ASN M 670 -10.41 -41.91 27.35
CA ASN M 670 -11.23 -43.06 27.03
C ASN M 670 -12.42 -42.62 26.19
N GLU M 671 -12.42 -42.97 24.91
CA GLU M 671 -13.50 -42.63 24.02
C GLU M 671 -14.38 -43.85 23.81
N GLN M 672 -15.66 -43.73 24.15
CA GLN M 672 -16.62 -44.80 23.91
C GLN M 672 -17.76 -44.26 23.07
N SER M 673 -17.88 -44.71 21.83
CA SER M 673 -18.89 -44.23 20.92
C SER M 673 -19.75 -45.40 20.46
N LYS M 674 -21.07 -45.25 20.56
CA LYS M 674 -22.00 -46.24 20.06
C LYS M 674 -23.05 -45.54 19.22
N SER M 675 -23.31 -46.07 18.03
CA SER M 675 -24.29 -45.49 17.12
C SER M 675 -25.14 -46.62 16.56
N VAL M 676 -26.45 -46.52 16.71
CA VAL M 676 -27.35 -47.51 16.14
C VAL M 676 -28.35 -46.81 15.23
N GLU M 677 -28.46 -47.31 14.01
CA GLU M 677 -29.35 -46.76 13.00
C GLU M 677 -30.29 -47.86 12.53
N LYS M 678 -31.60 -47.63 12.63
CA LYS M 678 -32.53 -48.69 12.31
C LYS M 678 -33.85 -48.19 11.74
N VAL M 679 -34.26 -48.78 10.63
CA VAL M 679 -35.65 -48.55 10.22
C VAL M 679 -36.55 -49.12 11.31
N PRO M 680 -37.53 -48.39 11.82
CA PRO M 680 -38.23 -48.88 13.02
C PRO M 680 -38.94 -50.22 12.87
N PHE M 681 -39.76 -50.41 11.84
CA PHE M 681 -40.54 -51.65 11.79
C PHE M 681 -39.64 -52.86 11.57
N LEU M 682 -38.76 -52.78 10.57
CA LEU M 682 -37.86 -53.88 10.28
C LEU M 682 -36.81 -54.02 11.38
N GLY M 683 -36.36 -52.90 11.93
CA GLY M 683 -35.39 -52.96 13.01
C GLY M 683 -35.94 -53.72 14.20
N GLU M 684 -37.24 -53.62 14.43
CA GLU M 684 -37.87 -54.33 15.54
C GLU M 684 -37.70 -55.84 15.42
N LEU M 685 -37.79 -56.37 14.22
CA LEU M 685 -37.72 -57.81 14.02
C LEU M 685 -36.41 -58.37 14.57
N PRO M 686 -36.44 -59.46 15.34
CA PRO M 686 -35.20 -59.99 15.92
C PRO M 686 -34.24 -60.52 14.87
N TYR M 687 -34.75 -61.25 13.88
CA TYR M 687 -33.88 -61.86 12.88
C TYR M 687 -33.57 -60.92 11.74
N LEU M 688 -34.36 -59.87 11.60
CA LEU M 688 -34.18 -58.93 10.51
C LEU M 688 -33.71 -57.58 11.02
N GLY M 689 -33.77 -57.36 12.34
CA GLY M 689 -33.24 -56.13 12.86
C GLY M 689 -31.76 -56.04 12.58
N ARG M 690 -31.05 -57.15 12.76
CA ARG M 690 -29.64 -57.17 12.40
C ARG M 690 -29.49 -56.82 10.95
N LEU M 691 -30.45 -57.25 10.13
CA LEU M 691 -30.47 -56.95 8.72
C LEU M 691 -31.06 -55.58 8.45
N PHE M 692 -31.53 -54.90 9.50
CA PHE M 692 -32.08 -53.56 9.33
C PHE M 692 -31.63 -52.61 10.42
N ARG M 693 -30.61 -52.95 11.19
CA ARG M 693 -30.03 -52.05 12.18
C ARG M 693 -28.57 -51.84 11.81
N ARG M 694 -28.19 -50.59 11.58
CA ARG M 694 -26.85 -50.23 11.19
C ARG M 694 -26.10 -49.81 12.43
N ASP M 695 -25.14 -50.63 12.84
CA ASP M 695 -24.45 -50.43 14.11
C ASP M 695 -23.02 -49.97 13.88
N THR M 696 -22.66 -48.87 14.50
CA THR M 696 -21.26 -48.44 14.52
C THR M 696 -20.87 -48.26 15.97
N VAL M 697 -19.91 -49.05 16.43
CA VAL M 697 -19.38 -48.94 17.79
C VAL M 697 -17.90 -48.72 17.70
N THR M 698 -17.42 -47.64 18.30
CA THR M 698 -16.00 -47.33 18.30
C THR M 698 -15.53 -47.06 19.72
N ASP M 699 -14.46 -47.74 20.13
CA ASP M 699 -13.81 -47.52 21.40
C ASP M 699 -12.37 -47.14 21.09
N ARG M 700 -11.99 -45.90 21.37
CA ARG M 700 -10.62 -45.46 21.19
C ARG M 700 -10.13 -44.97 22.53
N LYS M 701 -9.08 -45.59 23.06
CA LYS M 701 -8.52 -45.13 24.32
C LYS M 701 -7.04 -44.88 24.15
N ASN M 702 -6.65 -43.63 24.31
CA ASN M 702 -5.25 -43.22 24.23
C ASN M 702 -4.85 -42.64 25.57
N GLU M 703 -3.76 -43.15 26.13
CA GLU M 703 -3.22 -42.64 27.38
C GLU M 703 -1.78 -42.22 27.18
N LEU M 704 -1.42 -41.07 27.76
CA LEU M 704 -0.04 -40.60 27.74
C LEU M 704 0.45 -40.38 29.17
N LEU M 705 1.64 -40.90 29.49
CA LEU M 705 2.18 -40.73 30.82
C LEU M 705 3.69 -40.45 30.77
N VAL M 706 4.16 -39.56 31.65
CA VAL M 706 5.59 -39.25 31.73
C VAL M 706 6.15 -39.64 33.12
N PHE M 707 7.17 -40.50 33.12
CA PHE M 707 7.86 -40.85 34.36
C PHE M 707 9.19 -40.12 34.46
N LEU M 708 9.78 -40.19 35.65
CA LEU M 708 11.13 -39.66 35.80
C LEU M 708 11.87 -40.37 36.92
N THR M 709 13.18 -40.62 36.69
CA THR M 709 14.12 -41.15 37.69
C THR M 709 15.47 -40.45 37.62
N PRO M 710 15.96 -39.90 38.71
CA PRO M 710 17.30 -39.31 38.67
C PRO M 710 18.34 -40.22 39.31
N ARG M 711 19.41 -40.56 38.62
CA ARG M 711 20.49 -41.34 39.21
C ARG M 711 21.65 -40.37 39.41
N ILE M 712 21.99 -40.07 40.66
CA ILE M 712 23.02 -39.08 40.89
C ILE M 712 24.31 -39.57 40.27
N MET M 713 24.95 -38.71 39.50
CA MET M 713 26.19 -39.10 38.88
C MET M 713 27.35 -38.85 39.82
N ASN M 714 27.08 -38.18 40.93
CA ASN M 714 28.11 -38.02 41.97
C ASN M 714 28.53 -39.37 42.50
N ASN M 715 27.63 -40.35 42.48
CA ASN M 715 27.97 -41.67 42.98
C ASN M 715 29.20 -42.16 42.26
N GLN M 716 29.35 -41.76 41.00
CA GLN M 716 30.53 -42.06 40.22
C GLN M 716 31.47 -40.89 40.22
N ALA M 717 30.92 -39.67 40.23
CA ALA M 717 31.74 -38.46 40.18
C ALA M 717 32.49 -38.25 41.48
N ILE M 718 31.89 -38.60 42.62
CA ILE M 718 32.62 -38.46 43.88
C ILE M 718 33.73 -39.51 43.94
N ALA M 719 33.45 -40.73 43.50
CA ALA M 719 34.48 -41.75 43.46
C ALA M 719 35.46 -41.45 42.33
N ILE M 720 35.08 -40.55 41.44
CA ILE M 720 35.92 -40.03 40.38
C ILE M 720 36.24 -38.55 40.59
N LEU N 385 31.28 -14.22 69.88
CA LEU N 385 30.50 -14.67 68.74
C LEU N 385 31.17 -15.89 68.12
N ARG N 386 30.37 -16.80 67.59
CA ARG N 386 30.87 -18.04 67.02
C ARG N 386 30.47 -18.13 65.55
N ARG N 387 31.40 -18.61 64.73
CA ARG N 387 31.14 -18.85 63.31
C ARG N 387 30.70 -20.28 63.12
N GLU N 388 29.52 -20.49 62.53
CA GLU N 388 28.99 -21.82 62.30
C GLU N 388 28.51 -21.97 60.87
N LEU N 389 28.79 -23.13 60.27
CA LEU N 389 28.32 -23.46 58.93
C LEU N 389 27.13 -24.41 59.01
N ILE N 390 25.99 -24.00 58.47
CA ILE N 390 24.82 -24.85 58.37
C ILE N 390 24.40 -24.91 56.92
N GLN N 391 24.14 -26.10 56.41
CA GLN N 391 23.73 -26.29 55.03
C GLN N 391 22.23 -26.52 54.98
N VAL N 392 21.53 -25.73 54.18
CA VAL N 392 20.08 -25.85 54.05
C VAL N 392 19.76 -26.32 52.63
N ASN N 393 19.37 -27.59 52.51
CA ASN N 393 18.97 -28.11 51.21
C ASN N 393 17.54 -27.71 50.84
N TYR N 394 16.63 -27.72 51.80
CA TYR N 394 15.24 -27.46 51.44
C TYR N 394 14.91 -25.98 51.54
N ALA N 395 15.80 -25.20 52.12
CA ALA N 395 15.60 -23.78 52.35
C ALA N 395 16.60 -22.98 51.54
N LYS N 396 16.12 -21.96 50.86
CA LYS N 396 17.02 -21.06 50.15
C LYS N 396 17.90 -20.32 51.16
N ALA N 397 19.17 -20.15 50.81
CA ALA N 397 20.10 -19.47 51.73
C ALA N 397 19.65 -18.04 52.01
N ALA N 398 19.12 -17.36 50.99
CA ALA N 398 18.62 -16.01 51.21
C ALA N 398 17.48 -16.01 52.22
N ASP N 399 16.63 -17.03 52.15
CA ASP N 399 15.53 -17.12 53.11
C ASP N 399 16.06 -17.26 54.52
N ILE N 400 17.10 -18.08 54.70
CA ILE N 400 17.73 -18.23 56.01
C ILE N 400 18.32 -16.91 56.46
N ALA N 401 18.90 -16.16 55.52
CA ALA N 401 19.43 -14.85 55.87
C ALA N 401 18.32 -13.95 56.38
N LYS N 402 17.14 -14.03 55.74
CA LYS N 402 16.00 -13.27 56.19
C LYS N 402 15.57 -13.71 57.59
N LEU N 403 15.64 -15.02 57.84
CA LEU N 403 15.31 -15.51 59.18
C LEU N 403 16.29 -14.95 60.20
N PHE N 404 17.56 -14.89 59.86
CA PHE N 404 18.54 -14.30 60.77
C PHE N 404 18.26 -12.82 60.95
N GLN N 405 17.84 -12.14 59.88
CA GLN N 405 17.49 -10.73 60.01
C GLN N 405 16.35 -10.57 60.98
N SER N 406 15.39 -11.48 60.91
CA SER N 406 14.29 -11.48 61.86
C SER N 406 14.83 -11.73 63.27
N VAL N 407 15.83 -12.61 63.37
CA VAL N 407 16.45 -12.89 64.65
C VAL N 407 17.06 -11.61 65.22
N THR N 408 17.69 -10.83 64.36
CA THR N 408 18.23 -9.54 64.78
C THR N 408 17.13 -8.58 65.20
N SER N 409 16.00 -8.61 64.48
CA SER N 409 14.84 -7.82 64.86
C SER N 409 14.35 -8.21 66.24
N ASP N 410 14.55 -9.49 66.61
CA ASP N 410 14.11 -9.94 67.93
C ASP N 410 14.73 -9.09 69.03
N GLY N 411 16.01 -8.76 68.89
CA GLY N 411 16.66 -7.89 69.84
C GLY N 411 17.93 -7.25 69.28
N GLY N 421 27.26 -10.69 64.34
CA GLY N 421 26.10 -10.74 63.48
C GLY N 421 26.45 -10.66 62.01
N SER N 422 27.27 -11.60 61.56
CA SER N 422 27.73 -11.64 60.18
C SER N 422 27.18 -12.88 59.49
N ILE N 423 26.62 -12.70 58.30
CA ILE N 423 25.98 -13.78 57.56
C ILE N 423 26.68 -13.98 56.21
N THR N 424 26.93 -15.24 55.86
CA THR N 424 27.57 -15.61 54.60
C THR N 424 26.71 -16.63 53.89
N VAL N 425 26.48 -16.44 52.60
CA VAL N 425 25.61 -17.32 51.82
C VAL N 425 26.43 -17.98 50.72
N ASP N 426 26.38 -19.31 50.65
CA ASP N 426 26.99 -20.08 49.58
C ASP N 426 25.87 -20.59 48.69
N ASP N 427 25.78 -20.06 47.48
CA ASP N 427 24.71 -20.44 46.56
C ASP N 427 24.85 -21.88 46.09
N ARG N 428 26.07 -22.31 45.76
CA ARG N 428 26.22 -23.63 45.16
C ARG N 428 25.78 -24.71 46.13
N THR N 429 26.20 -24.61 47.38
CA THR N 429 25.82 -25.59 48.38
C THR N 429 24.58 -25.16 49.14
N ASN N 430 24.11 -23.93 48.91
CA ASN N 430 22.99 -23.37 49.66
C ASN N 430 23.30 -23.44 51.14
N SER N 431 24.55 -23.16 51.49
CA SER N 431 25.00 -23.30 52.87
C SER N 431 25.31 -21.92 53.43
N ILE N 432 24.76 -21.64 54.60
CA ILE N 432 24.90 -20.33 55.23
C ILE N 432 25.84 -20.49 56.42
N ILE N 433 26.86 -19.64 56.48
CA ILE N 433 27.76 -19.60 57.61
C ILE N 433 27.53 -18.28 58.33
N ALA N 434 27.20 -18.35 59.60
CA ALA N 434 26.93 -17.14 60.37
C ALA N 434 27.89 -17.08 61.53
N TYR N 435 28.59 -15.96 61.66
CA TYR N 435 29.45 -15.71 62.81
C TYR N 435 28.72 -14.68 63.64
N GLN N 436 28.18 -15.10 64.77
CA GLN N 436 27.32 -14.21 65.54
C GLN N 436 27.14 -14.78 66.94
N PRO N 437 26.42 -14.11 67.84
CA PRO N 437 26.28 -14.64 69.20
C PRO N 437 25.69 -16.05 69.17
N GLN N 438 26.15 -16.86 70.13
CA GLN N 438 25.78 -18.27 70.14
C GLN N 438 24.26 -18.44 70.24
N GLU N 439 23.61 -17.64 71.06
CA GLU N 439 22.17 -17.83 71.28
C GLU N 439 21.40 -17.57 69.99
N ARG N 440 21.72 -16.47 69.30
CA ARG N 440 21.06 -16.19 68.02
C ARG N 440 21.38 -17.30 67.04
N LEU N 441 22.60 -17.81 67.09
CA LEU N 441 23.03 -18.88 66.20
C LEU N 441 22.14 -20.09 66.41
N ASP N 442 21.91 -20.45 67.66
CA ASP N 442 21.12 -21.64 67.98
C ASP N 442 19.66 -21.44 67.56
N GLU N 443 19.12 -20.26 67.83
CA GLU N 443 17.73 -20.02 67.46
C GLU N 443 17.58 -20.12 65.95
N LEU N 444 18.52 -19.54 65.22
CA LEU N 444 18.46 -19.60 63.77
C LEU N 444 18.56 -21.04 63.32
N ARG N 445 19.38 -21.83 64.02
CA ARG N 445 19.50 -23.25 63.70
C ARG N 445 18.16 -23.96 63.84
N ARG N 446 17.41 -23.64 64.89
CA ARG N 446 16.08 -24.23 65.05
C ARG N 446 15.18 -23.82 63.90
N ILE N 447 15.23 -22.54 63.53
CA ILE N 447 14.44 -22.08 62.40
C ILE N 447 14.84 -22.85 61.15
N VAL N 448 16.13 -23.12 61.01
CA VAL N 448 16.64 -23.89 59.89
C VAL N 448 16.04 -25.27 59.88
N SER N 449 15.96 -25.89 61.06
CA SER N 449 15.40 -27.23 61.16
C SER N 449 13.95 -27.22 60.71
N GLN N 450 13.19 -26.21 61.13
CA GLN N 450 11.80 -26.11 60.72
C GLN N 450 11.68 -25.88 59.21
N LEU N 451 12.49 -24.97 58.67
CA LEU N 451 12.40 -24.62 57.26
C LEU N 451 12.81 -25.76 56.33
N ASP N 452 13.86 -26.49 56.69
CA ASP N 452 14.36 -27.53 55.80
C ASP N 452 13.47 -28.76 55.96
N ILE N 453 12.22 -28.57 55.55
CA ILE N 453 11.20 -29.61 55.63
C ILE N 453 10.78 -29.99 54.22
N PRO N 454 10.63 -31.26 53.91
CA PRO N 454 10.29 -31.66 52.53
C PRO N 454 8.95 -31.11 52.12
N VAL N 455 8.91 -30.50 50.94
CA VAL N 455 7.66 -30.02 50.39
C VAL N 455 6.80 -31.22 49.99
N ARG N 456 5.53 -31.18 50.34
CA ARG N 456 4.65 -32.32 50.12
C ARG N 456 4.01 -32.27 48.74
N GLN N 457 4.34 -33.24 47.91
CA GLN N 457 3.72 -33.40 46.60
C GLN N 457 2.41 -34.14 46.74
N VAL N 458 1.43 -33.76 45.93
CA VAL N 458 0.15 -34.45 45.87
C VAL N 458 -0.17 -34.76 44.42
N MET N 459 -0.73 -35.93 44.18
CA MET N 459 -1.15 -36.34 42.86
C MET N 459 -2.61 -35.90 42.70
N ILE N 460 -2.85 -35.00 41.76
CA ILE N 460 -4.17 -34.44 41.53
C ILE N 460 -4.74 -35.13 40.31
N GLU N 461 -5.90 -35.75 40.46
CA GLU N 461 -6.54 -36.44 39.35
C GLU N 461 -7.92 -35.83 39.14
N ALA N 462 -8.06 -35.03 38.09
CA ALA N 462 -9.36 -34.47 37.74
C ALA N 462 -9.80 -35.11 36.44
N ARG N 463 -10.95 -35.75 36.43
CA ARG N 463 -11.39 -36.47 35.25
C ARG N 463 -12.65 -35.85 34.66
N ILE N 464 -12.68 -35.79 33.34
CA ILE N 464 -13.76 -35.22 32.57
C ILE N 464 -14.58 -36.34 31.96
N VAL N 465 -15.89 -36.30 32.20
CA VAL N 465 -16.81 -37.28 31.67
C VAL N 465 -17.84 -36.56 30.80
N GLU N 466 -17.92 -36.97 29.54
CA GLU N 466 -18.91 -36.43 28.61
C GLU N 466 -19.81 -37.55 28.14
N ALA N 467 -21.12 -37.37 28.30
CA ALA N 467 -22.09 -38.35 27.83
C ALA N 467 -23.07 -37.68 26.88
N ASN N 468 -23.22 -38.25 25.69
CA ASN N 468 -24.16 -37.74 24.71
C ASN N 468 -25.10 -38.85 24.30
N VAL N 469 -26.39 -38.64 24.49
CA VAL N 469 -27.41 -39.59 24.04
C VAL N 469 -28.33 -38.86 23.07
N GLY N 470 -28.43 -39.37 21.84
CA GLY N 470 -29.28 -38.74 20.86
C GLY N 470 -30.24 -39.69 20.18
N TYR N 471 -31.54 -39.43 20.27
CA TYR N 471 -32.54 -40.20 19.53
C TYR N 471 -33.34 -39.25 18.66
N ASP N 472 -33.29 -39.45 17.34
CA ASP N 472 -34.03 -38.61 16.42
C ASP N 472 -34.82 -39.48 15.45
N LYS N 473 -36.12 -39.25 15.35
CA LYS N 473 -36.94 -39.97 14.38
C LYS N 473 -37.69 -39.00 13.49
N SER N 474 -37.62 -39.22 12.18
CA SER N 474 -38.33 -38.39 11.22
C SER N 474 -39.14 -39.26 10.27
N LEU N 475 -40.43 -38.94 10.14
CA LEU N 475 -41.32 -39.63 9.20
C LEU N 475 -41.95 -38.60 8.27
N GLY N 476 -41.69 -38.76 6.98
CA GLY N 476 -42.28 -38.03 5.89
C GLY N 476 -43.26 -38.90 5.11
N VAL N 477 -44.53 -38.53 5.13
CA VAL N 477 -45.59 -39.31 4.51
C VAL N 477 -46.07 -38.58 3.27
N ARG N 478 -46.09 -39.27 2.12
CA ARG N 478 -46.31 -38.62 0.84
C ARG N 478 -47.35 -39.37 0.03
N TRP N 479 -48.32 -38.63 -0.52
CA TRP N 479 -49.39 -39.21 -1.33
C TRP N 479 -49.50 -38.42 -2.63
N GLY N 480 -48.86 -38.90 -3.70
CA GLY N 480 -48.87 -38.14 -4.93
C GLY N 480 -49.46 -38.83 -6.14
N GLY N 481 -50.49 -38.24 -6.72
CA GLY N 481 -51.05 -38.71 -7.96
C GLY N 481 -51.24 -37.57 -8.93
N ALA N 482 -50.62 -37.62 -10.10
CA ALA N 482 -50.86 -36.58 -11.09
C ALA N 482 -51.97 -36.97 -12.05
N TYR N 483 -52.47 -38.20 -11.95
CA TYR N 483 -53.48 -38.68 -12.88
C TYR N 483 -54.72 -37.83 -12.76
N HIS N 484 -55.18 -37.60 -11.53
CA HIS N 484 -56.30 -36.71 -11.28
C HIS N 484 -55.88 -35.45 -10.55
N LYS N 485 -54.58 -35.14 -10.57
CA LYS N 485 -53.99 -33.96 -9.93
C LYS N 485 -54.27 -33.88 -8.42
N GLY N 486 -54.10 -35.00 -7.72
CA GLY N 486 -54.19 -34.96 -6.28
C GLY N 486 -52.88 -35.39 -5.65
N ASN N 487 -52.11 -34.47 -5.07
CA ASN N 487 -50.79 -34.83 -4.55
C ASN N 487 -50.45 -33.96 -3.35
N TRP N 488 -50.31 -34.62 -2.21
CA TRP N 488 -49.93 -34.00 -0.96
C TRP N 488 -48.52 -34.45 -0.62
N SER N 489 -47.66 -33.47 -0.35
CA SER N 489 -46.25 -33.71 -0.11
C SER N 489 -45.94 -33.83 1.37
N GLY N 490 -45.00 -34.70 1.70
CA GLY N 490 -44.56 -34.83 3.06
C GLY N 490 -43.63 -33.69 3.42
N TYR N 491 -43.18 -33.70 4.64
CA TYR N 491 -42.21 -32.69 5.00
C TYR N 491 -41.00 -33.24 5.74
N GLY N 492 -41.19 -34.17 6.69
CA GLY N 492 -40.03 -34.74 7.35
C GLY N 492 -39.13 -35.42 6.35
N LYS N 493 -39.71 -36.20 5.45
CA LYS N 493 -39.03 -36.74 4.29
C LYS N 493 -40.01 -36.45 3.15
N ASP N 494 -40.00 -35.21 2.71
CA ASP N 494 -40.99 -34.67 1.77
C ASP N 494 -41.16 -35.52 0.52
N GLY N 495 -42.42 -35.77 0.15
CA GLY N 495 -42.69 -36.47 -1.09
C GLY N 495 -43.96 -36.01 -1.79
N ASN N 496 -43.84 -35.52 -3.03
CA ASN N 496 -45.00 -35.10 -3.82
C ASN N 496 -44.84 -35.70 -5.20
N ILE N 497 -45.44 -36.87 -5.37
CA ILE N 497 -45.27 -37.71 -6.54
C ILE N 497 -45.96 -37.08 -7.75
N GLY N 498 -46.62 -35.94 -7.58
CA GLY N 498 -47.13 -35.25 -8.77
C GLY N 498 -45.99 -34.77 -9.66
N ILE N 499 -44.97 -34.16 -9.04
CA ILE N 499 -43.79 -33.77 -9.81
C ILE N 499 -43.04 -35.02 -10.25
N LYS N 500 -43.13 -36.10 -9.49
CA LYS N 500 -42.51 -37.34 -9.92
C LYS N 500 -43.19 -37.85 -11.17
N ASP N 501 -44.50 -37.65 -11.25
CA ASP N 501 -45.21 -37.98 -12.47
C ASP N 501 -44.74 -37.09 -13.59
N GLU N 502 -44.42 -35.84 -13.27
CA GLU N 502 -43.83 -34.96 -14.28
C GLU N 502 -42.52 -35.54 -14.81
N ASP N 503 -41.68 -36.02 -13.89
CA ASP N 503 -40.41 -36.61 -14.28
C ASP N 503 -40.66 -37.86 -15.11
N GLY N 504 -41.67 -38.65 -14.74
CA GLY N 504 -42.00 -39.82 -15.53
C GLY N 504 -42.46 -39.43 -16.92
N MET N 505 -43.28 -38.39 -17.01
CA MET N 505 -43.72 -37.90 -18.31
C MET N 505 -42.50 -37.53 -19.14
N ASN N 506 -41.46 -37.03 -18.47
CA ASN N 506 -40.20 -36.79 -19.15
C ASN N 506 -39.62 -38.11 -19.65
N CYS N 507 -39.76 -39.17 -18.85
CA CYS N 507 -39.31 -40.50 -19.27
C CYS N 507 -39.99 -40.96 -20.56
N GLY N 508 -41.28 -40.67 -20.73
CA GLY N 508 -41.95 -40.99 -21.98
C GLY N 508 -43.31 -41.69 -22.01
N PRO N 509 -44.00 -41.88 -20.89
CA PRO N 509 -45.32 -42.52 -20.97
C PRO N 509 -46.37 -41.59 -21.55
N ILE N 510 -47.46 -42.21 -22.00
CA ILE N 510 -48.61 -41.49 -22.53
C ILE N 510 -49.59 -41.23 -21.39
N ALA N 511 -49.80 -39.97 -21.02
CA ALA N 511 -50.80 -39.61 -20.02
C ALA N 511 -51.82 -38.65 -20.65
N GLY N 512 -53.09 -39.04 -20.60
CA GLY N 512 -54.19 -38.23 -21.12
C GLY N 512 -55.25 -37.96 -20.08
N SER N 513 -55.64 -36.69 -19.87
CA SER N 513 -56.70 -36.38 -18.91
C SER N 513 -57.50 -35.19 -19.41
N CYS N 514 -58.72 -35.44 -19.89
CA CYS N 514 -59.52 -34.35 -20.45
C CYS N 514 -60.44 -33.68 -19.43
N THR N 515 -60.74 -34.36 -18.33
CA THR N 515 -61.58 -33.85 -17.26
C THR N 515 -61.08 -34.52 -16.00
N PHE N 516 -61.51 -34.02 -14.85
CA PHE N 516 -61.09 -34.69 -13.63
C PHE N 516 -61.55 -36.14 -13.57
N PRO N 517 -62.76 -36.52 -14.02
CA PRO N 517 -63.10 -37.95 -14.00
C PRO N 517 -62.22 -38.79 -14.93
N THR N 518 -61.85 -38.27 -16.09
CA THR N 518 -61.18 -39.06 -17.12
C THR N 518 -59.70 -38.78 -17.22
N THR N 519 -58.91 -39.83 -17.02
CA THR N 519 -57.46 -39.83 -17.18
C THR N 519 -57.01 -41.26 -17.47
N GLY N 520 -55.84 -41.38 -18.06
CA GLY N 520 -55.24 -42.68 -18.33
C GLY N 520 -53.79 -42.56 -18.75
N THR N 521 -52.90 -43.40 -18.27
CA THR N 521 -51.51 -43.34 -18.73
C THR N 521 -50.98 -44.75 -18.93
N SER N 522 -50.04 -44.86 -19.88
CA SER N 522 -49.40 -46.12 -20.21
C SER N 522 -47.92 -45.91 -20.46
N LYS N 523 -47.15 -47.00 -20.45
CA LYS N 523 -45.71 -46.97 -20.73
C LYS N 523 -44.97 -46.09 -19.73
N SER N 524 -45.32 -46.22 -18.45
CA SER N 524 -44.72 -45.41 -17.40
C SER N 524 -43.50 -46.11 -16.83
N PRO N 525 -42.30 -45.59 -17.04
CA PRO N 525 -41.10 -46.17 -16.40
C PRO N 525 -40.67 -45.41 -15.16
N SER N 526 -41.42 -44.36 -14.80
CA SER N 526 -41.04 -43.53 -13.66
C SER N 526 -41.05 -44.25 -12.33
N PRO N 527 -42.00 -45.12 -12.00
CA PRO N 527 -42.00 -45.67 -10.64
C PRO N 527 -40.73 -46.41 -10.28
N PHE N 528 -40.26 -47.34 -11.11
CA PHE N 528 -39.09 -48.14 -10.69
C PHE N 528 -37.83 -47.30 -10.54
N VAL N 529 -37.61 -46.29 -11.38
CA VAL N 529 -36.37 -45.54 -11.25
C VAL N 529 -36.57 -44.34 -10.32
N ASP N 530 -37.61 -43.56 -10.55
CA ASP N 530 -37.82 -42.35 -9.78
C ASP N 530 -38.09 -42.68 -8.33
N LEU N 531 -38.95 -43.67 -8.05
CA LEU N 531 -39.21 -44.05 -6.67
C LEU N 531 -37.95 -44.60 -6.01
N GLY N 532 -37.19 -45.43 -6.72
CA GLY N 532 -36.01 -46.02 -6.10
C GLY N 532 -35.02 -44.96 -5.64
N ALA N 533 -34.70 -44.00 -6.52
CA ALA N 533 -33.72 -43.00 -6.13
C ALA N 533 -34.31 -42.02 -5.14
N LYS N 534 -35.51 -41.51 -5.43
CA LYS N 534 -36.12 -40.50 -4.59
C LYS N 534 -36.31 -41.04 -3.19
N ASP N 535 -36.70 -42.31 -3.10
CA ASP N 535 -37.05 -42.98 -1.87
C ASP N 535 -35.87 -43.74 -1.28
N ALA N 536 -34.67 -43.48 -1.79
CA ALA N 536 -33.50 -44.20 -1.31
C ALA N 536 -33.29 -43.98 0.19
N THR N 537 -33.68 -42.82 0.70
CA THR N 537 -33.40 -42.44 2.09
C THR N 537 -33.95 -43.49 3.05
N SER N 538 -33.25 -43.66 4.17
CA SER N 538 -33.50 -44.65 5.22
C SER N 538 -34.56 -45.66 4.85
N GLY N 539 -35.77 -45.49 5.39
CA GLY N 539 -36.83 -46.46 5.19
C GLY N 539 -37.91 -45.86 4.29
N ILE N 540 -38.32 -46.63 3.29
CA ILE N 540 -39.38 -46.18 2.40
C ILE N 540 -40.26 -47.35 2.04
N GLY N 541 -41.56 -47.10 1.99
CA GLY N 541 -42.52 -48.05 1.47
C GLY N 541 -43.29 -47.39 0.35
N ILE N 542 -43.32 -47.98 -0.84
CA ILE N 542 -44.03 -47.39 -1.98
C ILE N 542 -45.16 -48.32 -2.41
N GLY N 543 -46.34 -47.74 -2.63
CA GLY N 543 -47.46 -48.44 -3.23
C GLY N 543 -47.93 -47.63 -4.42
N PHE N 544 -47.95 -48.21 -5.61
CA PHE N 544 -48.30 -47.43 -6.79
C PHE N 544 -49.36 -48.09 -7.65
N ILE N 545 -50.32 -47.28 -8.09
CA ILE N 545 -51.27 -47.68 -9.13
C ILE N 545 -51.01 -46.75 -10.30
N THR N 546 -51.06 -47.29 -11.52
CA THR N 546 -50.94 -46.40 -12.66
C THR N 546 -52.00 -46.60 -13.72
N ASP N 547 -52.44 -47.84 -13.90
CA ASP N 547 -53.30 -48.16 -15.03
C ASP N 547 -54.68 -47.54 -14.88
N ASN N 548 -55.35 -47.79 -13.75
CA ASN N 548 -56.65 -47.19 -13.51
C ASN N 548 -56.50 -45.73 -13.14
N ILE N 549 -55.58 -45.44 -12.21
CA ILE N 549 -55.30 -44.11 -11.72
C ILE N 549 -53.83 -44.19 -11.34
N ILE N 550 -53.11 -43.08 -11.34
CA ILE N 550 -51.74 -43.13 -10.84
C ILE N 550 -51.77 -42.54 -9.44
N LEU N 551 -51.58 -43.41 -8.45
CA LEU N 551 -51.54 -43.01 -7.05
C LEU N 551 -50.30 -43.64 -6.45
N ASP N 552 -49.33 -42.81 -6.09
CA ASP N 552 -48.09 -43.27 -5.50
C ASP N 552 -48.08 -42.85 -4.03
N LEU N 553 -48.03 -43.82 -3.13
CA LEU N 553 -48.11 -43.56 -1.70
C LEU N 553 -46.86 -44.10 -1.03
N GLN N 554 -46.02 -43.21 -0.53
CA GLN N 554 -44.76 -43.61 0.09
C GLN N 554 -44.75 -43.19 1.55
N LEU N 555 -44.14 -44.04 2.37
CA LEU N 555 -43.91 -43.75 3.78
C LEU N 555 -42.41 -43.77 3.99
N SER N 556 -41.84 -42.64 4.37
CA SER N 556 -40.39 -42.51 4.52
C SER N 556 -40.03 -42.25 5.99
N ALA N 557 -39.38 -43.20 6.63
CA ALA N 557 -39.09 -43.10 8.05
C ALA N 557 -37.62 -43.38 8.35
N MET N 558 -37.05 -42.58 9.24
CA MET N 558 -35.67 -42.72 9.68
C MET N 558 -35.61 -42.62 11.20
N GLU N 559 -34.92 -43.56 11.84
CA GLU N 559 -34.71 -43.51 13.28
C GLU N 559 -33.22 -43.65 13.59
N LYS N 560 -32.66 -42.70 14.31
CA LYS N 560 -31.24 -42.70 14.63
C LYS N 560 -31.03 -42.63 16.13
N THR N 561 -30.18 -43.52 16.64
CA THR N 561 -29.79 -43.48 18.05
C THR N 561 -28.28 -43.51 18.15
N GLY N 562 -27.72 -42.52 18.85
CA GLY N 562 -26.29 -42.46 19.05
C GLY N 562 -25.92 -42.25 20.51
N ASN N 563 -25.05 -43.09 21.05
CA ASN N 563 -24.55 -42.88 22.41
C ASN N 563 -23.04 -42.73 22.36
N GLY N 564 -22.55 -41.59 22.85
CA GLY N 564 -21.13 -41.34 22.91
C GLY N 564 -20.65 -41.05 24.32
N GLU N 565 -19.64 -41.78 24.79
CA GLU N 565 -19.05 -41.52 26.09
C GLU N 565 -17.57 -41.22 25.94
N ILE N 566 -17.14 -40.09 26.49
CA ILE N 566 -15.73 -39.70 26.49
C ILE N 566 -15.28 -39.55 27.92
N VAL N 567 -14.23 -40.28 28.29
CA VAL N 567 -13.68 -40.23 29.64
C VAL N 567 -12.21 -39.88 29.52
N SER N 568 -11.83 -38.69 29.98
CA SER N 568 -10.44 -38.25 29.90
C SER N 568 -9.94 -37.90 31.30
N GLN N 569 -8.83 -38.47 31.72
CA GLN N 569 -8.32 -38.19 33.06
C GLN N 569 -6.85 -37.84 33.09
N PRO N 570 -6.49 -36.59 33.34
CA PRO N 570 -5.09 -36.23 33.57
C PRO N 570 -4.71 -36.17 35.03
N LYS N 571 -3.60 -36.81 35.40
CA LYS N 571 -3.11 -36.84 36.77
C LYS N 571 -1.78 -36.11 36.86
N VAL N 572 -1.65 -35.15 37.77
CA VAL N 572 -0.43 -34.34 37.92
C VAL N 572 0.06 -34.40 39.35
N VAL N 573 1.35 -34.62 39.56
CA VAL N 573 1.93 -34.58 40.89
C VAL N 573 2.61 -33.24 41.10
N THR N 574 2.20 -32.52 42.13
CA THR N 574 2.68 -31.16 42.36
C THR N 574 3.21 -30.97 43.78
N SER N 575 4.20 -30.11 43.90
CA SER N 575 4.70 -29.75 45.22
C SER N 575 3.71 -28.81 45.90
N ASP N 576 3.78 -28.76 47.23
CA ASP N 576 2.79 -28.01 47.99
C ASP N 576 2.97 -26.52 47.78
N LYS N 577 1.86 -25.83 47.51
CA LYS N 577 1.81 -24.39 47.31
C LYS N 577 2.44 -23.98 45.99
N GLU N 578 2.68 -24.92 45.09
CA GLU N 578 3.32 -24.63 43.83
C GLU N 578 2.38 -24.96 42.69
N THR N 579 2.49 -24.19 41.62
CA THR N 579 1.68 -24.43 40.44
C THR N 579 2.30 -25.52 39.58
N ALA N 580 1.43 -26.37 39.03
CA ALA N 580 1.86 -27.36 38.06
C ALA N 580 0.81 -27.46 36.96
N LYS N 581 1.25 -27.90 35.80
CA LYS N 581 0.34 -27.97 34.67
C LYS N 581 0.54 -29.26 33.89
N ILE N 582 -0.55 -29.73 33.31
CA ILE N 582 -0.53 -30.84 32.36
C ILE N 582 -1.28 -30.35 31.15
N LEU N 583 -0.70 -30.55 29.97
CA LEU N 583 -1.32 -30.09 28.75
C LEU N 583 -1.22 -31.16 27.68
N LYS N 584 -2.35 -31.48 27.05
CA LYS N 584 -2.35 -32.42 25.93
C LYS N 584 -3.30 -31.91 24.86
N GLY N 585 -2.79 -31.66 23.67
CA GLY N 585 -3.62 -31.07 22.64
C GLY N 585 -2.76 -30.44 21.58
N SER N 586 -3.30 -29.39 20.95
CA SER N 586 -2.59 -28.79 19.83
C SER N 586 -2.88 -27.30 19.77
N GLU N 587 -1.89 -26.47 19.41
CA GLU N 587 -2.04 -25.02 19.46
C GLU N 587 -2.26 -24.47 18.07
N VAL N 588 -3.49 -24.09 17.78
CA VAL N 588 -3.71 -23.44 16.50
C VAL N 588 -3.07 -22.07 16.52
N PRO N 589 -2.34 -21.70 15.50
CA PRO N 589 -1.77 -20.37 15.41
C PRO N 589 -2.63 -19.50 14.52
N TYR N 590 -2.46 -18.20 14.65
CA TYR N 590 -3.07 -17.21 13.79
C TYR N 590 -1.95 -16.39 13.21
N GLN N 591 -1.89 -16.30 11.89
CA GLN N 591 -0.89 -15.47 11.27
C GLN N 591 -1.44 -14.04 11.28
N GLU N 592 -1.03 -13.24 12.26
CA GLU N 592 -1.48 -11.87 12.36
C GLU N 592 -0.24 -11.01 12.45
N ALA N 593 0.50 -10.92 11.35
CA ALA N 593 1.62 -10.01 11.37
C ALA N 593 1.04 -8.67 10.99
N SER N 594 0.67 -7.88 11.99
CA SER N 594 0.20 -6.54 11.73
C SER N 594 1.49 -5.79 11.49
N SER N 595 1.52 -5.08 10.37
CA SER N 595 2.78 -4.54 9.87
C SER N 595 3.51 -3.68 10.88
N SER N 596 2.83 -2.78 11.59
CA SER N 596 3.65 -1.90 12.41
C SER N 596 4.08 -2.51 13.73
N GLY N 597 5.00 -3.46 13.62
CA GLY N 597 5.55 -3.90 14.85
C GLY N 597 4.70 -4.79 15.71
N ALA N 598 3.60 -5.31 15.21
CA ALA N 598 2.87 -6.25 16.06
C ALA N 598 2.76 -7.56 15.32
N THR N 599 3.72 -8.45 15.54
CA THR N 599 3.62 -9.78 14.97
C THR N 599 2.96 -10.65 16.00
N SER N 600 1.69 -10.92 15.83
CA SER N 600 1.07 -11.86 16.73
C SER N 600 0.96 -13.12 15.91
N THR N 601 1.90 -14.01 16.15
CA THR N 601 1.76 -15.33 15.60
C THR N 601 0.93 -15.92 16.72
N SER N 602 -0.36 -15.61 16.66
CA SER N 602 -1.22 -15.98 17.75
C SER N 602 -1.27 -17.49 17.82
N PHE N 603 -1.55 -17.99 19.01
CA PHE N 603 -1.73 -19.41 19.13
C PHE N 603 -2.59 -19.64 20.35
N LYS N 604 -3.15 -20.82 20.41
CA LYS N 604 -3.93 -21.20 21.56
C LYS N 604 -4.11 -22.69 21.40
N GLU N 605 -3.84 -23.46 22.44
CA GLU N 605 -3.91 -24.90 22.29
C GLU N 605 -5.27 -25.42 22.75
N ALA N 606 -5.94 -26.10 21.84
CA ALA N 606 -7.17 -26.79 22.17
C ALA N 606 -6.66 -28.08 22.79
N ALA N 607 -6.84 -28.19 24.09
CA ALA N 607 -6.21 -29.28 24.81
C ALA N 607 -6.96 -29.58 26.08
N LEU N 608 -6.64 -30.74 26.63
CA LEU N 608 -7.04 -31.09 27.97
C LEU N 608 -5.90 -30.57 28.84
N SER N 609 -6.24 -29.84 29.90
CA SER N 609 -5.17 -29.29 30.70
C SER N 609 -5.62 -29.10 32.13
N LEU N 610 -4.65 -29.20 33.03
CA LEU N 610 -4.86 -28.91 34.44
C LEU N 610 -3.79 -27.94 34.91
N GLU N 611 -4.21 -26.82 35.47
CA GLU N 611 -3.31 -25.89 36.13
C GLU N 611 -3.71 -25.88 37.60
N VAL N 612 -2.87 -26.45 38.45
CA VAL N 612 -3.23 -26.67 39.84
C VAL N 612 -2.28 -25.91 40.76
N THR N 613 -2.85 -25.29 41.78
CA THR N 613 -2.09 -24.65 42.85
C THR N 613 -2.67 -25.15 44.17
N PRO N 614 -2.17 -26.29 44.65
CA PRO N 614 -2.67 -26.88 45.90
C PRO N 614 -2.06 -26.27 47.17
N GLN N 615 -2.92 -26.01 48.15
CA GLN N 615 -2.48 -25.62 49.48
C GLN N 615 -2.90 -26.72 50.44
N ILE N 616 -1.95 -27.23 51.20
CA ILE N 616 -2.19 -28.39 52.06
C ILE N 616 -2.52 -27.93 53.48
N THR N 617 -3.61 -28.43 54.01
CA THR N 617 -4.01 -28.13 55.37
C THR N 617 -3.61 -29.33 56.23
N PRO N 618 -3.50 -29.19 57.56
CA PRO N 618 -3.01 -30.33 58.33
C PRO N 618 -3.94 -31.53 58.25
N ASP N 619 -5.25 -31.31 58.25
CA ASP N 619 -6.17 -32.43 58.34
C ASP N 619 -6.33 -33.11 56.99
N ASN N 620 -5.22 -33.42 56.33
CA ASN N 620 -5.23 -34.22 55.11
C ASN N 620 -6.22 -33.69 54.08
N ARG N 621 -6.23 -32.38 53.89
CA ARG N 621 -7.09 -31.79 52.89
C ARG N 621 -6.27 -30.79 52.10
N ILE N 622 -6.78 -30.47 50.92
CA ILE N 622 -6.16 -29.47 50.08
C ILE N 622 -7.20 -28.50 49.59
N ILE N 623 -6.90 -27.22 49.68
CA ILE N 623 -7.66 -26.21 49.01
C ILE N 623 -6.82 -25.87 47.79
N VAL N 624 -7.33 -26.15 46.62
CA VAL N 624 -6.54 -25.99 45.42
C VAL N 624 -7.26 -25.06 44.46
N GLU N 625 -6.51 -24.16 43.86
CA GLU N 625 -7.03 -23.38 42.75
C GLU N 625 -6.68 -24.15 41.49
N VAL N 626 -7.69 -24.69 40.82
CA VAL N 626 -7.46 -25.51 39.64
C VAL N 626 -8.24 -24.97 38.46
N LYS N 627 -7.53 -24.77 37.35
CA LYS N 627 -8.13 -24.49 36.07
C LYS N 627 -8.13 -25.78 35.28
N VAL N 628 -9.31 -26.25 34.89
CA VAL N 628 -9.48 -27.50 34.16
C VAL N 628 -10.07 -27.19 32.81
N THR N 629 -9.33 -27.43 31.74
CA THR N 629 -9.81 -27.06 30.43
C THR N 629 -9.85 -28.26 29.49
N LYS N 630 -10.97 -28.44 28.81
CA LYS N 630 -11.07 -29.44 27.75
C LYS N 630 -11.47 -28.68 26.49
N ASP N 631 -10.52 -28.47 25.60
CA ASP N 631 -10.78 -27.68 24.41
C ASP N 631 -10.48 -28.52 23.18
N ALA N 632 -11.41 -28.53 22.24
CA ALA N 632 -11.22 -29.33 21.06
C ALA N 632 -10.89 -28.46 19.86
N PRO N 633 -9.91 -28.90 19.09
CA PRO N 633 -9.45 -28.19 17.89
C PRO N 633 -10.58 -27.97 16.91
N ASP N 634 -10.74 -26.72 16.52
CA ASP N 634 -11.86 -26.34 15.68
C ASP N 634 -11.75 -26.91 14.28
N TYR N 635 -12.91 -27.33 13.75
CA TYR N 635 -12.96 -27.78 12.36
C TYR N 635 -12.62 -26.65 11.41
N GLN N 636 -13.21 -25.46 11.64
CA GLN N 636 -13.02 -24.34 10.72
C GLN N 636 -11.55 -23.97 10.66
N ASN N 637 -10.82 -24.21 11.74
CA ASN N 637 -9.39 -24.01 11.72
C ASN N 637 -8.75 -24.96 10.74
N MET N 638 -9.16 -26.21 10.77
CA MET N 638 -8.70 -27.15 9.79
C MET N 638 -9.16 -26.71 8.40
N LEU N 639 -10.24 -25.94 8.34
CA LEU N 639 -10.74 -25.40 7.09
C LEU N 639 -9.95 -24.20 6.59
N ASN N 640 -9.06 -23.63 7.42
CA ASN N 640 -8.31 -22.42 7.08
C ASN N 640 -9.23 -21.23 6.84
N GLY N 641 -10.35 -21.20 7.55
CA GLY N 641 -11.29 -20.10 7.53
C GLY N 641 -11.16 -19.37 8.83
N VAL N 642 -12.26 -18.92 9.42
CA VAL N 642 -12.24 -18.33 10.75
C VAL N 642 -12.46 -19.47 11.74
N PRO N 643 -11.46 -19.83 12.53
CA PRO N 643 -11.53 -21.00 13.40
C PRO N 643 -12.15 -20.80 14.76
N PRO N 644 -13.38 -21.28 14.99
CA PRO N 644 -13.94 -21.27 16.35
C PRO N 644 -13.57 -22.53 17.14
N ILE N 645 -12.50 -22.49 17.94
CA ILE N 645 -12.17 -23.63 18.77
C ILE N 645 -13.24 -23.79 19.84
N ASN N 646 -13.43 -25.01 20.36
CA ASN N 646 -14.47 -25.19 21.35
C ASN N 646 -13.85 -25.42 22.72
N LYS N 647 -14.25 -24.63 23.72
CA LYS N 647 -13.67 -24.70 25.05
C LYS N 647 -14.70 -25.08 26.12
N ASN N 648 -14.41 -26.11 26.89
CA ASN N 648 -15.17 -26.42 28.09
C ASN N 648 -14.21 -26.31 29.27
N GLU N 649 -14.20 -25.17 29.97
CA GLU N 649 -13.20 -25.02 31.01
C GLU N 649 -13.82 -24.46 32.28
N VAL N 650 -13.49 -25.06 33.42
CA VAL N 650 -13.90 -24.57 34.72
C VAL N 650 -12.67 -24.21 35.53
N ASN N 651 -12.65 -23.02 36.10
CA ASN N 651 -11.54 -22.57 36.93
C ASN N 651 -12.07 -22.17 38.29
N ALA N 652 -11.58 -22.82 39.34
CA ALA N 652 -12.15 -22.55 40.67
C ALA N 652 -11.23 -23.11 41.74
N LYS N 653 -11.37 -22.59 42.95
CA LYS N 653 -10.61 -23.04 44.09
C LYS N 653 -11.54 -23.73 45.07
N ILE N 654 -11.17 -24.95 45.48
CA ILE N 654 -12.03 -25.76 46.33
C ILE N 654 -11.24 -26.48 47.41
N LEU N 655 -11.94 -26.88 48.48
CA LEU N 655 -11.36 -27.63 49.58
C LEU N 655 -11.90 -29.05 49.54
N VAL N 656 -11.00 -30.03 49.57
CA VAL N 656 -11.40 -31.45 49.63
C VAL N 656 -10.41 -32.23 50.48
N ASN N 657 -10.90 -33.34 51.06
CA ASN N 657 -9.93 -34.21 51.69
C ASN N 657 -9.22 -35.02 50.62
N ASP N 658 -8.11 -35.65 51.00
CA ASP N 658 -7.34 -36.40 50.02
C ASP N 658 -8.16 -37.53 49.43
N GLY N 659 -8.92 -38.24 50.25
CA GLY N 659 -9.63 -39.37 49.74
C GLY N 659 -10.94 -39.03 49.08
N GLU N 660 -11.18 -37.76 48.78
CA GLU N 660 -12.49 -37.30 48.37
C GLU N 660 -12.45 -36.65 47.00
N THR N 661 -13.50 -36.90 46.23
CA THR N 661 -13.67 -36.33 44.91
C THR N 661 -14.89 -35.44 44.89
N ILE N 662 -14.77 -34.28 44.28
CA ILE N 662 -15.95 -33.45 44.13
C ILE N 662 -16.08 -33.04 42.68
N VAL N 663 -17.26 -32.52 42.35
CA VAL N 663 -17.55 -32.04 41.01
C VAL N 663 -17.10 -30.59 41.01
N ILE N 664 -16.01 -30.29 40.33
CA ILE N 664 -15.63 -28.89 40.27
C ILE N 664 -16.74 -28.13 39.58
N GLY N 665 -17.27 -28.73 38.52
CA GLY N 665 -18.39 -28.18 37.80
C GLY N 665 -18.90 -29.20 36.82
N GLY N 666 -20.07 -28.92 36.28
CA GLY N 666 -20.63 -29.75 35.24
C GLY N 666 -21.81 -29.04 34.63
N VAL N 667 -22.17 -29.47 33.43
CA VAL N 667 -23.36 -28.94 32.78
C VAL N 667 -24.08 -30.03 32.00
N PHE N 668 -25.39 -30.10 32.16
CA PHE N 668 -26.24 -30.98 31.38
C PHE N 668 -27.07 -30.16 30.42
N SER N 669 -26.97 -30.47 29.13
CA SER N 669 -27.77 -29.82 28.09
C SER N 669 -28.82 -30.80 27.59
N ASN N 670 -30.08 -30.53 27.87
CA ASN N 670 -31.19 -31.39 27.47
C ASN N 670 -31.95 -30.72 26.33
N GLU N 671 -31.82 -31.27 25.13
CA GLU N 671 -32.52 -30.75 23.96
C GLU N 671 -33.72 -31.63 23.66
N GLN N 672 -34.91 -31.03 23.67
CA GLN N 672 -36.13 -31.74 23.31
C GLN N 672 -36.81 -31.01 22.17
N SER N 673 -36.84 -31.62 20.99
CA SER N 673 -37.42 -30.99 19.82
C SER N 673 -38.53 -31.86 19.27
N LYS N 674 -39.70 -31.26 19.04
CA LYS N 674 -40.81 -31.97 18.42
C LYS N 674 -41.34 -31.12 17.28
N SER N 675 -41.54 -31.72 16.12
CA SER N 675 -42.05 -31.01 14.95
C SER N 675 -43.12 -31.88 14.31
N VAL N 676 -44.32 -31.34 14.13
CA VAL N 676 -45.40 -32.05 13.46
C VAL N 676 -45.86 -31.23 12.28
N GLU N 677 -45.90 -31.87 11.11
CA GLU N 677 -46.33 -31.23 9.87
C GLU N 677 -47.49 -32.03 9.30
N LYS N 678 -48.61 -31.36 9.04
CA LYS N 678 -49.79 -32.10 8.62
C LYS N 678 -50.70 -31.29 7.69
N VAL N 679 -51.09 -31.90 6.58
CA VAL N 679 -52.18 -31.29 5.82
C VAL N 679 -53.42 -31.33 6.71
N PRO N 680 -54.15 -30.24 6.90
CA PRO N 680 -55.20 -30.26 7.93
C PRO N 680 -56.30 -31.29 7.74
N PHE N 681 -56.92 -31.37 6.57
CA PHE N 681 -58.07 -32.27 6.44
C PHE N 681 -57.64 -33.72 6.56
N LEU N 682 -56.62 -34.11 5.81
CA LEU N 682 -56.15 -35.49 5.86
C LEU N 682 -55.45 -35.78 7.18
N GLY N 683 -54.74 -34.79 7.72
CA GLY N 683 -54.09 -34.97 9.00
C GLY N 683 -55.09 -35.29 10.09
N GLU N 684 -56.29 -34.73 9.98
CA GLU N 684 -57.33 -34.98 10.96
C GLU N 684 -57.71 -36.46 11.03
N LEU N 685 -57.75 -37.14 9.90
CA LEU N 685 -58.15 -38.54 9.86
C LEU N 685 -57.27 -39.39 10.77
N PRO N 686 -57.85 -40.25 11.61
CA PRO N 686 -57.02 -41.06 12.52
C PRO N 686 -56.14 -42.05 11.78
N TYR N 687 -56.66 -42.73 10.78
CA TYR N 687 -55.92 -43.76 10.08
C TYR N 687 -55.06 -43.18 8.98
N LEU N 688 -55.37 -41.97 8.54
CA LEU N 688 -54.66 -41.35 7.45
C LEU N 688 -53.84 -40.18 7.93
N GLY N 689 -54.07 -39.72 9.16
CA GLY N 689 -53.24 -38.65 9.68
C GLY N 689 -51.81 -39.10 9.75
N ARG N 690 -51.60 -40.35 10.20
CA ARG N 690 -50.26 -40.89 10.21
C ARG N 690 -49.71 -40.87 8.80
N LEU N 691 -50.58 -41.10 7.83
CA LEU N 691 -50.22 -41.07 6.43
C LEU N 691 -50.21 -39.64 5.90
N PHE N 692 -50.59 -38.68 6.72
CA PHE N 692 -50.56 -37.28 6.30
C PHE N 692 -50.03 -36.35 7.38
N ARG N 693 -49.37 -36.87 8.41
CA ARG N 693 -48.70 -36.06 9.41
C ARG N 693 -47.23 -36.41 9.38
N ARG N 694 -46.39 -35.41 9.14
CA ARG N 694 -44.95 -35.61 9.06
C ARG N 694 -44.37 -35.25 10.40
N ASP N 695 -43.86 -36.25 11.10
CA ASP N 695 -43.41 -36.07 12.47
C ASP N 695 -41.89 -36.16 12.55
N THR N 696 -41.27 -35.14 13.14
CA THR N 696 -39.86 -35.22 13.46
C THR N 696 -39.72 -34.93 14.94
N VAL N 697 -39.21 -35.90 15.69
CA VAL N 697 -38.96 -35.73 17.12
C VAL N 697 -37.51 -36.03 17.37
N THR N 698 -36.80 -35.08 17.97
CA THR N 698 -35.39 -35.28 18.28
C THR N 698 -35.14 -34.93 19.74
N ASP N 699 -34.50 -35.85 20.46
CA ASP N 699 -34.07 -35.64 21.83
C ASP N 699 -32.56 -35.82 21.83
N ARG N 700 -31.81 -34.75 22.08
CA ARG N 700 -30.38 -34.82 22.20
C ARG N 700 -30.00 -34.30 23.57
N LYS N 701 -29.37 -35.13 24.38
CA LYS N 701 -28.95 -34.67 25.69
C LYS N 701 -27.46 -34.96 25.86
N ASN N 702 -26.69 -33.89 26.01
CA ASN N 702 -25.26 -34.00 26.23
C ASN N 702 -24.93 -33.35 27.57
N GLU N 703 -24.24 -34.09 28.41
CA GLU N 703 -23.80 -33.59 29.70
C GLU N 703 -22.29 -33.71 29.81
N LEU N 704 -21.65 -32.67 30.35
CA LEU N 704 -20.23 -32.69 30.63
C LEU N 704 -19.98 -32.40 32.11
N LEU N 705 -19.14 -33.22 32.76
CA LEU N 705 -18.84 -33.02 34.16
C LEU N 705 -17.36 -33.25 34.45
N VAL N 706 -16.78 -32.44 35.33
CA VAL N 706 -15.38 -32.61 35.73
C VAL N 706 -15.28 -32.91 37.23
N PHE N 707 -14.66 -34.05 37.57
CA PHE N 707 -14.39 -34.39 38.96
C PHE N 707 -12.94 -34.14 39.32
N LEU N 708 -12.66 -34.18 40.61
CA LEU N 708 -11.26 -34.12 41.03
C LEU N 708 -11.06 -34.83 42.36
N THR N 709 -9.93 -35.54 42.48
CA THR N 709 -9.44 -36.17 43.72
C THR N 709 -7.94 -35.96 43.92
N PRO N 710 -7.52 -35.43 45.03
CA PRO N 710 -6.07 -35.34 45.28
C PRO N 710 -5.58 -36.41 46.23
N ARG N 711 -4.60 -37.22 45.86
CA ARG N 711 -3.99 -38.18 46.75
C ARG N 711 -2.64 -37.64 47.13
N ILE N 712 -2.46 -37.26 48.39
CA ILE N 712 -1.21 -36.64 48.78
C ILE N 712 -0.08 -37.63 48.55
N MET N 713 0.96 -37.18 47.87
CA MET N 713 2.07 -38.06 47.61
C MET N 713 3.04 -38.05 48.77
N ASN N 714 2.82 -37.14 49.73
CA ASN N 714 3.61 -37.16 50.95
C ASN N 714 3.40 -38.45 51.70
N ASN N 715 2.23 -39.07 51.55
CA ASN N 715 1.97 -40.32 52.24
C ASN N 715 3.06 -41.31 51.89
N GLN N 716 3.58 -41.20 50.68
CA GLN N 716 4.69 -42.01 50.24
C GLN N 716 5.98 -41.23 50.35
N ALA N 717 5.92 -39.92 50.11
CA ALA N 717 7.11 -39.08 50.15
C ALA N 717 7.62 -38.90 51.57
N ILE N 718 6.72 -38.83 52.56
CA ILE N 718 7.19 -38.73 53.93
C ILE N 718 7.82 -40.05 54.36
N ALA N 719 7.20 -41.18 53.99
CA ALA N 719 7.78 -42.47 54.29
C ALA N 719 9.00 -42.72 53.42
N ILE N 720 9.15 -41.92 52.36
CA ILE N 720 10.32 -41.89 51.50
C ILE N 720 11.10 -40.59 51.66
N PRO O 116 -56.99 14.08 43.47
CA PRO O 116 -58.19 13.66 42.75
C PRO O 116 -58.51 14.57 41.58
N LEU O 117 -58.40 15.87 41.79
CA LEU O 117 -58.70 16.82 40.72
C LEU O 117 -57.77 16.64 39.54
N ASP O 118 -56.51 16.30 39.79
CA ASP O 118 -55.55 16.14 38.70
C ASP O 118 -55.89 14.93 37.84
N LYS O 119 -56.34 13.85 38.47
CA LYS O 119 -56.80 12.69 37.71
C LYS O 119 -57.95 13.09 36.81
N ILE O 120 -58.87 13.89 37.36
CA ILE O 120 -60.01 14.36 36.60
C ILE O 120 -59.53 15.26 35.48
N ASN O 121 -58.49 16.05 35.75
CA ASN O 121 -57.94 16.94 34.74
C ASN O 121 -57.34 16.16 33.59
N SER O 122 -56.70 15.02 33.87
CA SER O 122 -56.20 14.16 32.81
C SER O 122 -57.36 13.64 31.96
N PHE O 123 -58.42 13.16 32.61
CA PHE O 123 -59.57 12.73 31.81
C PHE O 123 -60.08 13.90 30.99
N LEU O 124 -60.15 15.08 31.62
CA LEU O 124 -60.76 16.22 30.98
C LEU O 124 -59.95 16.58 29.76
N LEU O 125 -58.65 16.30 29.82
CA LEU O 125 -57.79 16.45 28.67
C LEU O 125 -58.15 15.41 27.63
N ALA O 126 -58.62 14.24 28.08
CA ALA O 126 -59.00 13.17 27.16
C ALA O 126 -60.46 13.21 26.73
N ASN O 127 -61.24 14.20 27.15
CA ASN O 127 -62.68 14.22 26.88
C ASN O 127 -62.99 14.93 25.55
N ARG O 128 -62.63 14.26 24.46
CA ARG O 128 -62.88 14.80 23.14
C ARG O 128 -63.94 14.02 22.36
N ILE O 129 -64.30 12.85 22.81
CA ILE O 129 -65.18 11.97 22.04
C ILE O 129 -66.62 12.22 22.44
N VAL O 130 -67.47 12.47 21.46
CA VAL O 130 -68.88 12.77 21.67
C VAL O 130 -69.72 11.89 20.77
N ASP O 131 -71.03 11.90 21.02
CA ASP O 131 -71.99 11.06 20.34
C ASP O 131 -72.44 11.65 19.00
N ASP O 132 -73.30 10.90 18.31
CA ASP O 132 -73.98 11.37 17.09
C ASP O 132 -73.00 11.64 15.95
N GLU O 133 -72.24 10.60 15.60
CA GLU O 133 -71.47 10.63 14.37
C GLU O 133 -72.38 10.61 13.15
N LYS O 134 -73.50 9.88 13.25
CA LYS O 134 -74.43 9.72 12.14
C LYS O 134 -75.02 11.04 11.69
N THR O 135 -75.28 11.95 12.64
CA THR O 135 -75.95 13.20 12.30
C THR O 135 -75.11 14.00 11.31
N PHE O 136 -73.84 14.23 11.63
CA PHE O 136 -73.06 15.05 10.73
C PHE O 136 -72.42 14.21 9.64
N THR O 137 -72.49 12.88 9.73
CA THR O 137 -72.14 12.12 8.54
C THR O 137 -73.16 12.46 7.48
N SER O 138 -74.41 12.61 7.91
CA SER O 138 -75.47 13.06 7.03
C SER O 138 -75.31 14.53 6.65
N ALA O 139 -74.75 15.36 7.53
CA ALA O 139 -74.55 16.78 7.24
C ALA O 139 -73.20 17.26 7.77
N PRO O 140 -72.11 16.90 7.09
CA PRO O 140 -70.80 17.43 7.49
C PRO O 140 -70.61 18.89 7.11
N TYR O 141 -69.91 19.63 7.97
CA TYR O 141 -69.55 21.01 7.68
C TYR O 141 -68.13 20.94 7.14
N ILE O 142 -67.96 21.26 5.86
CA ILE O 142 -66.72 20.94 5.15
C ILE O 142 -65.68 22.03 5.34
N VAL O 143 -64.55 21.69 5.91
CA VAL O 143 -63.47 22.64 6.13
C VAL O 143 -62.45 22.51 5.01
N ALA O 144 -61.88 23.63 4.60
CA ALA O 144 -60.82 23.68 3.59
C ALA O 144 -60.12 25.03 3.71
N GLY O 145 -58.99 25.15 2.99
CA GLY O 145 -58.30 26.42 2.93
C GLY O 145 -56.79 26.37 2.83
N ASN O 146 -56.24 26.95 1.76
CA ASN O 146 -54.80 27.04 1.56
C ASN O 146 -54.27 28.45 1.72
N ALA O 147 -55.13 29.41 2.09
CA ALA O 147 -54.65 30.75 2.35
C ALA O 147 -53.65 30.69 3.48
N GLU O 148 -53.94 29.84 4.45
CA GLU O 148 -53.01 29.45 5.50
C GLU O 148 -53.17 27.95 5.46
N ARG O 149 -52.31 27.29 4.68
CA ARG O 149 -52.48 25.86 4.44
C ARG O 149 -51.96 25.13 5.65
N ILE O 150 -52.85 24.79 6.56
CA ILE O 150 -52.51 24.07 7.77
C ILE O 150 -53.51 22.95 7.96
N VAL O 151 -53.08 21.91 8.66
CA VAL O 151 -53.99 20.88 9.11
C VAL O 151 -54.24 21.03 10.60
N SER O 152 -53.77 22.12 11.18
CA SER O 152 -53.99 22.47 12.57
C SER O 152 -53.48 23.88 12.80
N GLY O 153 -54.04 24.54 13.81
CA GLY O 153 -53.51 25.83 14.21
C GLY O 153 -54.09 26.28 15.52
N THR O 154 -53.45 27.28 16.10
CA THR O 154 -53.96 27.96 17.28
C THR O 154 -54.27 29.40 16.88
N GLY O 155 -55.55 29.70 16.72
CA GLY O 155 -55.94 31.03 16.29
C GLY O 155 -55.79 31.26 14.81
N ASP O 156 -55.38 30.24 14.06
CA ASP O 156 -55.18 30.36 12.63
C ASP O 156 -56.52 30.37 11.90
N ARG O 157 -56.47 30.74 10.62
CA ARG O 157 -57.67 30.91 9.82
C ARG O 157 -57.89 29.74 8.88
N ILE O 158 -59.00 29.04 9.08
CA ILE O 158 -59.45 28.03 8.14
C ILE O 158 -60.77 28.50 7.56
N TYR O 159 -61.15 27.96 6.41
CA TYR O 159 -62.44 28.31 5.85
C TYR O 159 -63.31 27.06 5.87
N ALA O 160 -64.62 27.26 5.87
CA ALA O 160 -65.48 26.09 5.77
C ALA O 160 -66.84 26.40 5.14
N ARG O 161 -67.36 25.42 4.44
CA ARG O 161 -68.63 25.50 3.74
C ARG O 161 -69.71 24.78 4.53
N GLY O 162 -70.83 25.45 4.71
CA GLY O 162 -72.01 24.89 5.37
C GLY O 162 -72.76 25.99 6.08
N LYS O 163 -74.00 25.67 6.48
CA LYS O 163 -74.81 26.67 7.18
C LYS O 163 -74.15 27.03 8.50
N PHE O 164 -73.25 26.18 8.97
CA PHE O 164 -72.60 26.39 10.25
C PHE O 164 -71.91 27.75 10.26
N ALA O 165 -71.36 28.13 9.11
CA ALA O 165 -70.82 29.47 8.95
C ALA O 165 -71.87 30.52 9.26
N ASP O 166 -73.05 30.37 8.65
CA ASP O 166 -74.16 31.28 8.92
C ASP O 166 -74.61 31.22 10.38
N GLY O 167 -74.64 30.02 10.95
CA GLY O 167 -75.19 29.87 12.28
C GLY O 167 -74.18 29.90 13.41
N GLN O 168 -73.95 28.76 14.03
CA GLN O 168 -73.18 28.70 15.28
C GLN O 168 -71.74 29.14 15.08
N PRO O 169 -71.28 30.18 15.78
CA PRO O 169 -69.86 30.57 15.65
C PRO O 169 -68.87 29.53 16.13
N ALA O 170 -69.08 28.93 17.30
CA ALA O 170 -68.19 27.86 17.69
C ALA O 170 -68.61 26.55 17.05
N TYR O 171 -67.76 25.54 17.16
CA TYR O 171 -68.16 24.20 16.72
C TYR O 171 -67.08 23.22 17.18
N GLY O 172 -67.44 21.94 17.14
CA GLY O 172 -66.55 20.87 17.53
C GLY O 172 -66.12 20.08 16.30
N ILE O 173 -64.80 19.94 16.13
CA ILE O 173 -64.25 19.20 15.01
C ILE O 173 -64.08 17.77 15.46
N PHE O 174 -64.74 16.84 14.77
CA PHE O 174 -64.75 15.45 15.19
C PHE O 174 -64.34 14.52 14.07
N ARG O 175 -63.40 13.63 14.36
CA ARG O 175 -63.15 12.53 13.45
C ARG O 175 -64.06 11.37 13.84
N GLN O 176 -64.39 10.54 12.85
CA GLN O 176 -65.39 9.50 12.98
C GLN O 176 -64.80 8.12 13.25
N GLY O 177 -65.14 7.55 14.41
CA GLY O 177 -64.84 6.17 14.72
C GLY O 177 -66.17 5.43 14.79
N LYS O 178 -66.10 4.11 14.82
CA LYS O 178 -67.33 3.33 14.86
C LYS O 178 -67.24 2.23 15.91
N VAL O 179 -68.26 2.15 16.75
CA VAL O 179 -68.32 1.18 17.82
C VAL O 179 -69.41 0.19 17.47
N TYR O 180 -69.00 -0.97 16.97
CA TYR O 180 -69.93 -1.96 16.43
C TYR O 180 -70.34 -2.94 17.51
N ILE O 181 -71.54 -2.77 18.03
CA ILE O 181 -72.03 -3.66 19.08
C ILE O 181 -73.31 -4.30 18.58
N ASP O 182 -73.86 -5.20 19.39
CA ASP O 182 -75.14 -5.84 19.09
C ASP O 182 -75.06 -6.49 17.70
N PRO O 183 -74.17 -7.47 17.52
CA PRO O 183 -73.94 -7.99 16.16
C PRO O 183 -75.20 -8.39 15.43
N LYS O 184 -76.19 -8.94 16.13
CA LYS O 184 -77.46 -9.20 15.47
C LYS O 184 -78.08 -7.90 14.98
N THR O 185 -77.97 -6.83 15.77
CA THR O 185 -78.43 -5.53 15.32
C THR O 185 -77.35 -4.84 14.52
N LYS O 186 -76.10 -5.24 14.73
CA LYS O 186 -74.98 -4.81 13.89
C LYS O 186 -74.89 -3.29 13.78
N GLU O 187 -75.08 -2.61 14.91
CA GLU O 187 -75.13 -1.17 14.99
C GLU O 187 -73.76 -0.65 15.41
N VAL O 188 -73.28 0.38 14.71
CA VAL O 188 -72.11 1.13 15.15
C VAL O 188 -72.59 2.47 15.66
N LEU O 189 -72.45 2.70 16.96
CA LEU O 189 -72.56 4.06 17.48
C LEU O 189 -71.13 4.61 17.48
N GLY O 190 -70.86 5.58 16.62
CA GLY O 190 -69.51 6.03 16.40
C GLY O 190 -68.96 6.89 17.50
N ILE O 191 -67.71 7.30 17.30
CA ILE O 191 -66.97 8.13 18.23
C ILE O 191 -66.58 9.40 17.51
N ASN O 192 -67.00 10.53 18.06
CA ASN O 192 -66.68 11.83 17.50
C ASN O 192 -65.51 12.43 18.28
N ALA O 193 -64.30 12.14 17.82
CA ALA O 193 -63.11 12.68 18.50
C ALA O 193 -62.98 14.17 18.23
N ASP O 194 -63.03 14.98 19.30
CA ASP O 194 -63.05 16.43 19.15
C ASP O 194 -61.64 16.95 18.91
N ASP O 195 -61.43 17.53 17.74
CA ASP O 195 -60.07 17.88 17.36
C ASP O 195 -59.64 19.19 17.98
N ILE O 196 -60.32 20.28 17.65
CA ILE O 196 -60.04 21.58 18.24
C ILE O 196 -60.71 21.67 19.61
N GLY O 197 -60.07 22.37 20.53
CA GLY O 197 -60.75 22.68 21.77
C GLY O 197 -61.93 23.59 21.52
N GLY O 198 -61.75 24.56 20.64
CA GLY O 198 -62.82 25.47 20.28
C GLY O 198 -62.43 26.23 19.04
N GLY O 199 -63.40 26.97 18.51
CA GLY O 199 -63.11 27.85 17.40
C GLY O 199 -64.22 28.86 17.29
N GLU O 200 -63.92 29.96 16.60
CA GLU O 200 -64.91 31.00 16.38
C GLU O 200 -64.86 31.42 14.92
N VAL O 201 -65.91 32.11 14.49
CA VAL O 201 -66.09 32.32 13.07
C VAL O 201 -66.12 33.79 12.69
N VAL O 202 -65.88 34.01 11.41
CA VAL O 202 -66.21 35.22 10.69
C VAL O 202 -66.93 34.69 9.46
N ALA O 203 -67.82 35.48 8.89
CA ALA O 203 -68.66 35.00 7.81
C ALA O 203 -68.16 35.55 6.49
N THR O 204 -68.08 34.68 5.50
CA THR O 204 -67.69 35.09 4.17
C THR O 204 -68.77 34.64 3.21
N GLU O 205 -68.88 35.38 2.12
CA GLU O 205 -69.86 35.04 1.11
C GLU O 205 -69.47 33.74 0.40
N GLY O 206 -70.47 33.08 -0.17
CA GLY O 206 -70.24 31.78 -0.72
C GLY O 206 -70.55 30.67 0.25
N ASP O 207 -71.07 31.01 1.42
CA ASP O 207 -71.45 30.11 2.48
C ASP O 207 -70.22 29.55 3.17
N VAL O 208 -69.06 30.10 2.86
CA VAL O 208 -67.83 29.71 3.51
C VAL O 208 -67.61 30.64 4.70
N ALA O 209 -66.76 30.22 5.62
CA ALA O 209 -66.44 30.99 6.80
C ALA O 209 -64.95 30.99 7.01
N THR O 210 -64.48 31.95 7.81
CA THR O 210 -63.07 32.04 8.19
C THR O 210 -63.01 31.99 9.71
N LEU O 211 -62.45 30.92 10.24
CA LEU O 211 -62.47 30.69 11.67
C LEU O 211 -61.08 30.70 12.27
N ALA O 212 -61.05 31.06 13.56
CA ALA O 212 -59.89 31.00 14.42
C ALA O 212 -60.02 29.79 15.32
N LEU O 213 -58.90 29.14 15.62
CA LEU O 213 -58.91 27.83 16.26
C LEU O 213 -58.16 27.79 17.57
N THR O 214 -58.86 27.49 18.66
CA THR O 214 -58.22 27.17 19.93
C THR O 214 -57.98 25.67 19.89
N ARG O 215 -56.73 25.25 19.72
CA ARG O 215 -56.44 23.85 19.48
C ARG O 215 -56.23 23.03 20.75
N THR O 216 -56.78 21.82 20.75
CA THR O 216 -56.63 20.85 21.83
C THR O 216 -55.90 19.55 21.53
N THR O 217 -54.72 19.60 20.91
CA THR O 217 -53.79 18.50 20.67
C THR O 217 -54.17 17.69 19.44
N GLN O 218 -55.29 17.95 18.81
CA GLN O 218 -55.71 17.14 17.68
C GLN O 218 -55.69 17.90 16.37
N GLU O 219 -54.85 17.45 15.44
CA GLU O 219 -54.69 18.18 14.19
C GLU O 219 -56.02 18.16 13.47
N VAL O 220 -56.36 19.24 12.81
CA VAL O 220 -57.62 19.28 12.08
C VAL O 220 -57.33 19.14 10.60
N ARG O 221 -57.65 17.98 10.05
CA ARG O 221 -57.31 17.71 8.66
C ARG O 221 -57.89 18.81 7.80
N LEU O 222 -57.14 19.25 6.80
CA LEU O 222 -57.62 20.38 6.03
C LEU O 222 -58.95 20.06 5.40
N GLY O 223 -59.14 18.81 4.96
CA GLY O 223 -60.43 18.33 4.50
C GLY O 223 -61.20 17.57 5.58
N ASP O 224 -61.42 18.16 6.73
CA ASP O 224 -62.08 17.46 7.84
C ASP O 224 -63.58 17.77 7.87
N ARG O 225 -64.27 17.07 8.77
CA ARG O 225 -65.70 17.26 9.03
C ARG O 225 -65.90 18.04 10.31
N LEU O 226 -66.72 19.08 10.22
CA LEU O 226 -67.02 19.94 11.36
C LEU O 226 -68.44 19.70 11.84
N PHE O 227 -68.67 19.82 13.13
CA PHE O 227 -69.96 19.58 13.74
C PHE O 227 -70.24 20.72 14.70
N PRO O 228 -71.52 20.99 15.04
CA PRO O 228 -71.80 22.09 15.96
C PRO O 228 -71.17 21.91 17.33
N THR O 229 -70.93 23.04 18.00
CA THR O 229 -70.33 23.04 19.32
C THR O 229 -71.37 22.67 20.38
N GLU O 230 -71.02 21.71 21.23
CA GLU O 230 -71.93 21.19 22.24
C GLU O 230 -71.17 21.10 23.56
N GLU O 231 -71.24 22.17 24.34
CA GLU O 231 -70.49 22.24 25.58
C GLU O 231 -71.16 21.37 26.65
N ARG O 232 -70.38 20.48 27.25
CA ARG O 232 -70.88 19.59 28.29
C ARG O 232 -70.09 19.81 29.57
N ALA O 233 -70.80 19.90 30.68
CA ALA O 233 -70.19 20.17 31.98
C ALA O 233 -69.74 18.86 32.61
N VAL O 234 -68.45 18.79 32.96
CA VAL O 234 -67.91 17.64 33.67
C VAL O 234 -67.36 18.13 35.01
N ASN O 235 -67.51 17.30 36.04
CA ASN O 235 -67.06 17.67 37.37
C ASN O 235 -66.11 16.62 37.92
N SER O 236 -65.36 17.02 38.94
CA SER O 236 -64.44 16.14 39.64
C SER O 236 -65.16 15.34 40.72
N THR O 237 -66.47 15.46 40.79
CA THR O 237 -67.29 14.74 41.75
C THR O 237 -67.41 13.27 41.40
N PHE O 238 -67.03 12.89 40.19
CA PHE O 238 -67.04 11.49 39.81
C PHE O 238 -65.88 10.72 40.44
N MET O 239 -64.89 11.43 41.00
CA MET O 239 -63.67 10.78 41.45
C MET O 239 -63.94 9.67 42.46
N PRO O 240 -64.81 9.82 43.45
CA PRO O 240 -64.99 8.73 44.43
C PRO O 240 -65.47 7.44 43.81
N GLY O 241 -66.17 7.50 42.68
CA GLY O 241 -66.59 6.29 42.00
C GLY O 241 -68.04 5.96 42.28
N GLU O 242 -68.63 5.21 41.34
CA GLU O 242 -70.02 4.77 41.44
C GLU O 242 -70.09 3.32 41.02
N PRO O 243 -69.63 2.41 41.87
CA PRO O 243 -69.48 1.01 41.49
C PRO O 243 -70.71 0.13 41.62
N SER O 244 -71.29 -0.28 40.49
CA SER O 244 -72.38 -1.25 40.48
C SER O 244 -71.87 -2.46 39.70
N ARG O 245 -71.83 -3.62 40.36
CA ARG O 245 -71.25 -4.82 39.77
C ARG O 245 -72.07 -5.38 38.62
N GLU O 246 -73.40 -5.28 38.67
CA GLU O 246 -74.24 -5.97 37.70
C GLU O 246 -73.85 -5.60 36.28
N VAL O 247 -73.44 -4.36 36.08
CA VAL O 247 -73.03 -3.89 34.77
C VAL O 247 -71.82 -4.70 34.33
N LYS O 248 -71.93 -5.40 33.21
CA LYS O 248 -70.81 -6.20 32.72
C LYS O 248 -70.84 -6.22 31.19
N GLY O 249 -69.72 -5.89 30.59
CA GLY O 249 -69.66 -5.81 29.14
C GLY O 249 -68.23 -5.73 28.66
N GLU O 250 -68.09 -5.92 27.36
CA GLU O 250 -66.79 -5.85 26.71
C GLU O 250 -66.42 -4.41 26.41
N ILE O 251 -65.15 -4.20 26.07
CA ILE O 251 -64.62 -2.91 25.71
C ILE O 251 -64.06 -2.97 24.30
N ILE O 252 -64.30 -1.92 23.51
CA ILE O 252 -63.72 -1.83 22.18
C ILE O 252 -63.42 -0.38 21.82
N ASP O 253 -62.84 -0.18 20.64
CA ASP O 253 -62.71 1.12 19.98
C ASP O 253 -62.04 2.17 20.86
N VAL O 254 -60.78 1.93 21.22
CA VAL O 254 -60.07 2.98 21.92
C VAL O 254 -59.42 3.86 20.85
N PRO O 255 -59.35 5.18 21.05
CA PRO O 255 -58.65 6.02 20.08
C PRO O 255 -57.22 5.58 19.92
N ARG O 256 -56.62 5.09 21.01
CA ARG O 256 -55.26 4.59 20.96
C ARG O 256 -55.13 3.44 19.98
N GLY O 257 -56.13 2.55 19.97
CA GLY O 257 -56.15 1.38 19.12
C GLY O 257 -55.23 0.28 19.59
N VAL O 258 -54.40 0.55 20.59
CA VAL O 258 -53.43 -0.39 21.13
C VAL O 258 -54.05 -1.29 22.17
N THR O 259 -53.77 -2.58 22.07
CA THR O 259 -54.22 -3.50 23.08
C THR O 259 -53.27 -3.40 24.26
N GLN O 260 -53.80 -3.62 25.47
CA GLN O 260 -53.07 -3.68 26.73
C GLN O 260 -52.72 -2.30 27.30
N ILE O 261 -53.32 -1.24 26.77
CA ILE O 261 -53.04 0.09 27.31
C ILE O 261 -53.26 0.11 28.80
N GLY O 262 -52.41 0.84 29.51
CA GLY O 262 -52.39 0.83 30.96
C GLY O 262 -52.32 2.22 31.56
N GLN O 263 -52.39 2.23 32.90
CA GLN O 263 -52.36 3.41 33.77
C GLN O 263 -53.67 4.16 33.71
N PHE O 264 -54.12 4.51 32.51
CA PHE O 264 -55.41 5.12 32.27
C PHE O 264 -55.57 5.27 30.77
N ASP O 265 -56.82 5.38 30.33
CA ASP O 265 -57.11 5.55 28.91
C ASP O 265 -58.59 5.82 28.72
N VAL O 266 -58.91 6.41 27.58
CA VAL O 266 -60.30 6.67 27.21
C VAL O 266 -60.79 5.46 26.43
N VAL O 267 -61.76 4.77 27.00
CA VAL O 267 -62.28 3.55 26.43
C VAL O 267 -63.77 3.76 26.17
N THR O 268 -64.31 2.94 25.28
CA THR O 268 -65.71 3.01 24.91
C THR O 268 -66.36 1.69 25.30
N LEU O 269 -67.16 1.71 26.35
CA LEU O 269 -67.83 0.47 26.74
C LEU O 269 -68.94 0.14 25.76
N ASN O 270 -69.26 -1.15 25.63
CA ASN O 270 -70.25 -1.60 24.65
C ASN O 270 -71.69 -1.26 25.05
N ARG O 271 -72.61 -1.53 24.10
CA ARG O 271 -73.99 -1.03 24.19
C ARG O 271 -74.84 -1.71 25.27
N GLY O 272 -74.86 -3.05 25.32
CA GLY O 272 -75.55 -3.67 26.43
C GLY O 272 -74.85 -3.25 27.70
N GLN O 273 -73.53 -3.20 27.61
CA GLN O 273 -72.73 -2.70 28.70
C GLN O 273 -73.11 -1.25 28.96
N ARG O 274 -73.41 -0.51 27.88
CA ARG O 274 -73.78 0.91 27.98
C ARG O 274 -75.07 1.13 28.76
N ASP O 275 -76.08 0.29 28.54
CA ASP O 275 -77.32 0.46 29.30
C ASP O 275 -77.08 0.12 30.76
N GLY O 276 -76.33 -0.96 31.00
CA GLY O 276 -75.99 -1.25 32.38
C GLY O 276 -75.21 -0.07 32.95
N LEU O 277 -74.37 0.54 32.13
CA LEU O 277 -73.58 1.68 32.56
C LEU O 277 -74.49 2.79 32.99
N ALA O 278 -75.58 2.98 32.24
CA ALA O 278 -76.59 3.94 32.62
C ALA O 278 -77.02 3.62 34.03
N GLU O 279 -77.03 2.32 34.38
CA GLU O 279 -77.27 1.99 35.77
C GLU O 279 -76.00 2.21 36.62
N GLY O 280 -74.90 1.53 36.28
CA GLY O 280 -73.69 1.56 37.11
C GLY O 280 -72.42 2.17 36.51
N ASN O 281 -71.87 3.21 37.16
CA ASN O 281 -70.68 3.88 36.62
C ASN O 281 -69.35 3.11 36.76
N VAL O 282 -69.06 2.43 37.87
CA VAL O 282 -67.71 1.90 38.07
C VAL O 282 -67.66 0.38 37.96
N LEU O 283 -66.59 -0.13 37.36
CA LEU O 283 -66.36 -1.57 37.24
C LEU O 283 -64.86 -1.88 37.21
N ALA O 284 -64.54 -3.12 37.57
CA ALA O 284 -63.20 -3.70 37.55
C ALA O 284 -62.85 -4.27 36.17
N ILE O 285 -61.56 -4.43 35.95
CA ILE O 285 -60.99 -4.89 34.69
C ILE O 285 -60.86 -6.41 34.68
N TYR O 286 -61.18 -7.05 33.57
CA TYR O 286 -60.93 -8.48 33.38
C TYR O 286 -60.34 -8.71 32.00
N LYS O 287 -59.22 -9.44 31.95
CA LYS O 287 -58.63 -9.83 30.68
C LYS O 287 -58.87 -11.33 30.51
N VAL O 288 -59.60 -11.71 29.48
CA VAL O 288 -59.89 -13.12 29.24
C VAL O 288 -58.79 -13.73 28.39
N GLY O 289 -58.10 -14.74 28.93
CA GLY O 289 -57.01 -15.41 28.22
C GLY O 289 -57.28 -16.87 27.92
N GLU O 290 -57.07 -17.29 26.67
CA GLU O 290 -57.38 -18.66 26.28
C GLU O 290 -56.25 -19.62 26.67
N THR O 291 -56.59 -20.68 27.38
CA THR O 291 -55.64 -21.70 27.80
C THR O 291 -55.91 -22.98 27.01
N VAL O 292 -54.89 -23.46 26.30
CA VAL O 292 -55.06 -24.59 25.39
C VAL O 292 -54.62 -25.89 26.05
N ARG O 293 -55.45 -26.93 25.94
CA ARG O 293 -55.08 -28.25 26.47
C ARG O 293 -54.17 -28.91 25.44
N ASP O 294 -52.95 -28.39 25.37
CA ASP O 294 -52.05 -28.74 24.28
C ASP O 294 -51.72 -30.22 24.26
N ARG O 295 -51.55 -30.83 25.43
CA ARG O 295 -51.09 -32.20 25.49
C ARG O 295 -52.22 -33.18 25.79
N VAL O 296 -53.46 -32.72 25.78
CA VAL O 296 -54.57 -33.63 25.99
C VAL O 296 -55.50 -33.59 24.79
N THR O 297 -55.99 -32.39 24.47
CA THR O 297 -56.95 -32.25 23.39
C THR O 297 -56.55 -31.17 22.39
N GLY O 298 -55.75 -30.21 22.82
CA GLY O 298 -55.46 -29.07 21.98
C GLY O 298 -56.55 -28.02 22.04
N GLU O 299 -57.63 -28.30 22.76
CA GLU O 299 -58.70 -27.34 22.94
C GLU O 299 -58.27 -26.23 23.87
N SER O 300 -58.62 -25.00 23.53
CA SER O 300 -58.27 -23.84 24.33
C SER O 300 -59.53 -23.22 24.91
N VAL O 301 -59.52 -23.01 26.22
CA VAL O 301 -60.66 -22.48 26.97
C VAL O 301 -60.27 -21.10 27.48
N LYS O 302 -61.06 -20.10 27.12
CA LYS O 302 -60.81 -18.75 27.59
C LYS O 302 -61.17 -18.66 29.07
N ILE O 303 -60.27 -18.10 29.88
CA ILE O 303 -60.48 -17.95 31.31
C ILE O 303 -60.34 -16.47 31.63
N PRO O 304 -61.33 -15.84 32.26
CA PRO O 304 -61.20 -14.44 32.68
C PRO O 304 -60.22 -14.32 33.82
N ASP O 305 -59.33 -13.33 33.72
CA ASP O 305 -58.36 -13.03 34.76
C ASP O 305 -58.69 -11.63 35.28
N GLU O 306 -59.11 -11.56 36.53
CA GLU O 306 -59.42 -10.25 37.09
C GLU O 306 -58.16 -9.44 37.15
N ARG O 307 -58.24 -8.21 36.68
CA ARG O 307 -57.09 -7.36 36.54
C ARG O 307 -57.22 -6.16 37.45
N ALA O 308 -56.12 -5.82 38.12
CA ALA O 308 -56.10 -4.65 38.98
C ALA O 308 -56.34 -3.39 38.14
N GLY O 309 -57.16 -2.49 38.68
CA GLY O 309 -57.49 -1.27 37.98
C GLY O 309 -58.96 -1.19 37.66
N LEU O 310 -59.54 0.00 37.72
CA LEU O 310 -60.96 0.15 37.49
C LEU O 310 -61.23 1.35 36.59
N LEU O 311 -62.40 1.33 36.00
CA LEU O 311 -62.82 2.35 35.07
C LEU O 311 -63.61 3.45 35.77
N MET O 312 -63.36 4.70 35.40
CA MET O 312 -64.27 5.77 35.77
C MET O 312 -65.06 6.05 34.51
N VAL O 313 -66.38 5.99 34.61
CA VAL O 313 -67.21 6.06 33.41
C VAL O 313 -68.08 7.30 33.41
N PHE O 314 -68.05 8.03 32.29
CA PHE O 314 -68.96 9.14 32.06
C PHE O 314 -69.81 8.71 30.87
N ARG O 315 -71.12 8.72 31.04
CA ARG O 315 -72.01 8.12 30.06
C ARG O 315 -72.78 9.17 29.29
N THR O 316 -72.70 9.07 27.97
CA THR O 316 -73.51 9.90 27.09
C THR O 316 -74.63 8.98 26.59
N TYR O 317 -75.80 9.08 27.22
CA TYR O 317 -76.94 8.28 26.80
C TYR O 317 -77.22 8.49 25.33
N LYS O 318 -77.75 7.45 24.67
CA LYS O 318 -78.02 7.43 23.22
C LYS O 318 -76.71 7.14 22.50
N LYS O 319 -75.67 6.82 23.26
CA LYS O 319 -74.36 6.52 22.74
C LYS O 319 -73.71 5.58 23.74
N LEU O 320 -72.41 5.39 23.62
CA LEU O 320 -71.73 4.51 24.54
C LEU O 320 -71.21 5.32 25.72
N SER O 321 -70.50 4.65 26.63
CA SER O 321 -69.90 5.31 27.77
C SER O 321 -68.43 5.58 27.50
N TYR O 322 -68.06 6.85 27.62
CA TYR O 322 -66.69 7.31 27.53
C TYR O 322 -66.07 7.18 28.91
N ALA O 323 -65.14 6.24 29.08
CA ALA O 323 -64.61 5.93 30.40
C ALA O 323 -63.11 6.09 30.47
N LEU O 324 -62.63 6.89 31.39
CA LEU O 324 -61.20 6.95 31.63
C LEU O 324 -60.89 5.88 32.66
N VAL O 325 -60.33 4.80 32.22
CA VAL O 325 -60.00 3.69 33.09
C VAL O 325 -58.59 3.88 33.62
N LEU O 326 -58.44 3.73 34.93
CA LEU O 326 -57.13 3.70 35.55
C LEU O 326 -56.74 2.24 35.68
N MET O 327 -55.67 1.86 34.99
CA MET O 327 -55.20 0.49 35.02
C MET O 327 -54.15 0.33 36.12
N ALA O 328 -54.44 -0.54 37.08
CA ALA O 328 -53.46 -0.84 38.11
C ALA O 328 -52.60 -1.97 37.58
N SER O 329 -51.59 -1.60 36.81
CA SER O 329 -50.59 -2.48 36.22
C SER O 329 -51.04 -3.33 35.04
N ARG O 330 -52.15 -4.03 35.22
CA ARG O 330 -52.62 -5.00 34.25
C ARG O 330 -52.81 -4.40 32.86
N PRO O 331 -52.09 -4.87 31.86
CA PRO O 331 -52.32 -4.41 30.49
C PRO O 331 -53.35 -5.26 29.76
N LEU O 332 -54.49 -4.70 29.40
CA LEU O 332 -55.60 -5.47 28.84
C LEU O 332 -55.86 -5.15 27.37
N SER O 333 -56.26 -6.17 26.63
CA SER O 333 -56.42 -6.02 25.19
C SER O 333 -57.55 -5.06 24.85
N VAL O 334 -57.59 -4.63 23.59
CA VAL O 334 -58.61 -3.68 23.16
C VAL O 334 -60.00 -4.23 23.46
N THR O 335 -60.16 -5.53 23.32
CA THR O 335 -61.40 -6.21 23.68
C THR O 335 -61.15 -7.07 24.91
N ASP O 336 -61.82 -6.74 26.00
CA ASP O 336 -61.67 -7.47 27.25
C ASP O 336 -62.93 -7.24 28.05
N ARG O 337 -63.12 -8.05 29.08
CA ARG O 337 -64.34 -7.97 29.88
C ARG O 337 -64.21 -6.95 30.99
N VAL O 338 -64.99 -5.89 30.91
CA VAL O 338 -65.11 -4.99 32.05
C VAL O 338 -66.30 -5.51 32.84
N GLN O 339 -66.08 -5.80 34.11
CA GLN O 339 -67.09 -6.44 34.94
C GLN O 339 -66.80 -6.08 36.38
N ASN O 340 -67.64 -6.54 37.29
CA ASN O 340 -67.38 -6.30 38.69
C ASN O 340 -68.19 -7.26 39.52
N PRO P 116 -24.38 -33.21 60.46
CA PRO P 116 -25.29 -34.28 60.03
C PRO P 116 -26.58 -33.73 59.47
N LEU P 117 -27.15 -32.74 60.15
CA LEU P 117 -28.41 -32.16 59.69
C LEU P 117 -28.27 -31.53 58.31
N ASP P 118 -27.12 -30.93 58.02
CA ASP P 118 -26.93 -30.28 56.73
C ASP P 118 -26.88 -31.30 55.60
N LYS P 119 -26.26 -32.44 55.84
CA LYS P 119 -26.26 -33.52 54.86
C LYS P 119 -27.70 -33.94 54.58
N ILE P 120 -28.49 -34.05 55.65
CA ILE P 120 -29.89 -34.43 55.52
C ILE P 120 -30.64 -33.34 54.77
N ASN P 121 -30.27 -32.09 55.00
CA ASN P 121 -30.89 -30.96 54.32
C ASN P 121 -30.62 -31.00 52.83
N SER P 122 -29.41 -31.41 52.44
CA SER P 122 -29.12 -31.58 51.02
C SER P 122 -29.99 -32.66 50.42
N PHE P 123 -30.11 -33.81 51.11
CA PHE P 123 -31.01 -34.83 50.58
C PHE P 123 -32.41 -34.27 50.49
N LEU P 124 -32.82 -33.53 51.52
CA LEU P 124 -34.19 -33.06 51.62
C LEU P 124 -34.46 -32.12 50.46
N LEU P 125 -33.40 -31.44 50.02
CA LEU P 125 -33.48 -30.62 48.82
C LEU P 125 -33.64 -31.53 47.60
N ALA P 126 -33.07 -32.73 47.67
CA ALA P 126 -33.15 -33.66 46.55
C ALA P 126 -34.35 -34.60 46.62
N ASN P 127 -35.23 -34.47 47.62
CA ASN P 127 -36.33 -35.42 47.82
C ASN P 127 -37.58 -34.99 47.04
N ARG P 128 -37.50 -35.12 45.72
CA ARG P 128 -38.62 -34.79 44.87
C ARG P 128 -39.25 -35.99 44.19
N ILE P 129 -38.60 -37.13 44.22
CA ILE P 129 -39.06 -38.28 43.45
C ILE P 129 -39.96 -39.14 44.33
N VAL P 130 -41.15 -39.44 43.83
CA VAL P 130 -42.15 -40.22 44.55
C VAL P 130 -42.65 -41.35 43.66
N ASP P 131 -43.39 -42.26 44.27
CA ASP P 131 -43.89 -43.46 43.63
C ASP P 131 -45.17 -43.23 42.84
N ASP P 132 -45.66 -44.29 42.19
CA ASP P 132 -46.96 -44.29 41.53
C ASP P 132 -47.02 -43.32 40.35
N GLU P 133 -46.10 -43.51 39.41
CA GLU P 133 -46.21 -42.83 38.13
C GLU P 133 -47.39 -43.36 37.33
N LYS P 134 -47.67 -44.66 37.45
CA LYS P 134 -48.74 -45.31 36.70
C LYS P 134 -50.11 -44.73 37.01
N THR P 135 -50.32 -44.34 38.27
CA THR P 135 -51.64 -43.87 38.68
C THR P 135 -52.03 -42.63 37.90
N PHE P 136 -51.17 -41.62 37.90
CA PHE P 136 -51.55 -40.41 37.21
C PHE P 136 -51.19 -40.46 35.74
N THR P 137 -50.43 -41.47 35.31
CA THR P 137 -50.35 -41.66 33.86
C THR P 137 -51.73 -42.02 33.38
N SER P 138 -52.44 -42.80 34.19
CA SER P 138 -53.82 -43.13 33.90
C SER P 138 -54.74 -41.92 34.12
N ALA P 139 -54.41 -41.03 35.05
CA ALA P 139 -55.22 -39.84 35.32
C ALA P 139 -54.35 -38.62 35.57
N PRO P 140 -53.75 -38.06 34.53
CA PRO P 140 -52.99 -36.82 34.69
C PRO P 140 -53.88 -35.60 34.88
N TYR P 141 -53.41 -34.67 35.72
CA TYR P 141 -54.10 -33.41 35.92
C TYR P 141 -53.40 -32.43 34.99
N ILE P 142 -54.09 -31.95 33.97
CA ILE P 142 -53.43 -31.25 32.86
C ILE P 142 -53.27 -29.77 33.15
N VAL P 143 -52.04 -29.30 33.17
CA VAL P 143 -51.76 -27.89 33.42
C VAL P 143 -51.56 -27.17 32.09
N ALA P 144 -52.02 -25.93 32.02
CA ALA P 144 -51.85 -25.07 30.87
C ALA P 144 -52.08 -23.64 31.29
N GLY P 145 -51.76 -22.71 30.40
CA GLY P 145 -52.05 -21.30 30.64
C GLY P 145 -51.07 -20.29 30.08
N ASN P 146 -51.56 -19.39 29.23
CA ASN P 146 -50.75 -18.32 28.66
C ASN P 146 -51.13 -16.96 29.22
N ALA P 147 -52.06 -16.90 30.17
CA ALA P 147 -52.39 -15.63 30.79
C ALA P 147 -51.13 -15.09 31.46
N GLU P 148 -50.37 -16.00 32.04
CA GLU P 148 -49.03 -15.73 32.53
C GLU P 148 -48.29 -16.92 31.93
N ARG P 149 -47.73 -16.73 30.74
CA ARG P 149 -47.16 -17.85 30.01
C ARG P 149 -45.79 -18.14 30.61
N ILE P 150 -45.74 -19.08 31.53
CA ILE P 150 -44.51 -19.48 32.18
C ILE P 150 -44.45 -20.99 32.19
N VAL P 151 -43.24 -21.50 32.26
CA VAL P 151 -43.04 -22.92 32.51
C VAL P 151 -42.56 -23.13 33.93
N SER P 152 -42.59 -22.07 34.74
CA SER P 152 -42.25 -22.12 36.14
C SER P 152 -42.60 -20.78 36.77
N GLY P 153 -42.85 -20.78 38.06
CA GLY P 153 -43.03 -19.53 38.77
C GLY P 153 -43.04 -19.73 40.26
N THR P 154 -42.90 -18.63 40.98
CA THR P 154 -43.05 -18.61 42.42
C THR P 154 -44.26 -17.75 42.74
N GLY P 155 -45.36 -18.39 43.10
CA GLY P 155 -46.59 -17.67 43.37
C GLY P 155 -47.34 -17.26 42.14
N ASP P 156 -46.86 -17.64 40.96
CA ASP P 156 -47.49 -17.28 39.71
C ASP P 156 -48.74 -18.12 39.48
N ARG P 157 -49.55 -17.69 38.50
CA ARG P 157 -50.83 -18.32 38.22
C ARG P 157 -50.76 -19.23 37.01
N ILE P 158 -51.01 -20.51 37.23
CA ILE P 158 -51.19 -21.45 36.14
C ILE P 158 -52.61 -21.97 36.21
N TYR P 159 -53.12 -22.50 35.12
CA TYR P 159 -54.43 -23.09 35.15
C TYR P 159 -54.30 -24.58 34.93
N ALA P 160 -55.28 -25.35 35.40
CA ALA P 160 -55.23 -26.77 35.09
C ALA P 160 -56.61 -27.41 35.08
N ARG P 161 -56.75 -28.41 34.22
CA ARG P 161 -57.98 -29.17 34.02
C ARG P 161 -57.89 -30.50 34.74
N GLY P 162 -58.93 -30.81 35.50
CA GLY P 162 -59.08 -32.08 36.19
C GLY P 162 -59.86 -31.89 37.47
N LYS P 163 -60.29 -33.00 38.06
CA LYS P 163 -61.05 -32.91 39.30
C LYS P 163 -60.18 -32.34 40.40
N PHE P 164 -58.86 -32.36 40.20
CA PHE P 164 -57.92 -31.89 41.20
C PHE P 164 -58.24 -30.45 41.55
N ALA P 165 -58.65 -29.67 40.54
CA ALA P 165 -59.14 -28.32 40.77
C ALA P 165 -60.27 -28.33 41.79
N ASP P 166 -61.27 -29.18 41.54
CA ASP P 166 -62.39 -29.32 42.46
C ASP P 166 -61.94 -29.82 43.83
N GLY P 167 -61.01 -30.76 43.86
CA GLY P 167 -60.64 -31.37 45.12
C GLY P 167 -59.44 -30.77 45.81
N GLN P 168 -58.33 -31.49 45.84
CA GLN P 168 -57.18 -31.12 46.65
C GLN P 168 -56.57 -29.79 46.23
N PRO P 169 -56.51 -28.80 47.13
CA PRO P 169 -55.86 -27.53 46.75
C PRO P 169 -54.36 -27.64 46.46
N ALA P 170 -53.60 -28.33 47.29
CA ALA P 170 -52.21 -28.52 46.94
C ALA P 170 -52.07 -29.69 45.98
N TYR P 171 -50.87 -29.84 45.42
CA TYR P 171 -50.59 -31.03 44.62
C TYR P 171 -49.09 -31.03 44.31
N GLY P 172 -48.62 -32.19 43.87
CA GLY P 172 -47.23 -32.39 43.51
C GLY P 172 -47.09 -32.54 42.01
N ILE P 173 -46.23 -31.73 41.43
CA ILE P 173 -45.99 -31.77 39.99
C ILE P 173 -44.84 -32.73 39.74
N PHE P 174 -45.09 -33.78 38.97
CA PHE P 174 -44.10 -34.82 38.79
C PHE P 174 -43.84 -35.10 37.32
N ARG P 175 -42.58 -35.12 36.94
CA ARG P 175 -42.23 -35.65 35.63
C ARG P 175 -41.99 -37.15 35.77
N GLN P 176 -42.21 -37.87 34.68
CA GLN P 176 -42.23 -39.33 34.67
C GLN P 176 -40.92 -39.93 34.19
N GLY P 177 -40.25 -40.69 35.05
CA GLY P 177 -39.11 -41.50 34.69
C GLY P 177 -39.53 -42.96 34.84
N LYS P 178 -38.71 -43.88 34.32
CA LYS P 178 -39.08 -45.28 34.39
C LYS P 178 -37.89 -46.10 34.84
N VAL P 179 -38.10 -46.95 35.84
CA VAL P 179 -37.06 -47.79 36.40
C VAL P 179 -37.40 -49.23 36.02
N TYR P 180 -36.72 -49.73 35.00
CA TYR P 180 -37.03 -51.02 34.41
C TYR P 180 -36.20 -52.11 35.07
N ILE P 181 -36.85 -52.87 35.95
CA ILE P 181 -36.15 -53.94 36.65
C ILE P 181 -36.88 -55.24 36.34
N ASP P 182 -36.34 -56.35 36.85
CA ASP P 182 -36.97 -57.66 36.70
C ASP P 182 -37.23 -57.93 35.22
N PRO P 183 -36.17 -58.01 34.40
CA PRO P 183 -36.38 -58.08 32.95
C PRO P 183 -37.35 -59.17 32.53
N LYS P 184 -37.35 -60.32 33.21
CA LYS P 184 -38.37 -61.32 32.90
C LYS P 184 -39.75 -60.76 33.19
N THR P 185 -39.90 -60.00 34.27
CA THR P 185 -41.17 -59.33 34.53
C THR P 185 -41.23 -58.01 33.79
N LYS P 186 -40.07 -57.46 33.44
CA LYS P 186 -39.99 -56.29 32.56
C LYS P 186 -40.85 -55.13 33.04
N GLU P 187 -40.80 -54.89 34.36
CA GLU P 187 -41.61 -53.89 35.02
C GLU P 187 -40.80 -52.61 35.18
N VAL P 188 -41.42 -51.48 34.85
CA VAL P 188 -40.85 -50.18 35.18
C VAL P 188 -41.69 -49.59 36.31
N LEU P 189 -41.09 -49.45 37.48
CA LEU P 189 -41.68 -48.61 38.50
C LEU P 189 -41.05 -47.24 38.31
N GLY P 190 -41.83 -46.27 37.87
CA GLY P 190 -41.31 -44.99 37.46
C GLY P 190 -40.89 -44.10 38.60
N ILE P 191 -40.40 -42.93 38.21
CA ILE P 191 -39.92 -41.91 39.13
C ILE P 191 -40.75 -40.66 38.92
N ASN P 192 -41.39 -40.19 39.97
CA ASN P 192 -42.19 -38.98 39.91
C ASN P 192 -41.38 -37.82 40.48
N ALA P 193 -40.64 -37.14 39.61
CA ALA P 193 -39.82 -36.01 40.06
C ALA P 193 -40.72 -34.83 40.39
N ASP P 194 -40.69 -34.37 41.65
CA ASP P 194 -41.60 -33.33 42.11
C ASP P 194 -41.08 -31.97 41.69
N ASP P 195 -41.84 -31.29 40.85
CA ASP P 195 -41.33 -30.06 40.25
C ASP P 195 -41.48 -28.88 41.20
N ILE P 196 -42.72 -28.53 41.54
CA ILE P 196 -42.99 -27.47 42.50
C ILE P 196 -42.81 -28.01 43.91
N GLY P 197 -42.33 -27.15 44.80
CA GLY P 197 -42.35 -27.51 46.21
C GLY P 197 -43.77 -27.65 46.71
N GLY P 198 -44.64 -26.75 46.28
CA GLY P 198 -46.04 -26.79 46.65
C GLY P 198 -46.82 -25.86 45.76
N GLY P 199 -48.13 -25.95 45.88
CA GLY P 199 -48.99 -25.00 45.20
C GLY P 199 -50.35 -25.02 45.82
N GLU P 200 -51.11 -23.96 45.58
CA GLU P 200 -52.46 -23.89 46.09
C GLU P 200 -53.39 -23.40 44.98
N VAL P 201 -54.69 -23.58 45.19
CA VAL P 201 -55.62 -23.42 44.09
C VAL P 201 -56.66 -22.35 44.37
N VAL P 202 -57.26 -21.90 43.27
CA VAL P 202 -58.51 -21.18 43.23
C VAL P 202 -59.28 -21.96 42.16
N ALA P 203 -60.60 -21.93 42.25
CA ALA P 203 -61.41 -22.75 41.37
C ALA P 203 -62.04 -21.90 40.29
N THR P 204 -61.97 -22.37 39.06
CA THR P 204 -62.61 -21.66 37.96
C THR P 204 -63.53 -22.64 37.26
N GLU P 205 -64.56 -22.08 36.65
CA GLU P 205 -65.50 -22.90 35.92
C GLU P 205 -64.85 -23.50 34.68
N GLY P 206 -65.41 -24.61 34.22
CA GLY P 206 -64.79 -25.33 33.14
C GLY P 206 -63.90 -26.43 33.63
N ASP P 207 -63.86 -26.66 34.94
CA ASP P 207 -63.08 -27.68 35.62
C ASP P 207 -61.61 -27.30 35.63
N VAL P 208 -61.30 -26.07 35.24
CA VAL P 208 -59.96 -25.56 35.28
C VAL P 208 -59.76 -24.86 36.62
N ALA P 209 -58.50 -24.67 36.99
CA ALA P 209 -58.16 -24.01 38.23
C ALA P 209 -57.05 -23.01 37.97
N THR P 210 -56.91 -22.07 38.90
CA THR P 210 -55.84 -21.07 38.87
C THR P 210 -55.03 -21.21 40.14
N LEU P 211 -53.79 -21.64 40.00
CA LEU P 211 -52.98 -21.96 41.16
C LEU P 211 -51.76 -21.05 41.28
N ALA P 212 -51.33 -20.91 42.53
CA ALA P 212 -50.11 -20.22 42.91
C ALA P 212 -49.06 -21.28 43.25
N LEU P 213 -47.81 -21.00 42.91
CA LEU P 213 -46.76 -22.01 42.94
C LEU P 213 -45.59 -21.65 43.85
N THR P 214 -45.36 -22.46 44.88
CA THR P 214 -44.13 -22.37 45.66
C THR P 214 -43.14 -23.29 44.95
N ARG P 215 -42.16 -22.70 44.27
CA ARG P 215 -41.29 -23.48 43.41
C ARG P 215 -40.06 -24.04 44.12
N THR P 216 -39.73 -25.30 43.81
CA THR P 216 -38.56 -26.00 44.31
C THR P 216 -37.48 -26.40 43.31
N THR P 217 -37.04 -25.49 42.44
CA THR P 217 -35.91 -25.62 41.51
C THR P 217 -36.30 -26.34 40.24
N GLN P 218 -37.49 -26.87 40.13
CA GLN P 218 -37.85 -27.63 38.95
C GLN P 218 -38.92 -26.94 38.12
N GLU P 219 -38.57 -26.58 36.87
CA GLU P 219 -39.48 -25.83 36.03
C GLU P 219 -40.70 -26.70 35.80
N VAL P 220 -41.87 -26.09 35.75
CA VAL P 220 -43.08 -26.85 35.51
C VAL P 220 -43.53 -26.62 34.09
N ARG P 221 -43.34 -27.62 33.24
CA ARG P 221 -43.65 -27.45 31.83
C ARG P 221 -45.07 -26.96 31.70
N LEU P 222 -45.31 -26.02 30.79
CA LEU P 222 -46.66 -25.47 30.71
C LEU P 222 -47.67 -26.57 30.43
N GLY P 223 -47.30 -27.55 29.60
CA GLY P 223 -48.10 -28.73 29.39
C GLY P 223 -47.65 -29.92 30.24
N ASP P 224 -47.57 -29.77 31.56
CA ASP P 224 -47.08 -30.82 32.43
C ASP P 224 -48.22 -31.64 33.02
N ARG P 225 -47.84 -32.71 33.73
CA ARG P 225 -48.76 -33.58 34.43
C ARG P 225 -48.73 -33.28 35.93
N LEU P 226 -49.90 -33.09 36.51
CA LEU P 226 -50.02 -32.79 37.93
C LEU P 226 -50.60 -33.99 38.67
N PHE P 227 -50.19 -34.18 39.91
CA PHE P 227 -50.61 -35.32 40.72
C PHE P 227 -50.97 -34.78 42.09
N PRO P 228 -51.80 -35.49 42.86
CA PRO P 228 -52.17 -34.98 44.20
C PRO P 228 -50.98 -34.81 45.12
N THR P 229 -51.14 -33.91 46.09
CA THR P 229 -50.10 -33.62 47.06
C THR P 229 -50.06 -34.69 48.13
N GLU P 230 -48.87 -35.23 48.38
CA GLU P 230 -48.67 -36.34 49.32
C GLU P 230 -47.48 -36.00 50.21
N GLU P 231 -47.76 -35.35 51.33
CA GLU P 231 -46.69 -34.92 52.22
C GLU P 231 -46.12 -36.10 52.98
N ARG P 232 -44.80 -36.27 52.92
CA ARG P 232 -44.12 -37.35 53.61
C ARG P 232 -43.10 -36.77 54.59
N ALA P 233 -43.08 -37.31 55.79
CA ALA P 233 -42.20 -36.81 56.84
C ALA P 233 -40.84 -37.51 56.73
N VAL P 234 -39.77 -36.71 56.63
CA VAL P 234 -38.41 -37.23 56.62
C VAL P 234 -37.68 -36.64 57.82
N ASN P 235 -36.81 -37.42 58.41
CA ASN P 235 -36.06 -36.98 59.59
C ASN P 235 -34.56 -37.13 59.36
N SER P 236 -33.80 -36.43 60.19
CA SER P 236 -32.35 -36.50 60.17
C SER P 236 -31.84 -37.67 61.00
N THR P 237 -32.75 -38.49 61.49
CA THR P 237 -32.42 -39.66 62.29
C THR P 237 -31.83 -40.77 61.43
N PHE P 238 -31.95 -40.67 60.12
CA PHE P 238 -31.34 -41.64 59.23
C PHE P 238 -29.84 -41.45 59.12
N MET P 239 -29.31 -40.32 59.59
CA MET P 239 -27.91 -40.00 59.36
C MET P 239 -26.96 -41.07 59.88
N PRO P 240 -27.15 -41.67 61.06
CA PRO P 240 -26.17 -42.66 61.52
C PRO P 240 -26.05 -43.87 60.61
N GLY P 241 -27.10 -44.18 59.86
CA GLY P 241 -27.02 -45.28 58.91
C GLY P 241 -27.67 -46.54 59.45
N GLU P 242 -28.07 -47.39 58.51
CA GLU P 242 -28.71 -48.68 58.83
C GLU P 242 -28.13 -49.73 57.90
N PRO P 243 -26.90 -50.15 58.15
CA PRO P 243 -26.19 -51.02 57.20
C PRO P 243 -26.44 -52.51 57.33
N SER P 244 -27.13 -53.09 56.36
CA SER P 244 -27.30 -54.54 56.28
C SER P 244 -26.66 -54.98 54.97
N ARG P 245 -25.66 -55.86 55.07
CA ARG P 245 -24.88 -56.25 53.89
C ARG P 245 -25.66 -57.11 52.91
N GLU P 246 -26.57 -57.96 53.39
CA GLU P 246 -27.23 -58.94 52.52
C GLU P 246 -27.86 -58.27 51.32
N VAL P 247 -28.40 -57.07 51.53
CA VAL P 247 -29.02 -56.33 50.46
C VAL P 247 -27.98 -56.03 49.40
N LYS P 248 -28.20 -56.50 48.18
CA LYS P 248 -27.25 -56.26 47.10
C LYS P 248 -28.00 -56.15 45.79
N GLY P 249 -27.73 -55.07 45.05
CA GLY P 249 -28.45 -54.84 43.81
C GLY P 249 -27.79 -53.75 43.01
N GLU P 250 -28.21 -53.66 41.76
CA GLU P 250 -27.71 -52.65 40.85
C GLU P 250 -28.44 -51.32 41.05
N ILE P 251 -27.87 -50.28 40.46
CA ILE P 251 -28.44 -48.95 40.52
C ILE P 251 -28.72 -48.47 39.09
N ILE P 252 -29.86 -47.80 38.90
CA ILE P 252 -30.18 -47.21 37.61
C ILE P 252 -30.98 -45.92 37.80
N ASP P 253 -31.28 -45.27 36.69
CA ASP P 253 -32.26 -44.18 36.60
C ASP P 253 -31.99 -43.05 37.58
N VAL P 254 -30.84 -42.39 37.43
CA VAL P 254 -30.62 -41.21 38.24
C VAL P 254 -31.21 -40.03 37.47
N PRO P 255 -31.83 -39.05 38.15
CA PRO P 255 -32.30 -37.87 37.44
C PRO P 255 -31.18 -37.19 36.70
N ARG P 256 -29.99 -37.23 37.28
CA ARG P 256 -28.83 -36.64 36.64
C ARG P 256 -28.57 -37.30 35.29
N GLY P 257 -28.72 -38.62 35.22
CA GLY P 257 -28.48 -39.39 34.02
C GLY P 257 -27.02 -39.59 33.71
N VAL P 258 -26.15 -38.92 34.44
CA VAL P 258 -24.71 -38.99 34.25
C VAL P 258 -24.10 -40.16 34.97
N THR P 259 -23.23 -40.88 34.28
CA THR P 259 -22.49 -41.95 34.92
C THR P 259 -21.34 -41.33 35.71
N GLN P 260 -21.00 -41.98 36.82
CA GLN P 260 -19.86 -41.65 37.68
C GLN P 260 -20.13 -40.47 38.62
N ILE P 261 -21.40 -40.07 38.77
CA ILE P 261 -21.70 -38.97 39.67
C ILE P 261 -21.12 -39.26 41.05
N GLY P 262 -20.63 -38.21 41.71
CA GLY P 262 -19.91 -38.35 42.95
C GLY P 262 -20.36 -37.37 44.01
N GLN P 263 -19.75 -37.53 45.20
CA GLN P 263 -19.97 -36.75 46.41
C GLN P 263 -21.31 -37.11 47.05
N PHE P 264 -22.39 -37.05 46.28
CA PHE P 264 -23.71 -37.47 46.70
C PHE P 264 -24.63 -37.33 45.50
N ASP P 265 -25.74 -38.07 45.54
CA ASP P 265 -26.71 -38.01 44.45
C ASP P 265 -27.94 -38.82 44.83
N VAL P 266 -29.05 -38.51 44.18
CA VAL P 266 -30.29 -39.23 44.38
C VAL P 266 -30.31 -40.36 43.37
N VAL P 267 -30.27 -41.59 43.86
CA VAL P 267 -30.22 -42.77 43.04
C VAL P 267 -31.45 -43.61 43.33
N THR P 268 -31.77 -44.49 42.39
CA THR P 268 -32.92 -45.37 42.52
C THR P 268 -32.41 -46.80 42.51
N LEU P 269 -32.44 -47.44 43.67
CA LEU P 269 -31.98 -48.82 43.70
C LEU P 269 -33.02 -49.74 43.05
N ASN P 270 -32.55 -50.87 42.51
CA ASN P 270 -33.43 -51.77 41.77
C ASN P 270 -34.38 -52.57 42.68
N ARG P 271 -35.30 -53.31 42.03
CA ARG P 271 -36.45 -53.91 42.72
C ARG P 271 -36.11 -55.09 43.62
N GLY P 272 -35.32 -56.06 43.14
CA GLY P 272 -34.88 -57.10 44.07
C GLY P 272 -34.04 -56.44 45.13
N GLN P 273 -33.25 -55.48 44.67
CA GLN P 273 -32.47 -54.68 45.59
C GLN P 273 -33.42 -53.92 46.50
N ARG P 274 -34.56 -53.49 45.96
CA ARG P 274 -35.57 -52.75 46.72
C ARG P 274 -36.17 -53.55 47.87
N ASP P 275 -36.46 -54.82 47.64
CA ASP P 275 -37.01 -55.63 48.73
C ASP P 275 -35.94 -55.85 49.78
N GLY P 276 -34.71 -56.13 49.33
CA GLY P 276 -33.65 -56.23 50.31
C GLY P 276 -33.53 -54.91 51.06
N LEU P 277 -33.73 -53.80 50.35
CA LEU P 277 -33.64 -52.49 50.94
C LEU P 277 -34.67 -52.36 52.04
N ALA P 278 -35.85 -52.90 51.78
CA ALA P 278 -36.89 -52.95 52.79
C ALA P 278 -36.30 -53.61 54.01
N GLU P 279 -35.40 -54.57 53.80
CA GLU P 279 -34.69 -55.12 54.94
C GLU P 279 -33.56 -54.17 55.38
N GLY P 280 -32.61 -53.87 54.50
CA GLY P 280 -31.41 -53.10 54.86
C GLY P 280 -31.23 -51.72 54.22
N ASN P 281 -31.13 -50.67 55.03
CA ASN P 281 -30.98 -49.30 54.49
C ASN P 281 -29.60 -48.96 53.90
N VAL P 282 -28.49 -49.35 54.52
CA VAL P 282 -27.18 -48.82 54.07
C VAL P 282 -26.35 -49.87 53.36
N LEU P 283 -25.63 -49.44 52.31
CA LEU P 283 -24.72 -50.31 51.56
C LEU P 283 -23.57 -49.49 50.97
N ALA P 284 -22.47 -50.20 50.68
CA ALA P 284 -21.27 -49.70 50.05
C ALA P 284 -21.39 -49.73 48.52
N ILE P 285 -20.55 -48.93 47.88
CA ILE P 285 -20.53 -48.74 46.44
C ILE P 285 -19.58 -49.74 45.79
N TYR P 286 -19.98 -50.32 44.65
CA TYR P 286 -19.09 -51.16 43.85
C TYR P 286 -19.23 -50.76 42.38
N LYS P 287 -18.10 -50.54 41.71
CA LYS P 287 -18.11 -50.28 40.28
C LYS P 287 -17.50 -51.50 39.61
N VAL P 288 -18.27 -52.18 38.77
CA VAL P 288 -17.77 -53.37 38.09
C VAL P 288 -17.12 -52.97 36.78
N GLY P 289 -15.82 -53.27 36.64
CA GLY P 289 -15.07 -52.92 35.44
C GLY P 289 -14.55 -54.13 34.67
N GLU P 290 -14.79 -54.18 33.37
CA GLU P 290 -14.39 -55.33 32.57
C GLU P 290 -12.93 -55.27 32.17
N THR P 291 -12.19 -56.34 32.47
CA THR P 291 -10.78 -56.47 32.15
C THR P 291 -10.63 -57.49 31.02
N VAL P 292 -10.02 -57.07 29.91
CA VAL P 292 -9.93 -57.91 28.72
C VAL P 292 -8.59 -58.60 28.65
N ARG P 293 -8.60 -59.91 28.39
CA ARG P 293 -7.35 -60.66 28.20
C ARG P 293 -6.87 -60.41 26.77
N ASP P 294 -6.39 -59.19 26.56
CA ASP P 294 -6.13 -58.71 25.21
C ASP P 294 -5.08 -59.55 24.50
N ARG P 295 -4.04 -59.97 25.22
CA ARG P 295 -2.93 -60.65 24.59
C ARG P 295 -2.97 -62.15 24.79
N VAL P 296 -4.06 -62.68 25.34
CA VAL P 296 -4.18 -64.12 25.48
C VAL P 296 -5.41 -64.61 24.72
N THR P 297 -6.57 -64.06 25.07
CA THR P 297 -7.82 -64.52 24.48
C THR P 297 -8.65 -63.37 23.92
N GLY P 298 -8.45 -62.17 24.44
CA GLY P 298 -9.32 -61.07 24.08
C GLY P 298 -10.61 -61.07 24.88
N GLU P 299 -10.82 -62.09 25.71
CA GLU P 299 -11.99 -62.15 26.57
C GLU P 299 -11.87 -61.15 27.70
N SER P 300 -12.97 -60.47 28.00
CA SER P 300 -13.00 -59.48 29.05
C SER P 300 -13.91 -59.95 30.18
N VAL P 301 -13.38 -59.93 31.40
CA VAL P 301 -14.07 -60.40 32.59
C VAL P 301 -14.36 -59.19 33.46
N LYS P 302 -15.62 -58.99 33.80
CA LYS P 302 -15.99 -57.89 34.67
C LYS P 302 -15.56 -58.22 36.09
N ILE P 303 -14.89 -57.27 36.75
CA ILE P 303 -14.41 -57.44 38.11
C ILE P 303 -15.01 -56.32 38.95
N PRO P 304 -15.72 -56.62 40.04
CA PRO P 304 -16.21 -55.55 40.92
C PRO P 304 -15.07 -54.89 41.68
N ASP P 305 -15.10 -53.57 41.73
CA ASP P 305 -14.13 -52.78 42.46
C ASP P 305 -14.88 -52.06 43.56
N GLU P 306 -14.59 -52.41 44.81
CA GLU P 306 -15.27 -51.75 45.91
C GLU P 306 -14.87 -50.29 45.91
N ARG P 307 -15.84 -49.43 46.02
CA ARG P 307 -15.64 -48.00 45.89
C ARG P 307 -15.95 -47.33 47.21
N ALA P 308 -15.10 -46.39 47.59
CA ALA P 308 -15.33 -45.62 48.80
C ALA P 308 -16.62 -44.80 48.66
N GLY P 309 -17.41 -44.77 49.73
CA GLY P 309 -18.66 -44.05 49.70
C GLY P 309 -19.84 -44.98 49.89
N LEU P 310 -20.86 -44.52 50.60
CA LEU P 310 -22.01 -45.38 50.87
C LEU P 310 -23.29 -44.61 50.65
N LEU P 311 -24.36 -45.39 50.48
CA LEU P 311 -25.68 -44.85 50.21
C LEU P 311 -26.47 -44.66 51.50
N MET P 312 -27.20 -43.56 51.60
CA MET P 312 -28.23 -43.44 52.61
C MET P 312 -29.53 -43.67 51.86
N VAL P 313 -30.32 -44.62 52.31
CA VAL P 313 -31.49 -45.04 51.55
C VAL P 313 -32.78 -44.75 52.30
N PHE P 314 -33.72 -44.09 51.61
CA PHE P 314 -35.06 -43.90 52.13
C PHE P 314 -35.96 -44.68 51.18
N ARG P 315 -36.75 -45.59 51.72
CA ARG P 315 -37.48 -46.54 50.88
C ARG P 315 -38.97 -46.24 50.86
N THR P 316 -39.50 -46.12 49.66
CA THR P 316 -40.94 -46.01 49.47
C THR P 316 -41.40 -47.38 49.00
N TYR P 317 -41.92 -48.19 49.93
CA TYR P 317 -42.42 -49.51 49.58
C TYR P 317 -43.45 -49.40 48.47
N LYS P 318 -43.53 -50.45 47.65
CA LYS P 318 -44.40 -50.52 46.46
C LYS P 318 -43.73 -49.74 45.34
N LYS P 319 -42.49 -49.33 45.54
CA LYS P 319 -41.70 -48.59 44.58
C LYS P 319 -40.25 -48.92 44.89
N LEU P 320 -39.33 -48.16 44.32
CA LEU P 320 -37.93 -48.40 44.57
C LEU P 320 -37.47 -47.57 45.76
N SER P 321 -36.18 -47.67 46.07
CA SER P 321 -35.61 -46.88 47.15
C SER P 321 -34.92 -45.65 46.58
N TYR P 322 -35.33 -44.49 47.10
CA TYR P 322 -34.73 -43.20 46.80
C TYR P 322 -33.56 -43.01 47.76
N ALA P 323 -32.35 -43.06 47.26
CA ALA P 323 -31.18 -43.05 48.12
C ALA P 323 -30.23 -41.91 47.80
N LEU P 324 -29.92 -41.09 48.78
CA LEU P 324 -28.89 -40.09 48.58
C LEU P 324 -27.58 -40.74 48.96
N VAL P 325 -26.81 -41.09 47.98
CA VAL P 325 -25.54 -41.74 48.20
C VAL P 325 -24.44 -40.69 48.31
N LEU P 326 -23.63 -40.82 49.34
CA LEU P 326 -22.44 -40.00 49.48
C LEU P 326 -21.28 -40.79 48.89
N MET P 327 -20.70 -40.26 47.83
CA MET P 327 -19.59 -40.92 47.17
C MET P 327 -18.27 -40.43 47.75
N ALA P 328 -17.50 -41.34 48.32
CA ALA P 328 -16.17 -40.98 48.81
C ALA P 328 -15.23 -41.15 47.63
N SER P 329 -15.15 -40.11 46.81
CA SER P 329 -14.26 -40.00 45.66
C SER P 329 -14.66 -40.81 44.43
N ARG P 330 -14.91 -42.09 44.63
CA ARG P 330 -15.13 -43.01 43.54
C ARG P 330 -16.28 -42.59 42.63
N PRO P 331 -16.02 -42.32 41.35
CA PRO P 331 -17.12 -42.02 40.42
C PRO P 331 -17.66 -43.27 39.74
N LEU P 332 -18.92 -43.61 40.01
CA LEU P 332 -19.49 -44.88 39.55
C LEU P 332 -20.56 -44.68 38.47
N SER P 333 -20.61 -45.62 37.54
CA SER P 333 -21.49 -45.48 36.39
C SER P 333 -22.95 -45.54 36.82
N VAL P 334 -23.84 -45.14 35.91
CA VAL P 334 -25.27 -45.11 36.22
C VAL P 334 -25.73 -46.49 36.67
N THR P 335 -25.16 -47.53 36.06
CA THR P 335 -25.42 -48.91 36.47
C THR P 335 -24.16 -49.46 37.12
N ASP P 336 -24.26 -49.80 38.40
CA ASP P 336 -23.14 -50.34 39.14
C ASP P 336 -23.71 -51.12 40.31
N ARG P 337 -22.87 -51.94 40.93
CA ARG P 337 -23.34 -52.80 42.01
C ARG P 337 -23.29 -52.08 43.34
N VAL P 338 -24.45 -51.85 43.94
CA VAL P 338 -24.49 -51.41 45.32
C VAL P 338 -24.59 -52.66 46.15
N GLN P 339 -23.66 -52.85 47.07
CA GLN P 339 -23.57 -54.09 47.83
C GLN P 339 -22.87 -53.77 49.14
N ASN P 340 -22.73 -54.77 49.99
CA ASN P 340 -22.01 -54.54 51.23
C ASN P 340 -21.59 -55.88 51.80
N PRO Q 116 32.37 -46.26 46.30
CA PRO Q 116 32.17 -47.61 45.79
C PRO Q 116 30.73 -48.05 45.90
N LEU Q 117 30.12 -47.79 47.06
CA LEU Q 117 28.73 -48.19 47.28
C LEU Q 117 27.78 -47.52 46.29
N ASP Q 118 28.06 -46.27 45.92
CA ASP Q 118 27.19 -45.56 45.00
C ASP Q 118 27.24 -46.16 43.61
N LYS Q 119 28.43 -46.57 43.17
CA LYS Q 119 28.55 -47.28 41.90
C LYS Q 119 27.70 -48.54 41.93
N ILE Q 120 27.77 -49.25 43.05
CA ILE Q 120 27.00 -50.48 43.20
C ILE Q 120 25.52 -50.14 43.22
N ASN Q 121 25.17 -49.00 43.80
CA ASN Q 121 23.78 -48.57 43.85
C ASN Q 121 23.26 -48.28 42.46
N SER Q 122 24.09 -47.71 41.59
CA SER Q 122 23.68 -47.49 40.21
C SER Q 122 23.43 -48.83 39.52
N PHE Q 123 24.34 -49.80 39.70
CA PHE Q 123 24.06 -51.10 39.11
C PHE Q 123 22.77 -51.65 39.69
N LEU Q 124 22.59 -51.49 41.00
CA LEU Q 124 21.47 -52.10 41.67
C LEU Q 124 20.19 -51.50 41.12
N LEU Q 125 20.28 -50.24 40.70
CA LEU Q 125 19.18 -49.62 40.00
C LEU Q 125 18.99 -50.26 38.64
N ALA Q 126 20.08 -50.75 38.05
CA ALA Q 126 20.01 -51.38 36.73
C ALA Q 126 19.78 -52.89 36.79
N ASN Q 127 19.62 -53.48 37.98
CA ASN Q 127 19.54 -54.94 38.10
C ASN Q 127 18.09 -55.43 37.97
N ARG Q 128 17.57 -55.35 36.76
CA ARG Q 128 16.22 -55.80 36.49
C ARG Q 128 16.15 -57.04 35.63
N ILE Q 129 17.24 -57.42 35.01
CA ILE Q 129 17.21 -58.49 34.02
C ILE Q 129 17.54 -59.81 34.71
N VAL Q 130 16.68 -60.80 34.52
CA VAL Q 130 16.84 -62.11 35.15
C VAL Q 130 16.70 -63.19 34.07
N ASP Q 131 17.04 -64.41 34.47
CA ASP Q 131 17.07 -65.57 33.59
C ASP Q 131 15.69 -66.21 33.38
N ASP Q 132 15.67 -67.25 32.55
CA ASP Q 132 14.48 -68.09 32.37
C ASP Q 132 13.32 -67.33 31.76
N GLU Q 133 13.57 -66.76 30.59
CA GLU Q 133 12.48 -66.23 29.77
C GLU Q 133 11.60 -67.36 29.24
N LYS Q 134 12.22 -68.49 28.91
CA LYS Q 134 11.52 -69.62 28.32
C LYS Q 134 10.44 -70.17 29.24
N THR Q 135 10.69 -70.16 30.55
CA THR Q 135 9.76 -70.77 31.49
C THR Q 135 8.41 -70.06 31.42
N PHE Q 136 8.40 -68.73 31.56
CA PHE Q 136 7.12 -68.07 31.56
C PHE Q 136 6.68 -67.72 30.16
N THR Q 137 7.53 -67.90 29.15
CA THR Q 137 6.98 -67.84 27.80
C THR Q 137 6.04 -69.01 27.66
N SER Q 138 6.42 -70.14 28.26
CA SER Q 138 5.55 -71.30 28.31
C SER Q 138 4.37 -71.09 29.26
N ALA Q 139 4.54 -70.30 30.32
CA ALA Q 139 3.45 -70.02 31.26
C ALA Q 139 3.46 -68.56 31.70
N PRO Q 140 3.02 -67.66 30.83
CA PRO Q 140 2.90 -66.25 31.23
C PRO Q 140 1.71 -66.00 32.16
N TYR Q 141 1.90 -65.09 33.11
CA TYR Q 141 0.82 -64.67 33.98
C TYR Q 141 0.28 -63.39 33.36
N ILE Q 142 -0.96 -63.44 32.87
CA ILE Q 142 -1.46 -62.39 31.98
C ILE Q 142 -2.06 -61.23 32.77
N VAL Q 143 -1.51 -60.04 32.60
CA VAL Q 143 -2.00 -58.86 33.30
C VAL Q 143 -2.93 -58.09 32.37
N ALA Q 144 -3.97 -57.51 32.94
CA ALA Q 144 -4.91 -56.66 32.22
C ALA Q 144 -5.67 -55.82 33.23
N GLY Q 145 -6.43 -54.85 32.73
CA GLY Q 145 -7.31 -54.07 33.57
C GLY Q 145 -7.51 -52.61 33.20
N ASN Q 146 -8.77 -52.23 32.97
CA ASN Q 146 -9.11 -50.84 32.65
C ASN Q 146 -9.87 -50.17 33.79
N ALA Q 147 -10.06 -50.86 34.92
CA ALA Q 147 -10.67 -50.21 36.06
C ALA Q 147 -9.84 -49.03 36.47
N GLU Q 148 -8.52 -49.20 36.38
CA GLU Q 148 -7.55 -48.13 36.50
C GLU Q 148 -6.68 -48.43 35.28
N ARG Q 149 -7.00 -47.80 34.17
CA ARG Q 149 -6.35 -48.15 32.90
C ARG Q 149 -5.00 -47.47 32.90
N ILE Q 150 -3.97 -48.21 33.31
CA ILE Q 150 -2.61 -47.70 33.34
C ILE Q 150 -1.70 -48.75 32.75
N VAL Q 151 -0.57 -48.29 32.23
CA VAL Q 151 0.48 -49.20 31.82
C VAL Q 151 1.62 -49.15 32.83
N SER Q 152 1.39 -48.47 33.94
CA SER Q 152 2.32 -48.40 35.04
C SER Q 152 1.64 -47.73 36.22
N GLY Q 153 2.12 -48.02 37.43
CA GLY Q 153 1.63 -47.30 38.59
C GLY Q 153 2.46 -47.59 39.80
N THR Q 154 2.28 -46.75 40.81
CA THR Q 154 2.89 -46.97 42.12
C THR Q 154 1.76 -47.21 43.10
N GLY Q 155 1.57 -48.46 43.50
CA GLY Q 155 0.49 -48.82 44.39
C GLY Q 155 -0.85 -48.92 43.72
N ASP Q 156 -0.90 -48.76 42.39
CA ASP Q 156 -2.14 -48.82 41.65
C ASP Q 156 -2.60 -50.26 41.50
N ARG Q 157 -3.85 -50.43 41.06
CA ARG Q 157 -4.46 -51.74 40.96
C ARG Q 157 -4.51 -52.24 39.53
N ILE Q 158 -3.83 -53.36 39.28
CA ILE Q 158 -3.95 -54.06 38.02
C ILE Q 158 -4.55 -55.43 38.32
N TYR Q 159 -5.12 -56.05 37.31
CA TYR Q 159 -5.64 -57.38 37.50
C TYR Q 159 -4.81 -58.35 36.68
N ALA Q 160 -4.79 -59.61 37.08
CA ALA Q 160 -4.11 -60.59 36.24
C ALA Q 160 -4.65 -61.99 36.39
N ARG Q 161 -4.59 -62.73 35.29
CA ARG Q 161 -5.08 -64.10 35.20
C ARG Q 161 -3.91 -65.07 35.26
N GLY Q 162 -4.04 -66.08 36.12
CA GLY Q 162 -3.07 -67.15 36.26
C GLY Q 162 -3.07 -67.65 37.68
N LYS Q 163 -2.44 -68.82 37.88
CA LYS Q 163 -2.38 -69.38 39.24
C LYS Q 163 -1.59 -68.46 40.14
N PHE Q 164 -0.81 -67.57 39.56
CA PHE Q 164 0.04 -66.67 40.34
C PHE Q 164 -0.83 -65.87 41.29
N ALA Q 165 -2.03 -65.51 40.86
CA ALA Q 165 -3.01 -64.88 41.74
C ALA Q 165 -3.26 -65.76 42.96
N ASP Q 166 -3.54 -67.04 42.72
CA ASP Q 166 -3.75 -67.99 43.80
C ASP Q 166 -2.51 -68.16 44.65
N GLY Q 167 -1.34 -68.21 44.02
CA GLY Q 167 -0.12 -68.50 44.75
C GLY Q 167 0.67 -67.30 45.23
N GLN Q 168 1.82 -67.05 44.63
CA GLN Q 168 2.76 -66.07 45.13
C GLN Q 168 2.20 -64.66 45.11
N PRO Q 169 2.12 -63.98 46.25
CA PRO Q 169 1.64 -62.58 46.24
C PRO Q 169 2.54 -61.61 45.48
N ALA Q 170 3.85 -61.66 45.71
CA ALA Q 170 4.71 -60.80 44.90
C ALA Q 170 4.99 -61.47 43.57
N TYR Q 171 5.60 -60.71 42.65
CA TYR Q 171 6.07 -61.30 41.40
C TYR Q 171 6.90 -60.25 40.68
N GLY Q 172 7.66 -60.72 39.69
CA GLY Q 172 8.51 -59.88 38.88
C GLY Q 172 7.95 -59.76 37.47
N ILE Q 173 7.77 -58.52 37.03
CA ILE Q 173 7.24 -58.27 35.69
C ILE Q 173 8.43 -58.14 34.76
N PHE Q 174 8.48 -59.01 33.75
CA PHE Q 174 9.64 -59.06 32.87
C PHE Q 174 9.24 -58.96 31.41
N ARG Q 175 9.90 -58.07 30.69
CA ARG Q 175 9.79 -58.09 29.24
C ARG Q 175 10.87 -59.03 28.70
N GLN Q 176 10.60 -59.60 27.54
CA GLN Q 176 11.42 -60.66 26.95
C GLN Q 176 12.39 -60.15 25.90
N GLY Q 177 13.69 -60.32 26.14
CA GLY Q 177 14.72 -60.08 25.17
C GLY Q 177 15.33 -61.44 24.85
N LYS Q 178 16.15 -61.49 23.79
CA LYS Q 178 16.75 -62.76 23.41
C LYS Q 178 18.21 -62.58 23.11
N VAL Q 179 19.04 -63.42 23.70
CA VAL Q 179 20.49 -63.36 23.54
C VAL Q 179 20.89 -64.58 22.74
N TYR Q 180 21.13 -64.40 21.45
CA TYR Q 180 21.37 -65.49 20.51
C TYR Q 180 22.86 -65.77 20.42
N ILE Q 181 23.30 -66.84 21.07
CA ILE Q 181 24.71 -67.20 21.04
C ILE Q 181 24.82 -68.60 20.49
N ASP Q 182 26.05 -69.08 20.32
CA ASP Q 182 26.31 -70.43 19.86
C ASP Q 182 25.56 -70.68 18.55
N PRO Q 183 25.90 -69.94 17.49
CA PRO Q 183 25.09 -70.00 16.27
C PRO Q 183 24.87 -71.42 15.77
N LYS Q 184 25.86 -72.30 15.90
CA LYS Q 184 25.60 -73.70 15.55
C LYS Q 184 24.51 -74.27 16.43
N THR Q 185 24.51 -73.92 17.72
CA THR Q 185 23.42 -74.34 18.60
C THR Q 185 22.27 -73.37 18.51
N LYS Q 186 22.55 -72.14 18.07
CA LYS Q 186 21.51 -71.16 17.73
C LYS Q 186 20.51 -70.96 18.88
N GLU Q 187 21.05 -70.87 20.09
CA GLU Q 187 20.27 -70.77 21.32
C GLU Q 187 20.16 -69.29 21.71
N VAL Q 188 18.96 -68.87 22.06
CA VAL Q 188 18.74 -67.58 22.69
C VAL Q 188 18.42 -67.83 24.16
N LEU Q 189 19.31 -67.42 25.05
CA LEU Q 189 18.95 -67.31 26.44
C LEU Q 189 18.48 -65.87 26.62
N GLY Q 190 17.20 -65.67 26.87
CA GLY Q 190 16.62 -64.34 26.85
C GLY Q 190 16.94 -63.52 28.07
N ILE Q 191 16.41 -62.31 28.04
CA ILE Q 191 16.59 -61.32 29.10
C ILE Q 191 15.23 -60.97 29.66
N ASN Q 192 15.06 -61.17 30.95
CA ASN Q 192 13.81 -60.84 31.62
C ASN Q 192 13.97 -59.50 32.32
N ALA Q 193 13.64 -58.42 31.62
CA ALA Q 193 13.76 -57.09 32.21
C ALA Q 193 12.65 -56.88 33.23
N ASP Q 194 13.03 -56.65 34.49
CA ASP Q 194 12.06 -56.56 35.58
C ASP Q 194 11.43 -55.18 35.61
N ASP Q 195 10.13 -55.14 35.37
CA ASP Q 195 9.48 -53.85 35.18
C ASP Q 195 9.16 -53.19 36.51
N ILE Q 196 8.32 -53.82 37.33
CA ILE Q 196 8.02 -53.32 38.66
C ILE Q 196 9.13 -53.70 39.62
N GLY Q 197 9.39 -52.83 40.59
CA GLY Q 197 10.27 -53.23 41.67
C GLY Q 197 9.66 -54.36 42.48
N GLY Q 198 8.36 -54.26 42.73
CA GLY Q 198 7.65 -55.29 43.46
C GLY Q 198 6.17 -55.08 43.29
N GLY Q 199 5.40 -56.06 43.77
CA GLY Q 199 3.97 -55.91 43.80
C GLY Q 199 3.39 -56.91 44.75
N GLU Q 200 2.17 -56.65 45.19
CA GLU Q 200 1.48 -57.58 46.07
C GLU Q 200 0.05 -57.75 45.58
N VAL Q 201 -0.59 -58.80 46.09
CA VAL Q 201 -1.84 -59.22 45.48
C VAL Q 201 -3.00 -59.19 46.46
N VAL Q 202 -4.19 -59.18 45.88
CA VAL Q 202 -5.45 -59.53 46.50
C VAL Q 202 -6.04 -60.52 45.51
N ALA Q 203 -6.87 -61.41 45.99
CA ALA Q 203 -7.38 -62.49 45.16
C ALA Q 203 -8.81 -62.21 44.75
N THR Q 204 -9.11 -62.38 43.47
CA THR Q 204 -10.46 -62.22 43.00
C THR Q 204 -10.86 -63.49 42.28
N GLU Q 205 -12.15 -63.75 42.28
CA GLU Q 205 -12.67 -64.92 41.61
C GLU Q 205 -12.51 -64.79 40.11
N GLY Q 206 -12.48 -65.94 39.44
CA GLY Q 206 -12.18 -65.95 38.03
C GLY Q 206 -10.73 -66.16 37.74
N ASP Q 207 -9.93 -66.42 38.78
CA ASP Q 207 -8.50 -66.67 38.72
C ASP Q 207 -7.75 -65.39 38.44
N VAL Q 208 -8.44 -64.27 38.49
CA VAL Q 208 -7.82 -62.97 38.32
C VAL Q 208 -7.42 -62.46 39.70
N ALA Q 209 -6.52 -61.48 39.71
CA ALA Q 209 -6.06 -60.88 40.95
C ALA Q 209 -6.04 -59.37 40.78
N THR Q 210 -6.01 -58.68 41.92
CA THR Q 210 -5.89 -57.22 41.95
C THR Q 210 -4.66 -56.88 42.75
N LEU Q 211 -3.66 -56.33 42.09
CA LEU Q 211 -2.37 -56.10 42.72
C LEU Q 211 -2.04 -54.62 42.81
N ALA Q 212 -1.21 -54.32 43.82
CA ALA Q 212 -0.60 -53.03 44.05
C ALA Q 212 0.85 -53.10 43.61
N LEU Q 213 1.35 -52.00 43.04
CA LEU Q 213 2.64 -52.02 42.35
C LEU Q 213 3.65 -51.03 42.92
N THR Q 214 4.76 -51.54 43.43
CA THR Q 214 5.91 -50.70 43.77
C THR Q 214 6.73 -50.62 42.49
N ARG Q 215 6.71 -49.47 41.84
CA ARG Q 215 7.31 -49.34 40.51
C ARG Q 215 8.78 -48.98 40.54
N THR Q 216 9.56 -49.64 39.67
CA THR Q 216 10.98 -49.37 39.47
C THR Q 216 11.43 -48.83 38.11
N THR Q 217 10.78 -47.79 37.59
CA THR Q 217 11.15 -47.04 36.39
C THR Q 217 10.68 -47.71 35.13
N GLN Q 218 10.12 -48.90 35.18
CA GLN Q 218 9.73 -49.60 33.97
C GLN Q 218 8.23 -49.76 33.83
N GLU Q 219 7.66 -49.16 32.79
CA GLU Q 219 6.22 -49.16 32.65
C GLU Q 219 5.80 -50.61 32.47
N VAL Q 220 4.65 -50.97 33.03
CA VAL Q 220 4.16 -52.33 32.88
C VAL Q 220 3.04 -52.34 31.87
N ARG Q 221 3.31 -52.86 30.69
CA ARG Q 221 2.32 -52.82 29.62
C ARG Q 221 1.04 -53.45 30.13
N LEU Q 222 -0.09 -52.85 29.79
CA LEU Q 222 -1.34 -53.37 30.34
C LEU Q 222 -1.51 -54.83 29.98
N GLY Q 223 -1.12 -55.21 28.77
CA GLY Q 223 -1.07 -56.59 28.36
C GLY Q 223 0.31 -57.22 28.48
N ASP Q 224 0.92 -57.16 29.67
CA ASP Q 224 2.28 -57.66 29.85
C ASP Q 224 2.28 -59.09 30.39
N ARG Q 225 3.49 -59.66 30.46
CA ARG Q 225 3.72 -60.98 31.01
C ARG Q 225 4.31 -60.88 32.41
N LEU Q 226 3.70 -61.60 33.35
CA LEU Q 226 4.15 -61.59 34.73
C LEU Q 226 4.82 -62.92 35.07
N PHE Q 227 5.81 -62.88 35.95
CA PHE Q 227 6.57 -64.05 36.34
C PHE Q 227 6.70 -64.05 37.85
N PRO Q 228 6.94 -65.19 38.49
CA PRO Q 228 7.07 -65.20 39.95
C PRO Q 228 8.20 -64.34 40.46
N THR Q 229 8.05 -63.88 41.70
CA THR Q 229 9.06 -63.04 42.33
C THR Q 229 10.22 -63.88 42.83
N GLU Q 230 11.44 -63.47 42.48
CA GLU Q 230 12.65 -64.22 42.79
C GLU Q 230 13.68 -63.23 43.34
N GLU Q 231 13.69 -63.06 44.65
CA GLU Q 231 14.58 -62.09 45.27
C GLU Q 231 16.00 -62.63 45.28
N ARG Q 232 16.94 -61.82 44.77
CA ARG Q 232 18.35 -62.20 44.72
C ARG Q 232 19.16 -61.16 45.49
N ALA Q 233 20.08 -61.64 46.32
CA ALA Q 233 20.89 -60.77 47.15
C ALA Q 233 22.12 -60.33 46.37
N VAL Q 234 22.33 -59.01 46.28
CA VAL Q 234 23.52 -58.46 45.66
C VAL Q 234 24.24 -57.62 46.70
N ASN Q 235 25.57 -57.65 46.64
CA ASN Q 235 26.39 -56.92 47.60
C ASN Q 235 27.34 -55.97 46.89
N SER Q 236 27.85 -55.02 47.67
CA SER Q 236 28.84 -54.07 47.18
C SER Q 236 30.25 -54.63 47.27
N THR Q 237 30.36 -55.91 47.65
CA THR Q 237 31.64 -56.58 47.77
C THR Q 237 32.24 -56.91 46.42
N PHE Q 238 31.45 -56.80 45.35
CA PHE Q 238 31.97 -57.01 44.02
C PHE Q 238 32.80 -55.83 43.55
N MET Q 239 32.74 -54.70 44.24
CA MET Q 239 33.37 -53.47 43.74
C MET Q 239 34.85 -53.64 43.48
N PRO Q 240 35.66 -54.29 44.32
CA PRO Q 240 37.09 -54.38 44.03
C PRO Q 240 37.40 -55.09 42.73
N GLY Q 241 36.52 -55.98 42.26
CA GLY Q 241 36.73 -56.62 40.99
C GLY Q 241 37.30 -58.03 41.14
N GLU Q 242 37.04 -58.84 40.12
CA GLU Q 242 37.51 -60.23 40.08
C GLU Q 242 38.04 -60.52 38.68
N PRO Q 243 39.21 -59.98 38.36
CA PRO Q 243 39.71 -60.03 36.98
C PRO Q 243 40.45 -61.30 36.58
N SER Q 244 39.85 -62.10 35.72
CA SER Q 244 40.52 -63.27 35.13
C SER Q 244 40.56 -63.03 33.63
N ARG Q 245 41.76 -62.97 33.06
CA ARG Q 245 41.93 -62.62 31.65
C ARG Q 245 41.42 -63.70 30.70
N GLU Q 246 41.54 -64.98 31.06
CA GLU Q 246 41.24 -66.05 30.11
C GLU Q 246 39.85 -65.90 29.53
N VAL Q 247 38.91 -65.42 30.35
CA VAL Q 247 37.55 -65.22 29.90
C VAL Q 247 37.55 -64.19 28.78
N LYS Q 248 37.07 -64.58 27.61
CA LYS Q 248 37.03 -63.67 26.48
C LYS Q 248 35.82 -63.98 25.61
N GLY Q 249 35.04 -62.96 25.32
CA GLY Q 249 33.82 -63.17 24.56
C GLY Q 249 33.24 -61.87 24.09
N GLU Q 250 32.29 -61.98 23.17
CA GLU Q 250 31.60 -60.82 22.62
C GLU Q 250 30.48 -60.39 23.55
N ILE Q 251 29.96 -59.20 23.28
CA ILE Q 251 28.86 -58.63 24.02
C ILE Q 251 27.70 -58.36 23.08
N ILE Q 252 26.47 -58.63 23.52
CA ILE Q 252 25.29 -58.31 22.73
C ILE Q 252 24.12 -57.96 23.64
N ASP Q 253 23.00 -57.59 23.02
CA ASP Q 253 21.70 -57.47 23.67
C ASP Q 253 21.71 -56.55 24.90
N VAL Q 254 22.02 -55.28 24.67
CA VAL Q 254 21.89 -54.35 25.78
C VAL Q 254 20.46 -53.84 25.76
N PRO Q 255 19.83 -53.62 26.92
CA PRO Q 255 18.48 -53.03 26.92
C PRO Q 255 18.47 -51.71 26.21
N ARG Q 256 19.58 -50.96 26.32
CA ARG Q 256 19.70 -49.68 25.65
C ARG Q 256 19.58 -49.86 24.14
N GLY Q 257 20.19 -50.92 23.61
CA GLY Q 257 20.19 -51.20 22.18
C GLY Q 257 21.12 -50.31 21.39
N VAL Q 258 21.68 -49.29 22.03
CA VAL Q 258 22.56 -48.33 21.40
C VAL Q 258 24.00 -48.82 21.37
N THR Q 259 24.64 -48.68 20.23
CA THR Q 259 26.05 -49.00 20.14
C THR Q 259 26.84 -47.84 20.71
N GLN Q 260 27.98 -48.17 21.32
CA GLN Q 260 28.97 -47.22 21.84
C GLN Q 260 28.58 -46.64 23.20
N ILE Q 261 27.59 -47.23 23.88
CA ILE Q 261 27.21 -46.73 25.19
C ILE Q 261 28.43 -46.66 26.09
N GLY Q 262 28.48 -45.63 26.94
CA GLY Q 262 29.65 -45.35 27.73
C GLY Q 262 29.30 -45.04 29.18
N GLN Q 263 30.38 -44.84 29.96
CA GLN Q 263 30.38 -44.54 31.38
C GLN Q 263 30.03 -45.77 32.20
N PHE Q 264 28.91 -46.39 31.89
CA PHE Q 264 28.48 -47.65 32.49
C PHE Q 264 27.20 -48.08 31.78
N ASP Q 265 26.91 -49.36 31.86
CA ASP Q 265 25.70 -49.90 31.24
C ASP Q 265 25.55 -51.36 31.63
N VAL Q 266 24.31 -51.84 31.52
CA VAL Q 266 24.00 -53.23 31.78
C VAL Q 266 24.13 -53.97 30.45
N VAL Q 267 25.10 -54.87 30.40
CA VAL Q 267 25.40 -55.62 29.20
C VAL Q 267 25.22 -57.10 29.49
N THR Q 268 25.04 -57.86 28.44
CA THR Q 268 24.84 -59.31 28.54
C THR Q 268 25.99 -59.98 27.82
N LEU Q 269 26.90 -60.57 28.57
CA LEU Q 269 28.02 -61.25 27.92
C LEU Q 269 27.52 -62.56 27.30
N ASN Q 270 28.21 -63.02 26.25
CA ASN Q 270 27.79 -64.21 25.51
C ASN Q 270 28.06 -65.51 26.28
N ARG Q 271 27.55 -66.62 25.70
CA ARG Q 271 27.47 -67.91 26.41
C ARG Q 271 28.82 -68.59 26.62
N GLY Q 272 29.65 -68.72 25.58
CA GLY Q 272 30.98 -69.25 25.83
C GLY Q 272 31.68 -68.29 26.76
N GLN Q 273 31.44 -67.01 26.51
CA GLN Q 273 31.95 -65.98 27.38
C GLN Q 273 31.33 -66.16 28.76
N ARG Q 274 30.07 -66.59 28.80
CA ARG Q 274 29.36 -66.80 30.07
C ARG Q 274 29.98 -67.90 30.92
N ASP Q 275 30.40 -69.01 30.31
CA ASP Q 275 31.03 -70.05 31.11
C ASP Q 275 32.38 -69.57 31.61
N GLY Q 276 33.13 -68.89 30.74
CA GLY Q 276 34.37 -68.32 31.23
C GLY Q 276 34.07 -67.35 32.35
N LEU Q 277 32.96 -66.63 32.23
CA LEU Q 277 32.56 -65.67 33.24
C LEU Q 277 32.34 -66.37 34.55
N ALA Q 278 31.74 -67.57 34.47
CA ALA Q 278 31.58 -68.40 35.64
C ALA Q 278 32.95 -68.58 36.26
N GLU Q 279 33.98 -68.64 35.42
CA GLU Q 279 35.33 -68.64 35.99
C GLU Q 279 35.76 -67.21 36.40
N GLY Q 280 35.77 -66.26 35.46
CA GLY Q 280 36.29 -64.92 35.72
C GLY Q 280 35.33 -63.75 35.65
N ASN Q 281 35.19 -62.99 36.74
CA ASN Q 281 34.24 -61.86 36.76
C ASN Q 281 34.66 -60.61 35.98
N VAL Q 282 35.93 -60.18 36.01
CA VAL Q 282 36.27 -58.87 35.44
C VAL Q 282 37.07 -58.98 34.15
N LEU Q 283 36.77 -58.09 33.19
CA LEU Q 283 37.49 -58.02 31.93
C LEU Q 283 37.51 -56.59 31.38
N ALA Q 284 38.49 -56.32 30.52
CA ALA Q 284 38.69 -55.07 29.81
C ALA Q 284 37.88 -55.05 28.51
N ILE Q 285 37.66 -53.84 28.02
CA ILE Q 285 36.86 -53.56 26.83
C ILE Q 285 37.73 -53.57 25.59
N TYR Q 286 37.24 -54.16 24.50
CA TYR Q 286 37.90 -54.08 23.20
C TYR Q 286 36.88 -53.78 22.13
N LYS Q 287 37.15 -52.77 21.30
CA LYS Q 287 36.31 -52.46 20.14
C LYS Q 287 37.08 -52.87 18.90
N VAL Q 288 36.54 -53.81 18.14
CA VAL Q 288 37.21 -54.27 16.92
C VAL Q 288 36.77 -53.42 15.75
N GLY Q 289 37.73 -52.73 15.12
CA GLY Q 289 37.44 -51.85 13.99
C GLY Q 289 38.09 -52.31 12.69
N GLU Q 290 37.31 -52.38 11.61
CA GLU Q 290 37.84 -52.88 10.34
C GLU Q 290 38.58 -51.80 9.58
N THR Q 291 39.81 -52.09 9.19
CA THR Q 291 40.67 -51.17 8.43
C THR Q 291 40.80 -51.70 7.01
N VAL Q 292 40.42 -50.89 6.03
CA VAL Q 292 40.36 -51.33 4.63
C VAL Q 292 41.61 -50.89 3.89
N ARG Q 293 42.23 -51.83 3.15
CA ARG Q 293 43.37 -51.49 2.31
C ARG Q 293 42.85 -50.86 1.02
N ASP Q 294 42.37 -49.62 1.18
CA ASP Q 294 41.60 -48.98 0.12
C ASP Q 294 42.43 -48.80 -1.15
N ARG Q 295 43.70 -48.46 -1.01
CA ARG Q 295 44.51 -48.13 -2.16
C ARG Q 295 45.44 -49.25 -2.57
N VAL Q 296 45.29 -50.43 -1.97
CA VAL Q 296 46.11 -51.57 -2.39
C VAL Q 296 45.20 -52.70 -2.85
N THR Q 297 44.30 -53.13 -1.99
CA THR Q 297 43.44 -54.26 -2.31
C THR Q 297 41.97 -53.96 -2.08
N GLY Q 298 41.67 -53.00 -1.21
CA GLY Q 298 40.29 -52.78 -0.82
C GLY Q 298 39.84 -53.73 0.26
N GLU Q 299 40.68 -54.68 0.64
CA GLU Q 299 40.37 -55.61 1.71
C GLU Q 299 40.43 -54.90 3.06
N SER Q 300 39.46 -55.20 3.92
CA SER Q 300 39.39 -54.60 5.24
C SER Q 300 39.62 -55.66 6.30
N VAL Q 301 40.56 -55.39 7.20
CA VAL Q 301 40.95 -56.30 8.26
C VAL Q 301 40.51 -55.71 9.58
N LYS Q 302 39.72 -56.46 10.33
CA LYS Q 302 39.28 -56.00 11.64
C LYS Q 302 40.45 -56.06 12.62
N ILE Q 303 40.67 -54.98 13.34
CA ILE Q 303 41.76 -54.90 14.32
C ILE Q 303 41.13 -54.57 15.67
N PRO Q 304 41.37 -55.37 16.71
CA PRO Q 304 40.87 -55.02 18.05
C PRO Q 304 41.62 -53.83 18.62
N ASP Q 305 40.88 -52.89 19.18
CA ASP Q 305 41.42 -51.72 19.84
C ASP Q 305 41.07 -51.81 21.31
N GLU Q 306 42.07 -51.99 22.16
CA GLU Q 306 41.78 -52.07 23.58
C GLU Q 306 41.22 -50.74 24.04
N ARG Q 307 40.13 -50.80 24.77
CA ARG Q 307 39.39 -49.62 25.17
C ARG Q 307 39.45 -49.46 26.67
N ALA Q 308 39.68 -48.24 27.12
CA ALA Q 308 39.67 -47.94 28.54
C ALA Q 308 38.29 -48.23 29.13
N GLY Q 309 38.27 -48.84 30.30
CA GLY Q 309 37.02 -49.18 30.95
C GLY Q 309 36.87 -50.68 31.11
N LEU Q 310 36.28 -51.11 32.21
CA LEU Q 310 36.15 -52.54 32.45
C LEU Q 310 34.75 -52.86 32.96
N LEU Q 311 34.40 -54.13 32.83
CA LEU Q 311 33.10 -54.62 33.21
C LEU Q 311 33.10 -55.15 34.63
N MET Q 312 32.04 -54.86 35.38
CA MET Q 312 31.80 -55.57 36.63
C MET Q 312 30.71 -56.57 36.28
N VAL Q 313 30.94 -57.84 36.53
CA VAL Q 313 30.04 -58.88 36.07
C VAL Q 313 29.38 -59.62 37.22
N PHE Q 314 28.05 -59.73 37.16
CA PHE Q 314 27.31 -60.57 38.09
C PHE Q 314 26.70 -61.66 37.24
N ARG Q 315 26.96 -62.91 37.59
CA ARG Q 315 26.61 -64.02 36.72
C ARG Q 315 25.45 -64.82 37.26
N THR Q 316 24.44 -65.00 36.42
CA THR Q 316 23.33 -65.88 36.75
C THR Q 316 23.58 -67.16 35.93
N TYR Q 317 24.15 -68.17 36.58
CA TYR Q 317 24.40 -69.45 35.92
C TYR Q 317 23.11 -69.97 35.30
N LYS Q 318 23.25 -70.71 34.20
CA LYS Q 318 22.13 -71.25 33.40
C LYS Q 318 21.59 -70.13 32.53
N LYS Q 319 22.27 -69.00 32.50
CA LYS Q 319 21.90 -67.84 31.71
C LYS Q 319 23.20 -67.11 31.42
N LEU Q 320 23.09 -65.88 30.95
CA LEU Q 320 24.27 -65.12 30.65
C LEU Q 320 24.69 -64.30 31.86
N SER Q 321 25.75 -63.52 31.70
CA SER Q 321 26.20 -62.65 32.77
C SER Q 321 25.68 -61.24 32.57
N TYR Q 322 25.00 -60.73 33.60
CA TYR Q 322 24.51 -59.36 33.65
C TYR Q 322 25.65 -58.51 34.21
N ALA Q 323 26.23 -57.65 33.38
CA ALA Q 323 27.43 -56.93 33.78
C ALA Q 323 27.24 -55.43 33.66
N LEU Q 324 27.46 -54.71 34.75
CA LEU Q 324 27.47 -53.26 34.66
C LEU Q 324 28.90 -52.86 34.33
N VAL Q 325 29.12 -52.50 33.10
CA VAL Q 325 30.44 -52.11 32.65
C VAL Q 325 30.61 -50.61 32.83
N LEU Q 326 31.74 -50.23 33.42
CA LEU Q 326 32.12 -48.84 33.51
C LEU Q 326 33.04 -48.56 32.34
N MET Q 327 32.61 -47.68 31.44
CA MET Q 327 33.40 -47.35 30.28
C MET Q 327 34.26 -46.14 30.57
N ALA Q 328 35.57 -46.31 30.47
CA ALA Q 328 36.48 -45.19 30.63
C ALA Q 328 36.63 -44.55 29.26
N SER Q 329 35.68 -43.67 28.94
CA SER Q 329 35.64 -42.88 27.71
C SER Q 329 35.23 -43.63 26.45
N ARG Q 330 35.90 -44.74 26.18
CA ARG Q 330 35.74 -45.47 24.94
C ARG Q 330 34.28 -45.87 24.68
N PRO Q 331 33.69 -45.40 23.60
CA PRO Q 331 32.34 -45.84 23.23
C PRO Q 331 32.35 -47.05 22.33
N LEU Q 332 31.85 -48.19 22.79
CA LEU Q 332 31.96 -49.45 22.07
C LEU Q 332 30.62 -49.96 21.55
N SER Q 333 30.66 -50.59 20.37
CA SER Q 333 29.44 -51.00 19.71
C SER Q 333 28.72 -52.08 20.51
N VAL Q 334 27.46 -52.31 20.14
CA VAL Q 334 26.65 -53.30 20.86
C VAL Q 334 27.35 -54.65 20.84
N THR Q 335 28.03 -54.96 19.73
CA THR Q 335 28.83 -56.16 19.62
C THR Q 335 30.30 -55.76 19.58
N ASP Q 336 31.05 -56.18 20.59
CA ASP Q 336 32.46 -55.87 20.68
C ASP Q 336 33.11 -56.93 21.55
N ARG Q 337 34.44 -57.00 21.52
CA ARG Q 337 35.14 -58.03 22.24
C ARG Q 337 35.43 -57.60 23.68
N VAL Q 338 34.82 -58.28 24.63
CA VAL Q 338 35.22 -58.10 26.02
C VAL Q 338 36.27 -59.16 26.27
N GLN Q 339 37.44 -58.73 26.71
CA GLN Q 339 38.58 -59.63 26.85
C GLN Q 339 39.50 -59.03 27.90
N ASN Q 340 40.58 -59.73 28.20
CA ASN Q 340 41.54 -59.18 29.13
C ASN Q 340 42.86 -59.91 28.97
N PRO R 116 70.41 -15.44 11.89
CA PRO R 116 70.79 -16.49 10.96
C PRO R 116 70.14 -17.82 11.32
N LEU R 117 70.16 -18.16 12.61
CA LEU R 117 69.57 -19.43 13.05
C LEU R 117 68.08 -19.49 12.75
N ASP R 118 67.38 -18.36 12.85
CA ASP R 118 65.95 -18.36 12.60
C ASP R 118 65.63 -18.63 11.14
N LYS R 119 66.44 -18.07 10.23
CA LYS R 119 66.29 -18.37 8.82
C LYS R 119 66.45 -19.87 8.59
N ILE R 120 67.46 -20.44 9.25
CA ILE R 120 67.72 -21.87 9.13
C ILE R 120 66.55 -22.64 9.72
N ASN R 121 65.96 -22.12 10.79
CA ASN R 121 64.82 -22.76 11.42
C ASN R 121 63.61 -22.78 10.49
N SER R 122 63.43 -21.71 9.72
CA SER R 122 62.36 -21.70 8.73
C SER R 122 62.60 -22.77 7.68
N PHE R 123 63.84 -22.86 7.17
CA PHE R 123 64.10 -23.94 6.22
C PHE R 123 63.84 -25.27 6.88
N LEU R 124 64.27 -25.41 8.14
CA LEU R 124 64.20 -26.69 8.81
C LEU R 124 62.76 -27.07 8.96
N LEU R 125 61.90 -26.06 9.06
CA LEU R 125 60.47 -26.30 9.05
C LEU R 125 60.04 -26.76 7.67
N ALA R 126 60.73 -26.31 6.63
CA ALA R 126 60.40 -26.68 5.27
C ALA R 126 61.13 -27.93 4.77
N ASN R 127 61.95 -28.59 5.61
CA ASN R 127 62.77 -29.71 5.16
C ASN R 127 62.03 -31.03 5.29
N ARG R 128 61.04 -31.22 4.42
CA ARG R 128 60.26 -32.45 4.41
C ARG R 128 60.50 -33.31 3.19
N ILE R 129 61.13 -32.77 2.17
CA ILE R 129 61.23 -33.47 0.89
C ILE R 129 62.53 -34.26 0.87
N VAL R 130 62.42 -35.55 0.56
CA VAL R 130 63.57 -36.45 0.52
C VAL R 130 63.57 -37.21 -0.79
N ASP R 131 64.67 -37.91 -1.04
CA ASP R 131 64.92 -38.62 -2.28
C ASP R 131 64.26 -40.00 -2.31
N ASP R 132 64.43 -40.71 -3.43
CA ASP R 132 64.03 -42.10 -3.57
C ASP R 132 62.52 -42.29 -3.44
N GLU R 133 61.78 -41.59 -4.30
CA GLU R 133 60.37 -41.88 -4.46
C GLU R 133 60.16 -43.24 -5.12
N LYS R 134 61.05 -43.61 -6.05
CA LYS R 134 60.94 -44.85 -6.80
C LYS R 134 60.98 -46.07 -5.90
N THR R 135 61.79 -46.01 -4.84
CA THR R 135 61.97 -47.18 -3.99
C THR R 135 60.65 -47.59 -3.36
N PHE R 136 59.97 -46.66 -2.71
CA PHE R 136 58.74 -47.06 -2.05
C PHE R 136 57.56 -46.97 -3.00
N THR R 137 57.72 -46.42 -4.19
CA THR R 137 56.67 -46.62 -5.17
C THR R 137 56.63 -48.10 -5.49
N SER R 138 57.82 -48.71 -5.53
CA SER R 138 57.92 -50.14 -5.69
C SER R 138 57.48 -50.89 -4.43
N ALA R 139 57.67 -50.32 -3.25
CA ALA R 139 57.25 -50.96 -1.99
C ALA R 139 56.66 -49.94 -1.03
N PRO R 140 55.42 -49.51 -1.28
CA PRO R 140 54.75 -48.61 -0.33
C PRO R 140 54.28 -49.34 0.92
N TYR R 141 54.35 -48.64 2.05
CA TYR R 141 53.84 -49.16 3.30
C TYR R 141 52.44 -48.55 3.44
N ILE R 142 51.41 -49.39 3.36
CA ILE R 142 50.05 -48.89 3.18
C ILE R 142 49.39 -48.54 4.50
N VAL R 143 49.01 -47.29 4.67
CA VAL R 143 48.35 -46.84 5.90
C VAL R 143 46.84 -46.84 5.68
N ALA R 144 46.10 -47.19 6.72
CA ALA R 144 44.64 -47.16 6.72
C ALA R 144 44.16 -47.17 8.16
N GLY R 145 42.87 -46.95 8.33
CA GLY R 145 42.26 -47.06 9.65
C GLY R 145 41.13 -46.11 9.97
N ASN R 146 39.96 -46.67 10.30
CA ASN R 146 38.79 -45.89 10.69
C ASN R 146 38.47 -46.03 12.16
N ALA R 147 39.29 -46.76 12.93
CA ALA R 147 39.08 -46.84 14.36
C ALA R 147 39.16 -45.44 14.94
N GLU R 148 40.09 -44.65 14.40
CA GLU R 148 40.19 -43.24 14.64
C GLU R 148 40.34 -42.73 13.21
N ARG R 149 39.22 -42.40 12.58
CA ARG R 149 39.23 -42.08 11.17
C ARG R 149 39.74 -40.65 11.03
N ILE R 150 41.03 -40.53 10.78
CA ILE R 150 41.66 -39.23 10.61
C ILE R 150 42.57 -39.30 9.38
N VAL R 151 42.80 -38.15 8.79
CA VAL R 151 43.81 -38.04 7.75
C VAL R 151 45.03 -37.32 8.30
N SER R 152 45.04 -37.10 9.61
CA SER R 152 46.17 -36.51 10.32
C SER R 152 45.92 -36.61 11.80
N GLY R 153 46.99 -36.60 12.58
CA GLY R 153 46.83 -36.54 14.03
C GLY R 153 48.15 -36.29 14.70
N THR R 154 48.05 -35.91 15.97
CA THR R 154 49.22 -35.78 16.83
C THR R 154 49.09 -36.82 17.93
N GLY R 155 49.87 -37.90 17.82
CA GLY R 155 49.79 -38.97 18.78
C GLY R 155 48.62 -39.91 18.55
N ASP R 156 47.86 -39.69 17.49
CA ASP R 156 46.71 -40.51 17.19
C ASP R 156 47.14 -41.85 16.61
N ARG R 157 46.19 -42.79 16.55
CA ARG R 157 46.47 -44.16 16.12
C ARG R 157 46.02 -44.40 14.69
N ILE R 158 46.97 -44.72 13.83
CA ILE R 158 46.67 -45.19 12.49
C ILE R 158 47.19 -46.60 12.38
N TYR R 159 46.67 -47.36 11.43
CA TYR R 159 47.17 -48.69 11.22
C TYR R 159 47.86 -48.74 9.86
N ALA R 160 48.79 -49.68 9.70
CA ALA R 160 49.38 -49.82 8.37
C ALA R 160 49.88 -51.22 8.11
N ARG R 161 49.80 -51.62 6.84
CA ARG R 161 50.20 -52.92 6.36
C ARG R 161 51.56 -52.82 5.67
N GLY R 162 52.46 -53.72 6.05
CA GLY R 162 53.78 -53.85 5.44
C GLY R 162 54.77 -54.35 6.48
N LYS R 163 55.94 -54.77 5.99
CA LYS R 163 56.95 -55.27 6.91
C LYS R 163 57.42 -54.15 7.83
N PHE R 164 57.13 -52.91 7.45
CA PHE R 164 57.57 -51.76 8.23
C PHE R 164 57.02 -51.87 9.64
N ALA R 165 55.80 -52.39 9.76
CA ALA R 165 55.24 -52.70 11.07
C ALA R 165 56.18 -53.62 11.85
N ASP R 166 56.58 -54.72 11.21
CA ASP R 166 57.51 -55.65 11.83
C ASP R 166 58.85 -55.00 12.13
N GLY R 167 59.35 -54.17 11.21
CA GLY R 167 60.67 -53.62 11.36
C GLY R 167 60.75 -52.26 12.03
N GLN R 168 61.08 -51.23 11.25
CA GLN R 168 61.40 -49.92 11.79
C GLN R 168 60.23 -49.29 12.51
N PRO R 169 60.34 -48.96 13.81
CA PRO R 169 59.24 -48.29 14.49
C PRO R 169 58.91 -46.89 13.97
N ALA R 170 59.91 -46.05 13.74
CA ALA R 170 59.60 -44.78 13.13
C ALA R 170 59.51 -44.92 11.62
N TYR R 171 59.03 -43.88 10.96
CA TYR R 171 59.06 -43.86 9.50
C TYR R 171 58.66 -42.46 9.05
N GLY R 172 58.95 -42.18 7.78
CA GLY R 172 58.64 -40.91 7.15
C GLY R 172 57.50 -41.07 6.15
N ILE R 173 56.47 -40.27 6.33
CA ILE R 173 55.31 -40.31 5.43
C ILE R 173 55.57 -39.32 4.31
N PHE R 174 55.60 -39.81 3.07
CA PHE R 174 55.96 -38.96 1.95
C PHE R 174 54.92 -39.03 0.84
N ARG R 175 54.50 -37.86 0.39
CA ARG R 175 53.73 -37.81 -0.85
C ARG R 175 54.71 -37.68 -2.01
N GLN R 176 54.28 -38.17 -3.17
CA GLN R 176 55.13 -38.32 -4.34
C GLN R 176 54.96 -37.19 -5.35
N GLY R 177 56.04 -36.44 -5.59
CA GLY R 177 56.11 -35.47 -6.65
C GLY R 177 57.13 -36.00 -7.66
N LYS R 178 57.17 -35.37 -8.83
CA LYS R 178 58.10 -35.84 -9.86
C LYS R 178 58.82 -34.67 -10.48
N VAL R 179 60.14 -34.76 -10.56
CA VAL R 179 60.99 -33.72 -11.11
C VAL R 179 61.55 -34.25 -12.41
N TYR R 180 60.96 -33.82 -13.52
CA TYR R 180 61.28 -34.36 -14.84
C TYR R 180 62.38 -33.52 -15.49
N ILE R 181 63.59 -34.06 -15.49
CA ILE R 181 64.72 -33.34 -16.08
C ILE R 181 65.31 -34.22 -17.16
N ASP R 182 66.31 -33.71 -17.86
CA ASP R 182 67.03 -34.47 -18.88
C ASP R 182 66.02 -35.02 -19.89
N PRO R 183 65.31 -34.15 -20.62
CA PRO R 183 64.21 -34.64 -21.46
C PRO R 183 64.61 -35.76 -22.39
N LYS R 184 65.83 -35.74 -22.92
CA LYS R 184 66.28 -36.89 -23.71
C LYS R 184 66.32 -38.14 -22.85
N THR R 185 66.75 -38.00 -21.60
CA THR R 185 66.70 -39.13 -20.68
C THR R 185 65.34 -39.22 -20.02
N LYS R 186 64.61 -38.10 -20.00
CA LYS R 186 63.21 -38.07 -19.58
C LYS R 186 63.00 -38.72 -18.21
N GLU R 187 63.91 -38.41 -17.28
CA GLU R 187 63.93 -38.98 -15.95
C GLU R 187 63.22 -38.04 -14.99
N VAL R 188 62.36 -38.59 -14.15
CA VAL R 188 61.79 -37.88 -13.02
C VAL R 188 62.43 -38.42 -11.76
N LEU R 189 63.24 -37.59 -11.09
CA LEU R 189 63.61 -37.90 -9.72
C LEU R 189 62.59 -37.20 -8.84
N GLY R 190 61.75 -37.96 -8.18
CA GLY R 190 60.61 -37.40 -7.48
C GLY R 190 60.96 -36.70 -6.19
N ILE R 191 59.91 -36.19 -5.57
CA ILE R 191 59.99 -35.46 -4.31
C ILE R 191 59.17 -36.19 -3.28
N ASN R 192 59.80 -36.59 -2.18
CA ASN R 192 59.11 -37.26 -1.10
C ASN R 192 58.81 -36.25 -0.01
N ALA R 193 57.64 -35.64 -0.08
CA ALA R 193 57.25 -34.65 0.93
C ALA R 193 56.91 -35.36 2.23
N ASP R 194 57.65 -35.06 3.30
CA ASP R 194 57.50 -35.76 4.57
C ASP R 194 56.31 -35.20 5.32
N ASP R 195 55.30 -36.04 5.54
CA ASP R 195 54.06 -35.54 6.09
C ASP R 195 54.13 -35.41 7.61
N ILE R 196 54.33 -36.52 8.31
CA ILE R 196 54.50 -36.50 9.75
C ILE R 196 55.93 -36.11 10.09
N GLY R 197 56.09 -35.39 11.20
CA GLY R 197 57.42 -35.19 11.70
C GLY R 197 58.05 -36.49 12.14
N GLY R 198 57.26 -37.34 12.78
CA GLY R 198 57.73 -38.64 13.21
C GLY R 198 56.55 -39.49 13.61
N GLY R 199 56.83 -40.76 13.85
CA GLY R 199 55.81 -41.64 14.37
C GLY R 199 56.46 -42.85 14.96
N GLU R 200 55.72 -43.55 15.82
CA GLU R 200 56.21 -44.77 16.42
C GLU R 200 55.14 -45.83 16.36
N VAL R 201 55.55 -47.08 16.55
CA VAL R 201 54.66 -48.19 16.23
C VAL R 201 54.36 -49.05 17.44
N VAL R 202 53.27 -49.80 17.30
CA VAL R 202 52.94 -50.97 18.08
C VAL R 202 52.62 -52.00 17.00
N ALA R 203 52.81 -53.26 17.31
CA ALA R 203 52.67 -54.30 16.30
C ALA R 203 51.36 -55.04 16.50
N THR R 204 50.64 -55.25 15.40
CA THR R 204 49.42 -56.02 15.47
C THR R 204 49.52 -57.13 14.45
N GLU R 205 48.80 -58.20 14.74
CA GLU R 205 48.80 -59.34 13.85
C GLU R 205 48.09 -59.00 12.54
N GLY R 206 48.42 -59.74 11.49
CA GLY R 206 47.93 -59.40 10.19
C GLY R 206 48.88 -58.53 9.42
N ASP R 207 50.06 -58.27 9.97
CA ASP R 207 51.12 -57.47 9.39
C ASP R 207 50.76 -56.00 9.44
N VAL R 208 49.69 -55.67 10.14
CA VAL R 208 49.29 -54.29 10.32
C VAL R 208 49.94 -53.78 11.61
N ALA R 209 49.99 -52.46 11.74
CA ALA R 209 50.57 -51.83 12.92
C ALA R 209 49.65 -50.72 13.37
N THR R 210 49.84 -50.30 14.62
CA THR R 210 49.11 -49.18 15.20
C THR R 210 50.13 -48.16 15.66
N LEU R 211 50.16 -47.01 15.01
CA LEU R 211 51.18 -46.02 15.26
C LEU R 211 50.62 -44.73 15.83
N ALA R 212 51.49 -44.06 16.57
CA ALA R 212 51.27 -42.72 17.12
C ALA R 212 52.06 -41.74 16.27
N LEU R 213 51.49 -40.55 16.07
CA LEU R 213 52.02 -39.61 15.08
C LEU R 213 52.41 -38.26 15.67
N THR R 214 53.69 -37.91 15.57
CA THR R 214 54.14 -36.55 15.85
C THR R 214 54.01 -35.81 14.53
N ARG R 215 53.03 -34.92 14.44
CA ARG R 215 52.70 -34.30 13.16
C ARG R 215 53.48 -33.02 12.89
N THR R 216 53.94 -32.88 11.64
CA THR R 216 54.64 -31.69 11.15
C THR R 216 53.96 -30.88 10.05
N THR R 217 52.68 -30.52 10.22
CA THR R 217 51.90 -29.61 9.38
C THR R 217 51.35 -30.28 8.15
N GLN R 218 51.69 -31.53 7.88
CA GLN R 218 51.23 -32.18 6.66
C GLN R 218 50.25 -33.32 6.95
N GLU R 219 49.02 -33.17 6.45
CA GLU R 219 48.00 -34.16 6.76
C GLU R 219 48.45 -35.47 6.15
N VAL R 220 48.17 -36.57 6.84
CA VAL R 220 48.54 -37.87 6.30
C VAL R 220 47.30 -38.56 5.77
N ARG R 221 47.19 -38.63 4.45
CA ARG R 221 46.00 -39.17 3.84
C ARG R 221 45.75 -40.56 4.42
N LEU R 222 44.49 -40.88 4.70
CA LEU R 222 44.23 -42.15 5.35
C LEU R 222 44.76 -43.29 4.49
N GLY R 223 44.64 -43.17 3.18
CA GLY R 223 45.25 -44.09 2.25
C GLY R 223 46.58 -43.62 1.70
N ASP R 224 47.54 -43.27 2.55
CA ASP R 224 48.81 -42.72 2.10
C ASP R 224 49.88 -43.79 2.00
N ARG R 225 51.04 -43.39 1.47
CA ARG R 225 52.22 -44.23 1.34
C ARG R 225 53.23 -43.89 2.42
N LEU R 226 53.70 -44.91 3.13
CA LEU R 226 54.67 -44.73 4.19
C LEU R 226 56.03 -45.27 3.74
N PHE R 227 57.10 -44.64 4.22
CA PHE R 227 58.46 -45.00 3.85
C PHE R 227 59.28 -45.06 5.13
N PRO R 228 60.41 -45.78 5.15
CA PRO R 228 61.21 -45.84 6.38
C PRO R 228 61.73 -44.48 6.82
N THR R 229 61.98 -44.38 8.13
CA THR R 229 62.49 -43.15 8.71
C THR R 229 63.98 -43.00 8.44
N GLU R 230 64.38 -41.84 7.94
CA GLU R 230 65.76 -41.58 7.55
C GLU R 230 66.15 -40.21 8.11
N GLU R 231 66.70 -40.21 9.31
CA GLU R 231 67.04 -38.96 9.97
C GLU R 231 68.30 -38.37 9.34
N ARG R 232 68.22 -37.10 8.94
CA ARG R 232 69.34 -36.40 8.32
C ARG R 232 69.68 -35.17 9.16
N ALA R 233 70.96 -34.96 9.41
CA ALA R 233 71.41 -33.86 10.24
C ALA R 233 71.60 -32.62 9.37
N VAL R 234 70.94 -31.53 9.76
CA VAL R 234 71.11 -30.25 9.08
C VAL R 234 71.63 -29.25 10.10
N ASN R 235 72.50 -28.34 9.65
CA ASN R 235 73.10 -27.36 10.53
C ASN R 235 72.85 -25.95 10.01
N SER R 236 73.03 -24.98 10.90
CA SER R 236 72.92 -23.57 10.56
C SER R 236 74.21 -23.03 10.00
N THR R 237 75.19 -23.91 9.78
CA THR R 237 76.48 -23.53 9.23
C THR R 237 76.40 -23.21 7.75
N PHE R 238 75.29 -23.58 7.10
CA PHE R 238 75.08 -23.23 5.71
C PHE R 238 74.74 -21.77 5.52
N MET R 239 74.40 -21.06 6.60
CA MET R 239 73.88 -19.71 6.47
C MET R 239 74.83 -18.78 5.73
N PRO R 240 76.15 -18.79 5.96
CA PRO R 240 77.00 -17.82 5.24
C PRO R 240 76.97 -18.00 3.73
N GLY R 241 76.66 -19.20 3.24
CA GLY R 241 76.54 -19.40 1.82
C GLY R 241 77.78 -20.05 1.22
N GLU R 242 77.57 -20.70 0.08
CA GLU R 242 78.65 -21.38 -0.65
C GLU R 242 78.46 -21.08 -2.14
N PRO R 243 78.79 -19.87 -2.55
CA PRO R 243 78.46 -19.43 -3.92
C PRO R 243 79.47 -19.79 -4.99
N SER R 244 79.10 -20.71 -5.88
CA SER R 244 79.91 -21.02 -7.06
C SER R 244 79.06 -20.68 -8.27
N ARG R 245 79.56 -19.76 -9.10
CA ARG R 245 78.78 -19.26 -10.24
C ARG R 245 78.56 -20.29 -11.34
N GLU R 246 79.54 -21.16 -11.57
CA GLU R 246 79.48 -22.05 -12.74
C GLU R 246 78.19 -22.84 -12.76
N VAL R 247 77.71 -23.22 -11.58
CA VAL R 247 76.47 -23.97 -11.47
C VAL R 247 75.34 -23.12 -12.04
N LYS R 248 74.67 -23.61 -13.07
CA LYS R 248 73.57 -22.86 -13.66
C LYS R 248 72.52 -23.84 -14.17
N GLY R 249 71.27 -23.61 -13.77
CA GLY R 249 70.21 -24.53 -14.15
C GLY R 249 68.86 -23.94 -13.85
N GLU R 250 67.84 -24.58 -14.42
CA GLU R 250 66.47 -24.17 -14.22
C GLU R 250 65.93 -24.72 -12.90
N ILE R 251 64.78 -24.19 -12.51
CA ILE R 251 64.09 -24.62 -11.30
C ILE R 251 62.71 -25.11 -11.67
N ILE R 252 62.27 -26.20 -11.03
CA ILE R 252 60.92 -26.70 -11.22
C ILE R 252 60.39 -27.34 -9.94
N ASP R 253 59.14 -27.79 -9.99
CA ASP R 253 58.53 -28.65 -8.99
C ASP R 253 58.63 -28.10 -7.57
N VAL R 254 58.00 -26.96 -7.35
CA VAL R 254 57.93 -26.48 -5.97
C VAL R 254 56.69 -27.09 -5.35
N PRO R 255 56.71 -27.47 -4.08
CA PRO R 255 55.49 -27.96 -3.43
C PRO R 255 54.39 -26.95 -3.51
N ARG R 256 54.76 -25.68 -3.45
CA ARG R 256 53.78 -24.60 -3.54
C ARG R 256 53.05 -24.67 -4.88
N GLY R 257 53.79 -24.95 -5.96
CA GLY R 257 53.25 -25.02 -7.30
C GLY R 257 52.98 -23.67 -7.90
N VAL R 258 53.09 -22.61 -7.12
CA VAL R 258 52.82 -21.24 -7.54
C VAL R 258 54.04 -20.62 -8.19
N THR R 259 53.82 -19.96 -9.31
CA THR R 259 54.89 -19.22 -9.94
C THR R 259 55.04 -17.89 -9.22
N GLN R 260 56.28 -17.40 -9.17
CA GLN R 260 56.66 -16.09 -8.62
C GLN R 260 56.75 -16.08 -7.11
N ILE R 261 56.76 -17.24 -6.46
CA ILE R 261 56.87 -17.27 -5.01
C ILE R 261 58.08 -16.48 -4.57
N GLY R 262 57.94 -15.78 -3.44
CA GLY R 262 58.95 -14.84 -2.99
C GLY R 262 59.27 -14.99 -1.51
N GLN R 263 60.25 -14.19 -1.08
CA GLN R 263 60.78 -14.11 0.27
C GLN R 263 61.64 -15.32 0.59
N PHE R 264 61.09 -16.52 0.40
CA PHE R 264 61.81 -17.77 0.55
C PHE R 264 60.86 -18.89 0.15
N ASP R 265 61.44 -20.02 -0.21
CA ASP R 265 60.64 -21.19 -0.60
C ASP R 265 61.54 -22.38 -0.81
N VAL R 266 60.94 -23.56 -0.72
CA VAL R 266 61.65 -24.80 -0.97
C VAL R 266 61.51 -25.12 -2.45
N VAL R 267 62.63 -25.10 -3.15
CA VAL R 267 62.66 -25.31 -4.57
C VAL R 267 63.51 -26.53 -4.86
N THR R 268 63.31 -27.11 -6.04
CA THR R 268 64.04 -28.29 -6.47
C THR R 268 64.83 -27.93 -7.71
N LEU R 269 66.14 -27.78 -7.57
CA LEU R 269 66.94 -27.46 -8.74
C LEU R 269 67.05 -28.67 -9.64
N ASN R 270 67.24 -28.42 -10.95
CA ASN R 270 67.28 -29.51 -11.93
C ASN R 270 68.57 -30.34 -11.88
N ARG R 271 68.57 -31.43 -12.67
CA ARG R 271 69.60 -32.48 -12.55
C ARG R 271 70.98 -32.07 -13.06
N GLY R 272 71.08 -31.49 -14.25
CA GLY R 272 72.39 -30.98 -14.64
C GLY R 272 72.77 -29.90 -13.66
N GLN R 273 71.77 -29.12 -13.29
CA GLN R 273 71.95 -28.11 -12.27
C GLN R 273 72.32 -28.79 -10.98
N ARG R 274 71.75 -29.98 -10.73
CA ARG R 274 72.03 -30.74 -9.51
C ARG R 274 73.47 -31.18 -9.39
N ASP R 275 74.08 -31.64 -10.49
CA ASP R 275 75.47 -32.03 -10.42
C ASP R 275 76.35 -30.81 -10.20
N GLY R 276 76.03 -29.72 -10.90
CA GLY R 276 76.78 -28.51 -10.62
C GLY R 276 76.57 -28.13 -9.17
N LEU R 277 75.37 -28.36 -8.66
CA LEU R 277 75.06 -28.03 -7.27
C LEU R 277 75.97 -28.82 -6.36
N ALA R 278 76.20 -30.08 -6.72
CA ALA R 278 77.15 -30.90 -5.99
C ALA R 278 78.46 -30.16 -5.94
N GLU R 279 78.76 -29.42 -7.01
CA GLU R 279 79.93 -28.54 -6.92
C GLU R 279 79.61 -27.27 -6.12
N GLY R 280 78.62 -26.48 -6.55
CA GLY R 280 78.34 -25.18 -5.94
C GLY R 280 77.00 -24.99 -5.24
N ASN R 281 77.01 -24.64 -3.94
CA ASN R 281 75.76 -24.48 -3.19
C ASN R 281 74.95 -23.21 -3.50
N VAL R 282 75.57 -22.03 -3.68
CA VAL R 282 74.76 -20.80 -3.74
C VAL R 282 74.72 -20.22 -5.15
N LEU R 283 73.56 -19.68 -5.53
CA LEU R 283 73.37 -19.01 -6.81
C LEU R 283 72.31 -17.92 -6.72
N ALA R 284 72.38 -16.96 -7.64
CA ALA R 284 71.46 -15.86 -7.82
C ALA R 284 70.26 -16.27 -8.68
N ILE R 285 69.20 -15.51 -8.56
CA ILE R 285 67.92 -15.74 -9.24
C ILE R 285 67.89 -15.02 -10.58
N TYR R 286 67.37 -15.67 -11.62
CA TYR R 286 67.13 -15.05 -12.91
C TYR R 286 65.74 -15.42 -13.40
N LYS R 287 64.95 -14.43 -13.80
CA LYS R 287 63.65 -14.68 -14.41
C LYS R 287 63.78 -14.32 -15.89
N VAL R 288 63.58 -15.29 -16.75
CA VAL R 288 63.68 -15.05 -18.19
C VAL R 288 62.32 -14.61 -18.73
N GLY R 289 62.26 -13.40 -19.29
CA GLY R 289 61.03 -12.86 -19.84
C GLY R 289 61.06 -12.62 -21.34
N GLU R 290 60.07 -13.10 -22.07
CA GLU R 290 60.07 -12.97 -23.53
C GLU R 290 59.58 -11.61 -23.97
N THR R 291 60.36 -10.93 -24.79
CA THR R 291 60.04 -9.62 -25.34
C THR R 291 59.72 -9.77 -26.82
N VAL R 292 58.53 -9.35 -27.23
CA VAL R 292 58.06 -9.57 -28.59
C VAL R 292 58.27 -8.33 -29.44
N ARG R 293 58.84 -8.51 -30.64
CA ARG R 293 59.00 -7.39 -31.57
C ARG R 293 57.66 -7.17 -32.27
N ASP R 294 56.72 -6.63 -31.50
CA ASP R 294 55.32 -6.59 -31.92
C ASP R 294 55.15 -5.78 -33.20
N ARG R 295 55.88 -4.67 -33.32
CA ARG R 295 55.65 -3.76 -34.43
C ARG R 295 56.70 -3.89 -35.51
N VAL R 296 57.56 -4.91 -35.42
CA VAL R 296 58.54 -5.12 -36.49
C VAL R 296 58.34 -6.51 -37.08
N THR R 297 58.42 -7.53 -36.22
CA THR R 297 58.33 -8.90 -36.70
C THR R 297 57.29 -9.71 -35.94
N GLY R 298 56.99 -9.32 -34.71
CA GLY R 298 56.15 -10.14 -33.87
C GLY R 298 56.92 -11.24 -33.18
N GLU R 299 58.19 -11.38 -33.49
CA GLU R 299 59.04 -12.37 -32.84
C GLU R 299 59.34 -11.95 -31.41
N SER R 300 59.29 -12.91 -30.50
CA SER R 300 59.55 -12.66 -29.09
C SER R 300 60.84 -13.36 -28.68
N VAL R 301 61.74 -12.62 -28.06
CA VAL R 301 63.05 -13.10 -27.63
C VAL R 301 63.06 -13.10 -26.12
N LYS R 302 63.34 -14.26 -25.53
CA LYS R 302 63.43 -14.36 -24.09
C LYS R 302 64.72 -13.70 -23.63
N ILE R 303 64.61 -12.83 -22.61
CA ILE R 303 65.76 -12.13 -22.06
C ILE R 303 65.83 -12.45 -20.58
N PRO R 304 66.95 -12.96 -20.07
CA PRO R 304 67.08 -13.18 -18.63
C PRO R 304 67.18 -11.86 -17.88
N ASP R 305 66.44 -11.76 -16.79
CA ASP R 305 66.47 -10.60 -15.91
C ASP R 305 67.00 -11.06 -14.58
N GLU R 306 68.18 -10.57 -14.20
CA GLU R 306 68.75 -10.96 -12.93
C GLU R 306 67.85 -10.44 -11.83
N ARG R 307 67.52 -11.30 -10.88
CA ARG R 307 66.56 -11.00 -9.86
C ARG R 307 67.25 -10.99 -8.50
N ALA R 308 66.93 -10.00 -7.69
CA ALA R 308 67.46 -9.93 -6.35
C ALA R 308 66.99 -11.13 -5.53
N GLY R 309 67.91 -11.69 -4.76
CA GLY R 309 67.59 -12.86 -3.96
C GLY R 309 68.41 -14.07 -4.38
N LEU R 310 68.81 -14.89 -3.43
CA LEU R 310 69.64 -16.03 -3.74
C LEU R 310 69.15 -17.27 -3.02
N LEU R 311 69.57 -18.41 -3.54
CA LEU R 311 69.18 -19.70 -3.02
C LEU R 311 70.18 -20.22 -2.00
N MET R 312 69.68 -20.81 -0.91
CA MET R 312 70.53 -21.61 -0.05
C MET R 312 70.19 -23.04 -0.42
N VAL R 313 71.20 -23.82 -0.79
CA VAL R 313 70.95 -25.15 -1.34
C VAL R 313 71.50 -26.24 -0.44
N PHE R 314 70.66 -27.23 -0.14
CA PHE R 314 71.10 -28.43 0.56
C PHE R 314 70.89 -29.55 -0.44
N ARG R 315 71.93 -30.31 -0.73
CA ARG R 315 71.91 -31.27 -1.82
C ARG R 315 71.86 -32.70 -1.32
N THR R 316 70.87 -33.44 -1.80
CA THR R 316 70.80 -34.86 -1.56
C THR R 316 71.28 -35.53 -2.85
N TYR R 317 72.55 -35.94 -2.86
CA TYR R 317 73.10 -36.62 -4.03
C TYR R 317 72.24 -37.82 -4.39
N LYS R 318 72.22 -38.16 -5.67
CA LYS R 318 71.39 -39.23 -6.24
C LYS R 318 69.96 -38.72 -6.39
N LYS R 319 69.76 -37.43 -6.16
CA LYS R 319 68.49 -36.77 -6.26
C LYS R 319 68.78 -35.33 -6.62
N LEU R 320 67.78 -34.47 -6.49
CA LEU R 320 67.98 -33.08 -6.81
C LEU R 320 68.40 -32.33 -5.55
N SER R 321 68.57 -31.01 -5.69
CA SER R 321 68.91 -30.17 -4.55
C SER R 321 67.67 -29.50 -4.01
N TYR R 322 67.44 -29.70 -2.71
CA TYR R 322 66.37 -29.05 -1.96
C TYR R 322 66.92 -27.71 -1.47
N ALA R 323 66.41 -26.62 -2.02
CA ALA R 323 66.99 -25.31 -1.75
C ALA R 323 65.97 -24.35 -1.19
N LEU R 324 66.25 -23.78 -0.03
CA LEU R 324 65.38 -22.72 0.47
C LEU R 324 65.95 -21.43 -0.08
N VAL R 325 65.28 -20.89 -1.06
CA VAL R 325 65.71 -19.66 -1.69
C VAL R 325 65.07 -18.48 -0.99
N LEU R 326 65.90 -17.49 -0.66
CA LEU R 326 65.41 -16.23 -0.14
C LEU R 326 65.28 -15.28 -1.32
N MET R 327 64.06 -14.87 -1.60
CA MET R 327 63.81 -13.97 -2.72
C MET R 327 63.85 -12.53 -2.24
N ALA R 328 64.77 -11.75 -2.78
CA ALA R 328 64.81 -10.33 -2.47
C ALA R 328 63.88 -9.64 -3.45
N SER R 329 62.60 -9.61 -3.08
CA SER R 329 61.52 -8.96 -3.82
C SER R 329 61.06 -9.65 -5.08
N ARG R 330 62.00 -9.98 -5.96
CA ARG R 330 61.69 -10.49 -7.27
C ARG R 330 60.81 -11.75 -7.23
N PRO R 331 59.62 -11.71 -7.79
CA PRO R 331 58.80 -12.92 -7.88
C PRO R 331 59.05 -13.70 -9.16
N LEU R 332 59.59 -14.91 -9.06
CA LEU R 332 60.02 -15.67 -10.24
C LEU R 332 59.15 -16.90 -10.49
N SER R 333 58.95 -17.22 -11.76
CA SER R 333 58.05 -18.29 -12.14
C SER R 333 58.58 -19.63 -11.67
N VAL R 334 57.70 -20.64 -11.70
CA VAL R 334 58.08 -21.97 -11.23
C VAL R 334 59.29 -22.46 -12.01
N THR R 335 59.37 -22.12 -13.29
CA THR R 335 60.52 -22.42 -14.12
C THR R 335 61.25 -21.12 -14.43
N ASP R 336 62.49 -21.01 -13.95
CA ASP R 336 63.28 -19.82 -14.17
C ASP R 336 64.74 -20.23 -14.03
N ARG R 337 65.64 -19.36 -14.49
CA ARG R 337 67.05 -19.69 -14.49
C ARG R 337 67.70 -19.33 -13.16
N VAL R 338 68.15 -20.32 -12.43
CA VAL R 338 69.00 -20.05 -11.27
C VAL R 338 70.42 -20.12 -11.80
N GLN R 339 71.17 -19.04 -11.59
CA GLN R 339 72.50 -18.93 -12.18
C GLN R 339 73.29 -17.98 -11.31
N ASN R 340 74.54 -17.76 -11.65
CA ASN R 340 75.33 -16.80 -10.91
C ASN R 340 76.53 -16.40 -11.73
N PRO S 116 61.21 36.20 -17.05
CA PRO S 116 61.60 35.78 -18.40
C PRO S 116 62.10 34.35 -18.43
N LEU S 117 62.94 33.99 -17.45
CA LEU S 117 63.48 32.64 -17.40
C LEU S 117 62.39 31.60 -17.24
N ASP S 118 61.34 31.92 -16.49
CA ASP S 118 60.27 30.95 -16.27
C ASP S 118 59.49 30.69 -17.56
N LYS S 119 59.27 31.73 -18.35
CA LYS S 119 58.64 31.54 -19.66
C LYS S 119 59.48 30.61 -20.50
N ILE S 120 60.80 30.81 -20.46
CA ILE S 120 61.72 29.98 -21.21
C ILE S 120 61.68 28.56 -20.66
N ASN S 121 61.52 28.44 -19.34
CA ASN S 121 61.43 27.12 -18.71
C ASN S 121 60.19 26.37 -19.16
N SER S 122 59.08 27.08 -19.35
CA SER S 122 57.89 26.44 -19.88
C SER S 122 58.13 25.93 -21.29
N PHE S 123 58.75 26.77 -22.14
CA PHE S 123 59.07 26.27 -23.47
C PHE S 123 59.99 25.07 -23.36
N LEU S 124 60.95 25.15 -22.45
CA LEU S 124 61.97 24.12 -22.36
C LEU S 124 61.31 22.82 -21.95
N LEU S 125 60.23 22.95 -21.20
CA LEU S 125 59.41 21.80 -20.87
C LEU S 125 58.71 21.30 -22.13
N ALA S 126 58.41 22.21 -23.05
CA ALA S 126 57.72 21.84 -24.28
C ALA S 126 58.68 21.49 -25.43
N ASN S 127 59.99 21.49 -25.21
CA ASN S 127 60.95 21.30 -26.29
C ASN S 127 61.27 19.81 -26.49
N ARG S 128 60.30 19.09 -27.02
CA ARG S 128 60.48 17.67 -27.28
C ARG S 128 60.51 17.33 -28.77
N ILE S 129 60.13 18.24 -29.61
CA ILE S 129 59.97 17.93 -31.03
C ILE S 129 61.26 18.27 -31.77
N VAL S 130 61.77 17.29 -32.51
CA VAL S 130 63.02 17.43 -33.25
C VAL S 130 62.80 17.00 -34.70
N ASP S 131 63.80 17.29 -35.52
CA ASP S 131 63.76 17.06 -36.95
C ASP S 131 64.11 15.61 -37.33
N ASP S 132 64.06 15.33 -38.64
CA ASP S 132 64.52 14.06 -39.20
C ASP S 132 63.69 12.87 -38.71
N GLU S 133 62.39 12.96 -38.95
CA GLU S 133 61.53 11.79 -38.78
C GLU S 133 61.85 10.73 -39.83
N LYS S 134 62.19 11.17 -41.04
CA LYS S 134 62.44 10.26 -42.15
C LYS S 134 63.61 9.32 -41.88
N THR S 135 64.64 9.82 -41.18
CA THR S 135 65.84 9.03 -40.97
C THR S 135 65.51 7.76 -40.19
N PHE S 136 64.84 7.91 -39.05
CA PHE S 136 64.58 6.71 -38.27
C PHE S 136 63.29 6.05 -38.70
N THR S 137 62.49 6.68 -39.56
CA THR S 137 61.44 5.90 -40.18
C THR S 137 62.10 4.84 -41.03
N SER S 138 63.21 5.21 -41.66
CA SER S 138 64.00 4.27 -42.41
C SER S 138 64.76 3.31 -41.49
N ALA S 139 65.14 3.75 -40.29
CA ALA S 139 65.84 2.89 -39.34
C ALA S 139 65.34 3.11 -37.91
N PRO S 140 64.17 2.60 -37.59
CA PRO S 140 63.67 2.68 -36.20
C PRO S 140 64.39 1.73 -35.27
N TYR S 141 64.60 2.17 -34.04
CA TYR S 141 65.17 1.33 -33.01
C TYR S 141 63.98 0.80 -32.22
N ILE S 142 63.73 -0.51 -32.30
CA ILE S 142 62.45 -1.07 -31.87
C ILE S 142 62.47 -1.40 -30.38
N VAL S 143 61.59 -0.78 -29.62
CA VAL S 143 61.51 -1.02 -28.19
C VAL S 143 60.40 -2.03 -27.91
N ALA S 144 60.62 -2.90 -26.93
CA ALA S 144 59.63 -3.86 -26.48
C ALA S 144 60.04 -4.35 -25.09
N GLY S 145 59.14 -5.09 -24.46
CA GLY S 145 59.46 -5.72 -23.18
C GLY S 145 58.32 -5.85 -22.18
N ASN S 146 58.03 -7.08 -21.78
CA ASN S 146 57.01 -7.36 -20.77
C ASN S 146 57.60 -7.82 -19.45
N ALA S 147 58.94 -7.85 -19.34
CA ALA S 147 59.55 -8.19 -18.06
C ALA S 147 59.09 -7.18 -17.03
N GLU S 148 58.99 -5.93 -17.46
CA GLU S 148 58.37 -4.86 -16.72
C GLU S 148 57.48 -4.25 -17.80
N ARG S 149 56.25 -4.72 -17.86
CA ARG S 149 55.37 -4.35 -18.97
C ARG S 149 54.84 -2.97 -18.67
N ILE S 150 55.49 -1.96 -19.22
CA ILE S 150 55.09 -0.58 -19.05
C ILE S 150 55.13 0.10 -20.40
N VAL S 151 54.33 1.15 -20.53
CA VAL S 151 54.43 2.02 -21.68
C VAL S 151 55.10 3.32 -21.29
N SER S 152 55.62 3.37 -20.07
CA SER S 152 56.37 4.50 -19.57
C SER S 152 57.00 4.11 -18.23
N GLY S 153 58.09 4.79 -17.88
CA GLY S 153 58.65 4.58 -16.57
C GLY S 153 59.72 5.61 -16.27
N THR S 154 60.07 5.70 -15.00
CA THR S 154 61.19 6.51 -14.55
C THR S 154 62.23 5.57 -13.98
N GLY S 155 63.30 5.35 -14.73
CA GLY S 155 64.33 4.43 -14.31
C GLY S 155 63.98 2.98 -14.54
N ASP S 156 62.83 2.70 -15.13
CA ASP S 156 62.38 1.35 -15.37
C ASP S 156 63.15 0.73 -16.54
N ARG S 157 63.02 -0.59 -16.68
CA ARG S 157 63.77 -1.33 -17.68
C ARG S 157 62.91 -1.69 -18.89
N ILE S 158 63.30 -1.18 -20.04
CA ILE S 158 62.70 -1.60 -21.30
C ILE S 158 63.80 -2.26 -22.12
N TYR S 159 63.41 -3.06 -23.09
CA TYR S 159 64.40 -3.66 -23.96
C TYR S 159 64.21 -3.09 -25.36
N ALA S 160 65.28 -3.11 -26.15
CA ALA S 160 65.10 -2.69 -27.53
C ALA S 160 66.09 -3.34 -28.48
N ARG S 161 65.64 -3.55 -29.71
CA ARG S 161 66.41 -4.16 -30.77
C ARG S 161 66.91 -3.10 -31.73
N GLY S 162 68.19 -3.16 -32.04
CA GLY S 162 68.84 -2.29 -33.01
C GLY S 162 70.28 -2.06 -32.61
N LYS S 163 71.06 -1.51 -33.56
CA LYS S 163 72.47 -1.26 -33.26
C LYS S 163 72.59 -0.23 -32.16
N PHE S 164 71.51 0.51 -31.91
CA PHE S 164 71.53 1.56 -30.90
C PHE S 164 71.93 0.97 -29.56
N ALA S 165 71.48 -0.26 -29.30
CA ALA S 165 71.93 -0.98 -28.11
C ALA S 165 73.45 -1.08 -28.10
N ASP S 166 74.02 -1.53 -29.21
CA ASP S 166 75.47 -1.61 -29.33
C ASP S 166 76.13 -0.25 -29.21
N GLY S 167 75.54 0.77 -29.82
CA GLY S 167 76.17 2.07 -29.87
C GLY S 167 75.79 3.04 -28.77
N GLN S 168 75.04 4.07 -29.13
CA GLN S 168 74.78 5.19 -28.24
C GLN S 168 73.99 4.77 -27.00
N PRO S 169 74.53 4.96 -25.79
CA PRO S 169 73.74 4.62 -24.59
C PRO S 169 72.48 5.46 -24.40
N ALA S 170 72.56 6.77 -24.55
CA ALA S 170 71.32 7.53 -24.47
C ALA S 170 70.61 7.50 -25.81
N TYR S 171 69.37 7.99 -25.83
CA TYR S 171 68.66 8.17 -27.08
C TYR S 171 67.38 8.94 -26.80
N GLY S 172 66.78 9.45 -27.88
CA GLY S 172 65.55 10.20 -27.81
C GLY S 172 64.41 9.41 -28.40
N ILE S 173 63.35 9.25 -27.62
CA ILE S 173 62.18 8.52 -28.06
C ILE S 173 61.22 9.51 -28.71
N PHE S 174 60.92 9.29 -29.99
CA PHE S 174 60.12 10.26 -30.73
C PHE S 174 58.93 9.60 -31.40
N ARG S 175 57.77 10.19 -31.21
CA ARG S 175 56.62 9.81 -32.02
C ARG S 175 56.62 10.69 -33.27
N GLN S 176 56.04 10.15 -34.34
CA GLN S 176 56.12 10.74 -35.68
C GLN S 176 54.86 11.53 -36.04
N GLY S 177 55.04 12.83 -36.27
CA GLY S 177 54.01 13.68 -36.83
C GLY S 177 54.48 14.10 -38.21
N LYS S 178 53.58 14.69 -39.00
CA LYS S 178 53.96 15.08 -40.34
C LYS S 178 53.46 16.49 -40.63
N VAL S 179 54.35 17.33 -41.14
CA VAL S 179 54.05 18.71 -41.45
C VAL S 179 54.07 18.84 -42.96
N TYR S 180 52.90 18.85 -43.58
CA TYR S 180 52.77 18.80 -45.03
C TYR S 180 52.70 20.21 -45.58
N ILE S 181 53.80 20.67 -46.16
CA ILE S 181 53.86 22.01 -46.72
C ILE S 181 54.21 21.89 -48.19
N ASP S 182 54.23 23.01 -48.89
CA ASP S 182 54.63 23.06 -50.29
C ASP S 182 53.79 22.05 -51.09
N PRO S 183 52.48 22.26 -51.15
CA PRO S 183 51.61 21.23 -51.74
C PRO S 183 52.05 20.78 -53.12
N LYS S 184 52.58 21.69 -53.95
CA LYS S 184 53.14 21.25 -55.23
C LYS S 184 54.29 20.29 -54.99
N THR S 185 55.12 20.57 -53.97
CA THR S 185 56.17 19.64 -53.62
C THR S 185 55.65 18.58 -52.67
N LYS S 186 54.55 18.88 -51.98
CA LYS S 186 53.82 17.90 -51.19
C LYS S 186 54.72 17.16 -50.20
N GLU S 187 55.60 17.92 -49.55
CA GLU S 187 56.59 17.40 -48.64
C GLU S 187 56.07 17.49 -47.21
N VAL S 188 56.22 16.42 -46.44
CA VAL S 188 55.99 16.46 -45.01
C VAL S 188 57.35 16.38 -44.32
N LEU S 189 57.74 17.46 -43.66
CA LEU S 189 58.83 17.38 -42.72
C LEU S 189 58.19 17.10 -41.36
N GLY S 190 58.40 15.90 -40.84
CA GLY S 190 57.67 15.46 -39.66
C GLY S 190 58.14 16.09 -38.38
N ILE S 191 57.46 15.68 -37.31
CA ILE S 191 57.72 16.14 -35.96
C ILE S 191 58.10 14.95 -35.11
N ASN S 192 59.28 15.01 -34.52
CA ASN S 192 59.75 13.93 -33.64
C ASN S 192 59.51 14.34 -32.19
N ALA S 193 58.34 13.99 -31.66
CA ALA S 193 58.03 14.34 -30.29
C ALA S 193 58.85 13.47 -29.33
N ASP S 194 59.68 14.10 -28.51
CA ASP S 194 60.61 13.37 -27.64
C ASP S 194 59.88 12.89 -26.40
N ASP S 195 59.80 11.56 -26.26
CA ASP S 195 58.96 11.02 -25.21
C ASP S 195 59.67 11.03 -23.86
N ILE S 196 60.78 10.29 -23.76
CA ILE S 196 61.61 10.29 -22.55
C ILE S 196 62.49 11.52 -22.53
N GLY S 197 62.73 12.05 -21.34
CA GLY S 197 63.75 13.06 -21.22
C GLY S 197 65.12 12.52 -21.55
N GLY S 198 65.39 11.31 -21.09
CA GLY S 198 66.65 10.65 -21.39
C GLY S 198 66.54 9.18 -21.03
N GLY S 199 67.56 8.44 -21.41
CA GLY S 199 67.65 7.06 -21.00
C GLY S 199 69.07 6.58 -21.18
N GLU S 200 69.38 5.49 -20.49
CA GLU S 200 70.71 4.90 -20.62
C GLU S 200 70.56 3.39 -20.77
N VAL S 201 71.63 2.75 -21.21
CA VAL S 201 71.52 1.39 -21.67
C VAL S 201 72.40 0.44 -20.88
N VAL S 202 72.05 -0.84 -20.98
CA VAL S 202 72.88 -1.98 -20.67
C VAL S 202 72.71 -2.83 -21.91
N ALA S 203 73.71 -3.65 -22.22
CA ALA S 203 73.70 -4.39 -23.45
C ALA S 203 73.36 -5.85 -23.18
N THR S 204 72.47 -6.39 -24.00
CA THR S 204 72.13 -7.78 -23.88
C THR S 204 72.33 -8.42 -25.24
N GLU S 205 72.61 -9.72 -25.21
CA GLU S 205 72.80 -10.45 -26.43
C GLU S 205 71.50 -10.58 -27.21
N GLY S 206 71.63 -10.77 -28.52
CA GLY S 206 70.46 -10.75 -29.35
C GLY S 206 70.22 -9.39 -29.97
N ASP S 207 71.13 -8.45 -29.74
CA ASP S 207 71.09 -7.09 -30.24
C ASP S 207 70.03 -6.28 -29.50
N VAL S 208 69.48 -6.84 -28.44
CA VAL S 208 68.53 -6.15 -27.61
C VAL S 208 69.29 -5.46 -26.49
N ALA S 209 68.66 -4.48 -25.86
CA ALA S 209 69.25 -3.73 -24.77
C ALA S 209 68.24 -3.61 -23.65
N THR S 210 68.74 -3.30 -22.46
CA THR S 210 67.91 -3.05 -21.29
C THR S 210 68.23 -1.66 -20.79
N LEU S 211 67.28 -0.75 -20.90
CA LEU S 211 67.52 0.64 -20.60
C LEU S 211 66.70 1.13 -19.41
N ALA S 212 67.26 2.15 -18.77
CA ALA S 212 66.62 2.90 -17.69
C ALA S 212 66.17 4.23 -18.27
N LEU S 213 65.02 4.73 -17.81
CA LEU S 213 64.35 5.85 -18.43
C LEU S 213 64.13 7.03 -17.51
N THR S 214 64.73 8.18 -17.85
CA THR S 214 64.39 9.43 -17.19
C THR S 214 63.23 10.01 -17.99
N ARG S 215 62.04 9.98 -17.43
CA ARG S 215 60.84 10.32 -18.18
C ARG S 215 60.49 11.80 -18.14
N THR S 216 60.10 12.33 -19.30
CA THR S 216 59.64 13.72 -19.46
C THR S 216 58.20 13.94 -19.87
N THR S 217 57.23 13.31 -19.21
CA THR S 217 55.79 13.51 -19.35
C THR S 217 55.20 12.75 -20.51
N GLN S 218 55.99 12.11 -21.34
CA GLN S 218 55.47 11.44 -22.51
C GLN S 218 55.61 9.93 -22.43
N GLU S 219 54.47 9.23 -22.42
CA GLU S 219 54.50 7.78 -22.25
C GLU S 219 55.25 7.21 -23.44
N VAL S 220 56.01 6.16 -23.20
CA VAL S 220 56.74 5.53 -24.29
C VAL S 220 56.06 4.24 -24.66
N ARG S 221 55.37 4.23 -25.79
CA ARG S 221 54.59 3.07 -26.18
C ARG S 221 55.50 1.86 -26.15
N LEU S 222 54.98 0.73 -25.66
CA LEU S 222 55.85 -0.42 -25.53
C LEU S 222 56.43 -0.80 -26.89
N GLY S 223 55.63 -0.68 -27.95
CA GLY S 223 56.11 -0.84 -29.31
C GLY S 223 56.44 0.49 -29.98
N ASP S 224 57.30 1.31 -29.39
CA ASP S 224 57.61 2.62 -29.95
C ASP S 224 58.87 2.59 -30.80
N ARG S 225 59.14 3.73 -31.44
CA ARG S 225 60.34 3.94 -32.24
C ARG S 225 61.35 4.79 -31.48
N LEU S 226 62.59 4.31 -31.42
CA LEU S 226 63.65 5.00 -30.71
C LEU S 226 64.62 5.60 -31.72
N PHE S 227 65.21 6.74 -31.38
CA PHE S 227 66.13 7.45 -32.25
C PHE S 227 67.34 7.85 -31.42
N PRO S 228 68.50 8.10 -32.03
CA PRO S 228 69.67 8.49 -31.23
C PRO S 228 69.46 9.79 -30.45
N THR S 229 70.22 9.91 -29.37
CA THR S 229 70.14 11.10 -28.52
C THR S 229 70.91 12.25 -29.14
N GLU S 230 70.26 13.41 -29.23
CA GLU S 230 70.83 14.59 -29.88
C GLU S 230 70.59 15.79 -28.96
N GLU S 231 71.54 16.06 -28.09
CA GLU S 231 71.38 17.13 -27.13
C GLU S 231 71.57 18.48 -27.80
N ARG S 232 70.60 19.37 -27.62
CA ARG S 232 70.64 20.71 -28.21
C ARG S 232 70.58 21.74 -27.10
N ALA S 233 71.43 22.75 -27.19
CA ALA S 233 71.51 23.79 -26.17
C ALA S 233 70.50 24.88 -26.47
N VAL S 234 69.64 25.18 -25.50
CA VAL S 234 68.69 26.29 -25.62
C VAL S 234 68.97 27.27 -24.50
N ASN S 235 68.80 28.55 -24.79
CA ASN S 235 69.07 29.59 -23.82
C ASN S 235 67.86 30.49 -23.64
N SER S 236 67.88 31.22 -22.53
CA SER S 236 66.83 32.19 -22.22
C SER S 236 67.09 33.53 -22.88
N THR S 237 68.13 33.58 -23.71
CA THR S 237 68.49 34.80 -24.42
C THR S 237 67.54 35.10 -25.55
N PHE S 238 66.69 34.14 -25.93
CA PHE S 238 65.68 34.38 -26.94
C PHE S 238 64.52 35.21 -26.41
N MET S 239 64.44 35.38 -25.09
CA MET S 239 63.26 36.02 -24.50
C MET S 239 63.00 37.41 -25.06
N PRO S 240 63.98 38.29 -25.27
CA PRO S 240 63.65 39.63 -25.76
C PRO S 240 62.98 39.62 -27.12
N GLY S 241 63.22 38.60 -27.93
CA GLY S 241 62.55 38.50 -29.21
C GLY S 241 63.44 38.95 -30.36
N GLU S 242 63.12 38.44 -31.54
CA GLU S 242 63.85 38.76 -32.77
C GLU S 242 62.83 38.99 -33.88
N PRO S 243 62.15 40.12 -33.85
CA PRO S 243 61.02 40.34 -34.77
C PRO S 243 61.35 40.88 -36.15
N SER S 244 61.19 40.05 -37.17
CA SER S 244 61.33 40.48 -38.56
C SER S 244 59.98 40.26 -39.22
N ARG S 245 59.37 41.34 -39.71
CA ARG S 245 58.02 41.27 -40.27
C ARG S 245 57.91 40.49 -41.56
N GLU S 246 58.95 40.56 -42.41
CA GLU S 246 58.85 39.98 -43.76
C GLU S 246 58.42 38.52 -43.70
N VAL S 247 58.90 37.81 -42.69
CA VAL S 247 58.56 36.42 -42.53
C VAL S 247 57.06 36.30 -42.33
N LYS S 248 56.39 35.58 -43.21
CA LYS S 248 54.94 35.41 -43.10
C LYS S 248 54.55 34.04 -43.61
N GLY S 249 53.79 33.30 -42.81
CA GLY S 249 53.43 31.95 -43.18
C GLY S 249 52.34 31.42 -42.28
N GLU S 250 51.76 30.31 -42.72
CA GLU S 250 50.72 29.65 -41.97
C GLU S 250 51.33 28.75 -40.89
N ILE S 251 50.45 28.31 -39.99
CA ILE S 251 50.84 27.42 -38.91
C ILE S 251 50.02 26.14 -39.01
N ILE S 252 50.66 25.00 -38.76
CA ILE S 252 49.96 23.72 -38.72
C ILE S 252 50.61 22.78 -37.71
N ASP S 253 50.01 21.60 -37.56
CA ASP S 253 50.59 20.47 -36.84
C ASP S 253 51.04 20.80 -35.42
N VAL S 254 50.09 21.17 -34.58
CA VAL S 254 50.44 21.34 -33.19
C VAL S 254 50.27 19.98 -32.52
N PRO S 255 51.13 19.61 -31.57
CA PRO S 255 50.92 18.35 -30.85
C PRO S 255 49.58 18.33 -30.17
N ARG S 256 49.13 19.49 -29.72
CA ARG S 256 47.83 19.60 -29.09
C ARG S 256 46.73 19.18 -30.05
N GLY S 257 46.85 19.59 -31.31
CA GLY S 257 45.87 19.29 -32.35
C GLY S 257 44.63 20.14 -32.25
N VAL S 258 44.48 20.89 -31.18
CA VAL S 258 43.33 21.74 -30.91
C VAL S 258 43.46 23.09 -31.59
N THR S 259 42.38 23.51 -32.24
CA THR S 259 42.36 24.84 -32.81
C THR S 259 42.06 25.84 -31.70
N GLN S 260 42.63 27.04 -31.83
CA GLN S 260 42.40 28.18 -30.94
C GLN S 260 43.20 28.11 -29.66
N ILE S 261 44.19 27.22 -29.56
CA ILE S 261 44.99 27.14 -28.35
C ILE S 261 45.56 28.51 -28.01
N GLY S 262 45.63 28.81 -26.72
CA GLY S 262 45.99 30.13 -26.25
C GLY S 262 47.01 30.10 -25.13
N GLN S 263 47.41 31.31 -24.73
CA GLN S 263 48.38 31.62 -23.69
C GLN S 263 49.79 31.30 -24.16
N PHE S 264 50.02 30.09 -24.63
CA PHE S 264 51.27 29.66 -25.23
C PHE S 264 51.09 28.24 -25.73
N ASP S 265 51.93 27.85 -26.67
CA ASP S 265 51.86 26.50 -27.23
C ASP S 265 53.05 26.29 -28.16
N VAL S 266 53.36 25.02 -28.38
CA VAL S 266 54.42 24.63 -29.30
C VAL S 266 53.77 24.44 -30.67
N VAL S 267 54.16 25.30 -31.60
CA VAL S 267 53.59 25.30 -32.94
C VAL S 267 54.71 25.04 -33.93
N THR S 268 54.33 24.59 -35.11
CA THR S 268 55.26 24.29 -36.17
C THR S 268 54.97 25.21 -37.34
N LEU S 269 55.83 26.19 -37.56
CA LEU S 269 55.59 27.08 -38.69
C LEU S 269 55.91 26.37 -40.00
N ASN S 270 55.26 26.81 -41.08
CA ASN S 270 55.40 26.14 -42.37
C ASN S 270 56.75 26.43 -43.04
N ARG S 271 56.99 25.72 -44.17
CA ARG S 271 58.31 25.65 -44.79
C ARG S 271 58.75 26.95 -45.48
N GLY S 272 57.90 27.56 -46.31
CA GLY S 272 58.29 28.86 -46.84
C GLY S 272 58.40 29.80 -45.67
N GLN S 273 57.47 29.64 -44.74
CA GLN S 273 57.53 30.40 -43.52
C GLN S 273 58.80 30.04 -42.77
N ARG S 274 59.22 28.77 -42.86
CA ARG S 274 60.43 28.29 -42.20
C ARG S 274 61.70 28.96 -42.71
N ASP S 275 61.81 29.15 -44.02
CA ASP S 275 63.00 29.82 -44.54
C ASP S 275 62.98 31.28 -44.12
N GLY S 276 61.81 31.92 -44.20
CA GLY S 276 61.75 33.27 -43.69
C GLY S 276 62.12 33.28 -42.22
N LEU S 277 61.71 32.24 -41.51
CA LEU S 277 62.00 32.12 -40.09
C LEU S 277 63.49 32.10 -39.89
N ALA S 278 64.18 31.39 -40.77
CA ALA S 278 65.63 31.37 -40.76
C ALA S 278 66.10 32.81 -40.82
N GLU S 279 65.36 33.65 -41.52
CA GLU S 279 65.68 35.08 -41.45
C GLU S 279 65.14 35.70 -40.15
N GLY S 280 63.83 35.62 -39.91
CA GLY S 280 63.20 36.31 -38.78
C GLY S 280 62.55 35.46 -37.70
N ASN S 281 63.00 35.59 -36.44
CA ASN S 281 62.46 34.78 -35.36
C ASN S 281 61.05 35.17 -34.86
N VAL S 282 60.70 36.45 -34.73
CA VAL S 282 59.44 36.79 -34.05
C VAL S 282 58.39 37.32 -35.02
N LEU S 283 57.12 36.94 -34.78
CA LEU S 283 55.99 37.42 -35.57
C LEU S 283 54.72 37.46 -34.73
N ALA S 284 53.77 38.29 -35.16
CA ALA S 284 52.45 38.46 -34.60
C ALA S 284 51.46 37.42 -35.17
N ILE S 285 50.39 37.23 -34.43
CA ILE S 285 49.34 36.25 -34.71
C ILE S 285 48.25 36.87 -35.59
N TYR S 286 47.77 36.14 -36.59
CA TYR S 286 46.62 36.54 -37.38
C TYR S 286 45.67 35.36 -37.54
N LYS S 287 44.39 35.57 -37.25
CA LYS S 287 43.38 34.56 -37.49
C LYS S 287 42.53 35.04 -38.66
N VAL S 288 42.52 34.28 -39.74
CA VAL S 288 41.75 34.67 -40.92
C VAL S 288 40.34 34.10 -40.81
N GLY S 289 39.33 34.98 -40.79
CA GLY S 289 37.94 34.57 -40.67
C GLY S 289 37.10 34.91 -41.88
N GLU S 290 36.35 33.94 -42.41
CA GLU S 290 35.56 34.17 -43.61
C GLU S 290 34.24 34.86 -43.30
N THR S 291 33.97 35.97 -43.98
CA THR S 291 32.75 36.74 -43.84
C THR S 291 31.89 36.55 -45.09
N VAL S 292 30.67 36.07 -44.91
CA VAL S 292 29.81 35.71 -46.04
C VAL S 292 28.83 36.84 -46.34
N ARG S 293 28.72 37.20 -47.62
CA ARG S 293 27.73 38.20 -48.02
C ARG S 293 26.37 37.51 -48.14
N ASP S 294 25.84 37.17 -46.97
CA ASP S 294 24.68 36.29 -46.91
C ASP S 294 23.47 36.87 -47.63
N ARG S 295 23.26 38.18 -47.52
CA ARG S 295 22.05 38.78 -48.04
C ARG S 295 22.29 39.51 -49.35
N VAL S 296 23.47 39.38 -49.93
CA VAL S 296 23.71 39.98 -51.24
C VAL S 296 24.09 38.91 -52.24
N THR S 297 25.14 38.14 -51.93
CA THR S 297 25.63 37.14 -52.87
C THR S 297 25.77 35.77 -52.23
N GLY S 298 25.95 35.73 -50.91
CA GLY S 298 26.27 34.49 -50.26
C GLY S 298 27.74 34.15 -50.34
N GLU S 299 28.52 34.96 -51.04
CA GLU S 299 29.96 34.77 -51.13
C GLU S 299 30.62 35.14 -49.82
N SER S 300 31.58 34.34 -49.40
CA SER S 300 32.30 34.57 -48.15
C SER S 300 33.76 34.89 -48.46
N VAL S 301 34.23 36.00 -47.91
CA VAL S 301 35.58 36.51 -48.12
C VAL S 301 36.34 36.38 -46.82
N LYS S 302 37.47 35.68 -46.86
CA LYS S 302 38.29 35.53 -45.67
C LYS S 302 38.99 36.86 -45.39
N ILE S 303 38.93 37.31 -44.15
CA ILE S 303 39.57 38.57 -43.73
C ILE S 303 40.52 38.23 -42.58
N PRO S 304 41.80 38.60 -42.69
CA PRO S 304 42.72 38.39 -41.57
C PRO S 304 42.42 39.34 -40.43
N ASP S 305 42.39 38.80 -39.22
CA ASP S 305 42.18 39.57 -38.02
C ASP S 305 43.46 39.48 -37.19
N GLU S 306 44.15 40.61 -37.04
CA GLU S 306 45.37 40.60 -36.25
C GLU S 306 45.01 40.25 -34.82
N ARG S 307 45.75 39.32 -34.25
CA ARG S 307 45.44 38.78 -32.95
C ARG S 307 46.57 39.13 -31.99
N ALA S 308 46.19 39.55 -30.78
CA ALA S 308 47.16 39.83 -29.75
C ALA S 308 47.94 38.57 -29.39
N GLY S 309 49.25 38.73 -29.22
CA GLY S 309 50.10 37.59 -28.91
C GLY S 309 51.10 37.34 -30.00
N LEU S 310 52.31 36.93 -29.62
CA LEU S 310 53.35 36.71 -30.60
C LEU S 310 54.07 35.41 -30.33
N LEU S 311 54.75 34.93 -31.35
CA LEU S 311 55.47 33.67 -31.29
C LEU S 311 56.93 33.89 -30.92
N MET S 312 57.48 33.03 -30.07
CA MET S 312 58.92 32.95 -29.91
C MET S 312 59.32 31.72 -30.71
N VAL S 313 60.24 31.89 -31.63
CA VAL S 313 60.57 30.82 -32.56
C VAL S 313 61.99 30.33 -32.39
N PHE S 314 62.15 29.01 -32.26
CA PHE S 314 63.46 28.38 -32.27
C PHE S 314 63.46 27.52 -33.53
N ARG S 315 64.45 27.72 -34.39
CA ARG S 315 64.43 27.11 -35.71
C ARG S 315 65.45 26.01 -35.83
N THR S 316 64.99 24.85 -36.25
CA THR S 316 65.87 23.74 -36.59
C THR S 316 65.94 23.71 -38.12
N TYR S 317 67.00 24.29 -38.68
CA TYR S 317 67.17 24.30 -40.12
C TYR S 317 67.11 22.87 -40.66
N LYS S 318 66.65 22.74 -41.90
CA LYS S 318 66.43 21.45 -42.57
C LYS S 318 65.13 20.84 -42.06
N LYS S 319 64.38 21.62 -41.29
CA LYS S 319 63.11 21.22 -40.73
C LYS S 319 62.31 22.49 -40.55
N LEU S 320 61.23 22.42 -39.80
CA LEU S 320 60.42 23.58 -39.57
C LEU S 320 60.88 24.29 -38.31
N SER S 321 60.19 25.37 -37.96
CA SER S 321 60.49 26.10 -36.74
C SER S 321 59.55 25.69 -35.62
N TYR S 322 60.15 25.26 -34.51
CA TYR S 322 59.45 24.92 -33.29
C TYR S 322 59.29 26.22 -32.49
N ALA S 323 58.07 26.70 -32.38
CA ALA S 323 57.84 28.02 -31.79
C ALA S 323 56.89 27.95 -30.61
N LEU S 324 57.32 28.45 -29.46
CA LEU S 324 56.40 28.56 -28.35
C LEU S 324 55.77 29.94 -28.47
N VAL S 325 54.54 29.96 -28.91
CA VAL S 325 53.82 31.19 -29.09
C VAL S 325 53.08 31.55 -27.82
N LEU S 326 53.22 32.79 -27.38
CA LEU S 326 52.44 33.31 -26.28
C LEU S 326 51.24 34.02 -26.89
N MET S 327 50.05 33.50 -26.61
CA MET S 327 48.83 34.09 -27.13
C MET S 327 48.27 35.09 -26.15
N ALA S 328 48.17 36.34 -26.59
CA ALA S 328 47.56 37.36 -25.77
C ALA S 328 46.06 37.32 -26.04
N SER S 329 45.38 36.41 -25.34
CA SER S 329 43.93 36.21 -25.38
C SER S 329 43.40 35.51 -26.62
N ARG S 330 43.77 36.02 -27.79
CA ARG S 330 43.22 35.55 -29.04
C ARG S 330 43.37 34.04 -29.25
N PRO S 331 42.29 33.30 -29.36
CA PRO S 331 42.39 31.87 -29.67
C PRO S 331 42.36 31.60 -31.18
N LEU S 332 43.46 31.09 -31.74
CA LEU S 332 43.60 30.95 -33.18
C LEU S 332 43.59 29.48 -33.63
N SER S 333 43.02 29.25 -34.80
CA SER S 333 42.84 27.90 -35.29
C SER S 333 44.19 27.24 -35.58
N VAL S 334 44.16 25.91 -35.74
CA VAL S 334 45.39 25.18 -35.98
C VAL S 334 46.09 25.73 -37.22
N THR S 335 45.32 26.14 -38.21
CA THR S 335 45.85 26.80 -39.38
C THR S 335 45.44 28.27 -39.36
N ASP S 336 46.43 29.15 -39.27
CA ASP S 336 46.17 30.59 -39.23
C ASP S 336 47.43 31.28 -39.71
N ARG S 337 47.31 32.56 -40.02
CA ARG S 337 48.43 33.29 -40.58
C ARG S 337 49.30 33.88 -39.48
N VAL S 338 50.53 33.40 -39.38
CA VAL S 338 51.50 34.07 -38.54
C VAL S 338 52.21 35.05 -39.44
N GLN S 339 52.21 36.32 -39.06
CA GLN S 339 52.73 37.38 -39.93
C GLN S 339 53.14 38.52 -39.01
N ASN S 340 53.68 39.57 -39.61
CA ASN S 340 54.01 40.74 -38.81
C ASN S 340 54.18 41.92 -39.74
N PRO T 116 11.56 69.74 -18.61
CA PRO T 116 11.40 69.83 -20.06
C PRO T 116 12.53 69.15 -20.80
N LEU T 117 13.77 69.38 -20.34
CA LEU T 117 14.92 68.77 -21.02
C LEU T 117 14.87 67.26 -20.96
N ASP T 118 14.36 66.69 -19.87
CA ASP T 118 14.31 65.24 -19.75
C ASP T 118 13.32 64.63 -20.73
N LYS T 119 12.19 65.30 -20.93
CA LYS T 119 11.23 64.86 -21.94
C LYS T 119 11.91 64.85 -23.31
N ILE T 120 12.68 65.89 -23.59
CA ILE T 120 13.38 66.00 -24.84
C ILE T 120 14.44 64.90 -24.92
N ASN T 121 15.05 64.57 -23.79
CA ASN T 121 16.05 63.52 -23.74
C ASN T 121 15.43 62.16 -24.06
N SER T 122 14.21 61.92 -23.59
CA SER T 122 13.51 60.70 -23.95
C SER T 122 13.27 60.64 -25.46
N PHE T 123 12.78 61.74 -26.05
CA PHE T 123 12.63 61.73 -27.50
C PHE T 123 13.97 61.47 -28.15
N LEU T 124 15.01 62.12 -27.63
CA LEU T 124 16.31 62.06 -28.26
C LEU T 124 16.80 60.64 -28.23
N LEU T 125 16.38 59.91 -27.19
CA LEU T 125 16.66 58.49 -27.13
C LEU T 125 15.87 57.77 -28.21
N ALA T 126 14.70 58.30 -28.56
CA ALA T 126 13.85 57.68 -29.56
C ALA T 126 14.11 58.19 -30.98
N ASN T 127 15.08 59.08 -31.19
CA ASN T 127 15.30 59.70 -32.49
C ASN T 127 16.25 58.87 -33.36
N ARG T 128 15.77 57.73 -33.81
CA ARG T 128 16.57 56.86 -34.66
C ARG T 128 16.05 56.78 -36.08
N ILE T 129 14.85 57.26 -36.34
CA ILE T 129 14.23 57.06 -37.64
C ILE T 129 14.54 58.25 -38.54
N VAL T 130 15.05 57.97 -39.73
CA VAL T 130 15.45 59.00 -40.68
C VAL T 130 14.83 58.67 -42.04
N ASP T 131 14.92 59.65 -42.94
CA ASP T 131 14.32 59.59 -44.26
C ASP T 131 15.19 58.82 -45.27
N ASP T 132 14.67 58.71 -46.50
CA ASP T 132 15.41 58.16 -47.63
C ASP T 132 15.78 56.70 -47.44
N GLU T 133 14.75 55.88 -47.21
CA GLU T 133 14.94 54.43 -47.28
C GLU T 133 15.23 53.98 -48.71
N LYS T 134 14.61 54.65 -49.69
CA LYS T 134 14.75 54.28 -51.09
C LYS T 134 16.18 54.38 -51.58
N THR T 135 16.92 55.38 -51.08
CA THR T 135 18.27 55.61 -51.57
C THR T 135 19.15 54.41 -51.31
N PHE T 136 19.20 53.94 -50.06
CA PHE T 136 20.08 52.83 -49.79
C PHE T 136 19.40 51.50 -50.05
N THR T 137 18.09 51.49 -50.30
CA THR T 137 17.52 50.26 -50.83
C THR T 137 18.14 50.03 -52.19
N SER T 138 18.35 51.13 -52.91
CA SER T 138 19.05 51.07 -54.18
C SER T 138 20.54 50.80 -53.99
N ALA T 139 21.14 51.27 -52.89
CA ALA T 139 22.56 51.04 -52.62
C ALA T 139 22.80 50.72 -51.16
N PRO T 140 22.47 49.51 -50.73
CA PRO T 140 22.78 49.11 -49.35
C PRO T 140 24.26 48.83 -49.13
N TYR T 141 24.74 49.18 -47.94
CA TYR T 141 26.12 48.86 -47.56
C TYR T 141 26.01 47.58 -46.74
N ILE T 142 26.53 46.48 -47.26
CA ILE T 142 26.23 45.17 -46.72
C ILE T 142 27.16 44.80 -45.58
N VAL T 143 26.61 44.56 -44.41
CA VAL T 143 27.39 44.19 -43.24
C VAL T 143 27.36 42.68 -43.07
N ALA T 144 28.48 42.12 -42.63
CA ALA T 144 28.61 40.70 -42.34
C ALA T 144 29.83 40.50 -41.45
N GLY T 145 29.97 39.28 -40.93
CA GLY T 145 31.15 38.93 -40.17
C GLY T 145 30.97 37.97 -39.01
N ASN T 146 31.68 36.83 -39.07
CA ASN T 146 31.66 35.84 -38.01
C ASN T 146 32.95 35.79 -37.23
N ALA T 147 33.91 36.68 -37.54
CA ALA T 147 35.13 36.73 -36.75
C ALA T 147 34.76 37.05 -35.32
N GLU T 148 33.78 37.93 -35.16
CA GLU T 148 33.13 38.19 -33.90
C GLU T 148 31.67 38.12 -34.33
N ARG T 149 31.09 36.93 -34.21
CA ARG T 149 29.75 36.70 -34.74
C ARG T 149 28.75 37.31 -33.77
N ILE T 150 28.35 38.53 -34.04
CA ILE T 150 27.39 39.24 -33.22
C ILE T 150 26.37 39.88 -34.13
N VAL T 151 25.18 40.10 -33.58
CA VAL T 151 24.19 40.91 -34.26
C VAL T 151 24.08 42.26 -33.60
N SER T 152 25.00 42.55 -32.68
CA SER T 152 25.10 43.83 -32.01
C SER T 152 26.38 43.85 -31.21
N GLY T 153 26.90 45.05 -30.96
CA GLY T 153 28.04 45.17 -30.07
C GLY T 153 28.30 46.61 -29.72
N THR T 154 29.11 46.79 -28.70
CA THR T 154 29.61 48.11 -28.32
C THR T 154 31.11 48.10 -28.51
N GLY T 155 31.58 48.74 -29.58
CA GLY T 155 32.99 48.75 -29.89
C GLY T 155 33.47 47.48 -30.56
N ASP T 156 32.57 46.55 -30.84
CA ASP T 156 32.93 45.29 -31.46
C ASP T 156 33.21 45.48 -32.95
N ARG T 157 33.80 44.46 -33.56
CA ARG T 157 34.23 44.53 -34.95
C ARG T 157 33.27 43.80 -35.87
N ILE T 158 32.66 44.54 -36.79
CA ILE T 158 31.89 43.95 -37.87
C ILE T 158 32.59 44.30 -39.16
N TYR T 159 32.31 43.55 -40.21
CA TYR T 159 32.87 43.88 -41.50
C TYR T 159 31.74 44.29 -42.43
N ALA T 160 32.06 45.08 -43.44
CA ALA T 160 31.02 45.40 -44.42
C ALA T 160 31.58 45.71 -45.80
N ARG T 161 30.80 45.36 -46.80
CA ARG T 161 31.14 45.54 -48.21
C ARG T 161 30.39 46.75 -48.76
N GLY T 162 31.12 47.62 -49.44
CA GLY T 162 30.59 48.78 -50.12
C GLY T 162 31.61 49.90 -50.12
N LYS T 163 31.34 50.91 -50.95
CA LYS T 163 32.27 52.03 -51.02
C LYS T 163 32.32 52.76 -49.68
N PHE T 164 31.31 52.53 -48.84
CA PHE T 164 31.22 53.20 -47.56
C PHE T 164 32.47 52.92 -46.76
N ALA T 165 33.00 51.71 -46.89
CA ALA T 165 34.29 51.38 -46.29
C ALA T 165 35.36 52.35 -46.76
N ASP T 166 35.45 52.53 -48.09
CA ASP T 166 36.39 53.48 -48.65
C ASP T 166 36.12 54.91 -48.21
N GLY T 167 34.84 55.28 -48.15
CA GLY T 167 34.51 56.66 -47.86
C GLY T 167 34.24 56.99 -46.41
N GLN T 168 32.98 57.26 -46.08
CA GLN T 168 32.62 57.80 -44.77
C GLN T 168 32.94 56.83 -43.64
N PRO T 169 33.78 57.23 -42.67
CA PRO T 169 34.04 56.33 -41.54
C PRO T 169 32.84 56.04 -40.66
N ALA T 170 32.07 57.06 -40.29
CA ALA T 170 30.86 56.75 -39.54
C ALA T 170 29.74 56.37 -40.50
N TYR T 171 28.64 55.86 -39.95
CA TYR T 171 27.45 55.62 -40.75
C TYR T 171 26.31 55.28 -39.82
N GLY T 172 25.10 55.33 -40.36
CA GLY T 172 23.88 55.03 -39.63
C GLY T 172 23.28 53.72 -40.13
N ILE T 173 23.06 52.80 -39.19
CA ILE T 173 22.48 51.50 -39.51
C ILE T 173 20.97 51.64 -39.39
N PHE T 174 20.26 51.38 -40.48
CA PHE T 174 18.82 51.60 -40.51
C PHE T 174 18.08 50.37 -40.99
N ARG T 175 17.07 49.98 -40.23
CA ARG T 175 16.13 49.00 -40.75
C ARG T 175 15.02 49.74 -41.48
N GLN T 176 14.42 49.06 -42.45
CA GLN T 176 13.48 49.67 -43.39
C GLN T 176 12.02 49.40 -43.01
N GLY T 177 11.29 50.48 -42.74
CA GLY T 177 9.86 50.44 -42.58
C GLY T 177 9.24 51.20 -43.75
N LYS T 178 7.93 51.07 -43.92
CA LYS T 178 7.29 51.75 -45.04
C LYS T 178 6.03 52.44 -44.58
N VAL T 179 5.89 53.70 -44.94
CA VAL T 179 4.75 54.52 -44.57
C VAL T 179 3.96 54.79 -45.84
N TYR T 180 2.87 54.03 -46.02
CA TYR T 180 2.09 54.05 -47.24
C TYR T 180 0.98 55.08 -47.14
N ILE T 181 1.16 56.22 -47.79
CA ILE T 181 0.16 57.27 -47.76
C ILE T 181 -0.25 57.56 -49.19
N ASP T 182 -1.22 58.45 -49.35
CA ASP T 182 -1.67 58.90 -50.66
C ASP T 182 -2.05 57.67 -51.50
N PRO T 183 -3.08 56.92 -51.08
CA PRO T 183 -3.35 55.63 -51.74
C PRO T 183 -3.48 55.75 -53.24
N LYS T 184 -4.05 56.84 -53.76
CA LYS T 184 -4.07 57.03 -55.21
C LYS T 184 -2.64 57.12 -55.73
N THR T 185 -1.75 57.79 -54.99
CA THR T 185 -0.35 57.81 -55.38
C THR T 185 0.36 56.59 -54.83
N LYS T 186 -0.19 55.99 -53.77
CA LYS T 186 0.27 54.70 -53.26
C LYS T 186 1.78 54.70 -52.97
N GLU T 187 2.23 55.79 -52.37
CA GLU T 187 3.65 56.01 -52.08
C GLU T 187 3.95 55.59 -50.65
N VAL T 188 5.03 54.85 -50.47
CA VAL T 188 5.57 54.57 -49.14
C VAL T 188 6.84 55.39 -48.99
N LEU T 189 6.82 56.37 -48.10
CA LEU T 189 8.05 56.98 -47.65
C LEU T 189 8.44 56.21 -46.39
N GLY T 190 9.52 55.44 -46.47
CA GLY T 190 9.87 54.51 -45.42
C GLY T 190 10.46 55.16 -44.20
N ILE T 191 10.76 54.29 -43.23
CA ILE T 191 11.34 54.67 -41.96
C ILE T 191 12.68 54.00 -41.81
N ASN T 192 13.73 54.80 -41.63
CA ASN T 192 15.07 54.27 -41.44
C ASN T 192 15.38 54.27 -39.95
N ALA T 193 15.08 53.16 -39.28
CA ALA T 193 15.35 53.06 -37.86
C ALA T 193 16.85 52.91 -37.62
N ASP T 194 17.45 53.86 -36.91
CA ASP T 194 18.90 53.88 -36.74
C ASP T 194 19.31 52.92 -35.64
N ASP T 195 20.07 51.90 -36.00
CA ASP T 195 20.34 50.83 -35.07
C ASP T 195 21.48 51.20 -34.11
N ILE T 196 22.67 51.42 -34.66
CA ILE T 196 23.81 51.87 -33.86
C ILE T 196 23.71 53.36 -33.61
N GLY T 197 24.16 53.79 -32.44
CA GLY T 197 24.31 55.22 -32.23
C GLY T 197 25.36 55.79 -33.15
N GLY T 198 26.45 55.07 -33.33
CA GLY T 198 27.52 55.49 -34.22
C GLY T 198 28.45 54.33 -34.47
N GLY T 199 29.36 54.54 -35.40
CA GLY T 199 30.40 53.56 -35.63
C GLY T 199 31.52 54.19 -36.40
N GLU T 200 32.69 53.57 -36.34
CA GLU T 200 33.84 54.06 -37.07
C GLU T 200 34.51 52.90 -37.76
N VAL T 201 35.37 53.21 -38.73
CA VAL T 201 35.85 52.20 -39.63
C VAL T 201 37.36 52.05 -39.60
N VAL T 202 37.80 50.89 -40.09
CA VAL T 202 39.14 50.61 -40.52
C VAL T 202 38.91 49.99 -41.90
N ALA T 203 39.88 50.13 -42.78
CA ALA T 203 39.69 49.71 -44.16
C ALA T 203 40.41 48.39 -44.40
N THR T 204 39.73 47.48 -45.06
CA THR T 204 40.35 46.22 -45.41
C THR T 204 40.19 46.02 -46.91
N GLU T 205 41.11 45.28 -47.47
CA GLU T 205 41.07 45.00 -48.89
C GLU T 205 39.89 44.10 -49.21
N GLY T 206 39.44 44.16 -50.46
CA GLY T 206 38.25 43.46 -50.84
C GLY T 206 37.02 44.32 -50.75
N ASP T 207 37.19 45.60 -50.45
CA ASP T 207 36.15 46.61 -50.32
C ASP T 207 35.36 46.39 -49.05
N VAL T 208 35.84 45.51 -48.18
CA VAL T 208 35.22 45.28 -46.90
C VAL T 208 35.89 46.20 -45.88
N ALA T 209 35.22 46.39 -44.76
CA ALA T 209 35.73 47.24 -43.70
C ALA T 209 35.53 46.53 -42.37
N THR T 210 36.29 46.99 -41.36
CA THR T 210 36.17 46.48 -40.00
C THR T 210 35.83 47.66 -39.11
N LEU T 211 34.63 47.67 -38.55
CA LEU T 211 34.15 48.81 -37.81
C LEU T 211 33.92 48.48 -36.34
N ALA T 212 34.02 49.54 -35.54
CA ALA T 212 33.70 49.55 -34.12
C ALA T 212 32.36 50.25 -33.95
N LEU T 213 31.55 49.76 -33.00
CA LEU T 213 30.17 50.16 -32.90
C LEU T 213 29.81 50.79 -31.56
N THR T 214 29.39 52.05 -31.57
CA THR T 214 28.77 52.67 -30.40
C THR T 214 27.30 52.35 -30.52
N ARG T 215 26.79 51.46 -29.68
CA ARG T 215 25.44 50.95 -29.84
C ARG T 215 24.39 51.78 -29.10
N THR T 216 23.26 52.00 -29.78
CA THR T 216 22.10 52.70 -29.22
C THR T 216 20.81 51.91 -29.06
N THR T 217 20.85 50.73 -28.45
CA THR T 217 19.72 49.88 -28.04
C THR T 217 19.19 49.05 -29.18
N GLN T 218 19.67 49.21 -30.39
CA GLN T 218 19.12 48.48 -31.52
C GLN T 218 20.11 47.48 -32.10
N GLU T 219 19.76 46.19 -32.03
CA GLU T 219 20.68 45.15 -32.46
C GLU T 219 20.92 45.37 -33.94
N VAL T 220 22.13 45.13 -34.39
CA VAL T 220 22.43 45.28 -35.81
C VAL T 220 22.53 43.89 -36.44
N ARG T 221 21.53 43.53 -37.22
CA ARG T 221 21.48 42.20 -37.78
C ARG T 221 22.78 41.94 -38.52
N LEU T 222 23.33 40.74 -38.39
CA LEU T 222 24.61 40.49 -39.00
C LEU T 222 24.54 40.74 -40.50
N GLY T 223 23.43 40.38 -41.12
CA GLY T 223 23.17 40.73 -42.50
C GLY T 223 22.30 41.96 -42.67
N ASP T 224 22.69 43.09 -42.09
CA ASP T 224 21.87 44.30 -42.13
C ASP T 224 22.31 45.23 -43.25
N ARG T 225 21.54 46.30 -43.43
CA ARG T 225 21.81 47.35 -44.40
C ARG T 225 22.38 48.58 -43.71
N LEU T 226 23.49 49.08 -44.22
CA LEU T 226 24.14 50.24 -43.66
C LEU T 226 23.96 51.44 -44.58
N PHE T 227 23.87 52.63 -44.01
CA PHE T 227 23.65 53.86 -44.76
C PHE T 227 24.62 54.90 -44.23
N PRO T 228 24.95 55.94 -45.01
CA PRO T 228 25.89 56.95 -44.51
C PRO T 228 25.41 57.66 -43.27
N THR T 229 26.36 58.17 -42.49
CA THR T 229 26.05 58.88 -41.26
C THR T 229 25.61 60.31 -41.57
N GLU T 230 24.48 60.70 -40.99
CA GLU T 230 23.88 62.00 -41.25
C GLU T 230 23.47 62.62 -39.91
N GLU T 231 24.39 63.38 -39.33
CA GLU T 231 24.15 63.95 -38.01
C GLU T 231 23.17 65.12 -38.13
N ARG T 232 22.11 65.07 -37.32
CA ARG T 232 21.10 66.12 -37.30
C ARG T 232 21.01 66.72 -35.91
N ALA T 233 20.97 68.04 -35.84
CA ALA T 233 20.93 68.75 -34.56
C ALA T 233 19.49 68.87 -34.08
N VAL T 234 19.23 68.40 -32.86
CA VAL T 234 17.92 68.55 -32.24
C VAL T 234 18.10 69.35 -30.96
N ASN T 235 17.12 70.18 -30.65
CA ASN T 235 17.19 71.03 -29.47
C ASN T 235 15.97 70.82 -28.59
N SER T 236 16.11 71.25 -27.33
CA SER T 236 15.02 71.21 -26.37
C SER T 236 14.12 72.41 -26.48
N THR T 237 14.35 73.24 -27.49
CA THR T 237 13.55 74.43 -27.74
C THR T 237 12.20 74.09 -28.31
N PHE T 238 12.00 72.86 -28.75
CA PHE T 238 10.69 72.44 -29.23
C PHE T 238 9.72 72.20 -28.09
N MET T 239 10.21 72.13 -26.85
CA MET T 239 9.37 71.73 -25.74
C MET T 239 8.13 72.59 -25.58
N PRO T 240 8.18 73.92 -25.71
CA PRO T 240 6.96 74.71 -25.50
C PRO T 240 5.86 74.37 -26.48
N GLY T 241 6.19 73.88 -27.66
CA GLY T 241 5.17 73.46 -28.61
C GLY T 241 4.95 74.50 -29.69
N GLU T 242 4.44 74.03 -30.82
CA GLU T 242 4.13 74.88 -31.97
C GLU T 242 2.79 74.45 -32.54
N PRO T 243 1.71 74.79 -31.86
CA PRO T 243 0.39 74.26 -32.21
C PRO T 243 -0.37 75.01 -33.31
N SER T 244 -0.51 74.40 -34.47
CA SER T 244 -1.35 74.94 -35.53
C SER T 244 -2.44 73.91 -35.80
N ARG T 245 -3.70 74.31 -35.60
CA ARG T 245 -4.83 73.39 -35.70
C ARG T 245 -5.09 72.88 -37.11
N GLU T 246 -4.86 73.71 -38.13
CA GLU T 246 -5.27 73.36 -39.49
C GLU T 246 -4.69 72.02 -39.90
N VAL T 247 -3.47 71.73 -39.45
CA VAL T 247 -2.83 70.48 -39.77
C VAL T 247 -3.66 69.34 -39.19
N LYS T 248 -4.13 68.44 -40.04
CA LYS T 248 -4.94 67.32 -39.58
C LYS T 248 -4.67 66.12 -40.46
N GLY T 249 -4.36 64.98 -39.83
CA GLY T 249 -4.02 63.80 -40.59
C GLY T 249 -3.99 62.58 -39.70
N GLU T 250 -3.96 61.43 -40.34
CA GLU T 250 -3.90 60.16 -39.65
C GLU T 250 -2.47 59.83 -39.24
N ILE T 251 -2.34 58.83 -38.39
CA ILE T 251 -1.05 58.35 -37.92
C ILE T 251 -0.92 56.87 -38.27
N ILE T 252 0.28 56.47 -38.71
CA ILE T 252 0.55 55.07 -38.98
C ILE T 252 2.00 54.74 -38.67
N ASP T 253 2.35 53.47 -38.83
CA ASP T 253 3.73 52.98 -38.85
C ASP T 253 4.54 53.39 -37.62
N VAL T 254 4.12 52.92 -36.46
CA VAL T 254 4.95 53.16 -35.28
C VAL T 254 5.93 52.01 -35.20
N PRO T 255 7.17 52.24 -34.79
CA PRO T 255 8.11 51.12 -34.60
C PRO T 255 7.55 50.12 -33.63
N ARG T 256 6.82 50.60 -32.63
CA ARG T 256 6.22 49.73 -31.65
C ARG T 256 5.26 48.76 -32.32
N GLY T 257 4.48 49.25 -33.29
CA GLY T 257 3.49 48.47 -34.00
C GLY T 257 2.24 48.20 -33.20
N VAL T 258 2.24 48.55 -31.93
CA VAL T 258 1.14 48.33 -31.02
C VAL T 258 0.12 49.46 -31.10
N THR T 259 -1.15 49.10 -31.17
CA THR T 259 -2.20 50.09 -31.13
C THR T 259 -2.41 50.50 -29.68
N GLN T 260 -2.78 51.76 -29.48
CA GLN T 260 -3.15 52.35 -28.19
C GLN T 260 -1.94 52.72 -27.34
N ILE T 261 -0.74 52.75 -27.91
CA ILE T 261 0.43 53.13 -27.14
C ILE T 261 0.19 54.48 -26.47
N GLY T 262 0.71 54.62 -25.24
CA GLY T 262 0.42 55.77 -24.43
C GLY T 262 1.66 56.35 -23.77
N GLN T 263 1.45 57.46 -23.06
CA GLN T 263 2.43 58.24 -22.33
C GLN T 263 3.31 59.04 -23.29
N PHE T 264 3.91 58.36 -24.25
CA PHE T 264 4.70 58.97 -25.31
C PHE T 264 5.12 57.87 -26.27
N ASP T 265 5.44 58.26 -27.49
CA ASP T 265 5.89 57.30 -28.49
C ASP T 265 6.33 58.04 -29.74
N VAL T 266 7.15 57.36 -30.53
CA VAL T 266 7.61 57.89 -31.80
C VAL T 266 6.62 57.45 -32.86
N VAL T 267 5.93 58.41 -33.45
CA VAL T 267 4.90 58.15 -34.43
C VAL T 267 5.31 58.82 -35.73
N THR T 268 4.71 58.35 -36.82
CA THR T 268 4.99 58.87 -38.14
C THR T 268 3.70 59.45 -38.69
N LEU T 269 3.60 60.77 -38.74
CA LEU T 269 2.38 61.36 -39.29
C LEU T 269 2.35 61.19 -40.80
N ASN T 270 1.15 61.15 -41.37
CA ASN T 270 0.98 60.89 -42.79
C ASN T 270 1.38 62.09 -43.67
N ARG T 271 1.38 61.85 -45.00
CA ARG T 271 1.99 62.78 -45.97
C ARG T 271 1.21 64.07 -46.17
N GLY T 272 -0.10 64.01 -46.40
CA GLY T 272 -0.84 65.26 -46.45
C GLY T 272 -0.74 65.91 -45.09
N GLN T 273 -0.80 65.06 -44.07
CA GLN T 273 -0.59 65.52 -42.73
C GLN T 273 0.82 66.08 -42.61
N ARG T 274 1.78 65.46 -43.32
CA ARG T 274 3.17 65.88 -43.30
C ARG T 274 3.38 67.29 -43.86
N ASP T 275 2.70 67.63 -44.95
CA ASP T 275 2.85 68.98 -45.49
C ASP T 275 2.22 69.98 -44.54
N GLY T 276 1.05 69.63 -44.00
CA GLY T 276 0.49 70.52 -43.00
C GLY T 276 1.45 70.64 -41.84
N LEU T 277 2.13 69.54 -41.51
CA LEU T 277 3.07 69.52 -40.41
C LEU T 277 4.18 70.51 -40.70
N ALA T 278 4.61 70.55 -41.97
CA ALA T 278 5.58 71.54 -42.39
C ALA T 278 5.05 72.89 -42.00
N GLU T 279 3.72 73.07 -42.05
CA GLU T 279 3.17 74.30 -41.52
C GLU T 279 3.09 74.26 -39.98
N GLY T 280 2.39 73.28 -39.41
CA GLY T 280 2.14 73.24 -37.96
C GLY T 280 2.72 72.08 -37.17
N ASN T 281 3.56 72.36 -36.16
CA ASN T 281 4.20 71.30 -35.38
C ASN T 281 3.29 70.57 -34.39
N VAL T 282 2.40 71.24 -33.65
CA VAL T 282 1.71 70.55 -32.55
C VAL T 282 0.23 70.30 -32.86
N LEU T 283 -0.27 69.14 -32.43
CA LEU T 283 -1.68 68.77 -32.57
C LEU T 283 -2.13 67.85 -31.45
N ALA T 284 -3.43 67.84 -31.22
CA ALA T 284 -4.13 66.99 -30.26
C ALA T 284 -4.46 65.62 -30.86
N ILE T 285 -4.72 64.68 -29.98
CA ILE T 285 -4.99 63.29 -30.31
C ILE T 285 -6.49 63.06 -30.49
N TYR T 286 -6.88 62.29 -31.51
CA TYR T 286 -8.26 61.87 -31.68
C TYR T 286 -8.30 60.39 -32.00
N LYS T 287 -9.12 59.63 -31.29
CA LYS T 287 -9.34 58.22 -31.60
C LYS T 287 -10.75 58.09 -32.16
N VAL T 288 -10.86 57.66 -33.40
CA VAL T 288 -12.16 57.51 -34.04
C VAL T 288 -12.72 56.12 -33.74
N GLY T 289 -13.87 56.05 -33.07
CA GLY T 289 -14.50 54.79 -32.71
C GLY T 289 -15.85 54.58 -33.38
N GLU T 290 -16.05 53.41 -33.98
CA GLU T 290 -17.30 53.15 -34.70
C GLU T 290 -18.40 52.71 -33.76
N THR T 291 -19.55 53.39 -33.84
CA THR T 291 -20.72 53.09 -33.02
C THR T 291 -21.79 52.48 -33.92
N VAL T 292 -22.25 51.27 -33.60
CA VAL T 292 -23.16 50.53 -34.46
C VAL T 292 -24.60 50.70 -33.98
N ARG T 293 -25.50 51.01 -34.90
CA ARG T 293 -26.93 51.09 -34.55
C ARG T 293 -27.49 49.67 -34.52
N ASP T 294 -27.08 48.94 -33.48
CA ASP T 294 -27.31 47.50 -33.43
C ASP T 294 -28.80 47.17 -33.47
N ARG T 295 -29.61 47.95 -32.77
CA ARG T 295 -31.02 47.61 -32.62
C ARG T 295 -31.92 48.42 -33.54
N VAL T 296 -31.35 49.18 -34.46
CA VAL T 296 -32.16 49.92 -35.41
C VAL T 296 -31.81 49.49 -36.83
N THR T 297 -30.53 49.63 -37.18
CA THR T 297 -30.09 49.34 -38.54
C THR T 297 -28.91 48.39 -38.58
N GLY T 298 -28.12 48.36 -37.51
CA GLY T 298 -26.88 47.62 -37.54
C GLY T 298 -25.76 48.39 -38.18
N GLU T 299 -26.05 49.58 -38.71
CA GLU T 299 -25.03 50.44 -39.29
C GLU T 299 -24.17 51.04 -38.20
N SER T 300 -22.87 51.08 -38.45
CA SER T 300 -21.91 51.63 -37.50
C SER T 300 -21.29 52.89 -38.07
N VAL T 301 -21.33 53.96 -37.28
CA VAL T 301 -20.82 55.28 -37.68
C VAL T 301 -19.61 55.58 -36.83
N LYS T 302 -18.49 55.86 -37.48
CA LYS T 302 -17.28 56.21 -36.76
C LYS T 302 -17.42 57.62 -36.19
N ILE T 303 -17.11 57.78 -34.92
CA ILE T 303 -17.20 59.07 -34.25
C ILE T 303 -15.82 59.39 -33.68
N PRO T 304 -15.23 60.53 -34.01
CA PRO T 304 -13.96 60.92 -33.40
C PRO T 304 -14.14 61.28 -31.94
N ASP T 305 -13.23 60.77 -31.10
CA ASP T 305 -13.22 61.07 -29.68
C ASP T 305 -11.93 61.80 -29.39
N GLU T 306 -12.03 63.07 -29.01
CA GLU T 306 -10.83 63.82 -28.70
C GLU T 306 -10.17 63.20 -27.50
N ARG T 307 -8.87 62.98 -27.59
CA ARG T 307 -8.13 62.26 -26.59
C ARG T 307 -7.11 63.20 -25.96
N ALA T 308 -7.01 63.12 -24.64
CA ALA T 308 -6.02 63.90 -23.91
C ALA T 308 -4.62 63.49 -24.34
N GLY T 309 -3.75 64.48 -24.53
CA GLY T 309 -2.40 64.21 -24.96
C GLY T 309 -2.12 64.82 -26.32
N LEU T 310 -0.90 65.32 -26.51
CA LEU T 310 -0.57 65.98 -27.77
C LEU T 310 0.77 65.51 -28.27
N LEU T 311 1.00 65.73 -29.55
CA LEU T 311 2.21 65.33 -30.22
C LEU T 311 3.23 66.45 -30.25
N MET T 312 4.50 66.11 -30.02
CA MET T 312 5.57 67.03 -30.34
C MET T 312 6.14 66.50 -31.64
N VAL T 313 6.21 67.35 -32.66
CA VAL T 313 6.57 66.89 -33.99
C VAL T 313 7.87 67.50 -34.47
N PHE T 314 8.79 66.65 -34.93
CA PHE T 314 10.00 67.09 -35.59
C PHE T 314 9.88 66.59 -37.02
N ARG T 315 10.00 67.50 -37.97
CA ARG T 315 9.68 67.17 -39.35
C ARG T 315 10.92 67.09 -40.23
N THR T 316 11.06 65.97 -40.91
CA THR T 316 12.11 65.82 -41.91
C THR T 316 11.42 65.99 -43.25
N TYR T 317 11.52 67.19 -43.83
CA TYR T 317 10.91 67.45 -45.13
C TYR T 317 11.43 66.43 -46.14
N LYS T 318 10.58 66.13 -47.14
CA LYS T 318 10.84 65.12 -48.17
C LYS T 318 10.57 63.75 -47.58
N LYS T 319 10.02 63.72 -46.38
CA LYS T 319 9.68 62.49 -45.67
C LYS T 319 8.52 62.84 -44.76
N LEU T 320 8.21 61.97 -43.82
CA LEU T 320 7.12 62.23 -42.91
C LEU T 320 7.65 62.95 -41.67
N SER T 321 6.76 63.21 -40.72
CA SER T 321 7.14 63.83 -39.47
C SER T 321 7.30 62.78 -38.39
N TYR T 322 8.49 62.78 -37.78
CA TYR T 322 8.83 61.94 -36.64
C TYR T 322 8.36 62.69 -35.39
N ALA T 323 7.34 62.19 -34.73
CA ALA T 323 6.74 62.92 -33.62
C ALA T 323 6.72 62.11 -32.34
N LEU T 324 7.30 62.65 -31.28
CA LEU T 324 7.16 62.00 -29.99
C LEU T 324 5.90 62.56 -29.36
N VAL T 325 4.88 61.78 -29.36
CA VAL T 325 3.60 62.19 -28.80
C VAL T 325 3.54 61.81 -27.34
N LEU T 326 3.14 62.76 -26.52
CA LEU T 326 2.87 62.50 -25.11
C LEU T 326 1.38 62.24 -25.00
N MET T 327 1.02 61.02 -24.60
CA MET T 327 -0.37 60.66 -24.45
C MET T 327 -0.83 60.91 -23.03
N ALA T 328 -1.82 61.78 -22.88
CA ALA T 328 -2.40 62.02 -21.57
C ALA T 328 -3.50 60.98 -21.39
N SER T 329 -3.10 59.79 -20.94
CA SER T 329 -3.95 58.66 -20.63
C SER T 329 -4.52 57.89 -21.81
N ARG T 330 -5.13 58.62 -22.73
CA ARG T 330 -5.85 58.03 -23.84
C ARG T 330 -5.00 57.07 -24.67
N PRO T 331 -5.35 55.80 -24.74
CA PRO T 331 -4.63 54.87 -25.61
C PRO T 331 -5.23 54.80 -27.01
N LEU T 332 -4.49 55.24 -28.02
CA LEU T 332 -5.02 55.37 -29.38
C LEU T 332 -4.43 54.36 -30.35
N SER T 333 -5.24 53.90 -31.29
CA SER T 333 -4.83 52.85 -32.19
C SER T 333 -3.72 53.34 -33.11
N VAL T 334 -3.06 52.38 -33.78
CA VAL T 334 -1.94 52.72 -34.65
C VAL T 334 -2.40 53.71 -35.71
N THR T 335 -3.64 53.57 -36.17
CA THR T 335 -4.24 54.52 -37.09
C THR T 335 -5.32 55.29 -36.34
N ASP T 336 -5.14 56.59 -36.22
CA ASP T 336 -6.09 57.44 -35.53
C ASP T 336 -5.89 58.86 -36.05
N ARG T 337 -6.86 59.73 -35.77
CA ARG T 337 -6.79 61.08 -36.30
C ARG T 337 -6.02 62.00 -35.38
N VAL T 338 -4.89 62.49 -35.84
CA VAL T 338 -4.21 63.55 -35.14
C VAL T 338 -4.73 64.84 -35.75
N GLN T 339 -5.27 65.71 -34.91
CA GLN T 339 -5.94 66.91 -35.38
C GLN T 339 -5.89 67.93 -34.26
N ASN T 340 -6.41 69.12 -34.52
CA ASN T 340 -6.46 70.11 -33.46
C ASN T 340 -7.47 71.17 -33.83
N PRO U 116 -41.07 59.88 8.31
CA PRO U 116 -41.94 59.97 7.15
C PRO U 116 -41.17 60.33 5.89
N LEU U 117 -40.27 61.29 6.00
CA LEU U 117 -39.49 61.72 4.85
C LEU U 117 -38.64 60.58 4.29
N ASP U 118 -38.12 59.72 5.17
CA ASP U 118 -37.27 58.63 4.71
C ASP U 118 -38.07 57.60 3.91
N LYS U 119 -39.29 57.32 4.34
CA LYS U 119 -40.17 56.45 3.57
C LYS U 119 -40.39 57.04 2.18
N ILE U 120 -40.61 58.35 2.13
CA ILE U 120 -40.81 59.03 0.86
C ILE U 120 -39.53 58.97 0.05
N ASN U 121 -38.39 59.04 0.71
CA ASN U 121 -37.11 58.97 0.03
C ASN U 121 -36.91 57.60 -0.61
N SER U 122 -37.35 56.55 0.07
CA SER U 122 -37.29 55.22 -0.52
C SER U 122 -38.15 55.16 -1.78
N PHE U 123 -39.39 55.68 -1.69
CA PHE U 123 -40.20 55.69 -2.92
C PHE U 123 -39.49 56.50 -3.98
N LEU U 124 -38.91 57.62 -3.58
CA LEU U 124 -38.33 58.54 -4.54
C LEU U 124 -37.18 57.85 -5.23
N LEU U 125 -36.53 56.94 -4.51
CA LEU U 125 -35.52 56.10 -5.11
C LEU U 125 -36.16 55.14 -6.08
N ALA U 126 -37.40 54.75 -5.81
CA ALA U 126 -38.11 53.82 -6.69
C ALA U 126 -38.92 54.50 -7.80
N ASN U 127 -38.88 55.83 -7.91
CA ASN U 127 -39.74 56.56 -8.85
C ASN U 127 -39.06 56.71 -10.21
N ARG U 128 -38.95 55.57 -10.92
CA ARG U 128 -38.34 55.59 -12.24
C ARG U 128 -39.35 55.32 -13.36
N ILE U 129 -40.53 54.85 -13.03
CA ILE U 129 -41.47 54.41 -14.06
C ILE U 129 -42.39 55.56 -14.45
N VAL U 130 -42.47 55.84 -15.75
CA VAL U 130 -43.26 56.93 -16.26
C VAL U 130 -44.15 56.42 -17.39
N ASP U 131 -45.08 57.27 -17.81
CA ASP U 131 -46.09 56.93 -18.79
C ASP U 131 -45.58 57.07 -20.23
N ASP U 132 -46.46 56.76 -21.19
CA ASP U 132 -46.22 56.98 -22.62
C ASP U 132 -45.04 56.16 -23.15
N GLU U 133 -45.15 54.85 -22.98
CA GLU U 133 -44.24 53.93 -23.66
C GLU U 133 -44.50 53.95 -25.17
N LYS U 134 -45.76 54.10 -25.56
CA LYS U 134 -46.15 54.06 -26.97
C LYS U 134 -45.50 55.16 -27.77
N THR U 135 -45.33 56.35 -27.16
CA THR U 135 -44.82 57.49 -27.90
C THR U 135 -43.41 57.20 -28.42
N PHE U 136 -42.51 56.77 -27.54
CA PHE U 136 -41.17 56.56 -28.01
C PHE U 136 -40.99 55.15 -28.56
N THR U 137 -41.98 54.26 -28.39
CA THR U 137 -41.91 53.04 -29.17
C THR U 137 -42.03 53.44 -30.63
N SER U 138 -42.88 54.45 -30.88
CA SER U 138 -43.00 55.00 -32.21
C SER U 138 -41.78 55.83 -32.61
N ALA U 139 -41.11 56.46 -31.64
CA ALA U 139 -39.90 57.24 -31.92
C ALA U 139 -38.84 57.04 -30.85
N PRO U 140 -38.16 55.90 -30.87
CA PRO U 140 -37.05 55.69 -29.93
C PRO U 140 -35.81 56.49 -30.29
N TYR U 141 -35.10 56.96 -29.28
CA TYR U 141 -33.83 57.63 -29.48
C TYR U 141 -32.77 56.57 -29.25
N ILE U 142 -32.05 56.18 -30.30
CA ILE U 142 -31.25 54.96 -30.27
C ILE U 142 -29.85 55.24 -29.70
N VAL U 143 -29.52 54.57 -28.61
CA VAL U 143 -28.21 54.73 -27.98
C VAL U 143 -27.29 53.61 -28.44
N ALA U 144 -26.01 53.94 -28.62
CA ALA U 144 -24.99 52.97 -28.97
C ALA U 144 -23.64 53.58 -28.65
N GLY U 145 -22.60 52.75 -28.73
CA GLY U 145 -21.24 53.25 -28.56
C GLY U 145 -20.25 52.31 -27.89
N ASN U 146 -19.16 51.99 -28.61
CA ASN U 146 -18.09 51.15 -28.08
C ASN U 146 -16.82 51.94 -27.81
N ALA U 147 -16.85 53.25 -28.01
CA ALA U 147 -15.68 54.06 -27.67
C ALA U 147 -15.40 53.90 -26.20
N GLU U 148 -16.47 53.84 -25.42
CA GLU U 148 -16.44 53.46 -24.01
C GLU U 148 -17.57 52.44 -23.99
N ARG U 149 -17.23 51.18 -24.17
CA ARG U 149 -18.25 50.15 -24.34
C ARG U 149 -18.77 49.80 -22.96
N ILE U 150 -19.86 50.44 -22.58
CA ILE U 150 -20.50 50.20 -21.30
C ILE U 150 -21.98 50.04 -21.52
N VAL U 151 -22.62 49.34 -20.60
CA VAL U 151 -24.07 49.30 -20.58
C VAL U 151 -24.58 50.14 -19.42
N SER U 152 -23.69 50.89 -18.79
CA SER U 152 -24.02 51.82 -17.73
C SER U 152 -22.78 52.65 -17.40
N GLY U 153 -23.00 53.83 -16.87
CA GLY U 153 -21.88 54.62 -16.39
C GLY U 153 -22.36 55.81 -15.59
N THR U 154 -21.41 56.39 -14.86
CA THR U 154 -21.65 57.65 -14.15
C THR U 154 -20.74 58.69 -14.78
N GLY U 155 -21.31 59.57 -15.58
CA GLY U 155 -20.54 60.57 -16.27
C GLY U 155 -19.84 60.06 -17.50
N ASP U 156 -20.04 58.80 -17.85
CA ASP U 156 -19.39 58.20 -19.00
C ASP U 156 -20.05 58.67 -20.30
N ARG U 157 -19.38 58.40 -21.41
CA ARG U 157 -19.81 58.89 -22.72
C ARG U 157 -20.48 57.78 -23.53
N ILE U 158 -21.76 57.99 -23.83
CA ILE U 158 -22.47 57.14 -24.78
C ILE U 158 -22.84 58.00 -25.98
N TYR U 159 -23.11 57.36 -27.10
CA TYR U 159 -23.56 58.12 -28.25
C TYR U 159 -24.99 57.72 -28.54
N ALA U 160 -25.73 58.61 -29.20
CA ALA U 160 -27.07 58.21 -29.61
C ALA U 160 -27.56 58.95 -30.84
N ARG U 161 -28.37 58.26 -31.63
CA ARG U 161 -28.94 58.77 -32.87
C ARG U 161 -30.39 59.17 -32.64
N GLY U 162 -30.73 60.36 -33.10
CA GLY U 162 -32.08 60.89 -33.06
C GLY U 162 -32.03 62.41 -32.92
N LYS U 163 -33.19 63.03 -33.15
CA LYS U 163 -33.25 64.49 -33.04
C LYS U 163 -32.97 64.91 -31.60
N PHE U 164 -33.10 63.97 -30.67
CA PHE U 164 -32.91 64.27 -29.27
C PHE U 164 -31.53 64.85 -29.05
N ALA U 165 -30.55 64.35 -29.81
CA ALA U 165 -29.22 64.95 -29.81
C ALA U 165 -29.30 66.42 -30.16
N ASP U 166 -29.99 66.74 -31.24
CA ASP U 166 -30.17 68.13 -31.65
C ASP U 166 -30.95 68.92 -30.61
N GLY U 167 -31.98 68.32 -30.02
CA GLY U 167 -32.84 69.04 -29.11
C GLY U 167 -32.49 68.96 -27.64
N GLN U 168 -33.31 68.26 -26.88
CA GLN U 168 -33.22 68.27 -25.42
C GLN U 168 -31.90 67.69 -24.93
N PRO U 169 -31.09 68.46 -24.18
CA PRO U 169 -29.85 67.89 -23.64
C PRO U 169 -30.06 66.77 -22.63
N ALA U 170 -30.96 66.93 -21.67
CA ALA U 170 -31.22 65.80 -20.79
C ALA U 170 -32.22 64.84 -21.44
N TYR U 171 -32.39 63.68 -20.83
CA TYR U 171 -33.43 62.77 -21.27
C TYR U 171 -33.53 61.63 -20.26
N GLY U 172 -34.63 60.90 -20.34
CA GLY U 172 -34.90 59.77 -19.48
C GLY U 172 -34.79 58.47 -20.24
N ILE U 173 -33.98 57.56 -19.73
CA ILE U 173 -33.78 56.26 -20.36
C ILE U 173 -34.79 55.31 -19.76
N PHE U 174 -35.66 54.75 -20.59
CA PHE U 174 -36.75 53.92 -20.09
C PHE U 174 -36.78 52.58 -20.78
N ARG U 175 -36.85 51.52 -19.98
CA ARG U 175 -37.17 50.21 -20.54
C ARG U 175 -38.69 50.06 -20.55
N GLN U 176 -39.17 49.25 -21.49
CA GLN U 176 -40.59 49.12 -21.77
C GLN U 176 -41.23 47.90 -21.11
N GLY U 177 -42.20 48.15 -20.22
CA GLY U 177 -43.04 47.11 -19.68
C GLY U 177 -44.44 47.36 -20.20
N LYS U 178 -45.33 46.37 -20.00
CA LYS U 178 -46.68 46.53 -20.51
C LYS U 178 -47.70 46.11 -19.47
N VAL U 179 -48.68 46.97 -19.23
CA VAL U 179 -49.71 46.73 -18.23
C VAL U 179 -51.01 46.49 -18.99
N TYR U 180 -51.39 45.23 -19.12
CA TYR U 180 -52.52 44.83 -19.95
C TYR U 180 -53.78 44.78 -19.11
N ILE U 181 -54.62 45.80 -19.27
CA ILE U 181 -55.86 45.85 -18.52
C ILE U 181 -57.01 45.93 -19.52
N ASP U 182 -58.23 45.92 -19.02
CA ASP U 182 -59.42 46.05 -19.84
C ASP U 182 -59.40 44.99 -20.94
N PRO U 183 -59.43 43.70 -20.58
CA PRO U 183 -59.22 42.65 -21.58
C PRO U 183 -60.11 42.79 -22.80
N LYS U 184 -61.36 43.24 -22.63
CA LYS U 184 -62.18 43.51 -23.81
C LYS U 184 -61.54 44.60 -24.66
N THR U 185 -60.97 45.62 -24.01
CA THR U 185 -60.25 46.63 -24.76
C THR U 185 -58.81 46.20 -24.97
N LYS U 186 -58.32 45.28 -24.14
CA LYS U 186 -57.04 44.62 -24.35
C LYS U 186 -55.91 45.62 -24.55
N GLU U 187 -55.91 46.67 -23.73
CA GLU U 187 -54.96 47.77 -23.82
C GLU U 187 -53.83 47.53 -22.83
N VAL U 188 -52.60 47.73 -23.30
CA VAL U 188 -51.44 47.77 -22.42
C VAL U 188 -50.98 49.23 -22.33
N LEU U 189 -51.12 49.82 -21.17
CA LEU U 189 -50.43 51.07 -20.89
C LEU U 189 -49.11 50.67 -20.24
N GLY U 190 -48.00 50.86 -20.94
CA GLY U 190 -46.74 50.32 -20.50
C GLY U 190 -46.11 51.08 -19.36
N ILE U 191 -44.94 50.57 -18.97
CA ILE U 191 -44.16 51.12 -17.88
C ILE U 191 -42.81 51.55 -18.43
N ASN U 192 -42.48 52.81 -18.26
CA ASN U 192 -41.20 53.34 -18.71
C ASN U 192 -40.25 53.41 -17.51
N ALA U 193 -39.51 52.35 -17.29
CA ALA U 193 -38.56 52.33 -16.17
C ALA U 193 -37.37 53.22 -16.47
N ASP U 194 -37.17 54.25 -15.66
CA ASP U 194 -36.13 55.25 -15.93
C ASP U 194 -34.78 54.73 -15.48
N ASP U 195 -33.88 54.56 -16.45
CA ASP U 195 -32.63 53.88 -16.14
C ASP U 195 -31.63 54.84 -15.51
N ILE U 196 -31.23 55.87 -16.25
CA ILE U 196 -30.33 56.90 -15.71
C ILE U 196 -31.12 57.87 -14.87
N GLY U 197 -30.50 58.38 -13.82
CA GLY U 197 -31.10 59.50 -13.11
C GLY U 197 -31.18 60.72 -14.00
N GLY U 198 -30.14 60.97 -14.77
CA GLY U 198 -30.10 62.09 -15.69
C GLY U 198 -28.96 61.92 -16.64
N GLY U 199 -28.93 62.78 -17.63
CA GLY U 199 -27.79 62.81 -18.54
C GLY U 199 -27.79 64.12 -19.28
N GLU U 200 -26.63 64.46 -19.83
CA GLU U 200 -26.51 65.68 -20.62
C GLU U 200 -25.75 65.37 -21.88
N VAL U 201 -25.83 66.28 -22.84
CA VAL U 201 -25.37 65.97 -24.18
C VAL U 201 -24.28 66.89 -24.66
N VAL U 202 -23.58 66.41 -25.68
CA VAL U 202 -22.74 67.17 -26.58
C VAL U 202 -23.22 66.70 -27.94
N ALA U 203 -23.09 67.56 -28.94
CA ALA U 203 -23.65 67.25 -30.25
C ALA U 203 -22.55 66.83 -31.20
N THR U 204 -22.79 65.76 -31.93
CA THR U 204 -21.85 65.32 -32.93
C THR U 204 -22.58 65.20 -34.25
N GLU U 205 -21.83 65.36 -35.32
CA GLU U 205 -22.39 65.26 -36.64
C GLU U 205 -22.82 63.83 -36.94
N GLY U 206 -23.76 63.70 -37.86
CA GLY U 206 -24.34 62.40 -38.11
C GLY U 206 -25.60 62.17 -37.32
N ASP U 207 -26.06 63.19 -36.59
CA ASP U 207 -27.26 63.17 -35.76
C ASP U 207 -27.04 62.36 -34.51
N VAL U 208 -25.81 61.97 -34.26
CA VAL U 208 -25.44 61.26 -33.06
C VAL U 208 -25.02 62.27 -32.01
N ALA U 209 -25.03 61.85 -30.76
CA ALA U 209 -24.65 62.70 -29.65
C ALA U 209 -23.72 61.93 -28.73
N THR U 210 -22.99 62.68 -27.91
CA THR U 210 -22.12 62.10 -26.89
C THR U 210 -22.57 62.63 -25.54
N LEU U 211 -23.09 61.77 -24.70
CA LEU U 211 -23.69 62.18 -23.45
C LEU U 211 -22.94 61.65 -22.24
N ALA U 212 -23.07 62.40 -21.16
CA ALA U 212 -22.59 62.05 -19.83
C ALA U 212 -23.80 61.62 -19.00
N LEU U 213 -23.59 60.63 -18.13
CA LEU U 213 -24.69 59.95 -17.46
C LEU U 213 -24.62 60.02 -15.95
N THR U 214 -25.62 60.64 -15.32
CA THR U 214 -25.80 60.55 -13.88
C THR U 214 -26.66 59.32 -13.66
N ARG U 215 -26.08 58.25 -13.15
CA ARG U 215 -26.76 56.97 -13.08
C ARG U 215 -27.57 56.78 -11.80
N THR U 216 -28.77 56.23 -11.97
CA THR U 216 -29.66 55.87 -10.86
C THR U 216 -29.99 54.40 -10.65
N THR U 217 -28.99 53.52 -10.60
CA THR U 217 -29.06 52.10 -10.26
C THR U 217 -29.49 51.24 -11.41
N GLN U 218 -29.87 51.80 -12.55
CA GLN U 218 -30.36 51.01 -13.64
C GLN U 218 -29.43 51.03 -14.85
N GLU U 219 -28.90 49.85 -15.20
CA GLU U 219 -27.91 49.78 -16.27
C GLU U 219 -28.60 50.24 -17.54
N VAL U 220 -27.88 50.95 -18.38
CA VAL U 220 -28.46 51.39 -19.63
C VAL U 220 -27.93 50.53 -20.77
N ARG U 221 -28.77 49.65 -21.29
CA ARG U 221 -28.31 48.71 -22.30
C ARG U 221 -27.67 49.49 -23.43
N LEU U 222 -26.57 48.99 -23.96
CA LEU U 222 -25.87 49.76 -24.98
C LEU U 222 -26.80 50.03 -26.15
N GLY U 223 -27.65 49.07 -26.50
CA GLY U 223 -28.68 49.26 -27.48
C GLY U 223 -30.04 49.58 -26.87
N ASP U 224 -30.14 50.60 -26.03
CA ASP U 224 -31.38 50.91 -25.33
C ASP U 224 -32.17 52.00 -26.07
N ARG U 225 -33.38 52.24 -25.57
CA ARG U 225 -34.27 53.28 -26.07
C ARG U 225 -34.25 54.49 -25.14
N LEU U 226 -34.05 55.67 -25.71
CA LEU U 226 -34.00 56.90 -24.95
C LEU U 226 -35.26 57.72 -25.22
N PHE U 227 -35.70 58.47 -24.22
CA PHE U 227 -36.91 59.26 -24.31
C PHE U 227 -36.60 60.64 -23.73
N PRO U 228 -37.36 61.68 -24.07
CA PRO U 228 -37.06 63.01 -23.54
C PRO U 228 -37.18 63.07 -22.02
N THR U 229 -36.45 64.02 -21.43
CA THR U 229 -36.45 64.20 -19.99
C THR U 229 -37.70 64.95 -19.55
N GLU U 230 -38.40 64.40 -18.55
CA GLU U 230 -39.66 64.95 -18.07
C GLU U 230 -39.61 64.98 -16.55
N GLU U 231 -39.16 66.11 -16.02
CA GLU U 231 -38.99 66.23 -14.57
C GLU U 231 -40.35 66.41 -13.90
N ARG U 232 -40.63 65.57 -12.91
CA ARG U 232 -41.88 65.63 -12.17
C ARG U 232 -41.60 65.86 -10.69
N ALA U 233 -42.35 66.78 -10.09
CA ALA U 233 -42.13 67.13 -8.70
C ALA U 233 -42.93 66.19 -7.80
N VAL U 234 -42.24 65.55 -6.86
CA VAL U 234 -42.89 64.70 -5.87
C VAL U 234 -42.59 65.28 -4.49
N ASN U 235 -43.57 65.18 -3.59
CA ASN U 235 -43.42 65.72 -2.26
C ASN U 235 -43.67 64.64 -1.20
N SER U 236 -43.21 64.92 0.00
CA SER U 236 -43.43 64.05 1.15
C SER U 236 -44.77 64.31 1.80
N THR U 237 -45.58 65.17 1.19
CA THR U 237 -46.90 65.50 1.70
C THR U 237 -47.89 64.38 1.48
N PHE U 238 -47.54 63.40 0.65
CA PHE U 238 -48.39 62.24 0.46
C PHE U 238 -48.35 61.29 1.64
N MET U 239 -47.37 61.46 2.54
CA MET U 239 -47.16 60.47 3.59
C MET U 239 -48.40 60.24 4.44
N PRO U 240 -49.17 61.24 4.86
CA PRO U 240 -50.32 60.94 5.72
C PRO U 240 -51.35 60.05 5.07
N GLY U 241 -51.42 60.03 3.73
CA GLY U 241 -52.33 59.12 3.07
C GLY U 241 -53.60 59.82 2.60
N GLU U 242 -54.23 59.24 1.58
CA GLU U 242 -55.47 59.75 1.02
C GLU U 242 -56.39 58.58 0.76
N PRO U 243 -56.97 58.02 1.81
CA PRO U 243 -57.71 56.76 1.68
C PRO U 243 -59.17 56.88 1.27
N SER U 244 -59.50 56.45 0.05
CA SER U 244 -60.88 56.37 -0.40
C SER U 244 -61.15 54.90 -0.72
N ARG U 245 -62.13 54.31 -0.01
CA ARG U 245 -62.38 52.88 -0.13
C ARG U 245 -62.96 52.47 -1.47
N GLU U 246 -63.79 53.32 -2.10
CA GLU U 246 -64.53 52.92 -3.30
C GLU U 246 -63.58 52.39 -4.36
N VAL U 247 -62.39 52.97 -4.45
CA VAL U 247 -61.41 52.55 -5.41
C VAL U 247 -61.03 51.10 -5.12
N LYS U 248 -61.26 50.21 -6.08
CA LYS U 248 -60.92 48.81 -5.89
C LYS U 248 -60.49 48.20 -7.21
N GLY U 249 -59.34 47.55 -7.21
CA GLY U 249 -58.81 47.00 -8.45
C GLY U 249 -57.66 46.06 -8.17
N GLU U 250 -57.31 45.31 -9.20
CA GLU U 250 -56.21 44.37 -9.13
C GLU U 250 -54.88 45.08 -9.34
N ILE U 251 -53.81 44.37 -9.03
CA ILE U 251 -52.46 44.86 -9.21
C ILE U 251 -51.70 43.93 -10.14
N ILE U 252 -50.90 44.50 -11.04
CA ILE U 252 -50.05 43.70 -11.92
C ILE U 252 -48.75 44.44 -12.21
N ASP U 253 -47.88 43.78 -12.97
CA ASP U 253 -46.70 44.38 -13.59
C ASP U 253 -45.79 45.11 -12.61
N VAL U 254 -45.24 44.37 -11.66
CA VAL U 254 -44.25 44.99 -10.80
C VAL U 254 -42.90 44.83 -11.48
N PRO U 255 -42.01 45.82 -11.40
CA PRO U 255 -40.67 45.64 -11.98
C PRO U 255 -39.99 44.44 -11.37
N ARG U 256 -40.26 44.19 -10.09
CA ARG U 256 -39.68 43.05 -9.40
C ARG U 256 -40.10 41.75 -10.09
N GLY U 257 -41.37 41.67 -10.50
CA GLY U 257 -41.93 40.50 -11.13
C GLY U 257 -42.22 39.36 -10.18
N VAL U 258 -41.78 39.50 -8.94
CA VAL U 258 -41.95 38.49 -7.90
C VAL U 258 -43.29 38.62 -7.21
N THR U 259 -43.97 37.48 -7.04
CA THR U 259 -45.19 37.48 -6.29
C THR U 259 -44.86 37.49 -4.81
N GLN U 260 -45.72 38.12 -4.02
CA GLN U 260 -45.67 38.17 -2.55
C GLN U 260 -44.67 39.18 -2.03
N ILE U 261 -44.16 40.09 -2.88
CA ILE U 261 -43.23 41.09 -2.41
C ILE U 261 -43.82 41.83 -1.22
N GLY U 262 -42.96 42.16 -0.25
CA GLY U 262 -43.39 42.72 1.01
C GLY U 262 -42.57 43.92 1.43
N GLN U 263 -43.00 44.51 2.55
CA GLN U 263 -42.44 45.67 3.21
C GLN U 263 -42.78 46.95 2.44
N PHE U 264 -42.46 46.96 1.15
CA PHE U 264 -42.81 48.04 0.25
C PHE U 264 -42.37 47.63 -1.15
N ASP U 265 -42.99 48.26 -2.15
CA ASP U 265 -42.63 47.96 -3.54
C ASP U 265 -43.37 48.93 -4.45
N VAL U 266 -42.84 49.07 -5.65
CA VAL U 266 -43.45 49.90 -6.68
C VAL U 266 -44.38 49.00 -7.48
N VAL U 267 -45.67 49.28 -7.39
CA VAL U 267 -46.69 48.48 -8.04
C VAL U 267 -47.44 49.36 -9.02
N THR U 268 -48.09 48.71 -9.97
CA THR U 268 -48.86 49.42 -11.00
C THR U 268 -50.31 49.00 -10.86
N LEU U 269 -51.15 49.89 -10.33
CA LEU U 269 -52.56 49.52 -10.21
C LEU U 269 -53.22 49.53 -11.58
N ASN U 270 -54.27 48.72 -11.73
CA ASN U 270 -54.95 48.56 -13.02
C ASN U 270 -55.79 49.78 -13.42
N ARG U 271 -56.30 49.73 -14.66
CA ARG U 271 -56.90 50.91 -15.31
C ARG U 271 -58.25 51.33 -14.74
N GLY U 272 -59.20 50.40 -14.57
CA GLY U 272 -60.42 50.80 -13.90
C GLY U 272 -60.04 51.20 -12.49
N GLN U 273 -59.11 50.46 -11.92
CA GLN U 273 -58.57 50.81 -10.63
C GLN U 273 -57.89 52.17 -10.73
N ARG U 274 -57.26 52.44 -11.87
CA ARG U 274 -56.57 53.71 -12.11
C ARG U 274 -57.50 54.91 -12.08
N ASP U 275 -58.68 54.79 -12.70
CA ASP U 275 -59.60 55.93 -12.66
C ASP U 275 -60.12 56.12 -11.25
N GLY U 276 -60.43 55.02 -10.57
CA GLY U 276 -60.82 55.17 -9.19
C GLY U 276 -59.68 55.81 -8.42
N LEU U 277 -58.45 55.45 -8.78
CA LEU U 277 -57.28 55.98 -8.12
C LEU U 277 -57.24 57.48 -8.31
N ALA U 278 -57.60 57.92 -9.50
CA ALA U 278 -57.73 59.34 -9.76
C ALA U 278 -58.66 59.92 -8.73
N GLU U 279 -59.66 59.14 -8.31
CA GLU U 279 -60.47 59.59 -7.18
C GLU U 279 -59.73 59.37 -5.85
N GLY U 280 -59.37 58.12 -5.54
CA GLY U 280 -58.80 57.77 -4.23
C GLY U 280 -57.37 57.27 -4.19
N ASN U 281 -56.48 57.95 -3.44
CA ASN U 281 -55.07 57.55 -3.39
C ASN U 281 -54.77 56.30 -2.54
N VAL U 282 -55.37 56.10 -1.37
CA VAL U 282 -54.90 55.02 -0.49
C VAL U 282 -55.89 53.86 -0.41
N LEU U 283 -55.35 52.64 -0.35
CA LEU U 283 -56.15 51.42 -0.21
C LEU U 283 -55.38 50.34 0.52
N ALA U 284 -56.13 49.41 1.12
CA ALA U 284 -55.63 48.23 1.82
C ALA U 284 -55.37 47.07 0.84
N ILE U 285 -54.57 46.14 1.29
CA ILE U 285 -54.13 44.97 0.54
C ILE U 285 -55.07 43.80 0.75
N TYR U 286 -55.40 43.08 -0.32
CA TYR U 286 -56.16 41.83 -0.23
C TYR U 286 -55.51 40.78 -1.10
N LYS U 287 -55.26 39.60 -0.54
CA LYS U 287 -54.76 38.47 -1.31
C LYS U 287 -55.89 37.46 -1.42
N VAL U 288 -56.33 37.18 -2.64
CA VAL U 288 -57.42 36.25 -2.86
C VAL U 288 -56.86 34.83 -3.00
N GLY U 289 -57.27 33.94 -2.10
CA GLY U 289 -56.78 32.56 -2.11
C GLY U 289 -57.87 31.53 -2.36
N GLU U 290 -57.66 30.62 -3.30
CA GLU U 290 -58.69 29.65 -3.66
C GLU U 290 -58.70 28.47 -2.68
N THR U 291 -59.88 28.18 -2.13
CA THR U 291 -60.08 27.08 -1.20
C THR U 291 -60.89 25.99 -1.90
N VAL U 292 -60.35 24.78 -1.97
CA VAL U 292 -60.97 23.70 -2.75
C VAL U 292 -61.77 22.79 -1.83
N ARG U 293 -63.00 22.48 -2.23
CA ARG U 293 -63.82 21.52 -1.47
C ARG U 293 -63.37 20.11 -1.85
N ASP U 294 -62.18 19.77 -1.36
CA ASP U 294 -61.49 18.57 -1.83
C ASP U 294 -62.29 17.31 -1.55
N ARG U 295 -62.94 17.25 -0.39
CA ARG U 295 -63.60 16.02 0.02
C ARG U 295 -65.11 16.07 -0.18
N VAL U 296 -65.62 17.11 -0.84
CA VAL U 296 -67.04 17.16 -1.12
C VAL U 296 -67.25 17.25 -2.63
N THR U 297 -66.67 18.25 -3.26
CA THR U 297 -66.87 18.47 -4.68
C THR U 297 -65.57 18.61 -5.46
N GLY U 298 -64.51 19.03 -4.77
CA GLY U 298 -63.28 19.35 -5.47
C GLY U 298 -63.30 20.74 -6.04
N GLU U 299 -64.42 21.44 -5.93
CA GLU U 299 -64.52 22.81 -6.40
C GLU U 299 -63.75 23.74 -5.47
N SER U 300 -63.04 24.69 -6.06
CA SER U 300 -62.24 25.64 -5.31
C SER U 300 -62.82 27.03 -5.47
N VAL U 301 -63.08 27.70 -4.36
CA VAL U 301 -63.68 29.02 -4.32
C VAL U 301 -62.63 30.01 -3.83
N LYS U 302 -62.36 31.03 -4.61
CA LYS U 302 -61.40 32.05 -4.21
C LYS U 302 -62.02 32.91 -3.11
N ILE U 303 -61.29 33.13 -2.03
CA ILE U 303 -61.75 33.92 -0.91
C ILE U 303 -60.74 35.05 -0.70
N PRO U 304 -61.15 36.32 -0.71
CA PRO U 304 -60.23 37.41 -0.41
C PRO U 304 -59.83 37.40 1.07
N ASP U 305 -58.55 37.57 1.31
CA ASP U 305 -58.01 37.66 2.65
C ASP U 305 -57.42 39.04 2.82
N GLU U 306 -58.03 39.85 3.68
CA GLU U 306 -57.51 41.19 3.89
C GLU U 306 -56.13 41.08 4.49
N ARG U 307 -55.19 41.83 3.92
CA ARG U 307 -53.79 41.72 4.29
C ARG U 307 -53.34 43.03 4.90
N ALA U 308 -52.58 42.92 6.00
CA ALA U 308 -52.01 44.09 6.63
C ALA U 308 -51.07 44.80 5.68
N GLY U 309 -51.14 46.12 5.65
CA GLY U 309 -50.31 46.92 4.77
C GLY U 309 -51.14 47.67 3.76
N LEU U 310 -50.71 48.88 3.43
CA LEU U 310 -51.48 49.71 2.50
C LEU U 310 -50.56 50.35 1.48
N LEU U 311 -51.18 50.77 0.39
CA LEU U 311 -50.47 51.38 -0.72
C LEU U 311 -50.44 52.89 -0.60
N MET U 312 -49.30 53.50 -0.92
CA MET U 312 -49.28 54.93 -1.14
C MET U 312 -49.23 55.08 -2.65
N VAL U 313 -50.17 55.83 -3.21
CA VAL U 313 -50.32 55.86 -4.66
C VAL U 313 -50.04 57.25 -5.21
N PHE U 314 -49.18 57.31 -6.23
CA PHE U 314 -48.94 58.53 -6.98
C PHE U 314 -49.45 58.23 -8.38
N ARG U 315 -50.36 59.04 -8.89
CA ARG U 315 -51.05 58.73 -10.12
C ARG U 315 -50.62 59.61 -11.27
N THR U 316 -50.23 58.97 -12.36
CA THR U 316 -49.93 59.66 -13.60
C THR U 316 -51.14 59.44 -14.49
N TYR U 317 -52.05 60.43 -14.53
CA TYR U 317 -53.22 60.33 -15.38
C TYR U 317 -52.81 60.04 -16.82
N LYS U 318 -53.69 59.34 -17.55
CA LYS U 318 -53.45 58.90 -18.92
C LYS U 318 -52.56 57.66 -18.88
N LYS U 319 -52.32 57.14 -17.68
CA LYS U 319 -51.50 55.96 -17.46
C LYS U 319 -52.03 55.33 -16.19
N LEU U 320 -51.27 54.41 -15.63
CA LEU U 320 -51.70 53.76 -14.41
C LEU U 320 -51.15 54.52 -13.21
N SER U 321 -51.42 54.00 -12.02
CA SER U 321 -50.90 54.59 -10.80
C SER U 321 -49.67 53.84 -10.33
N TYR U 322 -48.59 54.60 -10.16
CA TYR U 322 -47.33 54.12 -9.61
C TYR U 322 -47.44 54.22 -8.09
N ALA U 323 -47.51 53.09 -7.41
CA ALA U 323 -47.79 53.10 -5.98
C ALA U 323 -46.70 52.38 -5.19
N LEU U 324 -46.11 53.07 -4.23
CA LEU U 324 -45.19 52.38 -3.33
C LEU U 324 -46.04 51.86 -2.18
N VAL U 325 -46.28 50.58 -2.19
CA VAL U 325 -47.08 49.95 -1.17
C VAL U 325 -46.19 49.49 -0.03
N LEU U 326 -46.58 49.83 1.19
CA LEU U 326 -45.92 49.31 2.37
C LEU U 326 -46.71 48.09 2.82
N MET U 327 -46.06 46.93 2.78
CA MET U 327 -46.70 45.69 3.18
C MET U 327 -46.45 45.43 4.65
N ALA U 328 -47.52 45.35 5.42
CA ALA U 328 -47.40 44.99 6.82
C ALA U 328 -47.45 43.48 6.89
N SER U 329 -46.29 42.86 6.69
CA SER U 329 -46.06 41.42 6.76
C SER U 329 -46.59 40.60 5.59
N ARG U 330 -47.85 40.79 5.27
CA ARG U 330 -48.54 39.97 4.29
C ARG U 330 -47.84 39.96 2.94
N PRO U 331 -47.39 38.80 2.47
CA PRO U 331 -46.81 38.72 1.12
C PRO U 331 -47.85 38.39 0.07
N LEU U 332 -48.12 39.31 -0.86
CA LEU U 332 -49.20 39.16 -1.81
C LEU U 332 -48.71 38.94 -3.24
N SER U 333 -49.45 38.14 -3.99
CA SER U 333 -49.03 37.76 -5.32
C SER U 333 -49.02 38.96 -6.26
N VAL U 334 -48.36 38.78 -7.41
CA VAL U 334 -48.25 39.87 -8.37
C VAL U 334 -49.63 40.38 -8.75
N THR U 335 -50.60 39.47 -8.84
CA THR U 335 -51.98 39.83 -9.07
C THR U 335 -52.77 39.57 -7.80
N ASP U 336 -53.33 40.62 -7.22
CA ASP U 336 -54.10 40.52 -6.00
C ASP U 336 -55.03 41.73 -5.94
N ARG U 337 -56.02 41.65 -5.06
CA ARG U 337 -57.00 42.72 -4.99
C ARG U 337 -56.56 43.83 -4.06
N VAL U 338 -56.31 45.00 -4.60
CA VAL U 338 -56.12 46.18 -3.76
C VAL U 338 -57.50 46.79 -3.62
N GLN U 339 -57.94 46.97 -2.38
CA GLN U 339 -59.30 47.42 -2.11
C GLN U 339 -59.29 48.09 -0.75
N ASN U 340 -60.44 48.61 -0.34
CA ASN U 340 -60.51 49.18 0.98
C ASN U 340 -61.96 49.28 1.39
#